data_6FB3
#
_entry.id   6FB3
#
_cell.length_a   88.560
_cell.length_b   452.560
_cell.length_c   146.360
_cell.angle_alpha   90.00
_cell.angle_beta   95.12
_cell.angle_gamma   90.00
#
_symmetry.space_group_name_H-M   'P 1 21 1'
#
loop_
_entity.id
_entity.type
_entity.pdbx_description
1 polymer Teneurin-2
2 branched alpha-D-mannopyranose-(1-2)-alpha-D-mannopyranose-(1-2)-alpha-D-mannopyranose-(1-3)-[alpha-D-mannopyranose-(1-3)-alpha-D-mannopyranose-(1-6)]beta-D-mannopyranose-(1-4)-2-acetamido-2-deoxy-beta-D-glucopyranose-(1-4)-2-acetamido-2-deoxy-beta-D-glucopyranose
3 branched 2-acetamido-2-deoxy-beta-D-glucopyranose-(1-4)-2-acetamido-2-deoxy-beta-D-glucopyranose
4 non-polymer 2-acetamido-2-deoxy-beta-D-glucopyranose
5 water water
#
_entity_poly.entity_id   1
_entity_poly.type   'polypeptide(L)'
_entity_poly.pdbx_seq_one_letter_code
;TGSLVSLIRGQVVTTDGTPLVGVNVSFVKYPKYGYTITRQDGMFDLVANGGSSLTLHFERAPFMSQERTVWLPWNSFYAM
DTLVMKTEENSIPSCDLSGFVRPDPVIISSPLSTFFSDAPGRNPIVPETQVLHEEIEVPGSSIKLIYLSSRTAGYKSLLK
IIMTQSLVPLNLIKVHLMVAVEGHLFQKSFLASPNLAYTFIWDKTDAYGQKVYGLSDAVVSVGFEYETCPSLILWEKRTA
LLQGFELDPSNLGGWSLDKHHVLNVKSGILHKGNGENQFLTQQPAVITSIMGNGRRRSISCPSCNGLAEGNKLLAPVALA
VGIDGSLFVGDFNYIRRIFPSRNVTSILELRNKEFKHSNNPAHKYYLAVDPVSGSLYVSDTNSRRIYKVKSLTGTKDLAG
NSEVVAGTGEQCLPFDEARCGDGGKAVDATLMSPRGIAVDKYGLMYFVDATMIRKVDQNGIISTLLGSNDLTAVRPLSCD
SSMDVSQVRLEWPTDLAVDPMDNSLYVLENNVILRITENHQVSIIAGRPMHCQVPGIDYSLSKLAIHSALESASAIAISH
TGVLYISETDEKKINRLRQVTTNGEICLLAGAASDCDCKNDVNCNCYSGDDGYATDAILNSPSSLAVAPDGTIYIADLGN
IRIRAVSKNRPILNSFNQYEAASPGEQELYVFNADGIHQYTLSLVTGEYLYNFTYSSDNDVTEVMDSNGNSLKVRRDASG
MPRHLLMPDNQIVTLAVGTNGGLKLVSTQTLELGLMTYNGNSGLLATKSDETGWTTFYDYDHEGRLTNVTRPTGVVTSLH
REMEKSITIDIENSNRDDDVTVITNLSSVEASYTVVQDQVRNSYQLCNNGTLRVMYANGMSISFHSEPHVLAGTVTPTIG
RCNISLPMENGLNSIEWRLRKEQIKGKVTVFGRKLRVHGRNLLSIDYDRNIRTEKIYDDHRKFTLRIIYDQLGRPFLWLP
SSGLAAVNVSYFFNGRLAGLQRGAMSERTDIDKQGRIISRMFADGKVWSYTYLEKSMVLLLQSQRQYIFEYDSSDRLHAV
TMPSVARHSMSTHTSVGYIRNIYNPPESNASVIFDYSDDGRILKTSFLGTGRQVFYKYGKLSKLSEIVYDSTAVTFGYDE
TTGVLKMVNLQSGGFSCTIRYRKIGPLVDKQIYRFSEEGMVNARFDYTYHDNSFRIASIKPIISETPLPVDLYRYDEISG
KVEHFGKFGVIYYDINQIITTAVMTLSKHFDTHGRIKEVQYEMFRSLMYWMTVQYDSMGRVTKRELKLGPYANTTKYTYD
YDGDGQLQSVAVNDRPTWRYSYDLNGNLHLLNPGNSVRLMPLRYDLRDRITRLGDIPYKIDDDGFLCQRGSDVFEYNSKG
LLTRAYNKANGWNVQYRYDGLGRRASCKTNLGHHLQYFYADLHNPTRVTHVYNHSNSEITSLYYDLQGHLFAMESSSGEE
YYVASDNTGTPLAVFSINGLMIKQLQYTAYGEIYYDSNPDFQLVIGFHGGLYDPLTKLVHFTQRDYDVLAGRWTSPDYTM
WKNIGREPAPFNLYMFKSNNPLSNELDLKNYVTDVKSWLVMFGFQLSNIIPGFPRAKMYFVSPPYELTESQACENGQLIT
GVQQTTERHNQAFMALEGQVISKRLHASIREKAGHWFATSTPIIGKGIMFAVKKGRVTTGISSIATDDSRKIASVLNSAH
YLEKMHYSIEGKDTHYFVKIGSADSDLVTLAMTSGRKVLDSGVNVTVSQPTLLINGRTRRFTNIEFQYSTLLINIRYGLT
ADTLDEEKARVLDQARQRALGSAWAKEQQKARDGREGSRVWTDGEKQQLLNTGRVQGYEGYYVLPVEQYPELADSSSNIQ
FLRQNEMGKRGTKHHHHHH
;
_entity_poly.pdbx_strand_id   A,B,C,D
#
loop_
_chem_comp.id
_chem_comp.type
_chem_comp.name
_chem_comp.formula
BMA D-saccharide, beta linking beta-D-mannopyranose 'C6 H12 O6'
MAN D-saccharide, alpha linking alpha-D-mannopyranose 'C6 H12 O6'
NAG D-saccharide, beta linking 2-acetamido-2-deoxy-beta-D-glucopyranose 'C8 H15 N O6'
#
# COMPACT_ATOMS: atom_id res chain seq x y z
N LEU A 4 -17.21 -59.47 -58.72
CA LEU A 4 -16.32 -58.33 -58.79
C LEU A 4 -14.86 -58.73 -59.08
N VAL A 5 -13.88 -58.19 -58.33
CA VAL A 5 -12.45 -58.44 -58.51
C VAL A 5 -11.80 -58.98 -57.22
N SER A 6 -11.01 -60.07 -57.35
CA SER A 6 -10.30 -60.74 -56.26
C SER A 6 -8.77 -60.58 -56.36
N LEU A 7 -8.06 -60.83 -55.25
CA LEU A 7 -6.60 -60.77 -55.14
C LEU A 7 -6.04 -62.13 -54.73
N ILE A 8 -4.96 -62.58 -55.39
CA ILE A 8 -4.32 -63.87 -55.10
C ILE A 8 -2.94 -63.65 -54.48
N ARG A 9 -2.59 -64.46 -53.45
CA ARG A 9 -1.29 -64.43 -52.79
C ARG A 9 -0.91 -65.83 -52.30
N GLY A 10 0.27 -66.28 -52.70
CA GLY A 10 0.81 -67.57 -52.31
C GLY A 10 2.33 -67.61 -52.31
N GLN A 11 2.89 -68.70 -51.77
CA GLN A 11 4.34 -68.91 -51.72
C GLN A 11 4.74 -70.15 -52.51
N VAL A 12 5.90 -70.07 -53.19
CA VAL A 12 6.48 -71.18 -53.97
C VAL A 12 7.79 -71.55 -53.28
N VAL A 13 7.88 -72.79 -52.75
CA VAL A 13 9.05 -73.29 -52.02
C VAL A 13 9.65 -74.57 -52.68
N THR A 14 10.83 -75.00 -52.20
CA THR A 14 11.52 -76.21 -52.66
C THR A 14 11.06 -77.42 -51.79
N THR A 15 11.80 -78.55 -51.83
CA THR A 15 11.47 -79.75 -51.05
C THR A 15 11.67 -79.52 -49.54
N ASP A 16 12.77 -78.85 -49.17
CA ASP A 16 13.12 -78.52 -47.77
C ASP A 16 12.22 -77.43 -47.17
N GLY A 17 11.93 -76.40 -47.96
CA GLY A 17 11.09 -75.28 -47.57
C GLY A 17 11.70 -73.90 -47.81
N THR A 18 12.56 -73.79 -48.83
CA THR A 18 13.23 -72.53 -49.21
C THR A 18 12.48 -71.84 -50.37
N PRO A 19 12.09 -70.55 -50.21
CA PRO A 19 11.37 -69.86 -51.31
C PRO A 19 12.23 -69.55 -52.54
N LEU A 20 11.68 -69.76 -53.75
CA LEU A 20 12.36 -69.54 -55.03
C LEU A 20 12.37 -68.08 -55.47
N VAL A 21 13.53 -67.60 -55.93
CA VAL A 21 13.80 -66.22 -56.36
C VAL A 21 13.41 -65.94 -57.84
N GLY A 22 12.90 -66.94 -58.56
CA GLY A 22 12.52 -66.75 -59.96
C GLY A 22 11.49 -67.71 -60.53
N VAL A 23 10.20 -67.43 -60.30
CA VAL A 23 9.08 -68.23 -60.82
C VAL A 23 8.15 -67.33 -61.66
N ASN A 24 7.93 -67.69 -62.94
CA ASN A 24 7.03 -66.94 -63.83
C ASN A 24 5.61 -67.49 -63.73
N VAL A 25 4.80 -66.87 -62.84
CA VAL A 25 3.41 -67.25 -62.60
C VAL A 25 2.52 -66.63 -63.69
N SER A 26 1.94 -67.49 -64.55
CA SER A 26 1.12 -67.09 -65.70
C SER A 26 -0.34 -67.52 -65.57
N PHE A 27 -1.25 -66.73 -66.19
CA PHE A 27 -2.69 -67.02 -66.23
C PHE A 27 -3.33 -66.48 -67.52
N VAL A 28 -4.15 -67.33 -68.17
CA VAL A 28 -4.86 -67.00 -69.40
C VAL A 28 -6.35 -67.28 -69.19
N LYS A 29 -7.19 -66.23 -69.27
CA LYS A 29 -8.65 -66.32 -69.09
C LYS A 29 -9.34 -65.22 -69.89
N TYR A 30 -10.12 -65.61 -70.93
CA TYR A 30 -10.85 -64.72 -71.85
C TYR A 30 -9.87 -63.69 -72.51
N PRO A 31 -10.12 -62.37 -72.72
CA PRO A 31 -9.06 -61.53 -73.31
C PRO A 31 -8.04 -61.01 -72.29
N LYS A 32 -8.26 -61.30 -70.99
CA LYS A 32 -7.42 -60.89 -69.86
C LYS A 32 -6.12 -61.70 -69.80
N TYR A 33 -4.98 -61.00 -69.74
CA TYR A 33 -3.63 -61.58 -69.67
C TYR A 33 -2.81 -60.90 -68.56
N GLY A 34 -1.86 -61.64 -68.01
CA GLY A 34 -0.99 -61.15 -66.95
C GLY A 34 0.00 -62.16 -66.43
N TYR A 35 1.13 -61.68 -65.88
CA TYR A 35 2.20 -62.49 -65.31
C TYR A 35 2.94 -61.77 -64.18
N THR A 36 3.55 -62.56 -63.27
CA THR A 36 4.33 -62.03 -62.15
C THR A 36 5.59 -62.89 -61.92
N ILE A 37 6.71 -62.23 -61.53
CA ILE A 37 7.97 -62.91 -61.26
C ILE A 37 8.30 -62.76 -59.77
N THR A 38 8.45 -63.91 -59.07
CA THR A 38 8.74 -63.99 -57.64
C THR A 38 10.10 -63.37 -57.29
N ARG A 39 10.21 -62.76 -56.10
CA ARG A 39 11.43 -62.15 -55.61
C ARG A 39 12.08 -63.04 -54.54
N GLN A 40 13.03 -62.49 -53.72
CA GLN A 40 13.74 -63.20 -52.65
C GLN A 40 12.78 -63.95 -51.69
N ASP A 41 11.64 -63.30 -51.34
CA ASP A 41 10.59 -63.83 -50.46
C ASP A 41 9.82 -65.04 -51.04
N GLY A 42 9.87 -65.20 -52.38
CA GLY A 42 9.19 -66.26 -53.10
C GLY A 42 7.69 -66.13 -53.13
N MET A 43 7.18 -64.87 -53.11
CA MET A 43 5.76 -64.55 -53.10
C MET A 43 5.26 -64.09 -54.46
N PHE A 44 4.05 -64.53 -54.83
CA PHE A 44 3.39 -64.12 -56.06
C PHE A 44 2.09 -63.40 -55.74
N ASP A 45 1.88 -62.22 -56.34
CA ASP A 45 0.69 -61.39 -56.13
C ASP A 45 0.02 -61.08 -57.47
N LEU A 46 -1.23 -61.53 -57.64
CA LEU A 46 -1.99 -61.32 -58.88
C LEU A 46 -3.43 -60.87 -58.66
N VAL A 47 -3.96 -60.12 -59.64
CA VAL A 47 -5.33 -59.57 -59.65
C VAL A 47 -6.13 -60.33 -60.72
N ALA A 48 -7.30 -60.87 -60.33
CA ALA A 48 -8.18 -61.62 -61.23
C ALA A 48 -9.66 -61.43 -60.90
N ASN A 49 -10.54 -61.75 -61.86
CA ASN A 49 -11.99 -61.67 -61.69
C ASN A 49 -12.47 -62.84 -60.83
N GLY A 50 -13.20 -62.53 -59.77
CA GLY A 50 -13.72 -63.51 -58.82
C GLY A 50 -14.97 -64.23 -59.24
N GLY A 51 -15.25 -65.34 -58.56
CA GLY A 51 -16.42 -66.19 -58.78
C GLY A 51 -16.10 -67.40 -59.64
N SER A 52 -15.52 -67.16 -60.82
CA SER A 52 -15.12 -68.16 -61.80
C SER A 52 -13.79 -68.83 -61.40
N SER A 53 -13.56 -70.08 -61.87
CA SER A 53 -12.34 -70.84 -61.59
C SER A 53 -11.19 -70.43 -62.52
N LEU A 54 -10.02 -70.15 -61.93
CA LEU A 54 -8.81 -69.71 -62.63
C LEU A 54 -7.69 -70.75 -62.50
N THR A 55 -6.98 -71.00 -63.61
CA THR A 55 -5.86 -71.94 -63.67
C THR A 55 -4.55 -71.15 -63.78
N LEU A 56 -3.55 -71.52 -62.96
CA LEU A 56 -2.26 -70.82 -62.92
C LEU A 56 -1.09 -71.74 -63.24
N HIS A 57 -0.21 -71.28 -64.16
CA HIS A 57 0.99 -71.99 -64.59
C HIS A 57 2.22 -71.38 -63.91
N PHE A 58 3.19 -72.24 -63.52
CA PHE A 58 4.42 -71.82 -62.85
C PHE A 58 5.64 -72.23 -63.68
N GLU A 59 6.54 -71.26 -63.98
CA GLU A 59 7.75 -71.49 -64.79
C GLU A 59 9.05 -71.27 -64.02
N ARG A 60 9.85 -72.35 -63.88
CA ARG A 60 11.15 -72.35 -63.23
C ARG A 60 12.17 -73.11 -64.07
N ALA A 61 13.44 -72.67 -64.05
CA ALA A 61 14.52 -73.26 -64.84
C ALA A 61 14.90 -74.73 -64.45
N PRO A 62 15.41 -75.07 -63.23
CA PRO A 62 15.77 -76.48 -62.98
C PRO A 62 14.65 -77.35 -62.39
N PHE A 63 13.41 -76.81 -62.30
CA PHE A 63 12.27 -77.54 -61.74
C PHE A 63 11.13 -77.79 -62.73
N MET A 64 10.37 -78.87 -62.49
CA MET A 64 9.23 -79.31 -63.31
C MET A 64 8.10 -78.27 -63.24
N SER A 65 7.70 -77.72 -64.41
CA SER A 65 6.65 -76.72 -64.53
C SER A 65 5.28 -77.30 -64.17
N GLN A 66 4.69 -76.81 -63.07
CA GLN A 66 3.40 -77.27 -62.55
C GLN A 66 2.26 -76.30 -62.79
N GLU A 67 1.02 -76.82 -62.82
CA GLU A 67 -0.21 -76.07 -63.01
C GLU A 67 -1.17 -76.33 -61.85
N ARG A 68 -1.85 -75.27 -61.38
CA ARG A 68 -2.83 -75.37 -60.29
C ARG A 68 -4.08 -74.56 -60.58
N THR A 69 -5.25 -75.22 -60.55
CA THR A 69 -6.56 -74.60 -60.78
C THR A 69 -7.20 -74.32 -59.41
N VAL A 70 -7.82 -73.13 -59.24
CA VAL A 70 -8.46 -72.70 -57.99
C VAL A 70 -9.81 -72.03 -58.20
N TRP A 71 -10.75 -72.28 -57.26
CA TRP A 71 -12.09 -71.68 -57.23
C TRP A 71 -11.90 -70.32 -56.55
N LEU A 72 -12.09 -69.21 -57.28
CA LEU A 72 -11.90 -67.86 -56.73
C LEU A 72 -13.13 -67.30 -56.02
N PRO A 73 -12.97 -66.68 -54.82
CA PRO A 73 -14.13 -66.04 -54.18
C PRO A 73 -14.51 -64.77 -54.98
N TRP A 74 -15.78 -64.34 -54.89
CA TRP A 74 -16.31 -63.21 -55.66
C TRP A 74 -15.56 -61.88 -55.51
N ASN A 75 -15.40 -61.36 -54.28
CA ASN A 75 -14.72 -60.10 -54.02
C ASN A 75 -13.96 -60.18 -52.68
N SER A 76 -12.95 -61.08 -52.62
CA SER A 76 -12.15 -61.33 -51.43
C SER A 76 -10.67 -61.51 -51.75
N PHE A 77 -9.82 -61.48 -50.70
CA PHE A 77 -8.38 -61.67 -50.79
C PHE A 77 -8.10 -63.17 -50.57
N TYR A 78 -7.90 -63.90 -51.67
CA TYR A 78 -7.63 -65.34 -51.68
C TYR A 78 -6.17 -65.66 -51.39
N ALA A 79 -5.94 -66.48 -50.34
CA ALA A 79 -4.62 -66.95 -49.94
C ALA A 79 -4.41 -68.36 -50.49
N MET A 80 -3.66 -68.45 -51.61
CA MET A 80 -3.39 -69.69 -52.31
C MET A 80 -2.39 -70.59 -51.57
N ASP A 81 -2.62 -71.92 -51.61
CA ASP A 81 -1.80 -72.96 -50.99
C ASP A 81 -0.34 -72.89 -51.44
N THR A 82 0.59 -73.27 -50.56
CA THR A 82 2.03 -73.27 -50.84
C THR A 82 2.37 -74.37 -51.87
N LEU A 83 3.16 -73.99 -52.90
CA LEU A 83 3.59 -74.88 -53.98
C LEU A 83 5.00 -75.42 -53.75
N VAL A 84 5.15 -76.76 -53.71
CA VAL A 84 6.44 -77.45 -53.53
C VAL A 84 6.93 -77.93 -54.90
N MET A 85 8.10 -77.40 -55.33
CA MET A 85 8.71 -77.71 -56.63
C MET A 85 9.57 -78.98 -56.57
N PRO A 93 0.26 -91.40 -53.99
CA PRO A 93 -0.98 -91.67 -54.73
C PRO A 93 -1.44 -93.13 -54.66
N SER A 94 -0.53 -94.05 -54.25
CA SER A 94 -0.80 -95.48 -54.14
C SER A 94 -1.73 -95.88 -52.99
N CYS A 95 -1.56 -95.26 -51.80
CA CYS A 95 -2.34 -95.53 -50.60
C CYS A 95 -3.84 -95.16 -50.73
N ASP A 96 -4.70 -95.94 -50.06
CA ASP A 96 -6.16 -95.74 -50.06
C ASP A 96 -6.71 -95.72 -48.62
N LEU A 97 -7.24 -94.56 -48.20
CA LEU A 97 -7.80 -94.36 -46.87
C LEU A 97 -9.33 -94.39 -46.91
N SER A 98 -9.92 -95.53 -46.50
CA SER A 98 -11.37 -95.73 -46.47
C SER A 98 -11.85 -96.06 -45.06
N GLY A 99 -12.85 -95.31 -44.60
CA GLY A 99 -13.42 -95.46 -43.26
C GLY A 99 -12.61 -94.80 -42.16
N PHE A 100 -11.54 -94.07 -42.53
CA PHE A 100 -10.65 -93.35 -41.62
C PHE A 100 -11.32 -92.14 -40.99
N VAL A 101 -10.96 -91.84 -39.73
CA VAL A 101 -11.50 -90.73 -38.96
C VAL A 101 -11.08 -89.38 -39.56
N ARG A 102 -12.08 -88.61 -39.99
CA ARG A 102 -11.91 -87.28 -40.59
C ARG A 102 -11.74 -86.23 -39.48
N PRO A 103 -10.95 -85.14 -39.69
CA PRO A 103 -10.80 -84.14 -38.63
C PRO A 103 -12.09 -83.35 -38.42
N ASP A 104 -12.54 -83.24 -37.16
CA ASP A 104 -13.73 -82.48 -36.80
C ASP A 104 -13.32 -81.35 -35.83
N PRO A 105 -12.80 -80.22 -36.37
CA PRO A 105 -12.35 -79.15 -35.46
C PRO A 105 -13.45 -78.28 -34.89
N VAL A 106 -13.20 -77.75 -33.68
CA VAL A 106 -14.08 -76.83 -32.97
C VAL A 106 -13.37 -75.49 -33.04
N ILE A 107 -13.94 -74.55 -33.81
CA ILE A 107 -13.38 -73.22 -34.01
C ILE A 107 -14.18 -72.18 -33.22
N ILE A 108 -13.50 -71.53 -32.25
CA ILE A 108 -14.08 -70.53 -31.35
C ILE A 108 -13.40 -69.18 -31.62
N SER A 109 -14.17 -68.23 -32.18
CA SER A 109 -13.67 -66.89 -32.46
C SER A 109 -13.97 -65.95 -31.28
N SER A 110 -13.11 -64.93 -31.07
CA SER A 110 -13.31 -63.94 -30.00
C SER A 110 -14.63 -63.19 -30.26
N PRO A 111 -15.51 -63.00 -29.26
CA PRO A 111 -16.80 -62.34 -29.52
C PRO A 111 -16.67 -60.92 -30.05
N LEU A 112 -17.67 -60.51 -30.85
CA LEU A 112 -17.73 -59.16 -31.42
C LEU A 112 -17.96 -58.16 -30.31
N SER A 113 -17.34 -56.97 -30.42
CA SER A 113 -17.46 -55.92 -29.41
C SER A 113 -18.84 -55.24 -29.49
N THR A 114 -19.89 -55.94 -29.05
CA THR A 114 -21.28 -55.47 -29.05
C THR A 114 -21.67 -54.86 -27.72
N PHE A 115 -20.92 -55.20 -26.65
CA PHE A 115 -21.19 -54.71 -25.30
C PHE A 115 -20.46 -53.43 -24.98
N PHE A 116 -21.17 -52.54 -24.27
CA PHE A 116 -20.72 -51.24 -23.83
C PHE A 116 -21.35 -50.93 -22.46
N SER A 117 -20.90 -49.87 -21.79
CA SER A 117 -21.40 -49.47 -20.49
C SER A 117 -22.44 -48.36 -20.56
N ASP A 118 -23.50 -48.48 -19.74
CA ASP A 118 -24.57 -47.49 -19.65
C ASP A 118 -24.08 -46.23 -18.93
N ALA A 119 -23.15 -46.42 -17.97
CA ALA A 119 -22.53 -45.35 -17.18
C ALA A 119 -21.00 -45.58 -17.12
N PRO A 120 -20.23 -45.15 -18.14
CA PRO A 120 -18.76 -45.36 -18.12
C PRO A 120 -18.04 -44.71 -16.93
N GLY A 121 -18.66 -43.69 -16.33
CA GLY A 121 -18.15 -43.00 -15.15
C GLY A 121 -18.33 -43.82 -13.88
N ARG A 122 -19.39 -44.65 -13.80
CA ARG A 122 -19.68 -45.51 -12.66
C ARG A 122 -18.97 -46.86 -12.82
N ASN A 123 -19.15 -47.52 -13.99
CA ASN A 123 -18.53 -48.81 -14.26
C ASN A 123 -17.85 -48.83 -15.63
N PRO A 124 -16.51 -48.66 -15.69
CA PRO A 124 -15.83 -48.66 -17.00
C PRO A 124 -15.53 -50.05 -17.57
N ILE A 125 -15.69 -51.11 -16.76
CA ILE A 125 -15.39 -52.49 -17.10
C ILE A 125 -16.55 -53.21 -17.82
N VAL A 126 -16.22 -53.76 -19.01
CA VAL A 126 -17.11 -54.56 -19.86
C VAL A 126 -16.52 -55.99 -19.76
N PRO A 127 -17.08 -56.88 -18.90
CA PRO A 127 -16.44 -58.19 -18.67
C PRO A 127 -16.30 -59.16 -19.85
N GLU A 128 -17.38 -59.46 -20.59
CA GLU A 128 -17.41 -60.46 -21.68
C GLU A 128 -16.37 -60.23 -22.77
N THR A 129 -16.24 -59.00 -23.27
CA THR A 129 -15.26 -58.69 -24.32
C THR A 129 -13.92 -58.18 -23.71
N GLN A 130 -13.86 -58.01 -22.36
CA GLN A 130 -12.70 -57.50 -21.60
C GLN A 130 -12.26 -56.14 -22.20
N VAL A 131 -13.24 -55.21 -22.25
CA VAL A 131 -13.10 -53.89 -22.84
C VAL A 131 -13.16 -52.83 -21.75
N LEU A 132 -12.37 -51.77 -21.94
CA LEU A 132 -12.39 -50.62 -21.06
C LEU A 132 -13.21 -49.55 -21.77
N HIS A 133 -14.26 -49.08 -21.10
CA HIS A 133 -15.14 -48.05 -21.62
C HIS A 133 -15.06 -46.83 -20.71
N GLU A 134 -14.26 -45.84 -21.09
CA GLU A 134 -14.07 -44.65 -20.28
C GLU A 134 -14.67 -43.39 -20.90
N GLU A 135 -14.82 -42.34 -20.09
CA GLU A 135 -15.39 -41.06 -20.49
C GLU A 135 -14.71 -39.86 -19.81
N ILE A 136 -14.85 -38.69 -20.45
CA ILE A 136 -14.42 -37.39 -19.94
C ILE A 136 -15.55 -36.41 -20.22
N GLU A 137 -16.16 -35.88 -19.15
CA GLU A 137 -17.21 -34.86 -19.24
C GLU A 137 -16.50 -33.53 -19.42
N VAL A 138 -16.96 -32.72 -20.38
CA VAL A 138 -16.37 -31.41 -20.67
C VAL A 138 -17.35 -30.26 -20.30
N PRO A 139 -16.87 -29.15 -19.70
CA PRO A 139 -17.80 -28.06 -19.34
C PRO A 139 -18.25 -27.22 -20.54
N GLY A 140 -19.52 -26.82 -20.53
CA GLY A 140 -20.12 -26.02 -21.58
C GLY A 140 -20.97 -26.81 -22.55
N SER A 141 -20.92 -28.16 -22.46
CA SER A 141 -21.66 -29.07 -23.34
C SER A 141 -22.04 -30.39 -22.65
N SER A 142 -23.10 -31.03 -23.14
CA SER A 142 -23.58 -32.34 -22.66
C SER A 142 -22.89 -33.49 -23.47
N ILE A 143 -22.10 -33.12 -24.50
CA ILE A 143 -21.35 -34.07 -25.34
C ILE A 143 -20.09 -34.46 -24.55
N LYS A 144 -19.86 -35.78 -24.42
CA LYS A 144 -18.74 -36.38 -23.70
C LYS A 144 -17.66 -36.93 -24.66
N LEU A 145 -16.46 -37.17 -24.14
CA LEU A 145 -15.35 -37.80 -24.86
C LEU A 145 -15.35 -39.23 -24.40
N ILE A 146 -15.40 -40.18 -25.35
CA ILE A 146 -15.51 -41.60 -25.04
C ILE A 146 -14.28 -42.38 -25.51
N TYR A 147 -13.84 -43.32 -24.67
CA TYR A 147 -12.76 -44.24 -24.99
C TYR A 147 -13.32 -45.67 -24.88
N LEU A 148 -13.08 -46.48 -25.92
CA LEU A 148 -13.45 -47.88 -25.97
C LEU A 148 -12.18 -48.63 -26.36
N SER A 149 -11.68 -49.51 -25.48
CA SER A 149 -10.43 -50.26 -25.66
C SER A 149 -10.44 -51.21 -26.88
N SER A 150 -11.62 -51.55 -27.42
CA SER A 150 -11.73 -52.40 -28.61
C SER A 150 -11.45 -51.62 -29.90
N ARG A 151 -11.52 -50.27 -29.84
CA ARG A 151 -11.28 -49.36 -30.97
C ARG A 151 -9.79 -48.96 -31.02
N THR A 152 -8.89 -49.96 -30.82
CA THR A 152 -7.44 -49.78 -30.78
C THR A 152 -6.75 -50.90 -31.54
N ALA A 153 -5.47 -50.70 -31.89
CA ALA A 153 -4.63 -51.67 -32.60
C ALA A 153 -4.26 -52.86 -31.71
N GLY A 154 -4.10 -52.62 -30.41
CA GLY A 154 -3.73 -53.62 -29.43
C GLY A 154 -4.78 -54.69 -29.18
N TYR A 155 -6.07 -54.36 -29.46
CA TYR A 155 -7.19 -55.27 -29.27
C TYR A 155 -7.29 -56.22 -30.48
N LYS A 156 -6.57 -57.34 -30.39
CA LYS A 156 -6.44 -58.36 -31.43
C LYS A 156 -7.67 -59.24 -31.59
N SER A 157 -7.75 -60.00 -32.72
CA SER A 157 -8.81 -60.96 -33.03
C SER A 157 -8.29 -62.35 -32.74
N LEU A 158 -9.05 -63.14 -31.97
CA LEU A 158 -8.63 -64.47 -31.55
C LEU A 158 -9.42 -65.59 -32.21
N LEU A 159 -8.74 -66.71 -32.44
CA LEU A 159 -9.32 -67.90 -33.08
C LEU A 159 -8.77 -69.15 -32.42
N LYS A 160 -9.52 -69.71 -31.46
CA LYS A 160 -9.14 -70.94 -30.76
C LYS A 160 -9.62 -72.11 -31.60
N ILE A 161 -8.66 -72.93 -32.09
CA ILE A 161 -8.95 -74.09 -32.93
C ILE A 161 -8.62 -75.38 -32.19
N ILE A 162 -9.67 -76.09 -31.72
CA ILE A 162 -9.52 -77.38 -31.03
C ILE A 162 -9.64 -78.45 -32.12
N MET A 163 -8.50 -78.99 -32.55
CA MET A 163 -8.43 -79.98 -33.65
C MET A 163 -8.53 -81.44 -33.19
N THR A 164 -8.26 -81.72 -31.90
CA THR A 164 -8.33 -83.08 -31.34
C THR A 164 -9.09 -83.10 -30.01
N GLN A 165 -9.80 -84.21 -29.74
CA GLN A 165 -10.53 -84.43 -28.49
C GLN A 165 -9.70 -85.33 -27.55
N SER A 166 -10.30 -85.78 -26.42
CA SER A 166 -9.64 -86.65 -25.43
C SER A 166 -9.23 -88.02 -26.01
N LEU A 167 -9.95 -88.48 -27.06
CA LEU A 167 -9.69 -89.75 -27.76
C LEU A 167 -9.02 -89.46 -29.12
N VAL A 168 -7.86 -90.07 -29.36
CA VAL A 168 -7.07 -89.90 -30.58
C VAL A 168 -7.11 -91.20 -31.41
N PRO A 169 -7.42 -91.14 -32.74
CA PRO A 169 -7.43 -92.39 -33.56
C PRO A 169 -6.07 -93.08 -33.54
N LEU A 170 -6.07 -94.41 -33.37
CA LEU A 170 -4.91 -95.31 -33.25
C LEU A 170 -3.74 -95.04 -34.20
N ASN A 171 -4.01 -94.88 -35.51
CA ASN A 171 -2.97 -94.67 -36.52
C ASN A 171 -2.52 -93.20 -36.72
N LEU A 172 -3.17 -92.23 -36.04
CA LEU A 172 -2.81 -90.81 -36.17
C LEU A 172 -1.44 -90.49 -35.57
N ILE A 173 -0.58 -89.80 -36.36
CA ILE A 173 0.79 -89.44 -35.97
C ILE A 173 1.05 -87.92 -36.06
N LYS A 174 0.49 -87.23 -37.06
CA LYS A 174 0.65 -85.79 -37.28
C LYS A 174 -0.67 -85.07 -37.58
N VAL A 175 -0.79 -83.82 -37.11
CA VAL A 175 -1.94 -82.93 -37.32
C VAL A 175 -1.44 -81.60 -37.90
N HIS A 176 -1.95 -81.21 -39.08
CA HIS A 176 -1.54 -79.97 -39.76
C HIS A 176 -2.62 -78.89 -39.68
N LEU A 177 -2.18 -77.62 -39.58
CA LEU A 177 -3.08 -76.48 -39.47
C LEU A 177 -2.77 -75.36 -40.46
N MET A 178 -3.82 -74.78 -41.04
CA MET A 178 -3.75 -73.66 -41.97
C MET A 178 -4.80 -72.62 -41.59
N VAL A 179 -4.42 -71.33 -41.56
CA VAL A 179 -5.33 -70.22 -41.28
C VAL A 179 -5.11 -69.15 -42.36
N ALA A 180 -6.17 -68.82 -43.11
CA ALA A 180 -6.11 -67.82 -44.18
C ALA A 180 -7.02 -66.62 -43.90
N VAL A 181 -6.41 -65.46 -43.55
CA VAL A 181 -7.12 -64.22 -43.25
C VAL A 181 -6.51 -63.07 -44.04
N GLU A 182 -7.32 -62.42 -44.90
CA GLU A 182 -6.98 -61.23 -45.71
C GLU A 182 -5.59 -61.30 -46.38
N GLY A 183 -5.27 -62.43 -47.00
CA GLY A 183 -3.99 -62.63 -47.68
C GLY A 183 -2.92 -63.33 -46.87
N HIS A 184 -3.01 -63.29 -45.53
CA HIS A 184 -2.07 -63.97 -44.64
C HIS A 184 -2.30 -65.47 -44.69
N LEU A 185 -1.22 -66.25 -44.64
CA LEU A 185 -1.32 -67.71 -44.62
C LEU A 185 -0.42 -68.27 -43.54
N PHE A 186 -1.05 -68.67 -42.41
CA PHE A 186 -0.35 -69.26 -41.29
C PHE A 186 -0.38 -70.77 -41.41
N GLN A 187 0.78 -71.41 -41.28
CA GLN A 187 0.92 -72.86 -41.38
C GLN A 187 1.76 -73.39 -40.22
N LYS A 188 1.25 -74.44 -39.54
CA LYS A 188 1.93 -75.08 -38.40
C LYS A 188 1.63 -76.58 -38.35
N SER A 189 2.66 -77.38 -38.07
CA SER A 189 2.57 -78.84 -37.96
C SER A 189 2.67 -79.24 -36.49
N PHE A 190 1.81 -80.19 -36.07
CA PHE A 190 1.73 -80.69 -34.69
C PHE A 190 1.76 -82.21 -34.65
N LEU A 191 2.14 -82.77 -33.49
CA LEU A 191 2.16 -84.22 -33.26
C LEU A 191 0.84 -84.63 -32.61
N ALA A 192 0.33 -85.83 -32.96
CA ALA A 192 -0.93 -86.38 -32.45
C ALA A 192 -0.92 -86.49 -30.91
N SER A 193 -1.78 -85.69 -30.26
CA SER A 193 -1.91 -85.61 -28.81
C SER A 193 -3.38 -85.41 -28.39
N PRO A 194 -3.84 -86.01 -27.26
CA PRO A 194 -5.23 -85.79 -26.84
C PRO A 194 -5.49 -84.34 -26.41
N ASN A 195 -6.64 -83.78 -26.82
CA ASN A 195 -7.08 -82.41 -26.56
C ASN A 195 -6.08 -81.37 -27.10
N LEU A 196 -5.63 -81.58 -28.36
CA LEU A 196 -4.68 -80.71 -29.06
C LEU A 196 -5.39 -79.46 -29.59
N ALA A 197 -4.90 -78.27 -29.18
CA ALA A 197 -5.47 -76.98 -29.57
C ALA A 197 -4.43 -75.89 -29.81
N TYR A 198 -4.76 -74.93 -30.69
CA TYR A 198 -3.93 -73.78 -31.01
C TYR A 198 -4.80 -72.53 -31.10
N THR A 199 -4.32 -71.40 -30.57
CA THR A 199 -5.05 -70.14 -30.64
C THR A 199 -4.32 -69.15 -31.55
N PHE A 200 -4.95 -68.84 -32.70
CA PHE A 200 -4.44 -67.93 -33.72
C PHE A 200 -4.78 -66.48 -33.36
N ILE A 201 -3.78 -65.59 -33.43
CA ILE A 201 -3.95 -64.17 -33.12
C ILE A 201 -3.79 -63.33 -34.39
N TRP A 202 -4.83 -62.56 -34.74
CA TRP A 202 -4.84 -61.68 -35.91
C TRP A 202 -4.72 -60.23 -35.49
N ASP A 203 -3.75 -59.51 -36.09
CA ASP A 203 -3.45 -58.09 -35.82
C ASP A 203 -4.34 -57.10 -36.62
N LYS A 204 -5.40 -57.63 -37.27
CA LYS A 204 -6.41 -56.91 -38.07
C LYS A 204 -5.82 -56.19 -39.31
N THR A 205 -4.73 -56.72 -39.87
CA THR A 205 -4.08 -56.18 -41.07
C THR A 205 -4.14 -57.19 -42.22
N ASP A 206 -4.00 -56.69 -43.47
CA ASP A 206 -3.95 -57.53 -44.66
C ASP A 206 -2.50 -58.02 -44.88
N ALA A 207 -2.26 -58.75 -45.97
CA ALA A 207 -0.94 -59.27 -46.32
C ALA A 207 0.09 -58.18 -46.62
N TYR A 208 -0.36 -56.97 -47.01
CA TYR A 208 0.49 -55.81 -47.31
C TYR A 208 0.74 -54.89 -46.11
N GLY A 209 0.25 -55.30 -44.94
CA GLY A 209 0.40 -54.55 -43.69
C GLY A 209 -0.54 -53.37 -43.54
N GLN A 210 -1.64 -53.36 -44.33
CA GLN A 210 -2.65 -52.31 -44.30
C GLN A 210 -3.82 -52.72 -43.42
N LYS A 211 -4.39 -51.77 -42.66
CA LYS A 211 -5.52 -52.00 -41.75
C LYS A 211 -6.76 -52.49 -42.48
N VAL A 212 -7.39 -53.53 -41.92
CA VAL A 212 -8.62 -54.13 -42.47
C VAL A 212 -9.77 -53.72 -41.56
N TYR A 213 -10.80 -53.08 -42.14
CA TYR A 213 -11.96 -52.57 -41.41
C TYR A 213 -13.21 -53.44 -41.53
N GLY A 214 -13.95 -53.52 -40.42
CA GLY A 214 -15.21 -54.23 -40.36
C GLY A 214 -15.14 -55.67 -39.89
N LEU A 215 -15.67 -56.58 -40.73
CA LEU A 215 -15.70 -58.02 -40.48
C LEU A 215 -15.01 -58.75 -41.60
N SER A 216 -14.18 -59.74 -41.24
CA SER A 216 -13.44 -60.56 -42.19
C SER A 216 -13.78 -62.03 -42.02
N ASP A 217 -13.54 -62.82 -43.07
CA ASP A 217 -13.75 -64.26 -43.08
C ASP A 217 -12.40 -64.96 -43.05
N ALA A 218 -12.26 -65.94 -42.15
CA ALA A 218 -11.05 -66.75 -42.01
C ALA A 218 -11.32 -68.16 -42.51
N VAL A 219 -10.35 -68.73 -43.23
CA VAL A 219 -10.45 -70.09 -43.74
C VAL A 219 -9.49 -70.94 -42.91
N VAL A 220 -10.04 -71.86 -42.11
CA VAL A 220 -9.28 -72.76 -41.25
C VAL A 220 -9.26 -74.15 -41.87
N SER A 221 -8.05 -74.70 -42.08
CA SER A 221 -7.87 -76.03 -42.65
C SER A 221 -7.14 -76.92 -41.66
N VAL A 222 -7.75 -78.08 -41.33
CA VAL A 222 -7.17 -79.06 -40.39
C VAL A 222 -6.93 -80.38 -41.14
N GLY A 223 -5.68 -80.80 -41.14
CA GLY A 223 -5.24 -82.04 -41.78
C GLY A 223 -4.85 -83.13 -40.81
N PHE A 224 -5.17 -84.38 -41.16
CA PHE A 224 -4.86 -85.57 -40.37
C PHE A 224 -3.93 -86.51 -41.14
N GLU A 225 -2.67 -86.64 -40.67
CA GLU A 225 -1.68 -87.53 -41.29
C GLU A 225 -1.60 -88.84 -40.51
N TYR A 226 -1.88 -89.96 -41.18
CA TYR A 226 -1.88 -91.29 -40.57
C TYR A 226 -0.58 -92.05 -40.84
N GLU A 227 -0.25 -93.02 -39.95
CA GLU A 227 0.95 -93.86 -40.02
C GLU A 227 0.93 -94.80 -41.23
N THR A 228 -0.28 -95.20 -41.70
CA THR A 228 -0.48 -96.07 -42.85
C THR A 228 -0.04 -95.41 -44.16
N CYS A 229 -0.19 -94.07 -44.27
CA CYS A 229 0.21 -93.28 -45.44
C CYS A 229 0.78 -91.90 -45.03
N PRO A 230 2.13 -91.72 -45.03
CA PRO A 230 2.70 -90.42 -44.63
C PRO A 230 2.60 -89.33 -45.70
N SER A 231 2.43 -89.73 -46.98
CA SER A 231 2.34 -88.81 -48.11
C SER A 231 1.01 -88.04 -48.14
N LEU A 232 -0.13 -88.76 -47.98
CA LEU A 232 -1.47 -88.16 -48.02
C LEU A 232 -1.95 -87.65 -46.65
N ILE A 233 -2.61 -86.47 -46.65
CA ILE A 233 -3.16 -85.82 -45.47
C ILE A 233 -4.67 -85.59 -45.68
N LEU A 234 -5.51 -86.03 -44.72
CA LEU A 234 -6.96 -85.86 -44.77
C LEU A 234 -7.32 -84.45 -44.31
N TRP A 235 -7.68 -83.58 -45.26
CA TRP A 235 -8.02 -82.17 -45.00
C TRP A 235 -9.51 -81.89 -44.81
N GLU A 236 -9.80 -80.86 -43.98
CA GLU A 236 -11.16 -80.38 -43.70
C GLU A 236 -11.14 -78.86 -43.60
N LYS A 237 -11.90 -78.18 -44.46
CA LYS A 237 -11.99 -76.72 -44.51
C LYS A 237 -13.23 -76.18 -43.80
N ARG A 238 -13.02 -75.17 -42.91
CA ARG A 238 -14.06 -74.52 -42.11
C ARG A 238 -13.90 -73.00 -42.18
N THR A 239 -15.01 -72.25 -42.11
CA THR A 239 -14.97 -70.78 -42.11
C THR A 239 -15.29 -70.21 -40.74
N ALA A 240 -14.64 -69.09 -40.39
CA ALA A 240 -14.82 -68.39 -39.13
C ALA A 240 -14.88 -66.89 -39.36
N LEU A 241 -15.68 -66.18 -38.54
CA LEU A 241 -15.82 -64.74 -38.65
C LEU A 241 -14.95 -64.02 -37.61
N LEU A 242 -14.03 -63.16 -38.10
CA LEU A 242 -13.11 -62.37 -37.28
C LEU A 242 -13.42 -60.89 -37.42
N GLN A 243 -13.40 -60.17 -36.29
CA GLN A 243 -13.66 -58.74 -36.28
C GLN A 243 -12.37 -57.98 -36.62
N GLY A 244 -12.47 -57.06 -37.57
CA GLY A 244 -11.35 -56.23 -37.99
C GLY A 244 -11.32 -54.93 -37.20
N PHE A 245 -10.66 -53.92 -37.76
CA PHE A 245 -10.56 -52.59 -37.15
C PHE A 245 -11.90 -51.88 -37.18
N GLU A 246 -12.23 -51.21 -36.08
CA GLU A 246 -13.44 -50.41 -35.98
C GLU A 246 -13.06 -49.03 -36.51
N LEU A 247 -13.97 -48.36 -37.22
CA LEU A 247 -13.70 -47.02 -37.77
C LEU A 247 -13.67 -45.98 -36.66
N ASP A 248 -12.79 -44.98 -36.79
CA ASP A 248 -12.65 -43.87 -35.84
C ASP A 248 -13.33 -42.63 -36.45
N PRO A 249 -14.56 -42.28 -36.00
CA PRO A 249 -15.25 -41.14 -36.60
C PRO A 249 -14.67 -39.75 -36.27
N SER A 250 -14.46 -39.50 -34.97
CA SER A 250 -14.07 -38.21 -34.42
C SER A 250 -12.61 -37.79 -34.60
N ASN A 251 -11.65 -38.74 -34.61
CA ASN A 251 -10.20 -38.44 -34.74
C ASN A 251 -9.74 -37.46 -33.64
N LEU A 252 -9.87 -37.91 -32.39
CA LEU A 252 -9.49 -37.14 -31.22
C LEU A 252 -8.55 -37.95 -30.34
N GLY A 253 -7.44 -38.39 -30.95
CA GLY A 253 -6.40 -39.17 -30.29
C GLY A 253 -6.85 -40.52 -29.74
N GLY A 254 -7.71 -41.20 -30.50
CA GLY A 254 -8.26 -42.50 -30.12
C GLY A 254 -9.57 -42.42 -29.36
N TRP A 255 -10.02 -41.18 -29.06
CA TRP A 255 -11.27 -40.90 -28.37
C TRP A 255 -12.34 -40.42 -29.35
N SER A 256 -13.62 -40.54 -28.99
CA SER A 256 -14.71 -40.10 -29.84
C SER A 256 -15.68 -39.16 -29.15
N LEU A 257 -16.43 -38.36 -29.92
CA LEU A 257 -17.46 -37.49 -29.41
C LEU A 257 -18.71 -38.36 -29.27
N ASP A 258 -19.30 -38.34 -28.07
CA ASP A 258 -20.49 -39.06 -27.60
C ASP A 258 -21.60 -39.21 -28.66
N LYS A 259 -21.92 -38.11 -29.36
CA LYS A 259 -23.00 -38.02 -30.35
C LYS A 259 -22.60 -38.28 -31.81
N HIS A 260 -21.28 -38.33 -32.08
CA HIS A 260 -20.72 -38.51 -33.41
C HIS A 260 -20.53 -39.98 -33.76
N HIS A 261 -21.26 -40.45 -34.79
CA HIS A 261 -21.21 -41.83 -35.25
C HIS A 261 -20.59 -41.96 -36.64
N VAL A 262 -20.39 -43.21 -37.08
CA VAL A 262 -19.84 -43.56 -38.39
C VAL A 262 -20.43 -44.89 -38.84
N LEU A 263 -20.68 -45.02 -40.14
CA LEU A 263 -21.17 -46.24 -40.73
C LEU A 263 -20.13 -46.83 -41.68
N ASN A 264 -19.78 -48.11 -41.44
CA ASN A 264 -18.90 -48.90 -42.28
C ASN A 264 -19.86 -49.45 -43.33
N VAL A 265 -19.87 -48.83 -44.53
CA VAL A 265 -20.79 -49.18 -45.61
C VAL A 265 -20.57 -50.59 -46.16
N LYS A 266 -19.30 -51.02 -46.29
CA LYS A 266 -18.91 -52.33 -46.82
C LYS A 266 -19.30 -53.50 -45.90
N SER A 267 -18.99 -53.40 -44.59
CA SER A 267 -19.29 -54.45 -43.63
C SER A 267 -20.65 -54.32 -42.93
N GLY A 268 -21.32 -53.19 -43.13
CA GLY A 268 -22.63 -52.92 -42.55
C GLY A 268 -22.59 -52.81 -41.03
N ILE A 269 -21.70 -51.94 -40.51
CA ILE A 269 -21.54 -51.72 -39.06
C ILE A 269 -21.76 -50.26 -38.69
N LEU A 270 -22.62 -50.03 -37.69
CA LEU A 270 -22.85 -48.71 -37.13
C LEU A 270 -21.97 -48.58 -35.89
N HIS A 271 -20.92 -47.73 -35.97
CA HIS A 271 -20.02 -47.48 -34.85
C HIS A 271 -20.46 -46.18 -34.23
N LYS A 272 -21.13 -46.26 -33.07
CA LYS A 272 -21.61 -45.07 -32.37
C LYS A 272 -20.53 -44.50 -31.46
N GLY A 273 -20.47 -43.17 -31.40
CA GLY A 273 -19.50 -42.43 -30.58
C GLY A 273 -19.56 -42.72 -29.09
N ASN A 274 -20.69 -43.25 -28.60
CA ASN A 274 -20.89 -43.59 -27.19
C ASN A 274 -20.34 -44.99 -26.82
N GLY A 275 -19.80 -45.71 -27.79
CA GLY A 275 -19.23 -47.04 -27.60
C GLY A 275 -20.09 -48.18 -28.11
N GLU A 276 -21.32 -47.86 -28.56
CA GLU A 276 -22.28 -48.85 -29.07
C GLU A 276 -21.96 -49.26 -30.50
N ASN A 277 -21.78 -50.56 -30.72
CA ASN A 277 -21.52 -51.11 -32.04
C ASN A 277 -22.73 -51.94 -32.48
N GLN A 278 -23.24 -51.64 -33.68
CA GLN A 278 -24.36 -52.35 -34.26
C GLN A 278 -23.92 -53.01 -35.56
N PHE A 279 -23.65 -54.31 -35.50
CA PHE A 279 -23.26 -55.12 -36.65
C PHE A 279 -24.59 -55.47 -37.35
N LEU A 280 -25.00 -54.59 -38.28
CA LEU A 280 -26.28 -54.67 -38.99
C LEU A 280 -26.47 -55.96 -39.80
N THR A 281 -25.39 -56.54 -40.36
CA THR A 281 -25.47 -57.80 -41.12
C THR A 281 -25.75 -59.01 -40.22
N GLN A 282 -25.48 -58.89 -38.91
CA GLN A 282 -25.70 -59.93 -37.89
C GLN A 282 -27.14 -59.91 -37.36
N GLN A 283 -27.95 -58.95 -37.84
CA GLN A 283 -29.37 -58.80 -37.49
C GLN A 283 -30.20 -59.77 -38.35
N PRO A 284 -31.54 -59.98 -38.09
CA PRO A 284 -32.30 -60.94 -38.91
C PRO A 284 -32.29 -60.63 -40.41
N ALA A 285 -32.11 -61.67 -41.25
CA ALA A 285 -32.08 -61.58 -42.71
C ALA A 285 -33.42 -61.08 -43.27
N VAL A 286 -33.36 -60.36 -44.40
CA VAL A 286 -34.50 -59.73 -45.08
C VAL A 286 -34.87 -60.48 -46.36
N ILE A 287 -36.18 -60.60 -46.64
CA ILE A 287 -36.71 -61.25 -47.83
C ILE A 287 -37.42 -60.23 -48.74
N THR A 288 -37.09 -60.23 -50.04
CA THR A 288 -37.66 -59.33 -51.06
C THR A 288 -37.99 -60.10 -52.34
N SER A 289 -38.89 -59.54 -53.18
CA SER A 289 -39.26 -60.12 -54.46
C SER A 289 -38.43 -59.43 -55.54
N ILE A 290 -37.64 -60.19 -56.30
CA ILE A 290 -36.76 -59.64 -57.34
C ILE A 290 -37.31 -59.85 -58.76
N MET A 291 -38.30 -60.76 -58.92
CA MET A 291 -38.98 -61.08 -60.19
C MET A 291 -40.33 -61.73 -59.92
N GLY A 292 -41.31 -61.44 -60.78
CA GLY A 292 -42.66 -61.98 -60.68
C GLY A 292 -43.62 -61.06 -59.94
N ASN A 293 -44.93 -61.27 -60.16
CA ASN A 293 -45.98 -60.50 -59.50
C ASN A 293 -47.14 -61.36 -58.98
N GLY A 294 -46.92 -62.68 -58.93
CA GLY A 294 -47.90 -63.65 -58.46
C GLY A 294 -48.93 -64.05 -59.51
N ARG A 295 -48.74 -63.58 -60.76
CA ARG A 295 -49.63 -63.86 -61.90
C ARG A 295 -48.84 -64.46 -63.06
N ARG A 296 -49.46 -65.41 -63.78
CA ARG A 296 -48.85 -66.11 -64.91
C ARG A 296 -48.84 -65.29 -66.19
N ARG A 297 -47.73 -65.39 -66.94
CA ARG A 297 -47.54 -64.74 -68.24
C ARG A 297 -48.06 -65.69 -69.34
N SER A 298 -48.28 -65.17 -70.55
CA SER A 298 -48.68 -66.01 -71.68
C SER A 298 -47.43 -66.74 -72.18
N ILE A 299 -47.62 -67.95 -72.74
CA ILE A 299 -46.56 -68.85 -73.21
C ILE A 299 -45.61 -68.19 -74.26
N SER A 300 -46.11 -67.26 -75.10
CA SER A 300 -45.35 -66.56 -76.13
C SER A 300 -44.27 -65.57 -75.63
N CYS A 301 -44.31 -65.21 -74.33
CA CYS A 301 -43.41 -64.27 -73.64
C CYS A 301 -43.42 -62.85 -74.28
N PRO A 302 -44.58 -62.13 -74.28
CA PRO A 302 -44.57 -60.77 -74.84
C PRO A 302 -44.08 -59.76 -73.79
N SER A 303 -43.14 -58.87 -74.21
CA SER A 303 -42.49 -57.85 -73.38
C SER A 303 -41.76 -58.47 -72.15
N CYS A 304 -41.09 -59.61 -72.38
CA CYS A 304 -40.31 -60.34 -71.37
C CYS A 304 -38.92 -59.70 -71.22
N ASN A 305 -38.55 -58.82 -72.17
CA ASN A 305 -37.28 -58.12 -72.21
C ASN A 305 -37.40 -56.66 -71.70
N GLY A 306 -37.23 -56.52 -70.38
CA GLY A 306 -37.31 -55.25 -69.68
C GLY A 306 -36.74 -55.35 -68.28
N LEU A 307 -37.40 -54.72 -67.30
CA LEU A 307 -36.97 -54.76 -65.90
C LEU A 307 -37.44 -56.04 -65.23
N ALA A 308 -36.60 -56.59 -64.34
CA ALA A 308 -36.86 -57.83 -63.60
C ALA A 308 -38.00 -57.72 -62.58
N GLU A 309 -38.04 -56.63 -61.79
CA GLU A 309 -39.06 -56.41 -60.76
C GLU A 309 -40.46 -56.26 -61.37
N GLY A 310 -41.39 -57.09 -60.90
CA GLY A 310 -42.78 -57.09 -61.36
C GLY A 310 -43.03 -57.79 -62.68
N ASN A 311 -41.95 -58.24 -63.37
CA ASN A 311 -42.02 -58.94 -64.66
C ASN A 311 -42.60 -60.33 -64.47
N LYS A 312 -43.76 -60.59 -65.12
CA LYS A 312 -44.50 -61.84 -65.05
C LYS A 312 -43.69 -63.07 -65.43
N LEU A 313 -43.81 -64.13 -64.60
CA LEU A 313 -43.17 -65.42 -64.80
C LEU A 313 -44.28 -66.45 -65.07
N LEU A 314 -43.91 -67.68 -65.44
CA LEU A 314 -44.87 -68.74 -65.69
C LEU A 314 -44.73 -69.82 -64.63
N ALA A 315 -43.51 -70.40 -64.51
CA ALA A 315 -43.15 -71.44 -63.55
C ALA A 315 -41.63 -71.50 -63.36
N PRO A 316 -41.06 -70.84 -62.32
CA PRO A 316 -39.60 -70.93 -62.12
C PRO A 316 -39.23 -72.27 -61.46
N VAL A 317 -38.59 -73.16 -62.24
CA VAL A 317 -38.24 -74.51 -61.79
C VAL A 317 -36.73 -74.68 -61.52
N ALA A 318 -35.89 -73.84 -62.15
CA ALA A 318 -34.43 -73.92 -62.01
C ALA A 318 -33.77 -72.55 -61.88
N LEU A 319 -32.67 -72.49 -61.10
CA LEU A 319 -31.87 -71.29 -60.89
C LEU A 319 -30.38 -71.63 -60.91
N ALA A 320 -29.58 -70.72 -61.50
CA ALA A 320 -28.11 -70.84 -61.58
C ALA A 320 -27.47 -69.46 -61.72
N VAL A 321 -26.41 -69.20 -60.93
CA VAL A 321 -25.68 -67.95 -60.98
C VAL A 321 -24.48 -68.09 -61.93
N GLY A 322 -24.40 -67.19 -62.91
CA GLY A 322 -23.33 -67.15 -63.88
C GLY A 322 -22.04 -66.56 -63.33
N ILE A 323 -20.95 -66.67 -64.10
CA ILE A 323 -19.61 -66.16 -63.76
C ILE A 323 -19.59 -64.61 -63.71
N ASP A 324 -20.58 -64.00 -64.37
CA ASP A 324 -20.84 -62.56 -64.54
C ASP A 324 -21.52 -61.96 -63.31
N GLY A 325 -22.24 -62.81 -62.56
CA GLY A 325 -23.03 -62.43 -61.39
C GLY A 325 -24.51 -62.44 -61.75
N SER A 326 -24.81 -62.79 -63.01
CA SER A 326 -26.15 -62.89 -63.58
C SER A 326 -26.90 -64.09 -63.02
N LEU A 327 -28.22 -63.95 -62.87
CA LEU A 327 -29.06 -65.04 -62.41
C LEU A 327 -29.85 -65.61 -63.59
N PHE A 328 -29.56 -66.88 -63.95
CA PHE A 328 -30.26 -67.58 -65.02
C PHE A 328 -31.50 -68.22 -64.42
N VAL A 329 -32.66 -67.89 -64.99
CA VAL A 329 -33.95 -68.37 -64.53
C VAL A 329 -34.53 -69.39 -65.50
N GLY A 330 -34.83 -70.57 -64.99
CA GLY A 330 -35.47 -71.64 -65.73
C GLY A 330 -36.96 -71.43 -65.63
N ASP A 331 -37.48 -70.39 -66.32
CA ASP A 331 -38.89 -70.01 -66.32
C ASP A 331 -39.69 -70.91 -67.29
N PHE A 332 -39.77 -72.20 -66.95
CA PHE A 332 -40.47 -73.27 -67.67
C PHE A 332 -40.18 -73.28 -69.19
N ASN A 333 -41.01 -72.57 -69.98
CA ASN A 333 -40.92 -72.49 -71.44
C ASN A 333 -39.66 -71.76 -71.94
N TYR A 334 -39.27 -70.68 -71.24
CA TYR A 334 -38.12 -69.85 -71.60
C TYR A 334 -37.06 -69.81 -70.49
N ILE A 335 -35.80 -69.66 -70.89
CA ILE A 335 -34.68 -69.49 -69.98
C ILE A 335 -34.31 -68.00 -70.08
N ARG A 336 -34.55 -67.27 -68.99
CA ARG A 336 -34.35 -65.82 -68.92
C ARG A 336 -33.16 -65.44 -68.03
N ARG A 337 -32.25 -64.58 -68.56
CA ARG A 337 -31.06 -64.12 -67.85
C ARG A 337 -31.27 -62.76 -67.20
N ILE A 338 -31.16 -62.69 -65.85
CA ILE A 338 -31.27 -61.44 -65.10
C ILE A 338 -29.85 -60.88 -64.98
N PHE A 339 -29.58 -59.77 -65.68
CA PHE A 339 -28.27 -59.11 -65.68
C PHE A 339 -28.00 -58.39 -64.35
N PRO A 340 -26.72 -58.11 -63.98
CA PRO A 340 -26.47 -57.37 -62.72
C PRO A 340 -27.12 -55.97 -62.70
N SER A 341 -27.48 -55.45 -63.90
CA SER A 341 -28.17 -54.17 -64.12
C SER A 341 -29.68 -54.27 -63.77
N ARG A 342 -30.12 -55.45 -63.28
CA ARG A 342 -31.49 -55.81 -62.88
C ARG A 342 -32.48 -55.83 -64.08
N ASN A 343 -31.95 -56.06 -65.30
CA ASN A 343 -32.75 -56.17 -66.52
C ASN A 343 -32.76 -57.62 -67.01
N VAL A 344 -33.90 -58.07 -67.57
CA VAL A 344 -34.11 -59.43 -68.07
C VAL A 344 -34.19 -59.49 -69.60
N THR A 345 -33.55 -60.52 -70.20
CA THR A 345 -33.58 -60.84 -71.63
C THR A 345 -33.67 -62.36 -71.77
N SER A 346 -34.62 -62.85 -72.59
CA SER A 346 -34.81 -64.27 -72.86
C SER A 346 -33.63 -64.76 -73.72
N ILE A 347 -32.98 -65.87 -73.32
CA ILE A 347 -31.80 -66.38 -74.03
C ILE A 347 -32.07 -67.71 -74.77
N LEU A 348 -33.02 -68.53 -74.27
CA LEU A 348 -33.35 -69.83 -74.89
C LEU A 348 -34.82 -70.21 -74.71
N GLU A 349 -35.45 -70.70 -75.79
CA GLU A 349 -36.82 -71.18 -75.79
C GLU A 349 -36.80 -72.71 -75.91
N LEU A 350 -37.54 -73.40 -75.01
CA LEU A 350 -37.65 -74.85 -75.01
C LEU A 350 -38.97 -75.24 -75.67
N ARG A 351 -38.90 -75.80 -76.90
CA ARG A 351 -40.05 -76.19 -77.71
C ARG A 351 -40.89 -77.34 -77.12
N ASN A 352 -40.32 -78.14 -76.20
CA ASN A 352 -40.98 -79.29 -75.57
C ASN A 352 -41.77 -78.93 -74.29
N LYS A 353 -42.01 -77.63 -74.05
CA LYS A 353 -42.75 -77.17 -72.87
C LYS A 353 -44.12 -76.62 -73.25
N GLU A 354 -45.18 -77.08 -72.55
CA GLU A 354 -46.55 -76.66 -72.78
C GLU A 354 -47.20 -76.12 -71.50
N PHE A 355 -47.89 -74.96 -71.61
CA PHE A 355 -48.61 -74.22 -70.54
C PHE A 355 -49.30 -75.11 -69.49
N LYS A 356 -49.82 -76.28 -69.92
CA LYS A 356 -50.52 -77.27 -69.10
C LYS A 356 -49.60 -77.94 -68.06
N HIS A 357 -48.35 -78.25 -68.48
CA HIS A 357 -47.34 -78.95 -67.66
C HIS A 357 -46.40 -78.01 -66.87
N SER A 358 -46.82 -76.75 -66.61
CA SER A 358 -46.04 -75.73 -65.88
C SER A 358 -45.56 -76.20 -64.49
N ASN A 359 -46.48 -76.75 -63.67
CA ASN A 359 -46.20 -77.24 -62.31
C ASN A 359 -46.05 -78.78 -62.24
N ASN A 360 -45.73 -79.41 -63.39
CA ASN A 360 -45.56 -80.86 -63.51
C ASN A 360 -44.13 -81.27 -63.14
N PRO A 361 -43.94 -82.20 -62.16
CA PRO A 361 -42.58 -82.62 -61.77
C PRO A 361 -41.77 -83.36 -62.83
N ALA A 362 -42.46 -84.01 -63.81
CA ALA A 362 -41.83 -84.75 -64.90
C ALA A 362 -41.16 -83.80 -65.91
N HIS A 363 -41.71 -82.58 -66.07
CA HIS A 363 -41.21 -81.54 -66.97
C HIS A 363 -40.24 -80.57 -66.27
N LYS A 364 -39.74 -80.93 -65.07
CA LYS A 364 -38.79 -80.11 -64.33
C LYS A 364 -37.38 -80.34 -64.88
N TYR A 365 -36.67 -79.25 -65.18
CA TYR A 365 -35.29 -79.28 -65.67
C TYR A 365 -34.33 -78.59 -64.69
N TYR A 366 -33.03 -78.82 -64.85
CA TYR A 366 -31.99 -78.31 -63.95
C TYR A 366 -30.93 -77.52 -64.70
N LEU A 367 -30.48 -76.40 -64.11
CA LEU A 367 -29.46 -75.52 -64.69
C LEU A 367 -28.13 -75.64 -63.95
N ALA A 368 -27.02 -75.31 -64.64
CA ALA A 368 -25.65 -75.34 -64.10
C ALA A 368 -24.72 -74.45 -64.93
N VAL A 369 -23.84 -73.69 -64.24
CA VAL A 369 -22.87 -72.81 -64.89
C VAL A 369 -21.45 -73.36 -64.69
N ASP A 370 -20.71 -73.52 -65.80
CA ASP A 370 -19.33 -73.99 -65.80
C ASP A 370 -18.41 -72.83 -65.35
N PRO A 371 -17.58 -73.00 -64.30
CA PRO A 371 -16.74 -71.86 -63.84
C PRO A 371 -15.55 -71.51 -64.74
N VAL A 372 -15.04 -72.48 -65.54
CA VAL A 372 -13.91 -72.25 -66.47
C VAL A 372 -14.38 -71.24 -67.54
N SER A 373 -15.33 -71.66 -68.38
CA SER A 373 -16.00 -70.85 -69.41
C SER A 373 -17.42 -70.71 -68.87
N GLY A 374 -17.98 -69.51 -68.88
CA GLY A 374 -19.31 -69.22 -68.35
C GLY A 374 -20.52 -69.89 -69.00
N SER A 375 -20.33 -71.07 -69.62
CA SER A 375 -21.35 -71.88 -70.30
C SER A 375 -22.46 -72.33 -69.36
N LEU A 376 -23.72 -72.19 -69.82
CA LEU A 376 -24.92 -72.62 -69.09
C LEU A 376 -25.42 -73.94 -69.65
N TYR A 377 -25.50 -74.97 -68.79
CA TYR A 377 -25.95 -76.31 -69.15
C TYR A 377 -27.38 -76.55 -68.68
N VAL A 378 -28.22 -77.08 -69.58
CA VAL A 378 -29.64 -77.36 -69.33
C VAL A 378 -29.85 -78.87 -69.41
N SER A 379 -30.53 -79.46 -68.42
CA SER A 379 -30.81 -80.90 -68.47
C SER A 379 -32.28 -81.18 -68.24
N ASP A 380 -32.97 -81.57 -69.33
CA ASP A 380 -34.39 -81.89 -69.28
C ASP A 380 -34.58 -83.39 -69.10
N THR A 381 -35.27 -83.77 -68.02
CA THR A 381 -35.58 -85.15 -67.65
C THR A 381 -36.48 -85.80 -68.71
N ASN A 382 -37.46 -85.04 -69.21
CA ASN A 382 -38.43 -85.48 -70.22
C ASN A 382 -37.82 -85.76 -71.59
N SER A 383 -36.87 -84.91 -72.06
CA SER A 383 -36.22 -85.09 -73.37
C SER A 383 -35.06 -86.09 -73.35
N ARG A 384 -34.63 -86.53 -72.14
CA ARG A 384 -33.54 -87.49 -71.88
C ARG A 384 -32.18 -87.02 -72.48
N ARG A 385 -31.95 -85.69 -72.50
CA ARG A 385 -30.75 -85.05 -73.04
C ARG A 385 -30.23 -83.89 -72.17
N ILE A 386 -28.98 -83.43 -72.46
CA ILE A 386 -28.30 -82.30 -71.83
C ILE A 386 -27.89 -81.32 -72.93
N TYR A 387 -28.24 -80.03 -72.76
CA TYR A 387 -27.97 -78.94 -73.72
C TYR A 387 -27.03 -77.88 -73.15
N LYS A 388 -26.40 -77.11 -74.05
CA LYS A 388 -25.49 -76.01 -73.75
C LYS A 388 -25.97 -74.81 -74.55
N VAL A 389 -26.23 -73.68 -73.87
CA VAL A 389 -26.69 -72.44 -74.50
C VAL A 389 -25.52 -71.86 -75.32
N LYS A 390 -25.74 -71.64 -76.63
CA LYS A 390 -24.73 -71.13 -77.54
C LYS A 390 -24.36 -69.67 -77.21
N SER A 391 -25.33 -68.74 -77.32
CA SER A 391 -25.13 -67.33 -77.03
C SER A 391 -25.90 -66.95 -75.76
N LEU A 392 -25.19 -66.41 -74.75
CA LEU A 392 -25.79 -65.99 -73.48
C LEU A 392 -26.39 -64.57 -73.56
N THR A 393 -26.29 -63.93 -74.74
CA THR A 393 -26.83 -62.59 -74.99
C THR A 393 -28.24 -62.68 -75.62
N GLY A 394 -28.54 -63.84 -76.21
CA GLY A 394 -29.82 -64.12 -76.86
C GLY A 394 -29.85 -63.65 -78.29
N THR A 395 -29.92 -64.60 -79.23
CA THR A 395 -29.98 -64.32 -80.68
C THR A 395 -31.44 -64.08 -81.13
N LYS A 396 -31.64 -63.86 -82.45
CA LYS A 396 -32.96 -63.63 -83.05
C LYS A 396 -33.83 -64.89 -82.93
N ASP A 397 -33.25 -66.06 -83.28
CA ASP A 397 -33.91 -67.38 -83.18
C ASP A 397 -33.54 -68.00 -81.83
N LEU A 398 -34.41 -67.80 -80.82
CA LEU A 398 -34.22 -68.28 -79.45
C LEU A 398 -34.50 -69.76 -79.26
N ALA A 399 -35.37 -70.35 -80.11
CA ALA A 399 -35.76 -71.76 -80.06
C ALA A 399 -34.61 -72.72 -80.39
N GLY A 400 -33.64 -72.25 -81.19
CA GLY A 400 -32.48 -73.03 -81.60
C GLY A 400 -31.16 -72.42 -81.15
N ASN A 401 -31.09 -71.97 -79.89
CA ASN A 401 -29.89 -71.37 -79.29
C ASN A 401 -29.18 -72.36 -78.33
N SER A 402 -29.45 -73.67 -78.51
CA SER A 402 -28.86 -74.76 -77.72
C SER A 402 -28.16 -75.80 -78.58
N GLU A 403 -27.14 -76.46 -78.00
CA GLU A 403 -26.33 -77.51 -78.62
C GLU A 403 -26.29 -78.71 -77.67
N VAL A 404 -26.52 -79.94 -78.19
CA VAL A 404 -26.52 -81.18 -77.39
C VAL A 404 -25.11 -81.52 -76.87
N VAL A 405 -25.01 -81.75 -75.54
CA VAL A 405 -23.76 -82.10 -74.83
C VAL A 405 -23.74 -83.61 -74.58
N ALA A 406 -24.87 -84.16 -74.09
CA ALA A 406 -25.02 -85.58 -73.76
C ALA A 406 -26.45 -86.07 -74.02
N GLY A 407 -26.56 -87.31 -74.50
CA GLY A 407 -27.83 -87.95 -74.81
C GLY A 407 -28.23 -87.87 -76.27
N THR A 408 -28.99 -88.88 -76.74
CA THR A 408 -29.51 -88.94 -78.11
C THR A 408 -30.98 -88.55 -78.12
N GLY A 409 -31.67 -88.84 -77.02
CA GLY A 409 -33.08 -88.55 -76.84
C GLY A 409 -33.88 -89.75 -76.35
N GLU A 410 -33.29 -90.96 -76.45
CA GLU A 410 -33.93 -92.20 -76.04
C GLU A 410 -33.52 -92.67 -74.64
N GLN A 411 -34.52 -93.16 -73.88
CA GLN A 411 -34.35 -93.66 -72.52
C GLN A 411 -33.80 -95.09 -72.58
N CYS A 412 -32.61 -95.31 -72.00
CA CYS A 412 -31.97 -96.64 -71.99
C CYS A 412 -32.44 -97.49 -70.80
N LEU A 413 -32.55 -98.81 -71.03
CA LEU A 413 -33.00 -99.81 -70.05
C LEU A 413 -32.07 -99.90 -68.82
N PRO A 414 -32.60 -100.27 -67.62
CA PRO A 414 -31.73 -100.33 -66.42
C PRO A 414 -30.53 -101.27 -66.49
N PHE A 415 -30.64 -102.37 -67.24
CA PHE A 415 -29.57 -103.35 -67.37
C PHE A 415 -29.02 -103.40 -68.81
N ASP A 416 -28.42 -102.27 -69.24
CA ASP A 416 -27.84 -102.09 -70.57
C ASP A 416 -26.48 -102.79 -70.66
N GLU A 417 -26.22 -103.47 -71.78
CA GLU A 417 -24.97 -104.19 -72.04
C GLU A 417 -23.80 -103.23 -72.28
N ALA A 418 -24.01 -102.24 -73.18
CA ALA A 418 -23.03 -101.20 -73.53
C ALA A 418 -22.90 -100.12 -72.44
N ARG A 419 -23.69 -100.26 -71.34
CA ARG A 419 -23.75 -99.38 -70.17
C ARG A 419 -24.18 -97.95 -70.54
N CYS A 420 -25.25 -97.84 -71.36
CA CYS A 420 -25.87 -96.62 -71.88
C CYS A 420 -24.87 -95.68 -72.62
N GLY A 421 -23.87 -96.28 -73.27
CA GLY A 421 -22.87 -95.57 -74.05
C GLY A 421 -21.63 -95.11 -73.29
N ASP A 422 -21.38 -95.68 -72.09
CA ASP A 422 -20.23 -95.34 -71.26
C ASP A 422 -18.90 -95.73 -71.90
N GLY A 423 -17.93 -94.84 -71.80
CA GLY A 423 -16.59 -95.02 -72.38
C GLY A 423 -16.41 -94.25 -73.67
N GLY A 424 -17.52 -94.02 -74.36
CA GLY A 424 -17.54 -93.28 -75.63
C GLY A 424 -17.99 -91.84 -75.48
N LYS A 425 -18.23 -91.17 -76.62
CA LYS A 425 -18.68 -89.77 -76.67
C LYS A 425 -20.06 -89.59 -76.05
N ALA A 426 -20.21 -88.52 -75.23
CA ALA A 426 -21.44 -88.19 -74.51
C ALA A 426 -22.64 -87.93 -75.43
N VAL A 427 -22.40 -87.27 -76.58
CA VAL A 427 -23.40 -86.94 -77.60
C VAL A 427 -24.06 -88.23 -78.15
N ASP A 428 -23.23 -89.26 -78.42
CA ASP A 428 -23.65 -90.57 -78.96
C ASP A 428 -24.27 -91.49 -77.90
N ALA A 429 -24.03 -91.21 -76.60
CA ALA A 429 -24.54 -91.98 -75.48
C ALA A 429 -26.04 -91.74 -75.24
N THR A 430 -26.68 -92.60 -74.41
CA THR A 430 -28.10 -92.53 -74.06
C THR A 430 -28.26 -92.29 -72.58
N LEU A 431 -29.29 -91.53 -72.18
CA LEU A 431 -29.53 -91.21 -70.76
C LEU A 431 -30.84 -91.81 -70.25
N MET A 432 -30.86 -92.22 -68.97
CA MET A 432 -32.04 -92.80 -68.33
C MET A 432 -33.08 -91.73 -68.00
N SER A 433 -32.69 -90.71 -67.19
CA SER A 433 -33.49 -89.55 -66.79
C SER A 433 -32.58 -88.49 -66.13
N PRO A 434 -31.96 -87.58 -66.94
CA PRO A 434 -31.07 -86.57 -66.35
C PRO A 434 -31.75 -85.58 -65.41
N ARG A 435 -31.20 -85.44 -64.19
CA ARG A 435 -31.71 -84.55 -63.16
C ARG A 435 -30.71 -83.42 -62.85
N GLY A 436 -30.34 -83.20 -61.58
CA GLY A 436 -29.42 -82.16 -61.17
C GLY A 436 -28.05 -82.21 -61.82
N ILE A 437 -27.54 -81.04 -62.26
CA ILE A 437 -26.22 -80.89 -62.89
C ILE A 437 -25.33 -79.94 -62.08
N ALA A 438 -24.03 -80.27 -62.01
CA ALA A 438 -23.00 -79.50 -61.32
C ALA A 438 -21.68 -79.59 -62.09
N VAL A 439 -20.98 -78.45 -62.25
CA VAL A 439 -19.71 -78.40 -62.97
C VAL A 439 -18.56 -78.05 -62.00
N ASP A 440 -17.54 -78.92 -61.98
CA ASP A 440 -16.31 -78.87 -61.18
C ASP A 440 -15.44 -77.65 -61.53
N LYS A 441 -14.41 -77.42 -60.71
CA LYS A 441 -13.39 -76.38 -60.82
C LYS A 441 -12.56 -76.58 -62.10
N TYR A 442 -12.24 -77.86 -62.43
CA TYR A 442 -11.46 -78.27 -63.59
C TYR A 442 -12.28 -78.29 -64.91
N GLY A 443 -13.59 -78.07 -64.79
CA GLY A 443 -14.50 -78.06 -65.93
C GLY A 443 -15.26 -79.36 -66.13
N LEU A 444 -15.09 -80.32 -65.20
CA LEU A 444 -15.74 -81.63 -65.24
C LEU A 444 -17.23 -81.51 -64.92
N MET A 445 -18.09 -81.98 -65.85
CA MET A 445 -19.54 -81.92 -65.69
C MET A 445 -20.09 -83.21 -65.07
N TYR A 446 -20.84 -83.06 -63.97
CA TYR A 446 -21.47 -84.16 -63.24
C TYR A 446 -22.98 -84.03 -63.29
N PHE A 447 -23.69 -85.16 -63.37
CA PHE A 447 -25.15 -85.17 -63.41
C PHE A 447 -25.78 -86.45 -62.86
N VAL A 448 -26.99 -86.31 -62.30
CA VAL A 448 -27.77 -87.42 -61.77
C VAL A 448 -28.55 -88.07 -62.93
N ASP A 449 -28.33 -89.37 -63.17
CA ASP A 449 -29.01 -90.14 -64.21
C ASP A 449 -29.76 -91.30 -63.55
N ALA A 450 -31.07 -91.06 -63.25
CA ALA A 450 -32.01 -91.96 -62.57
C ALA A 450 -31.61 -92.27 -61.12
N THR A 451 -30.58 -93.12 -60.90
CA THR A 451 -30.09 -93.52 -59.56
C THR A 451 -28.54 -93.55 -59.47
N MET A 452 -27.85 -92.89 -60.43
CA MET A 452 -26.39 -92.84 -60.47
C MET A 452 -25.85 -91.46 -60.87
N ILE A 453 -24.55 -91.23 -60.63
CA ILE A 453 -23.90 -89.98 -61.00
C ILE A 453 -22.95 -90.26 -62.16
N ARG A 454 -23.12 -89.52 -63.26
CA ARG A 454 -22.32 -89.67 -64.46
C ARG A 454 -21.45 -88.45 -64.76
N LYS A 455 -20.22 -88.68 -65.28
CA LYS A 455 -19.26 -87.62 -65.62
C LYS A 455 -19.21 -87.40 -67.14
N VAL A 456 -18.89 -86.16 -67.54
CA VAL A 456 -18.69 -85.74 -68.94
C VAL A 456 -17.41 -84.87 -68.88
N ASP A 457 -16.26 -85.48 -69.23
CA ASP A 457 -14.95 -84.82 -69.16
C ASP A 457 -14.73 -83.75 -70.26
N GLN A 458 -13.56 -83.09 -70.22
CA GLN A 458 -13.12 -82.03 -71.14
C GLN A 458 -13.08 -82.48 -72.60
N ASN A 459 -12.73 -83.77 -72.85
CA ASN A 459 -12.65 -84.37 -74.18
C ASN A 459 -14.04 -84.68 -74.78
N GLY A 460 -15.04 -84.83 -73.91
CA GLY A 460 -16.42 -85.12 -74.29
C GLY A 460 -16.82 -86.57 -74.10
N ILE A 461 -15.99 -87.33 -73.35
CA ILE A 461 -16.19 -88.75 -73.05
C ILE A 461 -17.07 -88.90 -71.79
N ILE A 462 -18.11 -89.74 -71.89
CA ILE A 462 -19.01 -90.01 -70.78
C ILE A 462 -18.54 -91.23 -69.96
N SER A 463 -18.70 -91.17 -68.64
CA SER A 463 -18.34 -92.22 -67.69
C SER A 463 -19.31 -92.21 -66.50
N THR A 464 -19.15 -93.13 -65.53
CA THR A 464 -20.01 -93.20 -64.35
C THR A 464 -19.18 -93.13 -63.07
N LEU A 465 -19.45 -92.10 -62.24
CA LEU A 465 -18.79 -91.89 -60.95
C LEU A 465 -19.33 -92.89 -59.92
N LEU A 466 -20.64 -92.85 -59.65
CA LEU A 466 -21.31 -93.75 -58.73
C LEU A 466 -21.93 -94.90 -59.54
N GLY A 467 -21.06 -95.83 -59.94
CA GLY A 467 -21.41 -97.00 -60.76
C GLY A 467 -22.39 -97.95 -60.12
N SER A 468 -23.59 -98.05 -60.70
CA SER A 468 -24.68 -98.92 -60.24
C SER A 468 -24.53 -100.35 -60.79
N ASN A 469 -25.53 -101.24 -60.50
CA ASN A 469 -25.63 -102.65 -60.90
C ASN A 469 -24.60 -103.58 -60.20
N ASP A 470 -23.71 -103.03 -59.35
CA ASP A 470 -22.70 -103.78 -58.60
C ASP A 470 -23.20 -104.07 -57.17
N LEU A 471 -24.42 -104.65 -57.06
CA LEU A 471 -25.15 -105.00 -55.84
C LEU A 471 -24.36 -105.87 -54.83
N THR A 472 -23.36 -106.64 -55.32
CA THR A 472 -22.50 -107.51 -54.51
C THR A 472 -21.54 -106.71 -53.62
N ALA A 473 -20.84 -105.71 -54.21
CA ALA A 473 -19.88 -104.83 -53.51
C ALA A 473 -20.58 -103.75 -52.68
N VAL A 474 -21.88 -103.48 -52.95
CA VAL A 474 -22.70 -102.49 -52.26
C VAL A 474 -22.98 -102.90 -50.80
N ARG A 475 -22.68 -101.99 -49.87
CA ARG A 475 -22.87 -102.14 -48.42
C ARG A 475 -23.79 -100.98 -47.95
N PRO A 476 -24.79 -101.22 -47.05
CA PRO A 476 -25.66 -100.11 -46.61
C PRO A 476 -24.93 -98.91 -45.98
N LEU A 477 -25.51 -97.71 -46.17
CA LEU A 477 -24.99 -96.41 -45.73
C LEU A 477 -24.55 -96.37 -44.25
N SER A 478 -23.23 -96.10 -44.04
CA SER A 478 -22.62 -96.01 -42.71
C SER A 478 -22.90 -94.63 -42.12
N CYS A 479 -23.42 -94.59 -40.89
CA CYS A 479 -23.81 -93.37 -40.17
C CYS A 479 -22.62 -92.47 -39.78
N ASP A 480 -21.54 -93.06 -39.25
CA ASP A 480 -20.36 -92.31 -38.79
C ASP A 480 -19.23 -92.23 -39.81
N SER A 481 -18.70 -93.39 -40.24
CA SER A 481 -17.59 -93.49 -41.19
C SER A 481 -17.95 -93.12 -42.63
N SER A 482 -16.91 -92.85 -43.46
CA SER A 482 -17.04 -92.48 -44.87
C SER A 482 -16.50 -93.59 -45.78
N MET A 483 -17.35 -94.09 -46.70
CA MET A 483 -17.00 -95.17 -47.64
C MET A 483 -16.85 -94.67 -49.09
N ASP A 484 -16.15 -95.46 -49.94
CA ASP A 484 -15.92 -95.17 -51.35
C ASP A 484 -17.23 -95.24 -52.18
N VAL A 485 -17.23 -94.58 -53.36
CA VAL A 485 -18.35 -94.49 -54.33
C VAL A 485 -18.92 -95.86 -54.72
N SER A 486 -18.05 -96.89 -54.86
CA SER A 486 -18.38 -98.26 -55.25
C SER A 486 -19.31 -98.99 -54.25
N GLN A 487 -19.23 -98.64 -52.96
CA GLN A 487 -20.02 -99.23 -51.87
C GLN A 487 -21.37 -98.51 -51.67
N VAL A 488 -21.61 -97.40 -52.41
CA VAL A 488 -22.80 -96.58 -52.26
C VAL A 488 -23.87 -96.84 -53.34
N ARG A 489 -25.13 -96.98 -52.91
CA ARG A 489 -26.32 -97.17 -53.74
C ARG A 489 -27.28 -96.01 -53.47
N LEU A 490 -27.71 -95.32 -54.55
CA LEU A 490 -28.59 -94.16 -54.47
C LEU A 490 -30.06 -94.50 -54.75
N GLU A 491 -30.96 -93.97 -53.90
CA GLU A 491 -32.41 -94.16 -53.98
C GLU A 491 -33.09 -92.78 -54.11
N TRP A 492 -33.66 -92.49 -55.29
CA TRP A 492 -34.36 -91.23 -55.64
C TRP A 492 -33.46 -89.94 -55.50
N PRO A 493 -32.32 -89.83 -56.22
CA PRO A 493 -31.53 -88.59 -56.13
C PRO A 493 -32.09 -87.50 -57.06
N THR A 494 -32.06 -86.22 -56.64
CA THR A 494 -32.60 -85.13 -57.45
C THR A 494 -31.57 -84.02 -57.76
N ASP A 495 -31.39 -83.03 -56.85
CA ASP A 495 -30.47 -81.90 -57.05
C ASP A 495 -29.00 -82.26 -56.85
N LEU A 496 -28.12 -81.49 -57.52
CA LEU A 496 -26.66 -81.67 -57.48
C LEU A 496 -25.98 -80.29 -57.51
N ALA A 497 -24.90 -80.14 -56.72
CA ALA A 497 -24.12 -78.89 -56.64
C ALA A 497 -22.69 -79.14 -56.20
N VAL A 498 -21.75 -78.34 -56.73
CA VAL A 498 -20.32 -78.39 -56.37
C VAL A 498 -20.08 -77.35 -55.25
N ASP A 499 -19.29 -77.72 -54.22
CA ASP A 499 -18.89 -76.86 -53.11
C ASP A 499 -17.71 -75.99 -53.60
N PRO A 500 -17.86 -74.65 -53.78
CA PRO A 500 -16.74 -73.84 -54.30
C PRO A 500 -15.53 -73.68 -53.35
N MET A 501 -15.57 -74.28 -52.16
CA MET A 501 -14.49 -74.19 -51.18
C MET A 501 -13.72 -75.51 -51.06
N ASP A 502 -14.44 -76.63 -51.15
CA ASP A 502 -13.95 -78.01 -51.03
C ASP A 502 -13.67 -78.66 -52.39
N ASN A 503 -14.43 -78.22 -53.43
CA ASN A 503 -14.47 -78.76 -54.79
C ASN A 503 -15.13 -80.15 -54.79
N SER A 504 -15.89 -80.43 -53.71
CA SER A 504 -16.63 -81.68 -53.50
C SER A 504 -18.02 -81.60 -54.13
N LEU A 505 -18.62 -82.77 -54.42
CA LEU A 505 -19.93 -82.85 -55.03
C LEU A 505 -21.00 -83.17 -53.99
N TYR A 506 -22.07 -82.38 -53.96
CA TYR A 506 -23.18 -82.56 -53.03
C TYR A 506 -24.39 -83.11 -53.75
N VAL A 507 -24.93 -84.24 -53.26
CA VAL A 507 -26.08 -84.92 -53.84
C VAL A 507 -27.26 -84.89 -52.88
N LEU A 508 -28.44 -84.48 -53.38
CA LEU A 508 -29.70 -84.49 -52.62
C LEU A 508 -30.37 -85.81 -52.97
N GLU A 509 -30.46 -86.74 -51.99
CA GLU A 509 -31.00 -88.07 -52.20
C GLU A 509 -31.91 -88.54 -51.05
N ASN A 510 -33.24 -88.66 -51.34
CA ASN A 510 -34.30 -89.12 -50.43
C ASN A 510 -34.17 -88.53 -49.01
N ASN A 511 -34.28 -87.20 -48.90
CA ASN A 511 -34.21 -86.41 -47.66
C ASN A 511 -32.90 -86.62 -46.86
N VAL A 512 -31.77 -86.80 -47.60
CA VAL A 512 -30.41 -86.98 -47.09
C VAL A 512 -29.43 -86.35 -48.09
N ILE A 513 -28.55 -85.44 -47.60
CA ILE A 513 -27.55 -84.79 -48.45
C ILE A 513 -26.20 -85.46 -48.21
N LEU A 514 -25.60 -86.02 -49.28
CA LEU A 514 -24.31 -86.72 -49.22
C LEU A 514 -23.21 -85.90 -49.91
N ARG A 515 -21.95 -86.14 -49.54
CA ARG A 515 -20.79 -85.44 -50.12
C ARG A 515 -19.82 -86.41 -50.77
N ILE A 516 -19.43 -86.12 -52.02
CA ILE A 516 -18.47 -86.90 -52.81
C ILE A 516 -17.20 -86.04 -52.89
N THR A 517 -16.16 -86.40 -52.13
CA THR A 517 -14.89 -85.67 -52.12
C THR A 517 -14.09 -85.95 -53.42
N GLU A 518 -13.00 -85.18 -53.65
CA GLU A 518 -12.12 -85.34 -54.81
C GLU A 518 -11.43 -86.72 -54.81
N ASN A 519 -11.31 -87.35 -53.62
CA ASN A 519 -10.72 -88.67 -53.39
C ASN A 519 -11.77 -89.80 -53.47
N HIS A 520 -12.99 -89.46 -53.98
CA HIS A 520 -14.15 -90.33 -54.18
C HIS A 520 -14.71 -90.94 -52.87
N GLN A 521 -14.67 -90.15 -51.77
CA GLN A 521 -15.18 -90.58 -50.46
C GLN A 521 -16.57 -89.99 -50.21
N VAL A 522 -17.55 -90.86 -49.86
CA VAL A 522 -18.95 -90.52 -49.62
C VAL A 522 -19.29 -90.50 -48.13
N SER A 523 -20.05 -89.47 -47.68
CA SER A 523 -20.45 -89.28 -46.28
C SER A 523 -21.74 -88.46 -46.17
N ILE A 524 -22.54 -88.71 -45.08
CA ILE A 524 -23.77 -87.97 -44.81
C ILE A 524 -23.42 -86.59 -44.24
N ILE A 525 -23.97 -85.52 -44.83
CA ILE A 525 -23.72 -84.13 -44.42
C ILE A 525 -24.95 -83.56 -43.67
N ALA A 526 -26.17 -83.91 -44.12
CA ALA A 526 -27.44 -83.47 -43.53
C ALA A 526 -28.51 -84.55 -43.73
N GLY A 527 -29.34 -84.72 -42.70
CA GLY A 527 -30.42 -85.71 -42.72
C GLY A 527 -30.11 -86.96 -41.91
N ARG A 528 -31.17 -87.60 -41.41
CA ARG A 528 -31.08 -88.83 -40.61
C ARG A 528 -31.66 -90.03 -41.37
N PRO A 529 -30.80 -90.99 -41.84
CA PRO A 529 -31.34 -92.17 -42.53
C PRO A 529 -31.95 -93.18 -41.56
N MET A 530 -32.70 -94.16 -42.10
CA MET A 530 -33.36 -95.20 -41.29
C MET A 530 -32.37 -96.23 -40.69
N HIS A 531 -31.10 -96.20 -41.13
CA HIS A 531 -30.03 -97.08 -40.65
C HIS A 531 -29.75 -96.89 -39.14
N CYS A 532 -29.86 -95.63 -38.66
CA CYS A 532 -29.64 -95.26 -37.26
C CYS A 532 -30.66 -94.19 -36.79
N GLN A 533 -31.95 -94.43 -37.08
CA GLN A 533 -33.05 -93.55 -36.73
C GLN A 533 -33.37 -93.54 -35.22
N VAL A 534 -33.78 -94.71 -34.66
CA VAL A 534 -34.12 -94.86 -33.24
C VAL A 534 -33.80 -96.30 -32.74
N PRO A 535 -32.99 -96.48 -31.67
CA PRO A 535 -32.33 -95.48 -30.81
C PRO A 535 -30.89 -95.18 -31.23
N GLY A 536 -30.73 -94.60 -32.41
CA GLY A 536 -29.44 -94.23 -32.99
C GLY A 536 -28.70 -93.18 -32.18
N ILE A 537 -29.45 -92.23 -31.59
CA ILE A 537 -28.94 -91.15 -30.73
C ILE A 537 -29.79 -91.06 -29.45
N ASP A 538 -29.14 -91.31 -28.30
CA ASP A 538 -29.78 -91.32 -26.98
C ASP A 538 -30.12 -89.93 -26.42
N TYR A 539 -29.27 -88.92 -26.68
CA TYR A 539 -29.48 -87.54 -26.22
C TYR A 539 -30.54 -86.75 -27.03
N SER A 540 -31.03 -87.35 -28.15
CA SER A 540 -32.07 -86.86 -29.06
C SER A 540 -31.73 -85.51 -29.74
N LEU A 541 -32.38 -84.39 -29.33
CA LEU A 541 -32.23 -83.06 -29.95
C LEU A 541 -30.88 -82.38 -29.73
N SER A 542 -30.28 -81.94 -30.86
CA SER A 542 -29.01 -81.20 -30.97
C SER A 542 -29.05 -80.32 -32.23
N LYS A 543 -28.24 -79.24 -32.26
CA LYS A 543 -28.18 -78.29 -33.37
C LYS A 543 -27.53 -78.84 -34.66
N LEU A 544 -26.84 -80.00 -34.59
CA LEU A 544 -26.16 -80.65 -35.73
C LEU A 544 -27.10 -81.11 -36.83
N ALA A 545 -26.63 -81.00 -38.10
CA ALA A 545 -27.38 -81.38 -39.30
C ALA A 545 -27.52 -82.91 -39.43
N ILE A 546 -26.48 -83.66 -39.00
CA ILE A 546 -26.43 -85.13 -39.02
C ILE A 546 -27.52 -85.75 -38.11
N HIS A 547 -27.90 -85.06 -37.03
CA HIS A 547 -28.92 -85.50 -36.07
C HIS A 547 -30.32 -84.97 -36.37
N SER A 548 -30.46 -84.09 -37.39
CA SER A 548 -31.75 -83.50 -37.76
C SER A 548 -32.26 -84.06 -39.08
N ALA A 549 -33.49 -84.59 -39.07
CA ALA A 549 -34.15 -85.18 -40.24
C ALA A 549 -34.71 -84.10 -41.19
N LEU A 550 -34.57 -84.35 -42.51
CA LEU A 550 -35.06 -83.43 -43.54
C LEU A 550 -36.49 -83.77 -43.95
N GLU A 551 -37.38 -82.76 -43.94
CA GLU A 551 -38.80 -82.91 -44.27
C GLU A 551 -39.10 -82.46 -45.71
N SER A 552 -39.21 -83.44 -46.63
CA SER A 552 -39.52 -83.27 -48.05
C SER A 552 -38.66 -82.20 -48.74
N ALA A 553 -37.33 -82.43 -48.78
CA ALA A 553 -36.35 -81.51 -49.38
C ALA A 553 -36.48 -81.50 -50.91
N SER A 554 -36.31 -80.32 -51.53
CA SER A 554 -36.45 -80.15 -52.98
C SER A 554 -35.24 -79.59 -53.72
N ALA A 555 -34.45 -78.70 -53.09
CA ALA A 555 -33.28 -78.10 -53.73
C ALA A 555 -32.13 -77.81 -52.77
N ILE A 556 -30.91 -77.68 -53.32
CA ILE A 556 -29.67 -77.37 -52.60
C ILE A 556 -28.83 -76.32 -53.33
N ALA A 557 -28.06 -75.53 -52.56
CA ALA A 557 -27.14 -74.50 -53.06
C ALA A 557 -25.97 -74.38 -52.10
N ILE A 558 -24.76 -74.15 -52.63
CA ILE A 558 -23.55 -73.98 -51.82
C ILE A 558 -22.87 -72.66 -52.17
N SER A 559 -22.65 -71.82 -51.14
CA SER A 559 -21.97 -70.52 -51.28
C SER A 559 -20.46 -70.73 -51.36
N HIS A 560 -19.71 -69.69 -51.78
CA HIS A 560 -18.24 -69.73 -51.88
C HIS A 560 -17.55 -69.90 -50.51
N THR A 561 -18.29 -69.64 -49.41
CA THR A 561 -17.83 -69.80 -48.02
C THR A 561 -18.12 -71.21 -47.48
N GLY A 562 -18.60 -72.11 -48.37
CA GLY A 562 -18.91 -73.50 -48.04
C GLY A 562 -20.19 -73.73 -47.28
N VAL A 563 -21.08 -72.71 -47.25
CA VAL A 563 -22.38 -72.79 -46.56
C VAL A 563 -23.44 -73.46 -47.47
N LEU A 564 -24.06 -74.55 -46.97
CA LEU A 564 -25.09 -75.29 -47.69
C LEU A 564 -26.49 -74.82 -47.31
N TYR A 565 -27.31 -74.48 -48.32
CA TYR A 565 -28.69 -74.04 -48.15
C TYR A 565 -29.62 -75.12 -48.70
N ILE A 566 -30.61 -75.56 -47.89
CA ILE A 566 -31.54 -76.62 -48.26
C ILE A 566 -32.98 -76.11 -48.31
N SER A 567 -33.65 -76.34 -49.45
CA SER A 567 -35.05 -76.00 -49.70
C SER A 567 -35.90 -77.20 -49.28
N GLU A 568 -36.94 -76.97 -48.47
CA GLU A 568 -37.85 -78.01 -48.00
C GLU A 568 -39.28 -77.65 -48.32
N THR A 569 -39.94 -78.44 -49.20
CA THR A 569 -41.33 -78.18 -49.54
C THR A 569 -42.19 -79.45 -49.52
N ASP A 570 -43.23 -79.39 -48.69
CA ASP A 570 -44.27 -80.37 -48.46
C ASP A 570 -45.43 -79.98 -49.38
N GLU A 571 -45.41 -78.70 -49.85
CA GLU A 571 -46.40 -78.03 -50.71
C GLU A 571 -47.69 -77.68 -49.95
N LYS A 572 -47.81 -78.18 -48.70
CA LYS A 572 -48.97 -77.99 -47.84
C LYS A 572 -48.68 -76.94 -46.77
N LYS A 573 -47.92 -77.30 -45.72
CA LYS A 573 -47.57 -76.40 -44.61
C LYS A 573 -46.06 -76.15 -44.51
N ILE A 574 -45.23 -77.16 -44.85
CA ILE A 574 -43.77 -77.02 -44.83
C ILE A 574 -43.30 -76.43 -46.16
N ASN A 575 -42.83 -75.17 -46.12
CA ASN A 575 -42.29 -74.40 -47.25
C ASN A 575 -41.26 -73.48 -46.62
N ARG A 576 -40.04 -74.01 -46.46
CA ARG A 576 -38.94 -73.30 -45.78
C ARG A 576 -37.56 -73.52 -46.40
N LEU A 577 -36.61 -72.63 -46.03
CA LEU A 577 -35.22 -72.68 -46.44
C LEU A 577 -34.36 -72.78 -45.18
N ARG A 578 -33.55 -73.86 -45.08
CA ARG A 578 -32.66 -74.09 -43.95
C ARG A 578 -31.20 -73.91 -44.34
N GLN A 579 -30.37 -73.51 -43.36
CA GLN A 579 -28.95 -73.21 -43.54
C GLN A 579 -28.07 -74.17 -42.73
N VAL A 580 -27.01 -74.72 -43.37
CA VAL A 580 -26.04 -75.62 -42.76
C VAL A 580 -24.66 -74.96 -42.86
N THR A 581 -24.16 -74.46 -41.73
CA THR A 581 -22.86 -73.80 -41.62
C THR A 581 -21.72 -74.83 -41.63
N THR A 582 -20.48 -74.37 -41.89
CA THR A 582 -19.26 -75.21 -41.98
C THR A 582 -19.08 -76.11 -40.75
N ASN A 583 -19.43 -75.62 -39.55
CA ASN A 583 -19.36 -76.35 -38.27
C ASN A 583 -20.34 -77.55 -38.20
N GLY A 584 -21.26 -77.64 -39.16
CA GLY A 584 -22.24 -78.71 -39.28
C GLY A 584 -23.56 -78.47 -38.57
N GLU A 585 -23.85 -77.21 -38.19
CA GLU A 585 -25.09 -76.82 -37.50
C GLU A 585 -26.17 -76.39 -38.48
N ILE A 586 -27.40 -76.88 -38.26
CA ILE A 586 -28.57 -76.57 -39.09
C ILE A 586 -29.52 -75.61 -38.36
N CYS A 587 -30.07 -74.63 -39.09
CA CYS A 587 -31.02 -73.63 -38.58
C CYS A 587 -31.93 -73.09 -39.69
N LEU A 588 -33.11 -72.57 -39.31
CA LEU A 588 -34.07 -71.98 -40.23
C LEU A 588 -33.58 -70.63 -40.73
N LEU A 589 -33.52 -70.44 -42.06
CA LEU A 589 -33.09 -69.18 -42.67
C LEU A 589 -34.29 -68.37 -43.17
N ALA A 590 -35.28 -69.04 -43.77
CA ALA A 590 -36.50 -68.42 -44.29
C ALA A 590 -37.67 -69.40 -44.26
N GLY A 591 -38.88 -68.88 -44.21
CA GLY A 591 -40.10 -69.69 -44.23
C GLY A 591 -40.66 -70.10 -42.89
N ALA A 592 -41.68 -69.38 -42.42
CA ALA A 592 -42.39 -69.68 -41.19
C ALA A 592 -43.38 -70.81 -41.46
N ALA A 593 -43.78 -71.54 -40.39
CA ALA A 593 -44.75 -72.63 -40.50
C ALA A 593 -46.15 -72.05 -40.75
N SER A 594 -46.67 -72.30 -41.96
CA SER A 594 -47.99 -71.81 -42.38
C SER A 594 -49.10 -72.61 -41.69
N ASP A 595 -50.09 -71.89 -41.13
CA ASP A 595 -51.25 -72.47 -40.45
C ASP A 595 -52.23 -73.04 -41.48
N CYS A 596 -52.18 -72.50 -42.71
CA CYS A 596 -53.01 -72.84 -43.86
C CYS A 596 -52.30 -73.76 -44.87
N ASP A 597 -53.07 -74.62 -45.54
CA ASP A 597 -52.58 -75.55 -46.56
C ASP A 597 -52.50 -74.80 -47.90
N CYS A 598 -51.28 -74.67 -48.45
CA CYS A 598 -51.01 -73.93 -49.69
C CYS A 598 -51.59 -74.59 -50.96
N LYS A 599 -51.61 -75.93 -51.01
CA LYS A 599 -52.09 -76.70 -52.17
C LYS A 599 -53.58 -77.07 -52.12
N ASN A 600 -54.08 -77.50 -50.94
CA ASN A 600 -55.45 -77.97 -50.75
C ASN A 600 -56.48 -76.87 -50.49
N ASP A 601 -56.24 -75.99 -49.49
CA ASP A 601 -57.17 -74.92 -49.11
C ASP A 601 -57.33 -73.85 -50.21
N VAL A 602 -58.59 -73.60 -50.63
CA VAL A 602 -58.95 -72.63 -51.67
C VAL A 602 -58.87 -71.18 -51.10
N ASN A 603 -59.39 -70.97 -49.88
CA ASN A 603 -59.35 -69.67 -49.19
C ASN A 603 -57.99 -69.55 -48.48
N CYS A 604 -56.90 -69.49 -49.28
CA CYS A 604 -55.54 -69.44 -48.77
C CYS A 604 -54.64 -68.48 -49.52
N ASN A 605 -53.74 -67.82 -48.78
CA ASN A 605 -52.73 -66.91 -49.29
C ASN A 605 -51.40 -67.27 -48.64
N CYS A 606 -50.55 -68.00 -49.39
CA CYS A 606 -49.24 -68.44 -48.92
C CYS A 606 -48.11 -67.52 -49.41
N TYR A 607 -48.42 -66.20 -49.49
CA TYR A 607 -47.49 -65.15 -49.87
C TYR A 607 -47.59 -63.98 -48.88
N SER A 608 -46.55 -63.82 -48.06
CA SER A 608 -46.42 -62.78 -47.04
C SER A 608 -44.96 -62.63 -46.61
N GLY A 609 -44.69 -61.62 -45.77
CA GLY A 609 -43.38 -61.36 -45.21
C GLY A 609 -42.39 -60.58 -46.05
N ASP A 610 -42.72 -60.29 -47.33
CA ASP A 610 -41.83 -59.54 -48.23
C ASP A 610 -41.60 -58.12 -47.71
N ASP A 611 -40.33 -57.66 -47.80
CA ASP A 611 -39.81 -56.38 -47.28
C ASP A 611 -39.77 -56.39 -45.73
N GLY A 612 -39.78 -57.59 -45.16
CA GLY A 612 -39.71 -57.87 -43.73
C GLY A 612 -38.69 -58.94 -43.44
N TYR A 613 -38.75 -59.57 -42.24
CA TYR A 613 -37.79 -60.63 -41.91
C TYR A 613 -38.15 -61.96 -42.53
N ALA A 614 -37.13 -62.66 -43.05
CA ALA A 614 -37.20 -63.95 -43.75
C ALA A 614 -37.83 -65.08 -42.94
N THR A 615 -37.51 -65.17 -41.64
CA THR A 615 -38.04 -66.20 -40.73
C THR A 615 -39.55 -66.05 -40.46
N ASP A 616 -40.11 -64.83 -40.69
CA ASP A 616 -41.52 -64.51 -40.51
C ASP A 616 -42.33 -64.72 -41.81
N ALA A 617 -41.64 -64.69 -42.97
CA ALA A 617 -42.23 -64.84 -44.30
C ALA A 617 -42.77 -66.23 -44.57
N ILE A 618 -43.84 -66.31 -45.39
CA ILE A 618 -44.46 -67.57 -45.78
C ILE A 618 -44.18 -67.81 -47.27
N LEU A 619 -43.43 -68.90 -47.56
CA LEU A 619 -43.07 -69.31 -48.92
C LEU A 619 -44.11 -70.31 -49.47
N ASN A 620 -44.08 -70.54 -50.79
CA ASN A 620 -44.98 -71.50 -51.44
C ASN A 620 -44.27 -72.29 -52.53
N SER A 621 -44.08 -73.59 -52.26
CA SER A 621 -43.43 -74.60 -53.12
C SER A 621 -42.04 -74.19 -53.67
N PRO A 622 -41.02 -73.91 -52.82
CA PRO A 622 -39.68 -73.56 -53.35
C PRO A 622 -39.08 -74.73 -54.12
N SER A 623 -38.77 -74.51 -55.42
CA SER A 623 -38.27 -75.53 -56.34
C SER A 623 -36.76 -75.52 -56.60
N SER A 624 -36.13 -74.32 -56.60
CA SER A 624 -34.70 -74.17 -56.85
C SER A 624 -34.04 -73.04 -56.05
N LEU A 625 -32.70 -73.17 -55.82
CA LEU A 625 -31.88 -72.20 -55.08
C LEU A 625 -30.61 -71.83 -55.83
N ALA A 626 -30.10 -70.60 -55.59
CA ALA A 626 -28.86 -70.06 -56.17
C ALA A 626 -28.27 -68.99 -55.23
N VAL A 627 -26.94 -68.96 -55.09
CA VAL A 627 -26.26 -68.00 -54.20
C VAL A 627 -25.57 -66.89 -55.02
N ALA A 628 -26.02 -65.64 -54.81
CA ALA A 628 -25.52 -64.43 -55.47
C ALA A 628 -24.08 -64.08 -55.04
N PRO A 629 -23.33 -63.29 -55.84
CA PRO A 629 -21.96 -62.91 -55.42
C PRO A 629 -21.81 -62.32 -54.01
N ASP A 630 -22.80 -61.50 -53.56
CA ASP A 630 -22.79 -60.88 -52.22
C ASP A 630 -23.32 -61.80 -51.10
N GLY A 631 -23.61 -63.06 -51.45
CA GLY A 631 -24.09 -64.07 -50.51
C GLY A 631 -25.58 -64.20 -50.34
N THR A 632 -26.39 -63.39 -51.09
CA THR A 632 -27.85 -63.48 -51.01
C THR A 632 -28.35 -64.76 -51.67
N ILE A 633 -29.39 -65.37 -51.08
CA ILE A 633 -29.94 -66.63 -51.56
C ILE A 633 -31.22 -66.39 -52.35
N TYR A 634 -31.23 -66.82 -53.62
CA TYR A 634 -32.38 -66.73 -54.50
C TYR A 634 -33.23 -67.98 -54.36
N ILE A 635 -34.54 -67.81 -54.28
CA ILE A 635 -35.50 -68.89 -54.11
C ILE A 635 -36.48 -68.87 -55.27
N ALA A 636 -36.63 -70.00 -55.97
CA ALA A 636 -37.60 -70.14 -57.04
C ALA A 636 -38.91 -70.51 -56.34
N ASP A 637 -39.68 -69.48 -55.95
CA ASP A 637 -40.94 -69.62 -55.22
C ASP A 637 -42.09 -69.91 -56.20
N LEU A 638 -42.03 -71.12 -56.79
CA LEU A 638 -42.94 -71.67 -57.80
C LEU A 638 -44.43 -71.44 -57.51
N GLY A 639 -44.86 -71.72 -56.27
CA GLY A 639 -46.24 -71.54 -55.83
C GLY A 639 -46.77 -70.12 -55.87
N ASN A 640 -45.88 -69.13 -55.67
CA ASN A 640 -46.25 -67.71 -55.71
C ASN A 640 -45.79 -67.02 -57.00
N ILE A 641 -45.31 -67.82 -57.99
CA ILE A 641 -44.83 -67.42 -59.34
C ILE A 641 -43.86 -66.21 -59.23
N ARG A 642 -42.87 -66.33 -58.33
CA ARG A 642 -41.89 -65.30 -58.02
C ARG A 642 -40.51 -65.86 -57.73
N ILE A 643 -39.49 -64.98 -57.82
CA ILE A 643 -38.13 -65.28 -57.42
C ILE A 643 -37.88 -64.34 -56.23
N ARG A 644 -37.67 -64.93 -55.05
CA ARG A 644 -37.45 -64.18 -53.82
C ARG A 644 -36.00 -64.25 -53.34
N ALA A 645 -35.49 -63.14 -52.79
CA ALA A 645 -34.10 -63.05 -52.32
C ALA A 645 -33.99 -62.89 -50.81
N VAL A 646 -33.20 -63.76 -50.16
CA VAL A 646 -32.92 -63.72 -48.73
C VAL A 646 -31.54 -63.06 -48.60
N SER A 647 -31.55 -61.76 -48.24
CA SER A 647 -30.36 -60.93 -48.13
C SER A 647 -29.97 -60.58 -46.69
N LYS A 648 -28.68 -60.27 -46.47
CA LYS A 648 -28.14 -59.82 -45.18
C LYS A 648 -28.79 -58.47 -44.87
N ASN A 649 -29.13 -58.23 -43.58
CA ASN A 649 -29.75 -56.97 -43.18
C ASN A 649 -28.72 -55.84 -43.39
N ARG A 650 -29.05 -54.89 -44.27
CA ARG A 650 -28.15 -53.80 -44.64
C ARG A 650 -28.89 -52.47 -44.86
N PRO A 651 -28.24 -51.31 -44.62
CA PRO A 651 -28.92 -50.04 -44.95
C PRO A 651 -28.91 -49.84 -46.47
N ILE A 652 -30.05 -49.38 -47.01
CA ILE A 652 -30.23 -49.15 -48.44
C ILE A 652 -30.08 -47.66 -48.75
N LEU A 653 -29.40 -47.32 -49.87
CA LEU A 653 -29.22 -45.95 -50.34
C LEU A 653 -30.58 -45.40 -50.76
N ASN A 654 -31.03 -44.30 -50.13
CA ASN A 654 -32.31 -43.69 -50.47
C ASN A 654 -32.21 -42.81 -51.74
N SER A 655 -33.32 -42.13 -52.11
CA SER A 655 -33.41 -41.24 -53.28
C SER A 655 -32.46 -40.04 -53.21
N PHE A 656 -32.01 -39.68 -51.99
CA PHE A 656 -31.10 -38.57 -51.72
C PHE A 656 -29.62 -38.99 -51.62
N ASN A 657 -29.31 -40.26 -52.03
CA ASN A 657 -27.97 -40.87 -52.00
C ASN A 657 -27.39 -40.85 -50.58
N GLN A 658 -28.22 -41.26 -49.61
CA GLN A 658 -27.91 -41.29 -48.18
C GLN A 658 -28.31 -42.61 -47.53
N TYR A 659 -27.63 -42.96 -46.43
CA TYR A 659 -27.93 -44.16 -45.64
C TYR A 659 -28.57 -43.74 -44.33
N GLU A 660 -29.51 -44.54 -43.83
CA GLU A 660 -30.20 -44.27 -42.58
C GLU A 660 -30.20 -45.48 -41.66
N ALA A 661 -29.85 -45.24 -40.40
CA ALA A 661 -29.83 -46.20 -39.30
C ALA A 661 -30.51 -45.51 -38.12
N ALA A 662 -30.98 -46.27 -37.11
CA ALA A 662 -31.70 -45.68 -35.98
C ALA A 662 -31.51 -46.44 -34.68
N SER A 663 -31.74 -45.73 -33.55
CA SER A 663 -31.68 -46.27 -32.20
C SER A 663 -33.03 -46.01 -31.56
N PRO A 664 -33.93 -47.02 -31.55
CA PRO A 664 -35.28 -46.83 -30.98
C PRO A 664 -35.26 -46.53 -29.48
N GLY A 665 -34.26 -47.06 -28.79
CA GLY A 665 -34.04 -46.84 -27.36
C GLY A 665 -33.76 -45.40 -27.01
N GLU A 666 -33.03 -44.70 -27.90
CA GLU A 666 -32.68 -43.28 -27.74
C GLU A 666 -33.64 -42.39 -28.56
N GLN A 667 -34.55 -43.02 -29.34
CA GLN A 667 -35.53 -42.38 -30.23
C GLN A 667 -34.84 -41.41 -31.20
N GLU A 668 -33.78 -41.90 -31.85
CA GLU A 668 -32.93 -41.14 -32.77
C GLU A 668 -32.78 -41.83 -34.11
N LEU A 669 -32.68 -41.04 -35.17
CA LEU A 669 -32.47 -41.47 -36.55
C LEU A 669 -31.16 -40.83 -37.02
N TYR A 670 -30.23 -41.65 -37.52
CA TYR A 670 -28.93 -41.18 -37.98
C TYR A 670 -28.83 -41.21 -39.50
N VAL A 671 -28.42 -40.08 -40.09
CA VAL A 671 -28.28 -39.90 -41.54
C VAL A 671 -26.81 -39.84 -41.90
N PHE A 672 -26.39 -40.66 -42.86
CA PHE A 672 -25.02 -40.77 -43.35
C PHE A 672 -25.00 -40.52 -44.84
N ASN A 673 -23.89 -39.99 -45.38
CA ASN A 673 -23.77 -39.80 -46.82
C ASN A 673 -23.41 -41.15 -47.48
N ALA A 674 -23.16 -41.17 -48.82
CA ALA A 674 -22.80 -42.39 -49.55
C ALA A 674 -21.51 -43.10 -49.05
N ASP A 675 -20.66 -42.36 -48.30
CA ASP A 675 -19.39 -42.87 -47.73
C ASP A 675 -19.50 -43.26 -46.24
N GLY A 676 -20.73 -43.21 -45.69
CA GLY A 676 -21.03 -43.57 -44.31
C GLY A 676 -20.60 -42.53 -43.29
N ILE A 677 -20.44 -41.27 -43.74
CA ILE A 677 -20.04 -40.15 -42.90
C ILE A 677 -21.29 -39.47 -42.33
N HIS A 678 -21.37 -39.41 -40.99
CA HIS A 678 -22.49 -38.86 -40.21
C HIS A 678 -22.84 -37.42 -40.56
N GLN A 679 -24.01 -37.22 -41.16
CA GLN A 679 -24.48 -35.90 -41.58
C GLN A 679 -25.35 -35.28 -40.50
N TYR A 680 -26.46 -35.98 -40.13
CA TYR A 680 -27.41 -35.50 -39.14
C TYR A 680 -27.88 -36.59 -38.19
N THR A 681 -28.44 -36.17 -37.07
CA THR A 681 -29.13 -36.97 -36.07
C THR A 681 -30.47 -36.27 -35.92
N LEU A 682 -31.55 -36.98 -36.26
CA LEU A 682 -32.90 -36.46 -36.19
C LEU A 682 -33.66 -37.24 -35.13
N SER A 683 -34.78 -36.70 -34.65
CA SER A 683 -35.62 -37.40 -33.71
C SER A 683 -36.45 -38.42 -34.52
N LEU A 684 -36.48 -39.68 -34.06
CA LEU A 684 -37.23 -40.76 -34.70
C LEU A 684 -38.74 -40.53 -34.59
N VAL A 685 -39.17 -39.80 -33.55
CA VAL A 685 -40.56 -39.46 -33.26
C VAL A 685 -40.96 -38.16 -33.95
N THR A 686 -40.27 -37.06 -33.61
CA THR A 686 -40.54 -35.68 -34.04
C THR A 686 -40.12 -35.38 -35.49
N GLY A 687 -39.00 -35.95 -35.94
CA GLY A 687 -38.47 -35.70 -37.27
C GLY A 687 -37.67 -34.41 -37.34
N GLU A 688 -37.44 -33.77 -36.18
CA GLU A 688 -36.68 -32.54 -36.04
C GLU A 688 -35.20 -32.85 -35.86
N TYR A 689 -34.33 -32.00 -36.42
CA TYR A 689 -32.88 -32.14 -36.36
C TYR A 689 -32.40 -31.91 -34.93
N LEU A 690 -31.63 -32.86 -34.41
CA LEU A 690 -31.07 -32.84 -33.07
C LEU A 690 -29.61 -32.42 -33.11
N TYR A 691 -28.84 -32.95 -34.08
CA TYR A 691 -27.43 -32.64 -34.29
C TYR A 691 -27.09 -32.56 -35.78
N ASN A 692 -26.31 -31.54 -36.16
CA ASN A 692 -25.81 -31.30 -37.52
C ASN A 692 -24.28 -31.34 -37.47
N PHE A 693 -23.67 -32.20 -38.27
CA PHE A 693 -22.22 -32.40 -38.30
C PHE A 693 -21.61 -31.82 -39.57
N THR A 694 -20.65 -30.89 -39.40
CA THR A 694 -19.91 -30.28 -40.50
C THR A 694 -18.45 -30.74 -40.43
N TYR A 695 -17.83 -30.92 -41.60
CA TYR A 695 -16.49 -31.46 -41.74
C TYR A 695 -15.54 -30.55 -42.48
N SER A 696 -14.24 -30.91 -42.48
CA SER A 696 -13.20 -30.23 -43.24
C SER A 696 -13.12 -30.95 -44.59
N SER A 697 -12.29 -30.44 -45.54
CA SER A 697 -12.08 -31.05 -46.86
C SER A 697 -11.57 -32.50 -46.80
N ASP A 698 -10.84 -32.85 -45.72
CA ASP A 698 -10.28 -34.19 -45.46
C ASP A 698 -11.25 -35.11 -44.71
N ASN A 699 -12.50 -34.64 -44.52
CA ASN A 699 -13.62 -35.31 -43.84
C ASN A 699 -13.41 -35.52 -42.32
N ASP A 700 -12.69 -34.60 -41.68
CA ASP A 700 -12.48 -34.59 -40.23
C ASP A 700 -13.58 -33.71 -39.63
N VAL A 701 -14.26 -34.20 -38.55
CA VAL A 701 -15.36 -33.47 -37.89
C VAL A 701 -14.82 -32.17 -37.27
N THR A 702 -15.42 -31.03 -37.66
CA THR A 702 -15.00 -29.71 -37.18
C THR A 702 -16.08 -28.99 -36.38
N GLU A 703 -17.36 -29.37 -36.54
CA GLU A 703 -18.46 -28.75 -35.78
C GLU A 703 -19.65 -29.68 -35.61
N VAL A 704 -20.16 -29.72 -34.37
CA VAL A 704 -21.35 -30.45 -33.95
C VAL A 704 -22.31 -29.33 -33.51
N MET A 705 -23.40 -29.13 -34.26
CA MET A 705 -24.39 -28.08 -33.99
C MET A 705 -25.69 -28.73 -33.51
N ASP A 706 -26.08 -28.48 -32.26
CA ASP A 706 -27.31 -29.03 -31.73
C ASP A 706 -28.54 -28.20 -32.16
N SER A 707 -29.75 -28.72 -31.86
CA SER A 707 -31.05 -28.12 -32.16
C SER A 707 -31.26 -26.71 -31.60
N ASN A 708 -30.60 -26.40 -30.46
CA ASN A 708 -30.69 -25.11 -29.76
C ASN A 708 -29.72 -24.03 -30.23
N GLY A 709 -28.85 -24.39 -31.16
CA GLY A 709 -27.85 -23.49 -31.71
C GLY A 709 -26.52 -23.51 -30.97
N ASN A 710 -26.31 -24.54 -30.11
CA ASN A 710 -25.08 -24.73 -29.37
C ASN A 710 -24.09 -25.48 -30.25
N SER A 711 -22.99 -24.80 -30.65
CA SER A 711 -21.98 -25.40 -31.50
C SER A 711 -20.71 -25.73 -30.74
N LEU A 712 -20.29 -26.99 -30.85
CA LEU A 712 -19.04 -27.49 -30.26
C LEU A 712 -18.10 -27.62 -31.45
N LYS A 713 -17.16 -26.67 -31.57
CA LYS A 713 -16.20 -26.65 -32.67
C LYS A 713 -14.92 -27.39 -32.29
N VAL A 714 -14.42 -28.23 -33.21
CA VAL A 714 -13.15 -28.94 -33.03
C VAL A 714 -12.16 -28.17 -33.91
N ARG A 715 -11.30 -27.35 -33.28
CA ARG A 715 -10.33 -26.57 -34.03
C ARG A 715 -9.18 -27.47 -34.40
N ARG A 716 -9.01 -27.67 -35.72
CA ARG A 716 -8.01 -28.56 -36.24
C ARG A 716 -6.87 -27.89 -36.98
N ASP A 717 -5.87 -28.70 -37.24
CA ASP A 717 -4.64 -28.46 -37.98
C ASP A 717 -4.93 -28.84 -39.44
N ALA A 718 -4.06 -28.42 -40.36
CA ALA A 718 -4.16 -28.70 -41.80
C ALA A 718 -4.18 -30.20 -42.13
N SER A 719 -3.54 -31.02 -41.28
CA SER A 719 -3.47 -32.48 -41.39
C SER A 719 -4.67 -33.15 -40.70
N GLY A 720 -5.47 -32.35 -40.00
CA GLY A 720 -6.62 -32.81 -39.24
C GLY A 720 -6.34 -33.03 -37.77
N MET A 721 -5.12 -32.68 -37.30
CA MET A 721 -4.71 -32.83 -35.90
C MET A 721 -5.54 -31.95 -34.97
N PRO A 722 -6.24 -32.54 -33.96
CA PRO A 722 -7.01 -31.70 -33.01
C PRO A 722 -6.10 -30.82 -32.15
N ARG A 723 -6.50 -29.55 -31.94
CA ARG A 723 -5.74 -28.59 -31.12
C ARG A 723 -6.50 -28.32 -29.84
N HIS A 724 -7.78 -27.97 -29.99
CA HIS A 724 -8.69 -27.68 -28.88
C HIS A 724 -10.15 -27.75 -29.30
N LEU A 725 -11.04 -27.73 -28.29
CA LEU A 725 -12.48 -27.71 -28.47
C LEU A 725 -12.98 -26.31 -28.07
N LEU A 726 -13.76 -25.67 -28.96
CA LEU A 726 -14.37 -24.38 -28.68
C LEU A 726 -15.82 -24.69 -28.32
N MET A 727 -16.11 -24.64 -27.02
CA MET A 727 -17.40 -24.94 -26.40
C MET A 727 -18.49 -23.95 -26.78
N PRO A 728 -19.80 -24.33 -26.71
CA PRO A 728 -20.88 -23.37 -27.03
C PRO A 728 -20.84 -22.02 -26.31
N ASP A 729 -20.22 -21.98 -25.11
CA ASP A 729 -20.05 -20.75 -24.30
C ASP A 729 -18.72 -20.02 -24.58
N ASN A 730 -18.06 -20.37 -25.71
CA ASN A 730 -16.76 -19.86 -26.20
C ASN A 730 -15.60 -20.14 -25.23
N GLN A 731 -15.70 -21.23 -24.47
CA GLN A 731 -14.66 -21.71 -23.55
C GLN A 731 -13.74 -22.64 -24.34
N ILE A 732 -12.44 -22.55 -24.09
CA ILE A 732 -11.45 -23.38 -24.77
C ILE A 732 -11.08 -24.58 -23.91
N VAL A 733 -11.25 -25.79 -24.48
CA VAL A 733 -10.87 -27.05 -23.84
C VAL A 733 -9.66 -27.56 -24.64
N THR A 734 -8.46 -27.40 -24.06
CA THR A 734 -7.18 -27.78 -24.66
C THR A 734 -7.04 -29.28 -24.79
N LEU A 735 -6.67 -29.73 -26.00
CA LEU A 735 -6.43 -31.13 -26.33
C LEU A 735 -4.96 -31.29 -26.71
N ALA A 736 -4.23 -32.12 -25.97
CA ALA A 736 -2.82 -32.37 -26.25
C ALA A 736 -2.72 -33.83 -26.64
N VAL A 737 -2.37 -34.09 -27.89
CA VAL A 737 -2.20 -35.43 -28.41
C VAL A 737 -0.69 -35.69 -28.26
N GLY A 738 -0.31 -36.94 -27.96
CA GLY A 738 1.09 -37.31 -27.79
C GLY A 738 1.77 -37.69 -29.10
N THR A 739 3.01 -38.16 -29.01
CA THR A 739 3.77 -38.61 -30.19
C THR A 739 3.24 -39.97 -30.68
N ASN A 740 2.61 -40.75 -29.78
CA ASN A 740 2.00 -42.06 -30.09
C ASN A 740 0.58 -41.92 -30.67
N GLY A 741 0.14 -40.68 -30.84
CA GLY A 741 -1.16 -40.34 -31.41
C GLY A 741 -2.33 -40.38 -30.46
N GLY A 742 -2.04 -40.67 -29.19
CA GLY A 742 -3.04 -40.77 -28.14
C GLY A 742 -3.24 -39.47 -27.39
N LEU A 743 -4.52 -39.14 -27.12
CA LEU A 743 -4.96 -37.96 -26.36
C LEU A 743 -4.38 -38.06 -24.94
N LYS A 744 -3.41 -37.19 -24.66
CA LYS A 744 -2.59 -37.10 -23.45
C LYS A 744 -3.21 -36.18 -22.39
N LEU A 745 -3.81 -35.05 -22.80
CA LEU A 745 -4.35 -34.06 -21.87
C LEU A 745 -5.60 -33.38 -22.39
N VAL A 746 -6.60 -33.24 -21.50
CA VAL A 746 -7.88 -32.57 -21.71
C VAL A 746 -7.97 -31.59 -20.54
N SER A 747 -7.96 -30.28 -20.83
CA SER A 747 -7.95 -29.28 -19.77
C SER A 747 -8.56 -27.94 -20.14
N THR A 748 -9.01 -27.20 -19.11
CA THR A 748 -9.51 -25.83 -19.21
C THR A 748 -8.38 -24.95 -18.66
N GLN A 749 -8.59 -23.62 -18.62
CA GLN A 749 -7.57 -22.70 -18.10
C GLN A 749 -7.31 -22.90 -16.59
N THR A 750 -8.24 -23.56 -15.88
CA THR A 750 -8.17 -23.86 -14.44
C THR A 750 -8.07 -25.37 -14.14
N LEU A 751 -8.99 -26.18 -14.70
CA LEU A 751 -9.11 -27.61 -14.45
C LEU A 751 -8.36 -28.53 -15.42
N GLU A 752 -7.83 -29.63 -14.89
CA GLU A 752 -7.18 -30.69 -15.65
C GLU A 752 -8.22 -31.83 -15.65
N LEU A 753 -9.11 -31.82 -16.67
CA LEU A 753 -10.21 -32.78 -16.84
C LEU A 753 -9.75 -34.23 -17.04
N GLY A 754 -8.64 -34.40 -17.75
CA GLY A 754 -8.08 -35.72 -18.04
C GLY A 754 -6.62 -35.71 -18.39
N LEU A 755 -5.88 -36.68 -17.84
CA LEU A 755 -4.45 -36.88 -18.08
C LEU A 755 -4.24 -38.36 -18.34
N MET A 756 -3.93 -38.70 -19.60
CA MET A 756 -3.80 -40.09 -20.04
C MET A 756 -2.45 -40.48 -20.62
N THR A 757 -2.06 -41.76 -20.39
CA THR A 757 -0.86 -42.41 -20.93
C THR A 757 -1.31 -43.70 -21.62
N TYR A 758 -0.51 -44.18 -22.59
CA TYR A 758 -0.85 -45.36 -23.37
C TYR A 758 0.28 -46.37 -23.40
N ASN A 759 -0.05 -47.64 -23.73
CA ASN A 759 0.95 -48.69 -23.83
C ASN A 759 1.52 -48.71 -25.25
N GLY A 760 2.64 -48.00 -25.45
CA GLY A 760 3.32 -47.88 -26.74
C GLY A 760 2.44 -47.25 -27.81
N ASN A 761 2.35 -47.93 -28.97
CA ASN A 761 1.52 -47.50 -30.10
C ASN A 761 0.26 -48.39 -30.26
N SER A 762 -0.01 -49.25 -29.25
CA SER A 762 -1.19 -50.14 -29.24
C SER A 762 -2.52 -49.37 -29.13
N GLY A 763 -2.47 -48.21 -28.47
CA GLY A 763 -3.63 -47.36 -28.25
C GLY A 763 -4.37 -47.72 -26.99
N LEU A 764 -3.87 -48.74 -26.26
CA LEU A 764 -4.46 -49.22 -25.01
C LEU A 764 -4.10 -48.28 -23.87
N LEU A 765 -5.15 -47.69 -23.24
CA LEU A 765 -5.05 -46.75 -22.13
C LEU A 765 -4.36 -47.39 -20.92
N ALA A 766 -3.19 -46.84 -20.53
CA ALA A 766 -2.41 -47.35 -19.41
C ALA A 766 -2.85 -46.69 -18.10
N THR A 767 -3.01 -45.35 -18.10
CA THR A 767 -3.44 -44.57 -16.95
C THR A 767 -4.40 -43.46 -17.38
N LYS A 768 -5.21 -42.95 -16.42
CA LYS A 768 -6.17 -41.86 -16.61
C LYS A 768 -6.39 -41.18 -15.27
N SER A 769 -6.01 -39.90 -15.19
CA SER A 769 -6.11 -39.05 -14.01
C SER A 769 -7.12 -37.92 -14.23
N ASP A 770 -7.72 -37.41 -13.15
CA ASP A 770 -8.61 -36.24 -13.18
C ASP A 770 -8.00 -35.12 -12.31
N GLU A 771 -8.74 -34.01 -12.13
CA GLU A 771 -8.32 -32.83 -11.34
C GLU A 771 -8.04 -33.12 -9.86
N THR A 772 -8.71 -34.15 -9.29
CA THR A 772 -8.57 -34.55 -7.88
C THR A 772 -7.25 -35.29 -7.60
N GLY A 773 -6.56 -35.71 -8.66
CA GLY A 773 -5.31 -36.45 -8.58
C GLY A 773 -5.50 -37.95 -8.54
N TRP A 774 -6.76 -38.40 -8.66
CA TRP A 774 -7.15 -39.80 -8.65
C TRP A 774 -6.69 -40.46 -9.94
N THR A 775 -5.72 -41.39 -9.84
CA THR A 775 -5.18 -42.11 -10.99
C THR A 775 -5.63 -43.58 -10.98
N THR A 776 -6.24 -44.01 -12.09
CA THR A 776 -6.65 -45.39 -12.31
C THR A 776 -5.64 -46.04 -13.28
N PHE A 777 -5.19 -47.25 -12.95
CA PHE A 777 -4.21 -48.03 -13.73
C PHE A 777 -4.89 -49.22 -14.39
N TYR A 778 -4.64 -49.41 -15.68
CA TYR A 778 -5.23 -50.51 -16.46
C TYR A 778 -4.13 -51.43 -17.02
N ASP A 779 -4.32 -52.75 -16.82
CA ASP A 779 -3.40 -53.78 -17.29
C ASP A 779 -4.12 -54.70 -18.27
N TYR A 780 -3.41 -55.07 -19.35
CA TYR A 780 -3.95 -55.91 -20.41
C TYR A 780 -3.03 -57.10 -20.66
N ASP A 781 -3.56 -58.15 -21.29
CA ASP A 781 -2.76 -59.31 -21.69
C ASP A 781 -2.18 -59.01 -23.09
N HIS A 782 -1.37 -59.93 -23.66
CA HIS A 782 -0.76 -59.73 -24.98
C HIS A 782 -1.78 -59.61 -26.13
N GLU A 783 -3.02 -60.06 -25.89
CA GLU A 783 -4.15 -60.04 -26.82
C GLU A 783 -4.92 -58.69 -26.77
N GLY A 784 -4.53 -57.82 -25.85
CA GLY A 784 -5.12 -56.50 -25.67
C GLY A 784 -6.43 -56.53 -24.90
N ARG A 785 -6.66 -57.60 -24.11
CA ARG A 785 -7.85 -57.78 -23.28
C ARG A 785 -7.56 -57.33 -21.85
N LEU A 786 -8.45 -56.48 -21.29
CA LEU A 786 -8.34 -55.94 -19.93
C LEU A 786 -8.27 -57.06 -18.89
N THR A 787 -7.21 -57.06 -18.08
CA THR A 787 -6.98 -58.06 -17.03
C THR A 787 -7.09 -57.49 -15.62
N ASN A 788 -6.64 -56.23 -15.40
CA ASN A 788 -6.68 -55.59 -14.07
C ASN A 788 -7.02 -54.10 -14.14
N VAL A 789 -7.77 -53.60 -13.14
CA VAL A 789 -8.13 -52.19 -12.95
C VAL A 789 -7.81 -51.85 -11.48
N THR A 790 -6.74 -51.04 -11.26
CA THR A 790 -6.27 -50.66 -9.93
C THR A 790 -6.60 -49.20 -9.62
N ARG A 791 -7.18 -48.96 -8.42
CA ARG A 791 -7.63 -47.65 -7.95
C ARG A 791 -6.79 -47.11 -6.77
N PRO A 792 -6.75 -45.77 -6.52
CA PRO A 792 -5.94 -45.25 -5.39
C PRO A 792 -6.34 -45.75 -4.00
N THR A 793 -7.52 -46.38 -3.88
CA THR A 793 -8.06 -46.98 -2.66
C THR A 793 -7.33 -48.30 -2.34
N GLY A 794 -6.61 -48.83 -3.31
CA GLY A 794 -5.88 -50.09 -3.18
C GLY A 794 -6.70 -51.28 -3.66
N VAL A 795 -7.89 -50.99 -4.21
CA VAL A 795 -8.84 -51.97 -4.73
C VAL A 795 -8.47 -52.33 -6.17
N VAL A 796 -8.37 -53.64 -6.44
CA VAL A 796 -8.05 -54.21 -7.76
C VAL A 796 -9.22 -55.07 -8.24
N THR A 797 -9.68 -54.82 -9.47
CA THR A 797 -10.70 -55.63 -10.15
C THR A 797 -9.96 -56.43 -11.22
N SER A 798 -9.99 -57.77 -11.10
CA SER A 798 -9.31 -58.69 -12.02
C SER A 798 -10.26 -59.48 -12.92
N LEU A 799 -9.89 -59.61 -14.19
CA LEU A 799 -10.63 -60.36 -15.21
C LEU A 799 -9.75 -61.47 -15.77
N HIS A 800 -10.21 -62.74 -15.69
CA HIS A 800 -9.49 -63.90 -16.20
C HIS A 800 -10.32 -64.65 -17.24
N ARG A 801 -9.72 -64.87 -18.42
CA ARG A 801 -10.35 -65.56 -19.56
C ARG A 801 -9.85 -67.00 -19.74
N GLU A 802 -10.79 -67.92 -19.98
CA GLU A 802 -10.57 -69.33 -20.30
C GLU A 802 -11.38 -69.59 -21.57
N MET A 803 -10.68 -69.61 -22.72
CA MET A 803 -11.26 -69.77 -24.04
C MET A 803 -11.24 -71.24 -24.50
N GLU A 804 -12.37 -71.95 -24.32
CA GLU A 804 -12.54 -73.36 -24.70
C GLU A 804 -13.76 -73.44 -25.64
N LYS A 805 -14.56 -74.54 -25.58
CA LYS A 805 -15.79 -74.69 -26.38
C LYS A 805 -16.77 -73.56 -26.00
N SER A 806 -16.67 -73.10 -24.75
CA SER A 806 -17.40 -71.98 -24.18
C SER A 806 -16.36 -71.01 -23.55
N ILE A 807 -16.53 -69.70 -23.78
CA ILE A 807 -15.61 -68.68 -23.24
C ILE A 807 -16.08 -68.26 -21.84
N THR A 808 -15.24 -68.49 -20.81
CA THR A 808 -15.57 -68.12 -19.44
C THR A 808 -14.69 -66.96 -18.94
N ILE A 809 -15.34 -65.90 -18.44
CA ILE A 809 -14.63 -64.74 -17.88
C ILE A 809 -14.94 -64.67 -16.39
N ASP A 810 -13.89 -64.73 -15.57
CA ASP A 810 -13.98 -64.66 -14.10
C ASP A 810 -13.65 -63.25 -13.64
N ILE A 811 -14.55 -62.65 -12.85
CA ILE A 811 -14.41 -61.31 -12.30
C ILE A 811 -14.23 -61.41 -10.79
N GLU A 812 -13.14 -60.84 -10.28
CA GLU A 812 -12.78 -60.84 -8.87
C GLU A 812 -12.41 -59.44 -8.41
N ASN A 813 -12.68 -59.14 -7.12
CA ASN A 813 -12.35 -57.88 -6.47
C ASN A 813 -11.53 -58.18 -5.23
N SER A 814 -10.46 -57.39 -5.02
CA SER A 814 -9.55 -57.54 -3.89
C SER A 814 -10.16 -57.27 -2.51
N ASN A 815 -11.22 -56.43 -2.46
CA ASN A 815 -11.89 -56.04 -1.22
C ASN A 815 -13.17 -56.83 -0.88
N ARG A 816 -13.75 -57.56 -1.85
CA ARG A 816 -15.00 -58.32 -1.65
C ARG A 816 -14.93 -59.79 -2.08
N ASP A 817 -15.89 -60.59 -1.55
CA ASP A 817 -16.05 -62.02 -1.86
C ASP A 817 -17.19 -62.22 -2.87
N ASP A 818 -17.48 -61.20 -3.69
CA ASP A 818 -18.54 -61.18 -4.70
C ASP A 818 -18.07 -61.63 -6.10
N ASP A 819 -17.34 -62.77 -6.16
CA ASP A 819 -16.83 -63.33 -7.43
C ASP A 819 -17.96 -63.65 -8.42
N VAL A 820 -17.87 -63.04 -9.62
CA VAL A 820 -18.85 -63.20 -10.71
C VAL A 820 -18.18 -63.88 -11.90
N THR A 821 -18.81 -64.90 -12.47
CA THR A 821 -18.27 -65.59 -13.64
C THR A 821 -19.32 -65.61 -14.77
N VAL A 822 -18.89 -65.24 -16.00
CA VAL A 822 -19.73 -65.19 -17.20
C VAL A 822 -19.29 -66.28 -18.16
N ILE A 823 -20.22 -67.17 -18.56
CA ILE A 823 -19.95 -68.25 -19.50
C ILE A 823 -20.69 -67.95 -20.81
N THR A 824 -19.99 -67.98 -21.94
CA THR A 824 -20.55 -67.68 -23.26
C THR A 824 -20.44 -68.89 -24.21
N ASN A 825 -21.58 -69.30 -24.78
CA ASN A 825 -21.68 -70.38 -25.75
C ASN A 825 -22.26 -69.82 -27.04
N LEU A 826 -21.43 -69.71 -28.09
CA LEU A 826 -21.89 -69.19 -29.38
C LEU A 826 -22.21 -70.31 -30.36
N SER A 827 -23.39 -70.23 -30.99
CA SER A 827 -23.87 -71.21 -31.96
C SER A 827 -24.48 -70.52 -33.21
N SER A 828 -25.06 -71.33 -34.11
CA SER A 828 -25.71 -70.86 -35.34
C SER A 828 -27.02 -70.12 -35.02
N VAL A 829 -27.79 -70.62 -34.04
CA VAL A 829 -29.09 -70.07 -33.64
C VAL A 829 -29.00 -68.92 -32.62
N GLU A 830 -28.08 -69.01 -31.63
CA GLU A 830 -27.99 -68.02 -30.55
C GLU A 830 -26.64 -67.91 -29.84
N ALA A 831 -26.48 -66.81 -29.09
CA ALA A 831 -25.36 -66.52 -28.20
C ALA A 831 -25.98 -66.74 -26.81
N SER A 832 -25.47 -67.76 -26.09
CA SER A 832 -25.98 -68.17 -24.78
C SER A 832 -25.03 -67.76 -23.65
N TYR A 833 -25.53 -66.94 -22.71
CA TYR A 833 -24.77 -66.41 -21.59
C TYR A 833 -25.31 -66.89 -20.24
N THR A 834 -24.38 -67.20 -19.31
CA THR A 834 -24.70 -67.63 -17.96
C THR A 834 -23.84 -66.86 -16.96
N VAL A 835 -24.50 -66.02 -16.16
CA VAL A 835 -23.86 -65.21 -15.11
C VAL A 835 -24.01 -65.98 -13.81
N VAL A 836 -22.88 -66.41 -13.23
CA VAL A 836 -22.83 -67.23 -12.01
C VAL A 836 -22.20 -66.48 -10.82
N GLN A 837 -22.92 -66.50 -9.67
CA GLN A 837 -22.51 -65.95 -8.38
C GLN A 837 -22.79 -67.06 -7.36
N ASP A 838 -21.75 -67.88 -7.07
CA ASP A 838 -21.78 -69.06 -6.21
C ASP A 838 -22.59 -70.19 -6.90
N GLN A 839 -23.87 -70.39 -6.51
CA GLN A 839 -24.77 -71.40 -7.09
C GLN A 839 -25.97 -70.72 -7.77
N VAL A 840 -26.01 -69.37 -7.69
CA VAL A 840 -27.05 -68.52 -8.28
C VAL A 840 -26.66 -68.25 -9.75
N ARG A 841 -27.44 -68.82 -10.68
CA ARG A 841 -27.19 -68.73 -12.11
C ARG A 841 -28.32 -68.03 -12.85
N ASN A 842 -27.97 -66.95 -13.59
CA ASN A 842 -28.89 -66.19 -14.43
C ASN A 842 -28.54 -66.44 -15.90
N SER A 843 -29.51 -66.90 -16.71
CA SER A 843 -29.30 -67.22 -18.12
C SER A 843 -29.86 -66.18 -19.08
N TYR A 844 -29.09 -65.88 -20.13
CA TYR A 844 -29.40 -64.88 -21.14
C TYR A 844 -29.19 -65.51 -22.51
N GLN A 845 -30.13 -65.31 -23.44
CA GLN A 845 -30.05 -65.87 -24.79
C GLN A 845 -30.37 -64.82 -25.85
N LEU A 846 -29.35 -64.44 -26.63
CA LEU A 846 -29.49 -63.48 -27.73
C LEU A 846 -29.56 -64.28 -29.02
N CYS A 847 -30.79 -64.48 -29.53
CA CYS A 847 -31.08 -65.28 -30.72
C CYS A 847 -30.96 -64.47 -32.02
N ASN A 848 -30.66 -65.17 -33.13
CA ASN A 848 -30.51 -64.60 -34.46
C ASN A 848 -31.80 -64.01 -35.02
N ASN A 849 -32.98 -64.53 -34.59
CA ASN A 849 -34.29 -64.04 -35.01
C ASN A 849 -34.66 -62.66 -34.40
N GLY A 850 -33.79 -62.16 -33.51
CA GLY A 850 -33.96 -60.87 -32.84
C GLY A 850 -34.54 -60.96 -31.44
N THR A 851 -34.77 -62.17 -30.93
CA THR A 851 -35.34 -62.40 -29.60
C THR A 851 -34.25 -62.40 -28.52
N LEU A 852 -34.54 -61.77 -27.37
CA LEU A 852 -33.70 -61.72 -26.19
C LEU A 852 -34.50 -62.42 -25.07
N ARG A 853 -34.01 -63.58 -24.60
CA ARG A 853 -34.66 -64.34 -23.53
C ARG A 853 -33.80 -64.34 -22.26
N VAL A 854 -34.41 -63.95 -21.13
CA VAL A 854 -33.77 -63.93 -19.82
C VAL A 854 -34.45 -64.95 -18.92
N MET A 855 -33.66 -65.84 -18.33
CA MET A 855 -34.15 -66.85 -17.40
C MET A 855 -33.44 -66.62 -16.08
N TYR A 856 -34.07 -65.80 -15.23
CA TYR A 856 -33.57 -65.43 -13.90
C TYR A 856 -33.54 -66.63 -12.96
N ALA A 857 -32.59 -66.61 -12.01
CA ALA A 857 -32.44 -67.65 -10.99
C ALA A 857 -33.71 -67.79 -10.14
N ASN A 858 -34.43 -66.65 -9.89
CA ASN A 858 -35.67 -66.60 -9.10
C ASN A 858 -36.84 -67.40 -9.69
N GLY A 859 -36.76 -67.76 -10.97
CA GLY A 859 -37.77 -68.55 -11.65
C GLY A 859 -38.54 -67.83 -12.74
N MET A 860 -38.43 -66.49 -12.79
CA MET A 860 -39.11 -65.66 -13.77
C MET A 860 -38.31 -65.59 -15.08
N SER A 861 -39.00 -65.71 -16.22
CA SER A 861 -38.40 -65.59 -17.55
C SER A 861 -39.08 -64.47 -18.35
N ILE A 862 -38.26 -63.65 -19.05
CA ILE A 862 -38.73 -62.53 -19.88
C ILE A 862 -38.25 -62.75 -21.32
N SER A 863 -39.17 -62.69 -22.31
CA SER A 863 -38.83 -62.86 -23.72
C SER A 863 -39.22 -61.65 -24.55
N PHE A 864 -38.22 -60.86 -24.95
CA PHE A 864 -38.40 -59.67 -25.80
C PHE A 864 -38.33 -60.12 -27.26
N HIS A 865 -39.31 -59.70 -28.08
CA HIS A 865 -39.37 -60.10 -29.51
C HIS A 865 -39.27 -58.90 -30.44
N SER A 866 -38.39 -59.03 -31.46
CA SER A 866 -38.11 -57.98 -32.45
C SER A 866 -38.98 -58.04 -33.69
N GLU A 867 -39.23 -56.86 -34.26
CA GLU A 867 -40.02 -56.61 -35.46
C GLU A 867 -39.33 -55.46 -36.21
N PRO A 868 -39.46 -55.34 -37.56
CA PRO A 868 -38.87 -54.16 -38.23
C PRO A 868 -39.60 -52.88 -37.77
N HIS A 869 -38.85 -51.77 -37.56
CA HIS A 869 -39.46 -50.50 -37.13
C HIS A 869 -40.33 -49.94 -38.25
N VAL A 870 -41.54 -49.46 -37.91
CA VAL A 870 -42.52 -48.93 -38.87
C VAL A 870 -41.97 -47.72 -39.68
N LEU A 871 -41.05 -46.93 -39.09
CA LEU A 871 -40.47 -45.74 -39.71
C LEU A 871 -39.09 -45.97 -40.33
N ALA A 872 -38.17 -46.64 -39.60
CA ALA A 872 -36.80 -46.89 -40.03
C ALA A 872 -36.60 -48.16 -40.87
N GLY A 873 -37.62 -49.02 -40.92
CA GLY A 873 -37.59 -50.24 -41.72
C GLY A 873 -36.89 -51.42 -41.07
N THR A 874 -36.51 -52.41 -41.91
CA THR A 874 -35.84 -53.66 -41.51
C THR A 874 -34.46 -53.47 -40.91
N VAL A 875 -33.76 -52.39 -41.30
CA VAL A 875 -32.40 -52.07 -40.82
C VAL A 875 -32.37 -51.91 -39.27
N THR A 876 -33.52 -51.56 -38.66
CA THR A 876 -33.56 -51.41 -37.21
C THR A 876 -34.67 -52.26 -36.56
N PRO A 877 -34.31 -53.37 -35.90
CA PRO A 877 -35.31 -54.17 -35.19
C PRO A 877 -35.76 -53.46 -33.91
N THR A 878 -37.04 -53.54 -33.58
CA THR A 878 -37.61 -52.93 -32.38
C THR A 878 -38.37 -53.96 -31.57
N ILE A 879 -38.34 -53.80 -30.24
CA ILE A 879 -39.05 -54.68 -29.34
C ILE A 879 -40.52 -54.26 -29.34
N GLY A 880 -41.36 -55.09 -29.95
CA GLY A 880 -42.79 -54.82 -30.05
C GLY A 880 -43.62 -55.76 -29.21
N ARG A 881 -42.99 -56.80 -28.66
CA ARG A 881 -43.66 -57.82 -27.85
C ARG A 881 -42.77 -58.26 -26.69
N CYS A 882 -43.40 -58.53 -25.55
CA CYS A 882 -42.73 -59.00 -24.34
C CYS A 882 -43.59 -60.08 -23.67
N ASN A 883 -43.10 -61.33 -23.64
CA ASN A 883 -43.78 -62.47 -23.02
C ASN A 883 -43.07 -62.82 -21.71
N ILE A 884 -43.79 -62.64 -20.58
CA ILE A 884 -43.31 -62.90 -19.22
C ILE A 884 -43.89 -64.22 -18.70
N SER A 885 -43.09 -64.98 -17.95
CA SER A 885 -43.47 -66.24 -17.34
C SER A 885 -43.06 -66.24 -15.85
N LEU A 886 -44.01 -66.50 -14.96
CA LEU A 886 -43.76 -66.59 -13.52
C LEU A 886 -43.90 -68.05 -13.08
N PRO A 887 -43.11 -68.54 -12.10
CA PRO A 887 -43.26 -69.94 -11.68
C PRO A 887 -44.50 -70.17 -10.78
N MET A 888 -45.69 -70.22 -11.43
CA MET A 888 -47.01 -70.42 -10.84
C MET A 888 -48.01 -70.98 -11.88
N GLU A 889 -49.21 -71.42 -11.42
CA GLU A 889 -50.28 -72.03 -12.22
C GLU A 889 -50.66 -71.22 -13.48
N ASN A 890 -50.98 -69.92 -13.31
CA ASN A 890 -51.34 -69.02 -14.42
C ASN A 890 -50.36 -67.84 -14.42
N GLY A 891 -49.11 -68.14 -14.76
CA GLY A 891 -48.02 -67.16 -14.72
C GLY A 891 -47.62 -66.52 -16.03
N LEU A 892 -48.37 -66.75 -17.12
CA LEU A 892 -48.03 -66.17 -18.42
C LEU A 892 -48.64 -64.78 -18.63
N ASN A 893 -47.77 -63.79 -18.86
CA ASN A 893 -48.13 -62.39 -19.08
C ASN A 893 -47.61 -61.97 -20.46
N SER A 894 -48.25 -60.97 -21.08
CA SER A 894 -47.83 -60.47 -22.39
C SER A 894 -48.12 -58.98 -22.57
N ILE A 895 -47.09 -58.22 -22.94
CA ILE A 895 -47.19 -56.79 -23.22
C ILE A 895 -46.80 -56.58 -24.68
N GLU A 896 -47.50 -55.67 -25.36
CA GLU A 896 -47.30 -55.39 -26.77
C GLU A 896 -47.28 -53.91 -27.09
N TRP A 897 -46.43 -53.52 -28.05
CA TRP A 897 -46.34 -52.16 -28.59
C TRP A 897 -46.70 -52.28 -30.06
N ARG A 898 -47.80 -51.63 -30.47
CA ARG A 898 -48.25 -51.66 -31.86
C ARG A 898 -48.01 -50.28 -32.48
N LEU A 899 -47.02 -50.21 -33.38
CA LEU A 899 -46.56 -49.01 -34.08
C LEU A 899 -47.28 -48.80 -35.43
N ARG A 900 -47.65 -47.55 -35.73
CA ARG A 900 -48.35 -47.15 -36.95
C ARG A 900 -47.83 -45.81 -37.49
N LYS A 901 -48.08 -45.53 -38.78
CA LYS A 901 -47.67 -44.27 -39.42
C LYS A 901 -48.72 -43.74 -40.40
N GLU A 902 -48.74 -42.41 -40.57
CA GLU A 902 -49.61 -41.72 -41.51
C GLU A 902 -48.73 -40.90 -42.44
N GLN A 903 -48.75 -41.24 -43.74
CA GLN A 903 -47.95 -40.56 -44.76
C GLN A 903 -48.80 -39.74 -45.71
N ILE A 904 -48.43 -38.47 -45.87
CA ILE A 904 -49.09 -37.53 -46.78
C ILE A 904 -48.01 -37.04 -47.75
N LYS A 905 -48.18 -37.35 -49.07
CA LYS A 905 -47.26 -37.01 -50.16
C LYS A 905 -45.84 -37.63 -49.98
N GLY A 906 -45.82 -38.87 -49.46
CA GLY A 906 -44.62 -39.65 -49.20
C GLY A 906 -43.82 -39.25 -47.97
N LYS A 907 -44.32 -38.25 -47.21
CA LYS A 907 -43.70 -37.72 -46.00
C LYS A 907 -44.50 -38.12 -44.76
N VAL A 908 -43.81 -38.52 -43.67
CA VAL A 908 -44.41 -38.92 -42.39
C VAL A 908 -45.08 -37.72 -41.71
N THR A 909 -46.39 -37.84 -41.43
CA THR A 909 -47.25 -36.83 -40.82
C THR A 909 -47.55 -37.18 -39.35
N VAL A 910 -47.86 -38.47 -39.07
CA VAL A 910 -48.22 -38.96 -37.74
C VAL A 910 -47.44 -40.25 -37.41
N PHE A 911 -46.96 -40.34 -36.16
CA PHE A 911 -46.29 -41.52 -35.61
C PHE A 911 -47.04 -41.99 -34.36
N GLY A 912 -47.76 -43.09 -34.51
CA GLY A 912 -48.58 -43.67 -33.45
C GLY A 912 -48.02 -44.93 -32.83
N ARG A 913 -48.16 -45.03 -31.50
CA ARG A 913 -47.71 -46.16 -30.68
C ARG A 913 -48.83 -46.53 -29.73
N LYS A 914 -49.24 -47.80 -29.71
CA LYS A 914 -50.31 -48.25 -28.83
C LYS A 914 -49.81 -49.37 -27.93
N LEU A 915 -50.03 -49.22 -26.63
CA LEU A 915 -49.62 -50.20 -25.63
C LEU A 915 -50.79 -51.13 -25.36
N ARG A 916 -50.53 -52.45 -25.46
CA ARG A 916 -51.55 -53.48 -25.30
C ARG A 916 -51.16 -54.58 -24.33
N VAL A 917 -52.13 -55.06 -23.55
CA VAL A 917 -51.99 -56.18 -22.62
C VAL A 917 -53.14 -57.14 -22.89
N HIS A 918 -52.79 -58.38 -23.30
CA HIS A 918 -53.71 -59.47 -23.64
C HIS A 918 -54.85 -59.01 -24.58
N GLY A 919 -54.44 -58.41 -25.70
CA GLY A 919 -55.32 -57.92 -26.76
C GLY A 919 -56.17 -56.70 -26.46
N ARG A 920 -55.84 -55.94 -25.39
CA ARG A 920 -56.61 -54.76 -25.01
C ARG A 920 -55.73 -53.51 -24.99
N ASN A 921 -56.18 -52.41 -25.62
CA ASN A 921 -55.47 -51.13 -25.66
C ASN A 921 -55.55 -50.40 -24.31
N LEU A 922 -54.40 -50.11 -23.69
CA LEU A 922 -54.33 -49.41 -22.41
C LEU A 922 -54.03 -47.93 -22.60
N LEU A 923 -53.09 -47.61 -23.53
CA LEU A 923 -52.62 -46.24 -23.78
C LEU A 923 -52.07 -46.09 -25.21
N SER A 924 -52.30 -44.92 -25.82
CA SER A 924 -51.85 -44.58 -27.17
C SER A 924 -51.08 -43.25 -27.16
N ILE A 925 -49.81 -43.28 -27.61
CA ILE A 925 -48.94 -42.12 -27.69
C ILE A 925 -48.73 -41.80 -29.17
N ASP A 926 -49.47 -40.80 -29.69
CA ASP A 926 -49.39 -40.40 -31.09
C ASP A 926 -48.74 -39.03 -31.26
N TYR A 927 -47.79 -38.91 -32.19
CA TYR A 927 -47.16 -37.63 -32.47
C TYR A 927 -47.52 -37.14 -33.88
N ASP A 928 -48.13 -35.93 -33.96
CA ASP A 928 -48.52 -35.29 -35.21
C ASP A 928 -47.50 -34.22 -35.56
N ARG A 929 -46.62 -34.52 -36.54
CA ARG A 929 -45.52 -33.65 -36.99
C ARG A 929 -45.99 -32.30 -37.57
N ASN A 930 -47.20 -32.26 -38.16
CA ASN A 930 -47.79 -31.05 -38.75
C ASN A 930 -48.15 -29.99 -37.71
N ILE A 931 -48.75 -30.40 -36.59
CA ILE A 931 -49.18 -29.49 -35.52
C ILE A 931 -48.24 -29.53 -34.28
N ARG A 932 -47.20 -30.40 -34.33
CA ARG A 932 -46.17 -30.58 -33.28
C ARG A 932 -46.76 -30.95 -31.90
N THR A 933 -47.86 -31.74 -31.91
CA THR A 933 -48.52 -32.17 -30.67
C THR A 933 -48.36 -33.67 -30.48
N GLU A 934 -48.22 -34.09 -29.22
CA GLU A 934 -48.10 -35.49 -28.82
C GLU A 934 -49.33 -35.80 -27.98
N LYS A 935 -50.28 -36.54 -28.58
CA LYS A 935 -51.54 -36.93 -27.92
C LYS A 935 -51.37 -38.28 -27.22
N ILE A 936 -51.58 -38.29 -25.91
CA ILE A 936 -51.54 -39.47 -25.06
C ILE A 936 -52.97 -39.64 -24.60
N TYR A 937 -53.58 -40.76 -24.97
CA TYR A 937 -54.98 -40.99 -24.64
C TYR A 937 -55.30 -42.43 -24.29
N ASP A 938 -56.35 -42.60 -23.48
CA ASP A 938 -56.95 -43.84 -23.01
C ASP A 938 -57.93 -44.30 -24.09
N ASP A 939 -58.33 -45.58 -24.07
CA ASP A 939 -59.27 -46.11 -25.04
C ASP A 939 -60.74 -45.94 -24.59
N HIS A 940 -60.97 -45.46 -23.34
CA HIS A 940 -62.31 -45.31 -22.78
C HIS A 940 -62.67 -43.89 -22.30
N ARG A 941 -62.09 -42.85 -22.94
CA ARG A 941 -62.31 -41.42 -22.68
C ARG A 941 -62.02 -40.95 -21.23
N LYS A 942 -61.22 -41.72 -20.46
CA LYS A 942 -60.87 -41.39 -19.08
C LYS A 942 -59.66 -40.45 -18.95
N PHE A 943 -58.66 -40.59 -19.83
CA PHE A 943 -57.44 -39.78 -19.82
C PHE A 943 -57.06 -39.27 -21.20
N THR A 944 -56.70 -37.98 -21.28
CA THR A 944 -56.24 -37.31 -22.49
C THR A 944 -55.24 -36.20 -22.13
N LEU A 945 -54.04 -36.29 -22.69
CA LEU A 945 -52.97 -35.33 -22.47
C LEU A 945 -52.33 -34.98 -23.81
N ARG A 946 -52.17 -33.68 -24.06
CA ARG A 946 -51.51 -33.18 -25.27
C ARG A 946 -50.25 -32.44 -24.84
N ILE A 947 -49.10 -32.83 -25.43
CA ILE A 947 -47.82 -32.18 -25.17
C ILE A 947 -47.43 -31.43 -26.44
N ILE A 948 -47.36 -30.09 -26.34
CA ILE A 948 -47.01 -29.20 -27.44
C ILE A 948 -45.50 -29.00 -27.49
N TYR A 949 -44.92 -29.13 -28.68
CA TYR A 949 -43.48 -28.98 -28.93
C TYR A 949 -43.25 -27.67 -29.69
N ASP A 950 -42.18 -26.95 -29.36
CA ASP A 950 -41.85 -25.68 -30.04
C ASP A 950 -41.15 -25.92 -31.39
N GLN A 951 -40.78 -24.82 -32.09
CA GLN A 951 -40.10 -24.84 -33.40
C GLN A 951 -38.73 -25.55 -33.34
N LEU A 952 -38.10 -25.61 -32.15
CA LEU A 952 -36.81 -26.25 -31.91
C LEU A 952 -36.96 -27.75 -31.52
N GLY A 953 -38.20 -28.22 -31.46
CA GLY A 953 -38.54 -29.61 -31.14
C GLY A 953 -38.51 -29.97 -29.68
N ARG A 954 -38.69 -28.98 -28.80
CA ARG A 954 -38.68 -29.19 -27.35
C ARG A 954 -40.09 -29.16 -26.77
N PRO A 955 -40.48 -30.13 -25.90
CA PRO A 955 -41.80 -30.04 -25.26
C PRO A 955 -41.83 -28.83 -24.32
N PHE A 956 -42.86 -27.99 -24.43
CA PHE A 956 -42.96 -26.79 -23.61
C PHE A 956 -44.33 -26.61 -22.96
N LEU A 957 -45.36 -27.34 -23.43
CA LEU A 957 -46.70 -27.19 -22.87
C LEU A 957 -47.41 -28.53 -22.71
N TRP A 958 -47.92 -28.78 -21.50
CA TRP A 958 -48.65 -29.99 -21.11
C TRP A 958 -50.10 -29.61 -20.84
N LEU A 959 -51.02 -29.96 -21.76
CA LEU A 959 -52.44 -29.65 -21.69
C LEU A 959 -53.27 -30.87 -21.25
N PRO A 960 -53.61 -30.97 -19.95
CA PRO A 960 -54.38 -32.14 -19.49
C PRO A 960 -55.89 -32.00 -19.65
N SER A 961 -56.62 -33.11 -19.49
CA SER A 961 -58.08 -33.14 -19.55
C SER A 961 -58.64 -32.84 -18.14
N SER A 962 -59.98 -32.91 -17.98
CA SER A 962 -60.71 -32.69 -16.72
C SER A 962 -60.59 -31.26 -16.15
N GLY A 963 -60.23 -30.29 -17.00
CA GLY A 963 -60.10 -28.88 -16.62
C GLY A 963 -58.97 -28.56 -15.67
N LEU A 964 -57.90 -29.38 -15.70
CA LEU A 964 -56.72 -29.22 -14.86
C LEU A 964 -55.80 -28.14 -15.40
N ALA A 965 -55.04 -27.49 -14.49
CA ALA A 965 -54.09 -26.44 -14.82
C ALA A 965 -52.94 -27.00 -15.65
N ALA A 966 -52.70 -26.34 -16.80
CA ALA A 966 -51.65 -26.71 -17.74
C ALA A 966 -50.28 -26.36 -17.17
N VAL A 967 -49.28 -27.16 -17.55
CA VAL A 967 -47.89 -26.94 -17.14
C VAL A 967 -47.12 -26.45 -18.36
N ASN A 968 -46.38 -25.36 -18.22
CA ASN A 968 -45.57 -24.81 -19.30
C ASN A 968 -44.18 -24.43 -18.83
N VAL A 969 -43.18 -24.61 -19.69
CA VAL A 969 -41.79 -24.32 -19.37
C VAL A 969 -41.16 -23.30 -20.32
N SER A 970 -40.12 -22.61 -19.82
CA SER A 970 -39.33 -21.63 -20.54
C SER A 970 -37.94 -22.20 -20.71
N TYR A 971 -37.27 -21.79 -21.77
CA TYR A 971 -35.90 -22.22 -22.03
C TYR A 971 -35.02 -21.02 -22.26
N PHE A 972 -33.73 -21.15 -21.92
CA PHE A 972 -32.74 -20.12 -22.22
C PHE A 972 -32.32 -20.37 -23.69
N PHE A 973 -31.52 -19.47 -24.27
CA PHE A 973 -31.01 -19.57 -25.65
C PHE A 973 -30.30 -20.91 -25.93
N ASN A 974 -29.57 -21.45 -24.92
CA ASN A 974 -28.80 -22.69 -24.96
C ASN A 974 -29.65 -23.97 -24.73
N GLY A 975 -30.96 -23.81 -24.64
CA GLY A 975 -31.88 -24.92 -24.44
C GLY A 975 -32.01 -25.44 -23.03
N ARG A 976 -31.36 -24.77 -22.06
CA ARG A 976 -31.43 -25.12 -20.64
C ARG A 976 -32.76 -24.60 -20.11
N LEU A 977 -33.39 -25.36 -19.19
CA LEU A 977 -34.67 -24.99 -18.56
C LEU A 977 -34.50 -23.69 -17.78
N ALA A 978 -35.31 -22.67 -18.13
CA ALA A 978 -35.28 -21.35 -17.52
C ALA A 978 -36.30 -21.17 -16.41
N GLY A 979 -37.53 -21.62 -16.67
CA GLY A 979 -38.63 -21.54 -15.73
C GLY A 979 -39.67 -22.62 -15.92
N LEU A 980 -40.54 -22.77 -14.91
CA LEU A 980 -41.64 -23.74 -14.89
C LEU A 980 -42.88 -23.00 -14.42
N GLN A 981 -44.05 -23.37 -14.94
CA GLN A 981 -45.33 -22.78 -14.54
C GLN A 981 -46.45 -23.79 -14.56
N ARG A 982 -47.31 -23.76 -13.53
CA ARG A 982 -48.51 -24.57 -13.39
C ARG A 982 -49.57 -23.62 -12.83
N GLY A 983 -50.38 -23.06 -13.73
CA GLY A 983 -51.41 -22.09 -13.40
C GLY A 983 -50.84 -20.81 -12.83
N ALA A 984 -51.18 -20.52 -11.56
CA ALA A 984 -50.74 -19.34 -10.82
C ALA A 984 -49.35 -19.53 -10.17
N MET A 985 -48.87 -20.78 -10.11
CA MET A 985 -47.59 -21.16 -9.50
C MET A 985 -46.47 -21.15 -10.55
N SER A 986 -45.37 -20.42 -10.29
CA SER A 986 -44.22 -20.34 -11.18
C SER A 986 -42.90 -20.15 -10.45
N GLU A 987 -41.81 -20.66 -11.04
CA GLU A 987 -40.44 -20.56 -10.53
C GLU A 987 -39.51 -20.36 -11.73
N ARG A 988 -38.95 -19.15 -11.86
CA ARG A 988 -38.07 -18.76 -12.95
C ARG A 988 -36.65 -18.49 -12.44
N THR A 989 -35.66 -18.55 -13.35
CA THR A 989 -34.26 -18.25 -13.04
C THR A 989 -33.67 -17.36 -14.11
N ASP A 990 -32.58 -16.66 -13.76
CA ASP A 990 -31.79 -15.83 -14.67
C ASP A 990 -30.38 -16.34 -14.62
N ILE A 991 -29.67 -16.33 -15.76
CA ILE A 991 -28.30 -16.85 -15.81
C ILE A 991 -27.26 -15.79 -16.20
N ASP A 992 -26.01 -16.09 -15.87
CA ASP A 992 -24.79 -15.34 -16.14
C ASP A 992 -24.41 -15.53 -17.60
N LYS A 993 -23.32 -14.86 -18.04
CA LYS A 993 -22.74 -15.08 -19.37
C LYS A 993 -22.01 -16.43 -19.31
N GLN A 994 -21.65 -16.86 -18.06
CA GLN A 994 -20.98 -18.11 -17.71
C GLN A 994 -21.96 -19.28 -17.52
N GLY A 995 -23.26 -18.99 -17.61
CA GLY A 995 -24.33 -19.99 -17.48
C GLY A 995 -24.73 -20.32 -16.06
N ARG A 996 -24.22 -19.56 -15.07
CA ARG A 996 -24.50 -19.76 -13.65
C ARG A 996 -25.77 -18.99 -13.27
N ILE A 997 -26.63 -19.59 -12.43
CA ILE A 997 -27.86 -18.96 -11.94
C ILE A 997 -27.50 -17.76 -11.06
N ILE A 998 -28.04 -16.58 -11.40
CA ILE A 998 -27.79 -15.34 -10.67
C ILE A 998 -29.02 -14.86 -9.90
N SER A 999 -30.21 -15.31 -10.31
CA SER A 999 -31.48 -14.95 -9.69
C SER A 999 -32.48 -16.09 -9.79
N ARG A 1000 -33.42 -16.15 -8.83
CA ARG A 1000 -34.51 -17.12 -8.76
C ARG A 1000 -35.78 -16.36 -8.35
N MET A 1001 -36.74 -16.25 -9.28
CA MET A 1001 -38.00 -15.52 -9.09
C MET A 1001 -39.19 -16.44 -8.88
N PHE A 1002 -40.00 -16.16 -7.86
CA PHE A 1002 -41.20 -16.93 -7.52
C PHE A 1002 -42.44 -16.10 -7.89
N ALA A 1003 -43.61 -16.74 -8.11
CA ALA A 1003 -44.83 -16.03 -8.50
C ALA A 1003 -45.38 -15.06 -7.45
N ASP A 1004 -45.01 -15.25 -6.17
CA ASP A 1004 -45.42 -14.38 -5.08
C ASP A 1004 -44.52 -13.13 -4.94
N GLY A 1005 -43.56 -12.99 -5.85
CA GLY A 1005 -42.62 -11.87 -5.88
C GLY A 1005 -41.33 -12.07 -5.12
N LYS A 1006 -41.15 -13.26 -4.50
CA LYS A 1006 -39.93 -13.61 -3.74
C LYS A 1006 -38.77 -13.81 -4.70
N VAL A 1007 -37.65 -13.12 -4.45
CA VAL A 1007 -36.44 -13.18 -5.29
C VAL A 1007 -35.21 -13.56 -4.45
N TRP A 1008 -34.45 -14.57 -4.92
CA TRP A 1008 -33.19 -15.01 -4.32
C TRP A 1008 -32.08 -14.55 -5.24
N SER A 1009 -31.02 -13.96 -4.70
CA SER A 1009 -29.88 -13.53 -5.52
C SER A 1009 -28.71 -14.47 -5.28
N TYR A 1010 -27.95 -14.77 -6.35
CA TYR A 1010 -26.78 -15.63 -6.31
C TYR A 1010 -25.57 -14.81 -6.78
N THR A 1011 -24.62 -14.56 -5.89
CA THR A 1011 -23.40 -13.78 -6.18
C THR A 1011 -22.20 -14.70 -6.18
N TYR A 1012 -21.34 -14.60 -7.21
CA TYR A 1012 -20.15 -15.42 -7.34
C TYR A 1012 -18.88 -14.59 -7.17
N LEU A 1013 -18.03 -14.98 -6.20
CA LEU A 1013 -16.78 -14.31 -5.87
C LEU A 1013 -15.69 -15.33 -5.49
N GLU A 1014 -14.77 -15.64 -6.43
CA GLU A 1014 -13.62 -16.55 -6.23
C GLU A 1014 -13.96 -17.88 -5.50
N LYS A 1015 -14.52 -18.86 -6.24
CA LYS A 1015 -14.96 -20.19 -5.77
C LYS A 1015 -16.09 -20.16 -4.71
N SER A 1016 -16.47 -18.96 -4.21
CA SER A 1016 -17.55 -18.80 -3.24
C SER A 1016 -18.83 -18.27 -3.90
N MET A 1017 -19.96 -18.76 -3.43
CA MET A 1017 -21.30 -18.37 -3.88
C MET A 1017 -22.04 -17.84 -2.66
N VAL A 1018 -22.72 -16.70 -2.81
CA VAL A 1018 -23.48 -16.03 -1.75
C VAL A 1018 -24.96 -15.97 -2.15
N LEU A 1019 -25.77 -16.79 -1.49
CA LEU A 1019 -27.22 -16.84 -1.72
C LEU A 1019 -27.87 -15.93 -0.68
N LEU A 1020 -28.48 -14.83 -1.15
CA LEU A 1020 -29.13 -13.82 -0.32
C LEU A 1020 -30.63 -13.78 -0.59
N LEU A 1021 -31.43 -13.79 0.50
CA LEU A 1021 -32.89 -13.69 0.44
C LEU A 1021 -33.28 -12.25 0.77
N GLN A 1022 -34.51 -11.83 0.40
CA GLN A 1022 -35.01 -10.47 0.63
C GLN A 1022 -35.10 -10.10 2.11
N SER A 1023 -35.16 -11.11 3.01
CA SER A 1023 -35.19 -10.93 4.47
C SER A 1023 -33.78 -10.62 5.00
N GLN A 1024 -32.79 -10.59 4.08
CA GLN A 1024 -31.36 -10.36 4.28
C GLN A 1024 -30.68 -11.56 4.98
N ARG A 1025 -31.29 -12.75 4.84
CA ARG A 1025 -30.72 -14.02 5.32
C ARG A 1025 -29.73 -14.45 4.24
N GLN A 1026 -28.48 -14.71 4.65
CA GLN A 1026 -27.36 -14.99 3.76
C GLN A 1026 -26.69 -16.33 4.00
N TYR A 1027 -26.55 -17.13 2.94
CA TYR A 1027 -25.89 -18.43 2.98
C TYR A 1027 -24.68 -18.37 2.04
N ILE A 1028 -23.48 -18.68 2.56
CA ILE A 1028 -22.24 -18.66 1.77
C ILE A 1028 -21.74 -20.08 1.55
N PHE A 1029 -21.70 -20.50 0.28
CA PHE A 1029 -21.25 -21.83 -0.14
C PHE A 1029 -19.87 -21.69 -0.78
N GLU A 1030 -18.84 -22.26 -0.14
CA GLU A 1030 -17.46 -22.23 -0.60
C GLU A 1030 -17.13 -23.53 -1.33
N TYR A 1031 -16.69 -23.41 -2.59
CA TYR A 1031 -16.40 -24.59 -3.42
C TYR A 1031 -14.92 -24.82 -3.77
N ASP A 1032 -14.69 -26.00 -4.36
CA ASP A 1032 -13.49 -26.60 -4.95
C ASP A 1032 -13.47 -26.15 -6.43
N SER A 1033 -12.41 -26.51 -7.17
CA SER A 1033 -12.34 -26.26 -8.62
C SER A 1033 -13.33 -27.22 -9.32
N SER A 1034 -13.61 -28.38 -8.68
CA SER A 1034 -14.52 -29.45 -9.12
C SER A 1034 -15.98 -29.23 -8.68
N ASP A 1035 -16.31 -28.00 -8.22
CA ASP A 1035 -17.64 -27.59 -7.75
C ASP A 1035 -18.17 -28.45 -6.59
N ARG A 1036 -17.27 -28.84 -5.68
CA ARG A 1036 -17.61 -29.62 -4.49
C ARG A 1036 -17.37 -28.74 -3.26
N LEU A 1037 -18.29 -28.77 -2.29
CA LEU A 1037 -18.22 -27.94 -1.09
C LEU A 1037 -17.03 -28.16 -0.16
N HIS A 1038 -16.44 -27.05 0.33
N HIS A 1038 -16.45 -27.08 0.38
CA HIS A 1038 -15.33 -26.97 1.29
CA HIS A 1038 -15.40 -27.18 1.40
C HIS A 1038 -15.92 -26.54 2.64
C HIS A 1038 -15.89 -26.52 2.70
N ALA A 1039 -16.90 -25.61 2.59
CA ALA A 1039 -17.54 -24.95 3.72
C ALA A 1039 -18.90 -24.33 3.36
N VAL A 1040 -19.76 -24.17 4.38
CA VAL A 1040 -21.06 -23.50 4.33
C VAL A 1040 -21.16 -22.60 5.56
N THR A 1041 -21.35 -21.30 5.36
CA THR A 1041 -21.55 -20.31 6.40
C THR A 1041 -23.03 -20.00 6.41
N MET A 1042 -23.65 -20.14 7.59
CA MET A 1042 -25.08 -19.91 7.80
C MET A 1042 -25.36 -18.43 8.10
N PRO A 1043 -26.64 -17.94 8.00
CA PRO A 1043 -26.91 -16.54 8.38
C PRO A 1043 -26.47 -16.15 9.79
N SER A 1044 -26.38 -17.12 10.73
CA SER A 1044 -25.91 -16.92 12.11
C SER A 1044 -24.39 -16.66 12.20
N VAL A 1045 -23.69 -16.78 11.04
CA VAL A 1045 -22.25 -16.61 10.80
C VAL A 1045 -21.46 -17.86 11.30
N ALA A 1046 -22.17 -18.99 11.50
CA ALA A 1046 -21.57 -20.27 11.90
C ALA A 1046 -21.12 -21.03 10.64
N ARG A 1047 -19.81 -21.32 10.55
CA ARG A 1047 -19.16 -22.01 9.44
C ARG A 1047 -19.04 -23.53 9.66
N HIS A 1048 -19.76 -24.29 8.81
CA HIS A 1048 -19.76 -25.75 8.71
C HIS A 1048 -18.69 -26.10 7.66
N SER A 1049 -17.86 -27.13 7.91
CA SER A 1049 -16.80 -27.51 6.98
C SER A 1049 -16.88 -28.96 6.57
N MET A 1050 -16.47 -29.23 5.32
CA MET A 1050 -16.51 -30.55 4.71
C MET A 1050 -15.24 -30.86 3.92
N SER A 1051 -14.89 -32.15 3.81
CA SER A 1051 -13.77 -32.68 3.04
C SER A 1051 -14.01 -34.14 2.67
N THR A 1052 -13.42 -34.57 1.56
CA THR A 1052 -13.47 -35.93 1.05
C THR A 1052 -12.02 -36.34 0.79
N HIS A 1053 -11.68 -37.60 1.04
CA HIS A 1053 -10.35 -38.12 0.74
C HIS A 1053 -10.38 -39.61 0.40
N THR A 1054 -9.44 -40.03 -0.44
CA THR A 1054 -9.22 -41.44 -0.77
C THR A 1054 -8.58 -42.05 0.49
N SER A 1055 -9.18 -43.14 0.98
CA SER A 1055 -8.69 -43.86 2.15
C SER A 1055 -8.17 -45.24 1.68
N VAL A 1056 -8.01 -46.22 2.59
CA VAL A 1056 -7.57 -47.56 2.22
C VAL A 1056 -8.81 -48.47 2.14
N GLY A 1057 -9.24 -48.77 0.91
CA GLY A 1057 -10.39 -49.62 0.59
C GLY A 1057 -11.70 -48.88 0.39
N TYR A 1058 -11.73 -47.57 0.64
CA TYR A 1058 -12.93 -46.72 0.52
C TYR A 1058 -12.61 -45.24 0.34
N ILE A 1059 -13.67 -44.43 0.12
CA ILE A 1059 -13.61 -42.98 -0.02
C ILE A 1059 -14.30 -42.43 1.23
N ARG A 1060 -13.58 -41.63 2.04
CA ARG A 1060 -14.10 -41.05 3.29
C ARG A 1060 -14.62 -39.63 3.08
N ASN A 1061 -15.89 -39.37 3.46
CA ASN A 1061 -16.51 -38.04 3.38
C ASN A 1061 -16.78 -37.57 4.80
N ILE A 1062 -16.09 -36.47 5.21
CA ILE A 1062 -16.21 -35.90 6.55
C ILE A 1062 -17.00 -34.59 6.58
N TYR A 1063 -17.97 -34.49 7.49
CA TYR A 1063 -18.69 -33.25 7.76
C TYR A 1063 -18.37 -32.84 9.20
N ASN A 1064 -17.87 -31.60 9.37
CA ASN A 1064 -17.55 -31.04 10.67
C ASN A 1064 -18.51 -29.91 11.05
N PRO A 1065 -19.26 -30.05 12.17
CA PRO A 1065 -20.17 -28.99 12.62
C PRO A 1065 -19.42 -27.71 13.02
N PRO A 1066 -20.09 -26.53 13.13
CA PRO A 1066 -19.37 -25.30 13.52
C PRO A 1066 -18.66 -25.39 14.87
N GLU A 1067 -17.37 -25.00 14.91
CA GLU A 1067 -16.48 -24.99 16.09
C GLU A 1067 -16.53 -26.32 16.87
N SER A 1068 -16.51 -27.42 16.12
CA SER A 1068 -16.61 -28.76 16.69
C SER A 1068 -15.74 -29.77 15.93
N ASN A 1069 -15.31 -30.81 16.64
CA ASN A 1069 -14.50 -31.93 16.12
C ASN A 1069 -15.37 -33.20 16.04
N ALA A 1070 -16.68 -33.07 16.37
CA ALA A 1070 -17.68 -34.14 16.35
C ALA A 1070 -18.09 -34.42 14.90
N SER A 1071 -17.15 -35.03 14.15
CA SER A 1071 -17.28 -35.38 12.74
C SER A 1071 -18.36 -36.40 12.44
N VAL A 1072 -19.07 -36.19 11.32
CA VAL A 1072 -20.09 -37.09 10.78
C VAL A 1072 -19.48 -37.63 9.50
N ILE A 1073 -19.12 -38.93 9.51
CA ILE A 1073 -18.41 -39.59 8.40
C ILE A 1073 -19.26 -40.61 7.65
N PHE A 1074 -19.20 -40.53 6.31
CA PHE A 1074 -19.87 -41.45 5.41
C PHE A 1074 -18.80 -42.08 4.52
N ASP A 1075 -18.51 -43.37 4.74
CA ASP A 1075 -17.51 -44.14 4.00
C ASP A 1075 -18.17 -44.93 2.89
N TYR A 1076 -17.72 -44.70 1.64
CA TYR A 1076 -18.27 -45.34 0.45
C TYR A 1076 -17.23 -46.14 -0.29
N SER A 1077 -17.66 -47.26 -0.89
CA SER A 1077 -16.81 -48.10 -1.72
C SER A 1077 -16.64 -47.43 -3.10
N ASP A 1078 -15.73 -47.95 -3.93
CA ASP A 1078 -15.43 -47.44 -5.28
C ASP A 1078 -16.64 -47.45 -6.23
N ASP A 1079 -17.59 -48.39 -6.00
CA ASP A 1079 -18.82 -48.52 -6.79
C ASP A 1079 -19.98 -47.65 -6.27
N GLY A 1080 -19.75 -46.89 -5.20
CA GLY A 1080 -20.71 -45.96 -4.61
C GLY A 1080 -21.69 -46.53 -3.60
N ARG A 1081 -21.34 -47.66 -2.95
CA ARG A 1081 -22.16 -48.32 -1.93
C ARG A 1081 -21.66 -47.91 -0.55
N ILE A 1082 -22.59 -47.59 0.39
CA ILE A 1082 -22.30 -47.20 1.78
C ILE A 1082 -21.65 -48.37 2.54
N LEU A 1083 -20.55 -48.09 3.26
CA LEU A 1083 -19.81 -49.09 4.03
C LEU A 1083 -19.87 -48.84 5.52
N LYS A 1084 -19.79 -47.55 5.92
CA LYS A 1084 -19.81 -47.12 7.32
C LYS A 1084 -20.35 -45.70 7.47
N THR A 1085 -21.17 -45.50 8.50
CA THR A 1085 -21.72 -44.23 8.95
C THR A 1085 -21.16 -44.05 10.36
N SER A 1086 -20.37 -42.97 10.58
CA SER A 1086 -19.74 -42.65 11.87
C SER A 1086 -20.19 -41.31 12.41
N PHE A 1087 -20.33 -41.23 13.74
CA PHE A 1087 -20.65 -40.01 14.48
C PHE A 1087 -19.60 -39.96 15.58
N LEU A 1088 -18.50 -39.25 15.31
CA LEU A 1088 -17.33 -39.15 16.18
C LEU A 1088 -17.56 -38.40 17.51
N GLY A 1089 -18.69 -37.70 17.63
CA GLY A 1089 -19.07 -36.98 18.84
C GLY A 1089 -19.26 -37.88 20.06
N THR A 1090 -20.03 -38.99 19.90
CA THR A 1090 -20.27 -39.95 20.98
C THR A 1090 -19.72 -41.35 20.63
N GLY A 1091 -19.39 -41.57 19.37
CA GLY A 1091 -18.83 -42.84 18.90
C GLY A 1091 -19.80 -43.77 18.21
N ARG A 1092 -20.95 -43.24 17.76
CA ARG A 1092 -21.99 -44.01 17.05
C ARG A 1092 -21.46 -44.51 15.71
N GLN A 1093 -21.64 -45.80 15.41
CA GLN A 1093 -21.18 -46.42 14.16
C GLN A 1093 -22.17 -47.45 13.61
N VAL A 1094 -22.41 -47.40 12.29
CA VAL A 1094 -23.24 -48.35 11.56
C VAL A 1094 -22.36 -48.91 10.45
N PHE A 1095 -22.13 -50.24 10.47
CA PHE A 1095 -21.31 -50.96 9.48
C PHE A 1095 -22.21 -51.71 8.49
N TYR A 1096 -21.94 -51.56 7.18
CA TYR A 1096 -22.70 -52.23 6.12
C TYR A 1096 -21.77 -53.19 5.38
N LYS A 1097 -22.12 -54.49 5.38
CA LYS A 1097 -21.36 -55.55 4.73
C LYS A 1097 -22.12 -56.15 3.54
N TYR A 1098 -21.38 -56.52 2.48
CA TYR A 1098 -21.94 -57.09 1.25
C TYR A 1098 -21.37 -58.48 1.00
N GLY A 1099 -22.27 -59.43 0.71
CA GLY A 1099 -21.93 -60.83 0.50
C GLY A 1099 -21.57 -61.25 -0.90
N LYS A 1100 -21.49 -62.59 -1.10
CA LYS A 1100 -21.13 -63.29 -2.34
C LYS A 1100 -22.01 -62.93 -3.56
N LEU A 1101 -23.24 -62.43 -3.33
CA LEU A 1101 -24.18 -62.05 -4.39
C LEU A 1101 -24.13 -60.54 -4.69
N SER A 1102 -23.14 -59.82 -4.09
CA SER A 1102 -22.93 -58.37 -4.19
C SER A 1102 -24.13 -57.56 -3.61
N LYS A 1103 -24.93 -58.22 -2.75
CA LYS A 1103 -26.09 -57.67 -2.06
C LYS A 1103 -25.76 -57.53 -0.58
N LEU A 1104 -26.47 -56.63 0.13
CA LEU A 1104 -26.33 -56.37 1.56
C LEU A 1104 -26.48 -57.69 2.33
N SER A 1105 -25.45 -58.06 3.11
CA SER A 1105 -25.43 -59.32 3.86
C SER A 1105 -25.51 -59.11 5.38
N GLU A 1106 -24.93 -57.99 5.88
CA GLU A 1106 -24.90 -57.70 7.32
C GLU A 1106 -24.89 -56.21 7.64
N ILE A 1107 -25.59 -55.82 8.70
CA ILE A 1107 -25.62 -54.48 9.29
C ILE A 1107 -25.25 -54.66 10.76
N VAL A 1108 -24.17 -54.00 11.20
CA VAL A 1108 -23.70 -54.08 12.59
C VAL A 1108 -23.64 -52.67 13.20
N TYR A 1109 -24.29 -52.51 14.36
CA TYR A 1109 -24.32 -51.27 15.15
C TYR A 1109 -24.45 -51.64 16.61
N ASP A 1110 -23.62 -51.00 17.48
CA ASP A 1110 -23.56 -51.23 18.93
C ASP A 1110 -23.28 -52.73 19.21
N SER A 1111 -24.25 -53.46 19.82
CA SER A 1111 -24.15 -54.89 20.09
C SER A 1111 -25.14 -55.68 19.21
N THR A 1112 -25.81 -54.98 18.27
CA THR A 1112 -26.79 -55.53 17.36
C THR A 1112 -26.18 -55.92 16.01
N ALA A 1113 -26.44 -57.16 15.57
CA ALA A 1113 -26.01 -57.71 14.29
C ALA A 1113 -27.26 -58.13 13.51
N VAL A 1114 -27.42 -57.59 12.30
CA VAL A 1114 -28.56 -57.85 11.41
C VAL A 1114 -28.04 -58.64 10.22
N THR A 1115 -28.55 -59.87 10.01
CA THR A 1115 -28.12 -60.71 8.89
C THR A 1115 -29.19 -60.85 7.82
N PHE A 1116 -28.76 -60.77 6.54
CA PHE A 1116 -29.62 -60.90 5.37
C PHE A 1116 -29.27 -62.21 4.68
N GLY A 1117 -30.20 -63.16 4.77
CA GLY A 1117 -30.05 -64.49 4.19
C GLY A 1117 -30.68 -64.62 2.83
N TYR A 1118 -29.90 -65.06 1.85
CA TYR A 1118 -30.35 -65.25 0.49
C TYR A 1118 -30.38 -66.73 0.13
N ASP A 1119 -31.34 -67.14 -0.71
CA ASP A 1119 -31.49 -68.53 -1.15
C ASP A 1119 -30.29 -68.92 -2.02
N GLU A 1120 -29.65 -70.06 -1.70
CA GLU A 1120 -28.44 -70.58 -2.36
C GLU A 1120 -28.58 -70.75 -3.89
N THR A 1121 -29.81 -71.06 -4.38
CA THR A 1121 -30.09 -71.30 -5.79
C THR A 1121 -30.75 -70.10 -6.50
N THR A 1122 -31.86 -69.58 -5.95
CA THR A 1122 -32.65 -68.48 -6.55
C THR A 1122 -32.08 -67.07 -6.31
N GLY A 1123 -31.26 -66.93 -5.27
CA GLY A 1123 -30.64 -65.65 -4.90
C GLY A 1123 -31.56 -64.64 -4.25
N VAL A 1124 -32.85 -64.98 -4.09
CA VAL A 1124 -33.85 -64.10 -3.47
C VAL A 1124 -33.63 -63.95 -1.97
N LEU A 1125 -34.06 -62.79 -1.40
CA LEU A 1125 -33.98 -62.52 0.02
C LEU A 1125 -34.97 -63.43 0.75
N LYS A 1126 -34.42 -64.38 1.51
CA LYS A 1126 -35.16 -65.41 2.23
C LYS A 1126 -35.38 -65.00 3.70
N MET A 1127 -34.37 -64.37 4.32
CA MET A 1127 -34.40 -64.01 5.73
C MET A 1127 -33.72 -62.67 6.07
N VAL A 1128 -34.27 -61.99 7.08
CA VAL A 1128 -33.73 -60.76 7.68
C VAL A 1128 -33.81 -61.01 9.18
N ASN A 1129 -32.65 -61.23 9.83
CA ASN A 1129 -32.61 -61.52 11.26
C ASN A 1129 -31.81 -60.50 12.07
N LEU A 1130 -32.48 -59.81 13.00
CA LEU A 1130 -31.87 -58.85 13.91
C LEU A 1130 -31.57 -59.60 15.21
N GLN A 1131 -30.32 -59.53 15.68
CA GLN A 1131 -29.88 -60.18 16.90
C GLN A 1131 -29.18 -59.17 17.83
N SER A 1132 -29.82 -58.86 18.97
CA SER A 1132 -29.28 -57.95 19.98
C SER A 1132 -29.24 -58.66 21.34
N GLY A 1133 -28.23 -59.50 21.51
CA GLY A 1133 -28.04 -60.30 22.71
C GLY A 1133 -29.05 -61.43 22.78
N GLY A 1134 -29.94 -61.35 23.76
CA GLY A 1134 -31.01 -62.33 23.95
C GLY A 1134 -32.14 -62.18 22.96
N PHE A 1135 -32.52 -60.92 22.66
CA PHE A 1135 -33.58 -60.58 21.71
C PHE A 1135 -33.20 -60.95 20.28
N SER A 1136 -34.15 -61.55 19.57
CA SER A 1136 -34.04 -61.98 18.19
C SER A 1136 -35.34 -61.66 17.47
N CYS A 1137 -35.24 -61.00 16.31
CA CYS A 1137 -36.37 -60.65 15.48
C CYS A 1137 -36.07 -61.12 14.06
N THR A 1138 -36.83 -62.13 13.58
CA THR A 1138 -36.62 -62.73 12.27
C THR A 1138 -37.81 -62.49 11.33
N ILE A 1139 -37.52 -62.00 10.12
CA ILE A 1139 -38.50 -61.83 9.05
C ILE A 1139 -38.12 -62.82 7.95
N ARG A 1140 -39.04 -63.72 7.57
CA ARG A 1140 -38.80 -64.71 6.53
C ARG A 1140 -39.75 -64.54 5.37
N TYR A 1141 -39.23 -64.72 4.14
CA TYR A 1141 -40.01 -64.57 2.92
C TYR A 1141 -39.97 -65.80 2.05
N ARG A 1142 -41.08 -66.07 1.36
CA ARG A 1142 -41.23 -67.10 0.35
C ARG A 1142 -41.63 -66.32 -0.89
N LYS A 1143 -41.02 -66.61 -2.04
CA LYS A 1143 -41.29 -65.85 -3.25
C LYS A 1143 -41.68 -66.69 -4.47
N ILE A 1144 -42.53 -66.12 -5.34
CA ILE A 1144 -42.95 -66.66 -6.63
C ILE A 1144 -42.19 -65.74 -7.60
N GLY A 1145 -41.00 -66.18 -8.02
CA GLY A 1145 -40.11 -65.37 -8.84
C GLY A 1145 -39.62 -64.23 -7.98
N PRO A 1146 -39.84 -62.95 -8.39
CA PRO A 1146 -39.42 -61.82 -7.53
C PRO A 1146 -40.53 -61.31 -6.58
N LEU A 1147 -41.74 -61.91 -6.63
CA LEU A 1147 -42.91 -61.51 -5.85
C LEU A 1147 -43.10 -62.28 -4.54
N VAL A 1148 -43.32 -61.55 -3.43
CA VAL A 1148 -43.54 -62.13 -2.09
C VAL A 1148 -44.95 -62.78 -2.03
N ASP A 1149 -45.02 -64.06 -1.64
CA ASP A 1149 -46.30 -64.76 -1.48
C ASP A 1149 -46.55 -65.17 -0.01
N LYS A 1150 -45.53 -64.96 0.84
CA LYS A 1150 -45.54 -65.28 2.27
C LYS A 1150 -44.53 -64.42 3.05
N GLN A 1151 -44.96 -63.84 4.17
CA GLN A 1151 -44.15 -63.00 5.05
C GLN A 1151 -44.39 -63.48 6.50
N ILE A 1152 -43.33 -63.95 7.17
CA ILE A 1152 -43.38 -64.48 8.55
C ILE A 1152 -42.56 -63.58 9.48
N TYR A 1153 -43.12 -63.27 10.66
CA TYR A 1153 -42.47 -62.49 11.73
C TYR A 1153 -42.29 -63.42 12.92
N ARG A 1154 -41.04 -63.61 13.38
CA ARG A 1154 -40.73 -64.47 14.52
C ARG A 1154 -39.87 -63.78 15.57
N PHE A 1155 -40.23 -63.95 16.85
CA PHE A 1155 -39.54 -63.33 17.99
C PHE A 1155 -39.10 -64.34 19.05
N SER A 1156 -37.96 -64.07 19.69
CA SER A 1156 -37.40 -64.91 20.75
C SER A 1156 -37.98 -64.57 22.13
N GLU A 1157 -38.45 -63.32 22.32
CA GLU A 1157 -39.03 -62.83 23.58
C GLU A 1157 -40.19 -63.66 24.08
N GLU A 1158 -40.29 -63.81 25.41
CA GLU A 1158 -41.30 -64.61 26.11
C GLU A 1158 -42.75 -64.23 25.78
N GLY A 1159 -43.08 -62.95 25.96
CA GLY A 1159 -44.44 -62.43 25.76
C GLY A 1159 -44.85 -62.08 24.35
N MET A 1160 -43.88 -61.78 23.48
CA MET A 1160 -44.12 -61.35 22.10
C MET A 1160 -44.76 -62.40 21.21
N VAL A 1161 -45.73 -61.96 20.39
CA VAL A 1161 -46.49 -62.81 19.47
C VAL A 1161 -45.90 -62.76 18.05
N ASN A 1162 -46.01 -63.89 17.32
CA ASN A 1162 -45.54 -64.04 15.95
C ASN A 1162 -46.66 -63.71 14.95
N ALA A 1163 -46.29 -63.47 13.69
CA ALA A 1163 -47.25 -63.14 12.62
C ALA A 1163 -46.90 -63.84 11.30
N ARG A 1164 -47.94 -64.09 10.47
CA ARG A 1164 -47.84 -64.72 9.16
C ARG A 1164 -48.81 -64.01 8.22
N PHE A 1165 -48.33 -63.68 7.01
CA PHE A 1165 -49.15 -63.04 5.98
C PHE A 1165 -48.99 -63.81 4.69
N ASP A 1166 -50.10 -64.40 4.20
CA ASP A 1166 -50.13 -65.17 2.96
C ASP A 1166 -50.72 -64.30 1.86
N TYR A 1167 -50.05 -64.27 0.71
CA TYR A 1167 -50.45 -63.47 -0.44
C TYR A 1167 -50.70 -64.36 -1.64
N THR A 1168 -51.70 -63.99 -2.46
CA THR A 1168 -52.03 -64.65 -3.73
C THR A 1168 -52.04 -63.57 -4.79
N TYR A 1169 -51.75 -63.94 -6.03
CA TYR A 1169 -51.71 -63.00 -7.15
C TYR A 1169 -52.77 -63.33 -8.17
N HIS A 1170 -53.33 -62.30 -8.84
CA HIS A 1170 -54.34 -62.48 -9.87
C HIS A 1170 -53.74 -63.27 -11.04
N ASP A 1171 -54.54 -64.13 -11.67
CA ASP A 1171 -54.12 -64.94 -12.81
C ASP A 1171 -53.58 -64.06 -13.93
N ASN A 1172 -52.44 -64.47 -14.51
CA ASN A 1172 -51.75 -63.80 -15.64
C ASN A 1172 -51.40 -62.34 -15.35
N SER A 1173 -50.93 -62.06 -14.11
CA SER A 1173 -50.54 -60.73 -13.66
C SER A 1173 -49.60 -60.75 -12.46
N PHE A 1174 -49.12 -59.55 -12.07
CA PHE A 1174 -48.24 -59.28 -10.92
C PHE A 1174 -49.05 -58.56 -9.82
N ARG A 1175 -50.38 -58.48 -10.00
CA ARG A 1175 -51.33 -57.84 -9.09
C ARG A 1175 -51.65 -58.74 -7.89
N ILE A 1176 -51.53 -58.18 -6.66
CA ILE A 1176 -51.86 -58.88 -5.40
C ILE A 1176 -53.38 -59.02 -5.36
N ALA A 1177 -53.89 -60.26 -5.26
CA ALA A 1177 -55.32 -60.54 -5.23
C ALA A 1177 -55.87 -60.64 -3.81
N SER A 1178 -55.07 -61.19 -2.87
CA SER A 1178 -55.49 -61.38 -1.48
C SER A 1178 -54.34 -61.33 -0.49
N ILE A 1179 -54.68 -60.98 0.77
CA ILE A 1179 -53.80 -60.93 1.94
C ILE A 1179 -54.54 -61.69 3.05
N LYS A 1180 -53.95 -62.77 3.58
CA LYS A 1180 -54.54 -63.55 4.67
C LYS A 1180 -53.62 -63.49 5.91
N PRO A 1181 -53.97 -62.64 6.92
CA PRO A 1181 -53.12 -62.55 8.11
C PRO A 1181 -53.44 -63.59 9.19
N ILE A 1182 -52.40 -63.99 9.94
CA ILE A 1182 -52.47 -64.91 11.09
C ILE A 1182 -51.52 -64.35 12.17
N ILE A 1183 -52.08 -63.61 13.15
CA ILE A 1183 -51.33 -63.01 14.26
C ILE A 1183 -51.63 -63.82 15.53
N SER A 1184 -50.57 -64.26 16.26
CA SER A 1184 -50.66 -65.04 17.50
C SER A 1184 -51.51 -66.31 17.36
N GLU A 1185 -51.34 -67.02 16.22
CA GLU A 1185 -52.05 -68.25 15.84
C GLU A 1185 -53.59 -68.05 15.77
N THR A 1186 -54.02 -66.78 15.53
CA THR A 1186 -55.42 -66.37 15.39
C THR A 1186 -55.64 -65.90 13.93
N PRO A 1187 -56.28 -66.73 13.07
CA PRO A 1187 -56.51 -66.30 11.67
C PRO A 1187 -57.48 -65.11 11.59
N LEU A 1188 -57.14 -64.14 10.74
CA LEU A 1188 -57.94 -62.94 10.51
C LEU A 1188 -58.64 -63.00 9.15
N PRO A 1189 -59.72 -62.23 8.90
CA PRO A 1189 -60.38 -62.28 7.58
C PRO A 1189 -59.48 -61.87 6.42
N VAL A 1190 -59.68 -62.53 5.26
CA VAL A 1190 -58.92 -62.29 4.02
C VAL A 1190 -59.38 -60.99 3.35
N ASP A 1191 -58.41 -60.17 2.91
CA ASP A 1191 -58.69 -58.91 2.24
C ASP A 1191 -58.48 -59.09 0.75
N LEU A 1192 -59.55 -58.97 -0.03
CA LEU A 1192 -59.50 -59.14 -1.47
C LEU A 1192 -59.27 -57.82 -2.17
N TYR A 1193 -58.47 -57.86 -3.24
CA TYR A 1193 -58.13 -56.69 -4.05
C TYR A 1193 -58.60 -56.90 -5.49
N ARG A 1194 -59.40 -55.95 -6.00
CA ARG A 1194 -59.93 -55.96 -7.37
C ARG A 1194 -59.43 -54.74 -8.10
N TYR A 1195 -59.03 -54.91 -9.36
CA TYR A 1195 -58.44 -53.83 -10.16
C TYR A 1195 -59.08 -53.69 -11.53
N ASP A 1196 -58.89 -52.51 -12.16
CA ASP A 1196 -59.30 -52.25 -13.53
C ASP A 1196 -58.12 -52.73 -14.37
N GLU A 1197 -58.36 -53.70 -15.26
CA GLU A 1197 -57.32 -54.31 -16.11
C GLU A 1197 -56.72 -53.37 -17.17
N ILE A 1198 -57.40 -52.23 -17.46
CA ILE A 1198 -56.99 -51.25 -18.46
C ILE A 1198 -56.11 -50.13 -17.86
N SER A 1199 -56.32 -49.79 -16.58
CA SER A 1199 -55.59 -48.70 -15.90
C SER A 1199 -54.75 -49.10 -14.68
N GLY A 1200 -55.09 -50.22 -14.05
CA GLY A 1200 -54.42 -50.68 -12.83
C GLY A 1200 -55.01 -50.07 -11.57
N LYS A 1201 -56.11 -49.30 -11.72
CA LYS A 1201 -56.84 -48.64 -10.63
C LYS A 1201 -57.41 -49.68 -9.66
N VAL A 1202 -57.22 -49.46 -8.35
CA VAL A 1202 -57.78 -50.34 -7.31
C VAL A 1202 -59.27 -50.02 -7.24
N GLU A 1203 -60.12 -50.96 -7.62
CA GLU A 1203 -61.58 -50.80 -7.62
C GLU A 1203 -62.21 -51.30 -6.31
N HIS A 1204 -61.53 -52.23 -5.63
CA HIS A 1204 -62.01 -52.81 -4.37
C HIS A 1204 -60.85 -53.29 -3.51
N PHE A 1205 -60.86 -52.91 -2.22
CA PHE A 1205 -59.84 -53.33 -1.25
C PHE A 1205 -60.51 -53.61 0.08
N GLY A 1206 -60.39 -54.85 0.55
CA GLY A 1206 -61.04 -55.30 1.78
C GLY A 1206 -62.55 -55.30 1.58
N LYS A 1207 -63.23 -54.39 2.31
CA LYS A 1207 -64.68 -54.18 2.27
C LYS A 1207 -65.06 -52.87 1.52
N PHE A 1208 -64.05 -52.10 1.13
CA PHE A 1208 -64.19 -50.79 0.47
C PHE A 1208 -64.13 -50.86 -1.06
N GLY A 1209 -65.00 -50.08 -1.70
CA GLY A 1209 -65.08 -49.94 -3.15
C GLY A 1209 -64.64 -48.55 -3.58
N VAL A 1210 -63.86 -48.45 -4.67
CA VAL A 1210 -63.34 -47.16 -5.14
C VAL A 1210 -63.92 -46.73 -6.49
N ILE A 1211 -64.43 -45.48 -6.55
CA ILE A 1211 -64.98 -44.86 -7.75
C ILE A 1211 -64.07 -43.69 -8.15
N TYR A 1212 -63.73 -43.61 -9.43
CA TYR A 1212 -62.87 -42.57 -9.98
C TYR A 1212 -63.63 -41.74 -11.00
N TYR A 1213 -63.59 -40.41 -10.84
CA TYR A 1213 -64.18 -39.46 -11.77
C TYR A 1213 -63.19 -38.29 -11.84
N ASP A 1214 -62.63 -38.05 -13.05
CA ASP A 1214 -61.58 -37.06 -13.31
C ASP A 1214 -60.36 -37.43 -12.42
N ILE A 1215 -59.94 -36.55 -11.50
CA ILE A 1215 -58.84 -36.85 -10.57
C ILE A 1215 -59.38 -37.03 -9.13
N ASN A 1216 -60.70 -36.90 -8.95
CA ASN A 1216 -61.37 -37.06 -7.66
C ASN A 1216 -61.70 -38.53 -7.37
N GLN A 1217 -61.73 -38.91 -6.07
CA GLN A 1217 -61.98 -40.29 -5.63
C GLN A 1217 -63.05 -40.42 -4.57
N ILE A 1218 -63.80 -41.54 -4.61
CA ILE A 1218 -64.86 -41.88 -3.65
C ILE A 1218 -64.62 -43.30 -3.12
N ILE A 1219 -64.45 -43.42 -1.79
CA ILE A 1219 -64.29 -44.71 -1.12
C ILE A 1219 -65.64 -45.02 -0.48
N THR A 1220 -66.28 -46.11 -0.91
CA THR A 1220 -67.63 -46.48 -0.46
C THR A 1220 -67.73 -47.85 0.21
N THR A 1221 -68.75 -47.96 1.07
CA THR A 1221 -69.21 -49.11 1.84
C THR A 1221 -70.73 -48.90 1.91
N ALA A 1222 -71.51 -49.92 2.30
CA ALA A 1222 -72.97 -49.79 2.43
C ALA A 1222 -73.32 -48.76 3.52
N VAL A 1223 -72.37 -48.49 4.44
CA VAL A 1223 -72.48 -47.57 5.56
C VAL A 1223 -71.85 -46.19 5.26
N MET A 1224 -70.57 -46.16 4.84
CA MET A 1224 -69.84 -44.91 4.60
C MET A 1224 -69.52 -44.58 3.14
N THR A 1225 -69.26 -43.28 2.88
CA THR A 1225 -68.81 -42.70 1.60
C THR A 1225 -67.79 -41.59 1.94
N LEU A 1226 -66.56 -41.75 1.47
CA LEU A 1226 -65.49 -40.77 1.66
C LEU A 1226 -65.16 -40.16 0.31
N SER A 1227 -65.55 -38.88 0.13
CA SER A 1227 -65.32 -38.15 -1.12
C SER A 1227 -64.17 -37.16 -1.01
N LYS A 1228 -63.17 -37.32 -1.89
CA LYS A 1228 -61.99 -36.46 -1.94
C LYS A 1228 -61.99 -35.66 -3.24
N HIS A 1229 -62.04 -34.33 -3.11
CA HIS A 1229 -62.07 -33.37 -4.22
C HIS A 1229 -60.75 -32.62 -4.30
N PHE A 1230 -60.18 -32.56 -5.51
CA PHE A 1230 -58.91 -31.90 -5.77
C PHE A 1230 -59.09 -30.73 -6.72
N ASP A 1231 -58.30 -29.66 -6.53
CA ASP A 1231 -58.35 -28.47 -7.38
C ASP A 1231 -57.57 -28.69 -8.69
N THR A 1232 -57.46 -27.63 -9.53
CA THR A 1232 -56.77 -27.65 -10.83
C THR A 1232 -55.27 -27.99 -10.74
N HIS A 1233 -54.64 -27.80 -9.56
CA HIS A 1233 -53.22 -28.11 -9.32
C HIS A 1233 -53.03 -29.50 -8.66
N GLY A 1234 -54.12 -30.28 -8.61
CA GLY A 1234 -54.12 -31.61 -8.03
C GLY A 1234 -54.02 -31.64 -6.51
N ARG A 1235 -54.23 -30.48 -5.87
CA ARG A 1235 -54.17 -30.35 -4.41
C ARG A 1235 -55.57 -30.51 -3.83
N ILE A 1236 -55.67 -31.20 -2.68
CA ILE A 1236 -56.95 -31.43 -2.00
C ILE A 1236 -57.64 -30.10 -1.66
N LYS A 1237 -58.91 -29.96 -2.05
CA LYS A 1237 -59.70 -28.75 -1.79
C LYS A 1237 -60.90 -29.03 -0.90
N GLU A 1238 -61.42 -30.29 -0.91
CA GLU A 1238 -62.56 -30.70 -0.10
C GLU A 1238 -62.58 -32.20 0.19
N VAL A 1239 -62.81 -32.54 1.46
CA VAL A 1239 -62.98 -33.91 1.95
C VAL A 1239 -64.39 -33.97 2.54
N GLN A 1240 -65.16 -35.00 2.17
CA GLN A 1240 -66.54 -35.19 2.62
C GLN A 1240 -66.73 -36.65 3.08
N TYR A 1241 -66.81 -36.86 4.41
CA TYR A 1241 -66.98 -38.16 5.04
C TYR A 1241 -68.44 -38.32 5.54
N GLU A 1242 -69.19 -39.25 4.93
CA GLU A 1242 -70.59 -39.52 5.25
C GLU A 1242 -70.80 -40.94 5.76
N MET A 1243 -71.60 -41.08 6.83
CA MET A 1243 -71.96 -42.37 7.44
C MET A 1243 -73.47 -42.42 7.55
N PHE A 1244 -74.10 -43.52 7.11
CA PHE A 1244 -75.56 -43.72 7.11
C PHE A 1244 -76.30 -42.54 6.44
N ARG A 1245 -75.75 -42.07 5.30
CA ARG A 1245 -76.23 -40.96 4.46
C ARG A 1245 -76.25 -39.59 5.20
N SER A 1246 -75.46 -39.48 6.30
CA SER A 1246 -75.34 -38.27 7.13
C SER A 1246 -73.88 -37.81 7.19
N LEU A 1247 -73.64 -36.50 7.00
CA LEU A 1247 -72.31 -35.89 7.01
C LEU A 1247 -71.67 -35.89 8.40
N MET A 1248 -70.58 -36.65 8.56
CA MET A 1248 -69.85 -36.77 9.82
C MET A 1248 -68.66 -35.83 9.88
N TYR A 1249 -68.00 -35.56 8.74
CA TYR A 1249 -66.83 -34.70 8.67
C TYR A 1249 -66.64 -34.09 7.29
N TRP A 1250 -66.32 -32.79 7.25
CA TRP A 1250 -65.98 -32.08 6.01
C TRP A 1250 -64.90 -31.05 6.26
N MET A 1251 -63.93 -31.01 5.35
CA MET A 1251 -62.80 -30.08 5.37
C MET A 1251 -62.66 -29.43 4.01
N THR A 1252 -62.32 -28.12 3.99
CA THR A 1252 -62.00 -27.38 2.76
C THR A 1252 -60.68 -26.70 2.93
N VAL A 1253 -59.76 -26.91 1.97
CA VAL A 1253 -58.42 -26.32 2.00
C VAL A 1253 -58.28 -25.33 0.84
N GLN A 1254 -57.74 -24.15 1.14
CA GLN A 1254 -57.48 -23.07 0.19
C GLN A 1254 -55.99 -22.76 0.22
N TYR A 1255 -55.42 -22.50 -0.95
CA TYR A 1255 -53.98 -22.25 -1.11
C TYR A 1255 -53.69 -20.90 -1.73
N ASP A 1256 -52.46 -20.39 -1.52
CA ASP A 1256 -52.02 -19.16 -2.18
C ASP A 1256 -51.41 -19.52 -3.54
N SER A 1257 -50.79 -18.55 -4.24
CA SER A 1257 -50.15 -18.75 -5.55
C SER A 1257 -49.08 -19.84 -5.53
N MET A 1258 -48.29 -19.92 -4.43
CA MET A 1258 -47.19 -20.87 -4.27
C MET A 1258 -47.57 -22.25 -3.69
N GLY A 1259 -48.86 -22.49 -3.48
CA GLY A 1259 -49.33 -23.78 -2.95
C GLY A 1259 -49.28 -23.91 -1.44
N ARG A 1260 -49.19 -22.78 -0.72
CA ARG A 1260 -49.19 -22.75 0.75
C ARG A 1260 -50.64 -22.69 1.24
N VAL A 1261 -50.98 -23.52 2.24
CA VAL A 1261 -52.31 -23.56 2.88
C VAL A 1261 -52.57 -22.20 3.55
N THR A 1262 -53.61 -21.48 3.11
CA THR A 1262 -53.96 -20.16 3.68
C THR A 1262 -55.27 -20.21 4.46
N LYS A 1263 -56.16 -21.16 4.13
CA LYS A 1263 -57.45 -21.29 4.80
C LYS A 1263 -57.87 -22.76 4.90
N ARG A 1264 -58.37 -23.16 6.08
CA ARG A 1264 -58.88 -24.50 6.35
C ARG A 1264 -60.16 -24.40 7.15
N GLU A 1265 -61.26 -24.96 6.61
CA GLU A 1265 -62.54 -25.00 7.31
C GLU A 1265 -62.76 -26.43 7.76
N LEU A 1266 -63.14 -26.63 9.04
CA LEU A 1266 -63.32 -27.97 9.60
C LEU A 1266 -64.61 -28.12 10.41
N LYS A 1267 -65.35 -29.20 10.13
CA LYS A 1267 -66.57 -29.56 10.85
C LYS A 1267 -66.36 -31.00 11.33
N LEU A 1268 -66.13 -31.17 12.64
CA LEU A 1268 -65.88 -32.48 13.25
C LEU A 1268 -67.10 -32.94 14.01
N GLY A 1269 -67.93 -33.76 13.36
CA GLY A 1269 -69.16 -34.26 13.92
C GLY A 1269 -70.37 -33.73 13.16
N PRO A 1270 -71.51 -34.47 13.15
CA PRO A 1270 -72.67 -33.99 12.39
C PRO A 1270 -73.37 -32.76 12.98
N TYR A 1271 -73.24 -32.52 14.30
CA TYR A 1271 -73.90 -31.40 14.97
C TYR A 1271 -72.96 -30.29 15.46
N ALA A 1272 -71.63 -30.51 15.33
CA ALA A 1272 -70.63 -29.53 15.76
C ALA A 1272 -70.51 -28.34 14.80
N ASN A 1273 -70.05 -27.19 15.33
CA ASN A 1273 -69.86 -25.95 14.57
C ASN A 1273 -68.69 -26.07 13.58
N THR A 1274 -68.70 -25.23 12.54
CA THR A 1274 -67.62 -25.18 11.55
C THR A 1274 -66.57 -24.14 11.99
N THR A 1275 -65.31 -24.58 12.11
CA THR A 1275 -64.20 -23.73 12.52
C THR A 1275 -63.34 -23.35 11.30
N LYS A 1276 -63.06 -22.04 11.15
CA LYS A 1276 -62.26 -21.46 10.07
C LYS A 1276 -60.86 -21.09 10.60
N TYR A 1277 -59.82 -21.66 9.98
CA TYR A 1277 -58.42 -21.39 10.33
C TYR A 1277 -57.76 -20.66 9.18
N THR A 1278 -57.19 -19.48 9.45
CA THR A 1278 -56.47 -18.69 8.43
C THR A 1278 -54.99 -18.62 8.78
N TYR A 1279 -54.13 -18.83 7.76
CA TYR A 1279 -52.69 -18.89 7.91
C TYR A 1279 -51.95 -17.79 7.15
N ASP A 1280 -51.04 -17.11 7.84
CA ASP A 1280 -50.20 -16.05 7.26
C ASP A 1280 -48.74 -16.44 7.33
N TYR A 1281 -48.01 -16.15 6.26
CA TYR A 1281 -46.60 -16.50 6.13
C TYR A 1281 -45.71 -15.28 6.06
N ASP A 1282 -44.47 -15.39 6.57
CA ASP A 1282 -43.51 -14.28 6.55
C ASP A 1282 -42.92 -14.09 5.15
N GLY A 1283 -41.90 -13.24 5.04
CA GLY A 1283 -41.22 -12.98 3.77
C GLY A 1283 -40.49 -14.16 3.17
N ASP A 1284 -40.31 -15.26 3.97
CA ASP A 1284 -39.62 -16.48 3.55
C ASP A 1284 -40.52 -17.72 3.47
N GLY A 1285 -41.84 -17.50 3.56
CA GLY A 1285 -42.83 -18.57 3.47
C GLY A 1285 -42.88 -19.48 4.67
N GLN A 1286 -42.47 -18.96 5.84
CA GLN A 1286 -42.49 -19.64 7.14
C GLN A 1286 -43.77 -19.19 7.85
N LEU A 1287 -44.49 -20.15 8.46
CA LEU A 1287 -45.76 -19.88 9.16
C LEU A 1287 -45.57 -18.84 10.27
N GLN A 1288 -46.21 -17.68 10.11
CA GLN A 1288 -46.12 -16.54 11.01
C GLN A 1288 -47.25 -16.48 12.01
N SER A 1289 -48.50 -16.69 11.54
CA SER A 1289 -49.68 -16.63 12.39
C SER A 1289 -50.80 -17.54 11.94
N VAL A 1290 -51.62 -17.97 12.91
CA VAL A 1290 -52.78 -18.84 12.74
C VAL A 1290 -53.95 -18.17 13.49
N ALA A 1291 -55.03 -17.83 12.77
CA ALA A 1291 -56.22 -17.21 13.35
C ALA A 1291 -57.38 -18.20 13.35
N VAL A 1292 -58.19 -18.17 14.42
CA VAL A 1292 -59.36 -19.04 14.59
C VAL A 1292 -60.60 -18.16 14.48
N ASN A 1293 -61.38 -18.34 13.40
CA ASN A 1293 -62.59 -17.57 13.05
C ASN A 1293 -62.28 -16.05 13.03
N ASP A 1294 -61.22 -15.69 12.26
CA ASP A 1294 -60.67 -14.35 12.04
C ASP A 1294 -60.11 -13.67 13.32
N ARG A 1295 -59.84 -14.47 14.38
CA ARG A 1295 -59.28 -13.99 15.65
C ARG A 1295 -57.86 -14.57 15.86
N PRO A 1296 -56.79 -13.72 15.96
CA PRO A 1296 -55.43 -14.26 16.16
C PRO A 1296 -55.28 -15.10 17.43
N THR A 1297 -54.84 -16.37 17.26
CA THR A 1297 -54.69 -17.36 18.34
C THR A 1297 -53.24 -17.81 18.50
N TRP A 1298 -52.51 -18.01 17.38
CA TRP A 1298 -51.11 -18.45 17.37
C TRP A 1298 -50.17 -17.52 16.64
N ARG A 1299 -48.98 -17.33 17.21
CA ARG A 1299 -47.92 -16.52 16.65
C ARG A 1299 -46.67 -17.37 16.66
N TYR A 1300 -45.90 -17.31 15.56
CA TYR A 1300 -44.65 -18.04 15.39
C TYR A 1300 -43.59 -17.10 14.87
N SER A 1301 -42.36 -17.20 15.40
CA SER A 1301 -41.22 -16.39 14.98
C SER A 1301 -39.97 -17.23 14.82
N TYR A 1302 -39.09 -16.83 13.88
CA TYR A 1302 -37.89 -17.58 13.53
C TYR A 1302 -36.58 -16.80 13.57
N ASP A 1303 -35.52 -17.53 13.87
CA ASP A 1303 -34.09 -17.18 13.88
C ASP A 1303 -33.65 -16.89 12.44
N LEU A 1304 -32.45 -16.28 12.27
CA LEU A 1304 -31.86 -16.06 10.95
C LEU A 1304 -31.59 -17.40 10.26
N ASN A 1305 -31.35 -18.46 11.07
CA ASN A 1305 -31.09 -19.84 10.64
C ASN A 1305 -32.36 -20.68 10.43
N GLY A 1306 -33.52 -20.09 10.71
CA GLY A 1306 -34.81 -20.76 10.57
C GLY A 1306 -35.24 -21.57 11.79
N ASN A 1307 -34.63 -21.31 12.96
CA ASN A 1307 -35.01 -21.98 14.20
C ASN A 1307 -36.20 -21.25 14.81
N LEU A 1308 -37.28 -21.99 15.13
CA LEU A 1308 -38.50 -21.45 15.72
C LEU A 1308 -38.16 -21.01 17.13
N HIS A 1309 -38.04 -19.69 17.35
CA HIS A 1309 -37.63 -19.18 18.65
C HIS A 1309 -38.76 -18.51 19.47
N LEU A 1310 -40.00 -18.54 18.96
CA LEU A 1310 -41.16 -17.94 19.63
C LEU A 1310 -42.46 -18.64 19.20
N LEU A 1311 -43.22 -19.15 20.17
CA LEU A 1311 -44.50 -19.82 19.91
C LEU A 1311 -45.47 -19.68 21.07
N ASN A 1312 -46.75 -19.90 20.80
CA ASN A 1312 -47.81 -19.97 21.80
C ASN A 1312 -48.00 -21.49 22.01
N PRO A 1313 -47.55 -22.07 23.14
CA PRO A 1313 -47.66 -23.54 23.31
C PRO A 1313 -49.09 -24.02 23.56
N GLY A 1314 -49.51 -25.00 22.77
CA GLY A 1314 -50.82 -25.63 22.84
C GLY A 1314 -51.98 -24.67 22.67
N ASN A 1315 -52.72 -24.48 23.76
CA ASN A 1315 -53.89 -23.61 23.82
C ASN A 1315 -53.54 -22.24 24.46
N SER A 1316 -52.36 -22.13 25.10
CA SER A 1316 -51.86 -20.96 25.83
C SER A 1316 -51.80 -19.65 25.03
N VAL A 1317 -52.08 -18.55 25.74
CA VAL A 1317 -52.08 -17.15 25.28
C VAL A 1317 -50.64 -16.63 25.40
N ARG A 1318 -49.88 -17.19 26.36
CA ARG A 1318 -48.49 -16.88 26.70
C ARG A 1318 -47.54 -17.19 25.53
N LEU A 1319 -46.63 -16.25 25.24
CA LEU A 1319 -45.64 -16.35 24.17
C LEU A 1319 -44.33 -16.90 24.77
N MET A 1320 -43.94 -18.13 24.38
CA MET A 1320 -42.76 -18.80 24.92
C MET A 1320 -41.53 -18.73 24.03
N PRO A 1321 -40.34 -18.42 24.62
CA PRO A 1321 -39.12 -18.39 23.80
C PRO A 1321 -38.37 -19.73 23.75
N LEU A 1322 -37.72 -20.00 22.60
CA LEU A 1322 -36.93 -21.22 22.37
C LEU A 1322 -35.50 -20.79 22.10
N ARG A 1323 -34.54 -21.46 22.74
CA ARG A 1323 -33.10 -21.14 22.63
C ARG A 1323 -32.34 -22.23 21.89
N TYR A 1324 -31.28 -21.83 21.17
CA TYR A 1324 -30.45 -22.70 20.34
C TYR A 1324 -28.98 -22.40 20.50
N ASP A 1325 -28.12 -23.35 20.15
CA ASP A 1325 -26.68 -23.14 20.17
C ASP A 1325 -26.17 -22.84 18.75
N LEU A 1326 -24.85 -22.69 18.58
CA LEU A 1326 -24.24 -22.38 17.28
C LEU A 1326 -24.38 -23.49 16.22
N ARG A 1327 -24.62 -24.74 16.65
CA ARG A 1327 -24.82 -25.91 15.78
C ARG A 1327 -26.32 -26.15 15.47
N ASP A 1328 -27.18 -25.17 15.85
CA ASP A 1328 -28.64 -25.18 15.67
C ASP A 1328 -29.36 -26.24 16.50
N ARG A 1329 -28.75 -26.64 17.63
CA ARG A 1329 -29.32 -27.62 18.56
C ARG A 1329 -30.08 -26.85 19.64
N ILE A 1330 -31.31 -27.28 19.92
CA ILE A 1330 -32.17 -26.69 20.94
C ILE A 1330 -31.55 -26.86 22.32
N THR A 1331 -31.67 -25.83 23.17
CA THR A 1331 -31.13 -25.83 24.54
C THR A 1331 -32.21 -25.51 25.58
N ARG A 1332 -33.33 -24.88 25.15
CA ARG A 1332 -34.41 -24.47 26.05
C ARG A 1332 -35.74 -24.20 25.31
N LEU A 1333 -36.87 -24.57 25.94
CA LEU A 1333 -38.24 -24.31 25.48
C LEU A 1333 -38.96 -23.71 26.68
N GLY A 1334 -39.04 -22.38 26.68
CA GLY A 1334 -39.58 -21.59 27.78
C GLY A 1334 -38.63 -21.66 28.95
N ASP A 1335 -39.03 -22.40 29.99
CA ASP A 1335 -38.28 -22.63 31.22
C ASP A 1335 -37.60 -24.02 31.20
N ILE A 1336 -38.07 -24.93 30.32
CA ILE A 1336 -37.61 -26.31 30.19
C ILE A 1336 -36.27 -26.44 29.43
N PRO A 1337 -35.21 -26.98 30.07
CA PRO A 1337 -33.95 -27.17 29.33
C PRO A 1337 -33.97 -28.40 28.46
N TYR A 1338 -33.32 -28.30 27.29
CA TYR A 1338 -33.18 -29.36 26.31
C TYR A 1338 -31.70 -29.70 26.18
N LYS A 1339 -31.41 -30.97 25.89
CA LYS A 1339 -30.05 -31.42 25.71
C LYS A 1339 -29.99 -32.28 24.45
N ILE A 1340 -29.13 -31.89 23.52
CA ILE A 1340 -28.88 -32.59 22.27
C ILE A 1340 -27.41 -32.99 22.34
N ASP A 1341 -27.09 -34.28 22.13
CA ASP A 1341 -25.71 -34.77 22.21
C ASP A 1341 -24.82 -34.24 21.08
N ASP A 1342 -23.51 -34.60 21.11
CA ASP A 1342 -22.53 -34.16 20.11
C ASP A 1342 -22.73 -34.76 18.72
N ASP A 1343 -23.66 -35.72 18.57
CA ASP A 1343 -23.99 -36.35 17.28
C ASP A 1343 -25.21 -35.67 16.64
N GLY A 1344 -25.92 -34.87 17.43
CA GLY A 1344 -27.09 -34.16 16.97
C GLY A 1344 -28.41 -34.82 17.32
N PHE A 1345 -28.36 -35.81 18.23
CA PHE A 1345 -29.55 -36.54 18.66
C PHE A 1345 -30.10 -36.04 19.98
N LEU A 1346 -31.45 -36.02 20.12
CA LEU A 1346 -32.14 -35.64 21.34
C LEU A 1346 -31.70 -36.56 22.48
N CYS A 1347 -31.28 -35.95 23.58
CA CYS A 1347 -30.67 -36.55 24.75
C CYS A 1347 -31.58 -36.40 25.98
N GLN A 1348 -32.13 -35.18 26.19
CA GLN A 1348 -32.98 -34.85 27.33
C GLN A 1348 -33.91 -33.66 27.07
N ARG A 1349 -35.11 -33.70 27.67
CA ARG A 1349 -36.09 -32.62 27.67
C ARG A 1349 -36.57 -32.49 29.11
N GLY A 1350 -35.85 -31.68 29.89
CA GLY A 1350 -36.12 -31.49 31.30
C GLY A 1350 -35.79 -32.76 32.05
N SER A 1351 -36.83 -33.45 32.56
CA SER A 1351 -36.68 -34.71 33.30
C SER A 1351 -36.75 -35.96 32.39
N ASP A 1352 -37.29 -35.80 31.15
CA ASP A 1352 -37.39 -36.87 30.15
C ASP A 1352 -36.00 -37.19 29.60
N VAL A 1353 -35.59 -38.46 29.66
CA VAL A 1353 -34.31 -38.94 29.15
C VAL A 1353 -34.60 -39.78 27.91
N PHE A 1354 -33.81 -39.60 26.85
CA PHE A 1354 -33.97 -40.31 25.59
C PHE A 1354 -32.72 -41.08 25.24
N GLU A 1355 -32.90 -42.34 24.83
CA GLU A 1355 -31.81 -43.23 24.44
C GLU A 1355 -31.92 -43.59 22.96
N TYR A 1356 -31.04 -43.01 22.13
CA TYR A 1356 -30.98 -43.28 20.70
C TYR A 1356 -29.76 -44.14 20.43
N ASN A 1357 -29.94 -45.24 19.67
CA ASN A 1357 -28.84 -46.15 19.31
C ASN A 1357 -27.98 -45.60 18.15
N SER A 1358 -26.99 -46.37 17.65
CA SER A 1358 -26.12 -45.95 16.53
C SER A 1358 -26.87 -45.80 15.21
N LYS A 1359 -27.95 -46.57 15.04
CA LYS A 1359 -28.81 -46.53 13.86
C LYS A 1359 -29.76 -45.30 13.88
N GLY A 1360 -29.80 -44.59 15.02
CA GLY A 1360 -30.64 -43.41 15.21
C GLY A 1360 -32.07 -43.75 15.58
N LEU A 1361 -32.27 -44.92 16.19
CA LEU A 1361 -33.58 -45.42 16.63
C LEU A 1361 -33.71 -45.29 18.15
N LEU A 1362 -34.88 -44.79 18.61
CA LEU A 1362 -35.16 -44.61 20.03
C LEU A 1362 -35.43 -45.97 20.67
N THR A 1363 -34.47 -46.44 21.50
CA THR A 1363 -34.57 -47.73 22.18
C THR A 1363 -35.27 -47.63 23.53
N ARG A 1364 -35.05 -46.52 24.27
CA ARG A 1364 -35.64 -46.31 25.60
C ARG A 1364 -35.87 -44.82 25.89
N ALA A 1365 -36.95 -44.52 26.61
CA ALA A 1365 -37.30 -43.17 27.03
C ALA A 1365 -38.00 -43.24 28.38
N TYR A 1366 -37.53 -42.44 29.35
CA TYR A 1366 -38.07 -42.45 30.71
C TYR A 1366 -38.03 -41.09 31.41
N ASN A 1367 -38.72 -41.00 32.55
CA ASN A 1367 -38.77 -39.84 33.43
C ASN A 1367 -38.90 -40.38 34.84
N LYS A 1368 -37.82 -40.29 35.63
CA LYS A 1368 -37.75 -40.79 37.01
C LYS A 1368 -38.71 -40.03 37.95
N ALA A 1369 -38.86 -38.70 37.76
CA ALA A 1369 -39.74 -37.83 38.54
C ALA A 1369 -41.23 -38.15 38.31
N ASN A 1370 -41.64 -38.28 37.03
CA ASN A 1370 -43.02 -38.58 36.62
C ASN A 1370 -43.36 -40.08 36.64
N GLY A 1371 -42.35 -40.93 36.88
CA GLY A 1371 -42.47 -42.37 37.03
C GLY A 1371 -42.96 -43.16 35.83
N TRP A 1372 -42.52 -42.79 34.62
CA TRP A 1372 -42.88 -43.51 33.41
C TRP A 1372 -41.65 -43.95 32.63
N ASN A 1373 -41.74 -45.13 32.01
CA ASN A 1373 -40.67 -45.75 31.21
C ASN A 1373 -41.27 -46.45 30.00
N VAL A 1374 -40.70 -46.19 28.81
CA VAL A 1374 -41.13 -46.81 27.56
C VAL A 1374 -39.90 -47.38 26.82
N GLN A 1375 -40.02 -48.63 26.34
CA GLN A 1375 -38.98 -49.33 25.62
C GLN A 1375 -39.49 -49.73 24.24
N TYR A 1376 -38.63 -49.61 23.23
CA TYR A 1376 -39.00 -49.96 21.86
C TYR A 1376 -38.08 -51.00 21.26
N ARG A 1377 -38.64 -51.85 20.40
CA ARG A 1377 -37.93 -52.89 19.69
C ARG A 1377 -38.06 -52.65 18.19
N TYR A 1378 -37.02 -52.99 17.43
CA TYR A 1378 -36.99 -52.77 15.99
C TYR A 1378 -36.64 -54.05 15.20
N ASP A 1379 -37.12 -54.14 13.95
CA ASP A 1379 -36.79 -55.25 13.05
C ASP A 1379 -35.50 -54.92 12.28
N GLY A 1380 -34.98 -55.90 11.54
CA GLY A 1380 -33.76 -55.76 10.75
C GLY A 1380 -33.81 -54.75 9.63
N LEU A 1381 -35.03 -54.31 9.24
CA LEU A 1381 -35.24 -53.33 8.19
C LEU A 1381 -35.39 -51.89 8.74
N GLY A 1382 -35.23 -51.72 10.07
CA GLY A 1382 -35.29 -50.45 10.78
C GLY A 1382 -36.66 -49.95 11.20
N ARG A 1383 -37.68 -50.83 11.15
CA ARG A 1383 -39.06 -50.49 11.50
C ARG A 1383 -39.39 -50.87 12.94
N ARG A 1384 -40.19 -50.02 13.63
CA ARG A 1384 -40.61 -50.26 15.02
C ARG A 1384 -41.51 -51.48 15.09
N ALA A 1385 -41.05 -52.53 15.81
CA ALA A 1385 -41.76 -53.80 15.97
C ALA A 1385 -42.65 -53.76 17.19
N SER A 1386 -42.21 -53.12 18.30
CA SER A 1386 -43.00 -53.04 19.53
C SER A 1386 -42.76 -51.77 20.36
N CYS A 1387 -43.72 -51.49 21.26
CA CYS A 1387 -43.74 -50.39 22.21
C CYS A 1387 -44.25 -50.99 23.53
N LYS A 1388 -43.46 -50.85 24.61
CA LYS A 1388 -43.84 -51.38 25.91
C LYS A 1388 -43.53 -50.39 27.03
N THR A 1389 -44.54 -50.08 27.85
CA THR A 1389 -44.40 -49.16 28.98
C THR A 1389 -44.39 -49.91 30.32
N ASN A 1390 -44.05 -49.19 31.40
CA ASN A 1390 -44.06 -49.72 32.77
C ASN A 1390 -45.46 -49.53 33.38
N LEU A 1391 -46.36 -48.83 32.65
CA LEU A 1391 -47.73 -48.51 33.05
C LEU A 1391 -48.78 -49.48 32.45
N GLY A 1392 -48.33 -50.64 31.97
CA GLY A 1392 -49.20 -51.67 31.42
C GLY A 1392 -49.25 -51.79 29.90
N HIS A 1393 -49.07 -50.68 29.18
CA HIS A 1393 -49.14 -50.65 27.71
C HIS A 1393 -48.10 -51.54 27.03
N HIS A 1394 -48.55 -52.34 26.06
CA HIS A 1394 -47.71 -53.22 25.25
C HIS A 1394 -48.37 -53.47 23.91
N LEU A 1395 -47.79 -52.88 22.85
CA LEU A 1395 -48.29 -53.00 21.47
C LEU A 1395 -47.22 -53.55 20.55
N GLN A 1396 -47.67 -54.25 19.51
CA GLN A 1396 -46.82 -54.81 18.46
C GLN A 1396 -47.33 -54.30 17.13
N TYR A 1397 -46.40 -53.96 16.22
CA TYR A 1397 -46.71 -53.40 14.91
C TYR A 1397 -46.28 -54.32 13.77
N PHE A 1398 -47.13 -54.42 12.74
CA PHE A 1398 -46.87 -55.26 11.57
C PHE A 1398 -47.07 -54.50 10.27
N TYR A 1399 -46.26 -54.85 9.26
CA TYR A 1399 -46.22 -54.20 7.95
C TYR A 1399 -46.53 -55.21 6.85
N ALA A 1400 -47.83 -55.42 6.59
CA ALA A 1400 -48.38 -56.36 5.60
C ALA A 1400 -48.43 -55.82 4.17
N ASP A 1401 -48.40 -54.48 3.99
CA ASP A 1401 -48.44 -53.86 2.66
C ASP A 1401 -47.08 -53.96 1.98
N LEU A 1402 -47.02 -54.73 0.89
CA LEU A 1402 -45.80 -54.96 0.11
C LEU A 1402 -45.37 -53.71 -0.68
N HIS A 1403 -46.35 -52.88 -1.10
CA HIS A 1403 -46.14 -51.65 -1.86
C HIS A 1403 -45.76 -50.46 -0.98
N ASN A 1404 -46.21 -50.47 0.29
CA ASN A 1404 -45.90 -49.44 1.28
C ASN A 1404 -45.29 -50.15 2.51
N PRO A 1405 -43.98 -50.53 2.45
CA PRO A 1405 -43.38 -51.28 3.56
C PRO A 1405 -43.21 -50.57 4.92
N THR A 1406 -43.37 -49.23 4.99
CA THR A 1406 -43.24 -48.49 6.26
C THR A 1406 -44.61 -48.20 6.90
N ARG A 1407 -45.69 -48.62 6.21
CA ARG A 1407 -47.09 -48.45 6.61
C ARG A 1407 -47.49 -49.51 7.64
N VAL A 1408 -47.93 -49.06 8.83
CA VAL A 1408 -48.41 -49.96 9.90
C VAL A 1408 -49.81 -50.40 9.47
N THR A 1409 -49.96 -51.69 9.17
CA THR A 1409 -51.24 -52.25 8.72
C THR A 1409 -51.99 -52.93 9.85
N HIS A 1410 -51.26 -53.57 10.79
CA HIS A 1410 -51.86 -54.30 11.91
C HIS A 1410 -51.18 -53.99 13.23
N VAL A 1411 -51.98 -53.88 14.31
CA VAL A 1411 -51.52 -53.60 15.67
C VAL A 1411 -52.03 -54.70 16.60
N TYR A 1412 -51.12 -55.37 17.34
CA TYR A 1412 -51.50 -56.38 18.32
C TYR A 1412 -51.38 -55.76 19.70
N ASN A 1413 -52.51 -55.71 20.43
CA ASN A 1413 -52.59 -55.17 21.78
C ASN A 1413 -52.53 -56.32 22.80
N HIS A 1414 -51.48 -56.32 23.64
CA HIS A 1414 -51.24 -57.36 24.64
C HIS A 1414 -52.18 -57.33 25.86
N SER A 1415 -52.72 -56.15 26.21
CA SER A 1415 -53.62 -56.05 27.37
C SER A 1415 -55.01 -56.67 27.13
N ASN A 1416 -55.45 -56.79 25.86
CA ASN A 1416 -56.75 -57.39 25.54
C ASN A 1416 -56.65 -58.52 24.48
N SER A 1417 -55.43 -58.77 23.94
CA SER A 1417 -55.10 -59.79 22.94
C SER A 1417 -55.84 -59.60 21.59
N GLU A 1418 -56.25 -58.37 21.27
CA GLU A 1418 -56.98 -58.09 20.03
C GLU A 1418 -56.10 -57.40 18.98
N ILE A 1419 -56.40 -57.70 17.70
CA ILE A 1419 -55.69 -57.17 16.53
C ILE A 1419 -56.52 -56.06 15.89
N THR A 1420 -55.88 -54.91 15.63
CA THR A 1420 -56.49 -53.75 14.99
C THR A 1420 -55.91 -53.63 13.56
N SER A 1421 -56.78 -53.71 12.55
CA SER A 1421 -56.43 -53.58 11.15
C SER A 1421 -56.66 -52.14 10.72
N LEU A 1422 -55.60 -51.48 10.25
CA LEU A 1422 -55.63 -50.09 9.82
C LEU A 1422 -55.80 -50.02 8.30
N TYR A 1423 -56.71 -49.14 7.86
CA TYR A 1423 -57.02 -48.94 6.45
C TYR A 1423 -56.76 -47.51 6.03
N TYR A 1424 -55.98 -47.35 4.97
CA TYR A 1424 -55.53 -46.08 4.42
C TYR A 1424 -56.15 -45.81 3.06
N ASP A 1425 -56.41 -44.52 2.76
CA ASP A 1425 -56.96 -44.10 1.46
C ASP A 1425 -55.86 -44.08 0.39
N LEU A 1426 -56.21 -43.61 -0.83
CA LEU A 1426 -55.29 -43.56 -1.97
C LEU A 1426 -54.17 -42.53 -1.84
N GLN A 1427 -54.26 -41.63 -0.82
CA GLN A 1427 -53.26 -40.60 -0.52
C GLN A 1427 -52.37 -41.03 0.66
N GLY A 1428 -52.70 -42.18 1.25
CA GLY A 1428 -51.98 -42.77 2.37
C GLY A 1428 -52.46 -42.35 3.73
N HIS A 1429 -53.60 -41.63 3.82
CA HIS A 1429 -54.16 -41.17 5.09
C HIS A 1429 -55.12 -42.20 5.68
N LEU A 1430 -55.08 -42.37 7.01
CA LEU A 1430 -55.94 -43.30 7.74
C LEU A 1430 -57.40 -42.82 7.69
N PHE A 1431 -58.31 -43.73 7.31
CA PHE A 1431 -59.73 -43.40 7.21
C PHE A 1431 -60.63 -44.42 7.91
N ALA A 1432 -60.11 -45.64 8.15
CA ALA A 1432 -60.89 -46.68 8.82
C ALA A 1432 -60.04 -47.67 9.60
N MET A 1433 -60.67 -48.31 10.58
CA MET A 1433 -60.08 -49.32 11.46
C MET A 1433 -61.07 -50.46 11.67
N GLU A 1434 -60.54 -51.67 11.87
CA GLU A 1434 -61.32 -52.87 12.14
C GLU A 1434 -60.64 -53.66 13.24
N SER A 1435 -61.40 -54.08 14.24
CA SER A 1435 -60.88 -54.85 15.36
C SER A 1435 -61.23 -56.34 15.19
N SER A 1436 -60.40 -57.23 15.75
CA SER A 1436 -60.61 -58.67 15.72
C SER A 1436 -61.82 -59.06 16.62
N SER A 1437 -62.23 -58.13 17.51
CA SER A 1437 -63.37 -58.27 18.42
C SER A 1437 -64.71 -58.05 17.67
N GLY A 1438 -64.63 -57.52 16.46
CA GLY A 1438 -65.79 -57.23 15.61
C GLY A 1438 -66.11 -55.76 15.45
N GLU A 1439 -65.47 -54.90 16.27
CA GLU A 1439 -65.67 -53.45 16.26
C GLU A 1439 -65.08 -52.77 15.02
N GLU A 1440 -65.77 -51.73 14.52
CA GLU A 1440 -65.38 -50.95 13.35
C GLU A 1440 -65.31 -49.46 13.70
N TYR A 1441 -64.24 -48.79 13.26
CA TYR A 1441 -64.03 -47.37 13.52
C TYR A 1441 -63.77 -46.61 12.23
N TYR A 1442 -64.26 -45.38 12.16
CA TYR A 1442 -64.13 -44.53 10.97
C TYR A 1442 -63.39 -43.25 11.34
N VAL A 1443 -62.19 -43.07 10.78
CA VAL A 1443 -61.24 -41.99 11.08
C VAL A 1443 -61.32 -40.79 10.11
N ALA A 1444 -61.49 -39.59 10.67
CA ALA A 1444 -61.51 -38.32 9.95
C ALA A 1444 -60.08 -37.77 9.98
N SER A 1445 -59.40 -37.73 8.81
CA SER A 1445 -58.02 -37.26 8.70
C SER A 1445 -57.88 -35.99 7.85
N ASP A 1446 -56.99 -35.08 8.26
CA ASP A 1446 -56.73 -33.82 7.55
C ASP A 1446 -55.82 -34.00 6.31
N ASN A 1447 -55.52 -32.88 5.62
CA ASN A 1447 -54.69 -32.80 4.43
C ASN A 1447 -53.24 -33.32 4.62
N THR A 1448 -52.78 -33.46 5.88
CA THR A 1448 -51.44 -33.97 6.20
C THR A 1448 -51.48 -35.44 6.67
N GLY A 1449 -52.69 -36.02 6.75
CA GLY A 1449 -52.92 -37.39 7.17
C GLY A 1449 -52.98 -37.59 8.66
N THR A 1450 -53.29 -36.51 9.39
CA THR A 1450 -53.39 -36.46 10.84
C THR A 1450 -54.84 -36.76 11.26
N PRO A 1451 -55.08 -37.78 12.14
CA PRO A 1451 -56.45 -38.07 12.58
C PRO A 1451 -56.99 -37.00 13.53
N LEU A 1452 -58.13 -36.41 13.15
CA LEU A 1452 -58.79 -35.35 13.90
C LEU A 1452 -60.03 -35.82 14.67
N ALA A 1453 -60.66 -36.93 14.22
CA ALA A 1453 -61.89 -37.48 14.84
C ALA A 1453 -62.07 -38.96 14.50
N VAL A 1454 -62.69 -39.73 15.42
CA VAL A 1454 -63.00 -41.16 15.28
C VAL A 1454 -64.50 -41.36 15.52
N PHE A 1455 -65.16 -42.10 14.61
CA PHE A 1455 -66.58 -42.40 14.65
C PHE A 1455 -66.80 -43.91 14.81
N SER A 1456 -67.75 -44.29 15.69
CA SER A 1456 -68.07 -45.69 15.98
C SER A 1456 -68.84 -46.41 14.85
N ILE A 1457 -69.04 -47.73 15.00
CA ILE A 1457 -69.78 -48.61 14.08
C ILE A 1457 -71.23 -48.08 13.83
N ASN A 1458 -71.80 -47.34 14.81
CA ASN A 1458 -73.14 -46.74 14.77
C ASN A 1458 -73.14 -45.23 14.42
N GLY A 1459 -72.07 -44.77 13.78
CA GLY A 1459 -71.90 -43.39 13.33
C GLY A 1459 -71.91 -42.32 14.40
N LEU A 1460 -71.28 -42.59 15.56
CA LEU A 1460 -71.23 -41.65 16.68
C LEU A 1460 -69.77 -41.26 16.94
N MET A 1461 -69.49 -39.95 17.05
CA MET A 1461 -68.13 -39.45 17.33
C MET A 1461 -67.75 -39.80 18.77
N ILE A 1462 -66.77 -40.70 18.91
CA ILE A 1462 -66.27 -41.18 20.21
C ILE A 1462 -64.98 -40.47 20.64
N LYS A 1463 -64.23 -39.90 19.68
CA LYS A 1463 -62.97 -39.18 19.92
C LYS A 1463 -62.84 -37.99 18.95
N GLN A 1464 -62.37 -36.84 19.46
CA GLN A 1464 -62.15 -35.62 18.70
C GLN A 1464 -60.86 -34.96 19.19
N LEU A 1465 -59.92 -34.73 18.26
CA LEU A 1465 -58.63 -34.12 18.54
C LEU A 1465 -58.46 -32.78 17.84
N GLN A 1466 -57.78 -31.83 18.54
CA GLN A 1466 -57.43 -30.52 18.01
C GLN A 1466 -55.93 -30.35 18.22
N TYR A 1467 -55.20 -30.11 17.12
CA TYR A 1467 -53.74 -29.96 17.12
C TYR A 1467 -53.33 -28.55 16.74
N THR A 1468 -52.14 -28.13 17.18
CA THR A 1468 -51.56 -26.85 16.77
C THR A 1468 -50.95 -27.11 15.38
N ALA A 1469 -50.54 -26.03 14.70
CA ALA A 1469 -49.92 -26.10 13.38
C ALA A 1469 -48.71 -27.06 13.35
N TYR A 1470 -47.96 -27.15 14.46
CA TYR A 1470 -46.79 -28.02 14.58
C TYR A 1470 -47.08 -29.40 15.21
N GLY A 1471 -48.36 -29.74 15.43
CA GLY A 1471 -48.76 -31.07 15.87
C GLY A 1471 -48.92 -31.42 17.32
N GLU A 1472 -48.87 -30.42 18.21
CA GLU A 1472 -49.08 -30.63 19.63
C GLU A 1472 -50.60 -30.60 19.89
N ILE A 1473 -51.12 -31.60 20.63
CA ILE A 1473 -52.55 -31.71 20.98
C ILE A 1473 -52.88 -30.75 22.13
N TYR A 1474 -53.92 -29.93 21.96
CA TYR A 1474 -54.41 -29.02 23.00
C TYR A 1474 -55.83 -29.38 23.44
N TYR A 1475 -56.49 -30.27 22.69
CA TYR A 1475 -57.84 -30.76 22.97
C TYR A 1475 -58.02 -32.21 22.54
N ASP A 1476 -58.56 -33.03 23.46
CA ASP A 1476 -58.86 -34.44 23.28
C ASP A 1476 -60.13 -34.74 24.07
N SER A 1477 -61.23 -35.06 23.36
CA SER A 1477 -62.53 -35.37 23.97
C SER A 1477 -62.55 -36.71 24.71
N ASN A 1478 -61.73 -37.69 24.28
CA ASN A 1478 -61.64 -39.02 24.90
C ASN A 1478 -60.17 -39.50 24.98
N PRO A 1479 -59.42 -39.15 26.06
CA PRO A 1479 -58.02 -39.58 26.15
C PRO A 1479 -57.80 -41.09 26.33
N ASP A 1480 -58.84 -41.81 26.80
CA ASP A 1480 -58.77 -43.25 27.03
C ASP A 1480 -58.82 -44.08 25.74
N PHE A 1481 -59.37 -43.50 24.65
CA PHE A 1481 -59.42 -44.15 23.35
C PHE A 1481 -58.06 -43.89 22.70
N GLN A 1482 -57.18 -44.90 22.77
CA GLN A 1482 -55.81 -44.83 22.27
C GLN A 1482 -55.73 -45.01 20.76
N LEU A 1483 -55.24 -43.98 20.06
CA LEU A 1483 -55.03 -43.96 18.61
C LEU A 1483 -53.53 -44.12 18.35
N VAL A 1484 -53.18 -45.13 17.57
CA VAL A 1484 -51.82 -45.52 17.19
C VAL A 1484 -51.16 -44.44 16.30
N ILE A 1485 -51.88 -43.98 15.27
CA ILE A 1485 -51.40 -42.99 14.30
C ILE A 1485 -51.75 -41.58 14.77
N GLY A 1486 -50.75 -40.71 14.74
CA GLY A 1486 -50.89 -39.31 15.14
C GLY A 1486 -50.58 -38.33 14.04
N PHE A 1487 -49.99 -37.19 14.44
CA PHE A 1487 -49.60 -36.10 13.55
C PHE A 1487 -48.78 -36.57 12.34
N HIS A 1488 -49.18 -36.10 11.15
CA HIS A 1488 -48.56 -36.39 9.85
C HIS A 1488 -48.51 -37.88 9.46
N GLY A 1489 -49.32 -38.71 10.13
CA GLY A 1489 -49.41 -40.14 9.85
C GLY A 1489 -48.35 -41.02 10.49
N GLY A 1490 -47.59 -40.45 11.43
CA GLY A 1490 -46.56 -41.19 12.14
C GLY A 1490 -47.09 -41.77 13.43
N LEU A 1491 -46.24 -42.46 14.20
CA LEU A 1491 -46.66 -43.06 15.49
C LEU A 1491 -46.49 -42.06 16.62
N TYR A 1492 -47.59 -41.52 17.17
CA TYR A 1492 -47.53 -40.55 18.27
C TYR A 1492 -47.47 -41.22 19.64
N ASP A 1493 -46.53 -40.74 20.49
CA ASP A 1493 -46.38 -41.24 21.85
C ASP A 1493 -46.77 -40.14 22.84
N PRO A 1494 -47.85 -40.32 23.63
CA PRO A 1494 -48.25 -39.26 24.57
C PRO A 1494 -47.28 -39.05 25.73
N LEU A 1495 -46.45 -40.06 26.06
CA LEU A 1495 -45.47 -39.98 27.14
C LEU A 1495 -44.27 -39.12 26.75
N THR A 1496 -43.65 -39.41 25.59
CA THR A 1496 -42.46 -38.69 25.08
C THR A 1496 -42.78 -37.40 24.33
N LYS A 1497 -43.99 -37.31 23.74
CA LYS A 1497 -44.46 -36.21 22.89
C LYS A 1497 -43.70 -36.18 21.55
N LEU A 1498 -43.35 -37.38 21.06
CA LEU A 1498 -42.65 -37.59 19.80
C LEU A 1498 -43.55 -38.34 18.83
N VAL A 1499 -43.38 -38.07 17.53
CA VAL A 1499 -44.09 -38.74 16.44
C VAL A 1499 -43.01 -39.51 15.69
N HIS A 1500 -43.14 -40.85 15.62
CA HIS A 1500 -42.16 -41.71 14.98
C HIS A 1500 -42.50 -42.07 13.54
N PHE A 1501 -41.50 -41.83 12.67
CA PHE A 1501 -41.46 -42.18 11.25
C PHE A 1501 -40.22 -43.07 11.18
N THR A 1502 -40.28 -44.16 10.41
CA THR A 1502 -39.25 -45.20 10.33
C THR A 1502 -37.77 -44.65 10.37
N GLN A 1503 -37.45 -43.57 9.63
CA GLN A 1503 -36.07 -43.05 9.66
C GLN A 1503 -35.80 -41.92 10.67
N ARG A 1504 -36.81 -41.08 10.98
CA ARG A 1504 -36.67 -39.95 11.90
C ARG A 1504 -37.83 -39.76 12.87
N ASP A 1505 -37.57 -39.13 14.03
CA ASP A 1505 -38.57 -38.81 15.07
C ASP A 1505 -38.82 -37.31 15.08
N TYR A 1506 -40.07 -36.91 15.33
CA TYR A 1506 -40.49 -35.52 15.36
C TYR A 1506 -41.03 -35.09 16.74
N ASP A 1507 -40.45 -34.03 17.31
CA ASP A 1507 -40.82 -33.42 18.60
C ASP A 1507 -41.92 -32.38 18.36
N VAL A 1508 -43.14 -32.65 18.86
CA VAL A 1508 -44.30 -31.75 18.68
C VAL A 1508 -44.23 -30.49 19.55
N LEU A 1509 -43.51 -30.57 20.68
CA LEU A 1509 -43.36 -29.44 21.61
C LEU A 1509 -42.41 -28.38 21.04
N ALA A 1510 -41.27 -28.81 20.47
CA ALA A 1510 -40.26 -27.95 19.86
C ALA A 1510 -40.59 -27.57 18.42
N GLY A 1511 -41.33 -28.42 17.72
CA GLY A 1511 -41.72 -28.19 16.34
C GLY A 1511 -40.60 -28.48 15.37
N ARG A 1512 -39.76 -29.48 15.70
CA ARG A 1512 -38.60 -29.88 14.91
C ARG A 1512 -38.30 -31.37 15.06
N TRP A 1513 -37.38 -31.89 14.23
CA TRP A 1513 -36.93 -33.27 14.27
C TRP A 1513 -35.95 -33.43 15.45
N THR A 1514 -35.85 -34.65 15.99
CA THR A 1514 -34.97 -34.94 17.14
C THR A 1514 -33.53 -35.26 16.71
N SER A 1515 -33.27 -35.30 15.40
CA SER A 1515 -31.96 -35.60 14.82
C SER A 1515 -31.81 -34.92 13.46
N PRO A 1516 -30.57 -34.62 13.00
CA PRO A 1516 -30.42 -34.02 11.67
C PRO A 1516 -30.35 -35.07 10.57
N ASP A 1517 -30.72 -34.69 9.33
CA ASP A 1517 -30.60 -35.60 8.21
C ASP A 1517 -29.29 -35.19 7.54
N TYR A 1518 -28.20 -35.88 7.88
CA TYR A 1518 -26.86 -35.57 7.41
C TYR A 1518 -26.64 -35.86 5.93
N THR A 1519 -27.59 -36.57 5.29
CA THR A 1519 -27.53 -36.88 3.85
C THR A 1519 -27.89 -35.62 3.02
N MET A 1520 -28.42 -34.56 3.68
CA MET A 1520 -28.74 -33.25 3.08
C MET A 1520 -27.50 -32.65 2.44
N TRP A 1521 -26.32 -32.89 3.07
CA TRP A 1521 -25.01 -32.38 2.65
C TRP A 1521 -24.54 -32.89 1.31
N LYS A 1522 -25.06 -34.04 0.89
CA LYS A 1522 -24.71 -34.69 -0.38
C LYS A 1522 -25.08 -33.82 -1.59
N ASN A 1523 -26.31 -33.26 -1.60
CA ASN A 1523 -26.80 -32.50 -2.75
C ASN A 1523 -26.98 -31.00 -2.55
N ILE A 1524 -26.73 -30.48 -1.34
CA ILE A 1524 -26.87 -29.05 -1.06
C ILE A 1524 -25.87 -28.20 -1.89
N GLY A 1525 -24.71 -28.78 -2.23
CA GLY A 1525 -23.71 -28.13 -3.06
C GLY A 1525 -24.16 -27.94 -4.48
N ARG A 1526 -24.81 -28.97 -5.04
CA ARG A 1526 -25.36 -28.99 -6.41
C ARG A 1526 -26.63 -28.14 -6.50
N GLU A 1527 -27.48 -28.21 -5.47
CA GLU A 1527 -28.73 -27.45 -5.39
C GLU A 1527 -28.69 -26.53 -4.15
N PRO A 1528 -28.01 -25.35 -4.23
CA PRO A 1528 -27.93 -24.48 -3.05
C PRO A 1528 -29.24 -23.74 -2.75
N ALA A 1529 -29.69 -23.86 -1.50
CA ALA A 1529 -30.93 -23.28 -1.04
C ALA A 1529 -30.87 -23.03 0.48
N PRO A 1530 -31.77 -22.19 1.07
CA PRO A 1530 -31.79 -22.04 2.52
C PRO A 1530 -32.12 -23.40 3.14
N PHE A 1531 -31.40 -23.77 4.21
CA PHE A 1531 -31.58 -25.05 4.86
C PHE A 1531 -31.27 -24.98 6.35
N ASN A 1532 -31.78 -25.96 7.08
CA ASN A 1532 -31.61 -26.17 8.51
C ASN A 1532 -31.76 -27.68 8.68
N LEU A 1533 -30.85 -28.27 9.46
CA LEU A 1533 -30.79 -29.71 9.69
C LEU A 1533 -31.94 -30.28 10.51
N TYR A 1534 -32.62 -29.44 11.31
CA TYR A 1534 -33.71 -29.90 12.19
C TYR A 1534 -35.10 -29.38 11.83
N MET A 1535 -35.21 -28.27 11.04
CA MET A 1535 -36.52 -27.68 10.76
C MET A 1535 -37.47 -28.64 10.03
N PHE A 1536 -38.75 -28.58 10.44
CA PHE A 1536 -39.85 -29.38 9.93
C PHE A 1536 -40.52 -28.67 8.76
N LYS A 1537 -40.51 -29.35 7.59
CA LYS A 1537 -41.13 -28.94 6.33
C LYS A 1537 -40.90 -27.45 5.95
N SER A 1538 -39.66 -26.95 6.13
CA SER A 1538 -39.24 -25.57 5.84
C SER A 1538 -40.07 -24.51 6.60
N ASN A 1539 -40.54 -24.91 7.81
CA ASN A 1539 -41.35 -24.15 8.76
C ASN A 1539 -42.73 -23.75 8.18
N ASN A 1540 -43.28 -24.67 7.37
CA ASN A 1540 -44.60 -24.64 6.72
C ASN A 1540 -45.16 -26.06 6.97
N PRO A 1541 -45.66 -26.36 8.20
CA PRO A 1541 -46.05 -27.75 8.51
C PRO A 1541 -47.40 -28.25 7.96
N LEU A 1542 -48.25 -27.37 7.42
CA LEU A 1542 -49.56 -27.79 6.90
C LEU A 1542 -49.61 -27.94 5.38
N SER A 1543 -48.62 -27.37 4.65
CA SER A 1543 -48.59 -27.46 3.20
C SER A 1543 -47.61 -28.54 2.73
N ASN A 1544 -47.87 -29.12 1.55
CA ASN A 1544 -46.99 -30.12 0.95
C ASN A 1544 -45.69 -29.43 0.58
N GLU A 1545 -44.55 -30.03 0.94
CA GLU A 1545 -43.21 -29.48 0.70
C GLU A 1545 -42.99 -29.09 -0.75
N LEU A 1546 -42.48 -27.87 -0.95
CA LEU A 1546 -42.25 -27.31 -2.27
C LEU A 1546 -41.02 -27.92 -2.95
N ASP A 1547 -41.29 -28.57 -4.10
CA ASP A 1547 -40.35 -29.31 -4.93
C ASP A 1547 -40.70 -29.07 -6.41
N LEU A 1548 -39.76 -29.37 -7.34
CA LEU A 1548 -39.98 -29.23 -8.78
C LEU A 1548 -40.94 -30.31 -9.32
N LYS A 1549 -41.18 -31.38 -8.51
CA LYS A 1549 -42.11 -32.48 -8.81
C LYS A 1549 -43.56 -32.00 -8.81
N ASN A 1550 -43.82 -30.79 -8.26
CA ASN A 1550 -45.13 -30.14 -8.23
C ASN A 1550 -45.52 -29.67 -9.65
N TYR A 1551 -44.52 -29.48 -10.53
CA TYR A 1551 -44.70 -29.11 -11.94
C TYR A 1551 -44.65 -30.41 -12.77
N VAL A 1552 -45.84 -30.96 -13.09
CA VAL A 1552 -46.01 -32.22 -13.81
C VAL A 1552 -45.60 -32.10 -15.29
N THR A 1553 -44.42 -32.63 -15.62
CA THR A 1553 -43.84 -32.56 -16.98
C THR A 1553 -43.54 -33.94 -17.57
N ASP A 1554 -44.21 -35.00 -17.07
CA ASP A 1554 -44.04 -36.37 -17.54
C ASP A 1554 -45.34 -37.16 -17.46
N VAL A 1555 -45.63 -37.94 -18.53
CA VAL A 1555 -46.83 -38.76 -18.71
C VAL A 1555 -47.14 -39.66 -17.50
N LYS A 1556 -46.13 -40.37 -16.96
CA LYS A 1556 -46.33 -41.27 -15.82
C LYS A 1556 -46.88 -40.54 -14.58
N SER A 1557 -46.45 -39.27 -14.36
CA SER A 1557 -46.89 -38.45 -13.24
C SER A 1557 -48.31 -37.92 -13.42
N TRP A 1558 -48.71 -37.63 -14.68
CA TRP A 1558 -50.06 -37.18 -15.03
C TRP A 1558 -51.04 -38.33 -14.87
N LEU A 1559 -50.62 -39.55 -15.24
CA LEU A 1559 -51.42 -40.77 -15.15
C LEU A 1559 -51.72 -41.14 -13.70
N VAL A 1560 -50.74 -40.98 -12.79
CA VAL A 1560 -50.85 -41.23 -11.35
C VAL A 1560 -52.00 -40.40 -10.75
N MET A 1561 -52.08 -39.10 -11.14
CA MET A 1561 -53.11 -38.14 -10.72
C MET A 1561 -54.52 -38.65 -11.02
N PHE A 1562 -54.69 -39.31 -12.20
CA PHE A 1562 -55.97 -39.83 -12.68
C PHE A 1562 -56.33 -41.21 -12.08
N GLY A 1563 -55.50 -41.69 -11.14
CA GLY A 1563 -55.73 -42.96 -10.46
C GLY A 1563 -55.07 -44.15 -11.10
N PHE A 1564 -54.52 -43.98 -12.32
CA PHE A 1564 -53.83 -45.02 -13.10
C PHE A 1564 -52.65 -45.55 -12.32
N GLN A 1565 -52.50 -46.88 -12.31
CA GLN A 1565 -51.40 -47.57 -11.67
C GLN A 1565 -50.80 -48.54 -12.69
N LEU A 1566 -49.95 -47.99 -13.58
CA LEU A 1566 -49.27 -48.74 -14.64
C LEU A 1566 -48.38 -49.86 -14.10
N SER A 1567 -47.93 -49.72 -12.84
CA SER A 1567 -47.12 -50.70 -12.11
C SER A 1567 -47.86 -52.04 -11.94
N ASN A 1568 -49.21 -51.99 -11.89
CA ASN A 1568 -50.10 -53.16 -11.75
C ASN A 1568 -50.44 -53.83 -13.09
N ILE A 1569 -50.29 -53.10 -14.22
CA ILE A 1569 -50.64 -53.65 -15.54
C ILE A 1569 -49.39 -53.91 -16.42
N ILE A 1570 -48.29 -53.18 -16.20
CA ILE A 1570 -47.03 -53.36 -16.92
C ILE A 1570 -46.02 -53.92 -15.90
N PRO A 1571 -45.73 -55.25 -15.94
CA PRO A 1571 -44.76 -55.80 -14.97
C PRO A 1571 -43.38 -55.17 -15.06
N GLY A 1572 -42.86 -54.77 -13.90
CA GLY A 1572 -41.55 -54.13 -13.78
C GLY A 1572 -41.59 -52.62 -13.79
N PHE A 1573 -42.73 -52.02 -14.23
CA PHE A 1573 -42.91 -50.56 -14.29
C PHE A 1573 -42.74 -49.94 -12.90
N PRO A 1574 -41.95 -48.86 -12.75
CA PRO A 1574 -41.72 -48.28 -11.42
C PRO A 1574 -42.98 -47.72 -10.73
N ARG A 1575 -43.19 -48.16 -9.49
CA ARG A 1575 -44.32 -47.73 -8.66
C ARG A 1575 -43.98 -46.36 -8.05
N ALA A 1576 -44.95 -45.43 -8.08
CA ALA A 1576 -44.79 -44.08 -7.53
C ALA A 1576 -44.62 -44.18 -6.00
N LYS A 1577 -43.50 -43.64 -5.50
CA LYS A 1577 -43.15 -43.65 -4.07
C LYS A 1577 -44.09 -42.78 -3.24
N MET A 1578 -44.69 -43.38 -2.21
CA MET A 1578 -45.64 -42.72 -1.31
C MET A 1578 -45.02 -42.65 0.10
N TYR A 1579 -44.00 -41.78 0.25
CA TYR A 1579 -43.28 -41.59 1.53
C TYR A 1579 -43.17 -40.12 1.90
N PHE A 1580 -43.42 -39.80 3.19
CA PHE A 1580 -43.20 -38.46 3.73
C PHE A 1580 -41.73 -38.41 4.13
N VAL A 1581 -41.30 -39.41 4.94
CA VAL A 1581 -39.93 -39.60 5.39
C VAL A 1581 -39.35 -40.76 4.55
N SER A 1582 -38.18 -40.52 3.94
CA SER A 1582 -37.47 -41.51 3.11
C SER A 1582 -37.12 -42.74 3.96
N PRO A 1583 -37.38 -43.97 3.47
CA PRO A 1583 -37.09 -45.17 4.28
C PRO A 1583 -35.60 -45.44 4.46
N PRO A 1584 -35.18 -46.26 5.45
CA PRO A 1584 -33.73 -46.53 5.61
C PRO A 1584 -33.18 -47.36 4.46
N TYR A 1585 -31.87 -47.22 4.19
CA TYR A 1585 -31.13 -47.88 3.13
C TYR A 1585 -31.46 -49.36 2.95
N GLU A 1586 -31.41 -50.15 4.04
CA GLU A 1586 -31.69 -51.59 4.04
C GLU A 1586 -33.11 -51.98 3.59
N LEU A 1587 -34.09 -51.11 3.87
CA LEU A 1587 -35.49 -51.33 3.51
C LEU A 1587 -35.69 -51.18 2.00
N THR A 1588 -35.21 -50.06 1.41
CA THR A 1588 -35.29 -49.79 -0.03
C THR A 1588 -34.45 -50.81 -0.83
N GLU A 1589 -33.34 -51.28 -0.22
CA GLU A 1589 -32.43 -52.28 -0.78
C GLU A 1589 -33.05 -53.66 -0.83
N SER A 1590 -33.85 -54.03 0.20
CA SER A 1590 -34.53 -55.33 0.30
C SER A 1590 -35.60 -55.53 -0.77
N GLN A 1591 -36.16 -54.43 -1.31
CA GLN A 1591 -37.18 -54.44 -2.36
C GLN A 1591 -36.52 -54.49 -3.75
N ALA A 1592 -35.43 -53.73 -3.94
CA ALA A 1592 -34.69 -53.61 -5.20
C ALA A 1592 -33.65 -54.72 -5.47
N CYS A 1593 -33.39 -55.62 -4.49
CA CYS A 1593 -32.42 -56.72 -4.65
C CYS A 1593 -32.94 -57.83 -5.58
N GLU A 1594 -34.28 -57.95 -5.74
CA GLU A 1594 -34.91 -58.94 -6.61
C GLU A 1594 -34.73 -58.58 -8.10
N ASN A 1595 -34.43 -57.30 -8.38
CA ASN A 1595 -34.17 -56.77 -9.73
C ASN A 1595 -32.84 -57.33 -10.24
N GLY A 1596 -32.75 -57.54 -11.56
CA GLY A 1596 -31.56 -58.06 -12.24
C GLY A 1596 -30.32 -57.21 -12.05
N GLN A 1597 -29.17 -57.87 -11.76
CA GLN A 1597 -27.86 -57.24 -11.54
C GLN A 1597 -27.32 -56.62 -12.83
N LEU A 1598 -26.36 -55.67 -12.75
CA LEU A 1598 -25.80 -54.99 -13.93
C LEU A 1598 -24.26 -55.01 -14.01
N ILE A 1599 -23.65 -56.11 -13.52
CA ILE A 1599 -22.18 -56.30 -13.52
C ILE A 1599 -21.63 -56.55 -14.93
N THR A 1600 -22.24 -57.50 -15.67
CA THR A 1600 -21.80 -57.90 -17.02
C THR A 1600 -22.52 -57.10 -18.12
N GLY A 1601 -21.95 -57.15 -19.33
CA GLY A 1601 -22.47 -56.47 -20.51
C GLY A 1601 -23.82 -56.98 -21.00
N VAL A 1602 -24.06 -58.30 -20.87
CA VAL A 1602 -25.32 -58.93 -21.30
C VAL A 1602 -26.47 -58.51 -20.34
N GLN A 1603 -26.12 -58.25 -19.07
CA GLN A 1603 -27.06 -57.78 -18.05
C GLN A 1603 -27.48 -56.35 -18.35
N GLN A 1604 -26.55 -55.53 -18.86
CA GLN A 1604 -26.78 -54.13 -19.25
C GLN A 1604 -27.58 -54.03 -20.56
N THR A 1605 -27.39 -55.01 -21.48
CA THR A 1605 -28.13 -55.11 -22.76
C THR A 1605 -29.60 -55.39 -22.45
N THR A 1606 -29.86 -56.34 -21.50
CA THR A 1606 -31.19 -56.74 -21.02
C THR A 1606 -31.92 -55.53 -20.42
N GLU A 1607 -31.22 -54.72 -19.58
CA GLU A 1607 -31.78 -53.53 -18.95
C GLU A 1607 -32.20 -52.47 -19.97
N ARG A 1608 -31.40 -52.28 -21.05
CA ARG A 1608 -31.71 -51.36 -22.15
C ARG A 1608 -33.01 -51.78 -22.83
N HIS A 1609 -33.24 -53.11 -22.97
CA HIS A 1609 -34.44 -53.72 -23.53
C HIS A 1609 -35.65 -53.44 -22.63
N ASN A 1610 -35.47 -53.57 -21.29
CA ASN A 1610 -36.51 -53.32 -20.28
C ASN A 1610 -36.92 -51.85 -20.24
N GLN A 1611 -35.94 -50.93 -20.19
CA GLN A 1611 -36.18 -49.48 -20.14
C GLN A 1611 -36.82 -48.94 -21.41
N ALA A 1612 -36.36 -49.40 -22.60
CA ALA A 1612 -36.90 -48.97 -23.90
C ALA A 1612 -38.36 -49.42 -24.06
N PHE A 1613 -38.72 -50.56 -23.45
CA PHE A 1613 -40.07 -51.10 -23.47
C PHE A 1613 -41.02 -50.29 -22.57
N MET A 1614 -40.52 -49.77 -21.44
CA MET A 1614 -41.31 -48.98 -20.48
C MET A 1614 -41.42 -47.49 -20.80
N ALA A 1615 -40.68 -47.00 -21.83
CA ALA A 1615 -40.70 -45.60 -22.25
C ALA A 1615 -42.06 -45.19 -22.81
N LEU A 1616 -42.58 -44.03 -22.36
CA LEU A 1616 -43.89 -43.52 -22.78
C LEU A 1616 -43.76 -42.36 -23.78
N GLU A 1617 -43.26 -41.20 -23.34
CA GLU A 1617 -43.06 -40.00 -24.18
C GLU A 1617 -41.92 -40.25 -25.16
N GLY A 1618 -42.01 -39.63 -26.34
CA GLY A 1618 -40.97 -39.70 -27.36
C GLY A 1618 -39.75 -38.89 -26.97
N GLN A 1619 -39.96 -37.87 -26.10
CA GLN A 1619 -38.93 -36.96 -25.60
C GLN A 1619 -39.29 -36.51 -24.18
N VAL A 1620 -38.31 -36.61 -23.26
CA VAL A 1620 -38.46 -36.20 -21.86
C VAL A 1620 -37.52 -35.03 -21.57
N ILE A 1621 -38.03 -33.99 -20.88
CA ILE A 1621 -37.26 -32.80 -20.53
C ILE A 1621 -36.36 -33.07 -19.31
N SER A 1622 -35.26 -32.30 -19.19
CA SER A 1622 -34.35 -32.40 -18.05
C SER A 1622 -34.82 -31.35 -17.02
N LYS A 1623 -35.72 -31.76 -16.10
CA LYS A 1623 -36.33 -30.91 -15.08
C LYS A 1623 -35.32 -30.57 -13.96
N ARG A 1624 -34.40 -29.63 -14.27
CA ARG A 1624 -33.35 -29.18 -13.36
C ARG A 1624 -33.17 -27.66 -13.49
N LEU A 1625 -33.39 -26.93 -12.39
CA LEU A 1625 -33.17 -25.48 -12.35
C LEU A 1625 -31.88 -25.21 -11.57
N HIS A 1626 -30.82 -25.97 -11.92
CA HIS A 1626 -29.48 -25.89 -11.36
C HIS A 1626 -28.48 -26.37 -12.40
N ALA A 1627 -27.24 -25.90 -12.31
CA ALA A 1627 -26.18 -26.26 -13.25
C ALA A 1627 -25.71 -27.69 -13.00
N SER A 1628 -25.39 -28.41 -14.09
CA SER A 1628 -24.91 -29.80 -14.04
C SER A 1628 -23.49 -29.84 -13.48
N ILE A 1629 -23.28 -30.69 -12.45
CA ILE A 1629 -21.99 -30.87 -11.78
C ILE A 1629 -21.44 -32.26 -12.11
N ARG A 1630 -20.12 -32.35 -12.38
CA ARG A 1630 -19.45 -33.63 -12.66
C ARG A 1630 -19.38 -34.37 -11.32
N GLU A 1631 -20.17 -35.45 -11.21
CA GLU A 1631 -20.27 -36.26 -9.98
C GLU A 1631 -19.46 -37.53 -10.04
N LYS A 1632 -18.75 -37.81 -8.95
CA LYS A 1632 -17.92 -39.00 -8.78
C LYS A 1632 -18.59 -39.95 -7.78
N ALA A 1633 -18.30 -41.25 -7.92
CA ALA A 1633 -18.86 -42.31 -7.07
C ALA A 1633 -18.32 -42.23 -5.65
N GLY A 1634 -19.20 -41.92 -4.70
CA GLY A 1634 -18.87 -41.80 -3.29
C GLY A 1634 -18.13 -40.54 -2.86
N HIS A 1635 -17.89 -39.57 -3.78
CA HIS A 1635 -17.22 -38.28 -3.49
C HIS A 1635 -18.31 -37.20 -3.34
N TRP A 1636 -18.53 -36.73 -2.10
CA TRP A 1636 -19.54 -35.72 -1.79
C TRP A 1636 -18.98 -34.30 -1.76
N PHE A 1637 -17.78 -34.13 -1.17
CA PHE A 1637 -17.18 -32.84 -0.91
C PHE A 1637 -15.81 -32.63 -1.54
N ALA A 1638 -15.24 -31.41 -1.36
CA ALA A 1638 -13.94 -30.98 -1.85
C ALA A 1638 -12.87 -31.95 -1.41
N THR A 1639 -12.06 -32.40 -2.37
CA THR A 1639 -11.02 -33.39 -2.16
C THR A 1639 -9.77 -32.85 -1.48
N SER A 1640 -9.32 -33.57 -0.43
CA SER A 1640 -8.10 -33.30 0.31
C SER A 1640 -6.96 -33.95 -0.49
N THR A 1641 -5.75 -33.38 -0.40
CA THR A 1641 -4.54 -33.90 -1.05
C THR A 1641 -4.32 -35.38 -0.67
N PRO A 1642 -4.20 -36.30 -1.66
CA PRO A 1642 -3.99 -37.71 -1.31
C PRO A 1642 -2.55 -38.02 -0.91
N ILE A 1643 -2.35 -38.98 0.01
CA ILE A 1643 -1.03 -39.47 0.43
C ILE A 1643 -0.48 -40.26 -0.77
N ILE A 1644 -1.32 -41.14 -1.38
CA ILE A 1644 -1.04 -41.90 -2.60
C ILE A 1644 -1.26 -40.89 -3.74
N GLY A 1645 -0.18 -40.24 -4.17
CA GLY A 1645 -0.20 -39.18 -5.17
C GLY A 1645 -0.68 -39.55 -6.56
N LYS A 1646 -0.83 -38.53 -7.41
CA LYS A 1646 -1.21 -38.66 -8.81
C LYS A 1646 -0.05 -39.37 -9.53
N GLY A 1647 -0.37 -40.40 -10.30
CA GLY A 1647 0.62 -41.19 -11.02
C GLY A 1647 1.21 -42.35 -10.23
N ILE A 1648 0.69 -42.58 -9.00
CA ILE A 1648 1.12 -43.67 -8.13
C ILE A 1648 0.08 -44.78 -8.12
N MET A 1649 0.53 -46.02 -8.33
CA MET A 1649 -0.32 -47.21 -8.26
C MET A 1649 -0.19 -47.77 -6.87
N PHE A 1650 -1.33 -48.13 -6.26
CA PHE A 1650 -1.39 -48.70 -4.93
C PHE A 1650 -2.38 -49.85 -4.96
N ALA A 1651 -1.93 -51.05 -4.54
CA ALA A 1651 -2.76 -52.25 -4.52
C ALA A 1651 -2.63 -53.03 -3.23
N VAL A 1652 -3.76 -53.49 -2.70
CA VAL A 1652 -3.81 -54.33 -1.48
C VAL A 1652 -4.52 -55.64 -1.87
N LYS A 1653 -3.71 -56.67 -2.16
CA LYS A 1653 -4.16 -58.00 -2.57
C LYS A 1653 -3.83 -59.00 -1.45
N LYS A 1654 -4.87 -59.60 -0.83
CA LYS A 1654 -4.78 -60.56 0.28
C LYS A 1654 -3.93 -60.02 1.47
N GLY A 1655 -4.07 -58.73 1.74
CA GLY A 1655 -3.35 -58.03 2.80
C GLY A 1655 -1.92 -57.63 2.46
N ARG A 1656 -1.47 -57.86 1.22
CA ARG A 1656 -0.12 -57.53 0.77
C ARG A 1656 -0.13 -56.28 -0.11
N VAL A 1657 0.76 -55.32 0.20
CA VAL A 1657 0.86 -54.04 -0.52
C VAL A 1657 1.89 -54.09 -1.65
N THR A 1658 1.47 -53.64 -2.83
CA THR A 1658 2.28 -53.51 -4.04
C THR A 1658 2.04 -52.10 -4.59
N THR A 1659 3.12 -51.42 -4.98
CA THR A 1659 3.05 -50.06 -5.54
C THR A 1659 3.71 -49.98 -6.91
N GLY A 1660 3.25 -49.03 -7.72
CA GLY A 1660 3.75 -48.76 -9.05
C GLY A 1660 3.94 -47.27 -9.27
N ILE A 1661 4.71 -46.91 -10.30
CA ILE A 1661 5.01 -45.51 -10.62
C ILE A 1661 4.80 -45.21 -12.10
N SER A 1662 4.13 -44.09 -12.41
CA SER A 1662 3.92 -43.60 -13.77
C SER A 1662 4.74 -42.30 -13.95
N SER A 1663 4.86 -41.82 -15.20
CA SER A 1663 5.64 -40.63 -15.58
C SER A 1663 5.27 -39.33 -14.85
N ILE A 1664 3.97 -39.07 -14.63
CA ILE A 1664 3.49 -37.83 -14.00
C ILE A 1664 3.78 -37.74 -12.48
N ALA A 1665 3.99 -38.89 -11.79
CA ALA A 1665 4.27 -38.91 -10.35
C ALA A 1665 5.46 -38.04 -9.94
N THR A 1666 5.28 -37.25 -8.87
CA THR A 1666 6.33 -36.37 -8.33
C THR A 1666 7.33 -37.23 -7.57
N ASP A 1667 8.54 -36.69 -7.30
CA ASP A 1667 9.59 -37.41 -6.58
C ASP A 1667 9.17 -37.81 -5.16
N ASP A 1668 8.47 -36.89 -4.45
CA ASP A 1668 7.98 -37.13 -3.08
C ASP A 1668 6.87 -38.18 -2.99
N SER A 1669 6.06 -38.32 -4.07
CA SER A 1669 4.98 -39.33 -4.18
C SER A 1669 5.60 -40.70 -4.40
N ARG A 1670 6.75 -40.76 -5.14
CA ARG A 1670 7.52 -41.98 -5.42
C ARG A 1670 8.21 -42.48 -4.16
N LYS A 1671 8.54 -41.55 -3.23
CA LYS A 1671 9.18 -41.85 -1.95
C LYS A 1671 8.23 -42.62 -1.05
N ILE A 1672 6.95 -42.17 -0.98
CA ILE A 1672 5.86 -42.79 -0.20
C ILE A 1672 5.57 -44.19 -0.79
N ALA A 1673 5.53 -44.30 -2.13
CA ALA A 1673 5.28 -45.53 -2.88
C ALA A 1673 6.35 -46.58 -2.57
N SER A 1674 7.64 -46.17 -2.56
CA SER A 1674 8.79 -47.01 -2.27
C SER A 1674 8.74 -47.58 -0.85
N VAL A 1675 8.33 -46.75 0.12
CA VAL A 1675 8.21 -47.14 1.54
C VAL A 1675 7.02 -48.09 1.75
N LEU A 1676 5.88 -47.83 1.09
CA LEU A 1676 4.68 -48.65 1.23
C LEU A 1676 4.75 -50.00 0.51
N ASN A 1677 5.62 -50.15 -0.51
CA ASN A 1677 5.78 -51.41 -1.25
C ASN A 1677 6.23 -52.55 -0.34
N SER A 1678 5.66 -53.75 -0.54
CA SER A 1678 5.90 -55.01 0.18
C SER A 1678 5.40 -55.03 1.65
N ALA A 1679 4.67 -53.98 2.08
CA ALA A 1679 4.10 -53.92 3.43
C ALA A 1679 2.88 -54.82 3.55
N HIS A 1680 2.52 -55.22 4.79
CA HIS A 1680 1.35 -56.05 5.04
C HIS A 1680 0.28 -55.24 5.78
N TYR A 1681 -0.88 -55.03 5.15
CA TYR A 1681 -1.98 -54.26 5.72
C TYR A 1681 -2.77 -55.06 6.76
N LEU A 1682 -3.10 -54.41 7.89
CA LEU A 1682 -3.88 -55.00 8.97
C LEU A 1682 -5.35 -54.86 8.59
N GLU A 1683 -5.87 -55.87 7.86
CA GLU A 1683 -7.24 -55.94 7.35
C GLU A 1683 -8.25 -55.93 8.50
N LYS A 1684 -9.34 -55.15 8.33
CA LYS A 1684 -10.46 -54.97 9.29
C LYS A 1684 -10.06 -54.29 10.61
N MET A 1685 -8.75 -53.95 10.76
CA MET A 1685 -8.23 -53.32 11.97
C MET A 1685 -7.71 -51.90 11.73
N HIS A 1686 -8.62 -51.06 11.20
CA HIS A 1686 -8.41 -49.63 10.95
C HIS A 1686 -9.48 -48.90 11.77
N TYR A 1687 -9.10 -47.85 12.49
CA TYR A 1687 -10.03 -47.15 13.38
C TYR A 1687 -9.94 -45.64 13.26
N SER A 1688 -10.96 -44.94 13.82
CA SER A 1688 -10.99 -43.49 13.90
C SER A 1688 -10.50 -43.14 15.30
N ILE A 1689 -9.21 -42.79 15.40
CA ILE A 1689 -8.54 -42.46 16.66
C ILE A 1689 -8.24 -40.97 16.68
N GLU A 1690 -8.86 -40.24 17.64
CA GLU A 1690 -8.75 -38.79 17.83
C GLU A 1690 -9.07 -38.01 16.54
N GLY A 1691 -10.09 -38.49 15.83
CA GLY A 1691 -10.55 -37.90 14.57
C GLY A 1691 -9.83 -38.42 13.34
N LYS A 1692 -8.65 -39.03 13.53
CA LYS A 1692 -7.79 -39.54 12.47
C LYS A 1692 -8.22 -40.91 11.92
N ASP A 1693 -8.24 -41.01 10.58
CA ASP A 1693 -8.52 -42.23 9.82
C ASP A 1693 -7.19 -43.02 9.75
N THR A 1694 -6.85 -43.69 10.88
CA THR A 1694 -5.61 -44.45 11.06
C THR A 1694 -5.68 -45.87 10.47
N HIS A 1695 -4.74 -46.18 9.57
CA HIS A 1695 -4.57 -47.47 8.89
C HIS A 1695 -3.22 -48.03 9.27
N TYR A 1696 -3.20 -49.31 9.71
CA TYR A 1696 -1.98 -49.98 10.18
C TYR A 1696 -1.37 -50.94 9.17
N PHE A 1697 -0.05 -50.84 9.02
CA PHE A 1697 0.77 -51.65 8.11
C PHE A 1697 2.02 -52.14 8.83
N VAL A 1698 2.60 -53.25 8.36
CA VAL A 1698 3.83 -53.84 8.91
C VAL A 1698 4.83 -54.15 7.81
N LYS A 1699 6.13 -54.04 8.13
CA LYS A 1699 7.20 -54.38 7.19
C LYS A 1699 8.22 -55.27 7.86
N ILE A 1700 8.47 -56.45 7.26
CA ILE A 1700 9.45 -57.41 7.78
C ILE A 1700 10.82 -57.11 7.17
N GLY A 1701 11.67 -56.52 8.00
CA GLY A 1701 13.03 -56.12 7.65
C GLY A 1701 13.48 -54.91 8.44
N SER A 1702 14.44 -54.17 7.87
CA SER A 1702 14.98 -52.95 8.50
C SER A 1702 14.43 -51.70 7.82
N ALA A 1703 14.25 -50.63 8.61
CA ALA A 1703 13.76 -49.34 8.15
C ALA A 1703 14.87 -48.51 7.47
N ASP A 1704 16.14 -48.95 7.58
CA ASP A 1704 17.34 -48.32 7.02
C ASP A 1704 17.22 -47.96 5.54
N SER A 1705 16.79 -48.92 4.71
CA SER A 1705 16.62 -48.73 3.26
C SER A 1705 15.58 -47.65 2.96
N ASP A 1706 14.45 -47.68 3.68
CA ASP A 1706 13.34 -46.73 3.53
C ASP A 1706 13.67 -45.34 4.11
N LEU A 1707 14.57 -45.26 5.10
CA LEU A 1707 15.00 -44.00 5.72
C LEU A 1707 15.91 -43.21 4.78
N VAL A 1708 16.69 -43.92 3.93
CA VAL A 1708 17.58 -43.37 2.91
C VAL A 1708 16.70 -42.71 1.83
N THR A 1709 15.60 -43.40 1.44
CA THR A 1709 14.60 -42.96 0.46
C THR A 1709 13.92 -41.66 0.93
N LEU A 1710 13.49 -41.60 2.21
CA LEU A 1710 12.83 -40.45 2.80
C LEU A 1710 13.79 -39.29 3.09
N ALA A 1711 15.13 -39.57 3.08
CA ALA A 1711 16.23 -38.64 3.35
C ALA A 1711 16.11 -38.00 4.74
N MET A 1712 15.86 -38.84 5.76
CA MET A 1712 15.71 -38.45 7.17
C MET A 1712 16.12 -39.60 8.13
N THR A 1713 16.35 -39.25 9.41
CA THR A 1713 16.75 -40.21 10.45
C THR A 1713 15.68 -40.32 11.54
N SER A 1714 15.15 -39.17 12.00
CA SER A 1714 14.11 -39.06 13.03
C SER A 1714 13.37 -37.72 12.91
N GLY A 1715 12.27 -37.58 13.66
CA GLY A 1715 11.45 -36.38 13.68
C GLY A 1715 10.40 -36.33 12.58
N ARG A 1716 9.95 -35.12 12.25
CA ARG A 1716 8.92 -34.86 11.23
C ARG A 1716 9.47 -34.08 10.04
N LYS A 1717 9.09 -34.51 8.82
CA LYS A 1717 9.47 -33.89 7.55
C LYS A 1717 8.20 -33.60 6.74
N VAL A 1718 8.12 -32.40 6.14
CA VAL A 1718 6.98 -31.97 5.32
C VAL A 1718 7.39 -32.05 3.85
N LEU A 1719 6.62 -32.79 3.04
CA LEU A 1719 6.86 -32.97 1.61
C LEU A 1719 6.25 -31.81 0.80
N ASP A 1720 6.56 -31.73 -0.51
CA ASP A 1720 6.06 -30.69 -1.43
C ASP A 1720 4.52 -30.62 -1.45
N SER A 1721 3.85 -31.77 -1.33
CA SER A 1721 2.39 -31.94 -1.28
C SER A 1721 1.79 -31.44 0.04
N GLY A 1722 2.59 -31.43 1.09
CA GLY A 1722 2.18 -31.03 2.43
C GLY A 1722 2.06 -32.20 3.39
N VAL A 1723 2.26 -33.43 2.87
CA VAL A 1723 2.19 -34.70 3.60
C VAL A 1723 3.30 -34.76 4.66
N ASN A 1724 2.91 -35.05 5.91
CA ASN A 1724 3.81 -35.18 7.06
C ASN A 1724 4.38 -36.58 7.17
N VAL A 1725 5.70 -36.69 7.30
CA VAL A 1725 6.41 -37.97 7.49
C VAL A 1725 7.06 -37.91 8.87
N THR A 1726 6.59 -38.76 9.80
CA THR A 1726 7.12 -38.81 11.17
C THR A 1726 7.79 -40.16 11.45
N VAL A 1727 9.11 -40.11 11.74
CA VAL A 1727 9.91 -41.28 12.08
C VAL A 1727 10.20 -41.24 13.58
N SER A 1728 9.82 -42.31 14.29
CA SER A 1728 10.00 -42.43 15.74
C SER A 1728 10.29 -43.87 16.16
N GLN A 1729 10.85 -44.06 17.37
CA GLN A 1729 11.13 -45.39 17.92
C GLN A 1729 10.38 -45.57 19.25
N PRO A 1730 9.06 -45.89 19.22
CA PRO A 1730 8.32 -46.03 20.48
C PRO A 1730 8.56 -47.34 21.23
N THR A 1731 8.27 -47.33 22.55
CA THR A 1731 8.41 -48.47 23.45
C THR A 1731 7.02 -48.74 24.06
N LEU A 1732 6.33 -49.79 23.57
CA LEU A 1732 4.97 -50.13 24.02
C LEU A 1732 4.93 -51.29 25.03
N LEU A 1733 3.94 -51.23 25.97
CA LEU A 1733 3.70 -52.24 26.99
C LEU A 1733 2.30 -52.83 26.73
N ILE A 1734 2.26 -53.97 26.01
CA ILE A 1734 1.01 -54.65 25.64
C ILE A 1734 0.90 -55.99 26.37
N ASN A 1735 -0.06 -56.07 27.33
CA ASN A 1735 -0.37 -57.24 28.17
C ASN A 1735 0.85 -57.73 29.00
N GLY A 1736 1.64 -56.77 29.49
CA GLY A 1736 2.83 -57.03 30.29
C GLY A 1736 4.09 -57.36 29.50
N ARG A 1737 4.05 -57.15 28.17
CA ARG A 1737 5.18 -57.40 27.25
C ARG A 1737 5.74 -56.07 26.74
N THR A 1738 7.06 -55.85 26.90
CA THR A 1738 7.75 -54.64 26.44
C THR A 1738 8.39 -54.87 25.07
N ARG A 1739 8.16 -53.94 24.12
CA ARG A 1739 8.69 -54.00 22.75
C ARG A 1739 9.07 -52.63 22.20
N ARG A 1740 10.24 -52.54 21.55
CA ARG A 1740 10.77 -51.32 20.93
C ARG A 1740 10.99 -51.57 19.43
N PHE A 1741 10.42 -50.72 18.57
CA PHE A 1741 10.47 -50.84 17.11
C PHE A 1741 10.53 -49.48 16.40
N THR A 1742 10.89 -49.47 15.10
CA THR A 1742 10.91 -48.25 14.28
C THR A 1742 9.49 -48.02 13.73
N ASN A 1743 9.02 -46.75 13.71
CA ASN A 1743 7.68 -46.38 13.26
C ASN A 1743 7.66 -45.20 12.28
N ILE A 1744 7.26 -45.46 11.02
CA ILE A 1744 7.14 -44.42 9.98
C ILE A 1744 5.65 -44.12 9.81
N GLU A 1745 5.28 -42.84 9.98
CA GLU A 1745 3.90 -42.38 9.88
C GLU A 1745 3.74 -41.32 8.77
N PHE A 1746 2.81 -41.59 7.82
CA PHE A 1746 2.45 -40.67 6.72
C PHE A 1746 1.10 -40.07 7.07
N GLN A 1747 0.99 -38.73 7.08
CA GLN A 1747 -0.26 -38.07 7.46
C GLN A 1747 -0.57 -36.78 6.67
N TYR A 1748 -1.82 -36.67 6.20
CA TYR A 1748 -2.38 -35.47 5.56
C TYR A 1748 -3.78 -35.31 6.11
N SER A 1749 -4.04 -34.16 6.78
CA SER A 1749 -5.33 -33.83 7.40
C SER A 1749 -5.79 -34.99 8.33
N THR A 1750 -6.98 -35.60 8.13
CA THR A 1750 -7.41 -36.70 9.01
C THR A 1750 -6.80 -38.06 8.63
N LEU A 1751 -6.40 -38.26 7.37
CA LEU A 1751 -5.80 -39.54 6.95
C LEU A 1751 -4.43 -39.72 7.58
N LEU A 1752 -4.23 -40.91 8.15
CA LEU A 1752 -3.00 -41.33 8.80
C LEU A 1752 -2.69 -42.77 8.42
N ILE A 1753 -1.50 -43.01 7.86
CA ILE A 1753 -1.00 -44.32 7.46
C ILE A 1753 0.23 -44.62 8.35
N ASN A 1754 0.17 -45.70 9.14
CA ASN A 1754 1.22 -46.07 10.08
C ASN A 1754 1.91 -47.38 9.68
N ILE A 1755 3.27 -47.39 9.68
CA ILE A 1755 4.08 -48.56 9.35
C ILE A 1755 4.98 -48.94 10.53
N ARG A 1756 4.89 -50.21 10.99
CA ARG A 1756 5.71 -50.78 12.07
C ARG A 1756 6.74 -51.74 11.48
N TYR A 1757 8.02 -51.57 11.84
CA TYR A 1757 9.11 -52.41 11.36
C TYR A 1757 9.50 -53.47 12.39
N GLY A 1758 9.60 -54.71 11.92
CA GLY A 1758 9.98 -55.87 12.70
C GLY A 1758 10.86 -56.81 11.90
N LEU A 1759 11.43 -57.82 12.56
CA LEU A 1759 12.30 -58.79 11.90
C LEU A 1759 11.74 -60.21 11.97
N THR A 1760 11.02 -60.52 13.06
CA THR A 1760 10.40 -61.83 13.33
C THR A 1760 9.17 -62.06 12.42
N ALA A 1761 8.72 -63.34 12.33
CA ALA A 1761 7.55 -63.71 11.54
C ALA A 1761 6.26 -63.28 12.25
N ASP A 1762 6.31 -63.20 13.59
CA ASP A 1762 5.19 -62.80 14.45
C ASP A 1762 4.92 -61.28 14.51
N THR A 1763 5.63 -60.48 13.66
CA THR A 1763 5.48 -59.01 13.58
C THR A 1763 4.03 -58.59 13.30
N LEU A 1764 3.39 -59.22 12.29
CA LEU A 1764 2.00 -58.96 11.92
C LEU A 1764 1.05 -59.32 13.06
N ASP A 1765 1.28 -60.47 13.73
CA ASP A 1765 0.49 -60.96 14.86
C ASP A 1765 0.65 -60.09 16.11
N GLU A 1766 1.85 -59.51 16.31
CA GLU A 1766 2.14 -58.63 17.45
C GLU A 1766 1.49 -57.27 17.28
N GLU A 1767 1.52 -56.69 16.05
CA GLU A 1767 0.88 -55.41 15.73
C GLU A 1767 -0.65 -55.55 15.83
N LYS A 1768 -1.19 -56.71 15.39
CA LYS A 1768 -2.63 -57.02 15.49
C LYS A 1768 -3.04 -57.05 16.96
N ALA A 1769 -2.22 -57.69 17.82
CA ALA A 1769 -2.44 -57.77 19.27
C ALA A 1769 -2.28 -56.41 19.94
N ARG A 1770 -1.39 -55.55 19.39
CA ARG A 1770 -1.13 -54.19 19.90
C ARG A 1770 -2.31 -53.26 19.61
N VAL A 1771 -2.76 -53.19 18.34
CA VAL A 1771 -3.86 -52.32 17.89
C VAL A 1771 -5.19 -52.71 18.55
N LEU A 1772 -5.44 -54.03 18.77
CA LEU A 1772 -6.65 -54.52 19.42
C LEU A 1772 -6.67 -54.20 20.91
N ASP A 1773 -5.51 -54.27 21.60
CA ASP A 1773 -5.37 -53.93 23.02
C ASP A 1773 -5.54 -52.42 23.23
N GLN A 1774 -5.00 -51.61 22.29
CA GLN A 1774 -5.11 -50.15 22.33
C GLN A 1774 -6.55 -49.72 22.08
N ALA A 1775 -7.26 -50.43 21.19
CA ALA A 1775 -8.67 -50.20 20.88
C ALA A 1775 -9.53 -50.64 22.08
N ARG A 1776 -9.16 -51.76 22.74
CA ARG A 1776 -9.83 -52.28 23.94
C ARG A 1776 -9.77 -51.25 25.07
N GLN A 1777 -8.61 -50.56 25.21
CA GLN A 1777 -8.38 -49.50 26.19
C GLN A 1777 -9.25 -48.28 25.90
N ARG A 1778 -9.45 -47.96 24.60
CA ARG A 1778 -10.28 -46.84 24.15
C ARG A 1778 -11.76 -47.15 24.42
N ALA A 1779 -12.21 -48.39 24.10
CA ALA A 1779 -13.58 -48.85 24.33
C ALA A 1779 -13.91 -48.87 25.82
N LEU A 1780 -12.97 -49.37 26.66
CA LEU A 1780 -13.15 -49.43 28.11
C LEU A 1780 -13.10 -48.06 28.77
N GLY A 1781 -12.16 -47.23 28.31
CA GLY A 1781 -11.98 -45.86 28.79
C GLY A 1781 -13.23 -45.02 28.57
N SER A 1782 -13.81 -45.14 27.36
CA SER A 1782 -15.03 -44.45 26.95
C SER A 1782 -16.27 -44.99 27.68
N ALA A 1783 -16.44 -46.33 27.75
CA ALA A 1783 -17.58 -46.97 28.41
C ALA A 1783 -17.70 -46.65 29.89
N TRP A 1784 -16.56 -46.64 30.64
CA TRP A 1784 -16.54 -46.32 32.07
C TRP A 1784 -16.85 -44.83 32.30
N ALA A 1785 -16.34 -43.95 31.41
CA ALA A 1785 -16.55 -42.50 31.46
C ALA A 1785 -18.04 -42.16 31.28
N LYS A 1786 -18.68 -42.82 30.30
CA LYS A 1786 -20.11 -42.68 30.00
C LYS A 1786 -20.96 -43.20 31.15
N GLU A 1787 -20.52 -44.31 31.78
CA GLU A 1787 -21.19 -44.94 32.93
C GLU A 1787 -21.12 -44.03 34.16
N GLN A 1788 -19.96 -43.37 34.38
CA GLN A 1788 -19.73 -42.41 35.48
C GLN A 1788 -20.61 -41.17 35.28
N GLN A 1789 -20.70 -40.69 34.02
CA GLN A 1789 -21.51 -39.53 33.64
C GLN A 1789 -23.01 -39.79 33.87
N LYS A 1790 -23.48 -41.03 33.61
CA LYS A 1790 -24.88 -41.45 33.83
C LYS A 1790 -25.23 -41.35 35.31
N ALA A 1791 -24.30 -41.78 36.19
CA ALA A 1791 -24.44 -41.74 37.65
C ALA A 1791 -24.46 -40.30 38.15
N ARG A 1792 -23.62 -39.41 37.56
CA ARG A 1792 -23.52 -37.98 37.90
C ARG A 1792 -24.80 -37.23 37.51
N ASP A 1793 -25.36 -37.52 36.32
CA ASP A 1793 -26.57 -36.91 35.76
C ASP A 1793 -27.88 -37.41 36.39
N GLY A 1794 -27.81 -38.54 37.09
CA GLY A 1794 -28.96 -39.16 37.72
C GLY A 1794 -29.74 -40.03 36.76
N ARG A 1795 -29.11 -40.38 35.62
CA ARG A 1795 -29.68 -41.23 34.57
C ARG A 1795 -29.44 -42.71 34.92
N GLU A 1796 -30.28 -43.60 34.37
CA GLU A 1796 -30.16 -45.05 34.58
C GLU A 1796 -28.96 -45.59 33.79
N GLY A 1797 -28.14 -46.39 34.46
CA GLY A 1797 -26.95 -46.99 33.88
C GLY A 1797 -27.21 -48.23 33.05
N SER A 1798 -26.15 -48.78 32.43
CA SER A 1798 -26.21 -49.98 31.60
C SER A 1798 -26.48 -51.23 32.45
N ARG A 1799 -26.00 -51.22 33.71
CA ARG A 1799 -26.14 -52.29 34.69
C ARG A 1799 -26.74 -51.71 35.97
N VAL A 1800 -27.42 -52.56 36.77
CA VAL A 1800 -27.99 -52.14 38.04
C VAL A 1800 -26.89 -52.15 39.13
N TRP A 1801 -26.48 -50.96 39.58
CA TRP A 1801 -25.44 -50.79 40.60
C TRP A 1801 -26.08 -50.51 41.96
N THR A 1802 -25.46 -51.02 43.04
CA THR A 1802 -25.93 -50.75 44.40
C THR A 1802 -25.44 -49.35 44.81
N ASP A 1803 -25.92 -48.83 45.96
CA ASP A 1803 -25.54 -47.51 46.49
C ASP A 1803 -24.02 -47.36 46.67
N GLY A 1804 -23.38 -48.44 47.12
CA GLY A 1804 -21.94 -48.52 47.32
C GLY A 1804 -21.17 -48.55 46.01
N GLU A 1805 -21.68 -49.35 45.04
CA GLU A 1805 -21.11 -49.49 43.71
C GLU A 1805 -21.20 -48.17 42.93
N LYS A 1806 -22.36 -47.48 43.04
CA LYS A 1806 -22.63 -46.18 42.41
C LYS A 1806 -21.69 -45.11 42.96
N GLN A 1807 -21.49 -45.09 44.29
CA GLN A 1807 -20.59 -44.13 44.95
C GLN A 1807 -19.13 -44.36 44.59
N GLN A 1808 -18.74 -45.64 44.42
CA GLN A 1808 -17.38 -46.04 44.02
C GLN A 1808 -17.09 -45.54 42.61
N LEU A 1809 -18.09 -45.64 41.70
CA LEU A 1809 -18.03 -45.19 40.31
C LEU A 1809 -17.91 -43.66 40.23
N LEU A 1810 -18.60 -42.93 41.13
CA LEU A 1810 -18.58 -41.46 41.18
C LEU A 1810 -17.23 -40.90 41.65
N ASN A 1811 -16.60 -41.56 42.64
CA ASN A 1811 -15.34 -41.14 43.24
C ASN A 1811 -14.09 -41.60 42.49
N THR A 1812 -14.00 -42.90 42.14
CA THR A 1812 -12.82 -43.45 41.45
C THR A 1812 -12.94 -43.47 39.93
N GLY A 1813 -14.12 -43.85 39.41
CA GLY A 1813 -14.36 -43.95 37.98
C GLY A 1813 -14.57 -45.38 37.51
N ARG A 1814 -14.14 -46.34 38.35
CA ARG A 1814 -14.24 -47.78 38.14
C ARG A 1814 -14.93 -48.42 39.35
N VAL A 1815 -15.49 -49.63 39.17
CA VAL A 1815 -16.13 -50.38 40.25
C VAL A 1815 -15.36 -51.69 40.47
N GLN A 1816 -14.93 -51.94 41.72
CA GLN A 1816 -14.16 -53.13 42.13
C GLN A 1816 -14.91 -54.44 41.88
N GLY A 1817 -14.25 -55.36 41.18
CA GLY A 1817 -14.80 -56.65 40.82
C GLY A 1817 -15.49 -56.66 39.46
N TYR A 1818 -15.77 -55.45 38.92
CA TYR A 1818 -16.42 -55.28 37.62
C TYR A 1818 -15.43 -54.85 36.54
N GLU A 1819 -15.58 -55.45 35.35
CA GLU A 1819 -14.77 -55.17 34.18
C GLU A 1819 -15.68 -55.18 32.93
N GLY A 1820 -15.29 -54.42 31.92
CA GLY A 1820 -16.02 -54.35 30.67
C GLY A 1820 -15.61 -55.46 29.72
N TYR A 1821 -16.61 -56.16 29.18
CA TYR A 1821 -16.42 -57.29 28.25
C TYR A 1821 -17.20 -57.02 26.96
N TYR A 1822 -16.71 -57.56 25.83
CA TYR A 1822 -17.37 -57.39 24.53
C TYR A 1822 -18.64 -58.24 24.45
N VAL A 1823 -19.75 -57.63 23.97
CA VAL A 1823 -21.02 -58.33 23.78
C VAL A 1823 -20.86 -59.12 22.46
N LEU A 1824 -20.52 -58.43 21.36
CA LEU A 1824 -20.23 -59.06 20.08
C LEU A 1824 -18.74 -59.40 20.05
N PRO A 1825 -18.36 -60.69 19.85
CA PRO A 1825 -16.93 -61.06 19.90
C PRO A 1825 -16.03 -60.30 18.93
N VAL A 1826 -14.93 -59.75 19.46
CA VAL A 1826 -13.91 -58.98 18.73
C VAL A 1826 -13.17 -59.87 17.71
N GLU A 1827 -13.19 -61.19 17.92
CA GLU A 1827 -12.55 -62.18 17.04
C GLU A 1827 -13.29 -62.26 15.68
N GLN A 1828 -14.64 -62.09 15.71
CA GLN A 1828 -15.50 -62.11 14.53
C GLN A 1828 -15.85 -60.69 14.07
N TYR A 1829 -15.78 -59.71 15.00
CA TYR A 1829 -16.08 -58.31 14.71
C TYR A 1829 -14.90 -57.40 15.16
N PRO A 1830 -13.73 -57.42 14.46
CA PRO A 1830 -12.61 -56.55 14.89
C PRO A 1830 -12.83 -55.06 14.68
N GLU A 1831 -13.77 -54.69 13.82
CA GLU A 1831 -14.14 -53.29 13.54
C GLU A 1831 -14.81 -52.59 14.74
N LEU A 1832 -15.40 -53.38 15.68
CA LEU A 1832 -16.07 -52.89 16.90
C LEU A 1832 -15.13 -52.85 18.11
N ALA A 1833 -13.82 -53.08 17.90
CA ALA A 1833 -12.81 -53.14 18.97
C ALA A 1833 -12.72 -51.90 19.87
N ASP A 1834 -12.95 -50.69 19.31
CA ASP A 1834 -12.88 -49.44 20.09
C ASP A 1834 -14.27 -48.86 20.42
N SER A 1835 -15.33 -49.63 20.15
CA SER A 1835 -16.73 -49.25 20.38
C SER A 1835 -17.16 -49.46 21.84
N SER A 1836 -17.51 -48.36 22.54
CA SER A 1836 -17.96 -48.41 23.94
C SER A 1836 -19.38 -49.00 24.07
N SER A 1837 -20.18 -48.91 22.99
CA SER A 1837 -21.55 -49.43 22.91
C SER A 1837 -21.58 -50.96 22.67
N ASN A 1838 -20.39 -51.58 22.54
CA ASN A 1838 -20.23 -53.03 22.38
C ASN A 1838 -19.70 -53.65 23.70
N ILE A 1839 -19.56 -52.82 24.74
CA ILE A 1839 -19.04 -53.19 26.06
C ILE A 1839 -20.18 -53.35 27.09
N GLN A 1840 -20.06 -54.37 27.96
CA GLN A 1840 -20.99 -54.66 29.06
C GLN A 1840 -20.19 -54.89 30.35
N PHE A 1841 -20.62 -54.27 31.46
CA PHE A 1841 -19.93 -54.44 32.75
C PHE A 1841 -20.48 -55.65 33.49
N LEU A 1842 -19.59 -56.61 33.79
CA LEU A 1842 -19.92 -57.85 34.48
C LEU A 1842 -18.89 -58.20 35.53
N ARG A 1843 -19.34 -58.85 36.63
CA ARG A 1843 -18.45 -59.35 37.67
C ARG A 1843 -18.02 -60.76 37.24
N GLN A 1844 -17.01 -61.36 37.92
CA GLN A 1844 -16.47 -62.68 37.56
C GLN A 1844 -17.48 -63.85 37.77
N ASN A 1845 -18.69 -63.55 38.28
CA ASN A 1845 -19.79 -64.51 38.49
C ASN A 1845 -20.52 -64.82 37.18
N GLU A 1846 -20.48 -63.87 36.20
CA GLU A 1846 -21.07 -63.93 34.86
C GLU A 1846 -22.58 -64.19 34.86
N LEU B 4 -58.87 38.05 88.72
CA LEU B 4 -59.79 36.91 88.82
C LEU B 4 -59.80 36.28 90.22
N VAL B 5 -59.70 34.94 90.32
CA VAL B 5 -59.75 34.19 91.59
C VAL B 5 -58.49 33.32 91.78
N SER B 6 -57.88 33.40 92.98
CA SER B 6 -56.67 32.65 93.37
C SER B 6 -56.95 31.59 94.45
N LEU B 7 -56.02 30.62 94.60
CA LEU B 7 -56.08 29.53 95.59
C LEU B 7 -54.88 29.61 96.53
N ILE B 8 -55.10 29.45 97.85
CA ILE B 8 -54.05 29.50 98.86
C ILE B 8 -53.85 28.11 99.49
N ARG B 9 -52.58 27.72 99.73
CA ARG B 9 -52.21 26.47 100.37
C ARG B 9 -50.92 26.63 101.16
N GLY B 10 -50.97 26.27 102.45
CA GLY B 10 -49.83 26.35 103.36
C GLY B 10 -49.92 25.34 104.48
N GLN B 11 -48.82 25.21 105.25
CA GLN B 11 -48.72 24.29 106.39
C GLN B 11 -48.47 25.06 107.69
N VAL B 12 -49.10 24.61 108.78
CA VAL B 12 -48.93 25.18 110.12
C VAL B 12 -48.26 24.09 110.98
N VAL B 13 -47.04 24.36 111.47
CA VAL B 13 -46.26 23.42 112.29
C VAL B 13 -45.89 24.00 113.67
N THR B 14 -45.33 23.15 114.56
CA THR B 14 -44.88 23.53 115.90
C THR B 14 -43.40 23.96 115.82
N THR B 15 -42.68 24.05 116.97
CA THR B 15 -41.27 24.44 117.03
C THR B 15 -40.36 23.36 116.39
N ASP B 16 -40.63 22.08 116.70
CA ASP B 16 -39.88 20.93 116.17
C ASP B 16 -40.14 20.67 114.68
N GLY B 17 -41.41 20.79 114.26
CA GLY B 17 -41.83 20.60 112.88
C GLY B 17 -42.99 19.63 112.71
N THR B 18 -43.88 19.55 113.72
CA THR B 18 -45.06 18.68 113.71
C THR B 18 -46.31 19.47 113.30
N PRO B 19 -47.08 19.02 112.27
CA PRO B 19 -48.28 19.77 111.85
C PRO B 19 -49.43 19.69 112.85
N LEU B 20 -50.11 20.83 113.09
CA LEU B 20 -51.24 20.95 114.02
C LEU B 20 -52.57 20.45 113.45
N VAL B 21 -53.32 19.68 114.25
CA VAL B 21 -54.59 19.04 113.90
C VAL B 21 -55.83 19.98 114.10
N GLY B 22 -55.62 21.20 114.58
CA GLY B 22 -56.72 22.12 114.80
C GLY B 22 -56.41 23.60 114.82
N VAL B 23 -56.34 24.22 113.61
CA VAL B 23 -56.08 25.66 113.44
C VAL B 23 -57.24 26.30 112.66
N ASN B 24 -57.90 27.33 113.24
CA ASN B 24 -58.99 28.04 112.58
C ASN B 24 -58.44 29.23 111.78
N VAL B 25 -58.18 28.99 110.48
CA VAL B 25 -57.64 29.99 109.55
C VAL B 25 -58.78 30.88 109.07
N SER B 26 -58.77 32.16 109.47
CA SER B 26 -59.82 33.14 109.15
C SER B 26 -59.33 34.28 108.25
N PHE B 27 -60.25 34.85 107.45
CA PHE B 27 -59.99 35.98 106.56
C PHE B 27 -61.23 36.85 106.38
N VAL B 28 -61.05 38.18 106.51
CA VAL B 28 -62.13 39.16 106.36
C VAL B 28 -61.67 40.20 105.32
N LYS B 29 -62.40 40.30 104.19
CA LYS B 29 -62.11 41.24 103.10
C LYS B 29 -63.41 41.60 102.36
N TYR B 30 -63.84 42.88 102.46
CA TYR B 30 -65.06 43.43 101.86
C TYR B 30 -66.31 42.62 102.32
N PRO B 31 -67.36 42.25 101.53
CA PRO B 31 -68.45 41.44 102.13
C PRO B 31 -68.13 39.93 102.15
N LYS B 32 -66.98 39.52 101.57
CA LYS B 32 -66.51 38.13 101.49
C LYS B 32 -65.99 37.62 102.83
N TYR B 33 -66.52 36.46 103.27
CA TYR B 33 -66.17 35.79 104.52
C TYR B 33 -65.89 34.31 104.29
N GLY B 34 -65.04 33.72 105.11
CA GLY B 34 -64.68 32.31 105.03
C GLY B 34 -63.67 31.85 106.07
N TYR B 35 -63.69 30.55 106.39
CA TYR B 35 -62.79 29.92 107.35
C TYR B 35 -62.52 28.45 107.02
N THR B 36 -61.36 27.93 107.47
CA THR B 36 -60.98 26.53 107.29
C THR B 36 -60.30 25.98 108.55
N ILE B 37 -60.56 24.70 108.85
CA ILE B 37 -59.98 24.01 110.02
C ILE B 37 -59.04 22.91 109.53
N THR B 38 -57.75 23.00 109.95
CA THR B 38 -56.69 22.07 109.58
C THR B 38 -56.97 20.66 110.10
N ARG B 39 -56.53 19.64 109.34
CA ARG B 39 -56.70 18.23 109.70
C ARG B 39 -55.35 17.65 110.17
N GLN B 40 -55.22 16.30 110.21
CA GLN B 40 -54.02 15.57 110.63
C GLN B 40 -52.75 16.08 109.93
N ASP B 41 -52.84 16.35 108.61
CA ASP B 41 -51.77 16.86 107.74
C ASP B 41 -51.31 18.30 108.06
N GLY B 42 -52.15 19.05 108.76
CA GLY B 42 -51.90 20.43 109.15
C GLY B 42 -51.90 21.41 107.99
N MET B 43 -52.72 21.11 106.95
CA MET B 43 -52.83 21.93 105.74
C MET B 43 -54.09 22.77 105.72
N PHE B 44 -53.98 24.01 105.24
CA PHE B 44 -55.10 24.91 105.06
C PHE B 44 -55.27 25.27 103.59
N ASP B 45 -56.51 25.16 103.08
CA ASP B 45 -56.84 25.43 101.68
C ASP B 45 -57.98 26.46 101.61
N LEU B 46 -57.70 27.62 101.01
CA LEU B 46 -58.69 28.71 100.88
C LEU B 46 -58.75 29.34 99.49
N VAL B 47 -59.93 29.85 99.14
CA VAL B 47 -60.23 30.52 97.86
C VAL B 47 -60.43 32.02 98.14
N ALA B 48 -59.69 32.87 97.40
CA ALA B 48 -59.77 34.33 97.55
C ALA B 48 -59.57 35.06 96.23
N ASN B 49 -59.97 36.35 96.19
CA ASN B 49 -59.81 37.19 95.00
C ASN B 49 -58.35 37.64 94.89
N GLY B 50 -57.77 37.41 93.72
CA GLY B 50 -56.37 37.74 93.43
C GLY B 50 -56.10 39.18 93.08
N GLY B 51 -54.82 39.54 93.15
CA GLY B 51 -54.32 40.88 92.84
C GLY B 51 -54.10 41.72 94.08
N SER B 52 -55.16 41.85 94.89
CA SER B 52 -55.18 42.60 96.14
C SER B 52 -54.52 41.82 97.29
N SER B 53 -54.00 42.53 98.32
CA SER B 53 -53.37 41.92 99.49
C SER B 53 -54.39 41.43 100.52
N LEU B 54 -54.24 40.17 100.97
CA LEU B 54 -55.13 39.52 101.94
C LEU B 54 -54.39 39.21 103.24
N THR B 55 -55.07 39.45 104.38
CA THR B 55 -54.53 39.18 105.71
C THR B 55 -55.24 37.96 106.31
N LEU B 56 -54.47 37.03 106.88
CA LEU B 56 -55.00 35.79 107.44
C LEU B 56 -54.68 35.61 108.92
N HIS B 57 -55.72 35.29 109.72
CA HIS B 57 -55.63 35.06 111.15
C HIS B 57 -55.64 33.56 111.44
N PHE B 58 -54.84 33.11 112.43
CA PHE B 58 -54.73 31.71 112.82
C PHE B 58 -55.14 31.53 114.29
N GLU B 59 -56.09 30.60 114.56
CA GLU B 59 -56.60 30.33 115.90
C GLU B 59 -56.27 28.92 116.42
N ARG B 60 -55.50 28.84 117.51
CA ARG B 60 -55.12 27.59 118.17
C ARG B 60 -55.27 27.74 119.68
N ALA B 61 -55.66 26.64 120.37
CA ALA B 61 -55.90 26.63 121.81
C ALA B 61 -54.64 26.89 122.69
N PRO B 62 -53.56 26.05 122.73
CA PRO B 62 -52.43 26.38 123.62
C PRO B 62 -51.32 27.25 123.00
N PHE B 63 -51.54 27.78 121.78
CA PHE B 63 -50.55 28.60 121.09
C PHE B 63 -51.01 30.03 120.82
N MET B 64 -50.04 30.96 120.73
CA MET B 64 -50.24 32.39 120.48
C MET B 64 -50.82 32.61 119.08
N SER B 65 -52.01 33.25 119.01
CA SER B 65 -52.71 33.53 117.76
C SER B 65 -51.95 34.56 116.92
N GLN B 66 -51.47 34.11 115.74
CA GLN B 66 -50.68 34.94 114.82
C GLN B 66 -51.44 35.35 113.57
N GLU B 67 -51.01 36.46 112.96
CA GLU B 67 -51.58 37.03 111.74
C GLU B 67 -50.50 37.18 110.66
N ARG B 68 -50.85 36.87 109.40
CA ARG B 68 -49.93 36.98 108.27
C ARG B 68 -50.62 37.58 107.05
N THR B 69 -50.06 38.69 106.52
CA THR B 69 -50.57 39.39 105.33
C THR B 69 -49.75 38.95 104.12
N VAL B 70 -50.42 38.68 102.97
CA VAL B 70 -49.77 38.23 101.73
C VAL B 70 -50.29 38.94 100.48
N TRP B 71 -49.38 39.19 99.51
CA TRP B 71 -49.68 39.78 98.20
C TRP B 71 -50.15 38.62 97.33
N LEU B 72 -51.43 38.61 96.93
CA LEU B 72 -51.98 37.52 96.13
C LEU B 72 -51.77 37.69 94.62
N PRO B 73 -51.35 36.63 93.88
CA PRO B 73 -51.27 36.75 92.41
C PRO B 73 -52.68 36.81 91.82
N TRP B 74 -52.85 37.42 90.64
CA TRP B 74 -54.15 37.64 90.00
C TRP B 74 -55.02 36.39 89.79
N ASN B 75 -54.49 35.35 89.11
CA ASN B 75 -55.23 34.11 88.82
C ASN B 75 -54.26 32.91 88.84
N SER B 76 -53.66 32.66 90.01
CA SER B 76 -52.68 31.58 90.20
C SER B 76 -52.88 30.82 91.52
N PHE B 77 -52.20 29.67 91.67
CA PHE B 77 -52.21 28.83 92.86
C PHE B 77 -51.04 29.26 93.75
N TYR B 78 -51.33 30.09 94.77
CA TYR B 78 -50.37 30.63 95.72
C TYR B 78 -50.02 29.64 96.83
N ALA B 79 -48.72 29.33 96.97
CA ALA B 79 -48.20 28.42 98.01
C ALA B 79 -47.63 29.29 99.15
N MET B 80 -48.42 29.44 100.23
CA MET B 80 -48.09 30.25 101.40
C MET B 80 -47.00 29.61 102.28
N ASP B 81 -46.10 30.46 102.83
CA ASP B 81 -44.99 30.07 103.71
C ASP B 81 -45.47 29.29 104.94
N THR B 82 -44.63 28.37 105.44
CA THR B 82 -44.92 27.54 106.61
C THR B 82 -44.94 28.41 107.88
N LEU B 83 -45.98 28.24 108.71
CA LEU B 83 -46.18 28.98 109.96
C LEU B 83 -45.74 28.16 111.19
N VAL B 84 -44.81 28.70 111.99
CA VAL B 84 -44.28 28.07 113.20
C VAL B 84 -44.98 28.71 114.42
N MET B 85 -45.73 27.90 115.18
CA MET B 85 -46.49 28.34 116.36
C MET B 85 -45.64 28.34 117.63
N PRO B 93 -34.42 39.26 116.34
CA PRO B 93 -34.70 40.63 115.89
C PRO B 93 -33.59 41.63 116.26
N SER B 94 -32.71 41.26 117.20
CA SER B 94 -31.60 42.08 117.70
C SER B 94 -30.47 42.29 116.69
N CYS B 95 -30.07 41.22 115.96
CA CYS B 95 -28.97 41.24 114.98
C CYS B 95 -29.24 42.14 113.77
N ASP B 96 -28.16 42.75 113.23
CA ASP B 96 -28.20 43.64 112.07
C ASP B 96 -27.15 43.23 111.03
N LEU B 97 -27.62 42.78 109.85
CA LEU B 97 -26.76 42.34 108.74
C LEU B 97 -26.67 43.43 107.67
N SER B 98 -25.55 44.16 107.64
CA SER B 98 -25.30 45.23 106.68
C SER B 98 -24.03 44.95 105.87
N GLY B 99 -24.15 45.01 104.55
CA GLY B 99 -23.05 44.76 103.63
C GLY B 99 -22.76 43.29 103.39
N PHE B 100 -23.61 42.41 103.94
CA PHE B 100 -23.49 40.96 103.82
C PHE B 100 -23.84 40.47 102.42
N VAL B 101 -23.16 39.39 101.97
CA VAL B 101 -23.34 38.79 100.66
C VAL B 101 -24.74 38.18 100.51
N ARG B 102 -25.51 38.71 99.56
CA ARG B 102 -26.87 38.26 99.25
C ARG B 102 -26.82 37.02 98.35
N PRO B 103 -27.79 36.07 98.44
CA PRO B 103 -27.75 34.90 97.55
C PRO B 103 -28.06 35.28 96.11
N ASP B 104 -27.20 34.85 95.17
CA ASP B 104 -27.41 35.10 93.75
C ASP B 104 -27.53 33.74 93.03
N PRO B 105 -28.73 33.10 93.07
CA PRO B 105 -28.86 31.78 92.45
C PRO B 105 -28.97 31.79 90.93
N VAL B 106 -28.49 30.70 90.31
CA VAL B 106 -28.56 30.46 88.88
C VAL B 106 -29.61 29.35 88.72
N ILE B 107 -30.77 29.70 88.16
CA ILE B 107 -31.87 28.76 87.95
C ILE B 107 -31.97 28.36 86.47
N ILE B 108 -31.77 27.06 86.21
CA ILE B 108 -31.79 26.47 84.87
C ILE B 108 -32.96 25.48 84.76
N SER B 109 -33.96 25.83 83.96
CA SER B 109 -35.14 25.00 83.73
C SER B 109 -34.93 24.11 82.50
N SER B 110 -35.54 22.90 82.50
CA SER B 110 -35.44 21.98 81.35
C SER B 110 -36.07 22.65 80.12
N PRO B 111 -35.43 22.59 78.93
CA PRO B 111 -35.98 23.30 77.76
C PRO B 111 -37.37 22.82 77.34
N LEU B 112 -38.15 23.74 76.73
CA LEU B 112 -39.49 23.44 76.23
C LEU B 112 -39.37 22.50 75.05
N SER B 113 -40.32 21.54 74.92
CA SER B 113 -40.32 20.56 73.84
C SER B 113 -40.78 21.21 72.52
N THR B 114 -39.90 22.03 71.92
CA THR B 114 -40.14 22.75 70.66
C THR B 114 -39.59 21.98 69.47
N PHE B 115 -38.64 21.06 69.71
CA PHE B 115 -38.00 20.27 68.67
C PHE B 115 -38.71 18.96 68.39
N PHE B 116 -38.78 18.64 67.10
CA PHE B 116 -39.39 17.44 66.54
C PHE B 116 -38.58 16.99 65.31
N SER B 117 -38.87 15.79 64.79
CA SER B 117 -38.16 15.25 63.64
C SER B 117 -38.93 15.45 62.34
N ASP B 118 -38.19 15.79 61.27
CA ASP B 118 -38.74 15.98 59.92
C ASP B 118 -39.13 14.63 59.31
N ALA B 119 -38.37 13.57 59.64
CA ALA B 119 -38.60 12.20 59.20
C ALA B 119 -38.47 11.23 60.39
N PRO B 120 -39.57 11.04 61.19
CA PRO B 120 -39.49 10.13 62.36
C PRO B 120 -39.12 8.68 62.02
N GLY B 121 -39.37 8.28 60.77
CA GLY B 121 -39.03 6.96 60.26
C GLY B 121 -37.54 6.79 60.00
N ARG B 122 -36.85 7.89 59.62
CA ARG B 122 -35.41 7.91 59.35
C ARG B 122 -34.62 8.19 60.64
N ASN B 123 -35.00 9.24 61.37
CA ASN B 123 -34.34 9.62 62.62
C ASN B 123 -35.35 9.89 63.74
N PRO B 124 -35.59 8.92 64.65
CA PRO B 124 -36.56 9.16 65.73
C PRO B 124 -36.02 9.96 66.93
N ILE B 125 -34.69 10.13 67.01
CA ILE B 125 -33.99 10.80 68.12
C ILE B 125 -33.94 12.33 67.97
N VAL B 126 -34.42 13.03 69.01
CA VAL B 126 -34.40 14.49 69.14
C VAL B 126 -33.42 14.75 70.30
N PRO B 127 -32.13 15.06 69.98
CA PRO B 127 -31.11 15.14 71.04
C PRO B 127 -31.27 16.16 72.18
N GLU B 128 -31.52 17.46 71.87
CA GLU B 128 -31.61 18.55 72.85
C GLU B 128 -32.60 18.31 73.99
N THR B 129 -33.82 17.88 73.65
CA THR B 129 -34.84 17.64 74.65
C THR B 129 -34.82 16.19 75.14
N GLN B 130 -34.02 15.30 74.46
CA GLN B 130 -33.89 13.86 74.70
C GLN B 130 -35.29 13.23 74.57
N VAL B 131 -35.90 13.49 73.40
CA VAL B 131 -37.26 13.11 73.04
C VAL B 131 -37.26 12.05 71.93
N LEU B 132 -38.12 11.04 72.07
CA LEU B 132 -38.31 10.01 71.06
C LEU B 132 -39.51 10.41 70.23
N HIS B 133 -39.32 10.52 68.92
CA HIS B 133 -40.35 10.89 67.96
C HIS B 133 -40.53 9.74 66.97
N GLU B 134 -41.55 8.91 67.21
CA GLU B 134 -41.80 7.76 66.34
C GLU B 134 -43.08 7.91 65.52
N GLU B 135 -43.24 7.02 64.52
CA GLU B 135 -44.39 7.00 63.62
C GLU B 135 -44.77 5.59 63.17
N ILE B 136 -46.04 5.44 62.74
CA ILE B 136 -46.60 4.23 62.16
C ILE B 136 -47.42 4.68 60.95
N GLU B 137 -46.98 4.25 59.75
CA GLU B 137 -47.69 4.52 58.50
C GLU B 137 -48.79 3.48 58.40
N VAL B 138 -50.02 3.91 58.06
CA VAL B 138 -51.17 3.02 57.93
C VAL B 138 -51.64 2.93 56.47
N PRO B 139 -52.03 1.73 55.97
CA PRO B 139 -52.45 1.63 54.55
C PRO B 139 -53.86 2.15 54.32
N GLY B 140 -54.04 2.82 53.18
CA GLY B 140 -55.31 3.41 52.77
C GLY B 140 -55.40 4.91 52.99
N SER B 141 -54.40 5.50 53.70
CA SER B 141 -54.35 6.92 54.02
C SER B 141 -52.91 7.45 54.13
N SER B 142 -52.75 8.78 53.91
CA SER B 142 -51.48 9.49 54.04
C SER B 142 -51.30 10.01 55.50
N ILE B 143 -52.36 9.86 56.33
CA ILE B 143 -52.35 10.25 57.74
C ILE B 143 -51.60 9.16 58.52
N LYS B 144 -50.60 9.58 59.33
CA LYS B 144 -49.74 8.71 60.14
C LYS B 144 -50.11 8.77 61.63
N LEU B 145 -49.64 7.78 62.40
CA LEU B 145 -49.80 7.73 63.86
C LEU B 145 -48.46 8.19 64.42
N ILE B 146 -48.50 9.21 65.28
CA ILE B 146 -47.28 9.82 65.82
C ILE B 146 -47.14 9.64 67.32
N TYR B 147 -45.90 9.35 67.78
CA TYR B 147 -45.54 9.25 69.18
C TYR B 147 -44.45 10.27 69.50
N LEU B 148 -44.64 11.04 70.56
CA LEU B 148 -43.67 12.02 71.05
C LEU B 148 -43.52 11.74 72.54
N SER B 149 -42.29 11.35 72.97
CA SER B 149 -41.99 10.98 74.36
C SER B 149 -42.21 12.10 75.39
N SER B 150 -42.28 13.37 74.94
CA SER B 150 -42.54 14.50 75.84
C SER B 150 -44.03 14.62 76.19
N ARG B 151 -44.92 13.97 75.41
CA ARG B 151 -46.38 13.96 75.61
C ARG B 151 -46.78 12.78 76.51
N THR B 152 -46.00 12.54 77.58
CA THR B 152 -46.18 11.45 78.53
C THR B 152 -46.00 11.94 79.97
N ALA B 153 -46.48 11.15 80.95
CA ALA B 153 -46.37 11.43 82.37
C ALA B 153 -44.93 11.29 82.88
N GLY B 154 -44.18 10.36 82.29
CA GLY B 154 -42.79 10.08 82.65
C GLY B 154 -41.81 11.18 82.34
N TYR B 155 -42.15 12.05 81.35
CA TYR B 155 -41.32 13.17 80.93
C TYR B 155 -41.52 14.34 81.89
N LYS B 156 -40.72 14.35 82.98
CA LYS B 156 -40.78 15.33 84.07
C LYS B 156 -40.20 16.71 83.70
N SER B 157 -40.48 17.73 84.55
CA SER B 157 -39.97 19.09 84.41
C SER B 157 -38.83 19.26 85.40
N LEU B 158 -37.68 19.76 84.92
CA LEU B 158 -36.49 19.90 85.74
C LEU B 158 -36.15 21.35 86.05
N LEU B 159 -35.57 21.55 87.24
CA LEU B 159 -35.18 22.87 87.72
C LEU B 159 -33.87 22.77 88.49
N LYS B 160 -32.74 23.02 87.82
CA LYS B 160 -31.41 23.00 88.43
C LYS B 160 -31.16 24.36 89.07
N ILE B 161 -31.02 24.37 90.40
CA ILE B 161 -30.80 25.60 91.17
C ILE B 161 -29.39 25.61 91.76
N ILE B 162 -28.48 26.40 91.16
CA ILE B 162 -27.10 26.56 91.65
C ILE B 162 -27.14 27.77 92.61
N MET B 163 -27.15 27.50 93.90
CA MET B 163 -27.24 28.54 94.94
C MET B 163 -25.89 29.07 95.44
N THR B 164 -24.79 28.32 95.22
CA THR B 164 -23.45 28.74 95.63
C THR B 164 -22.42 28.52 94.52
N GLN B 165 -21.41 29.40 94.45
CA GLN B 165 -20.32 29.32 93.49
C GLN B 165 -19.07 28.70 94.15
N SER B 166 -17.91 28.70 93.46
CA SER B 166 -16.64 28.15 93.96
C SER B 166 -16.13 28.87 95.23
N LEU B 167 -16.51 30.15 95.40
CA LEU B 167 -16.15 30.98 96.55
C LEU B 167 -17.36 31.13 97.49
N VAL B 168 -17.18 30.77 98.77
CA VAL B 168 -18.23 30.82 99.80
C VAL B 168 -17.92 31.95 100.81
N PRO B 169 -18.89 32.85 101.12
CA PRO B 169 -18.61 33.90 102.13
C PRO B 169 -18.22 33.31 103.48
N LEU B 170 -17.18 33.90 104.11
CA LEU B 170 -16.54 33.49 105.36
C LEU B 170 -17.49 33.08 106.50
N ASN B 171 -18.53 33.89 106.79
CA ASN B 171 -19.45 33.61 107.89
C ASN B 171 -20.65 32.70 107.54
N LEU B 172 -20.80 32.29 106.26
CA LEU B 172 -21.90 31.42 105.82
C LEU B 172 -21.79 30.00 106.40
N ILE B 173 -22.90 29.51 107.01
CA ILE B 173 -22.97 28.19 107.65
C ILE B 173 -24.10 27.31 107.09
N LYS B 174 -25.27 27.91 106.75
CA LYS B 174 -26.43 27.21 106.21
C LYS B 174 -27.05 27.91 105.01
N VAL B 175 -27.58 27.12 104.05
CA VAL B 175 -28.26 27.58 102.84
C VAL B 175 -29.64 26.91 102.77
N HIS B 176 -30.71 27.71 102.70
CA HIS B 176 -32.10 27.20 102.64
C HIS B 176 -32.71 27.35 101.26
N LEU B 177 -33.56 26.38 100.87
CA LEU B 177 -34.21 26.37 99.56
C LEU B 177 -35.72 26.16 99.64
N MET B 178 -36.47 26.89 98.82
CA MET B 178 -37.92 26.80 98.69
C MET B 178 -38.30 26.80 97.22
N VAL B 179 -39.20 25.88 96.81
CA VAL B 179 -39.70 25.79 95.44
C VAL B 179 -41.23 25.71 95.50
N ALA B 180 -41.92 26.67 94.87
CA ALA B 180 -43.38 26.71 94.86
C ALA B 180 -43.94 26.58 93.44
N VAL B 181 -44.54 25.41 93.14
CA VAL B 181 -45.13 25.11 91.83
C VAL B 181 -46.54 24.56 92.03
N GLU B 182 -47.55 25.26 91.46
CA GLU B 182 -48.97 24.89 91.45
C GLU B 182 -49.51 24.34 92.79
N GLY B 183 -49.19 25.03 93.88
CA GLY B 183 -49.62 24.63 95.22
C GLY B 183 -48.63 23.83 96.03
N HIS B 184 -47.69 23.13 95.35
CA HIS B 184 -46.66 22.33 96.02
C HIS B 184 -45.65 23.27 96.66
N LEU B 185 -45.14 22.89 97.84
CA LEU B 185 -44.11 23.67 98.52
C LEU B 185 -43.00 22.76 99.00
N PHE B 186 -41.88 22.76 98.26
CA PHE B 186 -40.72 21.96 98.59
C PHE B 186 -39.75 22.79 99.40
N GLN B 187 -39.30 22.25 100.54
CA GLN B 187 -38.37 22.92 101.44
C GLN B 187 -37.23 21.98 101.83
N LYS B 188 -35.98 22.47 101.71
CA LYS B 188 -34.77 21.70 102.03
C LYS B 188 -33.67 22.61 102.57
N SER B 189 -32.99 22.15 103.63
CA SER B 189 -31.88 22.86 104.28
C SER B 189 -30.56 22.19 103.91
N PHE B 190 -29.54 23.01 103.61
CA PHE B 190 -28.21 22.55 103.21
C PHE B 190 -27.12 23.26 104.01
N LEU B 191 -25.93 22.65 104.07
CA LEU B 191 -24.76 23.22 104.75
C LEU B 191 -23.92 23.97 103.71
N ALA B 192 -23.29 25.09 104.13
CA ALA B 192 -22.46 25.93 103.25
C ALA B 192 -21.29 25.15 102.65
N SER B 193 -21.31 24.98 101.32
CA SER B 193 -20.32 24.23 100.55
C SER B 193 -20.05 24.90 99.19
N PRO B 194 -18.80 24.90 98.68
CA PRO B 194 -18.56 25.50 97.34
C PRO B 194 -19.24 24.73 96.23
N ASN B 195 -19.84 25.46 95.26
CA ASN B 195 -20.58 24.94 94.11
C ASN B 195 -21.76 24.04 94.54
N LEU B 196 -22.55 24.53 95.52
CA LEU B 196 -23.72 23.84 96.07
C LEU B 196 -24.91 24.00 95.12
N ALA B 197 -25.49 22.87 94.69
CA ALA B 197 -26.63 22.84 93.76
C ALA B 197 -27.62 21.72 94.07
N TYR B 198 -28.89 21.95 93.70
CA TYR B 198 -29.99 20.99 93.84
C TYR B 198 -30.86 21.03 92.58
N THR B 199 -31.29 19.85 92.11
CA THR B 199 -32.16 19.76 90.95
C THR B 199 -33.55 19.27 91.36
N PHE B 200 -34.54 20.17 91.24
CA PHE B 200 -35.94 19.94 91.57
C PHE B 200 -36.65 19.26 90.40
N ILE B 201 -37.39 18.18 90.70
CA ILE B 201 -38.14 17.41 89.70
C ILE B 201 -39.65 17.58 89.93
N TRP B 202 -40.36 18.10 88.92
CA TRP B 202 -41.80 18.32 88.95
C TRP B 202 -42.51 17.28 88.08
N ASP B 203 -43.50 16.60 88.68
CA ASP B 203 -44.30 15.56 88.04
C ASP B 203 -45.50 16.11 87.23
N LYS B 204 -45.54 17.44 87.02
CA LYS B 204 -46.54 18.19 86.25
C LYS B 204 -47.97 18.12 86.85
N THR B 205 -48.06 17.95 88.18
CA THR B 205 -49.35 17.90 88.90
C THR B 205 -49.48 19.06 89.88
N ASP B 206 -50.72 19.39 90.28
CA ASP B 206 -51.00 20.42 91.28
C ASP B 206 -50.91 19.81 92.69
N ALA B 207 -51.21 20.60 93.73
CA ALA B 207 -51.17 20.16 95.12
C ALA B 207 -52.22 19.07 95.42
N TYR B 208 -53.31 19.00 94.63
CA TYR B 208 -54.39 18.03 94.78
C TYR B 208 -54.18 16.74 93.96
N GLY B 209 -53.03 16.62 93.30
CA GLY B 209 -52.66 15.48 92.48
C GLY B 209 -53.31 15.46 91.11
N GLN B 210 -53.82 16.62 90.65
CA GLN B 210 -54.46 16.78 89.34
C GLN B 210 -53.45 17.28 88.31
N LYS B 211 -53.54 16.79 87.06
CA LYS B 211 -52.64 17.16 85.96
C LYS B 211 -52.75 18.65 85.64
N VAL B 212 -51.58 19.28 85.46
CA VAL B 212 -51.47 20.70 85.12
C VAL B 212 -51.04 20.79 83.65
N TYR B 213 -51.83 21.49 82.84
CA TYR B 213 -51.59 21.64 81.41
C TYR B 213 -51.00 22.98 81.00
N GLY B 214 -50.11 22.93 80.00
CA GLY B 214 -49.47 24.10 79.43
C GLY B 214 -48.14 24.51 80.02
N LEU B 215 -48.08 25.77 80.48
CA LEU B 215 -46.90 26.37 81.09
C LEU B 215 -47.24 26.87 82.48
N SER B 216 -46.35 26.59 83.44
CA SER B 216 -46.50 27.02 84.82
C SER B 216 -45.33 27.89 85.27
N ASP B 217 -45.56 28.69 86.31
CA ASP B 217 -44.55 29.55 86.91
C ASP B 217 -44.15 28.96 88.26
N ALA B 218 -42.84 28.86 88.50
CA ALA B 218 -42.25 28.35 89.73
C ALA B 218 -41.61 29.51 90.50
N VAL B 219 -41.79 29.52 91.82
CA VAL B 219 -41.21 30.54 92.70
C VAL B 219 -40.08 29.87 93.48
N VAL B 220 -38.84 30.26 93.21
CA VAL B 220 -37.64 29.71 93.85
C VAL B 220 -37.13 30.73 94.87
N SER B 221 -36.98 30.29 96.13
CA SER B 221 -36.47 31.13 97.22
C SER B 221 -35.19 30.54 97.78
N VAL B 222 -34.11 31.34 97.80
CA VAL B 222 -32.80 30.92 98.32
C VAL B 222 -32.42 31.80 99.51
N GLY B 223 -32.22 31.17 100.66
CA GLY B 223 -31.85 31.82 101.91
C GLY B 223 -30.43 31.56 102.35
N PHE B 224 -29.77 32.59 102.92
CA PHE B 224 -28.41 32.52 103.41
C PHE B 224 -28.36 32.77 104.93
N GLU B 225 -28.03 31.74 105.71
CA GLU B 225 -27.93 31.84 107.18
C GLU B 225 -26.46 31.98 107.57
N TYR B 226 -26.14 33.10 108.25
CA TYR B 226 -24.79 33.41 108.70
C TYR B 226 -24.53 33.05 110.16
N GLU B 227 -23.25 32.82 110.51
CA GLU B 227 -22.80 32.44 111.86
C GLU B 227 -23.02 33.58 112.87
N THR B 228 -22.99 34.85 112.41
CA THR B 228 -23.20 36.06 113.22
C THR B 228 -24.63 36.14 113.77
N CYS B 229 -25.62 35.64 113.00
CA CYS B 229 -27.03 35.60 113.40
C CYS B 229 -27.74 34.32 112.91
N PRO B 230 -27.96 33.32 113.80
CA PRO B 230 -28.61 32.07 113.35
C PRO B 230 -30.13 32.19 113.18
N SER B 231 -30.76 33.18 113.82
CA SER B 231 -32.21 33.42 113.76
C SER B 231 -32.67 33.96 112.41
N LEU B 232 -31.98 35.01 111.88
CA LEU B 232 -32.32 35.64 110.61
C LEU B 232 -31.66 34.98 109.40
N ILE B 233 -32.42 34.86 108.29
CA ILE B 233 -31.99 34.28 107.02
C ILE B 233 -32.19 35.31 105.89
N LEU B 234 -31.14 35.56 105.09
CA LEU B 234 -31.19 36.50 103.95
C LEU B 234 -31.83 35.80 102.75
N TRP B 235 -33.09 36.13 102.45
CA TRP B 235 -33.86 35.53 101.35
C TRP B 235 -33.81 36.29 100.03
N GLU B 236 -33.93 35.55 98.92
CA GLU B 236 -33.97 36.07 97.55
C GLU B 236 -34.95 35.25 96.72
N LYS B 237 -36.01 35.91 96.18
CA LYS B 237 -37.05 35.27 95.37
C LYS B 237 -36.83 35.46 93.87
N ARG B 238 -36.92 34.34 93.11
CA ARG B 238 -36.73 34.29 91.65
C ARG B 238 -37.85 33.47 91.00
N THR B 239 -38.26 33.83 89.77
CA THR B 239 -39.27 33.07 89.04
C THR B 239 -38.67 32.27 87.89
N ALA B 240 -39.22 31.07 87.63
CA ALA B 240 -38.78 30.16 86.58
C ALA B 240 -39.98 29.58 85.84
N LEU B 241 -39.84 29.34 84.54
CA LEU B 241 -40.91 28.79 83.71
C LEU B 241 -40.72 27.27 83.53
N LEU B 242 -41.72 26.49 83.97
CA LEU B 242 -41.75 25.03 83.86
C LEU B 242 -42.85 24.59 82.92
N GLN B 243 -42.55 23.60 82.07
CA GLN B 243 -43.52 23.07 81.11
C GLN B 243 -44.37 22.01 81.82
N GLY B 244 -45.69 22.13 81.68
CA GLY B 244 -46.63 21.17 82.24
C GLY B 244 -46.98 20.09 81.24
N PHE B 245 -48.12 19.43 81.44
CA PHE B 245 -48.62 18.38 80.55
C PHE B 245 -49.05 18.97 79.22
N GLU B 246 -48.71 18.27 78.14
CA GLU B 246 -49.12 18.64 76.79
C GLU B 246 -50.48 17.98 76.57
N LEU B 247 -51.41 18.66 75.88
CA LEU B 247 -52.74 18.11 75.61
C LEU B 247 -52.66 16.98 74.59
N ASP B 248 -53.52 15.96 74.75
CA ASP B 248 -53.61 14.81 73.85
C ASP B 248 -54.86 14.98 72.97
N PRO B 249 -54.70 15.41 71.69
CA PRO B 249 -55.89 15.64 70.85
C PRO B 249 -56.65 14.39 70.41
N SER B 250 -55.92 13.42 69.85
CA SER B 250 -56.45 12.21 69.23
C SER B 250 -56.95 11.10 70.16
N ASN B 251 -56.34 10.93 71.35
CA ASN B 251 -56.70 9.88 72.33
C ASN B 251 -56.62 8.46 71.69
N LEU B 252 -55.40 8.05 71.33
CA LEU B 252 -55.15 6.75 70.69
C LEU B 252 -53.99 6.04 71.40
N GLY B 253 -54.16 5.85 72.71
CA GLY B 253 -53.17 5.20 73.58
C GLY B 253 -51.82 5.89 73.61
N GLY B 254 -51.84 7.21 73.74
CA GLY B 254 -50.64 8.04 73.77
C GLY B 254 -50.15 8.51 72.41
N TRP B 255 -50.76 7.98 71.32
CA TRP B 255 -50.41 8.31 69.94
C TRP B 255 -51.42 9.30 69.35
N SER B 256 -50.96 10.11 68.37
CA SER B 256 -51.82 11.11 67.73
C SER B 256 -51.90 10.93 66.21
N LEU B 257 -52.97 11.46 65.60
CA LEU B 257 -53.14 11.47 64.16
C LEU B 257 -52.35 12.67 63.64
N ASP B 258 -51.47 12.42 62.68
CA ASP B 258 -50.56 13.35 61.99
C ASP B 258 -51.15 14.75 61.72
N LYS B 259 -52.39 14.81 61.22
CA LYS B 259 -53.08 16.04 60.82
C LYS B 259 -53.97 16.67 61.90
N HIS B 260 -54.21 15.94 63.00
CA HIS B 260 -55.08 16.36 64.09
C HIS B 260 -54.34 17.15 65.16
N HIS B 261 -54.70 18.42 65.33
CA HIS B 261 -54.06 19.32 66.30
C HIS B 261 -55.01 19.71 67.43
N VAL B 262 -54.48 20.42 68.43
CA VAL B 262 -55.21 20.93 69.59
C VAL B 262 -54.57 22.23 70.07
N LEU B 263 -55.40 23.15 70.53
CA LEU B 263 -54.94 24.43 71.07
C LEU B 263 -55.26 24.51 72.55
N ASN B 264 -54.22 24.78 73.37
CA ASN B 264 -54.33 25.03 74.80
C ASN B 264 -54.65 26.51 74.85
N VAL B 265 -55.93 26.85 75.04
CA VAL B 265 -56.41 28.24 75.04
C VAL B 265 -55.83 29.09 76.18
N LYS B 266 -55.70 28.50 77.39
CA LYS B 266 -55.20 29.18 78.58
C LYS B 266 -53.70 29.52 78.50
N SER B 267 -52.86 28.55 78.10
CA SER B 267 -51.42 28.75 78.02
C SER B 267 -50.92 29.25 76.64
N GLY B 268 -51.81 29.26 75.65
CA GLY B 268 -51.50 29.69 74.30
C GLY B 268 -50.51 28.79 73.60
N ILE B 269 -50.79 27.47 73.56
CA ILE B 269 -49.91 26.48 72.93
C ILE B 269 -50.63 25.70 71.84
N LEU B 270 -50.03 25.63 70.65
CA LEU B 270 -50.54 24.84 69.53
C LEU B 270 -49.79 23.50 69.57
N HIS B 271 -50.51 22.42 69.92
CA HIS B 271 -49.94 21.07 69.95
C HIS B 271 -50.36 20.39 68.67
N LYS B 272 -49.43 20.26 67.72
CA LYS B 272 -49.73 19.64 66.44
C LYS B 272 -49.55 18.12 66.52
N GLY B 273 -50.42 17.40 65.83
CA GLY B 273 -50.41 15.93 65.79
C GLY B 273 -49.14 15.31 65.24
N ASN B 274 -48.36 16.08 64.47
CA ASN B 274 -47.10 15.63 63.88
C ASN B 274 -45.89 15.73 64.84
N GLY B 275 -46.13 16.25 66.06
CA GLY B 275 -45.11 16.41 67.08
C GLY B 275 -44.62 17.83 67.28
N GLU B 276 -45.08 18.76 66.43
CA GLU B 276 -44.70 20.18 66.46
C GLU B 276 -45.46 20.93 67.55
N ASN B 277 -44.71 21.56 68.46
CA ASN B 277 -45.30 22.39 69.52
C ASN B 277 -44.97 23.84 69.26
N GLN B 278 -46.00 24.69 69.26
CA GLN B 278 -45.86 26.13 69.07
C GLN B 278 -46.36 26.85 70.30
N PHE B 279 -45.43 27.27 71.16
CA PHE B 279 -45.72 28.02 72.36
C PHE B 279 -45.91 29.47 71.89
N LEU B 280 -47.15 29.82 71.54
CA LEU B 280 -47.53 31.12 70.96
C LEU B 280 -47.20 32.33 71.86
N THR B 281 -47.26 32.19 73.20
CA THR B 281 -46.93 33.29 74.12
C THR B 281 -45.42 33.59 74.16
N GLN B 282 -44.59 32.61 73.71
CA GLN B 282 -43.13 32.71 73.64
C GLN B 282 -42.67 33.40 72.35
N GLN B 283 -43.63 33.75 71.47
CA GLN B 283 -43.39 34.46 70.21
C GLN B 283 -43.26 35.97 70.48
N PRO B 284 -42.84 36.84 69.52
CA PRO B 284 -42.72 38.27 69.83
C PRO B 284 -44.01 38.93 70.32
N ALA B 285 -43.88 39.79 71.36
CA ALA B 285 -44.98 40.52 71.98
C ALA B 285 -45.64 41.49 70.98
N VAL B 286 -46.96 41.71 71.14
CA VAL B 286 -47.79 42.55 70.27
C VAL B 286 -48.15 43.88 70.95
N ILE B 287 -48.16 44.97 70.17
CA ILE B 287 -48.53 46.31 70.65
C ILE B 287 -49.83 46.80 69.99
N THR B 288 -50.78 47.27 70.80
CA THR B 288 -52.08 47.79 70.36
C THR B 288 -52.44 49.09 71.08
N SER B 289 -53.35 49.88 70.50
CA SER B 289 -53.83 51.12 71.09
C SER B 289 -55.15 50.80 71.80
N ILE B 290 -55.22 51.05 73.12
CA ILE B 290 -56.42 50.75 73.92
C ILE B 290 -57.24 52.02 74.26
N MET B 291 -56.64 53.22 74.09
CA MET B 291 -57.27 54.52 74.31
C MET B 291 -56.53 55.62 73.55
N GLY B 292 -57.28 56.61 73.07
CA GLY B 292 -56.73 57.74 72.30
C GLY B 292 -56.76 57.54 70.81
N ASN B 293 -56.68 58.65 70.05
CA ASN B 293 -56.68 58.64 68.59
C ASN B 293 -55.61 59.57 67.98
N GLY B 294 -54.68 60.04 68.81
CA GLY B 294 -53.59 60.92 68.39
C GLY B 294 -53.98 62.38 68.32
N ARG B 295 -55.22 62.71 68.76
CA ARG B 295 -55.78 64.06 68.77
C ARG B 295 -56.24 64.45 70.17
N ARG B 296 -56.05 65.74 70.53
CA ARG B 296 -56.42 66.29 71.84
C ARG B 296 -57.90 66.57 71.98
N ARG B 297 -58.45 66.28 73.17
CA ARG B 297 -59.85 66.55 73.53
C ARG B 297 -59.93 67.95 74.13
N SER B 298 -61.15 68.52 74.23
CA SER B 298 -61.33 69.81 74.88
C SER B 298 -61.29 69.59 76.39
N ILE B 299 -60.83 70.61 77.14
CA ILE B 299 -60.62 70.59 78.59
C ILE B 299 -61.89 70.19 79.39
N SER B 300 -63.10 70.53 78.90
CA SER B 300 -64.39 70.24 79.54
C SER B 300 -64.79 68.76 79.59
N CYS B 301 -64.11 67.89 78.80
CA CYS B 301 -64.34 66.45 78.65
C CYS B 301 -65.78 66.11 78.17
N PRO B 302 -66.19 66.54 76.96
CA PRO B 302 -67.54 66.18 76.48
C PRO B 302 -67.53 64.78 75.85
N SER B 303 -68.51 63.94 76.24
CA SER B 303 -68.67 62.54 75.81
C SER B 303 -67.43 61.68 76.13
N CYS B 304 -66.84 61.90 77.33
CA CYS B 304 -65.68 61.17 77.84
C CYS B 304 -66.12 59.84 78.46
N ASN B 305 -67.44 59.68 78.69
CA ASN B 305 -68.05 58.49 79.26
C ASN B 305 -68.68 57.58 78.18
N GLY B 306 -67.85 56.69 77.66
CA GLY B 306 -68.23 55.72 76.63
C GLY B 306 -67.20 54.62 76.48
N LEU B 307 -66.91 54.23 75.23
CA LEU B 307 -65.91 53.19 74.96
C LEU B 307 -64.50 53.77 74.99
N ALA B 308 -63.53 52.98 75.51
CA ALA B 308 -62.13 53.36 75.64
C ALA B 308 -61.40 53.53 74.31
N GLU B 309 -61.59 52.59 73.36
CA GLU B 309 -60.92 52.63 72.05
C GLU B 309 -61.37 53.83 71.22
N GLY B 310 -60.39 54.62 70.77
CA GLY B 310 -60.61 55.82 69.96
C GLY B 310 -61.06 57.05 70.73
N ASN B 311 -61.30 56.91 72.05
CA ASN B 311 -61.74 58.00 72.92
C ASN B 311 -60.59 58.97 73.15
N LYS B 312 -60.79 60.23 72.73
CA LYS B 312 -59.82 61.32 72.81
C LYS B 312 -59.29 61.57 74.23
N LEU B 313 -57.95 61.70 74.34
CA LEU B 313 -57.24 62.02 75.57
C LEU B 313 -56.64 63.42 75.41
N LEU B 314 -56.07 63.97 76.48
CA LEU B 314 -55.44 65.28 76.46
C LEU B 314 -53.93 65.13 76.66
N ALA B 315 -53.54 64.52 77.81
CA ALA B 315 -52.15 64.25 78.19
C ALA B 315 -52.10 63.14 79.25
N PRO B 316 -51.84 61.86 78.87
CA PRO B 316 -51.74 60.81 79.89
C PRO B 316 -50.38 60.86 80.57
N VAL B 317 -50.36 61.28 81.85
CA VAL B 317 -49.11 61.44 82.61
C VAL B 317 -48.92 60.36 83.68
N ALA B 318 -50.01 59.73 84.13
CA ALA B 318 -49.96 58.70 85.16
C ALA B 318 -50.88 57.51 84.88
N LEU B 319 -50.44 56.31 85.31
CA LEU B 319 -51.19 55.05 85.16
C LEU B 319 -51.07 54.22 86.44
N ALA B 320 -52.18 53.55 86.81
CA ALA B 320 -52.26 52.66 87.97
C ALA B 320 -53.38 51.62 87.77
N VAL B 321 -53.07 50.35 88.07
CA VAL B 321 -54.04 49.26 87.97
C VAL B 321 -54.71 49.04 89.34
N GLY B 322 -56.04 49.07 89.34
CA GLY B 322 -56.85 48.85 90.54
C GLY B 322 -56.94 47.38 90.91
N ILE B 323 -57.48 47.11 92.11
CA ILE B 323 -57.68 45.76 92.67
C ILE B 323 -58.73 44.96 91.85
N ASP B 324 -59.57 45.69 91.09
CA ASP B 324 -60.67 45.27 90.23
C ASP B 324 -60.15 44.78 88.87
N GLY B 325 -58.98 45.27 88.46
CA GLY B 325 -58.36 44.99 87.18
C GLY B 325 -58.50 46.19 86.27
N SER B 326 -59.14 47.26 86.78
CA SER B 326 -59.37 48.53 86.11
C SER B 326 -58.09 49.32 85.94
N LEU B 327 -57.98 50.08 84.84
CA LEU B 327 -56.83 50.93 84.60
C LEU B 327 -57.22 52.39 84.84
N PHE B 328 -56.62 53.01 85.87
CA PHE B 328 -56.84 54.40 86.20
C PHE B 328 -55.88 55.24 85.37
N VAL B 329 -56.43 56.18 84.60
CA VAL B 329 -55.67 57.04 83.70
C VAL B 329 -55.62 58.46 84.25
N GLY B 330 -54.40 58.95 84.43
CA GLY B 330 -54.14 60.33 84.84
C GLY B 330 -54.11 61.19 83.60
N ASP B 331 -55.29 61.40 82.99
CA ASP B 331 -55.44 62.18 81.76
C ASP B 331 -55.46 63.68 82.07
N PHE B 332 -54.31 64.18 82.55
CA PHE B 332 -54.02 65.57 82.92
C PHE B 332 -55.12 66.22 83.80
N ASN B 333 -56.13 66.87 83.18
CA ASN B 333 -57.22 67.57 83.84
C ASN B 333 -58.18 66.63 84.59
N TYR B 334 -58.47 65.46 84.00
CA TYR B 334 -59.38 64.45 84.56
C TYR B 334 -58.69 63.12 84.82
N ILE B 335 -59.18 62.40 85.85
CA ILE B 335 -58.73 61.05 86.17
C ILE B 335 -59.86 60.14 85.69
N ARG B 336 -59.58 59.34 84.65
CA ARG B 336 -60.55 58.46 84.00
C ARG B 336 -60.27 56.98 84.28
N ARG B 337 -61.30 56.24 84.73
CA ARG B 337 -61.20 54.81 85.05
C ARG B 337 -61.68 53.93 83.88
N ILE B 338 -60.78 53.09 83.35
CA ILE B 338 -61.10 52.13 82.28
C ILE B 338 -61.51 50.85 82.97
N PHE B 339 -62.80 50.49 82.89
CA PHE B 339 -63.36 49.29 83.50
C PHE B 339 -62.92 48.02 82.73
N PRO B 340 -62.94 46.81 83.35
CA PRO B 340 -62.59 45.59 82.59
C PRO B 340 -63.49 45.35 81.38
N SER B 341 -64.69 45.99 81.37
CA SER B 341 -65.68 45.95 80.28
C SER B 341 -65.26 46.83 79.08
N ARG B 342 -64.05 47.44 79.17
CA ARG B 342 -63.42 48.34 78.19
C ARG B 342 -64.18 49.67 78.00
N ASN B 343 -64.93 50.09 79.03
CA ASN B 343 -65.67 51.36 79.05
C ASN B 343 -65.01 52.34 80.03
N VAL B 344 -65.01 53.64 79.68
CA VAL B 344 -64.41 54.73 80.45
C VAL B 344 -65.45 55.64 81.09
N THR B 345 -65.21 56.04 82.36
CA THR B 345 -66.00 56.99 83.14
C THR B 345 -65.04 57.87 83.93
N SER B 346 -65.22 59.21 83.85
CA SER B 346 -64.41 60.18 84.58
C SER B 346 -64.77 60.09 86.08
N ILE B 347 -63.76 59.95 86.96
CA ILE B 347 -64.00 59.80 88.40
C ILE B 347 -63.57 61.03 89.23
N LEU B 348 -62.58 61.80 88.76
CA LEU B 348 -62.10 62.99 89.47
C LEU B 348 -61.59 64.08 88.52
N GLU B 349 -61.98 65.33 88.80
CA GLU B 349 -61.54 66.51 88.05
C GLU B 349 -60.57 67.31 88.91
N LEU B 350 -59.40 67.65 88.34
CA LEU B 350 -58.37 68.42 89.03
C LEU B 350 -58.47 69.88 88.56
N ARG B 351 -58.97 70.77 89.45
CA ARG B 351 -59.19 72.20 89.17
C ARG B 351 -57.91 73.01 88.91
N ASN B 352 -56.73 72.49 89.34
CA ASN B 352 -55.44 73.16 89.20
C ASN B 352 -54.70 72.83 87.87
N LYS B 353 -55.42 72.22 86.90
CA LYS B 353 -54.85 71.86 85.60
C LYS B 353 -55.40 72.72 84.48
N GLU B 354 -54.51 73.29 83.64
CA GLU B 354 -54.88 74.15 82.52
C GLU B 354 -54.29 73.63 81.21
N PHE B 355 -55.12 73.60 80.14
CA PHE B 355 -54.83 73.15 78.76
C PHE B 355 -53.41 73.48 78.27
N LYS B 356 -52.87 74.64 78.69
CA LYS B 356 -51.53 75.16 78.34
C LYS B 356 -50.40 74.30 78.91
N HIS B 357 -50.56 73.82 80.17
CA HIS B 357 -49.57 73.03 80.90
C HIS B 357 -49.72 71.49 80.74
N SER B 358 -50.38 71.03 79.66
CA SER B 358 -50.62 69.61 79.38
C SER B 358 -49.35 68.75 79.37
N ASN B 359 -48.31 69.19 78.62
CA ASN B 359 -47.02 68.51 78.48
C ASN B 359 -45.92 69.12 79.37
N ASN B 360 -46.32 69.84 80.43
CA ASN B 360 -45.40 70.48 81.37
C ASN B 360 -44.95 69.52 82.48
N PRO B 361 -43.63 69.30 82.66
CA PRO B 361 -43.15 68.36 83.70
C PRO B 361 -43.45 68.76 85.15
N ALA B 362 -43.64 70.08 85.41
CA ALA B 362 -43.96 70.60 86.75
C ALA B 362 -45.38 70.22 87.19
N HIS B 363 -46.30 70.10 86.21
CA HIS B 363 -47.71 69.73 86.42
C HIS B 363 -47.96 68.21 86.31
N LYS B 364 -46.88 67.40 86.33
CA LYS B 364 -46.99 65.94 86.28
C LYS B 364 -47.33 65.41 87.67
N TYR B 365 -48.35 64.55 87.75
CA TYR B 365 -48.79 63.89 88.99
C TYR B 365 -48.63 62.37 88.88
N TYR B 366 -48.68 61.68 90.02
CA TYR B 366 -48.47 60.23 90.11
C TYR B 366 -49.63 59.53 90.80
N LEU B 367 -50.03 58.36 90.28
CA LEU B 367 -51.12 57.55 90.81
C LEU B 367 -50.61 56.30 91.52
N ALA B 368 -51.41 55.76 92.46
CA ALA B 368 -51.11 54.56 93.23
C ALA B 368 -52.38 53.93 93.80
N VAL B 369 -52.48 52.59 93.75
CA VAL B 369 -53.63 51.85 94.28
C VAL B 369 -53.21 51.04 95.51
N ASP B 370 -53.94 51.21 96.62
CA ASP B 370 -53.71 50.51 97.88
C ASP B 370 -54.26 49.07 97.75
N PRO B 371 -53.45 48.00 97.98
CA PRO B 371 -53.96 46.63 97.80
C PRO B 371 -54.94 46.15 98.87
N VAL B 372 -54.87 46.70 100.11
CA VAL B 372 -55.78 46.33 101.21
C VAL B 372 -57.21 46.73 100.81
N SER B 373 -57.46 48.04 100.71
CA SER B 373 -58.71 48.65 100.24
C SER B 373 -58.32 49.27 98.90
N GLY B 374 -59.13 49.07 97.87
CA GLY B 374 -58.85 49.55 96.52
C GLY B 374 -58.78 51.05 96.26
N SER B 375 -58.40 51.83 97.29
CA SER B 375 -58.27 53.29 97.27
C SER B 375 -57.19 53.77 96.29
N LEU B 376 -57.52 54.81 95.49
CA LEU B 376 -56.62 55.44 94.53
C LEU B 376 -56.06 56.73 95.11
N TYR B 377 -54.73 56.81 95.21
CA TYR B 377 -54.01 57.97 95.74
C TYR B 377 -53.41 58.81 94.62
N VAL B 378 -53.63 60.12 94.68
CA VAL B 378 -53.16 61.11 93.69
C VAL B 378 -52.14 62.02 94.37
N SER B 379 -50.96 62.23 93.75
CA SER B 379 -49.98 63.15 94.32
C SER B 379 -49.52 64.17 93.31
N ASP B 380 -49.98 65.42 93.47
CA ASP B 380 -49.60 66.51 92.59
C ASP B 380 -48.42 67.28 93.17
N THR B 381 -47.34 67.34 92.39
CA THR B 381 -46.08 68.02 92.74
C THR B 381 -46.33 69.53 92.89
N ASN B 382 -47.14 70.11 92.00
CA ASN B 382 -47.48 71.53 91.97
C ASN B 382 -48.31 72.00 93.17
N SER B 383 -49.31 71.20 93.61
CA SER B 383 -50.17 71.55 94.75
C SER B 383 -49.55 71.23 96.12
N ARG B 384 -48.42 70.49 96.13
CA ARG B 384 -47.64 70.07 97.32
C ARG B 384 -48.50 69.25 98.32
N ARG B 385 -49.45 68.44 97.79
CA ARG B 385 -50.36 67.61 98.57
C ARG B 385 -50.59 66.21 97.95
N ILE B 386 -51.21 65.31 98.75
CA ILE B 386 -51.59 63.95 98.37
C ILE B 386 -53.10 63.79 98.64
N TYR B 387 -53.85 63.31 97.63
CA TYR B 387 -55.30 63.12 97.67
C TYR B 387 -55.70 61.65 97.55
N LYS B 388 -56.92 61.33 98.00
CA LYS B 388 -57.55 60.01 97.94
C LYS B 388 -58.92 60.20 97.32
N VAL B 389 -59.19 59.45 96.23
CA VAL B 389 -60.48 59.50 95.53
C VAL B 389 -61.55 58.87 96.43
N LYS B 390 -62.62 59.63 96.72
CA LYS B 390 -63.71 59.18 97.59
C LYS B 390 -64.51 58.05 96.95
N SER B 391 -65.17 58.32 95.81
CA SER B 391 -65.96 57.32 95.08
C SER B 391 -65.26 56.97 93.76
N LEU B 392 -64.96 55.68 93.55
CA LEU B 392 -64.31 55.21 92.33
C LEU B 392 -65.31 54.96 91.19
N THR B 393 -66.60 55.23 91.43
CA THR B 393 -67.68 55.09 90.44
C THR B 393 -67.97 56.43 89.75
N GLY B 394 -67.56 57.52 90.39
CA GLY B 394 -67.73 58.88 89.90
C GLY B 394 -69.08 59.47 90.26
N THR B 395 -69.09 60.49 91.13
CA THR B 395 -70.31 61.18 91.57
C THR B 395 -70.69 62.30 90.59
N LYS B 396 -71.77 63.05 90.91
CA LYS B 396 -72.27 64.17 90.10
C LYS B 396 -71.24 65.31 90.07
N ASP B 397 -70.71 65.68 91.26
CA ASP B 397 -69.68 66.72 91.43
C ASP B 397 -68.30 66.03 91.42
N LEU B 398 -67.66 65.98 90.25
CA LEU B 398 -66.36 65.32 90.03
C LEU B 398 -65.17 66.14 90.52
N ALA B 399 -65.30 67.47 90.57
CA ALA B 399 -64.25 68.40 91.02
C ALA B 399 -63.91 68.26 92.51
N GLY B 400 -64.87 67.82 93.31
CA GLY B 400 -64.71 67.61 94.74
C GLY B 400 -64.91 66.18 95.19
N ASN B 401 -64.33 65.22 94.44
CA ASN B 401 -64.41 63.78 94.74
C ASN B 401 -63.09 63.25 95.36
N SER B 402 -62.29 64.18 95.94
CA SER B 402 -61.02 63.87 96.58
C SER B 402 -60.95 64.37 98.02
N GLU B 403 -60.15 63.69 98.86
CA GLU B 403 -59.92 63.97 100.27
C GLU B 403 -58.40 64.01 100.51
N VAL B 404 -57.91 65.04 101.22
CA VAL B 404 -56.47 65.21 101.51
C VAL B 404 -55.97 64.14 102.49
N VAL B 405 -54.87 63.45 102.10
CA VAL B 405 -54.22 62.39 102.88
C VAL B 405 -52.98 62.97 103.59
N ALA B 406 -52.17 63.75 102.84
CA ALA B 406 -50.94 64.37 103.34
C ALA B 406 -50.68 65.71 102.67
N GLY B 407 -50.15 66.65 103.46
CA GLY B 407 -49.83 68.00 103.00
C GLY B 407 -50.90 69.03 103.31
N THR B 408 -50.48 70.29 103.50
CA THR B 408 -51.38 71.42 103.76
C THR B 408 -51.56 72.24 102.48
N GLY B 409 -50.52 72.25 101.65
CA GLY B 409 -50.47 72.98 100.39
C GLY B 409 -49.23 73.84 100.24
N GLU B 410 -48.51 74.07 101.35
CA GLU B 410 -47.30 74.90 101.36
C GLU B 410 -46.01 74.09 101.28
N GLN B 411 -45.05 74.59 100.48
CA GLN B 411 -43.74 73.99 100.27
C GLN B 411 -42.82 74.33 101.45
N CYS B 412 -42.35 73.31 102.19
CA CYS B 412 -41.46 73.51 103.33
C CYS B 412 -40.00 73.60 102.92
N LEU B 413 -39.22 74.44 103.64
CA LEU B 413 -37.79 74.69 103.41
C LEU B 413 -36.92 73.43 103.61
N PRO B 414 -35.77 73.31 102.89
CA PRO B 414 -34.93 72.09 103.04
C PRO B 414 -34.43 71.77 104.45
N PHE B 415 -34.19 72.81 105.27
CA PHE B 415 -33.69 72.63 106.64
C PHE B 415 -34.72 73.07 107.68
N ASP B 416 -35.85 72.35 107.71
CA ASP B 416 -36.98 72.59 108.62
C ASP B 416 -36.65 72.05 110.02
N GLU B 417 -37.00 72.82 111.06
CA GLU B 417 -36.77 72.44 112.47
C GLU B 417 -37.71 71.30 112.90
N ALA B 418 -39.02 71.45 112.62
CA ALA B 418 -40.07 70.47 112.94
C ALA B 418 -40.04 69.26 111.98
N ARG B 419 -39.10 69.27 111.00
CA ARG B 419 -38.87 68.25 109.97
C ARG B 419 -40.10 68.05 109.08
N CYS B 420 -40.68 69.18 108.60
CA CYS B 420 -41.85 69.28 107.73
C CYS B 420 -43.11 68.54 108.28
N GLY B 421 -43.23 68.51 109.61
CA GLY B 421 -44.36 67.90 110.31
C GLY B 421 -44.23 66.43 110.63
N ASP B 422 -42.99 65.88 110.59
CA ASP B 422 -42.72 64.47 110.88
C ASP B 422 -43.00 64.12 112.34
N GLY B 423 -43.61 62.94 112.54
CA GLY B 423 -44.00 62.45 113.86
C GLY B 423 -45.47 62.66 114.15
N GLY B 424 -46.06 63.68 113.52
CA GLY B 424 -47.47 64.03 113.67
C GLY B 424 -48.33 63.55 112.52
N LYS B 425 -49.59 64.00 112.49
CA LYS B 425 -50.57 63.65 111.45
C LYS B 425 -50.15 64.16 110.08
N ALA B 426 -50.29 63.31 109.04
CA ALA B 426 -49.92 63.59 107.65
C ALA B 426 -50.67 64.78 107.04
N VAL B 427 -51.97 64.92 107.37
CA VAL B 427 -52.86 66.01 106.92
C VAL B 427 -52.30 67.38 107.37
N ASP B 428 -51.84 67.47 108.64
CA ASP B 428 -51.28 68.69 109.25
C ASP B 428 -49.84 68.98 108.82
N ALA B 429 -49.13 67.96 108.29
CA ALA B 429 -47.74 68.08 107.82
C ALA B 429 -47.64 68.87 106.50
N THR B 430 -46.40 69.26 106.13
CA THR B 430 -46.10 70.00 104.90
C THR B 430 -45.18 69.18 104.00
N LEU B 431 -45.36 69.30 102.67
CA LEU B 431 -44.55 68.54 101.72
C LEU B 431 -43.67 69.44 100.86
N MET B 432 -42.47 68.97 100.48
CA MET B 432 -41.52 69.70 99.65
C MET B 432 -41.96 69.71 98.19
N SER B 433 -42.11 68.51 97.58
CA SER B 433 -42.57 68.27 96.20
C SER B 433 -42.91 66.78 96.02
N PRO B 434 -44.16 66.35 96.34
CA PRO B 434 -44.51 64.93 96.20
C PRO B 434 -44.48 64.40 94.76
N ARG B 435 -43.75 63.29 94.56
CA ARG B 435 -43.58 62.64 93.26
C ARG B 435 -44.23 61.24 93.26
N GLY B 436 -43.48 60.20 92.86
CA GLY B 436 -43.99 58.83 92.80
C GLY B 436 -44.52 58.29 94.11
N ILE B 437 -45.68 57.60 94.05
CA ILE B 437 -46.34 56.98 95.22
C ILE B 437 -46.48 55.47 95.00
N ALA B 438 -46.30 54.70 96.10
CA ALA B 438 -46.41 53.25 96.14
C ALA B 438 -47.00 52.82 97.48
N VAL B 439 -47.96 51.88 97.46
CA VAL B 439 -48.60 51.37 98.68
C VAL B 439 -48.23 49.89 98.91
N ASP B 440 -47.67 49.62 100.11
CA ASP B 440 -47.22 48.32 100.63
C ASP B 440 -48.38 47.33 100.78
N LYS B 441 -48.03 46.06 101.05
CA LYS B 441 -48.89 44.91 101.29
C LYS B 441 -49.73 45.14 102.58
N TYR B 442 -49.10 45.73 103.61
CA TYR B 442 -49.71 46.04 104.91
C TYR B 442 -50.57 47.31 104.90
N GLY B 443 -50.55 48.04 103.80
CA GLY B 443 -51.31 49.27 103.61
C GLY B 443 -50.50 50.53 103.83
N LEU B 444 -49.17 50.38 104.05
CA LEU B 444 -48.25 51.49 104.28
C LEU B 444 -48.00 52.27 102.99
N MET B 445 -48.27 53.58 103.02
CA MET B 445 -48.11 54.45 101.84
C MET B 445 -46.74 55.12 101.85
N TYR B 446 -45.99 54.96 100.75
CA TYR B 446 -44.65 55.52 100.55
C TYR B 446 -44.68 56.52 99.41
N PHE B 447 -43.90 57.60 99.52
CA PHE B 447 -43.81 58.63 98.48
C PHE B 447 -42.49 59.37 98.46
N VAL B 448 -42.09 59.82 97.26
CA VAL B 448 -40.87 60.60 97.03
C VAL B 448 -41.21 62.08 97.33
N ASP B 449 -40.48 62.69 98.28
CA ASP B 449 -40.64 64.09 98.65
C ASP B 449 -39.31 64.81 98.41
N ALA B 450 -39.16 65.42 97.22
CA ALA B 450 -37.98 66.14 96.71
C ALA B 450 -36.76 65.23 96.52
N THR B 451 -36.08 64.82 97.62
CA THR B 451 -34.88 63.94 97.60
C THR B 451 -34.92 62.85 98.70
N MET B 452 -36.10 62.59 99.27
CA MET B 452 -36.28 61.59 100.32
C MET B 452 -37.57 60.77 100.17
N ILE B 453 -37.66 59.64 100.89
CA ILE B 453 -38.83 58.78 100.87
C ILE B 453 -39.54 58.91 102.22
N ARG B 454 -40.83 59.25 102.19
CA ARG B 454 -41.64 59.45 103.39
C ARG B 454 -42.77 58.41 103.50
N LYS B 455 -43.07 57.97 104.74
CA LYS B 455 -44.12 56.99 105.03
C LYS B 455 -45.36 57.67 105.62
N VAL B 456 -46.54 57.08 105.38
CA VAL B 456 -47.84 57.49 105.93
C VAL B 456 -48.49 56.17 106.37
N ASP B 457 -48.41 55.87 107.68
CA ASP B 457 -48.92 54.61 108.25
C ASP B 457 -50.45 54.54 108.34
N GLN B 458 -50.97 53.39 108.82
CA GLN B 458 -52.39 53.08 108.99
C GLN B 458 -53.13 54.06 109.90
N ASN B 459 -52.44 54.58 110.93
CA ASN B 459 -52.98 55.55 111.90
C ASN B 459 -53.09 56.97 111.31
N GLY B 460 -52.30 57.25 110.27
CA GLY B 460 -52.27 58.54 109.60
C GLY B 460 -51.09 59.42 109.99
N ILE B 461 -50.09 58.82 110.66
CA ILE B 461 -48.88 59.49 111.13
C ILE B 461 -47.81 59.48 110.03
N ILE B 462 -47.21 60.65 109.74
CA ILE B 462 -46.16 60.79 108.74
C ILE B 462 -44.77 60.63 109.38
N SER B 463 -43.86 59.97 108.64
CA SER B 463 -42.47 59.72 109.05
C SER B 463 -41.56 59.74 107.81
N THR B 464 -40.24 59.54 107.99
CA THR B 464 -39.28 59.52 106.87
C THR B 464 -38.47 58.22 106.87
N LEU B 465 -38.57 57.45 105.77
CA LEU B 465 -37.85 56.20 105.58
C LEU B 465 -36.38 56.49 105.27
N LEU B 466 -36.12 57.22 104.17
CA LEU B 466 -34.77 57.62 103.75
C LEU B 466 -34.52 59.04 104.27
N GLY B 467 -34.23 59.12 105.56
CA GLY B 467 -33.97 60.36 106.29
C GLY B 467 -32.78 61.15 105.80
N SER B 468 -33.05 62.34 105.23
CA SER B 468 -32.02 63.24 104.72
C SER B 468 -31.45 64.14 105.83
N ASN B 469 -30.55 65.09 105.46
CA ASN B 469 -29.85 66.07 106.33
C ASN B 469 -28.78 65.45 107.25
N ASP B 470 -28.62 64.10 107.23
CA ASP B 470 -27.63 63.37 108.02
C ASP B 470 -26.37 63.07 107.18
N LEU B 471 -25.80 64.15 106.57
CA LEU B 471 -24.64 64.16 105.67
C LEU B 471 -23.36 63.50 106.26
N THR B 472 -23.26 63.44 107.60
CA THR B 472 -22.13 62.84 108.33
C THR B 472 -22.12 61.31 108.20
N ALA B 473 -23.28 60.66 108.44
CA ALA B 473 -23.46 59.21 108.35
C ALA B 473 -23.55 58.70 106.91
N VAL B 474 -23.84 59.61 105.95
CA VAL B 474 -23.98 59.32 104.53
C VAL B 474 -22.63 58.93 103.89
N ARG B 475 -22.62 57.77 103.21
CA ARG B 475 -21.47 57.21 102.50
C ARG B 475 -21.87 57.00 101.02
N PRO B 476 -20.98 57.31 100.02
CA PRO B 476 -21.38 57.13 98.60
C PRO B 476 -21.82 55.70 98.23
N LEU B 477 -22.75 55.60 97.26
CA LEU B 477 -23.36 54.37 96.75
C LEU B 477 -22.38 53.23 96.41
N SER B 478 -22.49 52.11 97.13
CA SER B 478 -21.66 50.92 96.94
C SER B 478 -22.18 50.10 95.76
N CYS B 479 -21.29 49.77 94.82
CA CYS B 479 -21.60 49.04 93.58
C CYS B 479 -22.03 47.59 93.80
N ASP B 480 -21.32 46.84 94.67
CA ASP B 480 -21.60 45.44 94.92
C ASP B 480 -22.46 45.18 96.16
N SER B 481 -21.99 45.63 97.35
CA SER B 481 -22.67 45.44 98.63
C SER B 481 -23.93 46.29 98.80
N SER B 482 -24.79 45.90 99.78
CA SER B 482 -26.04 46.57 100.11
C SER B 482 -25.96 47.26 101.48
N MET B 483 -26.21 48.57 101.53
CA MET B 483 -26.16 49.37 102.77
C MET B 483 -27.56 49.82 103.25
N ASP B 484 -27.66 50.19 104.55
CA ASP B 484 -28.91 50.64 105.18
C ASP B 484 -29.36 52.01 104.63
N VAL B 485 -30.66 52.33 104.80
CA VAL B 485 -31.33 53.57 104.37
C VAL B 485 -30.61 54.85 104.84
N SER B 486 -30.07 54.83 106.08
CA SER B 486 -29.36 55.94 106.74
C SER B 486 -28.09 56.39 106.01
N GLN B 487 -27.40 55.46 105.32
CA GLN B 487 -26.16 55.71 104.57
C GLN B 487 -26.42 56.16 103.13
N VAL B 488 -27.69 56.17 102.69
CA VAL B 488 -28.08 56.51 101.32
C VAL B 488 -28.59 57.95 101.16
N ARG B 489 -28.09 58.66 100.12
CA ARG B 489 -28.48 60.01 99.73
C ARG B 489 -29.02 59.95 98.30
N LEU B 490 -30.23 60.48 98.08
CA LEU B 490 -30.91 60.46 96.78
C LEU B 490 -30.76 61.78 96.02
N GLU B 491 -30.47 61.67 94.71
CA GLU B 491 -30.28 62.79 93.78
C GLU B 491 -31.28 62.66 92.61
N TRP B 492 -32.29 63.55 92.58
CA TRP B 492 -33.36 63.60 91.56
C TRP B 492 -34.22 62.30 91.47
N PRO B 493 -34.90 61.85 92.56
CA PRO B 493 -35.76 60.65 92.44
C PRO B 493 -37.14 61.02 91.87
N THR B 494 -37.74 60.14 91.03
CA THR B 494 -39.04 60.42 90.42
C THR B 494 -40.11 59.35 90.72
N ASP B 495 -40.15 58.25 89.93
CA ASP B 495 -41.15 57.18 90.08
C ASP B 495 -40.86 56.24 91.26
N LEU B 496 -41.94 55.63 91.80
CA LEU B 496 -41.90 54.70 92.92
C LEU B 496 -42.93 53.59 92.72
N ALA B 497 -42.55 52.35 93.07
CA ALA B 497 -43.40 51.17 92.95
C ALA B 497 -43.02 50.08 93.94
N VAL B 498 -44.02 49.33 94.43
CA VAL B 498 -43.83 48.19 95.34
C VAL B 498 -43.77 46.91 94.47
N ASP B 499 -42.83 45.99 94.81
CA ASP B 499 -42.67 44.69 94.14
C ASP B 499 -43.71 43.73 94.77
N PRO B 500 -44.75 43.28 94.04
CA PRO B 500 -45.77 42.40 94.66
C PRO B 500 -45.29 40.99 95.03
N MET B 501 -44.02 40.65 94.81
CA MET B 501 -43.46 39.34 95.12
C MET B 501 -42.51 39.39 96.33
N ASP B 502 -41.73 40.48 96.42
CA ASP B 502 -40.73 40.76 97.45
C ASP B 502 -41.27 41.64 98.58
N ASN B 503 -42.26 42.50 98.26
CA ASN B 503 -42.86 43.54 99.12
C ASN B 503 -41.84 44.67 99.36
N SER B 504 -40.82 44.73 98.48
CA SER B 504 -39.75 45.72 98.51
C SER B 504 -40.16 46.97 97.74
N LEU B 505 -39.51 48.11 98.02
CA LEU B 505 -39.80 49.38 97.38
C LEU B 505 -38.76 49.70 96.32
N TYR B 506 -39.20 50.01 95.10
CA TYR B 506 -38.33 50.34 93.98
C TYR B 506 -38.39 51.84 93.70
N VAL B 507 -37.21 52.48 93.68
CA VAL B 507 -37.08 53.91 93.46
C VAL B 507 -36.33 54.17 92.15
N LEU B 508 -36.88 55.05 91.31
CA LEU B 508 -36.25 55.49 90.06
C LEU B 508 -35.52 56.79 90.42
N GLU B 509 -34.17 56.76 90.42
CA GLU B 509 -33.34 57.90 90.82
C GLU B 509 -32.14 58.13 89.89
N ASN B 510 -32.18 59.24 89.13
CA ASN B 510 -31.13 59.69 88.19
C ASN B 510 -30.52 58.54 87.34
N ASN B 511 -31.37 57.91 86.51
CA ASN B 511 -31.04 56.79 85.61
C ASN B 511 -30.42 55.57 86.33
N VAL B 512 -30.90 55.29 87.56
CA VAL B 512 -30.50 54.17 88.43
C VAL B 512 -31.74 53.74 89.24
N ILE B 513 -32.08 52.44 89.19
CA ILE B 513 -33.21 51.90 89.96
C ILE B 513 -32.66 51.18 91.19
N LEU B 514 -33.08 51.63 92.39
CA LEU B 514 -32.65 51.06 93.66
C LEU B 514 -33.78 50.30 94.34
N ARG B 515 -33.44 49.34 95.23
CA ARG B 515 -34.42 48.54 95.96
C ARG B 515 -34.27 48.70 97.47
N ILE B 516 -35.40 48.98 98.15
CA ILE B 516 -35.50 49.13 99.60
C ILE B 516 -36.24 47.88 100.11
N THR B 517 -35.51 46.94 100.73
CA THR B 517 -36.11 45.71 101.26
C THR B 517 -36.90 46.00 102.56
N GLU B 518 -37.66 45.01 103.06
CA GLU B 518 -38.44 45.11 104.29
C GLU B 518 -37.54 45.31 105.52
N ASN B 519 -36.26 44.89 105.41
CA ASN B 519 -35.22 45.00 106.45
C ASN B 519 -34.43 46.33 106.30
N HIS B 520 -34.95 47.26 105.46
CA HIS B 520 -34.41 48.60 105.16
C HIS B 520 -33.01 48.56 104.51
N GLN B 521 -32.76 47.56 103.64
CA GLN B 521 -31.49 47.41 102.91
C GLN B 521 -31.62 47.93 101.47
N VAL B 522 -30.70 48.83 101.08
CA VAL B 522 -30.66 49.51 99.77
C VAL B 522 -29.58 48.90 98.85
N SER B 523 -29.93 48.67 97.56
CA SER B 523 -29.04 48.09 96.54
C SER B 523 -29.43 48.51 95.12
N ILE B 524 -28.43 48.58 94.20
CA ILE B 524 -28.65 48.92 92.78
C ILE B 524 -29.23 47.68 92.08
N ILE B 525 -30.36 47.86 91.37
CA ILE B 525 -31.05 46.78 90.64
C ILE B 525 -30.83 46.93 89.12
N ALA B 526 -30.82 48.17 88.61
CA ALA B 526 -30.61 48.50 87.19
C ALA B 526 -29.93 49.85 87.06
N GLY B 527 -29.01 49.96 86.09
CA GLY B 527 -28.27 51.17 85.83
C GLY B 527 -26.85 51.14 86.35
N ARG B 528 -25.96 51.91 85.70
CA ARG B 528 -24.55 52.00 86.07
C ARG B 528 -24.20 53.41 86.62
N PRO B 529 -23.94 53.54 87.95
CA PRO B 529 -23.58 54.86 88.49
C PRO B 529 -22.14 55.24 88.15
N MET B 530 -21.78 56.53 88.35
CA MET B 530 -20.44 57.04 88.07
C MET B 530 -19.36 56.54 89.07
N HIS B 531 -19.79 55.90 90.18
CA HIS B 531 -18.91 55.35 91.21
C HIS B 531 -18.00 54.25 90.65
N CYS B 532 -18.52 53.44 89.70
CA CYS B 532 -17.80 52.34 89.05
C CYS B 532 -18.13 52.25 87.54
N GLN B 533 -18.06 53.41 86.86
CA GLN B 533 -18.36 53.53 85.42
C GLN B 533 -17.24 52.93 84.55
N VAL B 534 -16.01 53.46 84.63
CA VAL B 534 -14.85 53.01 83.85
C VAL B 534 -13.52 53.22 84.63
N PRO B 535 -12.68 52.17 84.87
CA PRO B 535 -12.81 50.78 84.44
C PRO B 535 -13.43 49.87 85.52
N GLY B 536 -14.70 50.12 85.82
CA GLY B 536 -15.48 49.38 86.81
C GLY B 536 -15.67 47.91 86.45
N ILE B 537 -15.85 47.64 85.14
CA ILE B 537 -16.02 46.31 84.55
C ILE B 537 -15.10 46.15 83.33
N ASP B 538 -14.13 45.22 83.42
CA ASP B 538 -13.13 44.93 82.39
C ASP B 538 -13.67 44.17 81.18
N TYR B 539 -14.63 43.24 81.39
CA TYR B 539 -15.24 42.43 80.32
C TYR B 539 -16.28 43.21 79.47
N SER B 540 -16.64 44.44 79.91
CA SER B 540 -17.56 45.39 79.27
C SER B 540 -19.02 44.88 79.11
N LEU B 541 -19.43 44.53 77.88
CA LEU B 541 -20.81 44.11 77.54
C LEU B 541 -21.24 42.74 78.09
N SER B 542 -22.40 42.74 78.78
CA SER B 542 -23.08 41.59 79.37
C SER B 542 -24.60 41.88 79.43
N LYS B 543 -25.43 40.82 79.47
CA LYS B 543 -26.90 40.93 79.48
C LYS B 543 -27.49 41.46 80.81
N LEU B 544 -26.68 41.52 81.89
CA LEU B 544 -27.08 41.99 83.23
C LEU B 544 -27.50 43.46 83.26
N ALA B 545 -28.51 43.78 84.10
CA ALA B 545 -29.05 45.13 84.29
C ALA B 545 -28.07 46.04 85.03
N ILE B 546 -27.32 45.47 86.00
CA ILE B 546 -26.32 46.16 86.82
C ILE B 546 -25.15 46.71 85.96
N HIS B 547 -24.84 46.04 84.84
CA HIS B 547 -23.77 46.42 83.92
C HIS B 547 -24.25 47.29 82.74
N SER B 548 -25.58 47.49 82.62
CA SER B 548 -26.17 48.29 81.53
C SER B 548 -26.68 49.64 82.04
N ALA B 549 -26.21 50.73 81.41
CA ALA B 549 -26.60 52.10 81.74
C ALA B 549 -27.98 52.46 81.19
N LEU B 550 -28.76 53.21 81.99
CA LEU B 550 -30.11 53.67 81.61
C LEU B 550 -30.05 55.03 80.92
N GLU B 551 -30.68 55.13 79.74
CA GLU B 551 -30.71 56.35 78.92
C GLU B 551 -32.03 57.12 79.10
N SER B 552 -31.99 58.18 79.94
CA SER B 552 -33.10 59.08 80.26
C SER B 552 -34.41 58.33 80.63
N ALA B 553 -34.37 57.56 81.73
CA ALA B 553 -35.51 56.79 82.23
C ALA B 553 -36.60 57.71 82.80
N SER B 554 -37.88 57.35 82.57
CA SER B 554 -39.02 58.17 83.02
C SER B 554 -40.03 57.48 83.94
N ALA B 555 -40.26 56.17 83.76
CA ALA B 555 -41.22 55.42 84.58
C ALA B 555 -40.82 53.98 84.85
N ILE B 556 -41.40 53.39 85.91
CA ILE B 556 -41.18 52.00 86.33
C ILE B 556 -42.50 51.31 86.71
N ALA B 557 -42.57 49.99 86.52
CA ALA B 557 -43.70 49.13 86.88
C ALA B 557 -43.18 47.74 87.23
N ILE B 558 -43.80 47.10 88.24
CA ILE B 558 -43.42 45.75 88.68
C ILE B 558 -44.64 44.84 88.63
N SER B 559 -44.51 43.71 87.90
CA SER B 559 -45.56 42.69 87.77
C SER B 559 -45.58 41.81 89.03
N HIS B 560 -46.65 41.02 89.20
CA HIS B 560 -46.80 40.09 90.34
C HIS B 560 -45.75 38.97 90.34
N THR B 561 -45.08 38.74 89.18
CA THR B 561 -44.02 37.75 89.00
C THR B 561 -42.63 38.34 89.29
N GLY B 562 -42.60 39.58 89.80
CA GLY B 562 -41.39 40.30 90.16
C GLY B 562 -40.59 40.88 89.01
N VAL B 563 -41.21 40.98 87.82
CA VAL B 563 -40.57 41.51 86.60
C VAL B 563 -40.69 43.05 86.58
N LEU B 564 -39.54 43.73 86.48
CA LEU B 564 -39.45 45.19 86.44
C LEU B 564 -39.42 45.70 84.99
N TYR B 565 -40.31 46.64 84.66
CA TYR B 565 -40.39 47.28 83.35
C TYR B 565 -39.96 48.74 83.48
N ILE B 566 -39.02 49.17 82.64
CA ILE B 566 -38.47 50.53 82.67
C ILE B 566 -38.75 51.28 81.37
N SER B 567 -39.36 52.47 81.51
CA SER B 567 -39.68 53.38 80.42
C SER B 567 -38.48 54.33 80.25
N GLU B 568 -37.99 54.48 79.00
CA GLU B 568 -36.86 55.34 78.70
C GLU B 568 -37.24 56.32 77.60
N THR B 569 -37.26 57.62 77.92
CA THR B 569 -37.58 58.64 76.92
C THR B 569 -36.61 59.82 76.94
N ASP B 570 -35.99 60.03 75.79
CA ASP B 570 -35.06 61.10 75.45
C ASP B 570 -35.90 62.20 74.80
N GLU B 571 -37.13 61.83 74.35
CA GLU B 571 -38.14 62.65 73.65
C GLU B 571 -37.74 62.94 72.21
N LYS B 572 -36.50 62.59 71.83
CA LYS B 572 -35.93 62.80 70.50
C LYS B 572 -35.92 61.50 69.69
N LYS B 573 -34.98 60.58 69.98
CA LYS B 573 -34.85 59.31 69.28
C LYS B 573 -35.07 58.10 70.19
N ILE B 574 -34.68 58.20 71.48
CA ILE B 574 -34.85 57.13 72.46
C ILE B 574 -36.25 57.26 73.07
N ASN B 575 -37.14 56.31 72.74
CA ASN B 575 -38.51 56.20 73.23
C ASN B 575 -38.79 54.70 73.22
N ARG B 576 -38.41 54.04 74.32
CA ARG B 576 -38.48 52.58 74.44
C ARG B 576 -38.87 52.08 75.84
N LEU B 577 -39.30 50.81 75.90
CA LEU B 577 -39.66 50.10 77.13
C LEU B 577 -38.75 48.87 77.26
N ARG B 578 -37.99 48.80 78.36
CA ARG B 578 -37.09 47.69 78.64
C ARG B 578 -37.59 46.82 79.79
N GLN B 579 -37.23 45.53 79.75
CA GLN B 579 -37.66 44.51 80.72
C GLN B 579 -36.48 43.95 81.51
N VAL B 580 -36.62 43.86 82.84
CA VAL B 580 -35.63 43.30 83.76
C VAL B 580 -36.26 42.10 84.47
N THR B 581 -35.83 40.90 84.07
CA THR B 581 -36.31 39.63 84.64
C THR B 581 -35.68 39.37 86.02
N THR B 582 -36.27 38.45 86.80
CA THR B 582 -35.82 38.08 88.16
C THR B 582 -34.33 37.72 88.23
N ASN B 583 -33.79 37.06 87.19
CA ASN B 583 -32.38 36.68 87.06
C ASN B 583 -31.42 37.88 86.94
N GLY B 584 -31.99 39.08 86.74
CA GLY B 584 -31.25 40.34 86.63
C GLY B 584 -30.83 40.72 85.22
N GLU B 585 -31.42 40.09 84.19
CA GLU B 585 -31.10 40.37 82.79
C GLU B 585 -32.02 41.42 82.19
N ILE B 586 -31.44 42.38 81.45
CA ILE B 586 -32.16 43.47 80.79
C ILE B 586 -32.25 43.25 79.28
N CYS B 587 -33.43 43.55 78.69
CA CYS B 587 -33.70 43.41 77.25
C CYS B 587 -34.80 44.37 76.79
N LEU B 588 -34.81 44.70 75.49
CA LEU B 588 -35.80 45.58 74.88
C LEU B 588 -37.14 44.85 74.74
N LEU B 589 -38.22 45.45 75.27
CA LEU B 589 -39.57 44.89 75.20
C LEU B 589 -40.41 45.57 74.11
N ALA B 590 -40.29 46.91 74.00
CA ALA B 590 -41.01 47.72 73.01
C ALA B 590 -40.22 48.98 72.67
N GLY B 591 -40.46 49.52 71.48
CA GLY B 591 -39.82 50.75 71.03
C GLY B 591 -38.53 50.60 70.25
N ALA B 592 -38.63 50.68 68.92
CA ALA B 592 -37.49 50.63 68.01
C ALA B 592 -36.81 52.01 68.01
N ALA B 593 -35.52 52.04 67.62
CA ALA B 593 -34.75 53.29 67.53
C ALA B 593 -35.23 54.10 66.32
N SER B 594 -35.89 55.25 66.60
CA SER B 594 -36.42 56.14 65.58
C SER B 594 -35.29 56.91 64.89
N ASP B 595 -35.32 56.92 63.55
CA ASP B 595 -34.34 57.63 62.71
C ASP B 595 -34.60 59.14 62.75
N CYS B 596 -35.86 59.50 63.04
CA CYS B 596 -36.38 60.87 63.11
C CYS B 596 -36.51 61.37 64.56
N ASP B 597 -36.33 62.70 64.74
CA ASP B 597 -36.45 63.37 66.04
C ASP B 597 -37.93 63.69 66.28
N CYS B 598 -38.50 63.10 67.35
CA CYS B 598 -39.92 63.24 67.70
C CYS B 598 -40.32 64.65 68.19
N LYS B 599 -39.41 65.34 68.90
CA LYS B 599 -39.66 66.68 69.46
C LYS B 599 -39.25 67.85 68.56
N ASN B 600 -38.08 67.74 67.90
CA ASN B 600 -37.52 68.81 67.06
C ASN B 600 -38.01 68.83 65.61
N ASP B 601 -37.95 67.70 64.88
CA ASP B 601 -38.36 67.60 63.48
C ASP B 601 -39.87 67.79 63.30
N VAL B 602 -40.25 68.76 62.43
CA VAL B 602 -41.64 69.10 62.13
C VAL B 602 -42.26 68.04 61.18
N ASN B 603 -41.52 67.61 60.14
CA ASN B 603 -41.95 66.58 59.19
C ASN B 603 -41.62 65.21 59.80
N CYS B 604 -42.30 64.88 60.91
CA CYS B 604 -42.07 63.64 61.65
C CYS B 604 -43.34 62.97 62.14
N ASN B 605 -43.33 61.63 62.10
CA ASN B 605 -44.41 60.77 62.58
C ASN B 605 -43.78 59.68 63.46
N CYS B 606 -43.88 59.87 64.79
CA CYS B 606 -43.34 58.94 65.77
C CYS B 606 -44.41 57.98 66.31
N TYR B 607 -45.37 57.60 65.44
CA TYR B 607 -46.44 56.65 65.72
C TYR B 607 -46.54 55.62 64.60
N SER B 608 -46.14 54.38 64.92
CA SER B 608 -46.17 53.24 64.01
C SER B 608 -46.07 51.93 64.81
N GLY B 609 -46.19 50.80 64.10
CA GLY B 609 -46.08 49.46 64.68
C GLY B 609 -47.29 48.87 65.36
N ASP B 610 -48.39 49.66 65.53
CA ASP B 610 -49.61 49.17 66.18
C ASP B 610 -50.26 48.05 65.38
N ASP B 611 -50.73 47.00 66.09
CA ASP B 611 -51.29 45.74 65.58
C ASP B 611 -50.19 44.87 64.93
N GLY B 612 -48.94 45.15 65.32
CA GLY B 612 -47.74 44.44 64.89
C GLY B 612 -46.86 44.12 66.08
N TYR B 613 -45.57 43.82 65.85
CA TYR B 613 -44.66 43.49 66.95
C TYR B 613 -44.15 44.75 67.66
N ALA B 614 -44.11 44.67 69.01
CA ALA B 614 -43.70 45.73 69.93
C ALA B 614 -42.29 46.26 69.70
N THR B 615 -41.31 45.38 69.42
CA THR B 615 -39.92 45.74 69.17
C THR B 615 -39.72 46.54 67.87
N ASP B 616 -40.70 46.45 66.93
CA ASP B 616 -40.68 47.16 65.65
C ASP B 616 -41.39 48.52 65.74
N ALA B 617 -42.29 48.67 66.73
CA ALA B 617 -43.09 49.87 66.96
C ALA B 617 -42.27 51.07 67.41
N ILE B 618 -42.72 52.28 67.04
CA ILE B 618 -42.07 53.54 67.42
C ILE B 618 -42.98 54.28 68.40
N LEU B 619 -42.48 54.47 69.63
CA LEU B 619 -43.20 55.16 70.72
C LEU B 619 -42.82 56.65 70.73
N ASN B 620 -43.60 57.48 71.45
CA ASN B 620 -43.33 58.91 71.58
C ASN B 620 -43.60 59.41 72.99
N SER B 621 -42.52 59.77 73.70
CA SER B 621 -42.48 60.29 75.07
C SER B 621 -43.27 59.44 76.11
N PRO B 622 -42.92 58.14 76.35
CA PRO B 622 -43.65 57.36 77.36
C PRO B 622 -43.43 57.95 78.77
N SER B 623 -44.53 58.34 79.44
CA SER B 623 -44.50 59.00 80.75
C SER B 623 -44.82 58.10 81.95
N SER B 624 -45.70 57.09 81.78
CA SER B 624 -46.09 56.18 82.87
C SER B 624 -46.35 54.74 82.40
N LEU B 625 -46.19 53.77 83.32
CA LEU B 625 -46.40 52.34 83.09
C LEU B 625 -47.29 51.69 84.15
N ALA B 626 -48.00 50.62 83.78
CA ALA B 626 -48.88 49.82 84.64
C ALA B 626 -49.00 48.39 84.11
N VAL B 627 -49.02 47.38 85.00
CA VAL B 627 -49.12 45.98 84.61
C VAL B 627 -50.52 45.42 84.89
N ALA B 628 -51.21 44.99 83.81
CA ALA B 628 -52.56 44.42 83.82
C ALA B 628 -52.59 43.06 84.50
N PRO B 629 -53.78 42.57 84.99
CA PRO B 629 -53.84 41.24 85.61
C PRO B 629 -53.26 40.08 84.77
N ASP B 630 -53.45 40.11 83.44
CA ASP B 630 -52.94 39.07 82.52
C ASP B 630 -51.45 39.26 82.14
N GLY B 631 -50.81 40.26 82.73
CA GLY B 631 -49.40 40.55 82.50
C GLY B 631 -49.08 41.55 81.41
N THR B 632 -50.11 42.12 80.73
CA THR B 632 -49.88 43.11 79.68
C THR B 632 -49.42 44.44 80.27
N ILE B 633 -48.50 45.11 79.57
CA ILE B 633 -47.92 46.36 80.05
C ILE B 633 -48.55 47.55 79.32
N TYR B 634 -49.16 48.46 80.11
CA TYR B 634 -49.76 49.68 79.60
C TYR B 634 -48.72 50.79 79.58
N ILE B 635 -48.69 51.56 78.49
CA ILE B 635 -47.75 52.65 78.29
C ILE B 635 -48.52 53.94 78.08
N ALA B 636 -48.23 54.98 78.87
CA ALA B 636 -48.82 56.29 78.70
C ALA B 636 -47.96 56.97 77.63
N ASP B 637 -48.35 56.80 76.35
CA ASP B 637 -47.63 57.32 75.20
C ASP B 637 -48.05 58.77 74.94
N LEU B 638 -47.64 59.65 75.88
CA LEU B 638 -47.89 61.09 75.95
C LEU B 638 -47.74 61.83 74.61
N GLY B 639 -46.64 61.58 73.90
CA GLY B 639 -46.33 62.19 72.61
C GLY B 639 -47.32 61.89 71.50
N ASN B 640 -47.93 60.68 71.53
CA ASN B 640 -48.91 60.26 70.54
C ASN B 640 -50.36 60.32 71.07
N ILE B 641 -50.54 60.92 72.27
CA ILE B 641 -51.81 61.14 72.99
C ILE B 641 -52.65 59.83 73.01
N ARG B 642 -51.99 58.73 73.41
CA ARG B 642 -52.58 57.38 73.45
C ARG B 642 -52.08 56.56 74.62
N ILE B 643 -52.82 55.49 74.94
CA ILE B 643 -52.43 54.47 75.92
C ILE B 643 -52.26 53.20 75.10
N ARG B 644 -51.03 52.70 75.05
CA ARG B 644 -50.68 51.52 74.27
C ARG B 644 -50.41 50.30 75.15
N ALA B 645 -50.82 49.11 74.70
CA ALA B 645 -50.66 47.87 75.45
C ALA B 645 -49.69 46.87 74.79
N VAL B 646 -48.69 46.41 75.54
CA VAL B 646 -47.71 45.41 75.11
C VAL B 646 -48.19 44.09 75.71
N SER B 647 -48.83 43.26 74.87
CA SER B 647 -49.43 41.98 75.26
C SER B 647 -48.68 40.76 74.73
N LYS B 648 -48.84 39.61 75.41
CA LYS B 648 -48.27 38.31 75.01
C LYS B 648 -48.93 37.92 73.70
N ASN B 649 -48.16 37.33 72.76
CA ASN B 649 -48.70 36.90 71.48
C ASN B 649 -49.69 35.76 71.73
N ARG B 650 -50.96 35.99 71.38
CA ARG B 650 -52.04 35.04 71.63
C ARG B 650 -53.07 35.00 70.49
N PRO B 651 -53.74 33.85 70.25
CA PRO B 651 -54.82 33.85 69.24
C PRO B 651 -56.06 34.57 69.82
N ILE B 652 -56.69 35.41 68.99
CA ILE B 652 -57.86 36.20 69.40
C ILE B 652 -59.13 35.54 68.87
N LEU B 653 -60.20 35.51 69.69
CA LEU B 653 -61.51 34.96 69.31
C LEU B 653 -62.11 35.85 68.22
N ASN B 654 -62.38 35.28 67.05
CA ASN B 654 -62.97 36.04 65.93
C ASN B 654 -64.49 36.22 66.11
N SER B 655 -65.16 36.85 65.10
CA SER B 655 -66.60 37.11 65.08
C SER B 655 -67.44 35.82 65.11
N PHE B 656 -66.84 34.68 64.72
CA PHE B 656 -67.48 33.36 64.67
C PHE B 656 -67.22 32.51 65.92
N ASN B 657 -66.65 33.14 67.00
CA ASN B 657 -66.30 32.51 68.28
C ASN B 657 -65.34 31.33 68.07
N GLN B 658 -64.30 31.59 67.25
CA GLN B 658 -63.28 30.61 66.88
C GLN B 658 -61.87 31.19 66.98
N TYR B 659 -60.88 30.30 67.16
CA TYR B 659 -59.46 30.66 67.22
C TYR B 659 -58.78 30.19 65.95
N GLU B 660 -57.82 30.97 65.46
CA GLU B 660 -57.06 30.64 64.26
C GLU B 660 -55.55 30.74 64.48
N ALA B 661 -54.84 29.69 64.06
CA ALA B 661 -53.39 29.56 64.10
C ALA B 661 -52.97 29.06 62.71
N ALA B 662 -51.71 29.21 62.33
CA ALA B 662 -51.25 28.81 61.00
C ALA B 662 -49.80 28.35 60.95
N SER B 663 -49.48 27.54 59.92
CA SER B 663 -48.14 27.04 59.65
C SER B 663 -47.78 27.49 58.24
N PRO B 664 -47.00 28.60 58.12
CA PRO B 664 -46.64 29.12 56.79
C PRO B 664 -45.77 28.16 55.99
N GLY B 665 -44.97 27.35 56.68
CA GLY B 665 -44.10 26.34 56.09
C GLY B 665 -44.88 25.25 55.38
N GLU B 666 -46.05 24.88 55.93
CA GLU B 666 -46.95 23.87 55.37
C GLU B 666 -48.09 24.52 54.56
N GLN B 667 -48.16 25.87 54.58
CA GLN B 667 -49.18 26.72 53.93
C GLN B 667 -50.59 26.30 54.35
N GLU B 668 -50.78 26.15 55.67
CA GLU B 668 -52.03 25.70 56.28
C GLU B 668 -52.51 26.65 57.36
N LEU B 669 -53.84 26.76 57.49
CA LEU B 669 -54.53 27.57 58.48
C LEU B 669 -55.39 26.61 59.31
N TYR B 670 -55.25 26.64 60.63
CA TYR B 670 -55.98 25.77 61.54
C TYR B 670 -57.06 26.54 62.29
N VAL B 671 -58.30 26.01 62.26
CA VAL B 671 -59.47 26.60 62.91
C VAL B 671 -59.86 25.76 64.11
N PHE B 672 -60.00 26.40 65.28
CA PHE B 672 -60.36 25.77 66.55
C PHE B 672 -61.60 26.43 67.09
N ASN B 673 -62.44 25.70 67.86
CA ASN B 673 -63.61 26.31 68.49
C ASN B 673 -63.17 27.09 69.76
N ALA B 674 -64.12 27.64 70.54
CA ALA B 674 -63.81 28.40 71.76
C ALA B 674 -63.05 27.59 72.85
N ASP B 675 -63.07 26.24 72.75
CA ASP B 675 -62.39 25.33 73.68
C ASP B 675 -61.04 24.79 73.14
N GLY B 676 -60.61 25.31 72.00
CA GLY B 676 -59.35 24.94 71.34
C GLY B 676 -59.38 23.58 70.66
N ILE B 677 -60.57 23.09 70.32
CA ILE B 677 -60.78 21.81 69.65
C ILE B 677 -60.77 22.04 68.13
N HIS B 678 -59.85 21.34 67.43
CA HIS B 678 -59.60 21.41 65.99
C HIS B 678 -60.83 21.13 65.14
N GLN B 679 -61.33 22.17 64.45
CA GLN B 679 -62.51 22.07 63.59
C GLN B 679 -62.11 21.78 62.15
N TYR B 680 -61.30 22.67 61.56
CA TYR B 680 -60.85 22.56 60.18
C TYR B 680 -59.38 22.90 59.98
N THR B 681 -58.84 22.49 58.84
CA THR B 681 -57.52 22.83 58.33
C THR B 681 -57.80 23.31 56.92
N LEU B 682 -57.50 24.58 56.66
CA LEU B 682 -57.71 25.22 55.36
C LEU B 682 -56.37 25.56 54.75
N SER B 683 -56.33 25.81 53.44
CA SER B 683 -55.11 26.24 52.77
C SER B 683 -54.93 27.72 53.06
N LEU B 684 -53.73 28.11 53.51
CA LEU B 684 -53.38 29.50 53.83
C LEU B 684 -53.36 30.36 52.56
N VAL B 685 -53.09 29.74 51.40
CA VAL B 685 -53.02 30.38 50.08
C VAL B 685 -54.39 30.39 49.39
N THR B 686 -54.95 29.19 49.17
CA THR B 686 -56.20 28.93 48.44
C THR B 686 -57.48 29.28 49.22
N GLY B 687 -57.48 29.03 50.53
CA GLY B 687 -58.65 29.26 51.38
C GLY B 687 -59.64 28.12 51.33
N GLU B 688 -59.27 27.02 50.64
CA GLU B 688 -60.07 25.81 50.48
C GLU B 688 -59.84 24.86 51.65
N TYR B 689 -60.89 24.14 52.08
CA TYR B 689 -60.84 23.17 53.18
C TYR B 689 -60.01 21.97 52.78
N LEU B 690 -59.02 21.63 53.62
CA LEU B 690 -58.11 20.49 53.42
C LEU B 690 -58.52 19.31 54.28
N TYR B 691 -58.91 19.58 55.54
CA TYR B 691 -59.36 18.57 56.51
C TYR B 691 -60.50 19.09 57.38
N ASN B 692 -61.53 18.25 57.58
CA ASN B 692 -62.70 18.53 58.41
C ASN B 692 -62.75 17.47 59.52
N PHE B 693 -62.76 17.92 60.78
CA PHE B 693 -62.74 17.05 61.96
C PHE B 693 -64.09 17.01 62.67
N THR B 694 -64.67 15.80 62.80
CA THR B 694 -65.93 15.59 63.52
C THR B 694 -65.65 14.78 64.77
N TYR B 695 -66.41 15.07 65.84
CA TYR B 695 -66.21 14.49 67.16
C TYR B 695 -67.44 13.80 67.72
N SER B 696 -67.25 13.09 68.84
CA SER B 696 -68.32 12.43 69.58
C SER B 696 -68.82 13.44 70.63
N SER B 697 -69.77 13.03 71.49
CA SER B 697 -70.34 13.88 72.54
C SER B 697 -69.30 14.23 73.64
N ASP B 698 -68.29 13.34 73.83
CA ASP B 698 -67.20 13.49 74.81
C ASP B 698 -65.98 14.21 74.22
N ASN B 699 -66.14 14.80 73.00
CA ASN B 699 -65.15 15.54 72.22
C ASN B 699 -63.94 14.68 71.79
N ASP B 700 -64.18 13.38 71.53
CA ASP B 700 -63.16 12.47 71.03
C ASP B 700 -63.28 12.47 69.51
N VAL B 701 -62.14 12.58 68.79
CA VAL B 701 -62.12 12.61 67.31
C VAL B 701 -62.63 11.27 66.75
N THR B 702 -63.67 11.34 65.89
CA THR B 702 -64.28 10.15 65.29
C THR B 702 -64.13 10.10 63.77
N GLU B 703 -63.89 11.25 63.11
CA GLU B 703 -63.71 11.31 61.66
C GLU B 703 -62.86 12.48 61.20
N VAL B 704 -61.92 12.18 60.30
CA VAL B 704 -61.03 13.13 59.63
C VAL B 704 -61.42 13.01 58.16
N MET B 705 -62.04 14.06 57.59
CA MET B 705 -62.49 14.07 56.19
C MET B 705 -61.63 15.02 55.38
N ASP B 706 -60.90 14.50 54.39
CA ASP B 706 -60.04 15.34 53.55
C ASP B 706 -60.84 16.01 52.42
N SER B 707 -60.20 16.94 51.69
CA SER B 707 -60.75 17.70 50.55
C SER B 707 -61.29 16.84 49.40
N ASN B 708 -60.73 15.63 49.22
CA ASN B 708 -61.10 14.68 48.15
C ASN B 708 -62.26 13.74 48.50
N GLY B 709 -62.74 13.80 49.75
CA GLY B 709 -63.82 12.95 50.23
C GLY B 709 -63.36 11.67 50.89
N ASN B 710 -62.04 11.57 51.21
CA ASN B 710 -61.46 10.41 51.89
C ASN B 710 -61.63 10.57 53.39
N SER B 711 -62.45 9.70 54.00
CA SER B 711 -62.71 9.76 55.43
C SER B 711 -62.03 8.64 56.20
N LEU B 712 -61.27 9.03 57.22
CA LEU B 712 -60.59 8.11 58.13
C LEU B 712 -61.42 8.16 59.42
N LYS B 713 -62.21 7.11 59.66
CA LYS B 713 -63.07 7.04 60.84
C LYS B 713 -62.38 6.32 61.98
N VAL B 714 -62.51 6.87 63.19
CA VAL B 714 -61.98 6.27 64.42
C VAL B 714 -63.20 5.68 65.11
N ARG B 715 -63.36 4.35 65.05
CA ARG B 715 -64.51 3.68 65.68
C ARG B 715 -64.23 3.53 67.18
N ARG B 716 -65.09 4.11 68.01
CA ARG B 716 -64.93 4.13 69.47
C ARG B 716 -66.12 3.59 70.27
N ASP B 717 -65.82 3.24 71.53
CA ASP B 717 -66.74 2.83 72.60
C ASP B 717 -67.13 4.17 73.30
N ALA B 718 -68.32 4.24 73.94
CA ALA B 718 -68.81 5.48 74.58
C ALA B 718 -67.86 6.12 75.62
N SER B 719 -66.84 5.37 76.10
CA SER B 719 -65.82 5.87 77.05
C SER B 719 -64.77 6.73 76.31
N GLY B 720 -64.65 6.50 75.00
CA GLY B 720 -63.71 7.19 74.13
C GLY B 720 -62.51 6.35 73.72
N MET B 721 -62.51 5.05 74.09
CA MET B 721 -61.42 4.12 73.77
C MET B 721 -61.45 3.66 72.30
N PRO B 722 -60.33 3.83 71.55
CA PRO B 722 -60.32 3.39 70.15
C PRO B 722 -60.31 1.87 69.97
N ARG B 723 -61.20 1.38 69.10
CA ARG B 723 -61.31 -0.05 68.79
C ARG B 723 -60.51 -0.32 67.52
N HIS B 724 -60.79 0.46 66.47
CA HIS B 724 -60.14 0.34 65.17
C HIS B 724 -60.29 1.61 64.33
N LEU B 725 -59.52 1.68 63.23
CA LEU B 725 -59.58 2.75 62.25
C LEU B 725 -60.21 2.19 60.97
N LEU B 726 -61.25 2.88 60.46
CA LEU B 726 -61.91 2.52 59.20
C LEU B 726 -61.34 3.47 58.15
N MET B 727 -60.42 2.94 57.34
CA MET B 727 -59.69 3.64 56.31
C MET B 727 -60.58 4.11 55.14
N PRO B 728 -60.17 5.16 54.36
CA PRO B 728 -60.99 5.60 53.22
C PRO B 728 -61.42 4.52 52.22
N ASP B 729 -60.62 3.41 52.11
CA ASP B 729 -60.89 2.26 51.24
C ASP B 729 -61.68 1.13 51.94
N ASN B 730 -62.31 1.46 53.11
CA ASN B 730 -63.10 0.59 53.98
C ASN B 730 -62.27 -0.60 54.56
N GLN B 731 -60.97 -0.39 54.73
CA GLN B 731 -60.05 -1.35 55.33
C GLN B 731 -60.04 -1.10 56.84
N ILE B 732 -60.00 -2.19 57.64
CA ILE B 732 -59.98 -2.08 59.10
C ILE B 732 -58.55 -2.21 59.63
N VAL B 733 -58.11 -1.20 60.39
CA VAL B 733 -56.81 -1.19 61.06
C VAL B 733 -57.09 -1.32 62.56
N THR B 734 -56.86 -2.51 63.11
CA THR B 734 -57.10 -2.87 64.49
C THR B 734 -56.15 -2.15 65.45
N LEU B 735 -56.70 -1.50 66.50
CA LEU B 735 -55.92 -0.79 67.50
C LEU B 735 -56.20 -1.40 68.88
N ALA B 736 -55.17 -2.00 69.49
CA ALA B 736 -55.28 -2.60 70.81
C ALA B 736 -54.54 -1.71 71.81
N VAL B 737 -55.27 -1.18 72.80
CA VAL B 737 -54.70 -0.32 73.84
C VAL B 737 -54.59 -1.15 75.12
N GLY B 738 -53.38 -1.26 75.65
CA GLY B 738 -53.10 -2.00 76.88
C GLY B 738 -53.66 -1.33 78.13
N THR B 739 -53.74 -2.10 79.24
CA THR B 739 -54.27 -1.64 80.54
C THR B 739 -53.51 -0.42 81.11
N ASN B 740 -52.25 -0.23 80.67
CA ASN B 740 -51.39 0.90 81.08
C ASN B 740 -51.69 2.20 80.28
N GLY B 741 -52.73 2.14 79.44
CA GLY B 741 -53.19 3.24 78.60
C GLY B 741 -52.32 3.51 77.38
N GLY B 742 -51.53 2.51 76.98
CA GLY B 742 -50.63 2.62 75.84
C GLY B 742 -51.04 1.77 74.66
N LEU B 743 -50.93 2.34 73.44
CA LEU B 743 -51.24 1.66 72.18
C LEU B 743 -50.24 0.50 72.01
N LYS B 744 -50.73 -0.72 72.16
CA LYS B 744 -49.98 -1.98 72.17
C LYS B 744 -49.84 -2.60 70.77
N LEU B 745 -50.90 -2.54 69.94
CA LEU B 745 -50.89 -3.17 68.63
C LEU B 745 -51.67 -2.38 67.58
N VAL B 746 -51.06 -2.26 66.38
CA VAL B 746 -51.60 -1.62 65.19
C VAL B 746 -51.45 -2.69 64.10
N SER B 747 -52.56 -3.18 63.55
CA SER B 747 -52.51 -4.25 62.56
C SER B 747 -53.67 -4.31 61.58
N THR B 748 -53.43 -4.93 60.42
CA THR B 748 -54.43 -5.20 59.38
C THR B 748 -54.72 -6.71 59.50
N GLN B 749 -55.60 -7.25 58.64
CA GLN B 749 -55.94 -8.67 58.66
C GLN B 749 -54.73 -9.58 58.30
N THR B 750 -53.70 -8.99 57.65
CA THR B 750 -52.47 -9.68 57.23
C THR B 750 -51.21 -9.16 57.94
N LEU B 751 -51.00 -7.82 57.94
CA LEU B 751 -49.80 -7.17 58.50
C LEU B 751 -49.90 -6.70 59.94
N GLU B 752 -48.79 -6.81 60.67
CA GLU B 752 -48.63 -6.30 62.03
C GLU B 752 -47.78 -5.03 61.87
N LEU B 753 -48.45 -3.89 61.68
CA LEU B 753 -47.84 -2.58 61.44
C LEU B 753 -47.00 -2.07 62.61
N GLY B 754 -47.45 -2.35 63.84
CA GLY B 754 -46.76 -1.93 65.05
C GLY B 754 -47.12 -2.73 66.28
N LEU B 755 -46.11 -3.02 67.10
CA LEU B 755 -46.21 -3.75 68.38
C LEU B 755 -45.36 -3.02 69.41
N MET B 756 -46.03 -2.39 70.39
CA MET B 756 -45.40 -1.56 71.41
C MET B 756 -45.59 -2.06 72.84
N THR B 757 -44.57 -1.79 73.69
CA THR B 757 -44.55 -2.05 75.14
C THR B 757 -44.06 -0.77 75.80
N TYR B 758 -44.59 -0.46 76.99
CA TYR B 758 -44.29 0.77 77.71
C TYR B 758 -43.67 0.50 79.08
N ASN B 759 -43.10 1.56 79.71
CA ASN B 759 -42.49 1.45 81.02
C ASN B 759 -43.52 1.85 82.09
N GLY B 760 -44.20 0.84 82.65
CA GLY B 760 -45.24 1.02 83.66
C GLY B 760 -46.41 1.86 83.17
N ASN B 761 -46.77 2.89 83.95
CA ASN B 761 -47.84 3.84 83.60
C ASN B 761 -47.29 5.21 83.17
N SER B 762 -45.95 5.31 82.98
CA SER B 762 -45.24 6.52 82.58
C SER B 762 -45.60 6.99 81.17
N GLY B 763 -45.94 6.03 80.29
CA GLY B 763 -46.29 6.29 78.91
C GLY B 763 -45.08 6.30 77.99
N LEU B 764 -43.88 6.07 78.57
CA LEU B 764 -42.62 6.04 77.86
C LEU B 764 -42.46 4.73 77.12
N LEU B 765 -42.30 4.81 75.79
CA LEU B 765 -42.15 3.69 74.87
C LEU B 765 -40.85 2.93 75.14
N ALA B 766 -40.98 1.65 75.54
CA ALA B 766 -39.86 0.75 75.85
C ALA B 766 -39.33 0.00 74.62
N THR B 767 -40.24 -0.49 73.72
CA THR B 767 -39.90 -1.25 72.50
C THR B 767 -40.89 -0.98 71.36
N LYS B 768 -40.42 -1.08 70.09
CA LYS B 768 -41.27 -0.91 68.91
C LYS B 768 -40.90 -1.96 67.85
N SER B 769 -41.88 -2.77 67.41
CA SER B 769 -41.67 -3.81 66.40
C SER B 769 -42.57 -3.57 65.20
N ASP B 770 -42.11 -4.00 64.01
CA ASP B 770 -42.89 -3.95 62.77
C ASP B 770 -43.09 -5.40 62.24
N GLU B 771 -43.71 -5.53 61.06
CA GLU B 771 -43.99 -6.82 60.40
C GLU B 771 -42.74 -7.66 60.08
N THR B 772 -41.57 -7.01 59.87
CA THR B 772 -40.31 -7.69 59.56
C THR B 772 -39.70 -8.41 60.78
N GLY B 773 -40.16 -8.05 61.98
CA GLY B 773 -39.68 -8.59 63.25
C GLY B 773 -38.58 -7.76 63.88
N TRP B 774 -38.27 -6.60 63.26
CA TRP B 774 -37.25 -5.65 63.69
C TRP B 774 -37.76 -4.95 64.95
N THR B 775 -37.09 -5.20 66.09
CA THR B 775 -37.45 -4.58 67.37
C THR B 775 -36.39 -3.56 67.81
N THR B 776 -36.83 -2.32 68.09
CA THR B 776 -36.01 -1.24 68.62
C THR B 776 -36.32 -1.11 70.12
N PHE B 777 -35.27 -0.97 70.94
CA PHE B 777 -35.37 -0.85 72.41
C PHE B 777 -34.97 0.56 72.83
N TYR B 778 -35.79 1.19 73.70
CA TYR B 778 -35.54 2.54 74.20
C TYR B 778 -35.37 2.56 75.71
N ASP B 779 -34.31 3.23 76.18
CA ASP B 779 -33.99 3.36 77.60
C ASP B 779 -34.01 4.83 78.00
N TYR B 780 -34.57 5.12 79.18
CA TYR B 780 -34.71 6.48 79.70
C TYR B 780 -34.12 6.57 81.11
N ASP B 781 -33.81 7.79 81.55
CA ASP B 781 -33.35 8.03 82.92
C ASP B 781 -34.61 8.24 83.80
N HIS B 782 -34.43 8.45 85.12
CA HIS B 782 -35.55 8.65 86.05
C HIS B 782 -36.40 9.90 85.75
N GLU B 783 -35.82 10.84 84.99
CA GLU B 783 -36.43 12.11 84.56
C GLU B 783 -37.28 11.95 83.27
N GLY B 784 -37.27 10.74 82.69
CA GLY B 784 -38.01 10.41 81.47
C GLY B 784 -37.35 10.90 80.20
N ARG B 785 -36.02 11.15 80.25
CA ARG B 785 -35.23 11.62 79.11
C ARG B 785 -34.54 10.42 78.45
N LEU B 786 -34.65 10.30 77.12
CA LEU B 786 -34.07 9.23 76.31
C LEU B 786 -32.54 9.17 76.50
N THR B 787 -32.04 7.99 76.89
CA THR B 787 -30.60 7.76 77.13
C THR B 787 -29.98 6.79 76.13
N ASN B 788 -30.72 5.75 75.70
CA ASN B 788 -30.21 4.75 74.75
C ASN B 788 -31.27 4.28 73.75
N VAL B 789 -30.84 4.00 72.50
CA VAL B 789 -31.66 3.45 71.41
C VAL B 789 -30.87 2.27 70.82
N THR B 790 -31.33 1.03 71.07
CA THR B 790 -30.68 -0.20 70.61
C THR B 790 -31.46 -0.85 69.46
N ARG B 791 -30.72 -1.19 68.37
CA ARG B 791 -31.26 -1.80 67.14
C ARG B 791 -30.84 -3.28 66.95
N PRO B 792 -31.60 -4.13 66.19
CA PRO B 792 -31.21 -5.54 66.01
C PRO B 792 -29.83 -5.80 65.38
N THR B 793 -29.21 -4.74 64.83
CA THR B 793 -27.87 -4.77 64.21
C THR B 793 -26.76 -4.72 65.28
N GLY B 794 -27.15 -4.50 66.54
CA GLY B 794 -26.22 -4.39 67.67
C GLY B 794 -25.75 -2.98 67.91
N VAL B 795 -26.20 -2.03 67.07
CA VAL B 795 -25.85 -0.61 67.12
C VAL B 795 -26.66 0.10 68.21
N VAL B 796 -25.96 0.83 69.12
CA VAL B 796 -26.54 1.58 70.23
C VAL B 796 -26.21 3.07 70.06
N THR B 797 -27.24 3.93 70.14
CA THR B 797 -27.09 5.38 70.12
C THR B 797 -27.35 5.84 71.56
N SER B 798 -26.34 6.45 72.18
CA SER B 798 -26.41 6.94 73.57
C SER B 798 -26.45 8.46 73.69
N LEU B 799 -27.30 8.97 74.59
CA LEU B 799 -27.46 10.40 74.89
C LEU B 799 -27.16 10.64 76.38
N HIS B 800 -26.19 11.54 76.67
CA HIS B 800 -25.79 11.88 78.03
C HIS B 800 -25.97 13.39 78.29
N ARG B 801 -26.70 13.73 79.36
CA ARG B 801 -27.00 15.11 79.76
C ARG B 801 -26.17 15.56 80.97
N GLU B 802 -25.66 16.80 80.88
CA GLU B 802 -24.91 17.51 81.92
C GLU B 802 -25.59 18.88 82.04
N MET B 803 -26.45 19.03 83.05
CA MET B 803 -27.26 20.23 83.32
C MET B 803 -26.57 21.18 84.31
N GLU B 804 -25.88 22.20 83.78
CA GLU B 804 -25.16 23.22 84.56
C GLU B 804 -25.70 24.59 84.13
N LYS B 805 -24.85 25.66 84.09
CA LYS B 805 -25.24 27.00 83.62
C LYS B 805 -25.67 26.91 82.14
N SER B 806 -25.11 25.92 81.43
CA SER B 806 -25.43 25.55 80.06
C SER B 806 -25.71 24.04 80.03
N ILE B 807 -26.78 23.62 79.33
CA ILE B 807 -27.15 22.21 79.21
C ILE B 807 -26.40 21.58 78.03
N THR B 808 -25.56 20.55 78.31
CA THR B 808 -24.80 19.85 77.27
C THR B 808 -25.31 18.42 77.07
N ILE B 809 -25.64 18.06 75.83
CA ILE B 809 -26.08 16.72 75.48
C ILE B 809 -25.04 16.09 74.56
N ASP B 810 -24.47 14.96 74.99
CA ASP B 810 -23.47 14.20 74.23
C ASP B 810 -24.14 13.03 73.53
N ILE B 811 -23.94 12.93 72.22
CA ILE B 811 -24.47 11.87 71.37
C ILE B 811 -23.32 10.98 70.89
N GLU B 812 -23.44 9.68 71.15
CA GLU B 812 -22.43 8.67 70.79
C GLU B 812 -23.09 7.49 70.11
N ASN B 813 -22.35 6.83 69.20
CA ASN B 813 -22.79 5.63 68.51
C ASN B 813 -21.74 4.54 68.69
N SER B 814 -22.20 3.31 68.96
CA SER B 814 -21.35 2.14 69.21
C SER B 814 -20.51 1.70 67.99
N ASN B 815 -21.00 1.98 66.76
CA ASN B 815 -20.36 1.56 65.53
C ASN B 815 -19.49 2.65 64.85
N ARG B 816 -19.64 3.93 65.25
CA ARG B 816 -18.90 5.05 64.64
C ARG B 816 -18.18 5.96 65.65
N ASP B 817 -17.18 6.72 65.13
CA ASP B 817 -16.40 7.70 65.91
C ASP B 817 -16.91 9.13 65.65
N ASP B 818 -18.21 9.25 65.27
CA ASP B 818 -18.87 10.51 64.94
C ASP B 818 -19.57 11.18 66.15
N ASP B 819 -18.87 11.29 67.29
CA ASP B 819 -19.43 11.88 68.51
C ASP B 819 -19.85 13.36 68.30
N VAL B 820 -21.14 13.64 68.56
CA VAL B 820 -21.76 14.98 68.42
C VAL B 820 -22.18 15.49 69.80
N THR B 821 -21.84 16.74 70.13
CA THR B 821 -22.23 17.34 71.40
C THR B 821 -22.97 18.66 71.15
N VAL B 822 -24.13 18.85 71.81
CA VAL B 822 -24.99 20.05 71.71
C VAL B 822 -24.95 20.80 73.03
N ILE B 823 -24.55 22.08 72.99
CA ILE B 823 -24.49 22.94 74.17
C ILE B 823 -25.59 24.00 74.04
N THR B 824 -26.44 24.14 75.08
CA THR B 824 -27.55 25.10 75.10
C THR B 824 -27.40 26.11 76.22
N ASN B 825 -27.46 27.40 75.87
CA ASN B 825 -27.41 28.53 76.80
C ASN B 825 -28.69 29.34 76.65
N LEU B 826 -29.58 29.28 77.64
CA LEU B 826 -30.83 30.02 77.61
C LEU B 826 -30.73 31.33 78.39
N SER B 827 -31.17 32.43 77.75
CA SER B 827 -31.16 33.76 78.35
C SER B 827 -32.49 34.51 78.10
N SER B 828 -32.54 35.80 78.49
CA SER B 828 -33.70 36.67 78.31
C SER B 828 -33.91 37.02 76.83
N VAL B 829 -32.80 37.27 76.10
CA VAL B 829 -32.80 37.66 74.68
C VAL B 829 -32.89 36.48 73.71
N GLU B 830 -32.18 35.37 73.99
CA GLU B 830 -32.09 34.24 73.05
C GLU B 830 -31.76 32.89 73.68
N ALA B 831 -32.00 31.82 72.89
CA ALA B 831 -31.63 30.44 73.15
C ALA B 831 -30.44 30.22 72.22
N SER B 832 -29.25 29.99 72.80
CA SER B 832 -27.99 29.83 72.07
C SER B 832 -27.51 28.38 72.05
N TYR B 833 -27.37 27.83 70.84
CA TYR B 833 -26.98 26.43 70.60
C TYR B 833 -25.64 26.31 69.89
N THR B 834 -24.82 25.34 70.32
CA THR B 834 -23.52 25.06 69.72
C THR B 834 -23.40 23.55 69.49
N VAL B 835 -23.37 23.15 68.21
CA VAL B 835 -23.22 21.75 67.79
C VAL B 835 -21.73 21.54 67.51
N VAL B 836 -21.09 20.66 68.30
CA VAL B 836 -19.65 20.37 68.25
C VAL B 836 -19.34 18.93 67.76
N GLN B 837 -18.47 18.83 66.75
CA GLN B 837 -17.97 17.57 66.19
C GLN B 837 -16.44 17.74 66.12
N ASP B 838 -15.73 17.27 67.18
CA ASP B 838 -14.29 17.41 67.39
C ASP B 838 -13.95 18.88 67.71
N GLN B 839 -13.44 19.65 66.72
CA GLN B 839 -13.10 21.08 66.86
C GLN B 839 -13.98 21.94 65.93
N VAL B 840 -14.86 21.27 65.16
CA VAL B 840 -15.80 21.88 64.22
C VAL B 840 -17.05 22.28 65.01
N ARG B 841 -17.29 23.60 65.14
CA ARG B 841 -18.40 24.15 65.92
C ARG B 841 -19.35 24.97 65.06
N ASN B 842 -20.64 24.59 65.06
CA ASN B 842 -21.71 25.30 64.36
C ASN B 842 -22.62 25.97 65.40
N SER B 843 -22.83 27.31 65.29
CA SER B 843 -23.64 28.07 66.24
C SER B 843 -25.01 28.44 65.70
N TYR B 844 -26.02 28.33 66.56
CA TYR B 844 -27.43 28.60 66.25
C TYR B 844 -28.00 29.50 67.34
N GLN B 845 -28.75 30.54 66.96
CA GLN B 845 -29.34 31.49 67.91
C GLN B 845 -30.81 31.76 67.59
N LEU B 846 -31.70 31.29 68.47
CA LEU B 846 -33.14 31.50 68.36
C LEU B 846 -33.51 32.65 69.29
N CYS B 847 -33.64 33.85 68.73
CA CYS B 847 -33.92 35.09 69.45
C CYS B 847 -35.43 35.32 69.68
N ASN B 848 -35.75 36.07 70.76
CA ASN B 848 -37.11 36.42 71.16
C ASN B 848 -37.83 37.31 70.15
N ASN B 849 -37.08 38.13 69.39
CA ASN B 849 -37.64 39.02 68.35
C ASN B 849 -38.12 38.27 67.09
N GLY B 850 -37.90 36.94 67.06
CA GLY B 850 -38.29 36.05 65.98
C GLY B 850 -37.19 35.74 64.98
N THR B 851 -35.95 36.17 65.27
CA THR B 851 -34.79 35.97 64.41
C THR B 851 -34.05 34.67 64.72
N LEU B 852 -33.77 33.89 63.66
CA LEU B 852 -32.98 32.66 63.71
C LEU B 852 -31.65 32.97 63.02
N ARG B 853 -30.55 32.87 63.77
CA ARG B 853 -29.20 33.12 63.25
C ARG B 853 -28.34 31.87 63.28
N VAL B 854 -27.74 31.52 62.14
CA VAL B 854 -26.85 30.37 62.01
C VAL B 854 -25.45 30.90 61.69
N MET B 855 -24.45 30.49 62.45
CA MET B 855 -23.06 30.84 62.24
C MET B 855 -22.30 29.53 62.05
N TYR B 856 -22.23 29.08 60.78
CA TYR B 856 -21.57 27.85 60.37
C TYR B 856 -20.07 27.92 60.60
N ALA B 857 -19.45 26.75 60.87
CA ALA B 857 -18.01 26.60 61.07
C ALA B 857 -17.21 27.08 59.85
N ASN B 858 -17.79 26.88 58.63
CA ASN B 858 -17.19 27.26 57.35
C ASN B 858 -16.97 28.78 57.19
N GLY B 859 -17.65 29.58 58.01
CA GLY B 859 -17.51 31.04 57.99
C GLY B 859 -18.74 31.79 57.53
N MET B 860 -19.71 31.09 56.92
CA MET B 860 -20.95 31.68 56.43
C MET B 860 -21.99 31.79 57.54
N SER B 861 -22.69 32.94 57.60
CA SER B 861 -23.76 33.18 58.55
C SER B 861 -25.06 33.52 57.84
N ILE B 862 -26.17 32.89 58.27
CA ILE B 862 -27.53 33.10 57.74
C ILE B 862 -28.43 33.62 58.84
N SER B 863 -29.14 34.72 58.57
CA SER B 863 -30.08 35.33 59.50
C SER B 863 -31.48 35.42 58.89
N PHE B 864 -32.45 34.74 59.52
CA PHE B 864 -33.86 34.75 59.11
C PHE B 864 -34.61 35.71 60.05
N HIS B 865 -35.33 36.69 59.48
CA HIS B 865 -36.05 37.69 60.28
C HIS B 865 -37.54 37.56 60.08
N SER B 866 -38.28 37.47 61.19
CA SER B 866 -39.73 37.29 61.25
C SER B 866 -40.52 38.59 61.18
N GLU B 867 -41.73 38.49 60.62
CA GLU B 867 -42.71 39.56 60.45
C GLU B 867 -44.09 38.94 60.66
N PRO B 868 -45.14 39.69 61.10
CA PRO B 868 -46.47 39.07 61.19
C PRO B 868 -46.99 38.70 59.80
N HIS B 869 -47.66 37.53 59.66
CA HIS B 869 -48.20 37.10 58.36
C HIS B 869 -49.32 38.03 57.93
N VAL B 870 -49.32 38.45 56.65
CA VAL B 870 -50.30 39.38 56.08
C VAL B 870 -51.77 38.85 56.20
N LEU B 871 -51.96 37.52 56.19
CA LEU B 871 -53.28 36.88 56.25
C LEU B 871 -53.66 36.38 57.64
N ALA B 872 -52.73 35.67 58.34
CA ALA B 872 -52.97 35.09 59.66
C ALA B 872 -52.72 36.03 60.84
N GLY B 873 -52.08 37.17 60.59
CA GLY B 873 -51.79 38.18 61.60
C GLY B 873 -50.56 37.93 62.45
N THR B 874 -50.50 38.61 63.61
CA THR B 874 -49.40 38.54 64.57
C THR B 874 -49.20 37.19 65.22
N VAL B 875 -50.28 36.38 65.33
CA VAL B 875 -50.25 35.04 65.94
C VAL B 875 -49.26 34.10 65.20
N THR B 876 -48.97 34.38 63.90
CA THR B 876 -48.04 33.56 63.15
C THR B 876 -46.90 34.38 62.51
N PRO B 877 -45.69 34.31 63.07
CA PRO B 877 -44.55 35.01 62.46
C PRO B 877 -44.09 34.26 61.20
N THR B 878 -43.71 35.02 60.16
CA THR B 878 -43.23 34.46 58.91
C THR B 878 -41.88 35.03 58.54
N ILE B 879 -41.01 34.21 57.95
CA ILE B 879 -39.70 34.67 57.51
C ILE B 879 -39.91 35.46 56.21
N GLY B 880 -39.70 36.77 56.30
CA GLY B 880 -39.85 37.67 55.17
C GLY B 880 -38.53 38.24 54.68
N ARG B 881 -37.45 37.96 55.42
CA ARG B 881 -36.12 38.47 55.11
C ARG B 881 -35.04 37.45 55.45
N CYS B 882 -33.98 37.42 54.64
CA CYS B 882 -32.85 36.54 54.83
C CYS B 882 -31.57 37.32 54.54
N ASN B 883 -30.75 37.54 55.58
CA ASN B 883 -29.48 38.25 55.44
C ASN B 883 -28.34 37.24 55.55
N ILE B 884 -27.60 37.07 54.44
CA ILE B 884 -26.47 36.13 54.33
C ILE B 884 -25.14 36.90 54.37
N SER B 885 -24.14 36.30 55.03
CA SER B 885 -22.79 36.86 55.14
C SER B 885 -21.77 35.78 54.79
N LEU B 886 -20.87 36.08 53.85
CA LEU B 886 -19.79 35.17 53.44
C LEU B 886 -18.45 35.74 53.91
N PRO B 887 -17.46 34.91 54.31
CA PRO B 887 -16.17 35.47 54.75
C PRO B 887 -15.29 35.94 53.58
N MET B 888 -15.64 37.13 53.04
CA MET B 888 -14.98 37.81 51.92
C MET B 888 -15.26 39.33 51.95
N GLU B 889 -14.54 40.11 51.10
CA GLU B 889 -14.61 41.57 50.98
C GLU B 889 -16.04 42.13 50.85
N ASN B 890 -16.81 41.62 49.88
CA ASN B 890 -18.21 42.04 49.64
C ASN B 890 -19.09 40.79 49.73
N GLY B 891 -19.22 40.27 50.95
CA GLY B 891 -19.95 39.03 51.22
C GLY B 891 -21.37 39.13 51.72
N LEU B 892 -21.94 40.34 51.79
CA LEU B 892 -23.30 40.52 52.29
C LEU B 892 -24.36 40.37 51.20
N ASN B 893 -25.26 39.41 51.39
CA ASN B 893 -26.38 39.10 50.49
C ASN B 893 -27.69 39.27 51.25
N SER B 894 -28.79 39.55 50.53
CA SER B 894 -30.10 39.72 51.14
C SER B 894 -31.23 39.30 50.23
N ILE B 895 -32.11 38.42 50.73
CA ILE B 895 -33.29 37.94 50.01
C ILE B 895 -34.51 38.36 50.82
N GLU B 896 -35.57 38.77 50.13
CA GLU B 896 -36.78 39.26 50.76
C GLU B 896 -38.05 38.71 50.13
N TRP B 897 -39.07 38.46 50.96
CA TRP B 897 -40.40 38.03 50.56
C TRP B 897 -41.35 39.13 50.99
N ARG B 898 -42.01 39.80 50.04
CA ARG B 898 -42.96 40.87 50.34
C ARG B 898 -44.37 40.37 50.07
N LEU B 899 -45.12 40.15 51.16
CA LEU B 899 -46.48 39.63 51.15
C LEU B 899 -47.55 40.74 51.13
N ARG B 900 -48.59 40.55 50.30
CA ARG B 900 -49.70 41.49 50.13
C ARG B 900 -51.05 40.74 50.06
N LYS B 901 -52.17 41.49 50.17
CA LYS B 901 -53.53 40.95 50.09
C LYS B 901 -54.52 41.94 49.47
N GLU B 902 -55.59 41.41 48.87
CA GLU B 902 -56.68 42.17 48.28
C GLU B 902 -57.97 41.68 48.91
N GLN B 903 -58.66 42.56 49.64
CA GLN B 903 -59.92 42.23 50.32
C GLN B 903 -61.10 42.93 49.68
N ILE B 904 -62.14 42.14 49.35
CA ILE B 904 -63.39 42.63 48.78
C ILE B 904 -64.51 42.18 49.74
N LYS B 905 -65.21 43.16 50.36
CA LYS B 905 -66.31 42.97 51.33
C LYS B 905 -65.83 42.21 52.60
N GLY B 906 -64.61 42.52 53.05
CA GLY B 906 -63.97 41.92 54.21
C GLY B 906 -63.42 40.51 54.03
N LYS B 907 -63.54 39.95 52.81
CA LYS B 907 -63.08 38.61 52.46
C LYS B 907 -61.87 38.68 51.53
N VAL B 908 -60.86 37.80 51.76
CA VAL B 908 -59.62 37.72 50.98
C VAL B 908 -59.92 37.22 49.56
N THR B 909 -59.55 38.03 48.55
CA THR B 909 -59.74 37.79 47.12
C THR B 909 -58.43 37.36 46.45
N VAL B 910 -57.32 38.06 46.77
CA VAL B 910 -55.99 37.83 46.19
C VAL B 910 -54.91 37.76 47.28
N PHE B 911 -53.99 36.79 47.16
CA PHE B 911 -52.84 36.62 48.04
C PHE B 911 -51.56 36.66 47.18
N GLY B 912 -50.87 37.80 47.24
CA GLY B 912 -49.66 38.04 46.47
C GLY B 912 -48.39 37.99 47.28
N ARG B 913 -47.35 37.38 46.68
CA ARG B 913 -46.00 37.22 47.25
C ARG B 913 -45.01 37.68 46.19
N LYS B 914 -44.02 38.51 46.58
CA LYS B 914 -43.00 39.03 45.67
C LYS B 914 -41.62 38.77 46.23
N LEU B 915 -40.78 38.07 45.44
CA LEU B 915 -39.42 37.72 45.82
C LEU B 915 -38.47 38.83 45.34
N ARG B 916 -37.66 39.35 46.27
CA ARG B 916 -36.75 40.46 46.01
C ARG B 916 -35.33 40.20 46.47
N VAL B 917 -34.36 40.69 45.68
CA VAL B 917 -32.93 40.62 45.97
C VAL B 917 -32.37 42.03 45.77
N HIS B 918 -31.83 42.61 46.87
CA HIS B 918 -31.25 43.96 46.94
C HIS B 918 -32.16 45.03 46.29
N GLY B 919 -33.41 45.06 46.75
CA GLY B 919 -34.44 46.00 46.33
C GLY B 919 -35.00 45.83 44.93
N ARG B 920 -34.78 44.68 44.28
CA ARG B 920 -35.27 44.41 42.93
C ARG B 920 -36.19 43.18 42.89
N ASN B 921 -37.37 43.31 42.25
CA ASN B 921 -38.33 42.23 42.11
C ASN B 921 -37.87 41.20 41.06
N LEU B 922 -37.71 39.93 41.47
CA LEU B 922 -37.28 38.84 40.58
C LEU B 922 -38.47 38.03 40.09
N LEU B 923 -39.41 37.73 41.00
CA LEU B 923 -40.58 36.91 40.71
C LEU B 923 -41.74 37.24 41.63
N SER B 924 -42.97 37.11 41.10
CA SER B 924 -44.20 37.35 41.84
C SER B 924 -45.16 36.16 41.70
N ILE B 925 -45.65 35.65 42.84
CA ILE B 925 -46.59 34.52 42.91
C ILE B 925 -47.88 35.03 43.57
N ASP B 926 -48.91 35.31 42.74
CA ASP B 926 -50.20 35.84 43.19
C ASP B 926 -51.32 34.82 42.99
N TYR B 927 -52.09 34.51 44.05
CA TYR B 927 -53.23 33.59 43.96
C TYR B 927 -54.54 34.36 44.05
N ASP B 928 -55.39 34.24 43.01
CA ASP B 928 -56.71 34.88 42.93
C ASP B 928 -57.78 33.83 43.27
N ARG B 929 -58.35 33.91 44.50
CA ARG B 929 -59.35 32.97 45.02
C ARG B 929 -60.67 32.95 44.23
N ASN B 930 -61.02 34.07 43.58
CA ASN B 930 -62.24 34.19 42.78
C ASN B 930 -62.21 33.36 41.50
N ILE B 931 -61.08 33.38 40.78
CA ILE B 931 -60.91 32.64 39.52
C ILE B 931 -60.06 31.36 39.68
N ARG B 932 -59.57 31.08 40.92
CA ARG B 932 -58.76 29.91 41.30
C ARG B 932 -57.48 29.76 40.46
N THR B 933 -56.85 30.89 40.09
CA THR B 933 -55.62 30.90 39.29
C THR B 933 -54.45 31.43 40.11
N GLU B 934 -53.26 30.85 39.88
CA GLU B 934 -52.01 31.24 40.53
C GLU B 934 -51.11 31.79 39.44
N LYS B 935 -50.94 33.12 39.41
CA LYS B 935 -50.11 33.81 38.43
C LYS B 935 -48.69 33.98 38.95
N ILE B 936 -47.72 33.44 38.20
CA ILE B 936 -46.29 33.53 38.48
C ILE B 936 -45.73 34.37 37.35
N TYR B 937 -45.16 35.54 37.67
CA TYR B 937 -44.68 36.46 36.65
C TYR B 937 -43.42 37.23 37.00
N ASP B 938 -42.63 37.52 35.96
CA ASP B 938 -41.38 38.29 35.97
C ASP B 938 -41.76 39.78 35.98
N ASP B 939 -40.83 40.65 36.38
CA ASP B 939 -41.07 42.09 36.41
C ASP B 939 -40.76 42.77 35.06
N HIS B 940 -40.18 42.02 34.09
CA HIS B 940 -39.77 42.56 32.79
C HIS B 940 -40.39 41.86 31.56
N ARG B 941 -41.62 41.29 31.71
CA ARG B 941 -42.41 40.61 30.66
C ARG B 941 -41.71 39.39 29.99
N LYS B 942 -40.69 38.81 30.65
CA LYS B 942 -39.95 37.64 30.13
C LYS B 942 -40.62 36.30 30.44
N PHE B 943 -41.23 36.16 31.63
CA PHE B 943 -41.87 34.92 32.07
C PHE B 943 -43.24 35.16 32.68
N THR B 944 -44.23 34.33 32.28
CA THR B 944 -45.61 34.33 32.79
C THR B 944 -46.18 32.91 32.78
N LEU B 945 -46.62 32.44 33.94
CA LEU B 945 -47.21 31.11 34.11
C LEU B 945 -48.45 31.22 34.97
N ARG B 946 -49.55 30.60 34.53
CA ARG B 946 -50.81 30.55 35.27
C ARG B 946 -51.11 29.09 35.61
N ILE B 947 -51.33 28.81 36.89
CA ILE B 947 -51.70 27.47 37.37
C ILE B 947 -53.16 27.52 37.81
N ILE B 948 -54.02 26.75 37.12
CA ILE B 948 -55.46 26.68 37.39
C ILE B 948 -55.73 25.57 38.40
N TYR B 949 -56.54 25.87 39.42
CA TYR B 949 -56.93 24.94 40.48
C TYR B 949 -58.40 24.55 40.29
N ASP B 950 -58.74 23.28 40.54
CA ASP B 950 -60.12 22.79 40.42
C ASP B 950 -60.97 23.16 41.65
N GLN B 951 -62.26 22.74 41.65
CA GLN B 951 -63.23 22.97 42.74
C GLN B 951 -62.79 22.37 44.08
N LEU B 952 -61.94 21.32 44.04
CA LEU B 952 -61.40 20.62 45.22
C LEU B 952 -60.09 21.25 45.74
N GLY B 953 -59.63 22.31 45.06
CA GLY B 953 -58.43 23.06 45.39
C GLY B 953 -57.13 22.43 44.95
N ARG B 954 -57.17 21.59 43.90
CA ARG B 954 -55.98 20.91 43.38
C ARG B 954 -55.49 21.54 42.09
N PRO B 955 -54.17 21.82 41.93
CA PRO B 955 -53.66 22.34 40.64
C PRO B 955 -53.82 21.27 39.57
N PHE B 956 -54.43 21.63 38.43
CA PHE B 956 -54.66 20.67 37.35
C PHE B 956 -54.22 21.17 35.97
N LEU B 957 -53.98 22.49 35.81
CA LEU B 957 -53.58 23.04 34.52
C LEU B 957 -52.49 24.09 34.65
N TRP B 958 -51.41 23.92 33.87
CA TRP B 958 -50.25 24.80 33.81
C TRP B 958 -50.22 25.47 32.44
N LEU B 959 -50.56 26.78 32.37
CA LEU B 959 -50.62 27.56 31.14
C LEU B 959 -49.41 28.49 30.99
N PRO B 960 -48.38 28.08 30.21
CA PRO B 960 -47.19 28.92 30.07
C PRO B 960 -47.29 29.99 28.97
N SER B 961 -46.33 30.93 28.97
CA SER B 961 -46.24 31.98 27.95
C SER B 961 -45.39 31.46 26.77
N SER B 962 -45.12 32.33 25.77
CA SER B 962 -44.32 32.05 24.57
C SER B 962 -44.90 30.96 23.63
N GLY B 963 -46.21 30.71 23.74
CA GLY B 963 -46.92 29.73 22.91
C GLY B 963 -46.55 28.28 23.15
N LEU B 964 -46.09 27.96 24.38
CA LEU B 964 -45.70 26.61 24.78
C LEU B 964 -46.91 25.74 25.11
N ALA B 965 -46.76 24.42 24.92
CA ALA B 965 -47.80 23.42 25.19
C ALA B 965 -48.10 23.37 26.69
N ALA B 966 -49.39 23.49 27.03
CA ALA B 966 -49.87 23.46 28.40
C ALA B 966 -49.82 22.05 28.96
N VAL B 967 -49.61 21.94 30.27
CA VAL B 967 -49.57 20.66 30.99
C VAL B 967 -50.84 20.56 31.82
N ASN B 968 -51.54 19.42 31.74
CA ASN B 968 -52.75 19.18 32.52
C ASN B 968 -52.79 17.78 33.10
N VAL B 969 -53.35 17.65 34.30
CA VAL B 969 -53.42 16.38 35.02
C VAL B 969 -54.86 15.97 35.36
N SER B 970 -55.06 14.65 35.53
CA SER B 970 -56.32 14.02 35.92
C SER B 970 -56.13 13.44 37.30
N TYR B 971 -57.23 13.34 38.06
CA TYR B 971 -57.20 12.75 39.38
C TYR B 971 -58.27 11.70 39.50
N PHE B 972 -58.02 10.70 40.36
CA PHE B 972 -59.02 9.68 40.67
C PHE B 972 -59.92 10.29 41.77
N PHE B 973 -61.03 9.62 42.12
CA PHE B 973 -61.97 10.06 43.17
C PHE B 973 -61.28 10.36 44.51
N ASN B 974 -60.24 9.57 44.87
CA ASN B 974 -59.46 9.67 46.10
C ASN B 974 -58.35 10.73 46.07
N GLY B 975 -58.30 11.52 44.99
CA GLY B 975 -57.33 12.60 44.82
C GLY B 975 -55.95 12.18 44.37
N ARG B 976 -55.76 10.89 44.06
CA ARG B 976 -54.50 10.34 43.55
C ARG B 976 -54.39 10.73 42.07
N LEU B 977 -53.17 11.04 41.61
CA LEU B 977 -52.89 11.40 40.21
C LEU B 977 -53.24 10.23 39.29
N ALA B 978 -54.14 10.47 38.32
CA ALA B 978 -54.63 9.48 37.37
C ALA B 978 -53.89 9.50 36.05
N GLY B 979 -53.67 10.70 35.51
CA GLY B 979 -52.98 10.89 34.25
C GLY B 979 -52.29 12.24 34.13
N LEU B 980 -51.42 12.36 33.12
CA LEU B 980 -50.64 13.56 32.81
C LEU B 980 -50.71 13.82 31.32
N GLN B 981 -50.75 15.10 30.90
CA GLN B 981 -50.78 15.47 29.49
C GLN B 981 -50.01 16.76 29.21
N ARG B 982 -49.24 16.77 28.11
CA ARG B 982 -48.48 17.91 27.60
C ARG B 982 -48.67 17.88 26.10
N GLY B 983 -49.64 18.64 25.61
CA GLY B 983 -50.00 18.70 24.20
C GLY B 983 -50.52 17.37 23.68
N ALA B 984 -49.79 16.78 22.73
CA ALA B 984 -50.10 15.49 22.11
C ALA B 984 -49.60 14.29 22.93
N MET B 985 -48.73 14.53 23.91
CA MET B 985 -48.13 13.51 24.78
C MET B 985 -48.97 13.31 26.04
N SER B 986 -49.35 12.05 26.34
CA SER B 986 -50.14 11.70 27.53
C SER B 986 -49.84 10.31 28.07
N GLU B 987 -50.00 10.13 29.40
CA GLU B 987 -49.80 8.87 30.11
C GLU B 987 -50.87 8.78 31.20
N ARG B 988 -51.84 7.88 31.03
CA ARG B 988 -52.97 7.67 31.95
C ARG B 988 -52.91 6.29 32.61
N THR B 989 -53.59 6.14 33.74
CA THR B 989 -53.67 4.87 34.48
C THR B 989 -55.11 4.61 34.92
N ASP B 990 -55.44 3.34 35.18
CA ASP B 990 -56.72 2.89 35.71
C ASP B 990 -56.44 2.14 36.99
N ILE B 991 -57.31 2.27 38.00
CA ILE B 991 -57.08 1.61 39.29
C ILE B 991 -58.18 0.60 39.65
N ASP B 992 -57.82 -0.29 40.59
CA ASP B 992 -58.63 -1.35 41.20
C ASP B 992 -59.57 -0.70 42.23
N LYS B 993 -60.43 -1.52 42.88
CA LYS B 993 -61.25 -1.09 44.00
C LYS B 993 -60.31 -0.97 45.21
N GLN B 994 -59.16 -1.70 45.15
CA GLN B 994 -58.09 -1.76 46.14
C GLN B 994 -57.05 -0.63 45.95
N GLY B 995 -57.23 0.17 44.89
CA GLY B 995 -56.36 1.31 44.57
C GLY B 995 -55.08 0.96 43.84
N ARG B 996 -54.96 -0.29 43.35
CA ARG B 996 -53.81 -0.79 42.63
C ARG B 996 -53.97 -0.50 41.13
N ILE B 997 -52.88 -0.06 40.46
CA ILE B 997 -52.89 0.22 39.02
C ILE B 997 -53.13 -1.07 38.25
N ILE B 998 -54.15 -1.09 37.39
CA ILE B 998 -54.53 -2.26 36.58
C ILE B 998 -54.20 -2.07 35.10
N SER B 999 -54.10 -0.81 34.65
CA SER B 999 -53.81 -0.46 33.27
C SER B 999 -52.99 0.84 33.19
N ARG B 1000 -52.20 0.99 32.11
CA ARG B 1000 -51.39 2.17 31.81
C ARG B 1000 -51.53 2.45 30.31
N MET B 1001 -52.20 3.57 29.96
CA MET B 1001 -52.48 3.96 28.57
C MET B 1001 -51.59 5.12 28.11
N PHE B 1002 -50.98 4.98 26.91
CA PHE B 1002 -50.13 5.99 26.30
C PHE B 1002 -50.87 6.63 25.12
N ALA B 1003 -50.48 7.87 24.71
CA ALA B 1003 -51.17 8.58 23.62
C ALA B 1003 -51.05 7.91 22.26
N ASP B 1004 -50.02 7.06 22.06
CA ASP B 1004 -49.82 6.33 20.80
C ASP B 1004 -50.65 5.04 20.73
N GLY B 1005 -51.47 4.79 21.76
CA GLY B 1005 -52.34 3.62 21.84
C GLY B 1005 -51.75 2.42 22.57
N LYS B 1006 -50.50 2.54 23.05
CA LYS B 1006 -49.82 1.46 23.79
C LYS B 1006 -50.45 1.28 25.17
N VAL B 1007 -50.84 0.04 25.51
CA VAL B 1007 -51.50 -0.30 26.77
C VAL B 1007 -50.74 -1.42 27.51
N TRP B 1008 -50.45 -1.21 28.80
CA TRP B 1008 -49.81 -2.19 29.68
C TRP B 1008 -50.88 -2.67 30.66
N SER B 1009 -50.98 -3.98 30.87
CA SER B 1009 -51.94 -4.52 31.84
C SER B 1009 -51.22 -4.99 33.09
N TYR B 1010 -51.83 -4.78 34.26
CA TYR B 1010 -51.28 -5.20 35.55
C TYR B 1010 -52.28 -6.14 36.21
N THR B 1011 -51.92 -7.42 36.38
CA THR B 1011 -52.78 -8.44 37.00
C THR B 1011 -52.20 -8.83 38.35
N TYR B 1012 -53.04 -8.90 39.38
CA TYR B 1012 -52.63 -9.25 40.73
C TYR B 1012 -53.17 -10.61 41.14
N LEU B 1013 -52.27 -11.52 41.54
CA LEU B 1013 -52.60 -12.88 41.96
C LEU B 1013 -51.70 -13.34 43.12
N GLU B 1014 -52.23 -13.31 44.36
CA GLU B 1014 -51.57 -13.76 45.60
C GLU B 1014 -50.10 -13.29 45.76
N LYS B 1015 -49.89 -12.03 46.19
CA LYS B 1015 -48.58 -11.36 46.39
C LYS B 1015 -47.72 -11.22 45.09
N SER B 1016 -48.22 -11.71 43.94
CA SER B 1016 -47.54 -11.65 42.64
C SER B 1016 -48.28 -10.72 41.68
N MET B 1017 -47.52 -9.89 40.93
CA MET B 1017 -48.05 -8.97 39.93
C MET B 1017 -47.49 -9.34 38.57
N VAL B 1018 -48.39 -9.48 37.59
CA VAL B 1018 -48.06 -9.84 36.22
C VAL B 1018 -48.29 -8.64 35.28
N LEU B 1019 -47.18 -8.05 34.81
CA LEU B 1019 -47.19 -6.92 33.89
C LEU B 1019 -47.02 -7.44 32.46
N LEU B 1020 -48.06 -7.25 31.64
CA LEU B 1020 -48.10 -7.72 30.26
C LEU B 1020 -48.21 -6.57 29.25
N LEU B 1021 -47.37 -6.62 28.21
CA LEU B 1021 -47.36 -5.62 27.13
C LEU B 1021 -48.09 -6.23 25.94
N GLN B 1022 -48.54 -5.38 24.99
CA GLN B 1022 -49.27 -5.82 23.78
C GLN B 1022 -48.44 -6.75 22.87
N SER B 1023 -47.11 -6.71 22.99
CA SER B 1023 -46.18 -7.56 22.24
C SER B 1023 -46.11 -8.97 22.87
N GLN B 1024 -46.87 -9.17 23.96
CA GLN B 1024 -47.01 -10.36 24.79
C GLN B 1024 -45.73 -10.64 25.61
N ARG B 1025 -44.96 -9.56 25.89
CA ARG B 1025 -43.78 -9.59 26.75
C ARG B 1025 -44.35 -9.48 28.18
N GLN B 1026 -43.98 -10.44 29.04
CA GLN B 1026 -44.50 -10.57 30.39
C GLN B 1026 -43.43 -10.51 31.49
N TYR B 1027 -43.68 -9.67 32.49
CA TYR B 1027 -42.81 -9.48 33.66
C TYR B 1027 -43.60 -9.85 34.93
N ILE B 1028 -43.14 -10.89 35.66
CA ILE B 1028 -43.77 -11.35 36.91
C ILE B 1028 -42.95 -10.85 38.12
N PHE B 1029 -43.60 -10.03 38.96
CA PHE B 1029 -43.00 -9.46 40.18
C PHE B 1029 -43.60 -10.16 41.40
N GLU B 1030 -42.76 -10.86 42.18
CA GLU B 1030 -43.19 -11.59 43.38
C GLU B 1030 -42.83 -10.81 44.65
N TYR B 1031 -43.84 -10.45 45.47
CA TYR B 1031 -43.63 -9.64 46.67
C TYR B 1031 -43.81 -10.37 48.02
N ASP B 1032 -43.44 -9.63 49.08
CA ASP B 1032 -43.54 -9.88 50.53
C ASP B 1032 -44.92 -9.31 50.94
N SER B 1033 -45.27 -9.40 52.24
CA SER B 1033 -46.48 -8.80 52.79
C SER B 1033 -46.23 -7.28 52.90
N SER B 1034 -44.95 -6.91 53.00
CA SER B 1034 -44.41 -5.54 53.11
C SER B 1034 -44.21 -4.85 51.74
N ASP B 1035 -44.68 -5.49 50.63
CA ASP B 1035 -44.58 -5.03 49.24
C ASP B 1035 -43.12 -4.82 48.77
N ARG B 1036 -42.25 -5.74 49.21
CA ARG B 1036 -40.83 -5.78 48.87
C ARG B 1036 -40.60 -7.04 48.05
N LEU B 1037 -39.76 -6.95 47.03
CA LEU B 1037 -39.54 -8.07 46.11
C LEU B 1037 -38.75 -9.24 46.64
N HIS B 1038 -39.18 -10.45 46.24
N HIS B 1038 -39.11 -10.47 46.21
CA HIS B 1038 -38.60 -11.77 46.53
CA HIS B 1038 -38.34 -11.66 46.52
C HIS B 1038 -37.90 -12.26 45.25
C HIS B 1038 -37.84 -12.30 45.21
N ALA B 1039 -38.58 -12.08 44.11
CA ALA B 1039 -38.20 -12.54 42.77
C ALA B 1039 -38.82 -11.71 41.68
N VAL B 1040 -38.21 -11.74 40.48
CA VAL B 1040 -38.68 -11.09 39.26
C VAL B 1040 -38.40 -12.05 38.11
N THR B 1041 -39.46 -12.53 37.45
CA THR B 1041 -39.35 -13.41 36.29
C THR B 1041 -39.51 -12.56 35.04
N MET B 1042 -38.55 -12.70 34.14
CA MET B 1042 -38.43 -11.95 32.88
C MET B 1042 -39.21 -12.64 31.76
N PRO B 1043 -39.48 -11.96 30.61
CA PRO B 1043 -40.16 -12.65 29.49
C PRO B 1043 -39.45 -13.91 28.98
N SER B 1044 -38.11 -14.02 29.19
CA SER B 1044 -37.30 -15.19 28.83
C SER B 1044 -37.55 -16.39 29.77
N VAL B 1045 -38.36 -16.17 30.83
CA VAL B 1045 -38.77 -17.10 31.89
C VAL B 1045 -37.56 -17.32 32.87
N ALA B 1046 -36.63 -16.34 32.86
CA ALA B 1046 -35.45 -16.35 33.73
C ALA B 1046 -35.84 -15.68 35.04
N ARG B 1047 -35.68 -16.40 36.16
CA ARG B 1047 -36.03 -15.93 37.51
C ARG B 1047 -34.85 -15.34 38.28
N HIS B 1048 -34.93 -14.03 38.58
CA HIS B 1048 -33.98 -13.26 39.38
C HIS B 1048 -34.53 -13.31 40.80
N SER B 1049 -33.68 -13.51 41.82
CA SER B 1049 -34.15 -13.57 43.22
C SER B 1049 -33.43 -12.58 44.12
N MET B 1050 -34.13 -12.03 45.14
CA MET B 1050 -33.58 -11.03 46.07
C MET B 1050 -34.01 -11.26 47.52
N SER B 1051 -33.20 -10.74 48.47
CA SER B 1051 -33.49 -10.80 49.91
C SER B 1051 -32.75 -9.70 50.67
N THR B 1052 -33.27 -9.36 51.86
CA THR B 1052 -32.69 -8.39 52.79
C THR B 1052 -32.68 -9.07 54.17
N HIS B 1053 -31.55 -8.96 54.88
CA HIS B 1053 -31.45 -9.50 56.24
C HIS B 1053 -30.64 -8.56 57.14
N THR B 1054 -30.96 -8.59 58.43
CA THR B 1054 -30.28 -7.84 59.47
C THR B 1054 -29.00 -8.59 59.79
N SER B 1055 -27.87 -7.88 59.72
CA SER B 1055 -26.55 -8.45 59.99
C SER B 1055 -25.99 -7.80 61.26
N VAL B 1056 -24.69 -7.98 61.55
CA VAL B 1056 -24.04 -7.39 62.72
C VAL B 1056 -23.37 -6.07 62.33
N GLY B 1057 -24.04 -4.96 62.66
CA GLY B 1057 -23.63 -3.58 62.40
C GLY B 1057 -24.19 -2.95 61.14
N TYR B 1058 -24.94 -3.73 60.35
CA TYR B 1058 -25.50 -3.29 59.07
C TYR B 1058 -26.67 -4.19 58.60
N ILE B 1059 -27.33 -3.77 57.50
CA ILE B 1059 -28.43 -4.47 56.83
C ILE B 1059 -27.87 -4.92 55.48
N ARG B 1060 -27.96 -6.22 55.17
CA ARG B 1060 -27.43 -6.79 53.93
C ARG B 1060 -28.52 -7.02 52.89
N ASN B 1061 -28.37 -6.38 51.72
CA ASN B 1061 -29.27 -6.54 50.57
C ASN B 1061 -28.56 -7.42 49.55
N ILE B 1062 -29.17 -8.55 49.18
CA ILE B 1062 -28.58 -9.53 48.26
C ILE B 1062 -29.46 -9.73 47.03
N TYR B 1063 -28.87 -9.58 45.85
CA TYR B 1063 -29.51 -9.86 44.57
C TYR B 1063 -28.78 -11.04 43.95
N ASN B 1064 -29.53 -12.09 43.57
CA ASN B 1064 -29.00 -13.29 42.94
C ASN B 1064 -29.44 -13.40 41.47
N PRO B 1065 -28.49 -13.47 40.51
CA PRO B 1065 -28.87 -13.60 39.09
C PRO B 1065 -29.54 -14.95 38.74
N PRO B 1066 -30.20 -15.08 37.56
CA PRO B 1066 -30.84 -16.37 37.20
C PRO B 1066 -29.87 -17.56 37.17
N GLU B 1067 -30.20 -18.61 37.95
CA GLU B 1067 -29.43 -19.87 38.07
C GLU B 1067 -27.96 -19.63 38.46
N SER B 1068 -27.73 -18.68 39.39
CA SER B 1068 -26.38 -18.29 39.82
C SER B 1068 -26.28 -17.99 41.32
N ASN B 1069 -25.06 -18.19 41.88
CA ASN B 1069 -24.70 -17.92 43.27
C ASN B 1069 -23.80 -16.66 43.36
N ALA B 1070 -23.52 -16.05 42.19
CA ALA B 1070 -22.69 -14.85 42.03
C ALA B 1070 -23.50 -13.62 42.44
N SER B 1071 -23.70 -13.50 43.77
CA SER B 1071 -24.48 -12.47 44.44
C SER B 1071 -23.92 -11.08 44.33
N VAL B 1072 -24.84 -10.11 44.23
CA VAL B 1072 -24.58 -8.67 44.20
C VAL B 1072 -25.13 -8.19 45.55
N ILE B 1073 -24.25 -7.68 46.41
CA ILE B 1073 -24.58 -7.29 47.78
C ILE B 1073 -24.37 -5.79 48.07
N PHE B 1074 -25.38 -5.17 48.69
CA PHE B 1074 -25.32 -3.77 49.15
C PHE B 1074 -25.55 -3.74 50.66
N ASP B 1075 -24.50 -3.38 51.43
CA ASP B 1075 -24.53 -3.30 52.89
C ASP B 1075 -24.76 -1.87 53.36
N TYR B 1076 -25.91 -1.63 54.03
CA TYR B 1076 -26.30 -0.31 54.52
C TYR B 1076 -26.34 -0.21 56.04
N SER B 1077 -25.95 0.96 56.58
CA SER B 1077 -26.02 1.24 58.01
C SER B 1077 -27.50 1.55 58.35
N ASP B 1078 -27.83 1.60 59.65
CA ASP B 1078 -29.18 1.90 60.15
C ASP B 1078 -29.73 3.25 59.67
N ASP B 1079 -28.85 4.24 59.45
CA ASP B 1079 -29.23 5.58 58.97
C ASP B 1079 -29.38 5.67 57.44
N GLY B 1080 -29.15 4.55 56.74
CA GLY B 1080 -29.30 4.43 55.29
C GLY B 1080 -28.10 4.84 54.44
N ARG B 1081 -26.89 4.80 55.02
CA ARG B 1081 -25.64 5.12 54.32
C ARG B 1081 -24.96 3.82 53.87
N ILE B 1082 -24.44 3.81 52.63
CA ILE B 1082 -23.76 2.66 52.04
C ILE B 1082 -22.43 2.39 52.78
N LEU B 1083 -22.19 1.11 53.11
CA LEU B 1083 -21.00 0.67 53.84
C LEU B 1083 -20.09 -0.23 53.01
N LYS B 1084 -20.70 -1.12 52.21
CA LYS B 1084 -20.00 -2.07 51.34
C LYS B 1084 -20.85 -2.47 50.15
N THR B 1085 -20.19 -2.57 48.98
CA THR B 1085 -20.73 -3.07 47.72
C THR B 1085 -19.89 -4.31 47.40
N SER B 1086 -20.53 -5.47 47.28
CA SER B 1086 -19.86 -6.76 47.02
C SER B 1086 -20.39 -7.48 45.78
N PHE B 1087 -19.48 -8.09 45.01
CA PHE B 1087 -19.79 -8.88 43.82
C PHE B 1087 -19.10 -10.22 44.05
N LEU B 1088 -19.85 -11.19 44.58
CA LEU B 1088 -19.38 -12.50 44.98
C LEU B 1088 -18.91 -13.43 43.83
N GLY B 1089 -19.22 -13.07 42.59
CA GLY B 1089 -18.81 -13.83 41.41
C GLY B 1089 -17.31 -13.85 41.19
N THR B 1090 -16.65 -12.69 41.28
CA THR B 1090 -15.19 -12.62 41.12
C THR B 1090 -14.50 -12.13 42.40
N GLY B 1091 -15.28 -11.57 43.33
CA GLY B 1091 -14.77 -11.10 44.62
C GLY B 1091 -14.55 -9.60 44.72
N ARG B 1092 -15.18 -8.82 43.82
CA ARG B 1092 -15.09 -7.36 43.79
C ARG B 1092 -15.75 -6.75 45.03
N GLN B 1093 -15.03 -5.84 45.72
CA GLN B 1093 -15.51 -5.17 46.94
C GLN B 1093 -15.13 -3.70 47.01
N VAL B 1094 -16.10 -2.85 47.40
CA VAL B 1094 -15.89 -1.42 47.63
C VAL B 1094 -16.35 -1.15 49.05
N PHE B 1095 -15.43 -0.67 49.91
CA PHE B 1095 -15.70 -0.35 51.33
C PHE B 1095 -15.83 1.17 51.50
N TYR B 1096 -16.88 1.62 52.19
CA TYR B 1096 -17.13 3.05 52.48
C TYR B 1096 -17.06 3.29 53.98
N LYS B 1097 -16.14 4.15 54.42
CA LYS B 1097 -15.92 4.50 55.84
C LYS B 1097 -16.30 5.96 56.11
N TYR B 1098 -16.86 6.21 57.31
CA TYR B 1098 -17.30 7.56 57.74
C TYR B 1098 -16.54 7.98 58.99
N GLY B 1099 -16.06 9.22 58.98
CA GLY B 1099 -15.23 9.78 60.04
C GLY B 1099 -15.94 10.50 61.16
N LYS B 1100 -15.15 11.28 61.93
CA LYS B 1100 -15.56 12.06 63.10
C LYS B 1100 -16.63 13.14 62.83
N LEU B 1101 -16.75 13.60 61.57
CA LEU B 1101 -17.72 14.62 61.17
C LEU B 1101 -18.99 14.00 60.55
N SER B 1102 -19.12 12.66 60.64
CA SER B 1102 -20.21 11.83 60.08
C SER B 1102 -20.28 11.93 58.53
N LYS B 1103 -19.15 12.33 57.92
CA LYS B 1103 -18.95 12.48 56.47
C LYS B 1103 -18.01 11.38 56.00
N LEU B 1104 -18.09 11.04 54.70
CA LEU B 1104 -17.27 10.04 54.04
C LEU B 1104 -15.78 10.35 54.29
N SER B 1105 -15.06 9.40 54.89
CA SER B 1105 -13.64 9.59 55.23
C SER B 1105 -12.69 8.72 54.41
N GLU B 1106 -13.15 7.52 54.01
CA GLU B 1106 -12.33 6.58 53.25
C GLU B 1106 -13.15 5.67 52.33
N ILE B 1107 -12.58 5.39 51.14
CA ILE B 1107 -13.09 4.44 50.15
C ILE B 1107 -11.94 3.48 49.86
N VAL B 1108 -12.15 2.18 50.09
CA VAL B 1108 -11.14 1.15 49.86
C VAL B 1108 -11.68 0.09 48.89
N TYR B 1109 -10.93 -0.15 47.81
CA TYR B 1109 -11.23 -1.18 46.80
C TYR B 1109 -9.92 -1.70 46.25
N ASP B 1110 -9.79 -3.04 46.13
CA ASP B 1110 -8.59 -3.74 45.64
C ASP B 1110 -7.37 -3.36 46.50
N SER B 1111 -6.35 -2.72 45.89
CA SER B 1111 -5.16 -2.24 46.60
C SER B 1111 -5.11 -0.70 46.61
N THR B 1112 -6.28 -0.06 46.42
CA THR B 1112 -6.46 1.38 46.38
C THR B 1112 -7.20 1.88 47.62
N ALA B 1113 -6.64 2.93 48.23
CA ALA B 1113 -7.24 3.59 49.39
C ALA B 1113 -7.41 5.08 49.04
N VAL B 1114 -8.65 5.56 49.15
CA VAL B 1114 -9.02 6.95 48.88
C VAL B 1114 -9.37 7.62 50.21
N THR B 1115 -8.64 8.68 50.58
CA THR B 1115 -8.89 9.41 51.83
C THR B 1115 -9.49 10.78 51.60
N PHE B 1116 -10.49 11.13 52.42
CA PHE B 1116 -11.18 12.43 52.38
C PHE B 1116 -10.82 13.20 53.64
N GLY B 1117 -10.08 14.28 53.44
CA GLY B 1117 -9.60 15.15 54.49
C GLY B 1117 -10.48 16.37 54.62
N TYR B 1118 -10.85 16.69 55.86
CA TYR B 1118 -11.69 17.81 56.22
C TYR B 1118 -10.91 18.76 57.12
N ASP B 1119 -11.18 20.08 57.02
CA ASP B 1119 -10.48 21.06 57.85
C ASP B 1119 -10.90 20.91 59.31
N GLU B 1120 -9.90 20.84 60.21
CA GLU B 1120 -10.06 20.65 61.66
C GLU B 1120 -11.01 21.65 62.32
N THR B 1121 -11.08 22.89 61.81
CA THR B 1121 -11.90 23.98 62.36
C THR B 1121 -13.21 24.24 61.57
N THR B 1122 -13.11 24.42 60.23
CA THR B 1122 -14.25 24.75 59.37
C THR B 1122 -15.10 23.54 58.95
N GLY B 1123 -14.53 22.34 59.01
CA GLY B 1123 -15.22 21.10 58.66
C GLY B 1123 -15.45 20.87 57.18
N VAL B 1124 -14.94 21.78 56.33
CA VAL B 1124 -15.04 21.73 54.88
C VAL B 1124 -14.09 20.68 54.30
N LEU B 1125 -14.44 20.09 53.14
CA LEU B 1125 -13.60 19.10 52.46
C LEU B 1125 -12.38 19.81 51.89
N LYS B 1126 -11.23 19.51 52.48
CA LYS B 1126 -9.93 20.11 52.18
C LYS B 1126 -9.14 19.27 51.16
N MET B 1127 -9.21 17.93 51.28
CA MET B 1127 -8.44 17.02 50.43
C MET B 1127 -9.17 15.72 50.06
N VAL B 1128 -8.87 15.21 48.86
CA VAL B 1128 -9.34 13.93 48.33
C VAL B 1128 -8.08 13.28 47.74
N ASN B 1129 -7.54 12.26 48.42
CA ASN B 1129 -6.32 11.60 47.96
C ASN B 1129 -6.50 10.11 47.64
N LEU B 1130 -6.27 9.75 46.38
CA LEU B 1130 -6.30 8.36 45.89
C LEU B 1130 -4.87 7.83 45.95
N GLN B 1131 -4.67 6.68 46.61
CA GLN B 1131 -3.36 6.04 46.74
C GLN B 1131 -3.44 4.58 46.32
N SER B 1132 -2.78 4.25 45.18
CA SER B 1132 -2.71 2.89 44.66
C SER B 1132 -1.24 2.51 44.46
N GLY B 1133 -0.60 2.13 45.57
CA GLY B 1133 0.80 1.76 45.61
C GLY B 1133 1.69 2.98 45.45
N GLY B 1134 2.40 3.04 44.33
CA GLY B 1134 3.28 4.16 43.99
C GLY B 1134 2.52 5.38 43.53
N PHE B 1135 1.47 5.18 42.71
CA PHE B 1135 0.62 6.23 42.17
C PHE B 1135 -0.18 6.91 43.28
N SER B 1136 -0.19 8.25 43.25
CA SER B 1136 -0.91 9.11 44.18
C SER B 1136 -1.55 10.24 43.39
N CYS B 1137 -2.86 10.43 43.57
CA CYS B 1137 -3.62 11.49 42.93
C CYS B 1137 -4.34 12.28 44.03
N THR B 1138 -3.93 13.55 44.22
CA THR B 1138 -4.48 14.40 45.26
C THR B 1138 -5.23 15.60 44.71
N ILE B 1139 -6.45 15.82 45.19
CA ILE B 1139 -7.28 16.98 44.86
C ILE B 1139 -7.41 17.80 46.15
N ARG B 1140 -6.99 19.07 46.12
CA ARG B 1140 -7.08 19.95 47.29
C ARG B 1140 -7.97 21.14 47.03
N TYR B 1141 -8.76 21.54 48.03
CA TYR B 1141 -9.68 22.66 47.93
C TYR B 1141 -9.44 23.72 49.00
N ARG B 1142 -9.68 24.98 48.63
CA ARG B 1142 -9.70 26.13 49.52
C ARG B 1142 -11.10 26.68 49.34
N LYS B 1143 -11.78 27.04 50.45
CA LYS B 1143 -13.15 27.52 50.37
C LYS B 1143 -13.41 28.86 51.06
N ILE B 1144 -14.36 29.64 50.51
CA ILE B 1144 -14.89 30.90 51.04
C ILE B 1144 -16.27 30.45 51.52
N GLY B 1145 -16.35 30.10 52.80
CA GLY B 1145 -17.57 29.54 53.38
C GLY B 1145 -17.79 28.17 52.77
N PRO B 1146 -18.94 27.90 52.12
CA PRO B 1146 -19.14 26.60 51.46
C PRO B 1146 -18.73 26.58 49.97
N LEU B 1147 -18.26 27.73 49.44
CA LEU B 1147 -17.90 27.90 48.02
C LEU B 1147 -16.42 27.68 47.73
N VAL B 1148 -16.11 26.88 46.70
CA VAL B 1148 -14.73 26.59 46.26
C VAL B 1148 -14.14 27.82 45.56
N ASP B 1149 -12.97 28.30 46.02
CA ASP B 1149 -12.27 29.43 45.40
C ASP B 1149 -10.92 29.01 44.80
N LYS B 1150 -10.51 27.74 45.05
CA LYS B 1150 -9.26 27.14 44.57
C LYS B 1150 -9.37 25.61 44.53
N GLN B 1151 -8.95 25.01 43.41
CA GLN B 1151 -8.95 23.56 43.18
C GLN B 1151 -7.56 23.18 42.62
N ILE B 1152 -6.82 22.34 43.34
CA ILE B 1152 -5.46 21.90 42.97
C ILE B 1152 -5.47 20.39 42.67
N TYR B 1153 -4.80 19.99 41.58
CA TYR B 1153 -4.62 18.59 41.17
C TYR B 1153 -3.13 18.28 41.28
N ARG B 1154 -2.75 17.26 42.07
CA ARG B 1154 -1.35 16.87 42.25
C ARG B 1154 -1.14 15.38 42.05
N PHE B 1155 -0.07 15.02 41.31
CA PHE B 1155 0.26 13.63 40.99
C PHE B 1155 1.68 13.25 41.37
N SER B 1156 1.88 11.96 41.74
CA SER B 1156 3.18 11.39 42.11
C SER B 1156 3.98 10.93 40.89
N GLU B 1157 3.27 10.47 39.82
CA GLU B 1157 3.84 9.98 38.55
C GLU B 1157 4.84 10.94 37.93
N GLU B 1158 5.98 10.39 37.46
CA GLU B 1158 7.10 11.12 36.84
C GLU B 1158 6.70 12.09 35.72
N GLY B 1159 5.97 11.59 34.72
CA GLY B 1159 5.56 12.36 33.55
C GLY B 1159 4.33 13.24 33.68
N MET B 1160 3.43 12.89 34.61
CA MET B 1160 2.16 13.59 34.82
C MET B 1160 2.30 15.03 35.30
N VAL B 1161 1.47 15.92 34.72
CA VAL B 1161 1.45 17.35 35.03
C VAL B 1161 0.36 17.70 36.05
N ASN B 1162 0.64 18.71 36.90
CA ASN B 1162 -0.29 19.18 37.92
C ASN B 1162 -1.15 20.34 37.38
N ALA B 1163 -2.26 20.64 38.07
CA ALA B 1163 -3.19 21.70 37.68
C ALA B 1163 -3.68 22.52 38.88
N ARG B 1164 -4.03 23.79 38.64
CA ARG B 1164 -4.54 24.73 39.62
C ARG B 1164 -5.65 25.56 38.96
N PHE B 1165 -6.78 25.71 39.65
CA PHE B 1165 -7.90 26.52 39.17
C PHE B 1165 -8.31 27.47 40.26
N ASP B 1166 -8.18 28.77 39.99
CA ASP B 1166 -8.54 29.84 40.91
C ASP B 1166 -9.88 30.41 40.50
N TYR B 1167 -10.79 30.55 41.47
CA TYR B 1167 -12.14 31.06 41.25
C TYR B 1167 -12.35 32.33 42.07
N THR B 1168 -13.12 33.27 41.50
CA THR B 1168 -13.53 34.51 42.17
C THR B 1168 -15.04 34.57 42.06
N TYR B 1169 -15.69 35.22 43.02
CA TYR B 1169 -17.14 35.36 43.04
C TYR B 1169 -17.55 36.81 42.88
N HIS B 1170 -18.70 37.04 42.22
CA HIS B 1170 -19.24 38.38 42.03
C HIS B 1170 -19.58 38.99 43.39
N ASP B 1171 -19.38 40.31 43.54
CA ASP B 1171 -19.67 41.04 44.77
C ASP B 1171 -21.12 40.85 45.18
N ASN B 1172 -21.34 40.59 46.48
CA ASN B 1172 -22.65 40.40 47.12
C ASN B 1172 -23.48 39.28 46.48
N SER B 1173 -22.82 38.15 46.13
CA SER B 1173 -23.45 36.99 45.51
C SER B 1173 -22.66 35.69 45.68
N PHE B 1174 -23.25 34.58 45.23
CA PHE B 1174 -22.68 33.22 45.22
C PHE B 1174 -22.34 32.82 43.77
N ARG B 1175 -22.42 33.80 42.84
CA ARG B 1175 -22.13 33.63 41.41
C ARG B 1175 -20.63 33.63 41.14
N ILE B 1176 -20.15 32.61 40.40
CA ILE B 1176 -18.74 32.50 39.99
C ILE B 1176 -18.51 33.58 38.93
N ALA B 1177 -17.53 34.47 39.17
CA ALA B 1177 -17.21 35.57 38.26
C ALA B 1177 -16.08 35.22 37.30
N SER B 1178 -15.09 34.43 37.76
CA SER B 1178 -13.94 34.04 36.95
C SER B 1178 -13.36 32.68 37.33
N ILE B 1179 -12.69 32.04 36.34
CA ILE B 1179 -11.95 30.79 36.46
C ILE B 1179 -10.58 31.08 35.82
N LYS B 1180 -9.50 30.94 36.60
CA LYS B 1180 -8.14 31.15 36.11
C LYS B 1180 -7.36 29.83 36.20
N PRO B 1181 -7.17 29.11 35.06
CA PRO B 1181 -6.43 27.85 35.10
C PRO B 1181 -4.92 28.01 34.97
N ILE B 1182 -4.17 27.10 35.60
CA ILE B 1182 -2.71 26.99 35.54
C ILE B 1182 -2.37 25.48 35.44
N ILE B 1183 -2.14 24.98 34.21
CA ILE B 1183 -1.80 23.58 33.95
C ILE B 1183 -0.32 23.52 33.60
N SER B 1184 0.44 22.61 34.26
CA SER B 1184 1.89 22.38 34.06
C SER B 1184 2.71 23.68 34.20
N GLU B 1185 2.38 24.51 35.22
CA GLU B 1185 3.00 25.81 35.52
C GLU B 1185 2.90 26.82 34.35
N THR B 1186 1.89 26.62 33.47
CA THR B 1186 1.60 27.46 32.31
C THR B 1186 0.25 28.17 32.55
N PRO B 1187 0.22 29.46 32.90
CA PRO B 1187 -1.07 30.15 33.11
C PRO B 1187 -1.87 30.28 31.81
N LEU B 1188 -3.17 30.00 31.90
CA LEU B 1188 -4.09 30.06 30.76
C LEU B 1188 -5.01 31.29 30.88
N PRO B 1189 -5.66 31.77 29.78
CA PRO B 1189 -6.54 32.93 29.90
C PRO B 1189 -7.71 32.73 30.88
N VAL B 1190 -8.06 33.81 31.59
CA VAL B 1190 -9.16 33.83 32.54
C VAL B 1190 -10.50 33.80 31.78
N ASP B 1191 -11.45 33.01 32.28
CA ASP B 1191 -12.78 32.94 31.69
C ASP B 1191 -13.72 33.71 32.60
N LEU B 1192 -14.26 34.83 32.09
CA LEU B 1192 -15.17 35.67 32.85
C LEU B 1192 -16.60 35.25 32.62
N TYR B 1193 -17.41 35.31 33.70
CA TYR B 1193 -18.82 34.96 33.68
C TYR B 1193 -19.65 36.17 34.07
N ARG B 1194 -20.62 36.54 33.22
CA ARG B 1194 -21.53 37.66 33.44
C ARG B 1194 -22.95 37.11 33.48
N TYR B 1195 -23.77 37.61 34.42
CA TYR B 1195 -25.12 37.13 34.61
C TYR B 1195 -26.15 38.25 34.66
N ASP B 1196 -27.43 37.89 34.46
CA ASP B 1196 -28.56 38.80 34.62
C ASP B 1196 -28.93 38.69 36.10
N GLU B 1197 -28.87 39.81 36.84
CA GLU B 1197 -29.14 39.84 38.29
C GLU B 1197 -30.60 39.55 38.67
N ILE B 1198 -31.53 39.64 37.70
CA ILE B 1198 -32.97 39.42 37.91
C ILE B 1198 -33.39 37.94 37.70
N SER B 1199 -32.69 37.22 36.81
CA SER B 1199 -33.01 35.84 36.45
C SER B 1199 -31.93 34.80 36.74
N GLY B 1200 -30.67 35.22 36.81
CA GLY B 1200 -29.54 34.32 37.01
C GLY B 1200 -29.01 33.74 35.71
N LYS B 1201 -29.56 34.20 34.56
CA LYS B 1201 -29.19 33.79 33.21
C LYS B 1201 -27.73 34.14 32.93
N VAL B 1202 -26.96 33.19 32.38
CA VAL B 1202 -25.56 33.43 32.00
C VAL B 1202 -25.62 34.26 30.70
N GLU B 1203 -25.16 35.51 30.77
CA GLU B 1203 -25.16 36.43 29.63
C GLU B 1203 -23.84 36.39 28.87
N HIS B 1204 -22.76 36.00 29.54
CA HIS B 1204 -21.42 35.92 28.95
C HIS B 1204 -20.57 34.89 29.67
N PHE B 1205 -19.91 34.02 28.90
CA PHE B 1205 -18.99 33.02 29.43
C PHE B 1205 -17.81 32.91 28.49
N GLY B 1206 -16.62 33.11 29.04
CA GLY B 1206 -15.38 33.13 28.27
C GLY B 1206 -15.40 34.25 27.26
N LYS B 1207 -15.50 33.89 25.98
CA LYS B 1207 -15.59 34.83 24.83
C LYS B 1207 -16.98 34.76 24.17
N PHE B 1208 -17.90 34.00 24.78
CA PHE B 1208 -19.25 33.78 24.27
C PHE B 1208 -20.30 34.62 24.98
N GLY B 1209 -21.16 35.23 24.19
CA GLY B 1209 -22.29 36.03 24.68
C GLY B 1209 -23.57 35.23 24.45
N VAL B 1210 -24.51 35.28 25.41
CA VAL B 1210 -25.77 34.53 25.31
C VAL B 1210 -26.98 35.46 25.26
N ILE B 1211 -27.85 35.25 24.25
CA ILE B 1211 -29.09 35.98 24.04
C ILE B 1211 -30.25 35.01 24.25
N TYR B 1212 -31.26 35.44 25.01
CA TYR B 1212 -32.44 34.64 25.30
C TYR B 1212 -33.69 35.34 24.76
N TYR B 1213 -34.51 34.59 24.03
CA TYR B 1213 -35.79 35.03 23.48
C TYR B 1213 -36.73 33.84 23.61
N ASP B 1214 -37.80 33.98 24.41
CA ASP B 1214 -38.76 32.92 24.74
C ASP B 1214 -37.96 31.79 25.44
N ILE B 1215 -37.95 30.56 24.88
CA ILE B 1215 -37.16 29.45 25.42
C ILE B 1215 -35.95 29.13 24.51
N ASN B 1216 -35.81 29.88 23.41
CA ASN B 1216 -34.73 29.71 22.43
C ASN B 1216 -33.47 30.49 22.86
N GLN B 1217 -32.28 29.98 22.48
CA GLN B 1217 -30.99 30.58 22.86
C GLN B 1217 -30.04 30.80 21.68
N ILE B 1218 -29.24 31.88 21.75
CA ILE B 1218 -28.24 32.23 20.75
C ILE B 1218 -26.89 32.46 21.44
N ILE B 1219 -25.88 31.67 21.08
CA ILE B 1219 -24.50 31.83 21.57
C ILE B 1219 -23.74 32.57 20.47
N THR B 1220 -23.23 33.77 20.77
CA THR B 1220 -22.56 34.62 19.80
C THR B 1220 -21.11 35.00 20.14
N THR B 1221 -20.35 35.28 19.09
CA THR B 1221 -18.96 35.74 19.03
C THR B 1221 -18.97 36.67 17.80
N ALA B 1222 -17.92 37.49 17.60
CA ALA B 1222 -17.80 38.35 16.41
C ALA B 1222 -17.72 37.51 15.12
N VAL B 1223 -17.32 36.22 15.27
CA VAL B 1223 -17.15 35.24 14.20
C VAL B 1223 -18.37 34.30 14.06
N MET B 1224 -18.78 33.63 15.16
CA MET B 1224 -19.87 32.65 15.12
C MET B 1224 -21.17 33.06 15.83
N THR B 1225 -22.27 32.38 15.44
CA THR B 1225 -23.61 32.46 16.03
C THR B 1225 -24.20 31.04 16.01
N LEU B 1226 -24.50 30.48 17.20
CA LEU B 1226 -25.11 29.17 17.37
C LEU B 1226 -26.53 29.39 17.89
N SER B 1227 -27.54 29.24 17.02
CA SER B 1227 -28.96 29.43 17.35
C SER B 1227 -29.65 28.09 17.58
N LYS B 1228 -30.26 27.92 18.75
CA LYS B 1228 -30.98 26.72 19.17
C LYS B 1228 -32.46 27.06 19.31
N HIS B 1229 -33.31 26.37 18.51
CA HIS B 1229 -34.76 26.54 18.45
C HIS B 1229 -35.45 25.32 19.05
N PHE B 1230 -36.39 25.56 19.96
CA PHE B 1230 -37.14 24.50 20.64
C PHE B 1230 -38.62 24.58 20.30
N ASP B 1231 -39.28 23.41 20.22
CA ASP B 1231 -40.71 23.33 19.92
C ASP B 1231 -41.56 23.61 21.18
N THR B 1232 -42.91 23.47 21.06
CA THR B 1232 -43.89 23.71 22.14
C THR B 1232 -43.69 22.81 23.37
N HIS B 1233 -43.02 21.64 23.21
CA HIS B 1233 -42.74 20.69 24.29
C HIS B 1233 -41.33 20.88 24.88
N GLY B 1234 -40.68 21.96 24.49
CA GLY B 1234 -39.33 22.31 24.94
C GLY B 1234 -38.23 21.43 24.37
N ARG B 1235 -38.55 20.67 23.31
CA ARG B 1235 -37.60 19.77 22.66
C ARG B 1235 -36.96 20.48 21.47
N ILE B 1236 -35.65 20.28 21.27
CA ILE B 1236 -34.90 20.89 20.17
C ILE B 1236 -35.53 20.53 18.81
N LYS B 1237 -35.80 21.55 17.98
CA LYS B 1237 -36.40 21.37 16.65
C LYS B 1237 -35.47 21.84 15.54
N GLU B 1238 -34.57 22.80 15.84
CA GLU B 1238 -33.62 23.34 14.87
C GLU B 1238 -32.38 23.92 15.52
N VAL B 1239 -31.21 23.57 14.98
CA VAL B 1239 -29.89 24.07 15.38
C VAL B 1239 -29.31 24.75 14.12
N GLN B 1240 -28.70 25.93 14.29
CA GLN B 1240 -28.12 26.69 13.19
C GLN B 1240 -26.77 27.29 13.63
N TYR B 1241 -25.67 26.74 13.10
CA TYR B 1241 -24.31 27.16 13.39
C TYR B 1241 -23.75 27.96 12.19
N GLU B 1242 -23.65 29.28 12.35
CA GLU B 1242 -23.16 30.21 11.33
C GLU B 1242 -21.84 30.84 11.77
N MET B 1243 -20.85 30.81 10.86
CA MET B 1243 -19.51 31.39 11.08
C MET B 1243 -19.23 32.32 9.91
N PHE B 1244 -18.75 33.55 10.21
CA PHE B 1244 -18.47 34.62 9.23
C PHE B 1244 -19.71 34.85 8.32
N ARG B 1245 -20.91 34.84 8.96
CA ARG B 1245 -22.25 35.00 8.37
C ARG B 1245 -22.63 33.85 7.39
N SER B 1246 -21.75 32.85 7.22
CA SER B 1246 -21.94 31.67 6.38
C SER B 1246 -22.34 30.46 7.22
N LEU B 1247 -23.41 29.74 6.82
CA LEU B 1247 -23.92 28.58 7.55
C LEU B 1247 -23.02 27.37 7.44
N MET B 1248 -22.50 26.92 8.59
CA MET B 1248 -21.61 25.77 8.68
C MET B 1248 -22.34 24.48 8.99
N TYR B 1249 -23.46 24.55 9.75
CA TYR B 1249 -24.22 23.37 10.15
C TYR B 1249 -25.65 23.69 10.55
N TRP B 1250 -26.63 22.90 10.05
CA TRP B 1250 -28.02 23.04 10.45
C TRP B 1250 -28.70 21.66 10.58
N MET B 1251 -29.40 21.45 11.70
CA MET B 1251 -30.11 20.21 12.02
C MET B 1251 -31.54 20.49 12.42
N THR B 1252 -32.49 19.72 11.88
CA THR B 1252 -33.90 19.80 12.27
C THR B 1252 -34.34 18.46 12.81
N VAL B 1253 -34.95 18.46 13.99
CA VAL B 1253 -35.45 17.24 14.63
C VAL B 1253 -36.97 17.30 14.71
N GLN B 1254 -37.62 16.18 14.35
CA GLN B 1254 -39.08 16.00 14.39
C GLN B 1254 -39.37 14.82 15.28
N TYR B 1255 -40.45 14.93 16.07
CA TYR B 1255 -40.85 13.92 17.05
C TYR B 1255 -42.26 13.39 16.81
N ASP B 1256 -42.55 12.18 17.34
CA ASP B 1256 -43.90 11.64 17.29
C ASP B 1256 -44.68 12.13 18.53
N SER B 1257 -45.91 11.61 18.76
CA SER B 1257 -46.75 11.96 19.91
C SER B 1257 -46.06 11.75 21.26
N MET B 1258 -45.28 10.65 21.38
CA MET B 1258 -44.59 10.28 22.62
C MET B 1258 -43.19 10.89 22.82
N GLY B 1259 -42.78 11.80 21.94
CA GLY B 1259 -41.47 12.46 22.03
C GLY B 1259 -40.30 11.67 21.49
N ARG B 1260 -40.56 10.67 20.62
CA ARG B 1260 -39.53 9.86 19.97
C ARG B 1260 -39.10 10.56 18.67
N VAL B 1261 -37.78 10.65 18.44
CA VAL B 1261 -37.20 11.25 17.23
C VAL B 1261 -37.62 10.40 16.02
N THR B 1262 -38.37 11.00 15.08
CA THR B 1262 -38.84 10.29 13.87
C THR B 1262 -38.14 10.78 12.60
N LYS B 1263 -37.65 12.03 12.60
CA LYS B 1263 -36.99 12.61 11.45
C LYS B 1263 -35.87 13.56 11.88
N ARG B 1264 -34.70 13.44 11.23
CA ARG B 1264 -33.54 14.31 11.46
C ARG B 1264 -32.94 14.69 10.12
N GLU B 1265 -32.85 16.01 9.86
CA GLU B 1265 -32.23 16.52 8.64
C GLU B 1265 -30.89 17.12 9.06
N LEU B 1266 -29.81 16.79 8.34
CA LEU B 1266 -28.46 17.26 8.67
C LEU B 1266 -27.69 17.78 7.48
N LYS B 1267 -27.08 18.95 7.63
CA LYS B 1267 -26.22 19.58 6.63
C LYS B 1267 -24.89 19.87 7.32
N LEU B 1268 -23.85 19.08 6.99
CA LEU B 1268 -22.52 19.21 7.58
C LEU B 1268 -21.57 19.85 6.59
N GLY B 1269 -21.40 21.16 6.71
CA GLY B 1269 -20.57 21.96 5.83
C GLY B 1269 -21.40 22.95 5.04
N PRO B 1270 -20.82 24.10 4.60
CA PRO B 1270 -21.64 25.09 3.84
C PRO B 1270 -22.04 24.68 2.43
N TYR B 1271 -21.29 23.75 1.81
CA TYR B 1271 -21.56 23.32 0.43
C TYR B 1271 -22.03 21.85 0.32
N ALA B 1272 -22.05 21.12 1.44
CA ALA B 1272 -22.48 19.71 1.45
C ALA B 1272 -24.00 19.57 1.34
N ASN B 1273 -24.45 18.42 0.83
CA ASN B 1273 -25.87 18.10 0.66
C ASN B 1273 -26.56 17.88 2.02
N THR B 1274 -27.90 18.04 2.04
CA THR B 1274 -28.70 17.81 3.23
C THR B 1274 -29.19 16.35 3.24
N THR B 1275 -28.89 15.63 4.34
CA THR B 1275 -29.25 14.22 4.50
C THR B 1275 -30.44 14.10 5.44
N LYS B 1276 -31.48 13.35 5.02
CA LYS B 1276 -32.71 13.11 5.77
C LYS B 1276 -32.70 11.70 6.35
N TYR B 1277 -32.83 11.60 7.68
CA TYR B 1277 -32.88 10.32 8.39
C TYR B 1277 -34.26 10.14 8.98
N THR B 1278 -34.92 9.02 8.66
CA THR B 1278 -36.25 8.71 9.19
C THR B 1278 -36.16 7.47 10.08
N TYR B 1279 -36.81 7.54 11.25
CA TYR B 1279 -36.77 6.50 12.28
C TYR B 1279 -38.14 5.89 12.55
N ASP B 1280 -38.20 4.55 12.56
CA ASP B 1280 -39.42 3.79 12.86
C ASP B 1280 -39.21 2.95 14.10
N TYR B 1281 -40.24 2.83 14.93
CA TYR B 1281 -40.21 2.11 16.21
C TYR B 1281 -41.18 0.93 16.26
N ASP B 1282 -40.83 -0.12 17.04
CA ASP B 1282 -41.69 -1.29 17.19
C ASP B 1282 -42.85 -1.02 18.16
N GLY B 1283 -43.64 -2.06 18.45
CA GLY B 1283 -44.77 -1.99 19.37
C GLY B 1283 -44.43 -1.59 20.79
N ASP B 1284 -43.13 -1.68 21.18
CA ASP B 1284 -42.64 -1.32 22.53
C ASP B 1284 -41.77 -0.04 22.57
N GLY B 1285 -41.69 0.67 21.45
CA GLY B 1285 -40.95 1.93 21.34
C GLY B 1285 -39.45 1.78 21.14
N GLN B 1286 -39.02 0.57 20.76
CA GLN B 1286 -37.63 0.23 20.48
C GLN B 1286 -37.36 0.52 19.00
N LEU B 1287 -36.26 1.23 18.70
CA LEU B 1287 -35.84 1.58 17.34
C LEU B 1287 -35.76 0.35 16.45
N GLN B 1288 -36.57 0.33 15.40
CA GLN B 1288 -36.73 -0.79 14.47
C GLN B 1288 -35.95 -0.59 13.17
N SER B 1289 -36.05 0.61 12.58
CA SER B 1289 -35.39 0.92 11.31
C SER B 1289 -34.98 2.36 11.18
N VAL B 1290 -33.92 2.59 10.39
CA VAL B 1290 -33.35 3.90 10.07
C VAL B 1290 -33.18 3.96 8.53
N ALA B 1291 -33.85 4.93 7.88
CA ALA B 1291 -33.76 5.14 6.44
C ALA B 1291 -33.00 6.40 6.12
N VAL B 1292 -32.18 6.37 5.05
CA VAL B 1292 -31.38 7.51 4.60
C VAL B 1292 -31.97 7.99 3.27
N ASN B 1293 -32.57 9.21 3.28
CA ASN B 1293 -33.24 9.84 2.15
C ASN B 1293 -34.34 8.91 1.57
N ASP B 1294 -35.21 8.42 2.48
CA ASP B 1294 -36.36 7.51 2.26
C ASP B 1294 -35.93 6.11 1.74
N ARG B 1295 -34.65 5.73 1.90
CA ARG B 1295 -34.11 4.43 1.50
C ARG B 1295 -33.67 3.63 2.73
N PRO B 1296 -34.27 2.43 3.01
CA PRO B 1296 -33.86 1.64 4.20
C PRO B 1296 -32.38 1.26 4.21
N THR B 1297 -31.67 1.60 5.30
CA THR B 1297 -30.24 1.35 5.48
C THR B 1297 -29.93 0.50 6.72
N TRP B 1298 -30.67 0.72 7.83
CA TRP B 1298 -30.45 0.00 9.08
C TRP B 1298 -31.70 -0.68 9.60
N ARG B 1299 -31.52 -1.90 10.09
CA ARG B 1299 -32.59 -2.69 10.69
C ARG B 1299 -32.12 -3.17 12.06
N TYR B 1300 -33.01 -3.06 13.06
CA TYR B 1300 -32.74 -3.50 14.43
C TYR B 1300 -33.88 -4.37 14.91
N SER B 1301 -33.55 -5.51 15.56
CA SER B 1301 -34.52 -6.43 16.15
C SER B 1301 -34.14 -6.79 17.58
N TYR B 1302 -35.16 -7.07 18.40
CA TYR B 1302 -34.97 -7.33 19.82
C TYR B 1302 -35.57 -8.66 20.30
N ASP B 1303 -34.93 -9.20 21.34
CA ASP B 1303 -35.27 -10.38 22.14
C ASP B 1303 -36.55 -10.05 22.93
N LEU B 1304 -37.12 -11.05 23.63
CA LEU B 1304 -38.27 -10.85 24.52
C LEU B 1304 -37.85 -10.00 25.74
N ASN B 1305 -36.55 -10.07 26.09
CA ASN B 1305 -35.96 -9.33 27.21
C ASN B 1305 -35.44 -7.94 26.81
N GLY B 1306 -35.57 -7.60 25.52
CA GLY B 1306 -35.15 -6.31 24.99
C GLY B 1306 -33.69 -6.26 24.58
N ASN B 1307 -33.07 -7.44 24.43
CA ASN B 1307 -31.68 -7.55 23.99
C ASN B 1307 -31.66 -7.41 22.48
N LEU B 1308 -30.86 -6.45 21.97
CA LEU B 1308 -30.70 -6.18 20.54
C LEU B 1308 -30.00 -7.39 19.92
N HIS B 1309 -30.77 -8.27 19.25
CA HIS B 1309 -30.20 -9.50 18.69
C HIS B 1309 -29.99 -9.45 17.16
N LEU B 1310 -30.17 -8.26 16.54
CA LEU B 1310 -30.05 -8.09 15.10
C LEU B 1310 -29.77 -6.64 14.74
N LEU B 1311 -28.70 -6.41 13.97
CA LEU B 1311 -28.30 -5.08 13.50
C LEU B 1311 -27.49 -5.14 12.21
N ASN B 1312 -27.42 -4.00 11.49
CA ASN B 1312 -26.56 -3.80 10.32
C ASN B 1312 -25.35 -3.03 10.88
N PRO B 1313 -24.18 -3.68 11.05
CA PRO B 1313 -23.05 -2.99 11.67
C PRO B 1313 -22.40 -1.93 10.78
N GLY B 1314 -22.22 -0.74 11.34
CA GLY B 1314 -21.61 0.40 10.67
C GLY B 1314 -22.32 0.80 9.40
N ASN B 1315 -21.61 0.64 8.27
CA ASN B 1315 -22.08 0.97 6.92
C ASN B 1315 -22.58 -0.28 6.17
N SER B 1316 -22.32 -1.49 6.73
CA SER B 1316 -22.65 -2.78 6.14
C SER B 1316 -24.12 -3.02 5.84
N VAL B 1317 -24.36 -3.75 4.73
CA VAL B 1317 -25.65 -4.18 4.17
C VAL B 1317 -26.03 -5.49 4.88
N ARG B 1318 -25.01 -6.25 5.32
CA ARG B 1318 -25.09 -7.53 6.00
C ARG B 1318 -25.79 -7.40 7.36
N LEU B 1319 -26.73 -8.33 7.63
CA LEU B 1319 -27.52 -8.38 8.87
C LEU B 1319 -26.82 -9.32 9.84
N MET B 1320 -26.29 -8.75 10.95
CA MET B 1320 -25.54 -9.51 11.95
C MET B 1320 -26.34 -9.90 13.18
N PRO B 1321 -26.24 -11.17 13.62
CA PRO B 1321 -26.96 -11.58 14.83
C PRO B 1321 -26.13 -11.44 16.11
N LEU B 1322 -26.82 -11.16 17.24
CA LEU B 1322 -26.20 -11.02 18.56
C LEU B 1322 -26.80 -12.08 19.48
N ARG B 1323 -25.97 -12.73 20.29
CA ARG B 1323 -26.38 -13.81 21.18
C ARG B 1323 -26.19 -13.44 22.64
N TYR B 1324 -27.13 -13.90 23.50
CA TYR B 1324 -27.18 -13.62 24.93
C TYR B 1324 -27.43 -14.88 25.75
N ASP B 1325 -26.93 -14.89 26.99
CA ASP B 1325 -27.15 -16.00 27.92
C ASP B 1325 -28.43 -15.75 28.77
N LEU B 1326 -28.70 -16.61 29.77
CA LEU B 1326 -29.91 -16.46 30.58
C LEU B 1326 -29.89 -15.28 31.55
N ARG B 1327 -28.69 -14.74 31.84
CA ARG B 1327 -28.44 -13.56 32.69
C ARG B 1327 -28.35 -12.30 31.81
N ASP B 1328 -28.80 -12.36 30.53
CA ASP B 1328 -28.82 -11.28 29.56
C ASP B 1328 -27.43 -10.72 29.20
N ARG B 1329 -26.37 -11.53 29.41
CA ARG B 1329 -24.99 -11.14 29.11
C ARG B 1329 -24.68 -11.56 27.67
N ILE B 1330 -24.10 -10.65 26.89
CA ILE B 1330 -23.72 -10.89 25.49
C ILE B 1330 -22.66 -11.98 25.43
N THR B 1331 -22.77 -12.88 24.42
CA THR B 1331 -21.85 -14.00 24.22
C THR B 1331 -21.26 -13.98 22.82
N ARG B 1332 -21.95 -13.35 21.85
CA ARG B 1332 -21.51 -13.28 20.46
C ARG B 1332 -22.11 -12.09 19.72
N LEU B 1333 -21.32 -11.50 18.82
CA LEU B 1333 -21.66 -10.39 17.93
C LEU B 1333 -21.18 -10.85 16.56
N GLY B 1334 -22.12 -11.35 15.77
CA GLY B 1334 -21.86 -11.95 14.46
C GLY B 1334 -21.06 -13.21 14.65
N ASP B 1335 -19.77 -13.13 14.30
CA ASP B 1335 -18.76 -14.18 14.40
C ASP B 1335 -17.86 -13.97 15.64
N ILE B 1336 -17.86 -12.75 16.20
CA ILE B 1336 -17.02 -12.33 17.33
C ILE B 1336 -17.58 -12.79 18.68
N PRO B 1337 -16.83 -13.61 19.46
CA PRO B 1337 -17.31 -14.00 20.79
C PRO B 1337 -17.09 -12.91 21.83
N TYR B 1338 -18.05 -12.79 22.77
CA TYR B 1338 -18.01 -11.83 23.86
C TYR B 1338 -17.93 -12.61 25.15
N LYS B 1339 -17.26 -12.04 26.15
CA LYS B 1339 -17.15 -12.64 27.48
C LYS B 1339 -17.45 -11.57 28.50
N ILE B 1340 -18.44 -11.85 29.33
CA ILE B 1340 -18.88 -10.99 30.44
C ILE B 1340 -18.65 -11.86 31.68
N ASP B 1341 -17.92 -11.33 32.68
CA ASP B 1341 -17.62 -12.08 33.89
C ASP B 1341 -18.86 -12.35 34.78
N ASP B 1342 -18.68 -13.07 35.88
CA ASP B 1342 -19.74 -13.44 36.83
C ASP B 1342 -20.30 -12.26 37.63
N ASP B 1343 -19.69 -11.08 37.53
CA ASP B 1343 -20.14 -9.85 38.19
C ASP B 1343 -21.01 -9.00 37.25
N GLY B 1344 -20.98 -9.35 35.97
CA GLY B 1344 -21.73 -8.65 34.94
C GLY B 1344 -20.92 -7.63 34.16
N PHE B 1345 -19.58 -7.62 34.33
CA PHE B 1345 -18.68 -6.67 33.65
C PHE B 1345 -18.04 -7.25 32.40
N LEU B 1346 -17.89 -6.41 31.35
CA LEU B 1346 -17.23 -6.77 30.11
C LEU B 1346 -15.80 -7.23 30.40
N CYS B 1347 -15.47 -8.41 29.88
CA CYS B 1347 -14.23 -9.13 30.12
C CYS B 1347 -13.39 -9.25 28.81
N GLN B 1348 -14.05 -9.60 27.69
CA GLN B 1348 -13.41 -9.81 26.40
C GLN B 1348 -14.37 -9.64 25.23
N ARG B 1349 -13.86 -9.13 24.11
CA ARG B 1349 -14.57 -8.96 22.84
C ARG B 1349 -13.60 -9.47 21.78
N GLY B 1350 -13.70 -10.75 21.47
CA GLY B 1350 -12.79 -11.41 20.54
C GLY B 1350 -11.41 -11.48 21.16
N SER B 1351 -10.46 -10.73 20.59
CA SER B 1351 -9.08 -10.64 21.05
C SER B 1351 -8.86 -9.49 22.06
N ASP B 1352 -9.82 -8.52 22.14
CA ASP B 1352 -9.78 -7.36 23.06
C ASP B 1352 -10.03 -7.79 24.49
N VAL B 1353 -9.09 -7.46 25.40
CA VAL B 1353 -9.17 -7.80 26.82
C VAL B 1353 -9.41 -6.54 27.64
N PHE B 1354 -10.45 -6.55 28.48
CA PHE B 1354 -10.82 -5.42 29.32
C PHE B 1354 -10.61 -5.78 30.79
N GLU B 1355 -9.97 -4.87 31.54
CA GLU B 1355 -9.71 -5.05 32.97
C GLU B 1355 -10.45 -3.99 33.78
N TYR B 1356 -11.58 -4.37 34.41
CA TYR B 1356 -12.40 -3.51 35.26
C TYR B 1356 -12.06 -3.78 36.74
N ASN B 1357 -11.84 -2.71 37.52
CA ASN B 1357 -11.52 -2.84 38.95
C ASN B 1357 -12.79 -3.07 39.81
N SER B 1358 -12.68 -3.11 41.16
CA SER B 1358 -13.82 -3.31 42.07
C SER B 1358 -14.83 -2.16 42.04
N LYS B 1359 -14.34 -0.94 41.73
CA LYS B 1359 -15.16 0.27 41.62
C LYS B 1359 -15.94 0.29 40.28
N GLY B 1360 -15.60 -0.64 39.39
CA GLY B 1360 -16.24 -0.77 38.07
C GLY B 1360 -15.68 0.19 37.04
N LEU B 1361 -14.41 0.58 37.22
CA LEU B 1361 -13.67 1.50 36.35
C LEU B 1361 -12.66 0.71 35.50
N LEU B 1362 -12.60 1.02 34.20
CA LEU B 1362 -11.69 0.37 33.26
C LEU B 1362 -10.26 0.88 33.51
N THR B 1363 -9.40 0.01 34.07
CA THR B 1363 -8.01 0.36 34.39
C THR B 1363 -7.07 0.08 33.23
N ARG B 1364 -7.35 -0.95 32.43
CA ARG B 1364 -6.52 -1.33 31.30
C ARG B 1364 -7.31 -2.11 30.28
N ALA B 1365 -6.97 -1.94 29.00
CA ALA B 1365 -7.54 -2.67 27.89
C ALA B 1365 -6.44 -2.89 26.85
N TYR B 1366 -6.35 -4.09 26.28
CA TYR B 1366 -5.32 -4.44 25.31
C TYR B 1366 -5.74 -5.51 24.33
N ASN B 1367 -4.99 -5.61 23.25
CA ASN B 1367 -5.14 -6.63 22.24
C ASN B 1367 -3.71 -7.01 21.83
N LYS B 1368 -3.28 -8.22 22.23
CA LYS B 1368 -1.95 -8.76 21.95
C LYS B 1368 -1.74 -8.96 20.44
N ALA B 1369 -2.77 -9.50 19.75
CA ALA B 1369 -2.76 -9.77 18.31
C ALA B 1369 -2.65 -8.50 17.44
N ASN B 1370 -3.35 -7.41 17.82
CA ASN B 1370 -3.36 -6.13 17.10
C ASN B 1370 -2.30 -5.13 17.62
N GLY B 1371 -1.55 -5.55 18.64
CA GLY B 1371 -0.44 -4.80 19.21
C GLY B 1371 -0.75 -3.46 19.85
N TRP B 1372 -1.91 -3.34 20.53
CA TRP B 1372 -2.28 -2.11 21.24
C TRP B 1372 -2.58 -2.38 22.71
N ASN B 1373 -2.34 -1.36 23.55
CA ASN B 1373 -2.51 -1.36 24.99
C ASN B 1373 -2.89 0.06 25.43
N VAL B 1374 -3.84 0.18 26.36
CA VAL B 1374 -4.29 1.47 26.91
C VAL B 1374 -4.50 1.35 28.42
N GLN B 1375 -3.92 2.27 29.17
CA GLN B 1375 -4.04 2.29 30.63
C GLN B 1375 -4.72 3.58 31.07
N TYR B 1376 -5.63 3.46 32.05
CA TYR B 1376 -6.37 4.62 32.55
C TYR B 1376 -6.14 4.82 34.04
N ARG B 1377 -6.09 6.09 34.46
CA ARG B 1377 -5.92 6.48 35.86
C ARG B 1377 -7.15 7.27 36.28
N TYR B 1378 -7.55 7.13 37.56
CA TYR B 1378 -8.72 7.81 38.08
C TYR B 1378 -8.40 8.58 39.34
N ASP B 1379 -9.21 9.63 39.62
CA ASP B 1379 -9.10 10.42 40.83
C ASP B 1379 -9.98 9.80 41.93
N GLY B 1380 -9.86 10.31 43.15
CA GLY B 1380 -10.61 9.82 44.31
C GLY B 1380 -12.12 9.98 44.23
N LEU B 1381 -12.61 10.80 43.28
CA LEU B 1381 -14.04 11.03 43.08
C LEU B 1381 -14.64 10.15 41.96
N GLY B 1382 -13.81 9.24 41.42
CA GLY B 1382 -14.19 8.27 40.38
C GLY B 1382 -14.14 8.75 38.94
N ARG B 1383 -13.48 9.90 38.68
CA ARG B 1383 -13.36 10.49 37.34
C ARG B 1383 -12.04 10.14 36.68
N ARG B 1384 -12.07 9.92 35.36
CA ARG B 1384 -10.86 9.61 34.59
C ARG B 1384 -9.90 10.79 34.58
N ALA B 1385 -8.70 10.57 35.14
CA ALA B 1385 -7.65 11.58 35.24
C ALA B 1385 -6.72 11.52 34.02
N SER B 1386 -6.42 10.31 33.53
CA SER B 1386 -5.53 10.13 32.37
C SER B 1386 -5.84 8.91 31.50
N CYS B 1387 -5.31 8.94 30.27
CA CYS B 1387 -5.39 7.89 29.25
C CYS B 1387 -4.00 7.82 28.63
N LYS B 1388 -3.36 6.65 28.66
CA LYS B 1388 -2.04 6.45 28.09
C LYS B 1388 -1.96 5.16 27.30
N THR B 1389 -1.53 5.25 26.03
CA THR B 1389 -1.38 4.09 25.15
C THR B 1389 0.09 3.73 24.95
N ASN B 1390 0.34 2.55 24.35
CA ASN B 1390 1.67 2.06 24.01
C ASN B 1390 2.07 2.59 22.61
N LEU B 1391 1.12 3.27 21.94
CA LEU B 1391 1.28 3.83 20.59
C LEU B 1391 1.61 5.35 20.60
N GLY B 1392 2.04 5.86 21.75
CA GLY B 1392 2.43 7.26 21.91
C GLY B 1392 1.45 8.19 22.61
N HIS B 1393 0.14 7.92 22.47
CA HIS B 1393 -0.92 8.75 23.07
C HIS B 1393 -0.85 8.84 24.58
N HIS B 1394 -0.96 10.06 25.11
CA HIS B 1394 -0.98 10.35 26.54
C HIS B 1394 -1.72 11.65 26.78
N LEU B 1395 -2.93 11.54 27.36
CA LEU B 1395 -3.80 12.68 27.66
C LEU B 1395 -4.15 12.73 29.13
N GLN B 1396 -4.38 13.94 29.64
CA GLN B 1396 -4.80 14.19 31.01
C GLN B 1396 -6.07 15.01 30.97
N TYR B 1397 -7.03 14.69 31.84
CA TYR B 1397 -8.34 15.34 31.90
C TYR B 1397 -8.54 16.09 33.20
N PHE B 1398 -9.15 17.29 33.11
CA PHE B 1398 -9.42 18.15 34.25
C PHE B 1398 -10.86 18.62 34.26
N TYR B 1399 -11.41 18.79 35.47
CA TYR B 1399 -12.81 19.14 35.73
C TYR B 1399 -12.89 20.43 36.53
N ALA B 1400 -12.85 21.58 35.83
CA ALA B 1400 -12.88 22.93 36.41
C ALA B 1400 -14.28 23.48 36.69
N ASP B 1401 -15.34 22.88 36.11
CA ASP B 1401 -16.71 23.32 36.32
C ASP B 1401 -17.24 22.80 37.67
N LEU B 1402 -17.50 23.71 38.63
CA LEU B 1402 -18.00 23.34 39.96
C LEU B 1402 -19.48 22.91 39.92
N HIS B 1403 -20.24 23.43 38.95
CA HIS B 1403 -21.66 23.11 38.76
C HIS B 1403 -21.86 21.81 38.01
N ASN B 1404 -20.91 21.43 37.15
CA ASN B 1404 -20.94 20.18 36.37
C ASN B 1404 -19.62 19.43 36.64
N PRO B 1405 -19.50 18.74 37.80
CA PRO B 1405 -18.21 18.11 38.15
C PRO B 1405 -17.73 16.92 37.30
N THR B 1406 -18.60 16.33 36.44
CA THR B 1406 -18.21 15.20 35.59
C THR B 1406 -17.85 15.66 34.16
N ARG B 1407 -17.97 16.97 33.90
CA ARG B 1407 -17.70 17.66 32.64
C ARG B 1407 -16.21 17.89 32.46
N VAL B 1408 -15.61 17.36 31.37
CA VAL B 1408 -14.19 17.54 31.04
C VAL B 1408 -14.09 18.95 30.46
N THR B 1409 -13.41 19.85 31.19
CA THR B 1409 -13.26 21.23 30.76
C THR B 1409 -11.92 21.50 30.05
N HIS B 1410 -10.85 20.80 30.48
CA HIS B 1410 -9.49 20.98 29.96
C HIS B 1410 -8.81 19.64 29.73
N VAL B 1411 -8.04 19.53 28.63
CA VAL B 1411 -7.31 18.34 28.22
C VAL B 1411 -5.83 18.72 28.01
N TYR B 1412 -4.91 18.02 28.70
CA TYR B 1412 -3.48 18.25 28.51
C TYR B 1412 -2.93 17.11 27.67
N ASN B 1413 -2.37 17.47 26.51
CA ASN B 1413 -1.77 16.53 25.56
C ASN B 1413 -0.25 16.49 25.77
N HIS B 1414 0.29 15.33 26.15
CA HIS B 1414 1.70 15.13 26.44
C HIS B 1414 2.62 15.10 25.21
N SER B 1415 2.09 14.70 24.04
CA SER B 1415 2.92 14.64 22.83
C SER B 1415 3.28 16.01 22.25
N ASN B 1416 2.48 17.07 22.54
CA ASN B 1416 2.76 18.43 22.07
C ASN B 1416 2.77 19.48 23.19
N SER B 1417 2.48 19.05 24.45
CA SER B 1417 2.45 19.88 25.67
C SER B 1417 1.41 21.02 25.63
N GLU B 1418 0.34 20.87 24.81
CA GLU B 1418 -0.68 21.90 24.70
C GLU B 1418 -1.98 21.54 25.44
N ILE B 1419 -2.67 22.58 25.95
CA ILE B 1419 -3.90 22.47 26.69
C ILE B 1419 -5.09 22.86 25.80
N THR B 1420 -6.11 22.01 25.78
CA THR B 1420 -7.35 22.20 25.01
C THR B 1420 -8.48 22.49 25.98
N SER B 1421 -9.16 23.63 25.78
CA SER B 1421 -10.28 24.07 26.59
C SER B 1421 -11.55 23.71 25.85
N LEU B 1422 -12.42 22.98 26.51
CA LEU B 1422 -13.67 22.49 25.94
C LEU B 1422 -14.82 23.37 26.38
N TYR B 1423 -15.56 23.92 25.41
CA TYR B 1423 -16.70 24.79 25.69
C TYR B 1423 -18.01 24.09 25.33
N TYR B 1424 -18.94 24.16 26.27
CA TYR B 1424 -20.24 23.51 26.20
C TYR B 1424 -21.36 24.53 26.22
N ASP B 1425 -22.43 24.24 25.47
CA ASP B 1425 -23.60 25.12 25.40
C ASP B 1425 -24.48 24.97 26.67
N LEU B 1426 -25.68 25.59 26.67
CA LEU B 1426 -26.60 25.56 27.82
C LEU B 1426 -27.30 24.22 28.02
N GLN B 1427 -27.20 23.29 27.04
CA GLN B 1427 -27.77 21.95 27.07
C GLN B 1427 -26.69 20.91 27.43
N GLY B 1428 -25.45 21.37 27.59
CA GLY B 1428 -24.30 20.54 27.94
C GLY B 1428 -23.53 19.95 26.78
N HIS B 1429 -23.91 20.32 25.53
CA HIS B 1429 -23.27 19.79 24.32
C HIS B 1429 -22.02 20.60 23.97
N LEU B 1430 -20.93 19.91 23.59
CA LEU B 1430 -19.68 20.55 23.18
C LEU B 1430 -19.92 21.31 21.88
N PHE B 1431 -19.63 22.62 21.86
CA PHE B 1431 -19.86 23.44 20.67
C PHE B 1431 -18.60 24.16 20.17
N ALA B 1432 -17.58 24.29 21.02
CA ALA B 1432 -16.34 24.99 20.69
C ALA B 1432 -15.15 24.49 21.50
N MET B 1433 -13.95 24.71 20.97
CA MET B 1433 -12.66 24.36 21.55
C MET B 1433 -11.65 25.50 21.35
N GLU B 1434 -10.72 25.62 22.29
CA GLU B 1434 -9.64 26.59 22.25
C GLU B 1434 -8.36 25.92 22.69
N SER B 1435 -7.28 26.11 21.92
CA SER B 1435 -5.98 25.54 22.21
C SER B 1435 -5.07 26.59 22.83
N SER B 1436 -4.10 26.15 23.67
CA SER B 1436 -3.10 27.03 24.28
C SER B 1436 -2.10 27.55 23.22
N SER B 1437 -2.07 26.89 22.03
CA SER B 1437 -1.24 27.25 20.89
C SER B 1437 -1.83 28.47 20.14
N GLY B 1438 -3.09 28.81 20.44
CA GLY B 1438 -3.81 29.92 19.81
C GLY B 1438 -4.90 29.50 18.85
N GLU B 1439 -4.97 28.21 18.52
CA GLU B 1439 -5.95 27.63 17.60
C GLU B 1439 -7.35 27.57 18.20
N GLU B 1440 -8.37 27.79 17.36
CA GLU B 1440 -9.79 27.77 17.74
C GLU B 1440 -10.56 26.81 16.85
N TYR B 1441 -11.42 25.99 17.46
CA TYR B 1441 -12.24 25.00 16.75
C TYR B 1441 -13.71 25.16 17.11
N TYR B 1442 -14.58 24.93 16.13
CA TYR B 1442 -16.02 25.08 16.29
C TYR B 1442 -16.68 23.75 15.96
N VAL B 1443 -17.26 23.12 16.99
CA VAL B 1443 -17.85 21.78 16.93
C VAL B 1443 -19.38 21.78 16.71
N ALA B 1444 -19.83 21.04 15.69
CA ALA B 1444 -21.24 20.83 15.38
C ALA B 1444 -21.65 19.54 16.13
N SER B 1445 -22.51 19.67 17.16
CA SER B 1445 -23.01 18.54 17.97
C SER B 1445 -24.49 18.28 17.71
N ASP B 1446 -24.90 17.00 17.68
CA ASP B 1446 -26.30 16.62 17.45
C ASP B 1446 -27.18 16.80 18.72
N ASN B 1447 -28.45 16.33 18.67
CA ASN B 1447 -29.43 16.43 19.76
C ASN B 1447 -29.07 15.63 21.03
N THR B 1448 -28.20 14.61 20.89
CA THR B 1448 -27.74 13.77 22.01
C THR B 1448 -26.41 14.29 22.60
N GLY B 1449 -25.81 15.26 21.90
CA GLY B 1449 -24.56 15.89 22.30
C GLY B 1449 -23.34 15.30 21.64
N THR B 1450 -23.57 14.50 20.59
CA THR B 1450 -22.54 13.80 19.82
C THR B 1450 -21.90 14.73 18.75
N PRO B 1451 -20.55 14.93 18.77
CA PRO B 1451 -19.92 15.77 17.75
C PRO B 1451 -19.91 15.12 16.37
N LEU B 1452 -20.50 15.84 15.39
CA LEU B 1452 -20.63 15.38 14.00
C LEU B 1452 -19.65 16.04 13.03
N ALA B 1453 -19.09 17.21 13.39
CA ALA B 1453 -18.15 17.97 12.56
C ALA B 1453 -17.35 19.00 13.38
N VAL B 1454 -16.12 19.33 12.91
CA VAL B 1454 -15.22 20.33 13.50
C VAL B 1454 -14.87 21.33 12.40
N PHE B 1455 -14.99 22.64 12.69
CA PHE B 1455 -14.67 23.74 11.76
C PHE B 1455 -13.53 24.57 12.32
N SER B 1456 -12.51 24.85 11.47
CA SER B 1456 -11.31 25.62 11.84
C SER B 1456 -11.58 27.09 12.16
N ILE B 1457 -10.54 27.80 12.64
CA ILE B 1457 -10.54 29.24 12.97
C ILE B 1457 -10.99 30.11 11.75
N ASN B 1458 -10.76 29.59 10.51
CA ASN B 1458 -11.11 30.23 9.24
C ASN B 1458 -12.41 29.69 8.60
N GLY B 1459 -13.26 29.07 9.42
CA GLY B 1459 -14.55 28.52 9.01
C GLY B 1459 -14.53 27.43 7.96
N LEU B 1460 -13.55 26.51 8.06
CA LEU B 1460 -13.39 25.41 7.11
C LEU B 1460 -13.57 24.08 7.84
N MET B 1461 -14.41 23.18 7.29
CA MET B 1461 -14.65 21.86 7.89
C MET B 1461 -13.40 21.00 7.74
N ILE B 1462 -12.76 20.69 8.87
CA ILE B 1462 -11.53 19.88 8.91
C ILE B 1462 -11.82 18.41 9.30
N LYS B 1463 -12.95 18.15 9.96
CA LYS B 1463 -13.39 16.81 10.37
C LYS B 1463 -14.91 16.67 10.25
N GLN B 1464 -15.37 15.51 9.76
CA GLN B 1464 -16.78 15.18 9.60
C GLN B 1464 -16.98 13.71 9.99
N LEU B 1465 -17.88 13.47 10.94
CA LEU B 1465 -18.20 12.13 11.45
C LEU B 1465 -19.65 11.74 11.16
N GLN B 1466 -19.86 10.45 10.84
CA GLN B 1466 -21.17 9.85 10.62
C GLN B 1466 -21.26 8.63 11.52
N TYR B 1467 -22.28 8.60 12.38
CA TYR B 1467 -22.50 7.52 13.35
C TYR B 1467 -23.77 6.76 13.03
N THR B 1468 -23.84 5.49 13.48
CA THR B 1468 -25.05 4.67 13.42
C THR B 1468 -25.88 5.17 14.62
N ALA B 1469 -27.16 4.78 14.71
CA ALA B 1469 -28.04 5.20 15.81
C ALA B 1469 -27.50 4.81 17.20
N TYR B 1470 -26.75 3.70 17.30
CA TYR B 1470 -26.16 3.24 18.56
C TYR B 1470 -24.70 3.76 18.77
N GLY B 1471 -24.31 4.73 17.95
CA GLY B 1471 -23.04 5.44 18.07
C GLY B 1471 -21.77 4.84 17.52
N GLU B 1472 -21.89 3.93 16.55
CA GLU B 1472 -20.71 3.35 15.92
C GLU B 1472 -20.35 4.20 14.71
N ILE B 1473 -19.09 4.65 14.61
CA ILE B 1473 -18.61 5.48 13.49
C ILE B 1473 -18.41 4.61 12.24
N TYR B 1474 -19.02 5.01 11.13
CA TYR B 1474 -18.87 4.33 9.83
C TYR B 1474 -18.19 5.24 8.81
N TYR B 1475 -18.06 6.54 9.13
CA TYR B 1475 -17.41 7.54 8.29
C TYR B 1475 -16.71 8.60 9.12
N ASP B 1476 -15.45 8.87 8.77
CA ASP B 1476 -14.59 9.87 9.39
C ASP B 1476 -13.71 10.44 8.28
N SER B 1477 -13.91 11.73 7.96
CA SER B 1477 -13.16 12.44 6.91
C SER B 1477 -11.70 12.71 7.29
N ASN B 1478 -11.39 12.85 8.60
CA ASN B 1478 -10.04 13.10 9.10
C ASN B 1478 -9.77 12.29 10.38
N PRO B 1479 -9.30 11.02 10.27
CA PRO B 1479 -9.05 10.21 11.49
C PRO B 1479 -7.89 10.70 12.37
N ASP B 1480 -6.98 11.50 11.80
CA ASP B 1480 -5.82 12.04 12.51
C ASP B 1480 -6.16 13.18 13.46
N PHE B 1481 -7.30 13.87 13.23
CA PHE B 1481 -7.78 14.94 14.10
C PHE B 1481 -8.53 14.24 15.23
N GLN B 1482 -7.85 14.09 16.38
CA GLN B 1482 -8.36 13.40 17.55
C GLN B 1482 -9.33 14.27 18.37
N LEU B 1483 -10.59 13.79 18.48
CA LEU B 1483 -11.65 14.42 19.27
C LEU B 1483 -11.83 13.61 20.54
N VAL B 1484 -11.70 14.28 21.68
CA VAL B 1484 -11.80 13.73 23.04
C VAL B 1484 -13.24 13.24 23.33
N ILE B 1485 -14.25 14.08 23.02
CA ILE B 1485 -15.66 13.78 23.26
C ILE B 1485 -16.28 13.08 22.05
N GLY B 1486 -16.99 11.99 22.33
CA GLY B 1486 -17.69 11.17 21.34
C GLY B 1486 -19.18 11.07 21.59
N PHE B 1487 -19.77 9.92 21.21
CA PHE B 1487 -21.20 9.59 21.30
C PHE B 1487 -21.82 9.89 22.68
N HIS B 1488 -22.92 10.69 22.69
CA HIS B 1488 -23.69 11.11 23.86
C HIS B 1488 -22.89 12.01 24.83
N GLY B 1489 -21.75 12.55 24.37
CA GLY B 1489 -20.90 13.44 25.14
C GLY B 1489 -19.83 12.79 26.00
N GLY B 1490 -19.74 11.46 25.95
CA GLY B 1490 -18.76 10.72 26.72
C GLY B 1490 -17.40 10.65 26.08
N LEU B 1491 -16.40 10.10 26.81
CA LEU B 1491 -15.04 9.95 26.28
C LEU B 1491 -14.93 8.70 25.41
N TYR B 1492 -14.86 8.88 24.08
CA TYR B 1492 -14.77 7.78 23.12
C TYR B 1492 -13.34 7.29 22.92
N ASP B 1493 -13.13 5.96 22.94
CA ASP B 1493 -11.81 5.37 22.68
C ASP B 1493 -11.81 4.53 21.38
N PRO B 1494 -11.16 5.03 20.29
CA PRO B 1494 -11.16 4.29 19.01
C PRO B 1494 -10.50 2.92 19.05
N LEU B 1495 -9.71 2.61 20.10
CA LEU B 1495 -9.07 1.29 20.23
C LEU B 1495 -10.07 0.27 20.79
N THR B 1496 -10.60 0.56 21.99
CA THR B 1496 -11.52 -0.29 22.76
C THR B 1496 -12.96 -0.29 22.24
N LYS B 1497 -13.37 0.78 21.50
CA LYS B 1497 -14.72 0.99 20.97
C LYS B 1497 -15.75 1.19 22.09
N LEU B 1498 -15.29 1.80 23.20
CA LEU B 1498 -16.11 2.12 24.36
C LEU B 1498 -16.20 3.61 24.56
N VAL B 1499 -17.36 4.08 25.04
CA VAL B 1499 -17.64 5.49 25.37
C VAL B 1499 -17.77 5.58 26.88
N HIS B 1500 -16.83 6.27 27.53
CA HIS B 1500 -16.79 6.43 28.97
C HIS B 1500 -17.59 7.60 29.50
N PHE B 1501 -18.40 7.29 30.50
CA PHE B 1501 -19.20 8.22 31.33
C PHE B 1501 -18.71 7.85 32.73
N THR B 1502 -18.51 8.84 33.59
CA THR B 1502 -17.89 8.67 34.92
C THR B 1502 -18.36 7.37 35.68
N GLN B 1503 -19.66 7.02 35.68
CA GLN B 1503 -20.10 5.80 36.38
C GLN B 1503 -20.18 4.53 35.52
N ARG B 1504 -20.50 4.65 34.22
CA ARG B 1504 -20.63 3.49 33.32
C ARG B 1504 -19.99 3.70 31.96
N ASP B 1505 -19.54 2.61 31.34
CA ASP B 1505 -18.99 2.57 29.98
C ASP B 1505 -20.02 1.95 29.03
N TYR B 1506 -20.08 2.47 27.82
CA TYR B 1506 -20.99 2.04 26.77
C TYR B 1506 -20.23 1.42 25.58
N ASP B 1507 -20.71 0.27 25.08
CA ASP B 1507 -20.14 -0.47 23.96
C ASP B 1507 -20.90 -0.09 22.70
N VAL B 1508 -20.23 0.67 21.79
CA VAL B 1508 -20.82 1.15 20.54
C VAL B 1508 -21.08 0.03 19.53
N LEU B 1509 -20.31 -1.07 19.61
CA LEU B 1509 -20.46 -2.20 18.70
C LEU B 1509 -21.68 -3.06 19.05
N ALA B 1510 -21.87 -3.37 20.33
CA ALA B 1510 -23.00 -4.16 20.82
C ALA B 1510 -24.27 -3.34 21.08
N GLY B 1511 -24.14 -2.02 21.18
CA GLY B 1511 -25.25 -1.11 21.43
C GLY B 1511 -25.84 -1.25 22.83
N ARG B 1512 -24.96 -1.49 23.83
CA ARG B 1512 -25.34 -1.68 25.23
C ARG B 1512 -24.23 -1.25 26.18
N TRP B 1513 -24.56 -1.18 27.48
CA TRP B 1513 -23.61 -0.86 28.54
C TRP B 1513 -22.75 -2.09 28.80
N THR B 1514 -21.48 -1.88 29.19
CA THR B 1514 -20.51 -2.94 29.49
C THR B 1514 -20.70 -3.53 30.90
N SER B 1515 -21.67 -2.99 31.67
CA SER B 1515 -21.96 -3.40 33.04
C SER B 1515 -23.40 -3.10 33.42
N PRO B 1516 -24.01 -3.82 34.39
CA PRO B 1516 -25.39 -3.52 34.76
C PRO B 1516 -25.47 -2.45 35.85
N ASP B 1517 -26.59 -1.73 35.95
CA ASP B 1517 -26.79 -0.75 37.02
C ASP B 1517 -27.64 -1.49 38.04
N TYR B 1518 -26.98 -2.09 39.03
CA TYR B 1518 -27.61 -2.92 40.06
C TYR B 1518 -28.51 -2.13 41.02
N THR B 1519 -28.42 -0.79 41.01
CA THR B 1519 -29.24 0.08 41.84
C THR B 1519 -30.68 0.16 41.29
N MET B 1520 -30.91 -0.35 40.04
CA MET B 1520 -32.23 -0.45 39.38
C MET B 1520 -33.18 -1.28 40.26
N TRP B 1521 -32.64 -2.29 40.96
CA TRP B 1521 -33.36 -3.22 41.82
C TRP B 1521 -34.02 -2.58 43.04
N LYS B 1522 -33.49 -1.44 43.51
CA LYS B 1522 -33.97 -0.70 44.67
C LYS B 1522 -35.39 -0.13 44.47
N ASN B 1523 -35.72 0.36 43.26
CA ASN B 1523 -37.01 0.99 42.98
C ASN B 1523 -37.90 0.27 41.98
N ILE B 1524 -37.44 -0.83 41.37
CA ILE B 1524 -38.23 -1.59 40.39
C ILE B 1524 -39.50 -2.21 41.03
N GLY B 1525 -39.46 -2.52 42.31
CA GLY B 1525 -40.62 -3.06 43.03
C GLY B 1525 -41.71 -2.03 43.20
N ARG B 1526 -41.29 -0.79 43.56
CA ARG B 1526 -42.18 0.35 43.78
C ARG B 1526 -42.73 0.85 42.44
N GLU B 1527 -41.87 0.90 41.40
CA GLU B 1527 -42.23 1.35 40.06
C GLU B 1527 -42.00 0.20 39.06
N PRO B 1528 -42.95 -0.76 38.96
CA PRO B 1528 -42.74 -1.88 38.03
C PRO B 1528 -42.91 -1.49 36.57
N ALA B 1529 -41.94 -1.85 35.75
CA ALA B 1529 -41.91 -1.52 34.33
C ALA B 1529 -41.03 -2.52 33.58
N PRO B 1530 -41.11 -2.63 32.21
CA PRO B 1530 -40.17 -3.49 31.48
C PRO B 1530 -38.76 -2.94 31.70
N PHE B 1531 -37.80 -3.84 31.95
CA PHE B 1531 -36.44 -3.43 32.23
C PHE B 1531 -35.44 -4.47 31.76
N ASN B 1532 -34.20 -4.02 31.56
CA ASN B 1532 -33.05 -4.81 31.16
C ASN B 1532 -31.86 -4.09 31.77
N LEU B 1533 -30.96 -4.83 32.40
CA LEU B 1533 -29.79 -4.29 33.10
C LEU B 1533 -28.73 -3.68 32.19
N TYR B 1534 -28.71 -4.09 30.90
CA TYR B 1534 -27.72 -3.63 29.93
C TYR B 1534 -28.24 -2.71 28.83
N MET B 1535 -29.54 -2.74 28.51
CA MET B 1535 -30.06 -1.96 27.39
C MET B 1535 -29.81 -0.47 27.54
N PHE B 1536 -29.51 0.16 26.40
CA PHE B 1536 -29.20 1.58 26.30
C PHE B 1536 -30.46 2.34 25.97
N LYS B 1537 -30.78 3.35 26.80
CA LYS B 1537 -31.92 4.28 26.67
C LYS B 1537 -33.22 3.59 26.19
N SER B 1538 -33.57 2.43 26.79
CA SER B 1538 -34.76 1.63 26.47
C SER B 1538 -34.89 1.27 24.97
N ASN B 1539 -33.73 1.12 24.31
CA ASN B 1539 -33.54 0.80 22.89
C ASN B 1539 -34.09 1.90 21.96
N ASN B 1540 -33.96 3.16 22.42
CA ASN B 1540 -34.32 4.39 21.72
C ASN B 1540 -33.11 5.32 21.95
N PRO B 1541 -32.00 5.12 21.21
CA PRO B 1541 -30.76 5.89 21.49
C PRO B 1541 -30.71 7.36 21.07
N LEU B 1542 -31.63 7.83 20.21
CA LEU B 1542 -31.59 9.22 19.74
C LEU B 1542 -32.59 10.15 20.45
N SER B 1543 -33.57 9.61 21.17
CA SER B 1543 -34.56 10.41 21.88
C SER B 1543 -34.23 10.51 23.36
N ASN B 1544 -34.65 11.61 24.00
CA ASN B 1544 -34.46 11.82 25.45
C ASN B 1544 -35.31 10.79 26.17
N GLU B 1545 -34.71 10.10 27.17
CA GLU B 1545 -35.36 9.04 27.92
C GLU B 1545 -36.70 9.47 28.49
N LEU B 1546 -37.74 8.62 28.28
CA LEU B 1546 -39.09 8.90 28.72
C LEU B 1546 -39.26 8.74 30.24
N ASP B 1547 -39.64 9.85 30.89
CA ASP B 1547 -39.79 10.02 32.33
C ASP B 1547 -40.99 10.95 32.59
N LEU B 1548 -41.51 10.96 33.84
CA LEU B 1548 -42.62 11.84 34.24
C LEU B 1548 -42.18 13.31 34.34
N LYS B 1549 -40.84 13.55 34.37
CA LYS B 1549 -40.21 14.88 34.41
C LYS B 1549 -40.44 15.64 33.10
N ASN B 1550 -40.87 14.92 32.03
CA ASN B 1550 -41.21 15.50 30.73
C ASN B 1550 -42.50 16.31 30.83
N TYR B 1551 -43.34 16.02 31.85
CA TYR B 1551 -44.59 16.74 32.15
C TYR B 1551 -44.24 17.78 33.23
N VAL B 1552 -44.06 19.03 32.80
CA VAL B 1552 -43.66 20.14 33.66
C VAL B 1552 -44.83 20.59 34.56
N THR B 1553 -44.78 20.21 35.85
CA THR B 1553 -45.84 20.52 36.83
C THR B 1553 -45.32 21.29 38.04
N ASP B 1554 -44.20 22.01 37.89
CA ASP B 1554 -43.60 22.81 38.94
C ASP B 1554 -42.90 24.05 38.39
N VAL B 1555 -43.09 25.20 39.07
CA VAL B 1555 -42.58 26.53 38.71
C VAL B 1555 -41.07 26.52 38.43
N LYS B 1556 -40.26 25.88 39.29
CA LYS B 1556 -38.80 25.83 39.13
C LYS B 1556 -38.39 25.19 37.80
N SER B 1557 -39.14 24.17 37.33
CA SER B 1557 -38.88 23.46 36.08
C SER B 1557 -39.27 24.29 34.86
N TRP B 1558 -40.34 25.10 34.96
CA TRP B 1558 -40.81 26.00 33.91
C TRP B 1558 -39.82 27.14 33.74
N LEU B 1559 -39.27 27.64 34.86
CA LEU B 1559 -38.30 28.73 34.90
C LEU B 1559 -36.98 28.34 34.23
N VAL B 1560 -36.52 27.08 34.45
CA VAL B 1560 -35.30 26.51 33.88
C VAL B 1560 -35.36 26.56 32.34
N MET B 1561 -36.53 26.20 31.75
CA MET B 1561 -36.81 26.22 30.32
C MET B 1561 -36.58 27.60 29.70
N PHE B 1562 -36.94 28.66 30.44
CA PHE B 1562 -36.82 30.06 30.01
C PHE B 1562 -35.42 30.65 30.24
N GLY B 1563 -34.48 29.81 30.68
CA GLY B 1563 -33.09 30.21 30.89
C GLY B 1563 -32.76 30.68 32.29
N PHE B 1564 -33.82 30.88 33.12
CA PHE B 1564 -33.70 31.33 34.51
C PHE B 1564 -32.86 30.34 35.33
N GLN B 1565 -31.95 30.88 36.14
CA GLN B 1565 -31.10 30.09 37.02
C GLN B 1565 -31.20 30.71 38.41
N LEU B 1566 -32.28 30.34 39.12
CA LEU B 1566 -32.58 30.81 40.49
C LEU B 1566 -31.49 30.45 41.48
N SER B 1567 -30.70 29.40 41.19
CA SER B 1567 -29.58 28.92 41.97
C SER B 1567 -28.46 29.98 42.08
N ASN B 1568 -28.35 30.86 41.05
CA ASN B 1568 -27.38 31.95 40.97
C ASN B 1568 -27.84 33.24 41.68
N ILE B 1569 -29.17 33.41 41.88
CA ILE B 1569 -29.71 34.63 42.50
C ILE B 1569 -30.25 34.38 43.92
N ILE B 1570 -30.69 33.14 44.24
CA ILE B 1570 -31.17 32.75 45.56
C ILE B 1570 -30.13 31.78 46.15
N PRO B 1571 -29.26 32.24 47.07
CA PRO B 1571 -28.25 31.33 47.65
C PRO B 1571 -28.86 30.12 48.36
N GLY B 1572 -28.35 28.94 48.02
CA GLY B 1572 -28.81 27.67 48.57
C GLY B 1572 -29.85 26.96 47.73
N PHE B 1573 -30.50 27.69 46.78
CA PHE B 1573 -31.53 27.13 45.90
C PHE B 1573 -30.99 25.97 45.07
N PRO B 1574 -31.71 24.81 45.01
CA PRO B 1574 -31.16 23.65 44.27
C PRO B 1574 -30.98 23.87 42.77
N ARG B 1575 -29.77 23.56 42.29
CA ARG B 1575 -29.39 23.68 40.89
C ARG B 1575 -29.92 22.46 40.14
N ALA B 1576 -30.51 22.68 38.94
CA ALA B 1576 -31.05 21.62 38.09
C ALA B 1576 -29.90 20.72 37.62
N LYS B 1577 -30.00 19.41 37.93
CA LYS B 1577 -28.99 18.41 37.59
C LYS B 1577 -28.92 18.16 36.08
N MET B 1578 -27.72 18.31 35.51
CA MET B 1578 -27.45 18.14 34.08
C MET B 1578 -26.53 16.92 33.89
N TYR B 1579 -27.11 15.72 34.09
CA TYR B 1579 -26.40 14.45 33.97
C TYR B 1579 -27.16 13.45 33.10
N PHE B 1580 -26.44 12.78 32.20
CA PHE B 1580 -27.00 11.70 31.39
C PHE B 1580 -26.85 10.44 32.25
N VAL B 1581 -25.62 10.19 32.74
CA VAL B 1581 -25.28 9.09 33.64
C VAL B 1581 -25.12 9.70 35.05
N SER B 1582 -25.80 9.12 36.05
CA SER B 1582 -25.76 9.55 37.45
C SER B 1582 -24.31 9.45 37.97
N PRO B 1583 -23.79 10.50 38.65
CA PRO B 1583 -22.39 10.43 39.14
C PRO B 1583 -22.18 9.44 40.27
N PRO B 1584 -20.92 9.02 40.58
CA PRO B 1584 -20.72 8.09 41.70
C PRO B 1584 -21.02 8.74 43.05
N TYR B 1585 -21.38 7.92 44.04
CA TYR B 1585 -21.74 8.30 45.40
C TYR B 1585 -20.80 9.35 46.01
N GLU B 1586 -19.48 9.12 45.99
CA GLU B 1586 -18.47 10.03 46.56
C GLU B 1586 -18.42 11.41 45.93
N LEU B 1587 -18.77 11.51 44.64
CA LEU B 1587 -18.76 12.76 43.90
C LEU B 1587 -19.93 13.66 44.34
N THR B 1588 -21.17 13.09 44.36
CA THR B 1588 -22.38 13.80 44.79
C THR B 1588 -22.29 14.15 46.29
N GLU B 1589 -21.62 13.29 47.07
CA GLU B 1589 -21.39 13.46 48.50
C GLU B 1589 -20.42 14.60 48.80
N SER B 1590 -19.36 14.76 47.97
CA SER B 1590 -18.35 15.80 48.11
C SER B 1590 -18.90 17.22 47.91
N GLN B 1591 -20.01 17.35 47.16
CA GLN B 1591 -20.68 18.62 46.88
C GLN B 1591 -21.69 18.96 47.99
N ALA B 1592 -22.44 17.95 48.45
CA ALA B 1592 -23.48 18.06 49.48
C ALA B 1592 -22.97 18.05 50.94
N CYS B 1593 -21.67 17.78 51.17
CA CYS B 1593 -21.09 17.74 52.52
C CYS B 1593 -20.96 19.14 53.15
N GLU B 1594 -20.88 20.20 52.32
CA GLU B 1594 -20.78 21.60 52.78
C GLU B 1594 -22.11 22.11 53.35
N ASN B 1595 -23.23 21.43 53.00
CA ASN B 1595 -24.59 21.73 53.49
C ASN B 1595 -24.67 21.36 54.98
N GLY B 1596 -25.45 22.14 55.74
CA GLY B 1596 -25.65 21.94 57.18
C GLY B 1596 -26.18 20.57 57.55
N GLN B 1597 -25.57 19.94 58.59
CA GLN B 1597 -25.93 18.61 59.12
C GLN B 1597 -27.34 18.65 59.76
N LEU B 1598 -27.99 17.48 59.90
CA LEU B 1598 -29.35 17.41 60.47
C LEU B 1598 -29.49 16.42 61.64
N ILE B 1599 -28.42 16.27 62.45
CA ILE B 1599 -28.38 15.36 63.61
C ILE B 1599 -29.26 15.88 64.77
N THR B 1600 -29.09 17.16 65.15
CA THR B 1600 -29.80 17.77 66.27
C THR B 1600 -31.10 18.47 65.82
N GLY B 1601 -31.97 18.76 66.78
CA GLY B 1601 -33.26 19.41 66.56
C GLY B 1601 -33.16 20.84 66.07
N VAL B 1602 -32.13 21.60 66.53
CA VAL B 1602 -31.92 22.99 66.13
C VAL B 1602 -31.45 23.06 64.67
N GLN B 1603 -30.75 22.02 64.21
CA GLN B 1603 -30.27 21.87 62.84
C GLN B 1603 -31.45 21.61 61.90
N GLN B 1604 -32.47 20.85 62.38
CA GLN B 1604 -33.69 20.54 61.65
C GLN B 1604 -34.64 21.74 61.59
N THR B 1605 -34.65 22.59 62.65
CA THR B 1605 -35.44 23.82 62.72
C THR B 1605 -34.93 24.80 61.67
N THR B 1606 -33.59 24.91 61.56
CA THR B 1606 -32.85 25.74 60.61
C THR B 1606 -33.19 25.35 59.17
N GLU B 1607 -33.25 24.03 58.87
CA GLU B 1607 -33.58 23.49 57.55
C GLU B 1607 -35.02 23.82 57.14
N ARG B 1608 -35.97 23.76 58.10
CA ARG B 1608 -37.37 24.11 57.88
C ARG B 1608 -37.50 25.58 57.45
N HIS B 1609 -36.68 26.47 58.07
CA HIS B 1609 -36.60 27.90 57.76
C HIS B 1609 -36.04 28.12 56.36
N ASN B 1610 -35.04 27.30 55.94
CA ASN B 1610 -34.44 27.38 54.62
C ASN B 1610 -35.40 26.92 53.54
N GLN B 1611 -36.02 25.73 53.71
CA GLN B 1611 -36.96 25.15 52.76
C GLN B 1611 -38.21 26.02 52.56
N ALA B 1612 -38.78 26.58 53.66
CA ALA B 1612 -39.95 27.45 53.60
C ALA B 1612 -39.65 28.75 52.86
N PHE B 1613 -38.40 29.22 52.93
CA PHE B 1613 -37.94 30.41 52.25
C PHE B 1613 -37.79 30.19 50.74
N MET B 1614 -37.38 28.98 50.33
CA MET B 1614 -37.18 28.62 48.93
C MET B 1614 -38.44 28.15 48.19
N ALA B 1615 -39.57 27.97 48.92
CA ALA B 1615 -40.83 27.53 48.34
C ALA B 1615 -41.42 28.58 47.40
N LEU B 1616 -41.85 28.14 46.20
CA LEU B 1616 -42.41 29.02 45.17
C LEU B 1616 -43.94 28.90 45.09
N GLU B 1617 -44.48 27.75 44.65
CA GLU B 1617 -45.91 27.48 44.53
C GLU B 1617 -46.52 27.35 45.93
N GLY B 1618 -47.79 27.75 46.05
CA GLY B 1618 -48.54 27.62 47.29
C GLY B 1618 -48.92 26.18 47.57
N GLN B 1619 -49.00 25.36 46.50
CA GLN B 1619 -49.33 23.94 46.53
C GLN B 1619 -48.61 23.20 45.41
N VAL B 1620 -47.94 22.09 45.77
CA VAL B 1620 -47.18 21.23 44.84
C VAL B 1620 -47.87 19.87 44.77
N ILE B 1621 -48.05 19.34 43.54
CA ILE B 1621 -48.67 18.03 43.31
C ILE B 1621 -47.68 16.89 43.57
N SER B 1622 -48.20 15.71 43.92
CA SER B 1622 -47.39 14.51 44.12
C SER B 1622 -47.36 13.77 42.77
N LYS B 1623 -46.35 14.09 41.93
CA LYS B 1623 -46.16 13.53 40.59
C LYS B 1623 -45.67 12.07 40.64
N ARG B 1624 -46.61 11.15 40.94
CA ARG B 1624 -46.35 9.71 41.06
C ARG B 1624 -47.51 8.92 40.48
N LEU B 1625 -47.23 8.12 39.44
CA LEU B 1625 -48.23 7.24 38.82
C LEU B 1625 -47.98 5.80 39.28
N HIS B 1626 -47.76 5.64 40.59
CA HIS B 1626 -47.51 4.38 41.29
C HIS B 1626 -47.99 4.50 42.73
N ALA B 1627 -48.35 3.38 43.35
CA ALA B 1627 -48.82 3.34 44.73
C ALA B 1627 -47.68 3.59 45.72
N SER B 1628 -47.99 4.29 46.82
CA SER B 1628 -47.03 4.60 47.87
C SER B 1628 -46.71 3.34 48.69
N ILE B 1629 -45.41 3.04 48.85
CA ILE B 1629 -44.90 1.88 49.58
C ILE B 1629 -44.20 2.35 50.86
N ARG B 1630 -44.42 1.63 51.99
CA ARG B 1630 -43.76 1.90 53.26
C ARG B 1630 -42.29 1.50 53.10
N GLU B 1631 -41.40 2.50 53.04
CA GLU B 1631 -39.96 2.29 52.85
C GLU B 1631 -39.17 2.39 54.14
N LYS B 1632 -38.25 1.43 54.36
CA LYS B 1632 -37.35 1.37 55.51
C LYS B 1632 -35.92 1.67 55.07
N ALA B 1633 -35.12 2.29 55.96
CA ALA B 1633 -33.74 2.70 55.69
C ALA B 1633 -32.79 1.51 55.41
N GLY B 1634 -32.29 1.45 54.17
CA GLY B 1634 -31.37 0.43 53.70
C GLY B 1634 -31.96 -0.96 53.49
N HIS B 1635 -33.31 -1.07 53.53
CA HIS B 1635 -34.07 -2.30 53.30
C HIS B 1635 -34.65 -2.21 51.89
N TRP B 1636 -34.07 -2.95 50.93
CA TRP B 1636 -34.52 -2.92 49.53
C TRP B 1636 -35.53 -4.03 49.22
N PHE B 1637 -35.26 -5.25 49.69
CA PHE B 1637 -36.05 -6.43 49.35
C PHE B 1637 -36.75 -7.11 50.51
N ALA B 1638 -37.45 -8.24 50.19
CA ALA B 1638 -38.17 -9.10 51.12
C ALA B 1638 -37.25 -9.53 52.24
N THR B 1639 -37.71 -9.34 53.48
CA THR B 1639 -36.94 -9.64 54.68
C THR B 1639 -36.90 -11.11 55.00
N SER B 1640 -35.68 -11.61 55.26
CA SER B 1640 -35.40 -12.98 55.69
C SER B 1640 -35.60 -13.04 57.21
N THR B 1641 -35.91 -14.23 57.75
CA THR B 1641 -36.11 -14.45 59.18
C THR B 1641 -34.82 -14.09 59.94
N PRO B 1642 -34.89 -13.23 60.98
CA PRO B 1642 -33.66 -12.86 61.68
C PRO B 1642 -33.24 -13.92 62.70
N ILE B 1643 -31.93 -14.00 62.98
CA ILE B 1643 -31.38 -14.88 64.01
C ILE B 1643 -31.74 -14.22 65.35
N ILE B 1644 -31.50 -12.90 65.46
CA ILE B 1644 -31.88 -12.04 66.59
C ILE B 1644 -33.38 -11.78 66.38
N GLY B 1645 -34.21 -12.62 67.00
CA GLY B 1645 -35.66 -12.58 66.84
C GLY B 1645 -36.36 -11.34 67.34
N LYS B 1646 -37.68 -11.25 67.09
CA LYS B 1646 -38.57 -10.17 67.51
C LYS B 1646 -38.66 -10.21 69.04
N GLY B 1647 -38.46 -9.07 69.68
CA GLY B 1647 -38.49 -8.96 71.14
C GLY B 1647 -37.16 -9.21 71.82
N ILE B 1648 -36.09 -9.40 71.03
CA ILE B 1648 -34.74 -9.65 71.54
C ILE B 1648 -33.89 -8.41 71.36
N MET B 1649 -33.20 -7.99 72.45
CA MET B 1649 -32.27 -6.86 72.42
C MET B 1649 -30.88 -7.43 72.19
N PHE B 1650 -30.12 -6.80 71.29
CA PHE B 1650 -28.77 -7.20 70.95
C PHE B 1650 -27.93 -5.94 70.84
N ALA B 1651 -26.82 -5.88 71.58
CA ALA B 1651 -25.94 -4.72 71.59
C ALA B 1651 -24.47 -5.13 71.59
N VAL B 1652 -23.68 -4.46 70.74
CA VAL B 1652 -22.24 -4.68 70.62
C VAL B 1652 -21.55 -3.34 70.96
N LYS B 1653 -21.09 -3.22 72.21
CA LYS B 1653 -20.41 -2.05 72.76
C LYS B 1653 -18.96 -2.40 73.03
N LYS B 1654 -18.02 -1.74 72.31
CA LYS B 1654 -16.57 -1.94 72.39
C LYS B 1654 -16.15 -3.43 72.21
N GLY B 1655 -16.85 -4.11 71.31
CA GLY B 1655 -16.62 -5.52 71.00
C GLY B 1655 -17.25 -6.51 71.97
N ARG B 1656 -18.00 -6.01 72.97
CA ARG B 1656 -18.65 -6.85 73.99
C ARG B 1656 -20.14 -6.98 73.71
N VAL B 1657 -20.65 -8.23 73.71
CA VAL B 1657 -22.05 -8.52 73.44
C VAL B 1657 -22.90 -8.58 74.72
N THR B 1658 -24.03 -7.87 74.69
CA THR B 1658 -25.04 -7.85 75.75
C THR B 1658 -26.40 -8.06 75.08
N THR B 1659 -27.24 -8.92 75.68
CA THR B 1659 -28.57 -9.24 75.17
C THR B 1659 -29.65 -8.99 76.20
N GLY B 1660 -30.86 -8.71 75.71
CA GLY B 1660 -32.04 -8.46 76.54
C GLY B 1660 -33.24 -9.19 75.98
N ILE B 1661 -34.28 -9.34 76.80
CA ILE B 1661 -35.49 -10.06 76.42
C ILE B 1661 -36.75 -9.24 76.77
N SER B 1662 -37.70 -9.17 75.82
CA SER B 1662 -39.00 -8.52 76.01
C SER B 1662 -40.09 -9.62 76.03
N SER B 1663 -41.33 -9.24 76.40
CA SER B 1663 -42.48 -10.15 76.52
C SER B 1663 -42.84 -10.95 75.25
N ILE B 1664 -42.77 -10.30 74.06
CA ILE B 1664 -43.16 -10.93 72.80
C ILE B 1664 -42.16 -12.00 72.30
N ALA B 1665 -40.88 -11.96 72.73
CA ALA B 1665 -39.85 -12.91 72.31
C ALA B 1665 -40.26 -14.37 72.53
N THR B 1666 -40.02 -15.22 71.52
CA THR B 1666 -40.31 -16.66 71.57
C THR B 1666 -39.25 -17.34 72.43
N ASP B 1667 -39.51 -18.57 72.92
CA ASP B 1667 -38.56 -19.32 73.74
C ASP B 1667 -37.24 -19.62 73.00
N ASP B 1668 -37.32 -19.96 71.70
CA ASP B 1668 -36.15 -20.26 70.86
C ASP B 1668 -35.28 -19.03 70.58
N SER B 1669 -35.89 -17.83 70.53
CA SER B 1669 -35.19 -16.55 70.33
C SER B 1669 -34.44 -16.17 71.61
N ARG B 1670 -35.00 -16.52 72.78
CA ARG B 1670 -34.42 -16.30 74.12
C ARG B 1670 -33.21 -17.23 74.33
N LYS B 1671 -33.22 -18.41 73.67
CA LYS B 1671 -32.14 -19.40 73.74
C LYS B 1671 -30.90 -18.85 73.04
N ILE B 1672 -31.07 -18.24 71.85
CA ILE B 1672 -30.00 -17.62 71.05
C ILE B 1672 -29.43 -16.42 71.82
N ALA B 1673 -30.31 -15.61 72.44
CA ALA B 1673 -29.96 -14.43 73.24
C ALA B 1673 -29.09 -14.80 74.44
N SER B 1674 -29.47 -15.89 75.15
CA SER B 1674 -28.76 -16.42 76.32
C SER B 1674 -27.35 -16.88 75.95
N VAL B 1675 -27.19 -17.54 74.78
CA VAL B 1675 -25.91 -18.04 74.28
C VAL B 1675 -25.01 -16.88 73.83
N LEU B 1676 -25.59 -15.87 73.14
CA LEU B 1676 -24.83 -14.72 72.63
C LEU B 1676 -24.40 -13.72 73.71
N ASN B 1677 -25.09 -13.68 74.86
CA ASN B 1677 -24.76 -12.77 75.97
C ASN B 1677 -23.34 -13.01 76.50
N SER B 1678 -22.60 -11.92 76.79
CA SER B 1678 -21.22 -11.86 77.31
C SER B 1678 -20.14 -12.32 76.30
N ALA B 1679 -20.51 -12.56 75.03
CA ALA B 1679 -19.55 -12.95 74.00
C ALA B 1679 -18.74 -11.73 73.52
N HIS B 1680 -17.57 -11.98 72.93
CA HIS B 1680 -16.72 -10.90 72.40
C HIS B 1680 -16.69 -11.00 70.87
N TYR B 1681 -17.20 -9.96 70.20
CA TYR B 1681 -17.26 -9.89 68.74
C TYR B 1681 -15.90 -9.53 68.13
N LEU B 1682 -15.54 -10.25 67.06
CA LEU B 1682 -14.30 -10.01 66.31
C LEU B 1682 -14.57 -8.88 65.34
N GLU B 1683 -14.35 -7.63 65.83
CA GLU B 1683 -14.56 -6.39 65.08
C GLU B 1683 -13.69 -6.33 63.83
N LYS B 1684 -14.28 -5.88 62.70
CA LYS B 1684 -13.65 -5.72 61.37
C LYS B 1684 -13.22 -7.05 60.73
N MET B 1685 -13.44 -8.18 61.42
CA MET B 1685 -13.04 -9.50 60.94
C MET B 1685 -14.26 -10.41 60.66
N HIS B 1686 -15.16 -9.91 59.81
CA HIS B 1686 -16.35 -10.61 59.32
C HIS B 1686 -16.21 -10.69 57.79
N TYR B 1687 -16.46 -11.87 57.21
CA TYR B 1687 -16.26 -12.06 55.77
C TYR B 1687 -17.40 -12.80 55.08
N SER B 1688 -17.44 -12.73 53.74
CA SER B 1688 -18.38 -13.47 52.91
C SER B 1688 -17.65 -14.73 52.46
N ILE B 1689 -17.90 -15.85 53.17
CA ILE B 1689 -17.26 -17.15 52.90
C ILE B 1689 -18.30 -18.09 52.31
N GLU B 1690 -18.08 -18.52 51.05
CA GLU B 1690 -18.97 -19.42 50.28
C GLU B 1690 -20.42 -18.90 50.25
N GLY B 1691 -20.55 -17.57 50.08
CA GLY B 1691 -21.84 -16.89 50.03
C GLY B 1691 -22.39 -16.47 51.38
N LYS B 1692 -21.89 -17.09 52.46
CA LYS B 1692 -22.31 -16.83 53.84
C LYS B 1692 -21.73 -15.54 54.43
N ASP B 1693 -22.59 -14.79 55.12
CA ASP B 1693 -22.31 -13.54 55.84
C ASP B 1693 -21.86 -14.01 57.22
N THR B 1694 -20.57 -14.41 57.34
CA THR B 1694 -20.02 -14.98 58.57
C THR B 1694 -19.50 -13.92 59.55
N HIS B 1695 -19.97 -14.01 60.80
CA HIS B 1695 -19.57 -13.14 61.90
C HIS B 1695 -19.01 -14.00 63.01
N TYR B 1696 -17.81 -13.65 63.51
CA TYR B 1696 -17.08 -14.41 64.52
C TYR B 1696 -17.17 -13.81 65.92
N PHE B 1697 -17.44 -14.68 66.90
CA PHE B 1697 -17.59 -14.34 68.32
C PHE B 1697 -16.81 -15.35 69.17
N VAL B 1698 -16.41 -14.94 70.38
CA VAL B 1698 -15.70 -15.80 71.33
C VAL B 1698 -16.33 -15.73 72.71
N LYS B 1699 -16.28 -16.84 73.46
CA LYS B 1699 -16.79 -16.90 74.82
C LYS B 1699 -15.76 -17.54 75.72
N ILE B 1700 -15.39 -16.84 76.80
CA ILE B 1700 -14.42 -17.32 77.78
C ILE B 1700 -15.16 -18.08 78.88
N GLY B 1701 -14.99 -19.40 78.86
CA GLY B 1701 -15.60 -20.34 79.79
C GLY B 1701 -15.95 -21.65 79.12
N SER B 1702 -16.89 -22.38 79.73
CA SER B 1702 -17.37 -23.68 79.23
C SER B 1702 -18.68 -23.54 78.46
N ALA B 1703 -18.84 -24.39 77.42
CA ALA B 1703 -20.04 -24.41 76.59
C ALA B 1703 -21.19 -25.19 77.24
N ASP B 1704 -20.90 -25.89 78.37
CA ASP B 1704 -21.83 -26.72 79.13
C ASP B 1704 -23.13 -26.00 79.50
N SER B 1705 -23.02 -24.78 80.06
CA SER B 1705 -24.17 -23.96 80.47
C SER B 1705 -25.06 -23.61 79.28
N ASP B 1706 -24.45 -23.23 78.14
CA ASP B 1706 -25.13 -22.86 76.91
C ASP B 1706 -25.71 -24.05 76.16
N LEU B 1707 -25.11 -25.25 76.34
CA LEU B 1707 -25.58 -26.49 75.72
C LEU B 1707 -26.86 -27.00 76.38
N VAL B 1708 -27.04 -26.72 77.69
CA VAL B 1708 -28.21 -27.05 78.48
C VAL B 1708 -29.38 -26.18 77.97
N THR B 1709 -29.10 -24.87 77.70
CA THR B 1709 -30.03 -23.87 77.18
C THR B 1709 -30.55 -24.30 75.80
N LEU B 1710 -29.65 -24.74 74.91
CA LEU B 1710 -29.98 -25.17 73.54
C LEU B 1710 -30.65 -26.55 73.51
N ALA B 1711 -30.56 -27.31 74.62
CA ALA B 1711 -31.09 -28.67 74.81
C ALA B 1711 -30.53 -29.65 73.78
N MET B 1712 -29.20 -29.62 73.60
CA MET B 1712 -28.44 -30.47 72.67
C MET B 1712 -27.00 -30.73 73.14
N THR B 1713 -26.34 -31.74 72.56
CA THR B 1713 -24.96 -32.12 72.90
C THR B 1713 -24.02 -31.92 71.71
N SER B 1714 -24.45 -32.37 70.51
CA SER B 1714 -23.70 -32.27 69.25
C SER B 1714 -24.67 -32.37 68.06
N GLY B 1715 -24.14 -32.08 66.87
CA GLY B 1715 -24.91 -32.12 65.63
C GLY B 1715 -25.67 -30.84 65.32
N ARG B 1716 -26.72 -30.94 64.50
CA ARG B 1716 -27.55 -29.81 64.07
C ARG B 1716 -28.99 -29.92 64.58
N LYS B 1717 -29.54 -28.79 65.06
CA LYS B 1717 -30.90 -28.67 65.58
C LYS B 1717 -31.59 -27.50 64.85
N VAL B 1718 -32.86 -27.71 64.44
CA VAL B 1718 -33.67 -26.70 63.75
C VAL B 1718 -34.69 -26.13 64.74
N LEU B 1719 -34.70 -24.81 64.91
CA LEU B 1719 -35.61 -24.11 65.81
C LEU B 1719 -36.95 -23.82 65.11
N ASP B 1720 -37.97 -23.36 65.88
CA ASP B 1720 -39.31 -23.02 65.37
C ASP B 1720 -39.28 -22.00 64.22
N SER B 1721 -38.33 -21.05 64.29
CA SER B 1721 -38.09 -20.00 63.29
C SER B 1721 -37.45 -20.56 62.00
N GLY B 1722 -36.76 -21.69 62.13
CA GLY B 1722 -36.05 -22.33 61.02
C GLY B 1722 -34.55 -22.19 61.13
N VAL B 1723 -34.08 -21.43 62.15
CA VAL B 1723 -32.66 -21.17 62.44
C VAL B 1723 -31.94 -22.47 62.81
N ASN B 1724 -30.82 -22.75 62.13
CA ASN B 1724 -29.97 -23.91 62.34
C ASN B 1724 -28.95 -23.66 63.46
N VAL B 1725 -28.87 -24.59 64.42
CA VAL B 1725 -27.91 -24.55 65.52
C VAL B 1725 -27.00 -25.77 65.35
N THR B 1726 -25.71 -25.53 65.05
CA THR B 1726 -24.73 -26.61 64.85
C THR B 1726 -23.64 -26.56 65.93
N VAL B 1727 -23.56 -27.64 66.72
CA VAL B 1727 -22.58 -27.80 67.79
C VAL B 1727 -21.54 -28.82 67.33
N SER B 1728 -20.25 -28.43 67.35
CA SER B 1728 -19.13 -29.26 66.94
C SER B 1728 -17.88 -29.02 67.80
N GLN B 1729 -16.95 -29.98 67.82
CA GLN B 1729 -15.69 -29.85 68.53
C GLN B 1729 -14.52 -29.99 67.53
N PRO B 1730 -14.18 -28.91 66.78
CA PRO B 1730 -13.10 -29.03 65.78
C PRO B 1730 -11.69 -28.91 66.35
N THR B 1731 -10.73 -29.49 65.60
CA THR B 1731 -9.31 -29.43 65.90
C THR B 1731 -8.69 -28.63 64.75
N LEU B 1732 -8.13 -27.46 65.07
CA LEU B 1732 -7.55 -26.58 64.05
C LEU B 1732 -6.03 -26.52 64.12
N LEU B 1733 -5.39 -26.62 62.94
CA LEU B 1733 -3.95 -26.52 62.77
C LEU B 1733 -3.66 -25.14 62.16
N ILE B 1734 -3.46 -24.14 63.04
CA ILE B 1734 -3.18 -22.76 62.65
C ILE B 1734 -1.75 -22.41 63.03
N ASN B 1735 -0.89 -22.19 62.01
CA ASN B 1735 0.53 -21.85 62.11
C ASN B 1735 1.30 -22.86 62.99
N GLY B 1736 1.17 -24.14 62.61
CA GLY B 1736 1.80 -25.28 63.28
C GLY B 1736 1.26 -25.66 64.65
N ARG B 1737 0.29 -24.89 65.20
CA ARG B 1737 -0.31 -25.12 66.51
C ARG B 1737 -1.59 -25.95 66.43
N THR B 1738 -1.76 -26.92 67.36
CA THR B 1738 -2.92 -27.80 67.42
C THR B 1738 -3.79 -27.46 68.64
N ARG B 1739 -5.10 -27.23 68.41
CA ARG B 1739 -6.06 -26.87 69.46
C ARG B 1739 -7.45 -27.44 69.19
N ARG B 1740 -8.09 -28.00 70.24
CA ARG B 1740 -9.44 -28.54 70.22
C ARG B 1740 -10.32 -27.65 71.12
N PHE B 1741 -11.52 -27.26 70.63
CA PHE B 1741 -12.45 -26.36 71.33
C PHE B 1741 -13.91 -26.64 70.93
N THR B 1742 -14.89 -26.07 71.68
CA THR B 1742 -16.31 -26.20 71.36
C THR B 1742 -16.75 -25.03 70.47
N ASN B 1743 -17.51 -25.34 69.40
CA ASN B 1743 -18.01 -24.37 68.44
C ASN B 1743 -19.53 -24.46 68.27
N ILE B 1744 -20.23 -23.33 68.51
CA ILE B 1744 -21.69 -23.22 68.33
C ILE B 1744 -21.93 -22.27 67.17
N GLU B 1745 -22.66 -22.73 66.15
CA GLU B 1745 -22.97 -21.96 64.95
C GLU B 1745 -24.47 -21.76 64.77
N PHE B 1746 -24.91 -20.49 64.66
CA PHE B 1746 -26.30 -20.10 64.40
C PHE B 1746 -26.39 -19.65 62.95
N GLN B 1747 -27.31 -20.24 62.15
CA GLN B 1747 -27.41 -19.93 60.74
C GLN B 1747 -28.84 -19.92 60.19
N TYR B 1748 -29.18 -18.87 59.42
CA TYR B 1748 -30.42 -18.74 58.66
C TYR B 1748 -30.05 -18.15 57.31
N SER B 1749 -30.35 -18.90 56.22
CA SER B 1749 -30.06 -18.54 54.84
C SER B 1749 -28.57 -18.16 54.70
N THR B 1750 -28.26 -16.92 54.27
CA THR B 1750 -26.89 -16.45 54.09
C THR B 1750 -26.24 -15.96 55.41
N LEU B 1751 -27.03 -15.64 56.45
CA LEU B 1751 -26.48 -15.20 57.73
C LEU B 1751 -25.93 -16.34 58.56
N LEU B 1752 -24.69 -16.19 59.03
CA LEU B 1752 -24.01 -17.18 59.85
C LEU B 1752 -23.30 -16.47 61.01
N ILE B 1753 -23.61 -16.87 62.24
CA ILE B 1753 -23.02 -16.36 63.47
C ILE B 1753 -22.26 -17.53 64.13
N ASN B 1754 -20.94 -17.39 64.29
CA ASN B 1754 -20.08 -18.43 64.85
C ASN B 1754 -19.52 -18.06 66.23
N ILE B 1755 -19.60 -19.00 67.21
CA ILE B 1755 -19.10 -18.80 68.58
C ILE B 1755 -18.03 -19.87 68.96
N ARG B 1756 -16.80 -19.41 69.26
CA ARG B 1756 -15.68 -20.24 69.68
C ARG B 1756 -15.53 -20.13 71.20
N TYR B 1757 -15.59 -21.27 71.90
CA TYR B 1757 -15.43 -21.32 73.35
C TYR B 1757 -13.95 -21.60 73.69
N GLY B 1758 -13.49 -20.98 74.78
CA GLY B 1758 -12.11 -21.10 75.27
C GLY B 1758 -12.01 -20.77 76.74
N LEU B 1759 -10.93 -21.20 77.40
CA LEU B 1759 -10.72 -20.96 78.82
C LEU B 1759 -9.64 -19.92 79.10
N THR B 1760 -8.63 -19.83 78.22
CA THR B 1760 -7.48 -18.93 78.33
C THR B 1760 -7.86 -17.47 77.97
N ALA B 1761 -6.99 -16.51 78.36
CA ALA B 1761 -7.19 -15.08 78.05
C ALA B 1761 -6.90 -14.80 76.57
N ASP B 1762 -6.01 -15.61 75.97
CA ASP B 1762 -5.59 -15.50 74.57
C ASP B 1762 -6.60 -16.08 73.55
N THR B 1763 -7.82 -16.48 74.00
CA THR B 1763 -8.89 -17.04 73.17
C THR B 1763 -9.29 -16.09 72.02
N LEU B 1764 -9.50 -14.79 72.34
CA LEU B 1764 -9.85 -13.75 71.38
C LEU B 1764 -8.71 -13.56 70.36
N ASP B 1765 -7.44 -13.54 70.83
CA ASP B 1765 -6.25 -13.38 70.01
C ASP B 1765 -6.00 -14.59 69.11
N GLU B 1766 -6.34 -15.80 69.59
CA GLU B 1766 -6.19 -17.06 68.86
C GLU B 1766 -7.21 -17.18 67.72
N GLU B 1767 -8.47 -16.76 67.98
CA GLU B 1767 -9.55 -16.76 66.98
C GLU B 1767 -9.28 -15.72 65.90
N LYS B 1768 -8.73 -14.54 66.31
CA LYS B 1768 -8.33 -13.46 65.40
C LYS B 1768 -7.25 -13.97 64.45
N ALA B 1769 -6.27 -14.74 64.98
CA ALA B 1769 -5.18 -15.35 64.23
C ALA B 1769 -5.67 -16.50 63.34
N ARG B 1770 -6.75 -17.20 63.76
CA ARG B 1770 -7.36 -18.31 63.03
C ARG B 1770 -8.15 -17.81 61.82
N VAL B 1771 -9.01 -16.77 62.01
CA VAL B 1771 -9.86 -16.20 60.96
C VAL B 1771 -9.04 -15.46 59.90
N LEU B 1772 -7.94 -14.77 60.31
CA LEU B 1772 -7.05 -14.04 59.39
C LEU B 1772 -6.22 -15.02 58.56
N ASP B 1773 -5.80 -16.15 59.16
CA ASP B 1773 -5.03 -17.20 58.47
C ASP B 1773 -5.91 -17.94 57.46
N GLN B 1774 -7.21 -18.14 57.79
CA GLN B 1774 -8.16 -18.80 56.89
C GLN B 1774 -8.50 -17.87 55.73
N ALA B 1775 -8.62 -16.55 56.01
CA ALA B 1775 -8.88 -15.52 55.00
C ALA B 1775 -7.67 -15.36 54.08
N ARG B 1776 -6.43 -15.44 54.65
CA ARG B 1776 -5.18 -15.36 53.90
C ARG B 1776 -5.10 -16.52 52.91
N GLN B 1777 -5.55 -17.73 53.32
CA GLN B 1777 -5.59 -18.93 52.49
C GLN B 1777 -6.60 -18.77 51.34
N ARG B 1778 -7.73 -18.09 51.60
CA ARG B 1778 -8.78 -17.82 50.60
C ARG B 1778 -8.27 -16.80 49.58
N ALA B 1779 -7.61 -15.71 50.06
CA ALA B 1779 -7.02 -14.66 49.22
C ALA B 1779 -5.93 -15.23 48.33
N LEU B 1780 -5.04 -16.08 48.89
CA LEU B 1780 -3.94 -16.70 48.16
C LEU B 1780 -4.43 -17.76 47.18
N GLY B 1781 -5.41 -18.56 47.61
CA GLY B 1781 -6.02 -19.61 46.80
C GLY B 1781 -6.68 -19.04 45.56
N SER B 1782 -7.43 -17.94 45.74
CA SER B 1782 -8.13 -17.21 44.68
C SER B 1782 -7.15 -16.50 43.74
N ALA B 1783 -6.15 -15.76 44.29
CA ALA B 1783 -5.16 -15.02 43.52
C ALA B 1783 -4.31 -15.89 42.60
N TRP B 1784 -3.85 -17.06 43.09
CA TRP B 1784 -3.06 -18.02 42.31
C TRP B 1784 -3.90 -18.66 41.20
N ALA B 1785 -5.18 -18.96 41.49
CA ALA B 1785 -6.14 -19.55 40.55
C ALA B 1785 -6.40 -18.60 39.38
N LYS B 1786 -6.61 -17.30 39.69
CA LYS B 1786 -6.83 -16.23 38.72
C LYS B 1786 -5.58 -16.00 37.87
N GLU B 1787 -4.38 -16.11 38.49
CA GLU B 1787 -3.08 -15.97 37.82
C GLU B 1787 -2.84 -17.13 36.84
N GLN B 1788 -3.22 -18.36 37.25
CA GLN B 1788 -3.11 -19.57 36.43
C GLN B 1788 -4.07 -19.49 35.23
N GLN B 1789 -5.29 -18.97 35.45
CA GLN B 1789 -6.32 -18.79 34.43
C GLN B 1789 -5.88 -17.76 33.37
N LYS B 1790 -5.15 -16.69 33.79
CA LYS B 1790 -4.62 -15.66 32.90
C LYS B 1790 -3.61 -16.27 31.93
N ALA B 1791 -2.73 -17.16 32.45
CA ALA B 1791 -1.72 -17.89 31.70
C ALA B 1791 -2.36 -18.86 30.70
N ARG B 1792 -3.46 -19.55 31.11
CA ARG B 1792 -4.23 -20.49 30.29
C ARG B 1792 -4.94 -19.79 29.13
N ASP B 1793 -5.54 -18.61 29.40
CA ASP B 1793 -6.29 -17.79 28.45
C ASP B 1793 -5.39 -17.01 27.47
N GLY B 1794 -4.12 -16.89 27.80
CA GLY B 1794 -3.16 -16.14 27.00
C GLY B 1794 -3.18 -14.66 27.31
N ARG B 1795 -3.80 -14.28 28.45
CA ARG B 1795 -3.92 -12.91 28.94
C ARG B 1795 -2.68 -12.53 29.75
N GLU B 1796 -2.43 -11.21 29.88
CA GLU B 1796 -1.31 -10.69 30.66
C GLU B 1796 -1.56 -10.89 32.16
N GLY B 1797 -0.53 -11.32 32.86
CA GLY B 1797 -0.57 -11.57 34.29
C GLY B 1797 -0.29 -10.33 35.13
N SER B 1798 -0.43 -10.44 36.46
CA SER B 1798 -0.18 -9.36 37.42
C SER B 1798 1.31 -9.03 37.51
N ARG B 1799 2.17 -10.04 37.30
CA ARG B 1799 3.63 -9.96 37.33
C ARG B 1799 4.19 -10.52 36.03
N VAL B 1800 5.41 -10.09 35.63
CA VAL B 1800 6.07 -10.58 34.43
C VAL B 1800 6.78 -11.92 34.77
N TRP B 1801 6.25 -13.02 34.24
CA TRP B 1801 6.80 -14.37 34.46
C TRP B 1801 7.62 -14.81 33.25
N THR B 1802 8.69 -15.58 33.49
CA THR B 1802 9.52 -16.12 32.42
C THR B 1802 8.81 -17.37 31.85
N ASP B 1803 9.29 -17.92 30.72
CA ASP B 1803 8.72 -19.10 30.07
C ASP B 1803 8.64 -20.32 31.01
N GLY B 1804 9.67 -20.47 31.85
CA GLY B 1804 9.76 -21.53 32.85
C GLY B 1804 8.81 -21.33 34.00
N GLU B 1805 8.70 -20.06 34.49
CA GLU B 1805 7.79 -19.65 35.57
C GLU B 1805 6.33 -19.82 35.14
N LYS B 1806 6.01 -19.41 33.88
CA LYS B 1806 4.67 -19.52 33.28
C LYS B 1806 4.25 -20.99 33.15
N GLN B 1807 5.17 -21.87 32.71
CA GLN B 1807 4.93 -23.30 32.56
C GLN B 1807 4.72 -23.99 33.91
N GLN B 1808 5.46 -23.55 34.94
CA GLN B 1808 5.37 -24.05 36.31
C GLN B 1808 3.97 -23.73 36.88
N LEU B 1809 3.48 -22.51 36.60
CA LEU B 1809 2.16 -22.01 37.01
C LEU B 1809 1.03 -22.80 36.34
N LEU B 1810 1.21 -23.17 35.05
CA LEU B 1810 0.23 -23.93 34.27
C LEU B 1810 0.07 -25.37 34.76
N ASN B 1811 1.20 -26.02 35.11
CA ASN B 1811 1.24 -27.42 35.55
C ASN B 1811 0.93 -27.64 37.03
N THR B 1812 1.58 -26.87 37.94
CA THR B 1812 1.40 -27.03 39.39
C THR B 1812 0.32 -26.12 39.98
N GLY B 1813 0.30 -24.86 39.55
CA GLY B 1813 -0.63 -23.85 40.05
C GLY B 1813 0.06 -22.77 40.86
N ARG B 1814 1.29 -23.05 41.30
CA ARG B 1814 2.15 -22.15 42.09
C ARG B 1814 3.50 -22.03 41.39
N VAL B 1815 4.27 -20.97 41.70
CA VAL B 1815 5.60 -20.73 41.15
C VAL B 1815 6.61 -20.73 42.32
N GLN B 1816 7.66 -21.59 42.21
CA GLN B 1816 8.72 -21.75 43.21
C GLN B 1816 9.50 -20.47 43.46
N GLY B 1817 9.59 -20.09 44.74
CA GLY B 1817 10.28 -18.88 45.17
C GLY B 1817 9.36 -17.68 45.29
N TYR B 1818 8.16 -17.77 44.68
CA TYR B 1818 7.14 -16.71 44.69
C TYR B 1818 6.00 -17.02 45.66
N GLU B 1819 5.58 -15.99 46.38
CA GLU B 1819 4.48 -16.03 47.35
C GLU B 1819 3.67 -14.74 47.23
N GLY B 1820 2.38 -14.83 47.56
CA GLY B 1820 1.47 -13.70 47.54
C GLY B 1820 1.54 -12.92 48.85
N TYR B 1821 1.71 -11.59 48.74
CA TYR B 1821 1.81 -10.67 49.86
C TYR B 1821 0.75 -9.59 49.73
N TYR B 1822 0.28 -9.04 50.87
CA TYR B 1822 -0.74 -7.99 50.90
C TYR B 1822 -0.13 -6.66 50.46
N VAL B 1823 -0.83 -5.92 49.56
CA VAL B 1823 -0.39 -4.59 49.10
C VAL B 1823 -0.78 -3.61 50.23
N LEU B 1824 -2.09 -3.45 50.49
CA LEU B 1824 -2.57 -2.65 51.62
C LEU B 1824 -2.46 -3.58 52.84
N PRO B 1825 -1.68 -3.21 53.89
CA PRO B 1825 -1.46 -4.13 55.03
C PRO B 1825 -2.74 -4.57 55.75
N VAL B 1826 -2.81 -5.87 56.05
CA VAL B 1826 -3.92 -6.55 56.72
C VAL B 1826 -4.08 -6.07 58.20
N GLU B 1827 -3.03 -5.46 58.77
CA GLU B 1827 -3.02 -4.94 60.15
C GLU B 1827 -3.88 -3.69 60.28
N GLN B 1828 -3.89 -2.85 59.22
CA GLN B 1828 -4.67 -1.60 59.15
C GLN B 1828 -5.97 -1.80 58.35
N TYR B 1829 -5.99 -2.81 57.47
CA TYR B 1829 -7.14 -3.14 56.64
C TYR B 1829 -7.53 -4.64 56.80
N PRO B 1830 -8.10 -5.06 57.97
CA PRO B 1830 -8.45 -6.49 58.14
C PRO B 1830 -9.61 -6.96 57.28
N GLU B 1831 -10.45 -6.04 56.80
CA GLU B 1831 -11.59 -6.32 55.93
C GLU B 1831 -11.19 -6.85 54.54
N LEU B 1832 -9.95 -6.57 54.11
CA LEU B 1832 -9.40 -7.00 52.82
C LEU B 1832 -8.56 -8.30 52.95
N ALA B 1833 -8.67 -9.00 54.09
CA ALA B 1833 -7.91 -10.23 54.39
C ALA B 1833 -8.14 -11.37 53.41
N ASP B 1834 -9.37 -11.50 52.86
CA ASP B 1834 -9.70 -12.58 51.91
C ASP B 1834 -9.78 -12.09 50.45
N SER B 1835 -9.40 -10.82 50.20
CA SER B 1835 -9.43 -10.20 48.87
C SER B 1835 -8.19 -10.58 48.05
N SER B 1836 -8.41 -11.25 46.91
CA SER B 1836 -7.35 -11.66 45.99
C SER B 1836 -6.75 -10.46 45.24
N SER B 1837 -7.54 -9.38 45.11
CA SER B 1837 -7.13 -8.14 44.44
C SER B 1837 -6.22 -7.24 45.30
N ASN B 1838 -5.94 -7.66 46.55
CA ASN B 1838 -5.02 -7.00 47.48
C ASN B 1838 -3.72 -7.84 47.61
N ILE B 1839 -3.57 -8.86 46.75
CA ILE B 1839 -2.42 -9.74 46.75
C ILE B 1839 -1.50 -9.45 45.56
N GLN B 1840 -0.18 -9.47 45.81
CA GLN B 1840 0.88 -9.29 44.80
C GLN B 1840 1.91 -10.41 44.94
N PHE B 1841 2.31 -11.01 43.82
CA PHE B 1841 3.30 -12.10 43.85
C PHE B 1841 4.70 -11.53 43.76
N LEU B 1842 5.53 -11.83 44.78
CA LEU B 1842 6.90 -11.36 44.89
C LEU B 1842 7.83 -12.47 45.36
N ARG B 1843 9.09 -12.43 44.90
CA ARG B 1843 10.13 -13.35 45.35
C ARG B 1843 10.76 -12.72 46.61
N GLN B 1844 11.58 -13.49 47.36
CA GLN B 1844 12.21 -13.00 48.60
C GLN B 1844 13.23 -11.84 48.41
N ASN B 1845 13.49 -11.44 47.15
CA ASN B 1845 14.38 -10.33 46.76
C ASN B 1845 13.69 -8.97 46.97
N GLU B 1846 12.33 -8.94 46.91
CA GLU B 1846 11.45 -7.77 47.09
C GLU B 1846 11.74 -6.63 46.13
N LEU C 4 46.81 -27.77 -99.12
CA LEU C 4 47.79 -26.69 -99.15
C LEU C 4 49.24 -27.20 -99.35
N VAL C 5 50.20 -26.71 -98.55
CA VAL C 5 51.63 -27.06 -98.65
C VAL C 5 52.16 -27.64 -97.32
N SER C 6 52.88 -28.78 -97.41
CA SER C 6 53.48 -29.49 -96.27
C SER C 6 55.02 -29.44 -96.30
N LEU C 7 55.65 -29.74 -95.14
CA LEU C 7 57.11 -29.77 -94.95
C LEU C 7 57.55 -31.17 -94.51
N ILE C 8 58.63 -31.69 -95.10
CA ILE C 8 59.17 -33.03 -94.78
C ILE C 8 60.52 -32.90 -94.09
N ARG C 9 60.76 -33.73 -93.05
CA ARG C 9 62.03 -33.78 -92.32
C ARG C 9 62.28 -35.20 -91.81
N GLY C 10 63.46 -35.73 -92.14
CA GLY C 10 63.88 -37.07 -91.74
C GLY C 10 65.39 -37.20 -91.66
N GLN C 11 65.86 -38.33 -91.11
CA GLN C 11 67.29 -38.64 -90.96
C GLN C 11 67.65 -39.90 -91.75
N VAL C 12 68.84 -39.90 -92.37
CA VAL C 12 69.39 -41.04 -93.11
C VAL C 12 70.64 -41.49 -92.34
N VAL C 13 70.62 -42.73 -91.82
CA VAL C 13 71.73 -43.32 -91.04
C VAL C 13 72.27 -44.62 -91.67
N THR C 14 73.40 -45.13 -91.14
CA THR C 14 74.03 -46.38 -91.57
C THR C 14 73.45 -47.55 -90.73
N THR C 15 74.12 -48.72 -90.73
CA THR C 15 73.67 -49.91 -89.97
C THR C 15 73.82 -49.69 -88.45
N ASP C 16 74.95 -49.09 -88.02
CA ASP C 16 75.25 -48.79 -86.62
C ASP C 16 74.40 -47.63 -86.05
N GLY C 17 74.20 -46.59 -86.85
CA GLY C 17 73.40 -45.43 -86.49
C GLY C 17 74.10 -44.09 -86.70
N THR C 18 75.02 -44.02 -87.69
CA THR C 18 75.79 -42.82 -88.01
C THR C 18 75.14 -42.07 -89.20
N PRO C 19 74.83 -40.77 -89.06
CA PRO C 19 74.20 -40.05 -90.19
C PRO C 19 75.16 -39.78 -91.37
N LEU C 20 74.65 -39.96 -92.61
CA LEU C 20 75.42 -39.78 -93.84
C LEU C 20 75.55 -38.33 -94.29
N VAL C 21 76.77 -37.94 -94.69
CA VAL C 21 77.15 -36.57 -95.10
C VAL C 21 76.84 -36.25 -96.59
N GLY C 22 76.32 -37.23 -97.34
CA GLY C 22 76.02 -37.00 -98.75
C GLY C 22 74.98 -37.90 -99.39
N VAL C 23 73.68 -37.53 -99.22
CA VAL C 23 72.55 -38.26 -99.80
C VAL C 23 71.72 -37.31 -100.68
N ASN C 24 71.55 -37.65 -101.99
CA ASN C 24 70.76 -36.84 -102.91
C ASN C 24 69.30 -37.29 -102.88
N VAL C 25 68.48 -36.61 -102.04
CA VAL C 25 67.06 -36.91 -101.86
C VAL C 25 66.28 -36.23 -103.00
N SER C 26 65.69 -37.05 -103.89
CA SER C 26 64.96 -36.59 -105.08
C SER C 26 63.47 -36.92 -105.03
N PHE C 27 62.65 -36.08 -105.70
CA PHE C 27 61.20 -36.26 -105.81
C PHE C 27 60.66 -35.70 -107.13
N VAL C 28 59.83 -36.48 -107.83
CA VAL C 28 59.21 -36.11 -109.10
C VAL C 28 57.70 -36.29 -108.97
N LYS C 29 56.94 -35.19 -109.10
CA LYS C 29 55.47 -35.18 -109.00
C LYS C 29 54.91 -34.03 -109.84
N TYR C 30 54.16 -34.38 -110.92
CA TYR C 30 53.54 -33.45 -111.88
C TYR C 30 54.63 -32.50 -112.48
N PRO C 31 54.47 -31.16 -112.71
CA PRO C 31 55.61 -30.40 -113.24
C PRO C 31 56.61 -29.94 -112.15
N LYS C 32 56.29 -30.21 -110.87
CA LYS C 32 57.09 -29.85 -109.70
C LYS C 32 58.34 -30.75 -109.55
N TYR C 33 59.52 -30.12 -109.43
CA TYR C 33 60.81 -30.78 -109.29
C TYR C 33 61.61 -30.15 -108.15
N GLY C 34 62.47 -30.96 -107.52
CA GLY C 34 63.32 -30.53 -106.42
C GLY C 34 64.21 -31.60 -105.85
N TYR C 35 65.33 -31.18 -105.23
CA TYR C 35 66.32 -32.07 -104.61
C TYR C 35 67.04 -31.41 -103.45
N THR C 36 67.54 -32.23 -102.50
CA THR C 36 68.29 -31.76 -101.34
C THR C 36 69.48 -32.70 -101.05
N ILE C 37 70.61 -32.12 -100.60
CA ILE C 37 71.82 -32.88 -100.27
C ILE C 37 72.07 -32.77 -98.77
N THR C 38 72.10 -33.92 -98.07
CA THR C 38 72.31 -34.01 -96.62
C THR C 38 73.69 -33.49 -96.21
N ARG C 39 73.77 -32.88 -95.01
CA ARG C 39 75.01 -32.34 -94.46
C ARG C 39 75.53 -33.28 -93.35
N GLN C 40 76.46 -32.80 -92.49
CA GLN C 40 77.08 -33.54 -91.37
C GLN C 40 76.02 -34.23 -90.48
N ASP C 41 74.90 -33.52 -90.19
CA ASP C 41 73.77 -33.98 -89.36
C ASP C 41 72.96 -35.13 -89.99
N GLY C 42 73.08 -35.28 -91.31
CA GLY C 42 72.37 -36.30 -92.08
C GLY C 42 70.87 -36.07 -92.19
N MET C 43 70.46 -34.79 -92.19
CA MET C 43 69.06 -34.38 -92.26
C MET C 43 68.67 -33.88 -93.64
N PHE C 44 67.45 -34.24 -94.08
CA PHE C 44 66.89 -33.79 -95.34
C PHE C 44 65.61 -32.98 -95.07
N ASP C 45 65.52 -31.79 -95.68
CA ASP C 45 64.38 -30.89 -95.53
C ASP C 45 63.81 -30.53 -96.90
N LEU C 46 62.54 -30.90 -97.14
CA LEU C 46 61.86 -30.64 -98.42
C LEU C 46 60.44 -30.09 -98.28
N VAL C 47 60.02 -29.30 -99.28
CA VAL C 47 58.71 -28.66 -99.36
C VAL C 47 57.91 -29.36 -100.48
N ALA C 48 56.69 -29.82 -100.16
CA ALA C 48 55.83 -30.52 -101.13
C ALA C 48 54.35 -30.23 -100.88
N ASN C 49 53.50 -30.50 -101.88
CA ASN C 49 52.05 -30.32 -101.79
C ASN C 49 51.44 -31.46 -100.96
N GLY C 50 50.67 -31.09 -99.94
CA GLY C 50 50.04 -32.03 -99.02
C GLY C 50 48.77 -32.67 -99.52
N GLY C 51 48.38 -33.76 -98.86
CA GLY C 51 47.18 -34.53 -99.15
C GLY C 51 47.46 -35.76 -99.99
N SER C 52 48.12 -35.56 -101.12
CA SER C 52 48.51 -36.59 -102.08
C SER C 52 49.77 -37.35 -101.61
N SER C 53 49.94 -38.61 -102.07
CA SER C 53 51.10 -39.44 -101.72
C SER C 53 52.32 -39.09 -102.58
N LEU C 54 53.48 -38.90 -101.93
CA LEU C 54 54.75 -38.54 -102.57
C LEU C 54 55.78 -39.65 -102.37
N THR C 55 56.53 -39.95 -103.44
CA THR C 55 57.59 -40.97 -103.44
C THR C 55 58.95 -40.27 -103.48
N LEU C 56 59.88 -40.70 -102.62
CA LEU C 56 61.20 -40.10 -102.50
C LEU C 56 62.33 -41.08 -102.77
N HIS C 57 63.27 -40.69 -103.64
CA HIS C 57 64.45 -41.47 -104.00
C HIS C 57 65.68 -40.95 -103.26
N PHE C 58 66.56 -41.87 -102.81
CA PHE C 58 67.78 -41.54 -102.08
C PHE C 58 69.01 -42.03 -102.85
N GLU C 59 69.99 -41.12 -103.10
CA GLU C 59 71.21 -41.42 -103.84
C GLU C 59 72.49 -41.29 -103.00
N ARG C 60 73.20 -42.42 -102.83
CA ARG C 60 74.47 -42.50 -102.10
C ARG C 60 75.47 -43.33 -102.89
N ALA C 61 76.77 -42.97 -102.81
CA ALA C 61 77.84 -43.63 -103.56
C ALA C 61 78.10 -45.11 -103.16
N PRO C 62 78.54 -45.50 -101.92
CA PRO C 62 78.79 -46.93 -101.65
C PRO C 62 77.58 -47.72 -101.13
N PHE C 63 76.37 -47.10 -101.09
CA PHE C 63 75.17 -47.76 -100.59
C PHE C 63 74.07 -47.93 -101.63
N MET C 64 73.23 -48.96 -101.43
CA MET C 64 72.10 -49.32 -102.31
C MET C 64 71.04 -48.22 -102.29
N SER C 65 70.74 -47.66 -103.48
CA SER C 65 69.76 -46.57 -103.65
C SER C 65 68.34 -47.07 -103.37
N GLN C 66 67.73 -46.54 -102.30
CA GLN C 66 66.39 -46.91 -101.85
C GLN C 66 65.33 -45.85 -102.14
N GLU C 67 64.07 -46.30 -102.24
CA GLU C 67 62.90 -45.46 -102.49
C GLU C 67 61.87 -45.66 -101.39
N ARG C 68 61.24 -44.55 -100.94
CA ARG C 68 60.20 -44.59 -99.91
C ARG C 68 59.03 -43.69 -100.26
N THR C 69 57.82 -44.26 -100.29
CA THR C 69 56.57 -43.56 -100.59
C THR C 69 55.87 -43.23 -99.27
N VAL C 70 55.34 -42.00 -99.14
CA VAL C 70 54.65 -41.53 -97.92
C VAL C 70 53.35 -40.78 -98.20
N TRP C 71 52.35 -40.97 -97.32
CA TRP C 71 51.05 -40.28 -97.35
C TRP C 71 51.28 -38.92 -96.67
N LEU C 72 51.21 -37.82 -97.41
CA LEU C 72 51.46 -36.48 -96.85
C LEU C 72 50.22 -35.85 -96.20
N PRO C 73 50.35 -35.24 -95.00
CA PRO C 73 49.20 -34.51 -94.42
C PRO C 73 48.94 -33.24 -95.23
N TRP C 74 47.71 -32.72 -95.22
CA TRP C 74 47.29 -31.57 -96.02
C TRP C 74 48.13 -30.28 -95.82
N ASN C 75 48.26 -29.78 -94.59
CA ASN C 75 49.01 -28.55 -94.29
C ASN C 75 49.69 -28.68 -92.92
N SER C 76 50.62 -29.65 -92.81
CA SER C 76 51.33 -29.94 -91.56
C SER C 76 52.82 -30.23 -91.79
N PHE C 77 53.60 -30.26 -90.70
CA PHE C 77 55.03 -30.55 -90.72
C PHE C 77 55.20 -32.06 -90.48
N TYR C 78 55.42 -32.81 -91.57
CA TYR C 78 55.58 -34.27 -91.57
C TYR C 78 57.00 -34.69 -91.19
N ALA C 79 57.12 -35.52 -90.14
CA ALA C 79 58.38 -36.07 -89.66
C ALA C 79 58.53 -37.50 -90.20
N MET C 80 59.32 -37.63 -91.28
CA MET C 80 59.57 -38.91 -91.98
C MET C 80 60.46 -39.86 -91.19
N ASP C 81 60.14 -41.17 -91.26
CA ASP C 81 60.86 -42.27 -90.59
C ASP C 81 62.35 -42.29 -90.96
N THR C 82 63.20 -42.73 -90.03
CA THR C 82 64.65 -42.83 -90.23
C THR C 82 64.98 -43.94 -91.24
N LEU C 83 65.84 -43.63 -92.22
CA LEU C 83 66.27 -44.54 -93.29
C LEU C 83 67.65 -45.17 -92.98
N VAL C 84 67.70 -46.51 -92.95
CA VAL C 84 68.92 -47.29 -92.69
C VAL C 84 69.46 -47.79 -94.05
N MET C 85 70.68 -47.34 -94.41
CA MET C 85 71.35 -47.70 -95.67
C MET C 85 72.12 -49.01 -95.57
N PRO C 93 61.96 -60.79 -93.43
CA PRO C 93 60.73 -60.96 -94.23
C PRO C 93 60.17 -62.38 -94.20
N SER C 94 60.99 -63.36 -93.75
CA SER C 94 60.63 -64.78 -93.68
C SER C 94 59.61 -65.12 -92.57
N CYS C 95 59.75 -64.51 -91.37
CA CYS C 95 58.90 -64.74 -90.21
C CYS C 95 57.44 -64.28 -90.41
N ASP C 96 56.49 -65.00 -89.78
CA ASP C 96 55.05 -64.71 -89.85
C ASP C 96 54.44 -64.65 -88.46
N LEU C 97 53.96 -63.46 -88.05
CA LEU C 97 53.34 -63.20 -86.76
C LEU C 97 51.82 -63.15 -86.89
N SER C 98 51.13 -64.24 -86.50
CA SER C 98 49.67 -64.33 -86.56
C SER C 98 49.09 -64.63 -85.17
N GLY C 99 48.11 -63.81 -84.77
CA GLY C 99 47.46 -63.92 -83.47
C GLY C 99 48.23 -63.32 -82.32
N PHE C 100 49.37 -62.67 -82.64
CA PHE C 100 50.26 -62.01 -81.67
C PHE C 100 49.63 -60.76 -81.08
N VAL C 101 49.94 -60.48 -79.80
CA VAL C 101 49.42 -59.33 -79.05
C VAL C 101 49.96 -58.01 -79.64
N ARG C 102 49.03 -57.18 -80.12
CA ARG C 102 49.32 -55.87 -80.71
C ARG C 102 49.51 -54.83 -79.59
N PRO C 103 50.37 -53.80 -79.77
CA PRO C 103 50.51 -52.80 -78.71
C PRO C 103 49.26 -51.92 -78.58
N ASP C 104 48.75 -51.80 -77.34
CA ASP C 104 47.58 -50.95 -77.07
C ASP C 104 48.00 -49.85 -76.08
N PRO C 105 48.64 -48.76 -76.58
CA PRO C 105 49.11 -47.73 -75.65
C PRO C 105 48.02 -46.79 -75.14
N VAL C 106 48.24 -46.27 -73.93
CA VAL C 106 47.38 -45.29 -73.27
C VAL C 106 48.17 -44.00 -73.30
N ILE C 107 47.70 -43.02 -74.11
CA ILE C 107 48.36 -41.73 -74.28
C ILE C 107 47.58 -40.64 -73.54
N ILE C 108 48.24 -40.04 -72.54
CA ILE C 108 47.68 -38.99 -71.67
C ILE C 108 48.45 -37.68 -71.90
N SER C 109 47.78 -36.69 -72.50
CA SER C 109 48.37 -35.37 -72.76
C SER C 109 48.04 -34.42 -71.61
N SER C 110 48.94 -33.45 -71.35
CA SER C 110 48.74 -32.45 -70.28
C SER C 110 47.49 -31.62 -70.63
N PRO C 111 46.58 -31.37 -69.66
CA PRO C 111 45.34 -30.63 -70.00
C PRO C 111 45.58 -29.22 -70.52
N LEU C 112 44.66 -28.74 -71.37
CA LEU C 112 44.72 -27.40 -71.95
C LEU C 112 44.48 -26.37 -70.85
N SER C 113 45.18 -25.24 -70.92
CA SER C 113 45.07 -24.17 -69.91
C SER C 113 43.75 -23.39 -70.09
N THR C 114 42.63 -24.03 -69.70
CA THR C 114 41.28 -23.46 -69.80
C THR C 114 40.84 -22.81 -68.49
N PHE C 115 41.51 -23.18 -67.39
CA PHE C 115 41.18 -22.68 -66.06
C PHE C 115 41.96 -21.44 -65.69
N PHE C 116 41.28 -20.51 -65.03
CA PHE C 116 41.79 -19.23 -64.54
C PHE C 116 41.08 -18.89 -63.21
N SER C 117 41.57 -17.86 -62.52
CA SER C 117 41.02 -17.43 -61.24
C SER C 117 40.06 -16.24 -61.38
N ASP C 118 38.95 -16.30 -60.62
CA ASP C 118 37.94 -15.24 -60.59
C ASP C 118 38.48 -14.01 -59.84
N ALA C 119 39.33 -14.25 -58.82
CA ALA C 119 39.98 -13.22 -58.00
C ALA C 119 41.48 -13.56 -57.84
N PRO C 120 42.34 -13.19 -58.83
CA PRO C 120 43.78 -13.50 -58.72
C PRO C 120 44.48 -12.90 -57.49
N GLY C 121 43.90 -11.84 -56.94
CA GLY C 121 44.38 -11.19 -55.72
C GLY C 121 44.09 -11.99 -54.47
N ARG C 122 42.96 -12.73 -54.45
CA ARG C 122 42.54 -13.58 -53.32
C ARG C 122 43.15 -14.98 -53.45
N ASN C 123 43.01 -15.62 -54.63
CA ASN C 123 43.55 -16.95 -54.86
C ASN C 123 44.31 -17.02 -56.19
N PRO C 124 45.66 -16.94 -56.17
CA PRO C 124 46.41 -16.99 -57.44
C PRO C 124 46.65 -18.40 -58.00
N ILE C 125 46.38 -19.44 -57.20
CA ILE C 125 46.60 -20.84 -57.53
C ILE C 125 45.44 -21.49 -58.32
N VAL C 126 45.76 -22.05 -59.51
CA VAL C 126 44.86 -22.80 -60.39
C VAL C 126 45.38 -24.27 -60.27
N PRO C 127 44.75 -25.12 -59.42
CA PRO C 127 45.30 -26.46 -59.15
C PRO C 127 45.46 -27.44 -60.32
N GLU C 128 44.41 -27.66 -61.13
CA GLU C 128 44.39 -28.66 -62.22
C GLU C 128 45.51 -28.51 -63.25
N THR C 129 45.75 -27.29 -63.71
CA THR C 129 46.78 -27.00 -64.69
C THR C 129 48.09 -26.54 -64.02
N GLN C 130 48.11 -26.48 -62.66
CA GLN C 130 49.25 -26.03 -61.85
C GLN C 130 49.80 -24.72 -62.42
N VAL C 131 48.88 -23.74 -62.54
CA VAL C 131 49.12 -22.43 -63.12
C VAL C 131 49.04 -21.37 -62.05
N LEU C 132 49.92 -20.37 -62.17
CA LEU C 132 49.92 -19.22 -61.29
C LEU C 132 49.24 -18.10 -62.05
N HIS C 133 48.19 -17.53 -61.44
CA HIS C 133 47.41 -16.45 -62.01
C HIS C 133 47.52 -15.24 -61.10
N GLU C 134 48.41 -14.30 -61.43
CA GLU C 134 48.63 -13.13 -60.60
C GLU C 134 48.15 -11.83 -61.25
N GLU C 135 48.04 -10.78 -60.44
CA GLU C 135 47.58 -9.46 -60.88
C GLU C 135 48.28 -8.31 -60.15
N ILE C 136 48.28 -7.14 -60.81
CA ILE C 136 48.76 -5.87 -60.28
C ILE C 136 47.72 -4.81 -60.63
N GLU C 137 47.07 -4.25 -59.60
CA GLU C 137 46.11 -3.17 -59.76
C GLU C 137 46.92 -1.87 -59.89
N VAL C 138 46.57 -1.03 -60.86
CA VAL C 138 47.26 0.22 -61.12
C VAL C 138 46.34 1.42 -60.80
N PRO C 139 46.85 2.52 -60.18
CA PRO C 139 45.98 3.65 -59.86
C PRO C 139 45.65 4.51 -61.07
N GLY C 140 44.40 4.99 -61.13
CA GLY C 140 43.91 5.83 -62.21
C GLY C 140 43.06 5.09 -63.23
N SER C 141 43.01 3.74 -63.14
CA SER C 141 42.27 2.88 -64.07
C SER C 141 41.78 1.59 -63.40
N SER C 142 40.69 1.02 -63.96
CA SER C 142 40.11 -0.25 -63.52
C SER C 142 40.76 -1.43 -64.30
N ILE C 143 41.64 -1.11 -65.29
CA ILE C 143 42.39 -2.10 -66.08
C ILE C 143 43.57 -2.58 -65.22
N LYS C 144 43.70 -3.90 -65.08
CA LYS C 144 44.74 -4.57 -64.28
C LYS C 144 45.82 -5.20 -65.19
N LEU C 145 46.98 -5.51 -64.58
CA LEU C 145 48.09 -6.21 -65.23
C LEU C 145 47.97 -7.65 -64.79
N ILE C 146 47.89 -8.58 -65.74
CA ILE C 146 47.68 -10.00 -65.44
C ILE C 146 48.87 -10.86 -65.83
N TYR C 147 49.19 -11.85 -64.97
CA TYR C 147 50.24 -12.85 -65.22
C TYR C 147 49.64 -14.25 -65.14
N LEU C 148 49.83 -15.04 -66.18
CA LEU C 148 49.38 -16.43 -66.25
C LEU C 148 50.61 -17.25 -66.57
N SER C 149 51.00 -18.17 -65.66
CA SER C 149 52.21 -18.99 -65.78
C SER C 149 52.22 -19.93 -67.00
N SER C 150 51.04 -20.20 -67.60
CA SER C 150 50.96 -21.04 -68.80
C SER C 150 51.36 -20.27 -70.07
N ARG C 151 51.37 -18.92 -70.00
CA ARG C 151 51.75 -18.03 -71.11
C ARG C 151 53.26 -17.75 -71.08
N THR C 152 54.07 -18.78 -70.82
CA THR C 152 55.53 -18.71 -70.70
C THR C 152 56.21 -19.88 -71.42
N ALA C 153 57.51 -19.75 -71.69
CA ALA C 153 58.32 -20.77 -72.34
C ALA C 153 58.56 -21.99 -71.44
N GLY C 154 58.65 -21.75 -70.13
CA GLY C 154 58.90 -22.77 -69.12
C GLY C 154 57.76 -23.77 -68.94
N TYR C 155 56.52 -23.36 -69.29
CA TYR C 155 55.33 -24.19 -69.19
C TYR C 155 55.25 -25.13 -70.39
N LYS C 156 55.90 -26.31 -70.25
CA LYS C 156 56.03 -27.34 -71.29
C LYS C 156 54.74 -28.14 -71.53
N SER C 157 54.69 -28.89 -72.66
CA SER C 157 53.59 -29.78 -73.03
C SER C 157 54.01 -31.19 -72.72
N LEU C 158 53.15 -31.92 -72.00
CA LEU C 158 53.47 -33.28 -71.56
C LEU C 158 52.66 -34.35 -72.28
N LEU C 159 53.28 -35.52 -72.47
CA LEU C 159 52.68 -36.67 -73.12
C LEU C 159 53.10 -37.95 -72.43
N LYS C 160 52.27 -38.46 -71.52
CA LYS C 160 52.54 -39.70 -70.80
C LYS C 160 52.04 -40.86 -71.66
N ILE C 161 52.97 -41.72 -72.10
CA ILE C 161 52.66 -42.87 -72.96
C ILE C 161 52.86 -44.17 -72.18
N ILE C 162 51.76 -44.82 -71.77
CA ILE C 162 51.80 -46.11 -71.07
C ILE C 162 51.67 -47.17 -72.17
N MET C 163 52.80 -47.79 -72.54
CA MET C 163 52.86 -48.78 -73.62
C MET C 163 52.65 -50.24 -73.16
N THR C 164 52.82 -50.52 -71.86
CA THR C 164 52.63 -51.87 -71.30
C THR C 164 51.82 -51.85 -70.01
N GLN C 165 51.02 -52.91 -69.78
CA GLN C 165 50.22 -53.06 -68.57
C GLN C 165 50.94 -54.01 -67.59
N SER C 166 50.26 -54.42 -66.48
CA SER C 166 50.81 -55.33 -65.47
C SER C 166 51.15 -56.72 -66.03
N LEU C 167 50.46 -57.14 -67.12
CA LEU C 167 50.68 -58.42 -67.81
C LEU C 167 51.42 -58.18 -69.12
N VAL C 168 52.57 -58.88 -69.30
CA VAL C 168 53.44 -58.76 -70.48
C VAL C 168 53.35 -60.06 -71.30
N PRO C 169 53.12 -59.99 -72.65
CA PRO C 169 53.09 -61.23 -73.46
C PRO C 169 54.42 -62.01 -73.36
N LEU C 170 54.32 -63.34 -73.20
CA LEU C 170 55.41 -64.30 -73.01
C LEU C 170 56.65 -64.11 -73.90
N ASN C 171 56.46 -63.93 -75.22
CA ASN C 171 57.57 -63.79 -76.17
C ASN C 171 58.11 -62.36 -76.34
N LEU C 172 57.49 -61.34 -75.71
CA LEU C 172 57.93 -59.95 -75.82
C LEU C 172 59.29 -59.71 -75.16
N ILE C 173 60.23 -59.07 -75.90
CA ILE C 173 61.59 -58.79 -75.43
C ILE C 173 61.95 -57.30 -75.51
N LYS C 174 61.48 -56.58 -76.56
CA LYS C 174 61.76 -55.16 -76.76
C LYS C 174 60.49 -54.36 -77.12
N VAL C 175 60.43 -53.10 -76.66
CA VAL C 175 59.34 -52.15 -76.93
C VAL C 175 59.96 -50.86 -77.49
N HIS C 176 59.53 -50.44 -78.69
CA HIS C 176 60.04 -49.23 -79.36
C HIS C 176 59.05 -48.09 -79.33
N LEU C 177 59.55 -46.85 -79.20
CA LEU C 177 58.72 -45.65 -79.15
C LEU C 177 59.16 -44.56 -80.13
N MET C 178 58.17 -43.92 -80.76
CA MET C 178 58.37 -42.81 -81.70
C MET C 178 57.36 -41.71 -81.37
N VAL C 179 57.83 -40.45 -81.32
CA VAL C 179 56.99 -39.28 -81.07
C VAL C 179 57.32 -38.23 -82.14
N ALA C 180 56.33 -37.82 -82.95
CA ALA C 180 56.51 -36.85 -84.01
C ALA C 180 55.67 -35.58 -83.77
N VAL C 181 56.34 -34.48 -83.39
CA VAL C 181 55.69 -33.19 -83.13
C VAL C 181 56.43 -32.08 -83.89
N GLU C 182 55.71 -31.38 -84.79
CA GLU C 182 56.17 -30.22 -85.57
C GLU C 182 57.59 -30.37 -86.16
N GLY C 183 57.87 -31.53 -86.76
CA GLY C 183 59.16 -31.81 -87.37
C GLY C 183 60.14 -32.59 -86.51
N HIS C 184 59.97 -32.54 -85.18
CA HIS C 184 60.82 -33.27 -84.24
C HIS C 184 60.50 -34.75 -84.32
N LEU C 185 61.51 -35.61 -84.22
CA LEU C 185 61.31 -37.05 -84.20
C LEU C 185 62.12 -37.68 -83.07
N PHE C 186 61.41 -38.02 -81.98
CA PHE C 186 62.01 -38.64 -80.82
C PHE C 186 61.87 -40.15 -80.94
N GLN C 187 63.00 -40.86 -80.77
CA GLN C 187 63.05 -42.31 -80.83
C GLN C 187 63.78 -42.88 -79.64
N LYS C 188 63.18 -43.90 -78.98
CA LYS C 188 63.74 -44.56 -77.81
C LYS C 188 63.34 -46.03 -77.78
N SER C 189 64.31 -46.90 -77.45
CA SER C 189 64.12 -48.34 -77.33
C SER C 189 64.11 -48.74 -75.85
N PHE C 190 63.19 -49.64 -75.49
CA PHE C 190 63.01 -50.12 -74.12
C PHE C 190 62.94 -51.65 -74.07
N LEU C 191 63.22 -52.23 -72.89
CA LEU C 191 63.14 -53.68 -72.66
C LEU C 191 61.76 -54.00 -72.09
N ALA C 192 61.20 -55.16 -72.46
CA ALA C 192 59.87 -55.63 -72.02
C ALA C 192 59.80 -55.74 -70.49
N SER C 193 58.95 -54.88 -69.88
CA SER C 193 58.76 -54.79 -68.44
C SER C 193 57.29 -54.50 -68.10
N PRO C 194 56.72 -55.07 -67.00
CA PRO C 194 55.32 -54.76 -66.65
C PRO C 194 55.15 -53.30 -66.23
N ASN C 195 54.05 -52.67 -66.70
CA ASN C 195 53.68 -51.26 -66.46
C ASN C 195 54.79 -50.29 -66.95
N LEU C 196 55.28 -50.52 -68.19
CA LEU C 196 56.31 -49.72 -68.84
C LEU C 196 55.70 -48.44 -69.40
N ALA C 197 56.24 -47.27 -68.99
CA ALA C 197 55.76 -45.96 -69.39
C ALA C 197 56.88 -44.94 -69.58
N TYR C 198 56.66 -43.96 -70.47
CA TYR C 198 57.58 -42.86 -70.75
C TYR C 198 56.78 -41.57 -70.90
N THR C 199 57.30 -40.47 -70.34
CA THR C 199 56.65 -39.17 -70.45
C THR C 199 57.50 -38.23 -71.33
N PHE C 200 56.95 -37.89 -72.50
CA PHE C 200 57.55 -37.01 -73.49
C PHE C 200 57.28 -35.55 -73.14
N ILE C 201 58.34 -34.72 -73.15
CA ILE C 201 58.26 -33.29 -72.83
C ILE C 201 58.54 -32.48 -74.11
N TRP C 202 57.57 -31.63 -74.50
CA TRP C 202 57.68 -30.77 -75.67
C TRP C 202 57.86 -29.32 -75.23
N ASP C 203 58.89 -28.67 -75.78
CA ASP C 203 59.27 -27.28 -75.49
C ASP C 203 58.51 -26.25 -76.34
N LYS C 204 57.46 -26.70 -77.05
CA LYS C 204 56.55 -25.91 -77.91
C LYS C 204 57.26 -25.23 -79.11
N THR C 205 58.35 -25.86 -79.60
CA THR C 205 59.10 -25.36 -80.77
C THR C 205 59.05 -26.36 -81.92
N ASP C 206 59.30 -25.88 -83.16
CA ASP C 206 59.37 -26.73 -84.34
C ASP C 206 60.79 -27.30 -84.48
N ALA C 207 61.04 -28.05 -85.56
CA ALA C 207 62.35 -28.67 -85.82
C ALA C 207 63.47 -27.64 -86.05
N TYR C 208 63.12 -26.41 -86.47
CA TYR C 208 64.05 -25.31 -86.73
C TYR C 208 64.29 -24.40 -85.51
N GLY C 209 63.71 -24.76 -84.37
CA GLY C 209 63.83 -24.02 -83.12
C GLY C 209 62.95 -22.79 -83.03
N GLN C 210 61.92 -22.71 -83.89
CA GLN C 210 60.96 -21.59 -83.92
C GLN C 210 59.71 -21.94 -83.10
N LYS C 211 59.16 -20.94 -82.38
CA LYS C 211 57.98 -21.09 -81.53
C LYS C 211 56.75 -21.51 -82.33
N VAL C 212 56.01 -22.50 -81.81
CA VAL C 212 54.79 -23.02 -82.42
C VAL C 212 53.61 -22.52 -81.59
N TYR C 213 52.66 -21.83 -82.23
CA TYR C 213 51.50 -21.24 -81.57
C TYR C 213 50.21 -22.02 -81.75
N GLY C 214 49.40 -22.04 -80.69
CA GLY C 214 48.09 -22.66 -80.69
C GLY C 214 48.03 -24.10 -80.22
N LEU C 215 47.50 -24.97 -81.09
CA LEU C 215 47.36 -26.41 -80.84
C LEU C 215 48.07 -27.19 -81.93
N SER C 216 48.82 -28.23 -81.52
CA SER C 216 49.55 -29.10 -82.44
C SER C 216 49.10 -30.55 -82.27
N ASP C 217 49.35 -31.35 -83.32
CA ASP C 217 49.05 -32.77 -83.33
C ASP C 217 50.36 -33.55 -83.25
N ALA C 218 50.40 -34.54 -82.35
CA ALA C 218 51.53 -35.43 -82.13
C ALA C 218 51.20 -36.82 -82.65
N VAL C 219 52.18 -37.45 -83.30
CA VAL C 219 52.02 -38.82 -83.81
C VAL C 219 52.88 -39.72 -82.93
N VAL C 220 52.22 -40.60 -82.17
CA VAL C 220 52.87 -41.54 -81.26
C VAL C 220 52.84 -42.94 -81.88
N SER C 221 54.02 -43.57 -82.03
CA SER C 221 54.14 -44.91 -82.58
C SER C 221 54.76 -45.84 -81.54
N VAL C 222 54.08 -46.95 -81.26
CA VAL C 222 54.53 -47.96 -80.29
C VAL C 222 54.73 -49.29 -81.02
N GLY C 223 55.95 -49.80 -80.95
CA GLY C 223 56.35 -51.07 -81.57
C GLY C 223 56.63 -52.17 -80.58
N PHE C 224 56.24 -53.41 -80.94
CA PHE C 224 56.44 -54.61 -80.13
C PHE C 224 57.34 -55.61 -80.84
N GLU C 225 58.57 -55.82 -80.31
CA GLU C 225 59.53 -56.77 -80.88
C GLU C 225 59.50 -58.07 -80.09
N TYR C 226 59.18 -59.18 -80.77
CA TYR C 226 59.07 -60.50 -80.17
C TYR C 226 60.34 -61.34 -80.36
N GLU C 227 60.56 -62.33 -79.46
CA GLU C 227 61.71 -63.24 -79.47
C GLU C 227 61.70 -64.18 -80.68
N THR C 228 60.49 -64.50 -81.20
CA THR C 228 60.29 -65.37 -82.37
C THR C 228 60.85 -64.74 -83.66
N CYS C 229 60.78 -63.39 -83.77
CA CYS C 229 61.29 -62.63 -84.91
C CYS C 229 61.94 -61.30 -84.47
N PRO C 230 63.28 -61.20 -84.40
CA PRO C 230 63.90 -59.93 -83.96
C PRO C 230 63.94 -58.84 -85.04
N SER C 231 63.81 -59.23 -86.33
CA SER C 231 63.84 -58.30 -87.46
C SER C 231 62.56 -57.46 -87.56
N LEU C 232 61.38 -58.11 -87.46
CA LEU C 232 60.08 -57.43 -87.58
C LEU C 232 59.56 -56.89 -86.24
N ILE C 233 58.96 -55.69 -86.28
CA ILE C 233 58.38 -54.99 -85.12
C ILE C 233 56.91 -54.67 -85.43
N LEU C 234 55.99 -55.05 -84.50
CA LEU C 234 54.55 -54.79 -84.63
C LEU C 234 54.26 -53.36 -84.19
N TRP C 235 54.00 -52.47 -85.17
CA TRP C 235 53.74 -51.04 -84.93
C TRP C 235 52.27 -50.66 -84.81
N GLU C 236 51.99 -49.62 -84.01
CA GLU C 236 50.67 -49.04 -83.80
C GLU C 236 50.77 -47.52 -83.70
N LYS C 237 50.10 -46.80 -84.60
CA LYS C 237 50.11 -45.33 -84.67
C LYS C 237 48.87 -44.71 -84.02
N ARG C 238 49.09 -43.72 -83.13
CA ARG C 238 48.05 -42.99 -82.39
C ARG C 238 48.31 -41.48 -82.44
N THR C 239 47.24 -40.66 -82.45
CA THR C 239 47.39 -39.21 -82.44
C THR C 239 47.02 -38.61 -81.09
N ALA C 240 47.73 -37.53 -80.71
CA ALA C 240 47.51 -36.81 -79.46
C ALA C 240 47.55 -35.31 -79.69
N LEU C 241 46.74 -34.56 -78.94
CA LEU C 241 46.69 -33.10 -79.04
C LEU C 241 47.56 -32.45 -77.96
N LEU C 242 48.55 -31.65 -78.39
CA LEU C 242 49.47 -30.92 -77.52
C LEU C 242 49.27 -29.42 -77.67
N GLN C 243 49.27 -28.70 -76.55
CA GLN C 243 49.10 -27.24 -76.55
C GLN C 243 50.45 -26.58 -76.81
N GLY C 244 50.47 -25.66 -77.77
CA GLY C 244 51.67 -24.90 -78.11
C GLY C 244 51.74 -23.61 -77.33
N PHE C 245 52.49 -22.64 -77.84
CA PHE C 245 52.64 -21.32 -77.23
C PHE C 245 51.35 -20.53 -77.35
N GLU C 246 51.00 -19.83 -76.26
CA GLU C 246 49.85 -18.94 -76.23
C GLU C 246 50.34 -17.60 -76.73
N LEU C 247 49.52 -16.88 -77.50
CA LEU C 247 49.91 -15.55 -78.02
C LEU C 247 49.93 -14.51 -76.90
N ASP C 248 50.88 -13.56 -76.98
CA ASP C 248 51.03 -12.46 -76.02
C ASP C 248 50.47 -11.19 -76.65
N PRO C 249 49.24 -10.76 -76.29
CA PRO C 249 48.65 -9.57 -76.93
C PRO C 249 49.30 -8.23 -76.57
N SER C 250 49.45 -7.97 -75.27
CA SER C 250 49.90 -6.71 -74.70
C SER C 250 51.39 -6.39 -74.80
N ASN C 251 52.29 -7.39 -74.76
CA ASN C 251 53.75 -7.19 -74.80
C ASN C 251 54.20 -6.24 -73.66
N LEU C 252 54.06 -6.69 -72.41
CA LEU C 252 54.42 -5.93 -71.22
C LEU C 252 55.22 -6.82 -70.27
N GLY C 253 56.26 -7.45 -70.80
CA GLY C 253 57.14 -8.34 -70.07
C GLY C 253 56.49 -9.60 -69.52
N GLY C 254 55.69 -10.26 -70.35
CA GLY C 254 54.99 -11.49 -70.00
C GLY C 254 53.64 -11.27 -69.37
N TRP C 255 53.34 -10.02 -69.03
CA TRP C 255 52.07 -9.62 -68.42
C TRP C 255 51.17 -9.04 -69.49
N SER C 256 49.87 -9.07 -69.25
CA SER C 256 48.87 -8.56 -70.18
C SER C 256 47.91 -7.56 -69.53
N LEU C 257 47.29 -6.70 -70.35
CA LEU C 257 46.27 -5.76 -69.91
C LEU C 257 44.97 -6.55 -69.83
N ASP C 258 44.31 -6.50 -68.68
CA ASP C 258 43.05 -7.14 -68.29
C ASP C 258 41.99 -7.21 -69.42
N LYS C 259 41.80 -6.09 -70.14
CA LYS C 259 40.77 -5.93 -71.19
C LYS C 259 41.26 -6.22 -72.61
N HIS C 260 42.57 -6.36 -72.80
CA HIS C 260 43.20 -6.58 -74.09
C HIS C 260 43.30 -8.05 -74.44
N HIS C 261 42.62 -8.47 -75.50
CA HIS C 261 42.60 -9.86 -75.96
C HIS C 261 43.31 -10.04 -77.30
N VAL C 262 43.46 -11.30 -77.73
CA VAL C 262 44.06 -11.69 -79.00
C VAL C 262 43.43 -12.98 -79.49
N LEU C 263 43.25 -13.10 -80.81
CA LEU C 263 42.71 -14.29 -81.42
C LEU C 263 43.76 -14.96 -82.30
N ASN C 264 44.02 -16.25 -82.04
CA ASN C 264 44.88 -17.11 -82.84
C ASN C 264 43.96 -17.59 -83.94
N VAL C 265 44.05 -16.98 -85.13
CA VAL C 265 43.18 -17.26 -86.27
C VAL C 265 43.34 -18.70 -86.81
N LYS C 266 44.57 -19.22 -86.86
CA LYS C 266 44.90 -20.55 -87.37
C LYS C 266 44.38 -21.68 -86.47
N SER C 267 44.62 -21.59 -85.16
CA SER C 267 44.21 -22.62 -84.21
C SER C 267 42.82 -22.41 -83.60
N GLY C 268 42.23 -21.23 -83.84
CA GLY C 268 40.91 -20.86 -83.33
C GLY C 268 40.88 -20.74 -81.82
N ILE C 269 41.78 -19.93 -81.24
CA ILE C 269 41.87 -19.74 -79.79
C ILE C 269 41.73 -18.26 -79.42
N LEU C 270 40.82 -17.96 -78.48
CA LEU C 270 40.64 -16.62 -77.95
C LEU C 270 41.46 -16.55 -76.64
N HIS C 271 42.56 -15.78 -76.66
CA HIS C 271 43.41 -15.58 -75.49
C HIS C 271 43.01 -14.25 -74.89
N LYS C 272 42.27 -14.29 -73.78
CA LYS C 272 41.82 -13.08 -73.12
C LYS C 272 42.88 -12.56 -72.15
N GLY C 273 43.02 -11.23 -72.06
CA GLY C 273 43.99 -10.57 -71.20
C GLY C 273 43.82 -10.85 -69.72
N ASN C 274 42.62 -11.29 -69.30
CA ASN C 274 42.31 -11.62 -67.90
C ASN C 274 42.75 -13.04 -67.50
N GLY C 275 43.30 -13.80 -68.44
CA GLY C 275 43.77 -15.17 -68.22
C GLY C 275 42.87 -16.25 -68.78
N GLU C 276 41.69 -15.85 -69.30
CA GLU C 276 40.70 -16.78 -69.87
C GLU C 276 41.08 -17.21 -71.27
N ASN C 277 41.19 -18.53 -71.48
CA ASN C 277 41.49 -19.10 -72.79
C ASN C 277 40.27 -19.84 -73.29
N GLN C 278 39.85 -19.52 -74.51
CA GLN C 278 38.71 -20.15 -75.17
C GLN C 278 39.20 -20.84 -76.44
N PHE C 279 39.38 -22.15 -76.35
CA PHE C 279 39.79 -22.98 -77.49
C PHE C 279 38.49 -23.24 -78.25
N LEU C 280 38.18 -22.33 -79.20
CA LEU C 280 36.95 -22.34 -80.00
C LEU C 280 36.72 -23.61 -80.81
N THR C 281 37.79 -24.27 -81.30
CA THR C 281 37.66 -25.53 -82.08
C THR C 281 37.26 -26.71 -81.19
N GLN C 282 37.48 -26.60 -79.86
CA GLN C 282 37.13 -27.61 -78.86
C GLN C 282 35.66 -27.50 -78.41
N GLN C 283 34.94 -26.50 -78.94
CA GLN C 283 33.52 -26.25 -78.68
C GLN C 283 32.67 -27.17 -79.57
N PRO C 284 31.32 -27.29 -79.39
CA PRO C 284 30.55 -28.20 -80.27
C PRO C 284 30.66 -27.90 -81.76
N ALA C 285 30.82 -28.97 -82.57
CA ALA C 285 30.93 -28.89 -84.04
C ALA C 285 29.66 -28.31 -84.66
N VAL C 286 29.83 -27.59 -85.78
CA VAL C 286 28.77 -26.89 -86.52
C VAL C 286 28.43 -27.64 -87.82
N ILE C 287 27.13 -27.69 -88.17
CA ILE C 287 26.62 -28.31 -89.40
C ILE C 287 26.03 -27.24 -90.34
N THR C 288 26.44 -27.26 -91.61
CA THR C 288 25.98 -26.34 -92.66
C THR C 288 25.66 -27.11 -93.96
N SER C 289 24.86 -26.50 -94.85
CA SER C 289 24.52 -27.06 -96.15
C SER C 289 25.47 -26.42 -97.18
N ILE C 290 26.26 -27.24 -97.89
CA ILE C 290 27.22 -26.74 -98.87
C ILE C 290 26.74 -26.93 -100.33
N MET C 291 25.71 -27.78 -100.54
CA MET C 291 25.09 -28.06 -101.85
C MET C 291 23.68 -28.63 -101.65
N GLY C 292 22.78 -28.30 -102.58
CA GLY C 292 21.38 -28.74 -102.55
C GLY C 292 20.44 -27.77 -101.86
N ASN C 293 19.14 -27.90 -102.15
CA ASN C 293 18.08 -27.06 -101.57
C ASN C 293 16.86 -27.86 -101.10
N GLY C 294 17.00 -29.19 -101.05
CA GLY C 294 15.93 -30.09 -100.63
C GLY C 294 14.95 -30.44 -101.73
N ARG C 295 15.23 -29.99 -102.97
CA ARG C 295 14.41 -30.21 -104.17
C ARG C 295 15.24 -30.88 -105.28
N ARG C 296 14.60 -31.78 -106.05
CA ARG C 296 15.24 -32.52 -107.14
C ARG C 296 15.37 -31.71 -108.41
N ARG C 297 16.51 -31.89 -109.11
CA ARG C 297 16.81 -31.25 -110.39
C ARG C 297 16.31 -32.16 -111.51
N SER C 298 16.20 -31.62 -112.74
CA SER C 298 15.81 -32.46 -113.88
C SER C 298 17.05 -33.26 -114.32
N ILE C 299 16.81 -34.46 -114.88
CA ILE C 299 17.84 -35.43 -115.29
C ILE C 299 18.90 -34.84 -116.28
N SER C 300 18.50 -33.87 -117.14
CA SER C 300 19.36 -33.23 -118.14
C SER C 300 20.47 -32.32 -117.58
N CYS C 301 20.37 -31.94 -116.27
CA CYS C 301 21.28 -31.06 -115.54
C CYS C 301 21.39 -29.64 -116.18
N PRO C 302 20.29 -28.86 -116.26
CA PRO C 302 20.40 -27.50 -116.82
C PRO C 302 20.89 -26.52 -115.74
N SER C 303 21.89 -25.68 -116.10
CA SER C 303 22.55 -24.70 -115.22
C SER C 303 23.16 -25.35 -113.96
N CYS C 304 23.78 -26.53 -114.14
CA CYS C 304 24.46 -27.30 -113.08
C CYS C 304 25.86 -26.74 -112.85
N ASN C 305 26.34 -25.90 -113.79
CA ASN C 305 27.65 -25.26 -113.75
C ASN C 305 27.59 -23.81 -113.24
N GLY C 306 27.68 -23.67 -111.93
CA GLY C 306 27.65 -22.39 -111.23
C GLY C 306 28.12 -22.52 -109.80
N LEU C 307 27.44 -21.84 -108.86
CA LEU C 307 27.79 -21.91 -107.44
C LEU C 307 27.21 -23.15 -106.79
N ALA C 308 27.97 -23.75 -105.86
CA ALA C 308 27.58 -24.97 -105.13
C ALA C 308 26.40 -24.78 -104.18
N GLU C 309 26.37 -23.68 -103.40
CA GLU C 309 25.30 -23.41 -102.43
C GLU C 309 23.96 -23.18 -103.12
N GLY C 310 22.96 -23.95 -102.71
CA GLY C 310 21.60 -23.87 -103.24
C GLY C 310 21.37 -24.56 -104.58
N ASN C 311 22.47 -25.08 -105.20
CA ASN C 311 22.43 -25.77 -106.49
C ASN C 311 21.76 -27.13 -106.34
N LYS C 312 20.64 -27.31 -107.05
CA LYS C 312 19.81 -28.52 -107.03
C LYS C 312 20.58 -29.81 -107.35
N LEU C 313 20.35 -30.84 -106.53
CA LEU C 313 20.92 -32.18 -106.69
C LEU C 313 19.77 -33.13 -107.03
N LEU C 314 20.09 -34.38 -107.38
CA LEU C 314 19.08 -35.39 -107.68
C LEU C 314 19.09 -36.47 -106.60
N ALA C 315 20.27 -37.11 -106.41
CA ALA C 315 20.50 -38.16 -105.43
C ALA C 315 22.01 -38.31 -105.15
N PRO C 316 22.55 -37.69 -104.08
CA PRO C 316 23.99 -37.86 -103.79
C PRO C 316 24.24 -39.21 -103.12
N VAL C 317 24.86 -40.15 -103.85
CA VAL C 317 25.11 -41.52 -103.37
C VAL C 317 26.58 -41.78 -103.02
N ALA C 318 27.50 -40.99 -103.59
CA ALA C 318 28.94 -41.16 -103.37
C ALA C 318 29.68 -39.83 -103.21
N LEU C 319 30.74 -39.83 -102.38
CA LEU C 319 31.59 -38.67 -102.11
C LEU C 319 33.05 -39.10 -102.05
N ALA C 320 33.95 -38.26 -102.61
CA ALA C 320 35.40 -38.47 -102.60
C ALA C 320 36.13 -37.13 -102.71
N VAL C 321 37.16 -36.93 -101.86
CA VAL C 321 37.97 -35.71 -101.87
C VAL C 321 39.21 -35.94 -102.75
N GLY C 322 39.39 -35.04 -103.72
CA GLY C 322 40.53 -35.07 -104.63
C GLY C 322 41.81 -34.56 -104.01
N ILE C 323 42.93 -34.75 -104.71
CA ILE C 323 44.27 -34.32 -104.30
C ILE C 323 44.40 -32.77 -104.25
N ASP C 324 43.47 -32.10 -104.97
CA ASP C 324 43.31 -30.65 -105.15
C ASP C 324 42.60 -30.00 -103.96
N GLY C 325 41.80 -30.80 -103.25
CA GLY C 325 40.96 -30.37 -102.14
C GLY C 325 39.51 -30.30 -102.57
N SER C 326 39.26 -30.63 -103.85
CA SER C 326 37.95 -30.66 -104.48
C SER C 326 37.10 -31.80 -103.97
N LEU C 327 35.78 -31.59 -103.90
CA LEU C 327 34.85 -32.63 -103.49
C LEU C 327 34.10 -33.14 -104.72
N PHE C 328 34.34 -34.42 -105.04
CA PHE C 328 33.66 -35.09 -106.15
C PHE C 328 32.35 -35.66 -105.62
N VAL C 329 31.25 -35.27 -106.26
CA VAL C 329 29.90 -35.66 -105.87
C VAL C 329 29.32 -36.64 -106.88
N GLY C 330 28.93 -37.80 -106.38
CA GLY C 330 28.27 -38.84 -107.15
C GLY C 330 26.79 -38.54 -107.14
N ASP C 331 26.39 -37.48 -107.86
CA ASP C 331 25.00 -37.02 -107.95
C ASP C 331 24.20 -37.86 -108.96
N PHE C 332 24.03 -39.16 -108.63
CA PHE C 332 23.31 -40.18 -109.38
C PHE C 332 23.68 -40.22 -110.88
N ASN C 333 22.95 -39.46 -111.73
CA ASN C 333 23.13 -39.40 -113.18
C ASN C 333 24.46 -38.75 -113.60
N TYR C 334 24.87 -37.70 -112.89
CA TYR C 334 26.09 -36.94 -113.18
C TYR C 334 27.07 -36.95 -112.01
N ILE C 335 28.37 -36.88 -112.33
CA ILE C 335 29.45 -36.77 -111.36
C ILE C 335 29.90 -35.31 -111.44
N ARG C 336 29.64 -34.55 -110.36
CA ARG C 336 29.92 -33.11 -110.28
C ARG C 336 31.08 -32.79 -109.33
N ARG C 337 32.05 -32.01 -109.80
CA ARG C 337 33.24 -31.61 -109.03
C ARG C 337 33.06 -30.22 -108.40
N ILE C 338 33.11 -30.16 -107.04
CA ILE C 338 33.03 -28.90 -106.30
C ILE C 338 34.47 -28.43 -106.11
N PHE C 339 34.84 -27.35 -106.78
CA PHE C 339 36.18 -26.76 -106.71
C PHE C 339 36.43 -26.05 -105.37
N PRO C 340 37.70 -25.85 -104.92
CA PRO C 340 37.92 -25.12 -103.65
C PRO C 340 37.35 -23.69 -103.67
N SER C 341 37.09 -23.15 -104.88
CA SER C 341 36.49 -21.83 -105.13
C SER C 341 34.96 -21.84 -104.88
N ARG C 342 34.42 -23.00 -104.41
CA ARG C 342 33.01 -23.27 -104.10
C ARG C 342 32.09 -23.24 -105.35
N ASN C 343 32.68 -23.48 -106.54
CA ASN C 343 31.95 -23.57 -107.81
C ASN C 343 31.88 -25.02 -108.30
N VAL C 344 30.74 -25.40 -108.93
CA VAL C 344 30.48 -26.76 -109.43
C VAL C 344 30.50 -26.82 -110.97
N THR C 345 31.10 -27.89 -111.52
CA THR C 345 31.14 -28.20 -112.95
C THR C 345 30.96 -29.72 -113.10
N SER C 346 30.03 -30.15 -113.97
CA SER C 346 29.79 -31.57 -114.25
C SER C 346 30.98 -32.13 -115.04
N ILE C 347 31.54 -33.27 -114.60
CA ILE C 347 32.72 -33.86 -115.24
C ILE C 347 32.43 -35.18 -115.98
N LEU C 348 31.41 -35.94 -115.54
CA LEU C 348 31.04 -37.21 -116.17
C LEU C 348 29.54 -37.51 -116.08
N GLU C 349 28.95 -37.97 -117.20
CA GLU C 349 27.55 -38.37 -117.27
C GLU C 349 27.49 -39.90 -117.38
N LEU C 350 26.66 -40.54 -116.54
CA LEU C 350 26.47 -41.98 -116.53
C LEU C 350 25.16 -42.30 -117.27
N ARG C 351 25.28 -42.87 -118.49
CA ARG C 351 24.15 -43.20 -119.37
C ARG C 351 23.21 -44.28 -118.82
N ASN C 352 23.67 -45.11 -117.86
CA ASN C 352 22.89 -46.21 -117.27
C ASN C 352 22.06 -45.80 -116.05
N LYS C 353 21.88 -44.49 -115.81
CA LYS C 353 21.11 -43.96 -114.69
C LYS C 353 19.80 -43.33 -115.15
N GLU C 354 18.69 -43.72 -114.51
CA GLU C 354 17.35 -43.21 -114.83
C GLU C 354 16.68 -42.62 -113.60
N PHE C 355 16.06 -41.42 -113.75
CA PHE C 355 15.32 -40.63 -112.73
C PHE C 355 14.52 -41.48 -111.72
N LYS C 356 13.95 -42.61 -112.18
CA LYS C 356 13.14 -43.56 -111.39
C LYS C 356 13.96 -44.27 -110.31
N HIS C 357 15.20 -44.67 -110.64
CA HIS C 357 16.12 -45.42 -109.76
C HIS C 357 17.07 -44.54 -108.92
N SER C 358 16.71 -43.25 -108.69
CA SER C 358 17.51 -42.29 -107.91
C SER C 358 17.86 -42.77 -106.50
N ASN C 359 16.86 -43.25 -105.74
CA ASN C 359 17.01 -43.75 -104.36
C ASN C 359 17.06 -45.29 -104.29
N ASN C 360 17.41 -45.95 -105.42
CA ASN C 360 17.50 -47.41 -105.51
C ASN C 360 18.89 -47.91 -105.06
N PRO C 361 18.96 -48.83 -104.06
CA PRO C 361 20.27 -49.32 -103.58
C PRO C 361 21.09 -50.12 -104.61
N ALA C 362 20.42 -50.73 -105.61
CA ALA C 362 21.08 -51.52 -106.66
C ALA C 362 21.87 -50.63 -107.63
N HIS C 363 21.39 -49.38 -107.82
CA HIS C 363 22.01 -48.37 -108.69
C HIS C 363 23.00 -47.45 -107.94
N LYS C 364 23.40 -47.84 -106.71
CA LYS C 364 24.36 -47.08 -105.92
C LYS C 364 25.78 -47.41 -106.39
N TYR C 365 26.58 -46.36 -106.66
CA TYR C 365 27.99 -46.48 -107.07
C TYR C 365 28.91 -45.85 -106.03
N TYR C 366 30.21 -46.16 -106.12
CA TYR C 366 31.22 -45.70 -105.16
C TYR C 366 32.37 -44.98 -105.85
N LEU C 367 32.86 -43.89 -105.23
CA LEU C 367 33.95 -43.07 -105.76
C LEU C 367 35.23 -43.27 -104.94
N ALA C 368 36.40 -43.01 -105.57
CA ALA C 368 37.72 -43.12 -104.96
C ALA C 368 38.75 -42.28 -105.73
N VAL C 369 39.64 -41.59 -104.99
CA VAL C 369 40.69 -40.77 -105.59
C VAL C 369 42.05 -41.40 -105.31
N ASP C 370 42.85 -41.61 -106.38
CA ASP C 370 44.20 -42.16 -106.30
C ASP C 370 45.15 -41.06 -105.80
N PRO C 371 45.92 -41.27 -104.71
CA PRO C 371 46.78 -40.19 -104.21
C PRO C 371 48.04 -39.92 -105.04
N VAL C 372 48.54 -40.91 -105.81
CA VAL C 372 49.73 -40.76 -106.67
C VAL C 372 49.40 -39.72 -107.77
N SER C 373 48.47 -40.08 -108.66
CA SER C 373 47.91 -39.24 -109.72
C SER C 373 46.47 -39.02 -109.26
N GLY C 374 45.98 -37.78 -109.31
CA GLY C 374 44.64 -37.42 -108.86
C GLY C 374 43.44 -38.00 -109.56
N SER C 375 43.59 -39.20 -110.17
CA SER C 375 42.57 -39.95 -110.91
C SER C 375 41.37 -40.33 -110.03
N LEU C 376 40.15 -40.13 -110.56
CA LEU C 376 38.91 -40.47 -109.89
C LEU C 376 38.36 -41.77 -110.49
N TYR C 377 38.17 -42.78 -109.62
CA TYR C 377 37.67 -44.10 -110.00
C TYR C 377 36.20 -44.24 -109.61
N VAL C 378 35.39 -44.73 -110.56
CA VAL C 378 33.94 -44.92 -110.39
C VAL C 378 33.65 -46.42 -110.48
N SER C 379 32.88 -46.96 -109.53
CA SER C 379 32.51 -48.38 -109.59
C SER C 379 31.02 -48.57 -109.46
N ASP C 380 30.36 -48.92 -110.57
CA ASP C 380 28.93 -49.16 -110.61
C ASP C 380 28.63 -50.64 -110.44
N THR C 381 27.87 -50.98 -109.40
CA THR C 381 27.45 -52.34 -109.04
C THR C 381 26.58 -52.93 -110.15
N ASN C 382 25.67 -52.11 -110.71
CA ASN C 382 24.74 -52.50 -111.77
C ASN C 382 25.41 -52.84 -113.11
N SER C 383 26.44 -52.05 -113.52
CA SER C 383 27.15 -52.27 -114.78
C SER C 383 28.25 -53.33 -114.70
N ARG C 384 28.58 -53.79 -113.47
CA ARG C 384 29.60 -54.80 -113.15
C ARG C 384 31.00 -54.43 -113.67
N ARG C 385 31.32 -53.11 -113.67
CA ARG C 385 32.60 -52.54 -114.14
C ARG C 385 33.13 -51.41 -113.25
N ILE C 386 34.41 -51.03 -113.48
CA ILE C 386 35.12 -49.95 -112.80
C ILE C 386 35.65 -48.99 -113.89
N TYR C 387 35.38 -47.69 -113.74
CA TYR C 387 35.76 -46.63 -114.67
C TYR C 387 36.73 -45.62 -114.06
N LYS C 388 37.46 -44.89 -114.92
CA LYS C 388 38.42 -43.84 -114.57
C LYS C 388 38.06 -42.62 -115.40
N VAL C 389 37.83 -41.47 -114.73
CA VAL C 389 37.50 -40.22 -115.40
C VAL C 389 38.74 -39.71 -116.14
N LYS C 390 38.61 -39.48 -117.46
CA LYS C 390 39.71 -39.02 -118.31
C LYS C 390 40.14 -37.59 -117.96
N SER C 391 39.23 -36.61 -118.14
CA SER C 391 39.51 -35.21 -117.83
C SER C 391 38.68 -34.78 -116.61
N LEU C 392 39.36 -34.27 -115.57
CA LEU C 392 38.70 -33.81 -114.34
C LEU C 392 38.20 -32.36 -114.46
N THR C 393 38.39 -31.73 -115.63
CA THR C 393 37.94 -30.37 -115.91
C THR C 393 36.57 -30.39 -116.63
N GLY C 394 36.25 -31.53 -117.23
CA GLY C 394 35.00 -31.73 -117.96
C GLY C 394 35.07 -31.28 -119.39
N THR C 395 35.00 -32.23 -120.33
CA THR C 395 35.04 -31.95 -121.78
C THR C 395 33.64 -31.64 -122.33
N LYS C 396 33.52 -31.41 -123.65
CA LYS C 396 32.26 -31.12 -124.34
C LYS C 396 31.30 -32.32 -124.25
N ASP C 397 31.83 -33.54 -124.56
CA ASP C 397 31.10 -34.80 -124.50
C ASP C 397 31.35 -35.43 -123.12
N LEU C 398 30.43 -35.19 -122.17
CA LEU C 398 30.52 -35.66 -120.79
C LEU C 398 30.15 -37.12 -120.61
N ALA C 399 29.31 -37.67 -121.50
CA ALA C 399 28.84 -39.06 -121.47
C ALA C 399 29.96 -40.08 -121.73
N GLY C 400 30.98 -39.67 -122.48
CA GLY C 400 32.13 -40.50 -122.81
C GLY C 400 33.46 -39.97 -122.31
N ASN C 401 33.48 -39.51 -121.04
CA ASN C 401 34.66 -38.97 -120.36
C ASN C 401 35.25 -40.00 -119.37
N SER C 402 34.91 -41.30 -119.56
CA SER C 402 35.38 -42.41 -118.73
C SER C 402 36.07 -43.51 -119.55
N GLU C 403 37.00 -44.22 -118.90
CA GLU C 403 37.78 -45.32 -119.48
C GLU C 403 37.69 -46.52 -118.52
N VAL C 404 37.42 -47.72 -119.05
CA VAL C 404 37.27 -48.95 -118.25
C VAL C 404 38.63 -49.38 -117.65
N VAL C 405 38.65 -49.61 -116.32
CA VAL C 405 39.83 -50.03 -115.55
C VAL C 405 39.75 -51.53 -115.29
N ALA C 406 38.56 -52.02 -114.86
CA ALA C 406 38.30 -53.42 -114.56
C ALA C 406 36.87 -53.82 -114.90
N GLY C 407 36.70 -55.05 -115.37
CA GLY C 407 35.42 -55.63 -115.75
C GLY C 407 35.11 -55.52 -117.23
N THR C 408 34.32 -56.49 -117.75
CA THR C 408 33.88 -56.52 -119.15
C THR C 408 32.44 -56.04 -119.24
N GLY C 409 31.67 -56.29 -118.18
CA GLY C 409 30.26 -55.92 -118.08
C GLY C 409 29.38 -57.06 -117.63
N GLU C 410 29.91 -58.31 -117.69
CA GLU C 410 29.17 -59.52 -117.31
C GLU C 410 29.46 -59.98 -115.89
N GLN C 411 28.39 -60.41 -115.18
CA GLN C 411 28.44 -60.92 -113.81
C GLN C 411 28.91 -62.38 -113.85
N CYS C 412 30.06 -62.67 -113.21
CA CYS C 412 30.61 -64.02 -113.15
C CYS C 412 30.02 -64.84 -112.00
N LEU C 413 29.83 -66.16 -112.23
CA LEU C 413 29.27 -67.12 -111.27
C LEU C 413 30.12 -67.28 -110.00
N PRO C 414 29.51 -67.60 -108.83
CA PRO C 414 30.30 -67.71 -107.58
C PRO C 414 31.45 -68.72 -107.60
N PHE C 415 31.31 -69.82 -108.35
CA PHE C 415 32.32 -70.86 -108.42
C PHE C 415 32.95 -70.95 -109.82
N ASP C 416 33.64 -69.86 -110.22
CA ASP C 416 34.31 -69.71 -111.50
C ASP C 416 35.63 -70.50 -111.51
N GLU C 417 35.92 -71.20 -112.62
CA GLU C 417 37.14 -72.00 -112.79
C GLU C 417 38.37 -71.10 -112.97
N ALA C 418 38.28 -70.10 -113.88
CA ALA C 418 39.34 -69.12 -114.17
C ALA C 418 39.47 -68.05 -113.07
N ARG C 419 38.62 -68.15 -112.03
CA ARG C 419 38.53 -67.26 -110.85
C ARG C 419 38.22 -65.80 -111.26
N CYS C 420 37.20 -65.64 -112.14
CA CYS C 420 36.69 -64.38 -112.68
C CYS C 420 37.78 -63.51 -113.37
N GLY C 421 38.77 -64.17 -113.97
CA GLY C 421 39.87 -63.53 -114.69
C GLY C 421 41.07 -63.13 -113.87
N ASP C 422 41.23 -63.71 -112.65
CA ASP C 422 42.35 -63.44 -111.75
C ASP C 422 43.68 -63.91 -112.33
N GLY C 423 44.71 -63.08 -112.17
CA GLY C 423 46.06 -63.35 -112.67
C GLY C 423 46.36 -62.61 -113.95
N GLY C 424 45.30 -62.30 -114.72
CA GLY C 424 45.39 -61.58 -115.98
C GLY C 424 45.02 -60.11 -115.85
N LYS C 425 44.89 -59.42 -117.01
CA LYS C 425 44.55 -58.00 -117.09
C LYS C 425 43.14 -57.74 -116.54
N ALA C 426 43.00 -56.66 -115.74
CA ALA C 426 41.75 -56.25 -115.09
C ALA C 426 40.64 -55.92 -116.07
N VAL C 427 40.97 -55.28 -117.21
CA VAL C 427 40.05 -54.89 -118.29
C VAL C 427 39.36 -56.15 -118.87
N ASP C 428 40.13 -57.23 -119.10
CA ASP C 428 39.66 -58.51 -119.65
C ASP C 428 38.93 -59.39 -118.62
N ALA C 429 39.12 -59.11 -117.31
CA ALA C 429 38.49 -59.85 -116.22
C ALA C 429 37.00 -59.52 -116.07
N THR C 430 36.28 -60.33 -115.28
CA THR C 430 34.84 -60.17 -115.02
C THR C 430 34.61 -59.91 -113.53
N LEU C 431 33.60 -59.10 -113.19
CA LEU C 431 33.30 -58.76 -111.79
C LEU C 431 31.93 -59.27 -111.36
N MET C 432 31.82 -59.68 -110.08
CA MET C 432 30.57 -60.18 -109.51
C MET C 432 29.58 -59.04 -109.25
N SER C 433 29.98 -58.06 -108.42
CA SER C 433 29.23 -56.84 -108.06
C SER C 433 30.16 -55.83 -107.36
N PRO C 434 30.87 -54.97 -108.12
CA PRO C 434 31.80 -54.01 -107.49
C PRO C 434 31.11 -52.98 -106.59
N ARG C 435 31.60 -52.86 -105.34
CA ARG C 435 31.08 -51.94 -104.33
C ARG C 435 32.13 -50.87 -103.98
N GLY C 436 32.44 -50.68 -102.69
CA GLY C 436 33.40 -49.69 -102.22
C GLY C 436 34.79 -49.82 -102.80
N ILE C 437 35.39 -48.69 -103.21
CA ILE C 437 36.76 -48.62 -103.77
C ILE C 437 37.64 -47.72 -102.92
N ALA C 438 38.92 -48.12 -102.77
CA ALA C 438 39.95 -47.41 -102.03
C ALA C 438 41.30 -47.59 -102.72
N VAL C 439 42.07 -46.50 -102.86
CA VAL C 439 43.39 -46.53 -103.49
C VAL C 439 44.50 -46.25 -102.46
N ASP C 440 45.46 -47.18 -102.38
CA ASP C 440 46.65 -47.20 -101.52
C ASP C 440 47.60 -46.05 -101.82
N LYS C 441 48.59 -45.86 -100.94
CA LYS C 441 49.69 -44.89 -101.00
C LYS C 441 50.57 -45.15 -102.24
N TYR C 442 50.82 -46.44 -102.55
CA TYR C 442 51.65 -46.91 -103.66
C TYR C 442 50.91 -46.89 -105.01
N GLY C 443 49.62 -46.59 -104.98
CA GLY C 443 48.76 -46.53 -106.17
C GLY C 443 47.94 -47.77 -106.40
N LEU C 444 48.00 -48.74 -105.46
CA LEU C 444 47.28 -50.02 -105.53
C LEU C 444 45.79 -49.79 -105.30
N MET C 445 44.96 -50.22 -106.25
CA MET C 445 43.51 -50.06 -106.18
C MET C 445 42.84 -51.31 -105.59
N TYR C 446 42.04 -51.12 -104.54
CA TYR C 446 41.31 -52.17 -103.84
C TYR C 446 39.82 -51.95 -103.98
N PHE C 447 39.05 -53.04 -104.10
CA PHE C 447 37.59 -52.96 -104.23
C PHE C 447 36.87 -54.19 -103.71
N VAL C 448 35.63 -53.98 -103.21
CA VAL C 448 34.76 -55.05 -102.72
C VAL C 448 34.02 -55.65 -103.92
N ASP C 449 34.17 -56.96 -104.15
CA ASP C 449 33.50 -57.69 -105.24
C ASP C 449 32.65 -58.79 -104.61
N ALA C 450 31.35 -58.48 -104.39
CA ALA C 450 30.31 -59.32 -103.76
C ALA C 450 30.61 -59.65 -102.29
N THR C 451 31.57 -60.55 -102.01
CA THR C 451 31.95 -60.97 -100.64
C THR C 451 33.49 -61.09 -100.47
N MET C 452 34.27 -60.49 -101.38
CA MET C 452 35.73 -60.52 -101.34
C MET C 452 36.37 -59.18 -101.70
N ILE C 453 37.67 -59.03 -101.41
CA ILE C 453 38.42 -57.82 -101.72
C ILE C 453 39.41 -58.17 -102.83
N ARG C 454 39.36 -57.41 -103.94
CA ARG C 454 40.22 -57.63 -105.11
C ARG C 454 41.18 -56.46 -105.35
N LYS C 455 42.41 -56.76 -105.80
CA LYS C 455 43.46 -55.77 -106.09
C LYS C 455 43.60 -55.56 -107.60
N VAL C 456 44.02 -54.34 -108.00
CA VAL C 456 44.33 -53.96 -109.38
C VAL C 456 45.64 -53.16 -109.25
N ASP C 457 46.78 -53.82 -109.53
CA ASP C 457 48.13 -53.25 -109.40
C ASP C 457 48.46 -52.21 -110.47
N GLN C 458 49.67 -51.62 -110.38
CA GLN C 458 50.22 -50.59 -111.27
C GLN C 458 50.33 -51.05 -112.73
N ASN C 459 50.61 -52.35 -112.94
CA ASN C 459 50.74 -52.98 -114.27
C ASN C 459 49.37 -53.19 -114.94
N GLY C 460 48.31 -53.27 -114.13
CA GLY C 460 46.93 -53.49 -114.59
C GLY C 460 46.44 -54.91 -114.41
N ILE C 461 47.18 -55.72 -113.62
CA ILE C 461 46.87 -57.13 -113.33
C ILE C 461 45.92 -57.21 -112.12
N ILE C 462 44.83 -57.99 -112.27
CA ILE C 462 43.85 -58.20 -111.21
C ILE C 462 44.20 -59.44 -110.38
N SER C 463 43.97 -59.36 -109.06
CA SER C 463 44.22 -60.42 -108.09
C SER C 463 43.17 -60.35 -106.97
N THR C 464 43.24 -61.27 -105.99
CA THR C 464 42.31 -61.28 -104.85
C THR C 464 43.06 -61.26 -103.53
N LEU C 465 42.80 -60.21 -102.71
CA LEU C 465 43.41 -60.03 -101.39
C LEU C 465 42.75 -60.99 -100.40
N LEU C 466 41.42 -60.87 -100.21
CA LEU C 466 40.64 -61.73 -99.32
C LEU C 466 40.00 -62.85 -100.17
N GLY C 467 40.83 -63.83 -100.52
CA GLY C 467 40.47 -64.98 -101.34
C GLY C 467 39.40 -65.87 -100.77
N SER C 468 38.22 -65.89 -101.42
CA SER C 468 37.06 -66.70 -101.02
C SER C 468 37.16 -68.13 -101.57
N ASN C 469 36.11 -68.96 -101.34
CA ASN C 469 35.95 -70.37 -101.75
C ASN C 469 36.87 -71.36 -100.99
N ASP C 470 37.74 -70.85 -100.09
CA ASP C 470 38.64 -71.67 -99.27
C ASP C 470 38.05 -71.92 -97.87
N LEU C 471 36.78 -72.42 -97.85
CA LEU C 471 35.95 -72.72 -96.67
C LEU C 471 36.62 -73.64 -95.62
N THR C 472 37.60 -74.45 -96.04
CA THR C 472 38.35 -75.38 -95.18
C THR C 472 39.30 -74.63 -94.23
N ALA C 473 40.10 -73.68 -94.78
CA ALA C 473 41.05 -72.87 -94.03
C ALA C 473 40.39 -71.73 -93.24
N VAL C 474 39.12 -71.40 -93.59
CA VAL C 474 38.33 -70.34 -92.95
C VAL C 474 37.93 -70.73 -91.51
N ARG C 475 38.23 -69.83 -90.56
CA ARG C 475 37.93 -69.96 -89.14
C ARG C 475 37.06 -68.75 -88.71
N PRO C 476 36.00 -68.92 -87.87
CA PRO C 476 35.17 -67.75 -87.48
C PRO C 476 35.94 -66.61 -86.81
N LEU C 477 35.46 -65.37 -87.03
CA LEU C 477 36.02 -64.10 -86.56
C LEU C 477 36.39 -64.08 -85.07
N SER C 478 37.70 -63.90 -84.77
CA SER C 478 38.23 -63.83 -83.41
C SER C 478 38.02 -62.44 -82.84
N CYS C 479 37.43 -62.37 -81.64
CA CYS C 479 37.10 -61.13 -80.95
C CYS C 479 38.31 -60.31 -80.49
N ASP C 480 39.32 -60.97 -79.90
CA ASP C 480 40.51 -60.30 -79.37
C ASP C 480 41.70 -60.29 -80.33
N SER C 481 42.18 -61.49 -80.74
CA SER C 481 43.33 -61.66 -81.62
C SER C 481 43.08 -61.26 -83.08
N SER C 482 44.17 -61.06 -83.84
CA SER C 482 44.14 -60.68 -85.26
C SER C 482 44.65 -61.83 -86.14
N MET C 483 43.83 -62.28 -87.10
CA MET C 483 44.17 -63.37 -88.02
C MET C 483 44.44 -62.90 -89.46
N ASP C 484 45.14 -63.73 -90.26
CA ASP C 484 45.47 -63.44 -91.66
C ASP C 484 44.22 -63.45 -92.56
N VAL C 485 44.33 -62.79 -93.74
CA VAL C 485 43.28 -62.64 -94.77
C VAL C 485 42.64 -63.98 -95.18
N SER C 486 43.46 -65.05 -95.28
CA SER C 486 43.07 -66.41 -95.67
C SER C 486 42.04 -67.07 -94.75
N GLN C 487 42.07 -66.72 -93.45
CA GLN C 487 41.17 -67.26 -92.42
C GLN C 487 39.86 -66.46 -92.30
N VAL C 488 39.74 -65.34 -93.03
CA VAL C 488 38.59 -64.44 -92.95
C VAL C 488 37.58 -64.65 -94.10
N ARG C 489 36.28 -64.70 -93.74
CA ARG C 489 35.13 -64.83 -94.64
C ARG C 489 34.24 -63.60 -94.42
N LEU C 490 33.91 -62.88 -95.51
CA LEU C 490 33.10 -61.67 -95.48
C LEU C 490 31.63 -61.91 -95.84
N GLU C 491 30.72 -61.33 -95.04
CA GLU C 491 29.27 -61.44 -95.20
C GLU C 491 28.67 -60.02 -95.37
N TRP C 492 28.20 -59.70 -96.58
CA TRP C 492 27.60 -58.41 -96.98
C TRP C 492 28.56 -57.18 -96.79
N PRO C 493 29.75 -57.14 -97.44
CA PRO C 493 30.61 -55.95 -97.31
C PRO C 493 30.18 -54.83 -98.27
N THR C 494 30.26 -53.55 -97.85
CA THR C 494 29.83 -52.43 -98.70
C THR C 494 30.94 -51.40 -98.95
N ASP C 495 31.13 -50.42 -98.03
CA ASP C 495 32.12 -49.34 -98.16
C ASP C 495 33.55 -49.78 -97.89
N LEU C 496 34.52 -49.08 -98.51
CA LEU C 496 35.95 -49.33 -98.39
C LEU C 496 36.72 -48.02 -98.39
N ALA C 497 37.76 -47.92 -97.53
CA ALA C 497 38.60 -46.73 -97.41
C ALA C 497 39.99 -47.06 -96.90
N VAL C 498 41.00 -46.32 -97.37
CA VAL C 498 42.40 -46.46 -96.94
C VAL C 498 42.64 -45.43 -95.81
N ASP C 499 43.35 -45.85 -94.74
CA ASP C 499 43.73 -45.00 -93.61
C ASP C 499 44.98 -44.22 -94.04
N PRO C 500 44.92 -42.87 -94.22
CA PRO C 500 46.12 -42.13 -94.69
C PRO C 500 47.28 -42.03 -93.68
N MET C 501 47.14 -42.64 -92.49
CA MET C 501 48.17 -42.61 -91.44
C MET C 501 48.86 -43.98 -91.29
N ASP C 502 48.07 -45.06 -91.41
CA ASP C 502 48.47 -46.46 -91.26
C ASP C 502 48.78 -47.12 -92.60
N ASN C 503 48.12 -46.64 -93.68
CA ASN C 503 48.11 -47.19 -95.04
C ASN C 503 47.37 -48.55 -95.07
N SER C 504 46.53 -48.77 -94.04
CA SER C 504 45.72 -49.96 -93.87
C SER C 504 44.38 -49.81 -94.58
N LEU C 505 43.72 -50.92 -94.89
CA LEU C 505 42.43 -50.93 -95.58
C LEU C 505 41.29 -51.18 -94.59
N TYR C 506 40.28 -50.32 -94.61
CA TYR C 506 39.11 -50.43 -93.75
C TYR C 506 37.91 -50.90 -94.54
N VAL C 507 37.27 -51.99 -94.07
CA VAL C 507 36.11 -52.60 -94.73
C VAL C 507 34.89 -52.49 -93.82
N LEU C 508 33.77 -52.02 -94.39
CA LEU C 508 32.48 -51.94 -93.70
C LEU C 508 31.74 -53.23 -94.09
N GLU C 509 31.55 -54.14 -93.12
CA GLU C 509 30.94 -55.45 -93.35
C GLU C 509 29.93 -55.85 -92.26
N ASN C 510 28.62 -55.88 -92.62
CA ASN C 510 27.49 -56.27 -91.78
C ASN C 510 27.57 -55.70 -90.35
N ASN C 511 27.53 -54.34 -90.25
CA ASN C 511 27.59 -53.55 -89.01
C ASN C 511 28.84 -53.84 -88.14
N VAL C 512 29.99 -54.09 -88.81
CA VAL C 512 31.30 -54.35 -88.22
C VAL C 512 32.37 -53.78 -89.17
N ILE C 513 33.27 -52.92 -88.64
CA ILE C 513 34.37 -52.36 -89.42
C ILE C 513 35.65 -53.11 -89.10
N LEU C 514 36.26 -53.71 -90.13
CA LEU C 514 37.51 -54.48 -90.01
C LEU C 514 38.69 -53.74 -90.64
N ARG C 515 39.91 -54.05 -90.19
CA ARG C 515 41.13 -53.44 -90.71
C ARG C 515 42.09 -54.48 -91.30
N ILE C 516 42.57 -54.21 -92.54
CA ILE C 516 43.53 -55.05 -93.26
C ILE C 516 44.85 -54.27 -93.27
N THR C 517 45.82 -54.70 -92.45
CA THR C 517 47.13 -54.04 -92.37
C THR C 517 47.98 -54.37 -93.60
N GLU C 518 49.13 -53.67 -93.77
CA GLU C 518 50.06 -53.90 -94.88
C GLU C 518 50.68 -55.31 -94.84
N ASN C 519 50.68 -55.94 -93.63
CA ASN C 519 51.18 -57.29 -93.37
C ASN C 519 50.06 -58.35 -93.51
N HIS C 520 48.91 -57.94 -94.09
CA HIS C 520 47.70 -58.73 -94.38
C HIS C 520 47.05 -59.30 -93.10
N GLN C 521 47.06 -58.53 -92.00
CA GLN C 521 46.43 -58.91 -90.73
C GLN C 521 45.07 -58.24 -90.56
N VAL C 522 44.03 -59.05 -90.27
CA VAL C 522 42.63 -58.63 -90.12
C VAL C 522 42.21 -58.58 -88.64
N SER C 523 41.50 -57.50 -88.23
CA SER C 523 41.02 -57.28 -86.87
C SER C 523 39.78 -56.38 -86.81
N ILE C 524 38.92 -56.57 -85.79
CA ILE C 524 37.71 -55.76 -85.57
C ILE C 524 38.13 -54.39 -84.99
N ILE C 525 37.67 -53.29 -85.61
CA ILE C 525 37.99 -51.93 -85.19
C ILE C 525 36.77 -51.26 -84.51
N ALA C 526 35.54 -51.54 -85.03
CA ALA C 526 34.28 -51.03 -84.51
C ALA C 526 33.16 -52.03 -84.76
N GLY C 527 32.25 -52.15 -83.79
CA GLY C 527 31.12 -53.06 -83.85
C GLY C 527 31.31 -54.32 -83.04
N ARG C 528 30.18 -54.91 -82.60
CA ARG C 528 30.15 -56.12 -81.79
C ARG C 528 29.55 -57.30 -82.58
N PRO C 529 30.37 -58.30 -83.00
CA PRO C 529 29.79 -59.45 -83.73
C PRO C 529 29.06 -60.41 -82.79
N MET C 530 28.28 -61.35 -83.37
CA MET C 530 27.52 -62.34 -82.60
C MET C 530 28.39 -63.43 -81.95
N HIS C 531 29.69 -63.49 -82.31
CA HIS C 531 30.68 -64.43 -81.78
C HIS C 531 30.88 -64.25 -80.26
N CYS C 532 30.83 -62.98 -79.78
CA CYS C 532 31.00 -62.61 -78.37
C CYS C 532 30.04 -61.48 -77.96
N GLN C 533 28.73 -61.66 -78.31
CA GLN C 533 27.67 -60.69 -78.02
C GLN C 533 27.29 -60.66 -76.54
N VAL C 534 26.78 -61.80 -76.00
CA VAL C 534 26.35 -61.92 -74.60
C VAL C 534 26.55 -63.38 -74.09
N PRO C 535 27.30 -63.61 -72.96
CA PRO C 535 27.97 -62.65 -72.07
C PRO C 535 29.45 -62.45 -72.41
N GLY C 536 29.70 -61.88 -73.59
CA GLY C 536 31.04 -61.59 -74.10
C GLY C 536 31.81 -60.58 -73.25
N ILE C 537 31.09 -59.59 -72.71
CA ILE C 537 31.61 -58.53 -71.82
C ILE C 537 30.70 -58.38 -70.58
N ASP C 538 31.27 -58.67 -69.40
CA ASP C 538 30.57 -58.64 -68.11
C ASP C 538 30.29 -57.23 -67.57
N TYR C 539 31.22 -56.27 -67.80
CA TYR C 539 31.08 -54.88 -67.35
C TYR C 539 30.11 -54.03 -68.20
N SER C 540 29.64 -54.60 -69.34
CA SER C 540 28.67 -54.04 -70.30
C SER C 540 29.13 -52.72 -70.97
N LEU C 541 28.55 -51.56 -70.58
CA LEU C 541 28.81 -50.25 -71.17
C LEU C 541 30.20 -49.65 -70.90
N SER C 542 30.88 -49.26 -71.99
CA SER C 542 32.19 -48.60 -72.05
C SER C 542 32.27 -47.73 -73.32
N LYS C 543 33.13 -46.71 -73.31
CA LYS C 543 33.30 -45.76 -74.42
C LYS C 543 33.98 -46.36 -75.68
N LEU C 544 34.59 -47.55 -75.57
CA LEU C 544 35.30 -48.25 -76.66
C LEU C 544 34.39 -48.65 -77.82
N ALA C 545 34.93 -48.58 -79.05
CA ALA C 545 34.23 -48.93 -80.30
C ALA C 545 34.00 -50.43 -80.43
N ILE C 546 34.96 -51.25 -79.94
CA ILE C 546 34.94 -52.71 -79.95
C ILE C 546 33.76 -53.27 -79.12
N HIS C 547 33.36 -52.55 -78.05
CA HIS C 547 32.26 -52.92 -77.15
C HIS C 547 30.92 -52.30 -77.52
N SER C 548 30.89 -51.42 -78.54
CA SER C 548 29.66 -50.76 -78.99
C SER C 548 29.19 -51.29 -80.33
N ALA C 549 27.92 -51.75 -80.39
CA ALA C 549 27.30 -52.29 -81.59
C ALA C 549 26.87 -51.20 -82.57
N LEU C 550 27.06 -51.45 -83.88
CA LEU C 550 26.69 -50.51 -84.95
C LEU C 550 25.26 -50.77 -85.44
N GLU C 551 24.44 -49.71 -85.48
CA GLU C 551 23.03 -49.78 -85.89
C GLU C 551 22.84 -49.32 -87.34
N SER C 552 22.73 -50.29 -88.25
CA SER C 552 22.52 -50.12 -89.70
C SER C 552 23.49 -49.08 -90.33
N ALA C 553 24.80 -49.40 -90.29
CA ALA C 553 25.86 -48.56 -90.84
C ALA C 553 25.81 -48.53 -92.38
N SER C 554 26.09 -47.37 -92.99
CA SER C 554 26.04 -47.20 -94.45
C SER C 554 27.33 -46.73 -95.13
N ALA C 555 28.12 -45.88 -94.45
CA ALA C 555 29.36 -45.36 -95.02
C ALA C 555 30.46 -45.14 -94.00
N ILE C 556 31.72 -45.07 -94.48
CA ILE C 556 32.93 -44.84 -93.70
C ILE C 556 33.87 -43.84 -94.39
N ALA C 557 34.64 -43.09 -93.58
CA ALA C 557 35.66 -42.13 -94.03
C ALA C 557 36.77 -42.07 -93.00
N ILE C 558 38.02 -41.94 -93.46
CA ILE C 558 39.19 -41.84 -92.58
C ILE C 558 39.97 -40.56 -92.90
N SER C 559 40.19 -39.72 -91.86
CA SER C 559 40.94 -38.48 -91.97
C SER C 559 42.44 -38.78 -91.97
N HIS C 560 43.28 -37.79 -92.35
CA HIS C 560 44.74 -37.92 -92.36
C HIS C 560 45.34 -38.14 -90.96
N THR C 561 44.56 -37.82 -89.90
CA THR C 561 44.93 -38.00 -88.50
C THR C 561 44.52 -39.39 -87.97
N GLY C 562 44.05 -40.26 -88.87
CA GLY C 562 43.63 -41.62 -88.56
C GLY C 562 42.29 -41.77 -87.87
N VAL C 563 41.46 -40.71 -87.90
CA VAL C 563 40.13 -40.69 -87.28
C VAL C 563 39.09 -41.29 -88.25
N LEU C 564 38.38 -42.33 -87.79
CA LEU C 564 37.34 -43.03 -88.55
C LEU C 564 35.95 -42.46 -88.26
N TYR C 565 35.22 -42.08 -89.31
CA TYR C 565 33.85 -41.56 -89.21
C TYR C 565 32.90 -42.58 -89.81
N ILE C 566 31.84 -42.95 -89.06
CA ILE C 566 30.87 -43.95 -89.48
C ILE C 566 29.47 -43.37 -89.60
N SER C 567 28.86 -43.56 -90.78
CA SER C 567 27.51 -43.13 -91.10
C SER C 567 26.56 -44.28 -90.74
N GLU C 568 25.48 -43.98 -89.99
CA GLU C 568 24.50 -44.97 -89.56
C GLU C 568 23.11 -44.52 -89.97
N THR C 569 22.46 -45.27 -90.89
CA THR C 569 21.11 -44.93 -91.31
C THR C 569 20.18 -46.15 -91.32
N ASP C 570 19.10 -46.01 -90.56
CA ASP C 570 17.99 -46.93 -90.39
C ASP C 570 16.91 -46.48 -91.37
N GLU C 571 17.03 -45.20 -91.85
CA GLU C 571 16.14 -44.47 -92.76
C GLU C 571 14.83 -44.06 -92.08
N LYS C 572 14.61 -44.54 -90.84
CA LYS C 572 13.42 -44.28 -90.04
C LYS C 572 13.71 -43.24 -88.96
N LYS C 573 14.39 -43.64 -87.88
CA LYS C 573 14.72 -42.76 -86.75
C LYS C 573 16.23 -42.58 -86.56
N ILE C 574 17.02 -43.64 -86.84
CA ILE C 574 18.48 -43.59 -86.74
C ILE C 574 19.06 -43.03 -88.04
N ASN C 575 19.61 -41.81 -87.98
CA ASN C 575 20.25 -41.09 -89.08
C ASN C 575 21.30 -40.22 -88.40
N ARG C 576 22.48 -40.82 -88.17
CA ARG C 576 23.57 -40.17 -87.43
C ARG C 576 24.96 -40.49 -87.96
N LEU C 577 25.93 -39.66 -87.55
CA LEU C 577 27.34 -39.80 -87.87
C LEU C 577 28.13 -39.94 -86.57
N ARG C 578 28.85 -41.06 -86.43
CA ARG C 578 29.67 -41.34 -85.25
C ARG C 578 31.16 -41.25 -85.55
N GLN C 579 31.95 -40.89 -84.54
CA GLN C 579 33.40 -40.70 -84.64
C GLN C 579 34.16 -41.71 -83.78
N VAL C 580 35.22 -42.32 -84.35
CA VAL C 580 36.10 -43.27 -83.69
C VAL C 580 37.52 -42.71 -83.72
N THR C 581 37.99 -42.24 -82.56
CA THR C 581 39.33 -41.67 -82.39
C THR C 581 40.39 -42.77 -82.34
N THR C 582 41.68 -42.40 -82.53
CA THR C 582 42.83 -43.32 -82.55
C THR C 582 42.90 -44.24 -81.31
N ASN C 583 42.51 -43.71 -80.12
CA ASN C 583 42.46 -44.43 -78.85
C ASN C 583 41.41 -45.55 -78.81
N GLY C 584 40.55 -45.59 -79.83
CA GLY C 584 39.50 -46.59 -79.99
C GLY C 584 38.16 -46.26 -79.37
N GLU C 585 37.94 -44.97 -79.01
CA GLU C 585 36.69 -44.51 -78.39
C GLU C 585 35.70 -44.02 -79.43
N ILE C 586 34.42 -44.42 -79.28
CA ILE C 586 33.32 -44.05 -80.16
C ILE C 586 32.39 -43.02 -79.49
N CYS C 587 31.95 -42.01 -80.27
CA CYS C 587 31.04 -40.95 -79.81
C CYS C 587 30.22 -40.36 -80.96
N LEU C 588 29.06 -39.77 -80.65
CA LEU C 588 28.19 -39.14 -81.63
C LEU C 588 28.79 -37.81 -82.09
N LEU C 589 28.92 -37.63 -83.42
CA LEU C 589 29.47 -36.41 -84.01
C LEU C 589 28.36 -35.52 -84.58
N ALA C 590 27.35 -36.13 -85.22
CA ALA C 590 26.20 -35.45 -85.82
C ALA C 590 24.98 -36.36 -85.85
N GLY C 591 23.80 -35.76 -85.87
CA GLY C 591 22.54 -36.49 -85.96
C GLY C 591 21.88 -36.87 -84.65
N ALA C 592 20.89 -36.08 -84.24
CA ALA C 592 20.08 -36.33 -83.05
C ALA C 592 19.04 -37.41 -83.37
N ALA C 593 18.53 -38.10 -82.33
CA ALA C 593 17.52 -39.13 -82.48
C ALA C 593 16.18 -38.48 -82.82
N SER C 594 15.71 -38.69 -84.06
CA SER C 594 14.44 -38.14 -84.56
C SER C 594 13.25 -38.87 -83.93
N ASP C 595 12.28 -38.10 -83.43
CA ASP C 595 11.05 -38.61 -82.82
C ASP C 595 10.09 -39.13 -83.90
N CYS C 596 10.25 -38.60 -85.13
CA CYS C 596 9.46 -38.88 -86.32
C CYS C 596 10.18 -39.85 -87.27
N ASP C 597 9.40 -40.68 -88.00
CA ASP C 597 9.90 -41.63 -88.99
C ASP C 597 10.09 -40.89 -90.32
N CYS C 598 11.34 -40.84 -90.80
CA CYS C 598 11.73 -40.12 -92.03
C CYS C 598 11.19 -40.75 -93.32
N LYS C 599 11.09 -42.09 -93.37
CA LYS C 599 10.64 -42.84 -94.55
C LYS C 599 9.12 -43.12 -94.59
N ASN C 600 8.54 -43.51 -93.44
CA ASN C 600 7.13 -43.90 -93.33
C ASN C 600 6.14 -42.74 -93.13
N ASP C 601 6.38 -41.86 -92.12
CA ASP C 601 5.49 -40.74 -91.80
C ASP C 601 5.46 -39.68 -92.91
N VAL C 602 4.25 -39.35 -93.40
CA VAL C 602 4.02 -38.37 -94.46
C VAL C 602 4.15 -36.93 -93.90
N ASN C 603 3.57 -36.66 -92.70
CA ASN C 603 3.65 -35.37 -92.03
C ASN C 603 4.97 -35.33 -91.24
N CYS C 604 6.10 -35.34 -91.96
CA CYS C 604 7.43 -35.37 -91.37
C CYS C 604 8.43 -34.47 -92.07
N ASN C 605 9.31 -33.86 -91.27
CA ASN C 605 10.40 -33.00 -91.72
C ASN C 605 11.67 -33.46 -91.00
N CYS C 606 12.51 -34.23 -91.71
CA CYS C 606 13.77 -34.74 -91.17
C CYS C 606 14.98 -33.89 -91.59
N TYR C 607 14.75 -32.56 -91.69
CA TYR C 607 15.76 -31.56 -92.02
C TYR C 607 15.67 -30.39 -91.04
N SER C 608 16.67 -30.28 -90.16
CA SER C 608 16.80 -29.23 -89.15
C SER C 608 18.24 -29.16 -88.63
N GLY C 609 18.52 -28.17 -87.78
CA GLY C 609 19.82 -27.99 -87.14
C GLY C 609 20.90 -27.29 -87.93
N ASP C 610 20.67 -26.98 -89.24
CA ASP C 610 21.65 -26.29 -90.07
C ASP C 610 21.93 -24.88 -89.55
N ASP C 611 23.23 -24.49 -89.56
CA ASP C 611 23.79 -23.24 -89.02
C ASP C 611 23.75 -23.25 -87.48
N GLY C 612 23.64 -24.44 -86.90
CA GLY C 612 23.61 -24.71 -85.47
C GLY C 612 24.56 -25.86 -85.13
N TYR C 613 24.39 -26.46 -83.94
CA TYR C 613 25.27 -27.57 -83.54
C TYR C 613 24.85 -28.89 -84.18
N ALA C 614 25.87 -29.66 -84.64
CA ALA C 614 25.75 -30.94 -85.34
C ALA C 614 25.01 -32.03 -84.55
N THR C 615 25.25 -32.13 -83.24
CA THR C 615 24.60 -33.11 -82.37
C THR C 615 23.09 -32.86 -82.18
N ASP C 616 22.63 -31.62 -82.45
CA ASP C 616 21.22 -31.22 -82.35
C ASP C 616 20.49 -31.39 -83.68
N ALA C 617 21.23 -31.41 -84.80
CA ALA C 617 20.71 -31.53 -86.16
C ALA C 617 20.10 -32.89 -86.45
N ILE C 618 19.08 -32.91 -87.33
CA ILE C 618 18.41 -34.13 -87.77
C ILE C 618 18.77 -34.40 -89.23
N LEU C 619 19.44 -35.52 -89.47
CA LEU C 619 19.87 -35.96 -90.81
C LEU C 619 18.81 -36.91 -91.41
N ASN C 620 18.89 -37.15 -92.73
CA ASN C 620 17.97 -38.06 -93.43
C ASN C 620 18.70 -38.89 -94.47
N SER C 621 18.81 -40.21 -94.19
CA SER C 621 19.43 -41.25 -95.01
C SER C 621 20.87 -40.91 -95.48
N PRO C 622 21.87 -40.70 -94.57
CA PRO C 622 23.25 -40.44 -95.03
C PRO C 622 23.82 -41.65 -95.76
N SER C 623 24.21 -41.46 -97.04
CA SER C 623 24.71 -42.52 -97.93
C SER C 623 26.22 -42.59 -98.10
N SER C 624 26.92 -41.42 -98.07
CA SER C 624 28.37 -41.37 -98.25
C SER C 624 29.06 -40.28 -97.40
N LEU C 625 30.36 -40.48 -97.09
CA LEU C 625 31.18 -39.56 -96.31
C LEU C 625 32.52 -39.27 -96.99
N ALA C 626 33.09 -38.08 -96.72
CA ALA C 626 34.39 -37.61 -97.23
C ALA C 626 34.99 -36.57 -96.26
N VAL C 627 36.31 -36.62 -96.04
CA VAL C 627 37.00 -35.70 -95.14
C VAL C 627 37.80 -34.64 -95.92
N ALA C 628 37.41 -33.37 -95.72
CA ALA C 628 38.01 -32.19 -96.36
C ALA C 628 39.45 -31.94 -95.85
N PRO C 629 40.30 -31.20 -96.60
CA PRO C 629 41.67 -30.90 -96.11
C PRO C 629 41.75 -30.32 -94.70
N ASP C 630 40.81 -29.43 -94.31
CA ASP C 630 40.77 -28.80 -92.98
C ASP C 630 40.13 -29.68 -91.89
N GLY C 631 39.77 -30.91 -92.24
CA GLY C 631 39.19 -31.87 -91.32
C GLY C 631 37.68 -31.91 -91.25
N THR C 632 36.97 -31.07 -92.04
CA THR C 632 35.50 -31.07 -92.05
C THR C 632 34.96 -32.33 -92.73
N ILE C 633 33.86 -32.87 -92.20
CA ILE C 633 33.26 -34.09 -92.71
C ILE C 633 32.04 -33.78 -93.56
N TYR C 634 32.09 -34.22 -94.83
CA TYR C 634 30.98 -34.06 -95.78
C TYR C 634 30.07 -35.26 -95.67
N ILE C 635 28.76 -35.01 -95.67
CA ILE C 635 27.73 -36.03 -95.56
C ILE C 635 26.82 -35.96 -96.78
N ALA C 636 26.64 -37.09 -97.48
CA ALA C 636 25.73 -37.17 -98.60
C ALA C 636 24.37 -37.46 -97.97
N ASP C 637 23.63 -36.38 -97.64
CA ASP C 637 22.32 -36.44 -96.98
C ASP C 637 21.23 -36.67 -98.02
N LEU C 638 21.25 -37.88 -98.60
CA LEU C 638 20.37 -38.39 -99.66
C LEU C 638 18.88 -38.06 -99.46
N GLY C 639 18.36 -38.30 -98.25
CA GLY C 639 16.97 -38.05 -97.89
C GLY C 639 16.53 -36.60 -97.97
N ASN C 640 17.46 -35.66 -97.71
CA ASN C 640 17.19 -34.23 -97.78
C ASN C 640 17.76 -33.56 -99.05
N ILE C 641 18.25 -34.40 -100.00
CA ILE C 641 18.83 -34.04 -101.31
C ILE C 641 19.85 -32.89 -101.16
N ARG C 642 20.78 -33.06 -100.20
CA ARG C 642 21.80 -32.08 -99.84
C ARG C 642 23.12 -32.72 -99.46
N ILE C 643 24.20 -31.92 -99.50
CA ILE C 643 25.52 -32.29 -99.02
C ILE C 643 25.75 -31.36 -97.83
N ARG C 644 25.86 -31.97 -96.63
CA ARG C 644 26.05 -31.21 -95.40
C ARG C 644 27.46 -31.37 -94.84
N ALA C 645 28.00 -30.28 -94.26
CA ALA C 645 29.37 -30.28 -93.71
C ALA C 645 29.41 -30.12 -92.19
N VAL C 646 30.11 -31.03 -91.50
CA VAL C 646 30.31 -31.00 -90.06
C VAL C 646 31.71 -30.42 -89.85
N SER C 647 31.76 -29.13 -89.51
CA SER C 647 32.99 -28.36 -89.33
C SER C 647 33.32 -28.03 -87.88
N LYS C 648 34.62 -27.79 -87.59
CA LYS C 648 35.11 -27.37 -86.28
C LYS C 648 34.54 -25.99 -86.00
N ASN C 649 34.14 -25.72 -84.74
CA ASN C 649 33.58 -24.42 -84.37
C ASN C 649 34.69 -23.36 -84.52
N ARG C 650 34.48 -22.40 -85.42
CA ARG C 650 35.46 -21.37 -85.75
C ARG C 650 34.83 -20.00 -86.01
N PRO C 651 35.54 -18.89 -85.73
CA PRO C 651 34.99 -17.58 -86.10
C PRO C 651 35.10 -17.38 -87.62
N ILE C 652 34.04 -16.85 -88.23
CA ILE C 652 33.97 -16.62 -89.67
C ILE C 652 34.24 -15.16 -89.99
N LEU C 653 35.02 -14.87 -91.05
CA LEU C 653 35.31 -13.52 -91.52
C LEU C 653 34.02 -12.88 -92.04
N ASN C 654 33.60 -11.76 -91.43
CA ASN C 654 32.38 -11.07 -91.84
C ASN C 654 32.61 -10.20 -93.08
N SER C 655 31.57 -9.46 -93.52
CA SER C 655 31.59 -8.55 -94.69
C SER C 655 32.62 -7.42 -94.56
N PHE C 656 33.02 -7.09 -93.31
CA PHE C 656 33.98 -6.04 -92.98
C PHE C 656 35.42 -6.56 -92.81
N ASN C 657 35.67 -7.83 -93.20
CA ASN C 657 36.97 -8.53 -93.10
C ASN C 657 37.47 -8.55 -91.63
N GLN C 658 36.56 -8.91 -90.73
CA GLN C 658 36.79 -8.95 -89.28
C GLN C 658 36.26 -10.23 -88.66
N TYR C 659 36.83 -10.62 -87.51
CA TYR C 659 36.42 -11.79 -86.74
C TYR C 659 35.72 -11.32 -85.47
N GLU C 660 34.69 -12.05 -85.04
CA GLU C 660 33.94 -11.74 -83.84
C GLU C 660 33.80 -12.94 -82.91
N ALA C 661 34.09 -12.71 -81.63
CA ALA C 661 33.98 -13.67 -80.53
C ALA C 661 33.26 -12.93 -79.40
N ALA C 662 32.68 -13.66 -78.43
CA ALA C 662 31.92 -13.03 -77.34
C ALA C 662 31.99 -13.79 -76.03
N SER C 663 31.74 -13.06 -74.93
CA SER C 663 31.68 -13.61 -73.57
C SER C 663 30.31 -13.25 -73.01
N PRO C 664 29.36 -14.20 -73.06
CA PRO C 664 28.00 -13.93 -72.56
C PRO C 664 27.93 -13.63 -71.07
N GLY C 665 28.86 -14.21 -70.30
CA GLY C 665 28.97 -14.00 -68.87
C GLY C 665 29.34 -12.58 -68.51
N GLU C 666 30.16 -11.92 -69.35
CA GLU C 666 30.59 -10.53 -69.17
C GLU C 666 29.74 -9.59 -70.05
N GLN C 667 28.84 -10.17 -70.88
CA GLN C 667 27.96 -9.47 -71.84
C GLN C 667 28.76 -8.55 -72.77
N GLU C 668 29.84 -9.12 -73.34
CA GLU C 668 30.78 -8.41 -74.22
C GLU C 668 30.98 -9.12 -75.54
N LEU C 669 31.20 -8.33 -76.60
CA LEU C 669 31.47 -8.79 -77.95
C LEU C 669 32.85 -8.24 -78.34
N TYR C 670 33.76 -9.11 -78.80
CA TYR C 670 35.12 -8.72 -79.17
C TYR C 670 35.30 -8.77 -80.68
N VAL C 671 35.83 -7.66 -81.24
CA VAL C 671 36.07 -7.49 -82.67
C VAL C 671 37.57 -7.54 -82.94
N PHE C 672 37.99 -8.40 -83.87
CA PHE C 672 39.39 -8.59 -84.27
C PHE C 672 39.52 -8.35 -85.76
N ASN C 673 40.70 -7.90 -86.22
CA ASN C 673 40.92 -7.72 -87.66
C ASN C 673 41.24 -9.08 -88.30
N ALA C 674 41.57 -9.13 -89.61
CA ALA C 674 41.89 -10.38 -90.32
C ALA C 674 43.09 -11.17 -89.73
N ASP C 675 43.95 -10.49 -88.94
CA ASP C 675 45.14 -11.07 -88.28
C ASP C 675 44.90 -11.46 -86.80
N GLY C 676 43.65 -11.33 -86.34
CA GLY C 676 43.24 -11.65 -84.97
C GLY C 676 43.67 -10.63 -83.92
N ILE C 677 43.95 -9.40 -84.37
CA ILE C 677 44.36 -8.29 -83.50
C ILE C 677 43.12 -7.53 -83.02
N HIS C 678 42.94 -7.45 -81.69
CA HIS C 678 41.83 -6.83 -80.99
C HIS C 678 41.59 -5.37 -81.36
N GLN C 679 40.48 -5.10 -82.04
CA GLN C 679 40.11 -3.75 -82.48
C GLN C 679 39.22 -3.08 -81.45
N TYR C 680 38.06 -3.70 -81.16
CA TYR C 680 37.07 -3.15 -80.23
C TYR C 680 36.47 -4.22 -79.32
N THR C 681 35.86 -3.75 -78.22
CA THR C 681 35.06 -4.51 -77.28
C THR C 681 33.75 -3.73 -77.21
N LEU C 682 32.66 -4.36 -77.62
CA LEU C 682 31.33 -3.77 -77.62
C LEU C 682 30.46 -4.49 -76.62
N SER C 683 29.34 -3.87 -76.21
CA SER C 683 28.38 -4.52 -75.31
C SER C 683 27.54 -5.48 -76.17
N LEU C 684 27.41 -6.73 -75.71
CA LEU C 684 26.65 -7.77 -76.40
C LEU C 684 25.15 -7.44 -76.38
N VAL C 685 24.70 -6.69 -75.36
CA VAL C 685 23.31 -6.27 -75.16
C VAL C 685 23.03 -4.93 -75.87
N THR C 686 23.77 -3.89 -75.49
CA THR C 686 23.61 -2.50 -75.94
C THR C 686 24.13 -2.22 -77.36
N GLY C 687 25.24 -2.87 -77.74
CA GLY C 687 25.87 -2.66 -79.04
C GLY C 687 26.77 -1.43 -79.05
N GLU C 688 26.96 -0.81 -77.88
CA GLU C 688 27.80 0.38 -77.69
C GLU C 688 29.24 -0.02 -77.45
N TYR C 689 30.19 0.78 -77.95
CA TYR C 689 31.64 0.54 -77.78
C TYR C 689 32.04 0.74 -76.34
N LEU C 690 32.72 -0.26 -75.77
CA LEU C 690 33.21 -0.26 -74.39
C LEU C 690 34.69 0.07 -74.35
N TYR C 691 35.48 -0.51 -75.27
CA TYR C 691 36.92 -0.29 -75.39
C TYR C 691 37.35 -0.25 -76.85
N ASN C 692 38.23 0.72 -77.18
CA ASN C 692 38.83 0.92 -78.50
C ASN C 692 40.34 0.79 -78.36
N PHE C 693 40.94 -0.11 -79.13
CA PHE C 693 42.38 -0.40 -79.07
C PHE C 693 43.12 0.13 -80.27
N THR C 694 44.13 0.98 -80.03
CA THR C 694 44.99 1.53 -81.09
C THR C 694 46.40 1.04 -80.86
N TYR C 695 47.08 0.64 -81.96
CA TYR C 695 48.41 0.02 -81.97
C TYR C 695 49.44 0.88 -82.68
N SER C 696 50.72 0.50 -82.52
CA SER C 696 51.84 1.14 -83.21
C SER C 696 51.99 0.48 -84.59
N SER C 697 52.99 0.89 -85.38
CA SER C 697 53.29 0.36 -86.71
C SER C 697 53.72 -1.12 -86.68
N ASP C 698 54.30 -1.57 -85.54
CA ASP C 698 54.76 -2.94 -85.29
C ASP C 698 53.69 -3.82 -84.59
N ASN C 699 52.42 -3.35 -84.57
CA ASN C 699 51.25 -3.99 -83.94
C ASN C 699 51.41 -4.21 -82.41
N ASP C 700 52.04 -3.23 -81.74
CA ASP C 700 52.20 -3.22 -80.29
C ASP C 700 51.16 -2.24 -79.74
N VAL C 701 50.27 -2.71 -78.82
CA VAL C 701 49.18 -1.89 -78.23
C VAL C 701 49.75 -0.62 -77.58
N THR C 702 49.23 0.55 -77.99
CA THR C 702 49.70 1.84 -77.49
C THR C 702 48.62 2.63 -76.75
N GLU C 703 47.32 2.32 -76.99
CA GLU C 703 46.21 3.00 -76.31
C GLU C 703 44.96 2.15 -76.20
N VAL C 704 44.37 2.14 -75.00
CA VAL C 704 43.10 1.50 -74.66
C VAL C 704 42.19 2.67 -74.27
N MET C 705 41.17 2.95 -75.10
CA MET C 705 40.24 4.06 -74.88
C MET C 705 38.87 3.50 -74.49
N ASP C 706 38.41 3.79 -73.27
CA ASP C 706 37.11 3.30 -72.82
C ASP C 706 35.96 4.21 -73.32
N SER C 707 34.70 3.77 -73.12
CA SER C 707 33.46 4.45 -73.50
C SER C 707 33.31 5.86 -72.93
N ASN C 708 33.91 6.13 -71.75
CA ASN C 708 33.84 7.41 -71.03
C ASN C 708 34.91 8.43 -71.46
N GLY C 709 35.83 8.02 -72.32
CA GLY C 709 36.92 8.87 -72.79
C GLY C 709 38.19 8.75 -71.97
N ASN C 710 38.29 7.71 -71.11
CA ASN C 710 39.47 7.43 -70.29
C ASN C 710 40.46 6.62 -71.11
N SER C 711 41.62 7.23 -71.42
CA SER C 711 42.65 6.57 -72.22
C SER C 711 43.85 6.15 -71.40
N LEU C 712 44.21 4.86 -71.48
CA LEU C 712 45.38 4.29 -70.83
C LEU C 712 46.39 4.11 -71.96
N LYS C 713 47.39 4.99 -72.02
CA LYS C 713 48.43 4.94 -73.05
C LYS C 713 49.63 4.13 -72.61
N VAL C 714 50.15 3.28 -73.49
CA VAL C 714 51.37 2.49 -73.26
C VAL C 714 52.45 3.21 -74.07
N ARG C 715 53.33 3.95 -73.38
CA ARG C 715 54.41 4.67 -74.07
C ARG C 715 55.54 3.69 -74.36
N ARG C 716 55.88 3.52 -75.65
CA ARG C 716 56.87 2.53 -76.07
C ARG C 716 58.07 3.07 -76.80
N ASP C 717 59.11 2.23 -76.81
CA ASP C 717 60.38 2.40 -77.50
C ASP C 717 60.13 1.96 -78.97
N ALA C 718 61.07 2.27 -79.88
CA ALA C 718 60.98 1.90 -81.30
C ALA C 718 60.94 0.38 -81.52
N SER C 719 61.61 -0.38 -80.62
CA SER C 719 61.66 -1.86 -80.62
C SER C 719 60.35 -2.48 -80.08
N GLY C 720 59.49 -1.65 -79.49
CA GLY C 720 58.20 -2.04 -78.91
C GLY C 720 58.27 -2.27 -77.42
N MET C 721 59.44 -2.03 -76.81
CA MET C 721 59.67 -2.21 -75.38
C MET C 721 58.91 -1.16 -74.54
N PRO C 722 58.07 -1.60 -73.57
CA PRO C 722 57.32 -0.62 -72.75
C PRO C 722 58.23 0.19 -71.82
N ARG C 723 57.95 1.50 -71.73
CA ARG C 723 58.70 2.41 -70.86
C ARG C 723 57.85 2.70 -69.64
N HIS C 724 56.60 3.12 -69.86
CA HIS C 724 55.64 3.47 -68.83
C HIS C 724 54.20 3.47 -69.33
N LEU C 725 53.25 3.53 -68.39
CA LEU C 725 51.82 3.64 -68.65
C LEU C 725 51.37 5.07 -68.28
N LEU C 726 50.69 5.76 -69.20
CA LEU C 726 50.14 7.08 -68.94
C LEU C 726 48.65 6.87 -68.67
N MET C 727 48.29 6.95 -67.39
CA MET C 727 46.96 6.72 -66.86
C MET C 727 45.95 7.78 -67.29
N PRO C 728 44.62 7.47 -67.30
CA PRO C 728 43.61 8.49 -67.70
C PRO C 728 43.70 9.84 -66.97
N ASP C 729 44.24 9.86 -65.73
CA ASP C 729 44.44 11.06 -64.91
C ASP C 729 45.84 11.71 -65.10
N ASN C 730 46.54 11.32 -66.20
CA ASN C 730 47.88 11.76 -66.60
C ASN C 730 48.98 11.39 -65.57
N GLN C 731 48.76 10.30 -64.81
CA GLN C 731 49.70 9.77 -63.84
C GLN C 731 50.61 8.79 -64.57
N ILE C 732 51.91 8.79 -64.24
CA ILE C 732 52.89 7.91 -64.87
C ILE C 732 53.14 6.68 -64.01
N VAL C 733 52.94 5.49 -64.58
CA VAL C 733 53.21 4.21 -63.93
C VAL C 733 54.43 3.62 -64.66
N THR C 734 55.59 3.69 -64.02
CA THR C 734 56.88 3.24 -64.54
C THR C 734 56.93 1.72 -64.67
N LEU C 735 57.34 1.25 -65.86
CA LEU C 735 57.51 -0.17 -66.17
C LEU C 735 58.98 -0.43 -66.46
N ALA C 736 59.58 -1.37 -65.72
CA ALA C 736 60.97 -1.76 -65.94
C ALA C 736 60.96 -3.24 -66.32
N VAL C 737 61.41 -3.54 -67.55
CA VAL C 737 61.46 -4.92 -68.05
C VAL C 737 62.92 -5.38 -67.99
N GLY C 738 63.15 -6.51 -67.33
CA GLY C 738 64.47 -7.10 -67.15
C GLY C 738 65.09 -7.66 -68.42
N THR C 739 66.40 -7.95 -68.38
CA THR C 739 67.16 -8.50 -69.50
C THR C 739 66.64 -9.87 -69.95
N ASN C 740 65.94 -10.60 -69.04
CA ASN C 740 65.31 -11.90 -69.28
C ASN C 740 63.93 -11.75 -69.96
N GLY C 741 63.53 -10.50 -70.18
CA GLY C 741 62.27 -10.14 -70.82
C GLY C 741 61.07 -10.05 -69.90
N GLY C 742 61.29 -10.22 -68.60
CA GLY C 742 60.21 -10.18 -67.62
C GLY C 742 60.06 -8.86 -66.91
N LEU C 743 58.79 -8.42 -66.74
CA LEU C 743 58.39 -7.20 -66.03
C LEU C 743 58.91 -7.28 -64.60
N LYS C 744 59.95 -6.48 -64.32
CA LYS C 744 60.70 -6.44 -63.07
C LYS C 744 60.10 -5.46 -62.05
N LEU C 745 59.63 -4.29 -62.52
CA LEU C 745 59.11 -3.25 -61.62
C LEU C 745 57.94 -2.48 -62.21
N VAL C 746 56.89 -2.28 -61.39
CA VAL C 746 55.68 -1.50 -61.66
C VAL C 746 55.61 -0.52 -60.49
N SER C 747 55.71 0.78 -60.78
CA SER C 747 55.73 1.79 -59.71
C SER C 747 55.23 3.17 -60.11
N THR C 748 54.76 3.94 -59.11
CA THR C 748 54.36 5.34 -59.25
C THR C 748 55.51 6.14 -58.63
N GLN C 749 55.39 7.49 -58.60
CA GLN C 749 56.43 8.34 -58.01
C GLN C 749 56.61 8.12 -56.49
N THR C 750 55.59 7.52 -55.84
CA THR C 750 55.57 7.23 -54.41
C THR C 750 55.55 5.72 -54.10
N LEU C 751 54.61 4.96 -54.72
CA LEU C 751 54.39 3.54 -54.47
C LEU C 751 55.11 2.58 -55.40
N GLU C 752 55.55 1.44 -54.84
CA GLU C 752 56.16 0.33 -55.58
C GLU C 752 55.06 -0.73 -55.64
N LEU C 753 54.23 -0.67 -56.70
CA LEU C 753 53.08 -1.54 -56.94
C LEU C 753 53.44 -3.02 -57.11
N GLY C 754 54.58 -3.28 -57.75
CA GLY C 754 55.05 -4.63 -58.00
C GLY C 754 56.54 -4.71 -58.27
N LEU C 755 57.18 -5.73 -57.69
CA LEU C 755 58.59 -6.02 -57.87
C LEU C 755 58.69 -7.52 -58.10
N MET C 756 59.22 -7.92 -59.26
CA MET C 756 59.24 -9.32 -59.67
C MET C 756 60.61 -9.83 -60.12
N THR C 757 60.84 -11.14 -59.92
CA THR C 757 62.03 -11.88 -60.35
C THR C 757 61.53 -13.15 -61.01
N TYR C 758 62.21 -13.62 -62.05
CA TYR C 758 61.85 -14.80 -62.84
C TYR C 758 62.95 -15.85 -62.81
N ASN C 759 62.60 -17.08 -63.21
CA ASN C 759 63.53 -18.20 -63.24
C ASN C 759 64.19 -18.27 -64.62
N GLY C 760 65.38 -17.68 -64.73
CA GLY C 760 66.15 -17.61 -65.97
C GLY C 760 65.40 -16.93 -67.10
N ASN C 761 65.35 -17.61 -68.27
CA ASN C 761 64.64 -17.13 -69.46
C ASN C 761 63.31 -17.87 -69.70
N SER C 762 62.88 -18.70 -68.72
CA SER C 762 61.65 -19.50 -68.76
C SER C 762 60.38 -18.64 -68.74
N GLY C 763 60.46 -17.48 -68.09
CA GLY C 763 59.34 -16.56 -67.94
C GLY C 763 58.49 -16.86 -66.73
N LEU C 764 58.87 -17.91 -65.97
CA LEU C 764 58.18 -18.35 -64.77
C LEU C 764 58.52 -17.44 -63.61
N LEU C 765 57.47 -16.80 -63.06
CA LEU C 765 57.54 -15.86 -61.95
C LEU C 765 58.03 -16.54 -60.68
N ALA C 766 59.21 -16.13 -60.19
CA ALA C 766 59.86 -16.67 -58.99
C ALA C 766 59.42 -15.94 -57.71
N THR C 767 59.43 -14.60 -57.73
CA THR C 767 59.02 -13.77 -56.58
C THR C 767 58.14 -12.61 -57.03
N LYS C 768 57.28 -12.12 -56.13
CA LYS C 768 56.42 -10.96 -56.36
C LYS C 768 56.27 -10.22 -55.04
N SER C 769 56.63 -8.93 -55.02
CA SER C 769 56.56 -8.04 -53.86
C SER C 769 55.66 -6.84 -54.14
N ASP C 770 55.04 -6.29 -53.08
CA ASP C 770 54.24 -5.07 -53.16
C ASP C 770 54.88 -3.98 -52.26
N GLU C 771 54.21 -2.81 -52.13
CA GLU C 771 54.67 -1.67 -51.34
C GLU C 771 54.86 -1.95 -49.84
N THR C 772 54.09 -2.91 -49.29
CA THR C 772 54.13 -3.28 -47.87
C THR C 772 55.40 -4.09 -47.52
N GLY C 773 56.07 -4.64 -48.53
CA GLY C 773 57.27 -5.46 -48.38
C GLY C 773 56.98 -6.95 -48.36
N TRP C 774 55.70 -7.31 -48.54
CA TRP C 774 55.21 -8.69 -48.55
C TRP C 774 55.71 -9.39 -49.83
N THR C 775 56.59 -10.38 -49.67
CA THR C 775 57.13 -11.15 -50.79
C THR C 775 56.60 -12.58 -50.82
N THR C 776 56.01 -12.98 -51.96
CA THR C 776 55.51 -14.33 -52.21
C THR C 776 56.52 -15.04 -53.13
N PHE C 777 56.87 -16.29 -52.78
CA PHE C 777 57.83 -17.12 -53.49
C PHE C 777 57.12 -18.26 -54.18
N TYR C 778 57.43 -18.48 -55.47
CA TYR C 778 56.83 -19.54 -56.28
C TYR C 778 57.89 -20.53 -56.76
N ASP C 779 57.61 -21.84 -56.58
CA ASP C 779 58.48 -22.92 -56.98
C ASP C 779 57.76 -23.80 -58.01
N TYR C 780 58.50 -24.22 -59.04
CA TYR C 780 57.98 -25.03 -60.15
C TYR C 780 58.83 -26.27 -60.33
N ASP C 781 58.28 -27.29 -60.99
CA ASP C 781 59.03 -28.50 -61.34
C ASP C 781 59.72 -28.24 -62.71
N HIS C 782 60.50 -29.19 -63.23
CA HIS C 782 61.21 -29.03 -64.51
C HIS C 782 60.27 -28.84 -65.71
N GLU C 783 59.00 -29.24 -65.56
CA GLU C 783 57.92 -29.14 -66.55
C GLU C 783 57.23 -27.75 -66.55
N GLY C 784 57.63 -26.89 -65.60
CA GLY C 784 57.09 -25.54 -65.45
C GLY C 784 55.74 -25.49 -64.77
N ARG C 785 55.41 -26.54 -63.99
CA ARG C 785 54.14 -26.64 -63.25
C ARG C 785 54.38 -26.21 -61.80
N LEU C 786 53.52 -25.30 -61.29
CA LEU C 786 53.59 -24.77 -59.93
C LEU C 786 53.51 -25.88 -58.89
N THR C 787 54.52 -25.95 -58.01
CA THR C 787 54.62 -26.96 -56.95
C THR C 787 54.47 -26.38 -55.55
N ASN C 788 54.98 -25.16 -55.30
CA ASN C 788 54.90 -24.52 -53.98
C ASN C 788 54.66 -22.99 -54.08
N VAL C 789 53.90 -22.44 -53.11
CA VAL C 789 53.62 -21.01 -52.95
C VAL C 789 53.88 -20.69 -51.47
N THR C 790 54.97 -19.96 -51.19
CA THR C 790 55.40 -19.60 -49.83
C THR C 790 55.14 -18.11 -49.53
N ARG C 791 54.52 -17.83 -48.38
CA ARG C 791 54.14 -16.49 -47.93
C ARG C 791 54.94 -16.02 -46.70
N PRO C 792 55.07 -14.69 -46.44
CA PRO C 792 55.85 -14.21 -45.27
C PRO C 792 55.34 -14.67 -43.90
N THR C 793 54.10 -15.18 -43.86
CA THR C 793 53.43 -15.74 -42.68
C THR C 793 54.03 -17.13 -42.36
N GLY C 794 54.75 -17.71 -43.32
CA GLY C 794 55.39 -19.02 -43.18
C GLY C 794 54.54 -20.13 -43.74
N VAL C 795 53.36 -19.80 -44.26
CA VAL C 795 52.39 -20.73 -44.82
C VAL C 795 52.80 -21.11 -46.25
N VAL C 796 52.91 -22.43 -46.49
CA VAL C 796 53.26 -23.01 -47.77
C VAL C 796 52.07 -23.80 -48.32
N THR C 797 51.69 -23.52 -49.59
CA THR C 797 50.68 -24.26 -50.31
C THR C 797 51.42 -25.12 -51.33
N SER C 798 51.31 -26.46 -51.21
CA SER C 798 51.98 -27.43 -52.08
C SER C 798 51.03 -28.15 -53.04
N LEU C 799 51.47 -28.32 -54.30
CA LEU C 799 50.73 -29.02 -55.35
C LEU C 799 51.59 -30.18 -55.86
N HIS C 800 51.05 -31.42 -55.80
CA HIS C 800 51.73 -32.62 -56.27
C HIS C 800 50.93 -33.32 -57.37
N ARG C 801 51.58 -33.58 -58.51
CA ARG C 801 50.98 -34.22 -59.68
C ARG C 801 51.40 -35.68 -59.84
N GLU C 802 50.42 -36.55 -60.15
CA GLU C 802 50.58 -37.97 -60.45
C GLU C 802 49.83 -38.18 -61.77
N MET C 803 50.59 -38.26 -62.87
CA MET C 803 50.08 -38.38 -64.23
C MET C 803 50.05 -39.85 -64.68
N GLU C 804 48.87 -40.49 -64.57
CA GLU C 804 48.62 -41.89 -64.96
C GLU C 804 47.46 -41.90 -65.97
N LYS C 805 46.58 -42.94 -65.96
CA LYS C 805 45.40 -43.01 -66.84
C LYS C 805 44.48 -41.82 -66.52
N SER C 806 44.54 -41.36 -65.26
CA SER C 806 43.85 -40.18 -64.74
C SER C 806 44.90 -39.29 -64.05
N ILE C 807 44.83 -37.97 -64.28
CA ILE C 807 45.78 -37.01 -63.69
C ILE C 807 45.24 -36.57 -62.31
N THR C 808 46.02 -36.84 -61.24
CA THR C 808 45.63 -36.45 -59.89
C THR C 808 46.53 -35.35 -59.33
N ILE C 809 45.93 -34.25 -58.86
CA ILE C 809 46.66 -33.14 -58.26
C ILE C 809 46.27 -33.05 -56.80
N ASP C 810 47.26 -33.17 -55.91
CA ASP C 810 47.08 -33.10 -54.46
C ASP C 810 47.47 -31.71 -53.97
N ILE C 811 46.56 -31.05 -53.25
CA ILE C 811 46.76 -29.71 -52.68
C ILE C 811 46.85 -29.83 -51.16
N GLU C 812 47.93 -29.31 -50.58
CA GLU C 812 48.20 -29.33 -49.15
C GLU C 812 48.62 -27.95 -48.68
N ASN C 813 48.30 -27.64 -47.41
CA ASN C 813 48.67 -26.39 -46.75
C ASN C 813 49.40 -26.71 -45.46
N SER C 814 50.49 -26.00 -45.18
CA SER C 814 51.33 -26.20 -44.00
C SER C 814 50.65 -25.87 -42.66
N ASN C 815 49.65 -24.97 -42.68
CA ASN C 815 48.94 -24.52 -41.49
C ASN C 815 47.58 -25.22 -41.24
N ARG C 816 47.03 -25.92 -42.24
CA ARG C 816 45.73 -26.59 -42.11
C ARG C 816 45.72 -28.08 -42.52
N ASP C 817 44.69 -28.80 -42.05
CA ASP C 817 44.46 -30.22 -42.36
C ASP C 817 43.37 -30.37 -43.45
N ASP C 818 43.21 -29.33 -44.29
CA ASP C 818 42.22 -29.26 -45.35
C ASP C 818 42.74 -29.77 -46.72
N ASP C 819 43.38 -30.95 -46.74
CA ASP C 819 43.94 -31.54 -47.97
C ASP C 819 42.86 -31.79 -49.03
N VAL C 820 43.04 -31.20 -50.22
CA VAL C 820 42.12 -31.29 -51.36
C VAL C 820 42.83 -32.03 -52.52
N THR C 821 42.16 -33.02 -53.12
CA THR C 821 42.73 -33.74 -54.26
C THR C 821 41.77 -33.69 -55.46
N VAL C 822 42.29 -33.35 -56.65
CA VAL C 822 41.53 -33.24 -57.90
C VAL C 822 41.95 -34.35 -58.84
N ILE C 823 41.00 -35.19 -59.28
CA ILE C 823 41.26 -36.29 -60.21
C ILE C 823 40.62 -35.93 -61.55
N THR C 824 41.40 -36.00 -62.65
CA THR C 824 40.93 -35.68 -64.00
C THR C 824 41.03 -36.89 -64.94
N ASN C 825 39.91 -37.22 -65.59
CA ASN C 825 39.81 -38.28 -66.57
C ASN C 825 39.34 -37.67 -67.88
N LEU C 826 40.24 -37.59 -68.88
CA LEU C 826 39.91 -37.04 -70.19
C LEU C 826 39.57 -38.16 -71.18
N SER C 827 38.44 -37.99 -71.88
CA SER C 827 37.95 -38.94 -72.87
C SER C 827 37.47 -38.24 -74.14
N SER C 828 36.89 -39.00 -75.07
CA SER C 828 36.34 -38.51 -76.33
C SER C 828 35.06 -37.70 -76.10
N VAL C 829 34.19 -38.15 -75.17
CA VAL C 829 32.91 -37.51 -74.83
C VAL C 829 33.01 -36.36 -73.83
N GLU C 830 33.86 -36.50 -72.78
CA GLU C 830 33.94 -35.52 -71.70
C GLU C 830 35.25 -35.49 -70.93
N ALA C 831 35.44 -34.39 -70.17
CA ALA C 831 36.51 -34.17 -69.21
C ALA C 831 35.81 -34.36 -67.86
N SER C 832 36.21 -35.41 -67.12
CA SER C 832 35.60 -35.80 -65.84
C SER C 832 36.50 -35.44 -64.66
N TYR C 833 35.98 -34.61 -63.76
CA TYR C 833 36.70 -34.12 -62.58
C TYR C 833 36.06 -34.57 -61.27
N THR C 834 36.90 -34.95 -60.30
CA THR C 834 36.47 -35.37 -58.97
C THR C 834 37.32 -34.65 -57.92
N VAL C 835 36.67 -33.76 -57.15
CA VAL C 835 37.30 -32.99 -56.08
C VAL C 835 37.02 -33.76 -54.79
N VAL C 836 38.08 -34.26 -54.14
CA VAL C 836 38.01 -35.08 -52.92
C VAL C 836 38.59 -34.36 -51.70
N GLN C 837 37.82 -34.32 -50.60
CA GLN C 837 38.19 -33.78 -49.29
C GLN C 837 37.80 -34.87 -48.29
N ASP C 838 38.77 -35.75 -47.93
CA ASP C 838 38.62 -36.92 -47.06
C ASP C 838 37.80 -38.01 -47.80
N GLN C 839 36.49 -38.14 -47.49
CA GLN C 839 35.57 -39.10 -48.11
C GLN C 839 34.45 -38.36 -48.86
N VAL C 840 34.48 -37.01 -48.81
CA VAL C 840 33.53 -36.11 -49.46
C VAL C 840 34.02 -35.88 -50.89
N ARG C 841 33.25 -36.39 -51.86
CA ARG C 841 33.59 -36.31 -53.29
C ARG C 841 32.56 -35.55 -54.10
N ASN C 842 33.02 -34.49 -54.80
CA ASN C 842 32.19 -33.67 -55.70
C ASN C 842 32.62 -33.94 -57.14
N SER C 843 31.66 -34.32 -58.01
CA SER C 843 31.94 -34.66 -59.41
C SER C 843 31.51 -33.58 -60.39
N TYR C 844 32.36 -33.32 -61.38
CA TYR C 844 32.17 -32.31 -62.42
C TYR C 844 32.43 -32.94 -63.77
N GLN C 845 31.56 -32.67 -64.76
CA GLN C 845 31.69 -33.24 -66.10
C GLN C 845 31.50 -32.17 -67.17
N LEU C 846 32.57 -31.85 -67.89
CA LEU C 846 32.57 -30.88 -68.99
C LEU C 846 32.53 -31.69 -70.29
N CYS C 847 31.32 -31.81 -70.86
CA CYS C 847 31.04 -32.60 -72.07
C CYS C 847 31.28 -31.82 -73.35
N ASN C 848 31.59 -32.54 -74.44
CA ASN C 848 31.85 -31.99 -75.78
C ASN C 848 30.64 -31.31 -76.41
N ASN C 849 29.41 -31.75 -76.03
CA ASN C 849 28.15 -31.17 -76.52
C ASN C 849 27.85 -29.77 -75.92
N GLY C 850 28.69 -29.33 -74.99
CA GLY C 850 28.59 -28.03 -74.32
C GLY C 850 27.92 -28.09 -72.96
N THR C 851 27.61 -29.29 -72.47
CA THR C 851 26.95 -29.52 -71.19
C THR C 851 27.95 -29.55 -70.03
N LEU C 852 27.61 -28.88 -68.92
CA LEU C 852 28.39 -28.86 -67.69
C LEU C 852 27.52 -29.52 -66.63
N ARG C 853 27.96 -30.67 -66.11
CA ARG C 853 27.22 -31.40 -65.09
C ARG C 853 27.97 -31.44 -63.76
N VAL C 854 27.29 -31.03 -62.68
CA VAL C 854 27.83 -31.07 -61.32
C VAL C 854 27.03 -32.08 -60.52
N MET C 855 27.70 -33.02 -59.88
CA MET C 855 27.09 -34.01 -58.99
C MET C 855 27.73 -33.84 -57.61
N TYR C 856 27.11 -32.98 -56.80
CA TYR C 856 27.56 -32.64 -55.45
C TYR C 856 27.46 -33.83 -54.52
N ALA C 857 28.34 -33.87 -53.51
CA ALA C 857 28.38 -34.92 -52.49
C ALA C 857 27.06 -34.97 -51.71
N ASN C 858 26.40 -33.80 -51.51
CA ASN C 858 25.13 -33.65 -50.80
C ASN C 858 23.95 -34.39 -51.45
N GLY C 859 24.08 -34.75 -52.73
CA GLY C 859 23.07 -35.49 -53.47
C GLY C 859 22.41 -34.71 -54.60
N MET C 860 22.59 -33.39 -54.63
CA MET C 860 22.04 -32.52 -55.66
C MET C 860 22.91 -32.50 -56.92
N SER C 861 22.28 -32.57 -58.10
CA SER C 861 22.96 -32.49 -59.38
C SER C 861 22.41 -31.33 -60.21
N ILE C 862 23.31 -30.57 -60.86
CA ILE C 862 22.96 -29.45 -61.74
C ILE C 862 23.54 -29.72 -63.12
N SER C 863 22.72 -29.60 -64.16
CA SER C 863 23.16 -29.78 -65.55
C SER C 863 22.87 -28.52 -66.34
N PHE C 864 23.93 -27.85 -66.81
CA PHE C 864 23.84 -26.64 -67.64
C PHE C 864 23.98 -27.08 -69.09
N HIS C 865 23.08 -26.60 -69.96
CA HIS C 865 23.06 -26.98 -71.36
C HIS C 865 23.24 -25.78 -72.28
N SER C 866 24.19 -25.91 -73.21
CA SER C 866 24.58 -24.89 -74.17
C SER C 866 23.77 -24.88 -75.45
N GLU C 867 23.64 -23.70 -76.03
CA GLU C 867 22.93 -23.41 -77.29
C GLU C 867 23.72 -22.30 -77.99
N PRO C 868 23.69 -22.17 -79.34
CA PRO C 868 24.39 -21.04 -79.96
C PRO C 868 23.71 -19.72 -79.56
N HIS C 869 24.50 -18.66 -79.31
CA HIS C 869 23.96 -17.35 -78.92
C HIS C 869 23.18 -16.76 -80.09
N VAL C 870 21.99 -16.22 -79.83
CA VAL C 870 21.10 -15.63 -80.85
C VAL C 870 21.77 -14.45 -81.63
N LEU C 871 22.69 -13.71 -80.98
CA LEU C 871 23.37 -12.55 -81.57
C LEU C 871 24.78 -12.86 -82.10
N ALA C 872 25.61 -13.58 -81.32
CA ALA C 872 26.99 -13.91 -81.67
C ALA C 872 27.15 -15.20 -82.51
N GLY C 873 26.10 -16.00 -82.60
CA GLY C 873 26.09 -17.23 -83.39
C GLY C 873 26.69 -18.44 -82.71
N THR C 874 27.05 -19.45 -83.52
CA THR C 874 27.62 -20.74 -83.08
C THR C 874 28.97 -20.63 -82.40
N VAL C 875 29.76 -19.59 -82.74
CA VAL C 875 31.11 -19.36 -82.19
C VAL C 875 31.06 -19.19 -80.65
N THR C 876 29.91 -18.78 -80.09
CA THR C 876 29.78 -18.61 -78.65
C THR C 876 28.58 -19.38 -78.07
N PRO C 877 28.84 -20.52 -77.39
CA PRO C 877 27.74 -21.25 -76.74
C PRO C 877 27.28 -20.52 -75.48
N THR C 878 25.97 -20.52 -75.24
CA THR C 878 25.37 -19.88 -74.06
C THR C 878 24.50 -20.86 -73.31
N ILE C 879 24.49 -20.73 -71.97
CA ILE C 879 23.66 -21.58 -71.12
C ILE C 879 22.23 -21.07 -71.21
N GLY C 880 21.36 -21.83 -71.86
CA GLY C 880 19.96 -21.48 -72.04
C GLY C 880 19.02 -22.36 -71.25
N ARG C 881 19.56 -23.43 -70.66
CA ARG C 881 18.80 -24.41 -69.90
C ARG C 881 19.58 -24.91 -68.69
N CYS C 882 18.87 -25.15 -67.59
CA CYS C 882 19.45 -25.63 -66.34
C CYS C 882 18.50 -26.64 -65.68
N ASN C 883 18.85 -27.94 -65.72
CA ASN C 883 18.09 -29.02 -65.13
C ASN C 883 18.71 -29.39 -63.78
N ILE C 884 17.94 -29.22 -62.70
CA ILE C 884 18.34 -29.51 -61.32
C ILE C 884 17.64 -30.78 -60.84
N SER C 885 18.36 -31.59 -60.05
CA SER C 885 17.85 -32.83 -59.46
C SER C 885 18.19 -32.85 -57.96
N LEU C 886 17.17 -33.06 -57.12
CA LEU C 886 17.34 -33.16 -55.67
C LEU C 886 17.08 -34.61 -55.23
N PRO C 887 17.78 -35.14 -54.20
CA PRO C 887 17.52 -36.53 -53.79
C PRO C 887 16.22 -36.68 -52.98
N MET C 888 15.08 -36.66 -53.70
CA MET C 888 13.72 -36.78 -53.18
C MET C 888 12.75 -37.28 -54.27
N GLU C 889 11.50 -37.65 -53.87
CA GLU C 889 10.44 -38.19 -54.73
C GLU C 889 10.17 -37.36 -56.01
N ASN C 890 9.93 -36.04 -55.86
CA ASN C 890 9.69 -35.14 -56.99
C ASN C 890 10.74 -34.02 -56.94
N GLY C 891 11.99 -34.39 -57.22
CA GLY C 891 13.12 -33.49 -57.12
C GLY C 891 13.64 -32.86 -58.39
N LEU C 892 12.94 -33.04 -59.52
CA LEU C 892 13.39 -32.47 -60.80
C LEU C 892 12.87 -31.06 -61.03
N ASN C 893 13.81 -30.12 -61.20
CA ASN C 893 13.55 -28.69 -61.45
C ASN C 893 14.18 -28.30 -62.79
N SER C 894 13.64 -27.27 -63.43
CA SER C 894 14.17 -26.80 -64.71
C SER C 894 13.97 -25.30 -64.91
N ILE C 895 15.07 -24.59 -65.22
CA ILE C 895 15.05 -23.16 -65.50
C ILE C 895 15.53 -22.97 -66.92
N GLU C 896 14.94 -22.02 -67.63
CA GLU C 896 15.23 -21.77 -69.04
C GLU C 896 15.35 -20.29 -69.36
N TRP C 897 16.27 -19.96 -70.27
CA TRP C 897 16.47 -18.61 -70.81
C TRP C 897 16.18 -18.72 -72.30
N ARG C 898 15.15 -18.00 -72.78
CA ARG C 898 14.79 -18.00 -74.18
C ARG C 898 15.16 -16.65 -74.80
N LEU C 899 16.20 -16.67 -75.63
CA LEU C 899 16.77 -15.50 -76.29
C LEU C 899 16.13 -15.25 -77.66
N ARG C 900 15.96 -13.98 -78.03
CA ARG C 900 15.36 -13.55 -79.29
C ARG C 900 16.00 -12.25 -79.79
N LYS C 901 15.75 -11.89 -81.06
CA LYS C 901 16.26 -10.67 -81.68
C LYS C 901 15.29 -10.08 -82.71
N GLU C 902 15.39 -8.76 -82.92
CA GLU C 902 14.61 -8.02 -83.91
C GLU C 902 15.60 -7.26 -84.79
N GLN C 903 15.63 -7.60 -86.08
CA GLN C 903 16.54 -6.99 -87.05
C GLN C 903 15.79 -6.12 -88.04
N ILE C 904 16.25 -4.87 -88.19
CA ILE C 904 15.70 -3.91 -89.14
C ILE C 904 16.86 -3.48 -90.05
N LYS C 905 16.75 -3.81 -91.37
CA LYS C 905 17.74 -3.51 -92.41
C LYS C 905 19.10 -4.22 -92.14
N GLY C 906 19.03 -5.45 -91.62
CA GLY C 906 20.18 -6.29 -91.29
C GLY C 906 20.92 -5.92 -90.00
N LYS C 907 20.43 -4.90 -89.28
CA LYS C 907 21.02 -4.39 -88.04
C LYS C 907 20.11 -4.75 -86.85
N VAL C 908 20.74 -5.18 -85.72
CA VAL C 908 20.02 -5.55 -84.48
C VAL C 908 19.40 -4.30 -83.84
N THR C 909 18.07 -4.35 -83.64
CA THR C 909 17.23 -3.29 -83.08
C THR C 909 16.83 -3.61 -81.63
N VAL C 910 16.43 -4.88 -81.37
CA VAL C 910 15.95 -5.35 -80.06
C VAL C 910 16.63 -6.68 -79.70
N PHE C 911 17.06 -6.83 -78.42
CA PHE C 911 17.61 -8.07 -77.86
C PHE C 911 16.76 -8.46 -76.64
N GLY C 912 15.97 -9.50 -76.82
CA GLY C 912 15.05 -10.01 -75.82
C GLY C 912 15.52 -11.27 -75.15
N ARG C 913 15.19 -11.40 -73.85
CA ARG C 913 15.55 -12.51 -72.98
C ARG C 913 14.35 -12.80 -72.09
N LYS C 914 13.85 -14.05 -72.09
CA LYS C 914 12.72 -14.47 -71.28
C LYS C 914 13.13 -15.60 -70.35
N LEU C 915 12.85 -15.44 -69.06
CA LEU C 915 13.14 -16.44 -68.04
C LEU C 915 11.91 -17.31 -67.83
N ARG C 916 12.08 -18.63 -67.92
CA ARG C 916 11.01 -19.61 -67.83
C ARG C 916 11.29 -20.73 -66.83
N VAL C 917 10.24 -21.16 -66.12
CA VAL C 917 10.28 -22.28 -65.18
C VAL C 917 9.09 -23.18 -65.52
N HIS C 918 9.39 -24.42 -65.92
CA HIS C 918 8.44 -25.47 -66.30
C HIS C 918 7.38 -24.95 -67.32
N GLY C 919 7.88 -24.37 -68.40
CA GLY C 919 7.10 -23.84 -69.52
C GLY C 919 6.29 -22.57 -69.26
N ARG C 920 6.61 -21.84 -68.18
CA ARG C 920 5.89 -20.61 -67.83
C ARG C 920 6.83 -19.41 -67.75
N ASN C 921 6.47 -18.28 -68.42
CA ASN C 921 7.26 -17.05 -68.41
C ASN C 921 7.13 -16.31 -67.08
N LEU C 922 8.26 -16.10 -66.38
CA LEU C 922 8.29 -15.39 -65.09
C LEU C 922 8.68 -13.94 -65.28
N LEU C 923 9.66 -13.69 -66.15
CA LEU C 923 10.23 -12.37 -66.41
C LEU C 923 10.78 -12.29 -67.81
N SER C 924 10.80 -11.07 -68.37
CA SER C 924 11.36 -10.77 -69.67
C SER C 924 12.17 -9.48 -69.56
N ILE C 925 13.41 -9.51 -70.04
CA ILE C 925 14.33 -8.38 -70.05
C ILE C 925 14.65 -8.14 -71.52
N ASP C 926 14.10 -7.06 -72.10
CA ASP C 926 14.29 -6.70 -73.50
C ASP C 926 15.01 -5.36 -73.65
N TYR C 927 16.04 -5.29 -74.53
CA TYR C 927 16.77 -4.05 -74.76
C TYR C 927 16.52 -3.55 -76.18
N ASP C 928 16.00 -2.31 -76.31
CA ASP C 928 15.72 -1.65 -77.59
C ASP C 928 16.84 -0.64 -77.86
N ARG C 929 17.75 -0.99 -78.79
CA ARG C 929 18.92 -0.19 -79.17
C ARG C 929 18.57 1.17 -79.78
N ASN C 930 17.41 1.29 -80.44
CA ASN C 930 16.94 2.54 -81.05
C ASN C 930 16.58 3.62 -80.05
N ILE C 931 15.88 3.25 -78.96
CA ILE C 931 15.45 4.19 -77.92
C ILE C 931 16.30 4.08 -76.64
N ARG C 932 17.30 3.17 -76.61
CA ARG C 932 18.23 2.92 -75.50
C ARG C 932 17.53 2.58 -74.16
N THR C 933 16.39 1.86 -74.24
CA THR C 933 15.63 1.47 -73.05
C THR C 933 15.68 -0.04 -72.85
N GLU C 934 15.71 -0.46 -71.58
CA GLU C 934 15.71 -1.85 -71.17
C GLU C 934 14.41 -2.09 -70.40
N LYS C 935 13.45 -2.77 -71.05
CA LYS C 935 12.15 -3.08 -70.48
C LYS C 935 12.20 -4.45 -69.78
N ILE C 936 11.88 -4.45 -68.48
CA ILE C 936 11.79 -5.63 -67.61
C ILE C 936 10.32 -5.72 -67.23
N TYR C 937 9.66 -6.81 -67.63
CA TYR C 937 8.23 -6.95 -67.41
C TYR C 937 7.80 -8.38 -67.10
N ASP C 938 6.73 -8.47 -66.30
CA ASP C 938 6.02 -9.68 -65.87
C ASP C 938 5.08 -10.09 -67.01
N ASP C 939 4.62 -11.35 -67.01
CA ASP C 939 3.70 -11.83 -68.04
C ASP C 939 2.22 -11.57 -67.67
N HIS C 940 1.94 -11.08 -66.44
CA HIS C 940 0.58 -10.88 -65.94
C HIS C 940 0.26 -9.43 -65.48
N ARG C 941 0.94 -8.42 -66.09
CA ARG C 941 0.77 -6.97 -65.83
C ARG C 941 1.02 -6.52 -64.36
N LYS C 942 1.73 -7.34 -63.56
CA LYS C 942 2.03 -7.02 -62.15
C LYS C 942 3.28 -6.14 -61.97
N PHE C 943 4.31 -6.34 -62.80
CA PHE C 943 5.57 -5.59 -62.71
C PHE C 943 6.06 -5.11 -64.06
N THR C 944 6.49 -3.83 -64.13
CA THR C 944 7.07 -3.18 -65.32
C THR C 944 8.11 -2.14 -64.89
N LEU C 945 9.34 -2.29 -65.39
CA LEU C 945 10.45 -1.39 -65.11
C LEU C 945 11.19 -1.09 -66.41
N ARG C 946 11.46 0.20 -66.66
CA ARG C 946 12.22 0.65 -67.82
C ARG C 946 13.49 1.31 -67.32
N ILE C 947 14.65 0.86 -67.84
CA ILE C 947 15.95 1.43 -67.50
C ILE C 947 16.47 2.16 -68.75
N ILE C 948 16.62 3.49 -68.64
CA ILE C 948 17.09 4.35 -69.73
C ILE C 948 18.62 4.45 -69.67
N TYR C 949 19.27 4.28 -70.83
CA TYR C 949 20.72 4.35 -70.98
C TYR C 949 21.08 5.63 -71.73
N ASP C 950 22.18 6.30 -71.33
CA ASP C 950 22.64 7.53 -71.98
C ASP C 950 23.40 7.25 -73.28
N GLN C 951 23.88 8.31 -73.96
CA GLN C 951 24.65 8.25 -75.21
C GLN C 951 25.96 7.46 -75.09
N LEU C 952 26.51 7.35 -73.85
CA LEU C 952 27.75 6.63 -73.54
C LEU C 952 27.48 5.15 -73.17
N GLY C 953 26.20 4.76 -73.18
CA GLY C 953 25.75 3.40 -72.90
C GLY C 953 25.66 3.04 -71.42
N ARG C 954 25.49 4.05 -70.55
CA ARG C 954 25.39 3.83 -69.11
C ARG C 954 23.95 3.96 -68.62
N PRO C 955 23.45 3.03 -67.77
CA PRO C 955 22.10 3.19 -67.21
C PRO C 955 22.08 4.41 -66.29
N PHE C 956 21.10 5.31 -66.47
CA PHE C 956 21.02 6.52 -65.65
C PHE C 956 19.62 6.79 -65.07
N LEU C 957 18.58 6.12 -65.60
CA LEU C 957 17.21 6.35 -65.15
C LEU C 957 16.41 5.07 -65.02
N TRP C 958 15.81 4.85 -63.85
CA TRP C 958 14.99 3.69 -63.51
C TRP C 958 13.55 4.16 -63.32
N LEU C 959 12.67 3.85 -64.29
CA LEU C 959 11.26 4.25 -64.31
C LEU C 959 10.34 3.09 -63.92
N PRO C 960 9.90 3.00 -62.64
CA PRO C 960 9.04 1.89 -62.22
C PRO C 960 7.55 2.11 -62.46
N SER C 961 6.76 1.04 -62.33
CA SER C 961 5.30 1.08 -62.47
C SER C 961 4.69 1.42 -61.09
N SER C 962 3.34 1.42 -61.01
CA SER C 962 2.55 1.68 -59.80
C SER C 962 2.69 3.12 -59.23
N GLY C 963 3.14 4.05 -60.06
CA GLY C 963 3.32 5.46 -59.66
C GLY C 963 4.43 5.72 -58.66
N LEU C 964 5.46 4.85 -58.64
CA LEU C 964 6.59 4.97 -57.73
C LEU C 964 7.60 5.98 -58.22
N ALA C 965 8.33 6.61 -57.27
CA ALA C 965 9.36 7.61 -57.55
C ALA C 965 10.53 6.97 -58.32
N ALA C 966 10.89 7.59 -59.44
CA ALA C 966 11.96 7.15 -60.32
C ALA C 966 13.32 7.42 -59.67
N VAL C 967 14.30 6.57 -59.98
CA VAL C 967 15.66 6.71 -59.50
C VAL C 967 16.53 7.14 -60.68
N ASN C 968 17.35 8.19 -60.49
CA ASN C 968 18.27 8.67 -61.52
C ASN C 968 19.64 8.99 -60.96
N VAL C 969 20.69 8.74 -61.75
CA VAL C 969 22.07 8.94 -61.35
C VAL C 969 22.82 9.92 -62.27
N SER C 970 23.87 10.54 -61.72
CA SER C 970 24.77 11.46 -62.40
C SER C 970 26.13 10.79 -62.48
N TYR C 971 26.90 11.16 -63.50
CA TYR C 971 28.25 10.64 -63.68
C TYR C 971 29.23 11.77 -63.87
N PHE C 972 30.49 11.56 -63.46
CA PHE C 972 31.55 12.53 -63.70
C PHE C 972 32.05 12.24 -65.13
N PHE C 973 32.94 13.10 -65.67
CA PHE C 973 33.53 12.94 -67.01
C PHE C 973 34.18 11.57 -67.22
N ASN C 974 34.81 11.01 -66.17
CA ASN C 974 35.51 9.72 -66.15
C ASN C 974 34.59 8.49 -65.97
N GLY C 975 33.28 8.72 -65.96
CA GLY C 975 32.27 7.67 -65.82
C GLY C 975 32.02 7.18 -64.42
N ARG C 976 32.66 7.81 -63.42
CA ARG C 976 32.45 7.48 -62.00
C ARG C 976 31.12 8.08 -61.56
N LEU C 977 30.39 7.38 -60.69
CA LEU C 977 29.10 7.83 -60.14
C LEU C 977 29.30 9.12 -59.35
N ALA C 978 28.58 10.18 -59.75
CA ALA C 978 28.66 11.52 -59.15
C ALA C 978 27.57 11.77 -58.11
N GLY C 979 26.34 11.40 -58.45
CA GLY C 979 25.18 11.59 -57.60
C GLY C 979 24.08 10.56 -57.83
N LEU C 980 23.11 10.51 -56.90
CA LEU C 980 21.95 9.61 -56.93
C LEU C 980 20.73 10.38 -56.49
N GLN C 981 19.57 10.08 -57.09
CA GLN C 981 18.32 10.74 -56.75
C GLN C 981 17.13 9.80 -56.85
N ARG C 982 16.21 9.90 -55.87
CA ARG C 982 14.95 9.16 -55.80
C ARG C 982 13.92 10.17 -55.31
N GLY C 983 13.22 10.77 -56.25
CA GLY C 983 12.23 11.81 -55.98
C GLY C 983 12.85 13.05 -55.37
N ALA C 984 12.46 13.38 -54.13
CA ALA C 984 12.94 14.53 -53.36
C ALA C 984 14.27 14.25 -52.64
N MET C 985 14.66 12.97 -52.55
CA MET C 985 15.88 12.51 -51.87
C MET C 985 17.05 12.46 -52.86
N SER C 986 18.19 13.11 -52.52
CA SER C 986 19.40 13.10 -53.34
C SER C 986 20.69 13.21 -52.53
N GLU C 987 21.79 12.64 -53.06
CA GLU C 987 23.13 12.67 -52.48
C GLU C 987 24.13 12.80 -53.62
N ARG C 988 24.78 13.98 -53.72
CA ARG C 988 25.76 14.31 -54.76
C ARG C 988 27.15 14.50 -54.18
N THR C 989 28.18 14.38 -55.03
CA THR C 989 29.57 14.60 -54.65
C THR C 989 30.29 15.45 -55.70
N ASP C 990 31.38 16.09 -55.31
CA ASP C 990 32.27 16.86 -56.17
C ASP C 990 33.66 16.27 -56.04
N ILE C 991 34.41 16.22 -57.14
CA ILE C 991 35.76 15.64 -57.11
C ILE C 991 36.87 16.65 -57.45
N ASP C 992 38.10 16.27 -57.05
CA ASP C 992 39.37 16.96 -57.27
C ASP C 992 39.80 16.72 -58.73
N LYS C 993 40.95 17.32 -59.12
CA LYS C 993 41.57 17.05 -60.42
C LYS C 993 42.23 15.66 -60.31
N GLN C 994 42.50 15.23 -59.05
CA GLN C 994 43.10 13.95 -58.66
C GLN C 994 42.04 12.83 -58.49
N GLY C 995 40.76 13.20 -58.64
CA GLY C 995 39.63 12.27 -58.55
C GLY C 995 39.15 11.96 -57.15
N ARG C 996 39.65 12.72 -56.15
CA ARG C 996 39.29 12.56 -54.74
C ARG C 996 38.05 13.38 -54.43
N ILE C 997 37.10 12.84 -53.63
CA ILE C 997 35.88 13.53 -53.22
C ILE C 997 36.25 14.72 -52.34
N ILE C 998 35.79 15.91 -52.71
CA ILE C 998 36.08 17.16 -51.97
C ILE C 998 34.83 17.70 -51.26
N SER C 999 33.64 17.32 -51.74
CA SER C 999 32.36 17.76 -51.18
C SER C 999 31.30 16.67 -51.33
N ARG C 1000 30.31 16.68 -50.41
CA ARG C 1000 29.16 15.77 -50.39
C ARG C 1000 27.92 16.60 -50.07
N MET C 1001 27.01 16.76 -51.04
CA MET C 1001 25.80 17.57 -50.92
C MET C 1001 24.53 16.71 -50.78
N PHE C 1002 23.69 17.05 -49.80
CA PHE C 1002 22.42 16.36 -49.53
C PHE C 1002 21.26 17.26 -49.95
N ALA C 1003 20.06 16.68 -50.24
CA ALA C 1003 18.90 17.47 -50.71
C ALA C 1003 18.37 18.47 -49.69
N ASP C 1004 18.65 18.26 -48.39
CA ASP C 1004 18.22 19.17 -47.32
C ASP C 1004 19.18 20.36 -47.15
N GLY C 1005 20.21 20.43 -47.99
CA GLY C 1005 21.20 21.50 -47.97
C GLY C 1005 22.45 21.23 -47.15
N LYS C 1006 22.52 20.04 -46.50
CA LYS C 1006 23.67 19.62 -45.69
C LYS C 1006 24.88 19.35 -46.59
N VAL C 1007 26.03 19.97 -46.28
CA VAL C 1007 27.27 19.84 -47.05
C VAL C 1007 28.43 19.40 -46.15
N TRP C 1008 29.16 18.35 -46.56
CA TRP C 1008 30.37 17.85 -45.90
C TRP C 1008 31.55 18.24 -46.78
N SER C 1009 32.61 18.77 -46.18
CA SER C 1009 33.80 19.11 -46.95
C SER C 1009 34.92 18.10 -46.65
N TYR C 1010 35.71 17.75 -47.67
CA TYR C 1010 36.84 16.82 -47.56
C TYR C 1010 38.12 17.57 -47.98
N THR C 1011 39.06 17.75 -47.05
CA THR C 1011 40.34 18.44 -47.32
C THR C 1011 41.49 17.44 -47.19
N TYR C 1012 42.40 17.47 -48.18
CA TYR C 1012 43.58 16.59 -48.23
C TYR C 1012 44.86 17.36 -47.99
N LEU C 1013 45.65 16.91 -47.00
CA LEU C 1013 46.93 17.53 -46.60
C LEU C 1013 47.90 16.44 -46.13
N GLU C 1014 48.91 16.09 -46.96
CA GLU C 1014 49.97 15.10 -46.65
C GLU C 1014 49.47 13.78 -46.00
N LYS C 1015 48.93 12.85 -46.83
CA LYS C 1015 48.38 11.52 -46.43
C LYS C 1015 47.18 11.60 -45.45
N SER C 1016 46.82 12.82 -44.98
CA SER C 1016 45.71 13.06 -44.08
C SER C 1016 44.53 13.70 -44.78
N MET C 1017 43.33 13.30 -44.40
CA MET C 1017 42.09 13.85 -44.90
C MET C 1017 41.25 14.33 -43.70
N VAL C 1018 40.78 15.57 -43.79
CA VAL C 1018 39.96 16.25 -42.79
C VAL C 1018 38.55 16.37 -43.34
N LEU C 1019 37.59 15.75 -42.64
CA LEU C 1019 36.18 15.76 -42.95
C LEU C 1019 35.47 16.70 -41.98
N LEU C 1020 34.94 17.80 -42.51
CA LEU C 1020 34.29 18.83 -41.73
C LEU C 1020 32.81 18.97 -42.07
N LEU C 1021 31.96 19.00 -41.03
CA LEU C 1021 30.50 19.17 -41.17
C LEU C 1021 30.18 20.63 -40.87
N GLN C 1022 29.00 21.11 -41.29
CA GLN C 1022 28.56 22.50 -41.07
C GLN C 1022 28.42 22.88 -39.60
N SER C 1023 28.27 21.89 -38.71
CA SER C 1023 28.18 22.07 -37.25
C SER C 1023 29.58 22.30 -36.65
N GLN C 1024 30.61 22.27 -37.52
CA GLN C 1024 32.04 22.42 -37.26
C GLN C 1024 32.61 21.20 -36.52
N ARG C 1025 31.95 20.04 -36.68
CA ARG C 1025 32.41 18.74 -36.17
C ARG C 1025 33.44 18.25 -37.21
N GLN C 1026 34.65 17.93 -36.75
CA GLN C 1026 35.79 17.58 -37.58
C GLN C 1026 36.39 16.20 -37.27
N TYR C 1027 36.59 15.38 -38.32
CA TYR C 1027 37.18 14.04 -38.24
C TYR C 1027 38.42 14.01 -39.12
N ILE C 1028 39.57 13.63 -38.56
CA ILE C 1028 40.85 13.55 -39.26
C ILE C 1028 41.20 12.07 -39.43
N PHE C 1029 41.45 11.66 -40.67
CA PHE C 1029 41.79 10.30 -41.06
C PHE C 1029 43.20 10.36 -41.63
N GLU C 1030 44.15 9.71 -40.97
CA GLU C 1030 45.57 9.65 -41.35
C GLU C 1030 45.85 8.31 -42.04
N TYR C 1031 46.36 8.35 -43.28
CA TYR C 1031 46.61 7.14 -44.06
C TYR C 1031 48.08 6.84 -44.34
N ASP C 1032 48.30 5.62 -44.85
CA ASP C 1032 49.49 4.94 -45.40
C ASP C 1032 49.62 5.46 -46.83
N SER C 1033 50.71 5.06 -47.52
CA SER C 1033 50.87 5.32 -48.95
C SER C 1033 49.88 4.40 -49.70
N SER C 1034 49.51 3.27 -49.07
CA SER C 1034 48.59 2.25 -49.57
C SER C 1034 47.12 2.54 -49.23
N ASP C 1035 46.79 3.77 -48.77
CA ASP C 1035 45.46 4.24 -48.40
C ASP C 1035 44.81 3.40 -47.28
N ARG C 1036 45.63 2.98 -46.31
CA ARG C 1036 45.21 2.21 -45.13
C ARG C 1036 45.45 3.07 -43.92
N LEU C 1037 44.46 3.12 -43.02
CA LEU C 1037 44.51 3.98 -41.83
C LEU C 1037 45.59 3.70 -40.80
N HIS C 1038 46.22 4.78 -40.30
N HIS C 1038 46.20 4.76 -40.24
CA HIS C 1038 47.25 4.82 -39.25
CA HIS C 1038 47.16 4.61 -39.14
C HIS C 1038 46.59 5.30 -37.95
C HIS C 1038 46.62 5.32 -37.89
N ALA C 1039 45.69 6.29 -38.09
CA ALA C 1039 45.00 7.00 -37.00
C ALA C 1039 43.72 7.69 -37.47
N VAL C 1040 42.82 7.93 -36.51
CA VAL C 1040 41.56 8.66 -36.66
C VAL C 1040 41.40 9.57 -35.44
N THR C 1041 41.35 10.89 -35.67
CA THR C 1041 41.14 11.91 -34.64
C THR C 1041 39.69 12.37 -34.71
N MET C 1042 38.96 12.24 -33.60
CA MET C 1042 37.54 12.57 -33.45
C MET C 1042 37.34 14.06 -33.17
N PRO C 1043 36.10 14.62 -33.32
CA PRO C 1043 35.87 16.01 -32.88
C PRO C 1043 36.24 16.31 -31.42
N SER C 1044 36.23 15.30 -30.51
CA SER C 1044 36.63 15.46 -29.10
C SER C 1044 38.14 15.69 -28.97
N VAL C 1045 38.88 15.54 -30.10
CA VAL C 1045 40.33 15.69 -30.30
C VAL C 1045 41.06 14.42 -29.77
N ALA C 1046 40.30 13.34 -29.54
CA ALA C 1046 40.82 12.04 -29.12
C ALA C 1046 41.28 11.28 -30.36
N ARG C 1047 42.51 10.77 -30.33
CA ARG C 1047 43.18 10.05 -31.41
C ARG C 1047 43.19 8.53 -31.20
N HIS C 1048 42.53 7.81 -32.10
CA HIS C 1048 42.43 6.35 -32.18
C HIS C 1048 43.54 5.95 -33.14
N SER C 1049 44.26 4.87 -32.85
CA SER C 1049 45.37 4.43 -33.69
C SER C 1049 45.22 2.97 -34.09
N MET C 1050 45.65 2.63 -35.31
CA MET C 1050 45.56 1.29 -35.87
C MET C 1050 46.82 0.89 -36.63
N SER C 1051 47.06 -0.43 -36.73
CA SER C 1051 48.19 -1.02 -37.45
C SER C 1051 47.89 -2.46 -37.83
N THR C 1052 48.56 -2.94 -38.87
CA THR C 1052 48.45 -4.30 -39.39
C THR C 1052 49.88 -4.81 -39.54
N HIS C 1053 50.11 -6.09 -39.18
CA HIS C 1053 51.41 -6.72 -39.37
C HIS C 1053 51.28 -8.19 -39.68
N THR C 1054 52.22 -8.69 -40.48
CA THR C 1054 52.37 -10.09 -40.83
C THR C 1054 52.96 -10.75 -39.58
N SER C 1055 52.31 -11.83 -39.13
CA SER C 1055 52.73 -12.59 -37.97
C SER C 1055 53.13 -14.01 -38.41
N VAL C 1056 53.30 -14.96 -37.47
CA VAL C 1056 53.61 -16.35 -37.83
C VAL C 1056 52.33 -17.15 -37.96
N GLY C 1057 51.92 -17.39 -39.22
CA GLY C 1057 50.74 -18.16 -39.56
C GLY C 1057 49.48 -17.37 -39.85
N TYR C 1058 49.54 -16.03 -39.65
CA TYR C 1058 48.40 -15.12 -39.82
C TYR C 1058 48.83 -13.65 -39.96
N ILE C 1059 47.86 -12.76 -40.18
CA ILE C 1059 48.05 -11.30 -40.31
C ILE C 1059 47.29 -10.72 -39.11
N ARG C 1060 47.98 -9.93 -38.28
CA ARG C 1060 47.42 -9.32 -37.08
C ARG C 1060 46.99 -7.88 -37.34
N ASN C 1061 45.74 -7.54 -36.95
CA ASN C 1061 45.17 -6.20 -37.10
C ASN C 1061 44.89 -5.65 -35.72
N ILE C 1062 45.60 -4.58 -35.34
CA ILE C 1062 45.48 -4.00 -34.02
C ILE C 1062 44.79 -2.64 -34.05
N TYR C 1063 43.76 -2.48 -33.21
CA TYR C 1063 43.11 -1.20 -33.00
C TYR C 1063 43.38 -0.79 -31.54
N ASN C 1064 43.93 0.42 -31.34
CA ASN C 1064 44.22 0.96 -30.02
C ASN C 1064 43.29 2.15 -29.71
N PRO C 1065 42.48 2.05 -28.65
CA PRO C 1065 41.60 3.18 -28.26
C PRO C 1065 42.40 4.42 -27.82
N PRO C 1066 41.78 5.63 -27.75
CA PRO C 1066 42.53 6.84 -27.30
C PRO C 1066 43.18 6.69 -25.92
N GLU C 1067 44.49 7.03 -25.81
CA GLU C 1067 45.29 6.99 -24.58
C GLU C 1067 45.13 5.66 -23.81
N SER C 1068 45.13 4.55 -24.56
CA SER C 1068 44.95 3.22 -23.98
C SER C 1068 45.81 2.16 -24.68
N ASN C 1069 46.12 1.08 -23.94
CA ASN C 1069 46.88 -0.07 -24.40
C ASN C 1069 45.95 -1.30 -24.55
N ALA C 1070 44.63 -1.10 -24.31
CA ALA C 1070 43.58 -2.10 -24.38
C ALA C 1070 43.23 -2.38 -25.84
N SER C 1071 44.17 -3.04 -26.53
CA SER C 1071 44.11 -3.39 -27.95
C SER C 1071 42.99 -4.36 -28.30
N VAL C 1072 42.38 -4.13 -29.46
CA VAL C 1072 41.35 -4.96 -30.07
C VAL C 1072 42.03 -5.54 -31.30
N ILE C 1073 42.17 -6.87 -31.34
CA ILE C 1073 42.89 -7.57 -32.39
C ILE C 1073 42.03 -8.55 -33.18
N PHE C 1074 42.14 -8.50 -34.51
CA PHE C 1074 41.48 -9.41 -35.44
C PHE C 1074 42.59 -10.08 -36.24
N ASP C 1075 42.84 -11.39 -35.97
CA ASP C 1075 43.85 -12.20 -36.65
C ASP C 1075 43.21 -12.96 -37.80
N TYR C 1076 43.74 -12.75 -39.02
CA TYR C 1076 43.22 -13.38 -40.24
C TYR C 1076 44.25 -14.25 -40.93
N SER C 1077 43.80 -15.35 -41.53
CA SER C 1077 44.64 -16.25 -42.33
C SER C 1077 44.91 -15.59 -43.68
N ASP C 1078 45.85 -16.15 -44.46
CA ASP C 1078 46.25 -15.67 -45.79
C ASP C 1078 45.10 -15.62 -46.81
N ASP C 1079 44.08 -16.49 -46.64
CA ASP C 1079 42.90 -16.56 -47.50
C ASP C 1079 41.75 -15.62 -47.05
N GLY C 1080 41.98 -14.87 -45.97
CA GLY C 1080 41.05 -13.88 -45.44
C GLY C 1080 39.98 -14.38 -44.48
N ARG C 1081 40.22 -15.54 -43.83
CA ARG C 1081 39.30 -16.13 -42.85
C ARG C 1081 39.75 -15.76 -41.44
N ILE C 1082 38.79 -15.39 -40.57
CA ILE C 1082 39.04 -15.00 -39.17
C ILE C 1082 39.56 -16.20 -38.36
N LEU C 1083 40.63 -15.98 -37.58
CA LEU C 1083 41.27 -17.02 -36.77
C LEU C 1083 41.14 -16.75 -35.27
N LYS C 1084 41.26 -15.48 -34.87
CA LYS C 1084 41.18 -15.04 -33.48
C LYS C 1084 40.72 -13.59 -33.38
N THR C 1085 39.86 -13.32 -32.40
CA THR C 1085 39.38 -12.02 -31.98
C THR C 1085 39.87 -11.87 -30.52
N SER C 1086 40.72 -10.85 -30.23
CA SER C 1086 41.27 -10.60 -28.90
C SER C 1086 41.00 -9.19 -28.40
N PHE C 1087 40.65 -9.07 -27.11
CA PHE C 1087 40.39 -7.82 -26.40
C PHE C 1087 41.37 -7.83 -25.25
N LEU C 1088 42.52 -7.17 -25.46
CA LEU C 1088 43.64 -7.13 -24.52
C LEU C 1088 43.37 -6.37 -23.22
N GLY C 1089 42.28 -5.60 -23.15
CA GLY C 1089 41.87 -4.87 -21.96
C GLY C 1089 41.57 -5.76 -20.78
N THR C 1090 40.73 -6.79 -20.97
CA THR C 1090 40.38 -7.74 -19.91
C THR C 1090 40.85 -9.17 -20.22
N GLY C 1091 41.25 -9.42 -21.46
CA GLY C 1091 41.76 -10.71 -21.89
C GLY C 1091 40.76 -11.60 -22.61
N ARG C 1092 39.68 -11.01 -23.14
CA ARG C 1092 38.64 -11.72 -23.90
C ARG C 1092 39.20 -12.25 -25.22
N GLN C 1093 38.97 -13.55 -25.51
CA GLN C 1093 39.46 -14.20 -26.73
C GLN C 1093 38.44 -15.17 -27.34
N VAL C 1094 38.29 -15.10 -28.67
CA VAL C 1094 37.45 -16.02 -29.45
C VAL C 1094 38.35 -16.65 -30.50
N PHE C 1095 38.51 -17.99 -30.47
CA PHE C 1095 39.34 -18.76 -31.42
C PHE C 1095 38.45 -19.45 -32.44
N TYR C 1096 38.80 -19.34 -33.74
CA TYR C 1096 38.08 -19.97 -34.84
C TYR C 1096 38.99 -20.98 -35.53
N LYS C 1097 38.57 -22.25 -35.55
CA LYS C 1097 39.31 -23.36 -36.16
C LYS C 1097 38.57 -23.92 -37.39
N TYR C 1098 39.35 -24.34 -38.41
CA TYR C 1098 38.81 -24.88 -39.66
C TYR C 1098 39.30 -26.32 -39.86
N GLY C 1099 38.37 -27.20 -40.24
CA GLY C 1099 38.61 -28.63 -40.41
C GLY C 1099 39.03 -29.11 -41.77
N LYS C 1100 38.96 -30.45 -41.95
CA LYS C 1100 39.35 -31.18 -43.16
C LYS C 1100 38.58 -30.78 -44.44
N LEU C 1101 37.38 -30.18 -44.28
CA LEU C 1101 36.55 -29.75 -45.40
C LEU C 1101 36.70 -28.26 -45.71
N SER C 1102 37.70 -27.60 -45.06
CA SER C 1102 38.02 -26.17 -45.14
C SER C 1102 36.85 -25.28 -44.63
N LYS C 1103 35.96 -25.88 -43.81
CA LYS C 1103 34.80 -25.25 -43.19
C LYS C 1103 35.07 -25.12 -41.69
N LEU C 1104 34.39 -24.17 -41.03
CA LEU C 1104 34.47 -23.91 -39.60
C LEU C 1104 34.21 -25.21 -38.83
N SER C 1105 35.17 -25.64 -38.00
CA SER C 1105 35.08 -26.89 -37.24
C SER C 1105 34.93 -26.67 -35.72
N GLU C 1106 35.53 -25.59 -35.20
CA GLU C 1106 35.50 -25.29 -33.77
C GLU C 1106 35.58 -23.80 -33.45
N ILE C 1107 34.84 -23.37 -32.42
CA ILE C 1107 34.86 -22.02 -31.85
C ILE C 1107 35.13 -22.22 -30.36
N VAL C 1108 36.20 -21.61 -29.84
CA VAL C 1108 36.59 -21.71 -28.44
C VAL C 1108 36.70 -20.31 -27.82
N TYR C 1109 35.98 -20.10 -26.71
CA TYR C 1109 35.98 -18.86 -25.92
C TYR C 1109 35.74 -19.21 -24.47
N ASP C 1110 36.53 -18.63 -23.55
CA ASP C 1110 36.48 -18.85 -22.11
C ASP C 1110 36.65 -20.35 -21.79
N SER C 1111 35.64 -20.98 -21.18
CA SER C 1111 35.64 -22.40 -20.84
C SER C 1111 34.66 -23.17 -21.76
N THR C 1112 34.21 -22.50 -22.85
CA THR C 1112 33.26 -23.04 -23.82
C THR C 1112 33.94 -23.49 -25.11
N ALA C 1113 33.52 -24.65 -25.62
CA ALA C 1113 33.99 -25.22 -26.87
C ALA C 1113 32.76 -25.56 -27.71
N VAL C 1114 32.71 -25.01 -28.94
CA VAL C 1114 31.62 -25.22 -29.89
C VAL C 1114 32.15 -26.04 -31.05
N THR C 1115 31.59 -27.23 -31.30
CA THR C 1115 32.03 -28.11 -32.38
C THR C 1115 31.03 -28.19 -33.52
N PHE C 1116 31.53 -28.14 -34.77
CA PHE C 1116 30.73 -28.23 -35.98
C PHE C 1116 31.05 -29.55 -36.66
N GLY C 1117 30.09 -30.45 -36.62
CA GLY C 1117 30.20 -31.78 -37.19
C GLY C 1117 29.61 -31.85 -38.58
N TYR C 1118 30.36 -32.46 -39.50
CA TYR C 1118 29.93 -32.61 -40.89
C TYR C 1118 29.79 -34.08 -41.23
N ASP C 1119 28.87 -34.42 -42.16
CA ASP C 1119 28.68 -35.80 -42.58
C ASP C 1119 29.89 -36.26 -43.40
N GLU C 1120 30.50 -37.40 -43.00
CA GLU C 1120 31.69 -38.01 -43.60
C GLU C 1120 31.62 -38.19 -45.13
N THR C 1121 30.41 -38.42 -45.69
CA THR C 1121 30.20 -38.67 -47.12
C THR C 1121 29.65 -37.44 -47.89
N THR C 1122 28.55 -36.82 -47.40
CA THR C 1122 27.86 -35.70 -48.06
C THR C 1122 28.52 -34.33 -47.81
N GLY C 1123 29.31 -34.22 -46.75
CA GLY C 1123 29.99 -32.97 -46.40
C GLY C 1123 29.10 -31.87 -45.86
N VAL C 1124 27.80 -32.16 -45.65
CA VAL C 1124 26.83 -31.21 -45.10
C VAL C 1124 26.98 -31.09 -43.59
N LEU C 1125 26.62 -29.91 -43.04
CA LEU C 1125 26.67 -29.64 -41.61
C LEU C 1125 25.58 -30.46 -40.94
N LYS C 1126 26.04 -31.43 -40.15
CA LYS C 1126 25.22 -32.41 -39.46
C LYS C 1126 24.90 -31.95 -38.03
N MET C 1127 25.90 -31.42 -37.31
CA MET C 1127 25.78 -31.05 -35.91
C MET C 1127 26.52 -29.75 -35.53
N VAL C 1128 25.96 -29.03 -34.55
CA VAL C 1128 26.51 -27.84 -33.93
C VAL C 1128 26.34 -28.07 -32.42
N ASN C 1129 27.44 -28.36 -31.71
CA ASN C 1129 27.38 -28.64 -30.28
C ASN C 1129 28.19 -27.67 -29.43
N LEU C 1130 27.50 -26.93 -28.55
CA LEU C 1130 28.12 -26.01 -27.58
C LEU C 1130 28.29 -26.79 -26.27
N GLN C 1131 29.52 -26.79 -25.73
CA GLN C 1131 29.86 -27.47 -24.49
C GLN C 1131 30.55 -26.51 -23.51
N SER C 1132 29.86 -26.18 -22.40
CA SER C 1132 30.40 -25.31 -21.35
C SER C 1132 30.29 -26.03 -20.01
N GLY C 1133 31.25 -26.92 -19.78
CA GLY C 1133 31.32 -27.75 -18.58
C GLY C 1133 30.27 -28.84 -18.61
N GLY C 1134 29.31 -28.73 -17.70
CA GLY C 1134 28.20 -29.68 -17.60
C GLY C 1134 27.14 -29.44 -18.66
N PHE C 1135 26.87 -28.15 -18.96
CA PHE C 1135 25.89 -27.72 -19.95
C PHE C 1135 26.31 -28.11 -21.37
N SER C 1136 25.36 -28.68 -22.12
CA SER C 1136 25.56 -29.08 -23.51
C SER C 1136 24.32 -28.72 -24.31
N CYS C 1137 24.51 -27.97 -25.39
CA CYS C 1137 23.45 -27.57 -26.30
C CYS C 1137 23.80 -28.06 -27.70
N THR C 1138 23.02 -29.03 -28.21
CA THR C 1138 23.27 -29.63 -29.52
C THR C 1138 22.16 -29.34 -30.51
N ILE C 1139 22.55 -28.87 -31.71
CA ILE C 1139 21.63 -28.63 -32.84
C ILE C 1139 22.03 -29.65 -33.92
N ARG C 1140 21.08 -30.48 -34.35
CA ARG C 1140 21.33 -31.50 -35.38
C ARG C 1140 20.45 -31.27 -36.60
N TYR C 1141 21.03 -31.48 -37.79
CA TYR C 1141 20.32 -31.29 -39.05
C TYR C 1141 20.35 -32.55 -39.91
N ARG C 1142 19.26 -32.75 -40.67
CA ARG C 1142 19.12 -33.78 -41.69
C ARG C 1142 18.82 -32.97 -42.94
N LYS C 1143 19.49 -33.30 -44.06
CA LYS C 1143 19.32 -32.53 -45.29
C LYS C 1143 18.95 -33.36 -46.52
N ILE C 1144 18.17 -32.74 -47.44
CA ILE C 1144 17.77 -33.25 -48.75
C ILE C 1144 18.64 -32.38 -49.67
N GLY C 1145 19.80 -32.89 -50.03
CA GLY C 1145 20.79 -32.14 -50.79
C GLY C 1145 21.31 -31.02 -49.91
N PRO C 1146 21.20 -29.74 -50.33
CA PRO C 1146 21.64 -28.64 -49.46
C PRO C 1146 20.52 -28.06 -48.55
N LEU C 1147 19.28 -28.59 -48.67
CA LEU C 1147 18.10 -28.11 -47.95
C LEU C 1147 17.80 -28.86 -46.66
N VAL C 1148 17.55 -28.12 -45.57
CA VAL C 1148 17.23 -28.68 -44.25
C VAL C 1148 15.80 -29.23 -44.27
N ASP C 1149 15.62 -30.51 -43.87
CA ASP C 1149 14.30 -31.15 -43.78
C ASP C 1149 13.96 -31.54 -42.34
N LYS C 1150 14.93 -31.38 -41.43
CA LYS C 1150 14.81 -31.69 -40.00
C LYS C 1150 15.84 -30.89 -39.17
N GLN C 1151 15.38 -30.26 -38.09
CA GLN C 1151 16.20 -29.49 -37.15
C GLN C 1151 15.84 -29.94 -35.73
N ILE C 1152 16.83 -30.48 -34.99
CA ILE C 1152 16.66 -31.00 -33.63
C ILE C 1152 17.47 -30.15 -32.64
N TYR C 1153 16.87 -29.80 -31.49
CA TYR C 1153 17.51 -29.07 -30.40
C TYR C 1153 17.57 -30.02 -29.20
N ARG C 1154 18.77 -30.28 -28.66
CA ARG C 1154 18.95 -31.18 -27.52
C ARG C 1154 19.80 -30.54 -26.42
N PHE C 1155 19.36 -30.70 -25.16
CA PHE C 1155 20.03 -30.12 -23.99
C PHE C 1155 20.35 -31.17 -22.93
N SER C 1156 21.50 -31.01 -22.26
CA SER C 1156 21.97 -31.89 -21.18
C SER C 1156 21.38 -31.52 -19.81
N GLU C 1157 20.90 -30.25 -19.63
CA GLU C 1157 20.29 -29.73 -18.40
C GLU C 1157 19.05 -30.50 -17.98
N GLU C 1158 18.85 -30.61 -16.66
CA GLU C 1158 17.75 -31.33 -16.01
C GLU C 1158 16.34 -30.85 -16.41
N GLY C 1159 16.09 -29.54 -16.24
CA GLY C 1159 14.79 -28.94 -16.49
C GLY C 1159 14.46 -28.55 -17.92
N MET C 1160 15.49 -28.32 -18.75
CA MET C 1160 15.35 -27.87 -20.13
C MET C 1160 14.69 -28.88 -21.06
N VAL C 1161 13.80 -28.39 -21.92
CA VAL C 1161 13.05 -29.18 -22.90
C VAL C 1161 13.70 -29.18 -24.29
N ASN C 1162 13.57 -30.30 -25.00
CA ASN C 1162 14.11 -30.47 -26.35
C ASN C 1162 13.07 -30.08 -27.41
N ALA C 1163 13.53 -29.84 -28.65
CA ALA C 1163 12.66 -29.46 -29.77
C ALA C 1163 13.04 -30.17 -31.07
N ARG C 1164 12.05 -30.36 -31.95
CA ARG C 1164 12.19 -31.00 -33.26
C ARG C 1164 11.32 -30.23 -34.25
N PHE C 1165 11.88 -29.93 -35.43
CA PHE C 1165 11.15 -29.24 -36.50
C PHE C 1165 11.34 -30.01 -37.79
N ASP C 1166 10.24 -30.54 -38.34
CA ASP C 1166 10.23 -31.31 -39.58
C ASP C 1166 9.75 -30.40 -40.71
N TYR C 1167 10.50 -30.41 -41.82
CA TYR C 1167 10.20 -29.59 -42.99
C TYR C 1167 9.95 -30.47 -44.20
N THR C 1168 9.03 -30.04 -45.07
CA THR C 1168 8.73 -30.70 -46.34
C THR C 1168 8.84 -29.61 -47.41
N TYR C 1169 9.19 -30.02 -48.63
CA TYR C 1169 9.34 -29.09 -49.75
C TYR C 1169 8.31 -29.35 -50.83
N HIS C 1170 7.86 -28.29 -51.51
CA HIS C 1170 6.89 -28.42 -52.61
C HIS C 1170 7.50 -29.23 -53.74
N ASP C 1171 6.67 -30.05 -54.41
CA ASP C 1171 7.10 -30.89 -55.52
C ASP C 1171 7.75 -30.04 -56.61
N ASN C 1172 8.90 -30.52 -57.13
CA ASN C 1172 9.66 -29.91 -58.21
C ASN C 1172 10.11 -28.47 -57.90
N SER C 1173 10.52 -28.22 -56.64
CA SER C 1173 10.97 -26.90 -56.17
C SER C 1173 11.85 -26.96 -54.92
N PHE C 1174 12.38 -25.79 -54.52
CA PHE C 1174 13.21 -25.58 -53.32
C PHE C 1174 12.39 -24.82 -52.25
N ARG C 1175 11.07 -24.65 -52.52
CA ARG C 1175 10.12 -23.95 -51.64
C ARG C 1175 9.69 -24.82 -50.47
N ILE C 1176 9.79 -24.29 -49.25
CA ILE C 1176 9.35 -24.96 -48.01
C ILE C 1176 7.81 -25.01 -48.06
N ALA C 1177 7.22 -26.21 -47.98
CA ALA C 1177 5.78 -26.40 -48.02
C ALA C 1177 5.14 -26.48 -46.64
N SER C 1178 5.87 -27.06 -45.66
CA SER C 1178 5.37 -27.22 -44.30
C SER C 1178 6.46 -27.22 -43.24
N ILE C 1179 6.10 -26.81 -42.00
CA ILE C 1179 6.94 -26.82 -40.79
C ILE C 1179 6.09 -27.48 -39.73
N LYS C 1180 6.59 -28.60 -39.17
CA LYS C 1180 5.87 -29.32 -38.13
C LYS C 1180 6.71 -29.37 -36.86
N PRO C 1181 6.34 -28.56 -35.83
CA PRO C 1181 7.11 -28.54 -34.58
C PRO C 1181 6.68 -29.58 -33.55
N ILE C 1182 7.64 -30.03 -32.73
CA ILE C 1182 7.45 -30.95 -31.60
C ILE C 1182 8.36 -30.43 -30.46
N ILE C 1183 7.79 -29.66 -29.51
CA ILE C 1183 8.52 -29.12 -28.35
C ILE C 1183 8.08 -29.91 -27.11
N SER C 1184 9.05 -30.39 -26.32
CA SER C 1184 8.85 -31.17 -25.09
C SER C 1184 7.93 -32.39 -25.30
N GLU C 1185 8.14 -33.12 -26.42
CA GLU C 1185 7.38 -34.32 -26.83
C GLU C 1185 5.86 -34.02 -27.00
N THR C 1186 5.52 -32.73 -27.27
CA THR C 1186 4.17 -32.24 -27.50
C THR C 1186 4.06 -31.76 -28.96
N PRO C 1187 3.43 -32.54 -29.87
CA PRO C 1187 3.31 -32.08 -31.27
C PRO C 1187 2.42 -30.85 -31.40
N LEU C 1188 2.87 -29.88 -32.22
CA LEU C 1188 2.15 -28.64 -32.46
C LEU C 1188 1.54 -28.62 -33.86
N PRO C 1189 0.53 -27.76 -34.16
CA PRO C 1189 -0.04 -27.75 -35.52
C PRO C 1189 0.97 -27.42 -36.62
N VAL C 1190 0.84 -28.09 -37.77
CA VAL C 1190 1.65 -27.89 -38.97
C VAL C 1190 1.31 -26.52 -39.58
N ASP C 1191 2.33 -25.82 -40.06
CA ASP C 1191 2.15 -24.53 -40.72
C ASP C 1191 2.43 -24.74 -42.21
N LEU C 1192 1.39 -24.58 -43.03
CA LEU C 1192 1.51 -24.75 -44.48
C LEU C 1192 1.85 -23.45 -45.16
N TYR C 1193 2.70 -23.54 -46.20
CA TYR C 1193 3.15 -22.40 -46.99
C TYR C 1193 2.73 -22.57 -48.44
N ARG C 1194 2.04 -21.59 -48.99
CA ARG C 1194 1.56 -21.58 -50.38
C ARG C 1194 2.18 -20.38 -51.08
N TYR C 1195 2.63 -20.57 -52.32
CA TYR C 1195 3.31 -19.54 -53.10
C TYR C 1195 2.74 -19.37 -54.49
N ASP C 1196 3.03 -18.21 -55.10
CA ASP C 1196 2.70 -17.94 -56.50
C ASP C 1196 3.90 -18.48 -57.28
N GLU C 1197 3.65 -19.44 -58.19
CA GLU C 1197 4.71 -20.11 -58.97
C GLU C 1197 5.40 -19.20 -60.00
N ILE C 1198 4.79 -18.04 -60.33
CA ILE C 1198 5.32 -17.07 -61.31
C ILE C 1198 6.23 -16.01 -60.66
N SER C 1199 5.98 -15.65 -59.39
CA SER C 1199 6.71 -14.60 -58.68
C SER C 1199 7.47 -15.05 -57.42
N GLY C 1200 7.03 -16.14 -56.80
CA GLY C 1200 7.62 -16.63 -55.56
C GLY C 1200 7.00 -15.98 -54.33
N LYS C 1201 5.95 -15.15 -54.53
CA LYS C 1201 5.20 -14.45 -53.49
C LYS C 1201 4.54 -15.45 -52.54
N VAL C 1202 4.69 -15.23 -51.23
CA VAL C 1202 4.04 -16.09 -50.22
C VAL C 1202 2.55 -15.67 -50.22
N GLU C 1203 1.67 -16.58 -50.64
CA GLU C 1203 0.24 -16.34 -50.72
C GLU C 1203 -0.49 -16.79 -49.44
N HIS C 1204 0.10 -17.76 -48.72
CA HIS C 1204 -0.46 -18.29 -47.49
C HIS C 1204 0.64 -18.83 -46.57
N PHE C 1205 0.59 -18.46 -45.29
CA PHE C 1205 1.54 -18.93 -44.28
C PHE C 1205 0.78 -19.16 -42.98
N GLY C 1206 0.80 -20.40 -42.50
CA GLY C 1206 0.05 -20.82 -41.32
C GLY C 1206 -1.43 -20.72 -41.57
N LYS C 1207 -2.09 -19.78 -40.88
CA LYS C 1207 -3.52 -19.49 -41.00
C LYS C 1207 -3.77 -18.17 -41.77
N PHE C 1208 -2.69 -17.47 -42.12
CA PHE C 1208 -2.69 -16.16 -42.77
C PHE C 1208 -2.57 -16.21 -44.27
N GLY C 1209 -3.40 -15.42 -44.94
CA GLY C 1209 -3.40 -15.27 -46.39
C GLY C 1209 -2.85 -13.91 -46.77
N VAL C 1210 -2.10 -13.84 -47.89
CA VAL C 1210 -1.49 -12.58 -48.31
C VAL C 1210 -1.99 -12.15 -49.70
N ILE C 1211 -2.39 -10.86 -49.80
CA ILE C 1211 -2.85 -10.22 -51.03
C ILE C 1211 -1.86 -9.09 -51.38
N TYR C 1212 -1.44 -9.05 -52.65
CA TYR C 1212 -0.50 -8.04 -53.14
C TYR C 1212 -1.17 -7.18 -54.21
N TYR C 1213 -1.05 -5.86 -54.06
CA TYR C 1213 -1.54 -4.86 -55.01
C TYR C 1213 -0.50 -3.76 -55.04
N ASP C 1214 0.13 -3.55 -56.22
CA ASP C 1214 1.24 -2.60 -56.42
C ASP C 1214 2.39 -3.04 -55.46
N ILE C 1215 2.83 -2.18 -54.53
CA ILE C 1215 3.86 -2.54 -53.55
C ILE C 1215 3.24 -2.70 -52.13
N ASN C 1216 1.91 -2.50 -52.01
CA ASN C 1216 1.16 -2.62 -50.75
C ASN C 1216 0.75 -4.07 -50.48
N GLN C 1217 0.64 -4.45 -49.19
CA GLN C 1217 0.30 -5.82 -48.77
C GLN C 1217 -0.84 -5.89 -47.75
N ILE C 1218 -1.64 -6.96 -47.84
CA ILE C 1218 -2.75 -7.25 -46.93
C ILE C 1218 -2.63 -8.66 -46.39
N ILE C 1219 -2.49 -8.79 -45.07
CA ILE C 1219 -2.47 -10.09 -44.39
C ILE C 1219 -3.88 -10.30 -43.83
N THR C 1220 -4.54 -11.38 -44.24
CA THR C 1220 -5.91 -11.67 -43.86
C THR C 1220 -6.11 -13.03 -43.19
N THR C 1221 -7.17 -13.09 -42.39
CA THR C 1221 -7.72 -14.22 -41.65
C THR C 1221 -9.24 -13.93 -41.67
N ALA C 1222 -10.08 -14.92 -41.31
CA ALA C 1222 -11.54 -14.73 -41.26
C ALA C 1222 -11.91 -13.67 -40.19
N VAL C 1223 -10.99 -13.44 -39.23
CA VAL C 1223 -11.12 -12.52 -38.11
C VAL C 1223 -10.40 -11.17 -38.38
N MET C 1224 -9.10 -11.20 -38.72
CA MET C 1224 -8.29 -9.99 -38.92
C MET C 1224 -7.86 -9.68 -40.35
N THR C 1225 -7.51 -8.40 -40.59
CA THR C 1225 -6.94 -7.84 -41.82
C THR C 1225 -5.88 -6.79 -41.41
N LEU C 1226 -4.62 -7.02 -41.81
CA LEU C 1226 -3.52 -6.08 -41.56
C LEU C 1226 -3.11 -5.51 -42.91
N SER C 1227 -3.44 -4.22 -43.15
CA SER C 1227 -3.14 -3.51 -44.39
C SER C 1227 -1.95 -2.58 -44.22
N LYS C 1228 -0.92 -2.78 -45.06
CA LYS C 1228 0.31 -1.99 -45.06
C LYS C 1228 0.39 -1.19 -46.36
N HIS C 1229 0.40 0.15 -46.23
CA HIS C 1229 0.47 1.10 -47.35
C HIS C 1229 1.83 1.79 -47.37
N PHE C 1230 2.46 1.81 -48.54
CA PHE C 1230 3.78 2.40 -48.74
C PHE C 1230 3.70 3.58 -49.68
N ASP C 1231 4.53 4.61 -49.46
CA ASP C 1231 4.58 5.80 -50.31
C ASP C 1231 5.41 5.55 -51.59
N THR C 1232 5.63 6.59 -52.42
CA THR C 1232 6.38 6.54 -53.70
C THR C 1232 7.86 6.12 -53.53
N HIS C 1233 8.43 6.29 -52.32
CA HIS C 1233 9.82 5.91 -51.99
C HIS C 1233 9.89 4.52 -51.34
N GLY C 1234 8.77 3.80 -51.33
CA GLY C 1234 8.67 2.47 -50.75
C GLY C 1234 8.70 2.43 -49.23
N ARG C 1235 8.51 3.60 -48.60
CA ARG C 1235 8.50 3.74 -47.15
C ARG C 1235 7.07 3.64 -46.63
N ILE C 1236 6.88 2.96 -45.49
CA ILE C 1236 5.56 2.78 -44.87
C ILE C 1236 4.92 4.15 -44.56
N LYS C 1237 3.67 4.35 -45.01
CA LYS C 1237 2.93 5.59 -44.80
C LYS C 1237 1.67 5.37 -43.95
N GLU C 1238 1.10 4.16 -44.00
CA GLU C 1238 -0.09 3.80 -43.24
C GLU C 1238 -0.20 2.31 -42.96
N VAL C 1239 -0.51 1.97 -41.70
CA VAL C 1239 -0.77 0.62 -41.21
C VAL C 1239 -2.20 0.63 -40.68
N GLN C 1240 -2.97 -0.40 -41.01
CA GLN C 1240 -4.36 -0.53 -40.58
C GLN C 1240 -4.56 -1.96 -40.10
N TYR C 1241 -4.95 -2.14 -38.83
CA TYR C 1241 -5.19 -3.44 -38.22
C TYR C 1241 -6.66 -3.54 -37.81
N GLU C 1242 -7.41 -4.37 -38.54
CA GLU C 1242 -8.83 -4.58 -38.30
C GLU C 1242 -9.10 -5.97 -37.78
N MET C 1243 -10.00 -6.09 -36.80
CA MET C 1243 -10.44 -7.35 -36.21
C MET C 1243 -11.96 -7.31 -36.16
N PHE C 1244 -12.61 -8.39 -36.64
CA PHE C 1244 -14.08 -8.52 -36.70
C PHE C 1244 -14.73 -7.31 -37.39
N ARG C 1245 -14.11 -6.85 -38.51
CA ARG C 1245 -14.52 -5.71 -39.34
C ARG C 1245 -14.56 -4.36 -38.55
N SER C 1246 -13.79 -4.30 -37.45
CA SER C 1246 -13.63 -3.15 -36.56
C SER C 1246 -12.13 -2.77 -36.52
N LEU C 1247 -11.83 -1.46 -36.55
CA LEU C 1247 -10.47 -0.94 -36.53
C LEU C 1247 -9.88 -0.95 -35.14
N MET C 1248 -8.82 -1.73 -34.94
CA MET C 1248 -8.14 -1.87 -33.66
C MET C 1248 -6.93 -0.95 -33.54
N TYR C 1249 -6.22 -0.75 -34.67
CA TYR C 1249 -5.01 0.07 -34.69
C TYR C 1249 -4.73 0.67 -36.06
N TRP C 1250 -4.33 1.94 -36.09
CA TRP C 1250 -3.89 2.62 -37.30
C TRP C 1250 -2.75 3.58 -36.99
N MET C 1251 -1.73 3.57 -37.85
CA MET C 1251 -0.57 4.43 -37.77
C MET C 1251 -0.31 5.08 -39.13
N THR C 1252 0.10 6.37 -39.14
CA THR C 1252 0.50 7.08 -40.34
C THR C 1252 1.87 7.68 -40.11
N VAL C 1253 2.80 7.42 -41.02
CA VAL C 1253 4.16 7.95 -40.94
C VAL C 1253 4.39 8.93 -42.08
N GLN C 1254 5.00 10.09 -41.77
CA GLN C 1254 5.37 11.14 -42.71
C GLN C 1254 6.87 11.37 -42.60
N TYR C 1255 7.52 11.63 -43.74
CA TYR C 1255 8.96 11.79 -43.83
C TYR C 1255 9.37 13.12 -44.43
N ASP C 1256 10.62 13.56 -44.16
CA ASP C 1256 11.16 14.77 -44.80
C ASP C 1256 11.83 14.37 -46.13
N SER C 1257 12.54 15.31 -46.78
CA SER C 1257 13.25 15.08 -48.05
C SER C 1257 14.26 13.92 -47.97
N MET C 1258 14.97 13.81 -46.83
CA MET C 1258 16.00 12.79 -46.63
C MET C 1258 15.50 11.43 -46.08
N GLY C 1259 14.19 11.25 -45.94
CA GLY C 1259 13.62 10.00 -45.44
C GLY C 1259 13.59 9.87 -43.93
N ARG C 1260 13.70 10.99 -43.20
CA ARG C 1260 13.62 11.01 -41.74
C ARG C 1260 12.16 11.15 -41.31
N VAL C 1261 11.73 10.35 -40.34
CA VAL C 1261 10.37 10.37 -39.78
C VAL C 1261 10.15 11.73 -39.11
N THR C 1262 9.17 12.52 -39.61
CA THR C 1262 8.86 13.85 -39.05
C THR C 1262 7.52 13.87 -38.34
N LYS C 1263 6.60 12.98 -38.71
CA LYS C 1263 5.27 12.92 -38.10
C LYS C 1263 4.76 11.48 -38.02
N ARG C 1264 4.22 11.10 -36.87
CA ARG C 1264 3.62 9.79 -36.64
C ARG C 1264 2.31 9.95 -35.88
N GLU C 1265 1.20 9.47 -36.46
CA GLU C 1265 -0.11 9.49 -35.82
C GLU C 1265 -0.42 8.07 -35.38
N LEU C 1266 -0.87 7.89 -34.13
CA LEU C 1266 -1.16 6.58 -33.57
C LEU C 1266 -2.50 6.51 -32.84
N LYS C 1267 -3.30 5.48 -33.16
CA LYS C 1267 -4.56 5.18 -32.51
C LYS C 1267 -4.46 3.74 -32.03
N LEU C 1268 -4.32 3.56 -30.71
CA LEU C 1268 -4.17 2.23 -30.09
C LEU C 1268 -5.46 1.85 -29.38
N GLY C 1269 -6.28 1.07 -30.08
CA GLY C 1269 -7.56 0.63 -29.58
C GLY C 1269 -8.69 1.22 -30.40
N PRO C 1270 -9.86 0.56 -30.48
CA PRO C 1270 -10.96 1.11 -31.28
C PRO C 1270 -11.61 2.38 -30.74
N TYR C 1271 -11.54 2.61 -29.41
CA TYR C 1271 -12.18 3.76 -28.77
C TYR C 1271 -11.20 4.81 -28.23
N ALA C 1272 -9.88 4.53 -28.28
CA ALA C 1272 -8.85 5.45 -27.80
C ALA C 1272 -8.63 6.63 -28.74
N ASN C 1273 -8.13 7.76 -28.19
CA ASN C 1273 -7.82 8.97 -28.95
C ASN C 1273 -6.61 8.79 -29.86
N THR C 1274 -6.51 9.63 -30.91
CA THR C 1274 -5.39 9.62 -31.84
C THR C 1274 -4.31 10.58 -31.35
N THR C 1275 -3.08 10.08 -31.17
CA THR C 1275 -1.94 10.87 -30.70
C THR C 1275 -1.00 11.20 -31.88
N LYS C 1276 -0.65 12.49 -32.02
CA LYS C 1276 0.23 13.02 -33.05
C LYS C 1276 1.61 13.30 -32.46
N TYR C 1277 2.66 12.68 -33.03
CA TYR C 1277 4.04 12.88 -32.62
C TYR C 1277 4.80 13.57 -33.75
N THR C 1278 5.43 14.72 -33.45
CA THR C 1278 6.22 15.46 -34.43
C THR C 1278 7.69 15.45 -34.01
N TYR C 1279 8.57 15.19 -34.97
CA TYR C 1279 10.00 15.04 -34.76
C TYR C 1279 10.83 16.09 -35.48
N ASP C 1280 11.77 16.72 -34.76
CA ASP C 1280 12.69 17.74 -35.29
C ASP C 1280 14.11 17.25 -35.14
N TYR C 1281 14.92 17.48 -36.17
CA TYR C 1281 16.30 17.03 -36.23
C TYR C 1281 17.25 18.20 -36.23
N ASP C 1282 18.48 17.98 -35.73
CA ASP C 1282 19.50 19.02 -35.70
C ASP C 1282 20.22 19.13 -37.06
N GLY C 1283 21.23 19.99 -37.12
CA GLY C 1283 22.04 20.24 -38.32
C GLY C 1283 22.73 19.03 -38.92
N ASP C 1284 22.92 17.95 -38.12
CA ASP C 1284 23.54 16.70 -38.55
C ASP C 1284 22.55 15.52 -38.66
N GLY C 1285 21.25 15.81 -38.58
CA GLY C 1285 20.19 14.81 -38.71
C GLY C 1285 19.99 13.93 -37.48
N GLN C 1286 20.37 14.45 -36.31
CA GLN C 1286 20.24 13.81 -35.01
C GLN C 1286 18.96 14.33 -34.37
N LEU C 1287 18.14 13.41 -33.84
CA LEU C 1287 16.85 13.73 -33.22
C LEU C 1287 17.03 14.72 -32.10
N GLN C 1288 16.43 15.91 -32.25
CA GLN C 1288 16.54 17.03 -31.34
C GLN C 1288 15.35 17.15 -30.40
N SER C 1289 14.13 17.00 -30.94
CA SER C 1289 12.92 17.15 -30.14
C SER C 1289 11.77 16.31 -30.65
N VAL C 1290 10.87 15.97 -29.71
CA VAL C 1290 9.65 15.19 -29.93
C VAL C 1290 8.51 15.94 -29.25
N ALA C 1291 7.49 16.29 -30.02
CA ALA C 1291 6.31 16.98 -29.51
C ALA C 1291 5.10 16.05 -29.56
N VAL C 1292 4.24 16.12 -28.53
CA VAL C 1292 3.03 15.31 -28.41
C VAL C 1292 1.83 16.26 -28.59
N ASN C 1293 1.09 16.10 -29.71
CA ASN C 1293 -0.04 16.94 -30.11
C ASN C 1293 0.34 18.43 -30.12
N ASP C 1294 1.45 18.74 -30.83
CA ASP C 1294 2.07 20.05 -31.04
C ASP C 1294 2.61 20.70 -29.73
N ARG C 1295 2.78 19.90 -28.66
CA ARG C 1295 3.31 20.35 -27.37
C ARG C 1295 4.69 19.71 -27.08
N PRO C 1296 5.79 20.49 -26.95
CA PRO C 1296 7.12 19.90 -26.67
C PRO C 1296 7.17 19.05 -25.40
N THR C 1297 7.64 17.79 -25.52
CA THR C 1297 7.73 16.82 -24.41
C THR C 1297 9.16 16.30 -24.19
N TRP C 1298 9.90 16.02 -25.28
CA TRP C 1298 11.25 15.50 -25.19
C TRP C 1298 12.27 16.35 -25.89
N ARG C 1299 13.43 16.48 -25.27
CA ARG C 1299 14.55 17.23 -25.80
C ARG C 1299 15.77 16.32 -25.77
N TYR C 1300 16.53 16.31 -26.86
CA TYR C 1300 17.75 15.52 -26.99
C TYR C 1300 18.87 16.40 -27.46
N SER C 1301 20.05 16.29 -26.82
CA SER C 1301 21.24 17.04 -27.22
C SER C 1301 22.45 16.13 -27.32
N TYR C 1302 23.40 16.49 -28.21
CA TYR C 1302 24.56 15.67 -28.50
C TYR C 1302 25.89 16.37 -28.35
N ASP C 1303 26.90 15.57 -27.98
CA ASP C 1303 28.32 15.87 -27.85
C ASP C 1303 28.89 16.16 -29.26
N LEU C 1304 30.15 16.61 -29.34
CA LEU C 1304 30.83 16.78 -30.63
C LEU C 1304 31.06 15.43 -31.30
N ASN C 1305 31.13 14.34 -30.51
CA ASN C 1305 31.33 12.98 -30.99
C ASN C 1305 30.02 12.25 -31.28
N GLY C 1306 28.89 12.91 -31.04
CA GLY C 1306 27.58 12.34 -31.28
C GLY C 1306 27.03 11.56 -30.09
N ASN C 1307 27.64 11.73 -28.91
CA ASN C 1307 27.18 11.08 -27.70
C ASN C 1307 26.00 11.86 -27.15
N LEU C 1308 24.88 11.16 -26.93
CA LEU C 1308 23.64 11.73 -26.38
C LEU C 1308 23.93 12.17 -24.96
N HIS C 1309 24.05 13.49 -24.73
CA HIS C 1309 24.44 13.99 -23.42
C HIS C 1309 23.32 14.75 -22.66
N LEU C 1310 22.09 14.73 -23.20
CA LEU C 1310 20.94 15.44 -22.61
C LEU C 1310 19.64 14.78 -23.10
N LEU C 1311 18.77 14.41 -22.15
CA LEU C 1311 17.47 13.79 -22.45
C LEU C 1311 16.47 13.95 -21.34
N ASN C 1312 15.18 13.85 -21.68
CA ASN C 1312 14.09 13.81 -20.71
C ASN C 1312 13.81 12.30 -20.55
N PRO C 1313 14.21 11.69 -19.40
CA PRO C 1313 14.02 10.23 -19.26
C PRO C 1313 12.57 9.82 -19.07
N GLY C 1314 12.14 8.82 -19.83
CA GLY C 1314 10.79 8.26 -19.79
C GLY C 1314 9.74 9.30 -20.05
N ASN C 1315 8.90 9.55 -19.04
CA ASN C 1315 7.77 10.49 -19.03
C ASN C 1315 8.16 11.83 -18.41
N SER C 1316 9.32 11.88 -17.70
CA SER C 1316 9.83 13.03 -16.94
C SER C 1316 10.01 14.33 -17.74
N VAL C 1317 9.73 15.45 -17.05
CA VAL C 1317 9.84 16.84 -17.50
C VAL C 1317 11.28 17.29 -17.27
N ARG C 1318 11.94 16.68 -16.26
CA ARG C 1318 13.32 16.92 -15.84
C ARG C 1318 14.32 16.57 -16.95
N LEU C 1319 15.29 17.48 -17.20
CA LEU C 1319 16.33 17.33 -18.21
C LEU C 1319 17.55 16.71 -17.57
N MET C 1320 17.88 15.48 -17.99
CA MET C 1320 19.00 14.73 -17.42
C MET C 1320 20.25 14.74 -18.29
N PRO C 1321 21.43 15.01 -17.68
CA PRO C 1321 22.68 14.92 -18.43
C PRO C 1321 23.36 13.54 -18.39
N LEU C 1322 23.99 13.14 -19.50
CA LEU C 1322 24.78 11.90 -19.60
C LEU C 1322 26.23 12.31 -19.80
N ARG C 1323 27.16 11.56 -19.19
CA ARG C 1323 28.60 11.83 -19.21
C ARG C 1323 29.37 10.70 -19.87
N TYR C 1324 30.45 11.06 -20.60
CA TYR C 1324 31.30 10.16 -21.38
C TYR C 1324 32.76 10.43 -21.15
N ASP C 1325 33.59 9.37 -21.22
CA ASP C 1325 35.04 9.52 -21.10
C ASP C 1325 35.67 9.81 -22.49
N LEU C 1326 36.99 9.81 -22.60
CA LEU C 1326 37.68 10.09 -23.87
C LEU C 1326 37.53 8.98 -24.94
N ARG C 1327 37.23 7.75 -24.49
CA ARG C 1327 37.02 6.58 -25.35
C ARG C 1327 35.53 6.43 -25.72
N ASP C 1328 34.72 7.50 -25.50
CA ASP C 1328 33.27 7.58 -25.77
C ASP C 1328 32.42 6.62 -24.95
N ARG C 1329 32.96 6.10 -23.81
CA ARG C 1329 32.25 5.17 -22.91
C ARG C 1329 31.44 5.96 -21.88
N ILE C 1330 30.15 5.62 -21.70
CA ILE C 1330 29.27 6.27 -20.73
C ILE C 1330 29.78 6.04 -19.29
N THR C 1331 29.75 7.10 -18.45
CA THR C 1331 30.21 7.10 -17.04
C THR C 1331 29.08 7.46 -16.08
N ARG C 1332 28.07 8.21 -16.56
CA ARG C 1332 26.95 8.67 -15.76
C ARG C 1332 25.71 8.99 -16.60
N LEU C 1333 24.53 8.66 -16.06
CA LEU C 1333 23.20 8.97 -16.61
C LEU C 1333 22.44 9.62 -15.45
N GLY C 1334 22.39 10.95 -15.50
CA GLY C 1334 21.81 11.78 -14.46
C GLY C 1334 22.67 11.69 -13.22
N ASP C 1335 22.14 11.00 -12.20
CA ASP C 1335 22.77 10.72 -10.91
C ASP C 1335 23.37 9.30 -10.87
N ILE C 1336 22.94 8.41 -11.80
CA ILE C 1336 23.35 7.00 -11.88
C ILE C 1336 24.73 6.81 -12.54
N PRO C 1337 25.71 6.22 -11.82
CA PRO C 1337 27.01 5.96 -12.47
C PRO C 1337 26.99 4.71 -13.35
N TYR C 1338 27.73 4.77 -14.46
CA TYR C 1338 27.87 3.69 -15.42
C TYR C 1338 29.31 3.25 -15.44
N LYS C 1339 29.54 1.96 -15.68
CA LYS C 1339 30.87 1.40 -15.79
C LYS C 1339 30.93 0.54 -17.03
N ILE C 1340 31.87 0.86 -17.90
CA ILE C 1340 32.15 0.15 -19.14
C ILE C 1340 33.58 -0.35 -18.98
N ASP C 1341 33.82 -1.65 -19.17
CA ASP C 1341 35.17 -2.22 -19.00
C ASP C 1341 36.16 -1.75 -20.08
N ASP C 1342 37.44 -2.18 -19.98
CA ASP C 1342 38.51 -1.82 -20.91
C ASP C 1342 38.36 -2.42 -22.31
N ASP C 1343 37.39 -3.32 -22.52
CA ASP C 1343 37.09 -3.93 -23.82
C ASP C 1343 35.97 -3.18 -24.53
N GLY C 1344 35.27 -2.31 -23.80
CA GLY C 1344 34.16 -1.53 -24.32
C GLY C 1344 32.79 -2.11 -24.03
N PHE C 1345 32.72 -3.11 -23.15
CA PHE C 1345 31.47 -3.77 -22.79
C PHE C 1345 30.87 -3.23 -21.50
N LEU C 1346 29.53 -3.11 -21.46
CA LEU C 1346 28.77 -2.69 -20.28
C LEU C 1346 29.08 -3.63 -19.12
N CYS C 1347 29.46 -3.03 -18.00
CA CYS C 1347 29.94 -3.68 -16.80
C CYS C 1347 28.95 -3.45 -15.62
N GLN C 1348 28.48 -2.20 -15.43
CA GLN C 1348 27.60 -1.81 -14.34
C GLN C 1348 26.80 -0.56 -14.67
N ARG C 1349 25.55 -0.49 -14.17
CA ARG C 1349 24.65 0.64 -14.26
C ARG C 1349 24.09 0.80 -12.86
N GLY C 1350 24.74 1.63 -12.05
CA GLY C 1350 24.37 1.82 -10.65
C GLY C 1350 24.68 0.57 -9.88
N SER C 1351 23.62 -0.12 -9.41
CA SER C 1351 23.71 -1.38 -8.66
C SER C 1351 23.62 -2.63 -9.56
N ASP C 1352 23.15 -2.45 -10.81
CA ASP C 1352 23.01 -3.51 -11.80
C ASP C 1352 24.39 -3.96 -12.28
N VAL C 1353 24.66 -5.27 -12.21
CA VAL C 1353 25.92 -5.88 -12.65
C VAL C 1353 25.66 -6.74 -13.89
N PHE C 1354 26.47 -6.55 -14.95
CA PHE C 1354 26.34 -7.28 -16.21
C PHE C 1354 27.60 -8.05 -16.48
N GLU C 1355 27.44 -9.35 -16.77
CA GLU C 1355 28.56 -10.24 -17.07
C GLU C 1355 28.51 -10.67 -18.54
N TYR C 1356 29.38 -10.10 -19.38
CA TYR C 1356 29.50 -10.42 -20.81
C TYR C 1356 30.70 -11.35 -21.00
N ASN C 1357 30.51 -12.43 -21.78
CA ASN C 1357 31.57 -13.42 -22.05
C ASN C 1357 32.51 -12.93 -23.17
N SER C 1358 33.49 -13.77 -23.61
CA SER C 1358 34.44 -13.42 -24.67
C SER C 1358 33.79 -13.23 -26.03
N LYS C 1359 32.67 -13.93 -26.27
CA LYS C 1359 31.88 -13.85 -27.50
C LYS C 1359 31.02 -12.55 -27.54
N GLY C 1360 30.93 -11.84 -26.43
CA GLY C 1360 30.16 -10.60 -26.30
C GLY C 1360 28.70 -10.83 -25.93
N LEU C 1361 28.40 -12.01 -25.39
CA LEU C 1361 27.04 -12.43 -25.00
C LEU C 1361 26.83 -12.29 -23.50
N LEU C 1362 25.67 -11.71 -23.11
CA LEU C 1362 25.32 -11.51 -21.71
C LEU C 1362 24.94 -12.86 -21.08
N THR C 1363 25.82 -13.38 -20.20
CA THR C 1363 25.61 -14.67 -19.54
C THR C 1363 24.84 -14.53 -18.24
N ARG C 1364 25.00 -13.37 -17.56
CA ARG C 1364 24.35 -13.09 -16.30
C ARG C 1364 24.22 -11.58 -16.02
N ALA C 1365 23.17 -11.22 -15.30
CA ALA C 1365 22.90 -9.87 -14.84
C ALA C 1365 22.15 -9.95 -13.50
N TYR C 1366 22.55 -9.11 -12.52
CA TYR C 1366 21.95 -9.11 -11.19
C TYR C 1366 22.05 -7.77 -10.47
N ASN C 1367 21.17 -7.59 -9.48
CA ASN C 1367 21.15 -6.44 -8.59
C ASN C 1367 20.94 -7.00 -7.21
N LYS C 1368 21.99 -6.94 -6.37
CA LYS C 1368 21.95 -7.45 -5.00
C LYS C 1368 20.97 -6.69 -4.12
N ALA C 1369 20.92 -5.34 -4.26
CA ALA C 1369 20.01 -4.47 -3.51
C ALA C 1369 18.52 -4.69 -3.85
N ASN C 1370 18.20 -4.85 -5.15
CA ASN C 1370 16.83 -5.08 -5.65
C ASN C 1370 16.44 -6.57 -5.67
N GLY C 1371 17.37 -7.43 -5.26
CA GLY C 1371 17.18 -8.87 -5.12
C GLY C 1371 16.89 -9.70 -6.36
N TRP C 1372 17.25 -9.20 -7.56
CA TRP C 1372 17.01 -9.95 -8.79
C TRP C 1372 18.31 -10.44 -9.47
N ASN C 1373 18.19 -11.56 -10.20
CA ASN C 1373 19.25 -12.25 -10.93
C ASN C 1373 18.62 -12.88 -12.18
N VAL C 1374 19.35 -12.85 -13.31
CA VAL C 1374 18.93 -13.43 -14.58
C VAL C 1374 20.13 -14.11 -15.24
N GLN C 1375 19.96 -15.36 -15.68
CA GLN C 1375 21.01 -16.11 -16.35
C GLN C 1375 20.55 -16.48 -17.76
N TYR C 1376 21.46 -16.37 -18.73
CA TYR C 1376 21.14 -16.70 -20.12
C TYR C 1376 22.04 -17.80 -20.66
N ARG C 1377 21.49 -18.61 -21.55
CA ARG C 1377 22.19 -19.72 -22.22
C ARG C 1377 22.12 -19.47 -23.72
N TYR C 1378 23.17 -19.83 -24.44
CA TYR C 1378 23.28 -19.61 -25.88
C TYR C 1378 23.62 -20.91 -26.61
N ASP C 1379 23.20 -21.02 -27.88
CA ASP C 1379 23.51 -22.14 -28.74
C ASP C 1379 24.86 -21.88 -29.45
N GLY C 1380 25.37 -22.88 -30.15
CA GLY C 1380 26.63 -22.82 -30.87
C GLY C 1380 26.69 -21.80 -31.99
N LEU C 1381 25.53 -21.31 -32.45
CA LEU C 1381 25.44 -20.31 -33.51
C LEU C 1381 25.35 -18.86 -32.98
N GLY C 1382 25.44 -18.71 -31.64
CA GLY C 1382 25.43 -17.43 -30.93
C GLY C 1382 24.06 -16.85 -30.60
N ARG C 1383 23.00 -17.66 -30.68
CA ARG C 1383 21.62 -17.24 -30.41
C ARG C 1383 21.20 -17.61 -29.00
N ARG C 1384 20.44 -16.74 -28.33
CA ARG C 1384 19.95 -16.99 -26.98
C ARG C 1384 18.96 -18.16 -26.99
N ALA C 1385 19.29 -19.24 -26.26
CA ALA C 1385 18.49 -20.46 -26.13
C ALA C 1385 17.53 -20.37 -24.95
N SER C 1386 17.96 -19.77 -23.83
CA SER C 1386 17.13 -19.64 -22.64
C SER C 1386 17.39 -18.38 -21.80
N CYS C 1387 16.41 -18.05 -20.96
CA CYS C 1387 16.42 -16.93 -20.00
C CYS C 1387 15.81 -17.51 -18.72
N LYS C 1388 16.53 -17.41 -17.59
CA LYS C 1388 16.05 -17.92 -16.30
C LYS C 1388 16.36 -16.93 -15.18
N THR C 1389 15.32 -16.55 -14.43
CA THR C 1389 15.48 -15.62 -13.30
C THR C 1389 15.35 -16.34 -11.96
N ASN C 1390 15.69 -15.64 -10.86
CA ASN C 1390 15.57 -16.14 -9.50
C ASN C 1390 14.15 -15.84 -8.97
N LEU C 1391 13.35 -15.09 -9.76
CA LEU C 1391 11.97 -14.67 -9.46
C LEU C 1391 10.90 -15.57 -10.11
N GLY C 1392 11.29 -16.77 -10.53
CA GLY C 1392 10.36 -17.74 -11.13
C GLY C 1392 10.40 -17.90 -12.64
N HIS C 1393 10.70 -16.80 -13.38
CA HIS C 1393 10.73 -16.80 -14.85
C HIS C 1393 11.74 -17.77 -15.44
N HIS C 1394 11.30 -18.57 -16.42
CA HIS C 1394 12.12 -19.51 -17.17
C HIS C 1394 11.52 -19.72 -18.55
N LEU C 1395 12.20 -19.17 -19.58
CA LEU C 1395 11.77 -19.25 -20.97
C LEU C 1395 12.83 -19.88 -21.84
N GLN C 1396 12.41 -20.57 -22.90
CA GLN C 1396 13.28 -21.18 -23.90
C GLN C 1396 12.88 -20.65 -25.26
N TYR C 1397 13.88 -20.35 -26.11
CA TYR C 1397 13.67 -19.77 -27.44
C TYR C 1397 14.12 -20.70 -28.54
N PHE C 1398 13.32 -20.75 -29.63
CA PHE C 1398 13.58 -21.60 -30.78
C PHE C 1398 13.48 -20.84 -32.08
N TYR C 1399 14.32 -21.23 -33.05
CA TYR C 1399 14.48 -20.58 -34.35
C TYR C 1399 14.18 -21.57 -35.47
N ALA C 1400 12.91 -21.73 -35.81
CA ALA C 1400 12.46 -22.65 -36.85
C ALA C 1400 12.50 -22.10 -38.28
N ASP C 1401 12.55 -20.75 -38.44
CA ASP C 1401 12.61 -20.13 -39.77
C ASP C 1401 14.01 -20.30 -40.37
N LEU C 1402 14.09 -21.11 -41.45
CA LEU C 1402 15.36 -21.37 -42.13
C LEU C 1402 15.87 -20.15 -42.92
N HIS C 1403 14.95 -19.30 -43.41
CA HIS C 1403 15.26 -18.07 -44.15
C HIS C 1403 15.65 -16.91 -43.25
N ASN C 1404 15.14 -16.89 -42.01
CA ASN C 1404 15.44 -15.87 -41.00
C ASN C 1404 15.96 -16.58 -39.74
N PRO C 1405 17.23 -17.03 -39.72
CA PRO C 1405 17.72 -17.82 -38.57
C PRO C 1405 17.84 -17.12 -37.21
N THR C 1406 17.75 -15.78 -37.14
CA THR C 1406 17.85 -15.04 -35.87
C THR C 1406 16.47 -14.68 -35.30
N ARG C 1407 15.41 -15.03 -36.05
CA ARG C 1407 14.00 -14.79 -35.73
C ARG C 1407 13.49 -15.83 -34.72
N VAL C 1408 13.02 -15.39 -33.55
CA VAL C 1408 12.46 -16.28 -32.51
C VAL C 1408 11.08 -16.66 -33.01
N THR C 1409 10.87 -17.95 -33.35
CA THR C 1409 9.58 -18.41 -33.89
C THR C 1409 8.70 -19.08 -32.81
N HIS C 1410 9.34 -19.67 -31.78
CA HIS C 1410 8.66 -20.38 -30.71
C HIS C 1410 9.29 -20.09 -29.37
N VAL C 1411 8.43 -19.97 -28.33
CA VAL C 1411 8.84 -19.70 -26.95
C VAL C 1411 8.21 -20.77 -26.04
N TYR C 1412 9.03 -21.49 -25.26
CA TYR C 1412 8.53 -22.46 -24.30
C TYR C 1412 8.62 -21.84 -22.92
N ASN C 1413 7.47 -21.72 -22.26
CA ASN C 1413 7.34 -21.16 -20.91
C ASN C 1413 7.27 -22.31 -19.89
N HIS C 1414 8.27 -22.38 -18.99
CA HIS C 1414 8.39 -23.43 -17.97
C HIS C 1414 7.38 -23.32 -16.82
N SER C 1415 6.90 -22.11 -16.50
CA SER C 1415 5.95 -21.94 -15.39
C SER C 1415 4.54 -22.47 -15.70
N ASN C 1416 4.16 -22.56 -16.99
CA ASN C 1416 2.85 -23.10 -17.38
C ASN C 1416 2.93 -24.24 -18.44
N SER C 1417 4.16 -24.56 -18.90
CA SER C 1417 4.48 -25.62 -19.88
C SER C 1417 3.83 -25.40 -21.27
N GLU C 1418 3.52 -24.13 -21.61
CA GLU C 1418 2.89 -23.83 -22.89
C GLU C 1418 3.86 -23.19 -23.90
N ILE C 1419 3.63 -23.48 -25.19
CA ILE C 1419 4.42 -23.01 -26.32
C ILE C 1419 3.69 -21.86 -27.02
N THR C 1420 4.42 -20.76 -27.25
CA THR C 1420 3.92 -19.57 -27.93
C THR C 1420 4.58 -19.48 -29.30
N SER C 1421 3.75 -19.46 -30.35
CA SER C 1421 4.15 -19.35 -31.75
C SER C 1421 4.10 -17.88 -32.11
N LEU C 1422 5.24 -17.35 -32.59
CA LEU C 1422 5.36 -15.95 -32.97
C LEU C 1422 5.25 -15.79 -34.48
N TYR C 1423 4.32 -14.93 -34.93
CA TYR C 1423 4.10 -14.68 -36.36
C TYR C 1423 4.51 -13.28 -36.76
N TYR C 1424 5.31 -13.20 -37.82
CA TYR C 1424 5.88 -11.96 -38.34
C TYR C 1424 5.37 -11.68 -39.74
N ASP C 1425 5.16 -10.38 -40.05
CA ASP C 1425 4.70 -9.92 -41.37
C ASP C 1425 5.82 -9.94 -42.42
N LEU C 1426 5.57 -9.43 -43.64
CA LEU C 1426 6.56 -9.43 -44.74
C LEU C 1426 7.72 -8.46 -44.53
N GLN C 1427 7.63 -7.56 -43.54
CA GLN C 1427 8.67 -6.60 -43.16
C GLN C 1427 9.43 -7.10 -41.92
N GLY C 1428 9.00 -8.24 -41.39
CA GLY C 1428 9.59 -8.89 -40.22
C GLY C 1428 9.06 -8.43 -38.88
N HIS C 1429 8.01 -7.59 -38.87
CA HIS C 1429 7.43 -7.09 -37.62
C HIS C 1429 6.46 -8.11 -37.05
N LEU C 1430 6.47 -8.30 -35.72
CA LEU C 1430 5.54 -9.20 -35.04
C LEU C 1430 4.12 -8.66 -35.18
N PHE C 1431 3.18 -9.50 -35.63
CA PHE C 1431 1.79 -9.07 -35.81
C PHE C 1431 0.80 -10.00 -35.12
N ALA C 1432 1.20 -11.25 -34.85
CA ALA C 1432 0.32 -12.25 -34.24
C ALA C 1432 1.07 -13.27 -33.40
N MET C 1433 0.33 -13.87 -32.46
CA MET C 1433 0.79 -14.92 -31.55
C MET C 1433 -0.27 -16.00 -31.42
N GLU C 1434 0.18 -17.23 -31.21
CA GLU C 1434 -0.69 -18.38 -30.98
C GLU C 1434 -0.12 -19.22 -29.86
N SER C 1435 -0.96 -19.60 -28.91
CA SER C 1435 -0.55 -20.41 -27.76
C SER C 1435 -0.98 -21.86 -27.97
N SER C 1436 -0.23 -22.81 -27.36
CA SER C 1436 -0.54 -24.24 -27.40
C SER C 1436 -1.80 -24.54 -26.57
N SER C 1437 -2.20 -23.59 -25.69
CA SER C 1437 -3.40 -23.66 -24.86
C SER C 1437 -4.68 -23.37 -25.67
N GLY C 1438 -4.51 -22.84 -26.88
CA GLY C 1438 -5.59 -22.49 -27.79
C GLY C 1438 -5.82 -21.00 -27.94
N GLU C 1439 -5.17 -20.17 -27.09
CA GLU C 1439 -5.27 -18.71 -27.10
C GLU C 1439 -4.59 -18.07 -28.30
N GLU C 1440 -5.19 -16.99 -28.82
CA GLU C 1440 -4.69 -16.24 -29.97
C GLU C 1440 -4.55 -14.76 -29.61
N TYR C 1441 -3.42 -14.15 -29.99
CA TYR C 1441 -3.14 -12.74 -29.72
C TYR C 1441 -2.78 -12.01 -30.99
N TYR C 1442 -3.20 -10.74 -31.09
CA TYR C 1442 -2.96 -9.91 -32.26
C TYR C 1442 -2.20 -8.67 -31.85
N VAL C 1443 -0.97 -8.56 -32.35
CA VAL C 1443 -0.02 -7.51 -31.98
C VAL C 1443 0.04 -6.36 -32.99
N ALA C 1444 -0.09 -5.13 -32.48
CA ALA C 1444 0.01 -3.87 -33.20
C ALA C 1444 1.46 -3.39 -33.06
N SER C 1445 2.23 -3.40 -34.15
CA SER C 1445 3.64 -3.00 -34.18
C SER C 1445 3.85 -1.76 -35.03
N ASP C 1446 4.72 -0.85 -34.57
CA ASP C 1446 5.02 0.39 -35.30
C ASP C 1446 5.97 0.16 -36.48
N ASN C 1447 6.42 1.28 -37.11
CA ASN C 1447 7.32 1.31 -38.27
C ASN C 1447 8.69 0.66 -38.03
N THR C 1448 9.14 0.58 -36.77
CA THR C 1448 10.44 -0.02 -36.42
C THR C 1448 10.33 -1.49 -35.97
N GLY C 1449 9.09 -2.00 -35.87
CA GLY C 1449 8.80 -3.36 -35.47
C GLY C 1449 8.59 -3.54 -33.99
N THR C 1450 8.35 -2.42 -33.29
CA THR C 1450 8.15 -2.33 -31.86
C THR C 1450 6.67 -2.60 -31.52
N PRO C 1451 6.35 -3.64 -30.68
CA PRO C 1451 4.94 -3.87 -30.30
C PRO C 1451 4.41 -2.77 -29.38
N LEU C 1452 3.32 -2.13 -29.82
CA LEU C 1452 2.69 -1.04 -29.09
C LEU C 1452 1.39 -1.43 -28.39
N ALA C 1453 0.76 -2.53 -28.83
CA ALA C 1453 -0.49 -3.06 -28.27
C ALA C 1453 -0.73 -4.55 -28.65
N VAL C 1454 -1.45 -5.27 -27.76
CA VAL C 1454 -1.87 -6.67 -27.90
C VAL C 1454 -3.40 -6.68 -27.79
N PHE C 1455 -4.05 -7.43 -28.69
CA PHE C 1455 -5.51 -7.64 -28.72
C PHE C 1455 -5.80 -9.12 -28.57
N SER C 1456 -6.81 -9.46 -27.74
CA SER C 1456 -7.22 -10.84 -27.46
C SER C 1456 -7.96 -11.52 -28.64
N ILE C 1457 -8.25 -12.83 -28.49
CA ILE C 1457 -8.99 -13.66 -29.45
C ILE C 1457 -10.38 -13.06 -29.79
N ASN C 1458 -10.95 -12.28 -28.83
CA ASN C 1458 -12.27 -11.62 -28.95
C ASN C 1458 -12.17 -10.11 -29.30
N GLY C 1459 -11.03 -9.70 -29.89
CA GLY C 1459 -10.77 -8.33 -30.32
C GLY C 1459 -10.78 -7.26 -29.26
N LEU C 1460 -10.24 -7.56 -28.07
CA LEU C 1460 -10.18 -6.63 -26.96
C LEU C 1460 -8.73 -6.32 -26.61
N MET C 1461 -8.38 -5.01 -26.49
CA MET C 1461 -7.02 -4.59 -26.14
C MET C 1461 -6.72 -4.97 -24.68
N ILE C 1462 -5.79 -5.90 -24.50
CA ILE C 1462 -5.39 -6.41 -23.17
C ILE C 1462 -4.08 -5.77 -22.68
N LYS C 1463 -3.24 -5.25 -23.60
CA LYS C 1463 -1.97 -4.58 -23.30
C LYS C 1463 -1.73 -3.42 -24.26
N GLN C 1464 -1.23 -2.29 -23.72
CA GLN C 1464 -0.91 -1.08 -24.48
C GLN C 1464 0.39 -0.49 -23.92
N LEU C 1465 1.38 -0.31 -24.81
CA LEU C 1465 2.69 0.24 -24.46
C LEU C 1465 2.97 1.57 -25.15
N GLN C 1466 3.66 2.48 -24.44
CA GLN C 1466 4.12 3.78 -24.94
C GLN C 1466 5.60 3.87 -24.67
N TYR C 1467 6.40 4.10 -25.73
CA TYR C 1467 7.87 4.18 -25.66
C TYR C 1467 8.35 5.56 -26.04
N THR C 1468 9.53 5.96 -25.51
CA THR C 1468 10.21 7.19 -25.92
C THR C 1468 10.90 6.85 -27.25
N ALA C 1469 11.39 7.88 -27.97
CA ALA C 1469 12.07 7.72 -29.26
C ALA C 1469 13.23 6.70 -29.20
N TYR C 1470 13.96 6.64 -28.07
CA TYR C 1470 15.07 5.72 -27.88
C TYR C 1470 14.66 4.38 -27.23
N GLY C 1471 13.35 4.13 -27.10
CA GLY C 1471 12.83 2.84 -26.67
C GLY C 1471 12.62 2.54 -25.20
N GLU C 1472 12.50 3.57 -24.37
CA GLU C 1472 12.23 3.36 -22.96
C GLU C 1472 10.73 3.43 -22.74
N ILE C 1473 10.16 2.38 -22.13
CA ILE C 1473 8.74 2.29 -21.80
C ILE C 1473 8.44 3.26 -20.64
N TYR C 1474 7.45 4.16 -20.84
CA TYR C 1474 6.99 5.10 -19.82
C TYR C 1474 5.53 4.83 -19.44
N TYR C 1475 4.85 3.98 -20.23
CA TYR C 1475 3.47 3.56 -20.01
C TYR C 1475 3.22 2.12 -20.44
N ASP C 1476 2.60 1.34 -19.56
CA ASP C 1476 2.23 -0.06 -19.75
C ASP C 1476 0.90 -0.28 -19.02
N SER C 1477 -0.18 -0.54 -19.78
CA SER C 1477 -1.51 -0.78 -19.24
C SER C 1477 -1.64 -2.13 -18.50
N ASN C 1478 -0.86 -3.15 -18.88
CA ASN C 1478 -0.87 -4.47 -18.25
C ASN C 1478 0.56 -5.03 -18.12
N PRO C 1479 1.28 -4.71 -17.01
CA PRO C 1479 2.66 -5.22 -16.84
C PRO C 1479 2.79 -6.73 -16.66
N ASP C 1480 1.70 -7.40 -16.24
CA ASP C 1480 1.66 -8.84 -16.00
C ASP C 1480 1.62 -9.67 -17.28
N PHE C 1481 1.16 -9.06 -18.40
CA PHE C 1481 1.13 -9.70 -19.70
C PHE C 1481 2.53 -9.54 -20.28
N GLN C 1482 3.34 -10.60 -20.17
CA GLN C 1482 4.74 -10.62 -20.60
C GLN C 1482 4.87 -10.81 -22.11
N LEU C 1483 5.47 -9.80 -22.78
CA LEU C 1483 5.78 -9.79 -24.20
C LEU C 1483 7.26 -10.03 -24.37
N VAL C 1484 7.61 -11.05 -25.12
CA VAL C 1484 8.98 -11.48 -25.40
C VAL C 1484 9.72 -10.47 -26.30
N ILE C 1485 9.04 -9.97 -27.35
CA ILE C 1485 9.63 -9.00 -28.28
C ILE C 1485 9.31 -7.57 -27.85
N GLY C 1486 10.36 -6.76 -27.78
CA GLY C 1486 10.28 -5.36 -27.39
C GLY C 1486 10.73 -4.40 -28.47
N PHE C 1487 11.41 -3.32 -28.06
CA PHE C 1487 11.88 -2.25 -28.95
C PHE C 1487 12.71 -2.74 -30.13
N HIS C 1488 12.36 -2.27 -31.35
CA HIS C 1488 13.00 -2.58 -32.62
C HIS C 1488 12.97 -4.07 -32.99
N GLY C 1489 12.08 -4.83 -32.38
CA GLY C 1489 11.93 -6.25 -32.65
C GLY C 1489 12.82 -7.18 -31.85
N GLY C 1490 13.70 -6.62 -31.02
CA GLY C 1490 14.61 -7.39 -30.20
C GLY C 1490 13.95 -8.01 -28.99
N LEU C 1491 14.71 -8.80 -28.21
CA LEU C 1491 14.21 -9.42 -26.98
C LEU C 1491 14.45 -8.46 -25.82
N TYR C 1492 13.39 -7.81 -25.31
CA TYR C 1492 13.50 -6.86 -24.21
C TYR C 1492 13.43 -7.52 -22.85
N ASP C 1493 14.32 -7.13 -21.91
CA ASP C 1493 14.35 -7.63 -20.52
C ASP C 1493 13.94 -6.50 -19.57
N PRO C 1494 12.80 -6.62 -18.85
CA PRO C 1494 12.36 -5.53 -17.97
C PRO C 1494 13.23 -5.27 -16.74
N LEU C 1495 14.09 -6.24 -16.36
CA LEU C 1495 15.01 -6.14 -15.22
C LEU C 1495 16.27 -5.37 -15.59
N THR C 1496 16.99 -5.84 -16.63
CA THR C 1496 18.26 -5.27 -17.11
C THR C 1496 18.05 -3.96 -17.87
N LYS C 1497 16.89 -3.82 -18.53
CA LYS C 1497 16.50 -2.68 -19.39
C LYS C 1497 17.26 -2.71 -20.73
N LEU C 1498 17.74 -3.91 -21.12
CA LEU C 1498 18.45 -4.14 -22.36
C LEU C 1498 17.59 -4.91 -23.34
N VAL C 1499 17.72 -4.57 -24.63
CA VAL C 1499 17.04 -5.21 -25.75
C VAL C 1499 18.12 -5.97 -26.51
N HIS C 1500 17.96 -7.30 -26.59
CA HIS C 1500 18.89 -8.22 -27.20
C HIS C 1500 18.58 -8.49 -28.66
N PHE C 1501 19.64 -8.43 -29.46
CA PHE C 1501 19.73 -8.77 -30.89
C PHE C 1501 20.91 -9.73 -30.89
N THR C 1502 20.83 -10.83 -31.63
CA THR C 1502 21.81 -11.92 -31.63
C THR C 1502 23.30 -11.45 -31.52
N GLN C 1503 23.73 -10.40 -32.24
CA GLN C 1503 25.13 -9.95 -32.13
C GLN C 1503 25.38 -8.82 -31.12
N ARG C 1504 24.40 -7.92 -30.88
CA ARG C 1504 24.57 -6.79 -29.97
C ARG C 1504 23.38 -6.57 -29.04
N ASP C 1505 23.63 -5.95 -27.87
CA ASP C 1505 22.62 -5.56 -26.89
C ASP C 1505 22.47 -4.04 -26.91
N TYR C 1506 21.23 -3.56 -26.78
CA TYR C 1506 20.93 -2.15 -26.81
C TYR C 1506 20.36 -1.70 -25.46
N ASP C 1507 20.90 -0.62 -24.88
CA ASP C 1507 20.47 -0.03 -23.60
C ASP C 1507 19.41 1.03 -23.85
N VAL C 1508 18.18 0.78 -23.38
CA VAL C 1508 17.06 1.71 -23.59
C VAL C 1508 17.18 2.99 -22.72
N LEU C 1509 17.85 2.89 -21.55
CA LEU C 1509 18.02 4.04 -20.66
C LEU C 1509 19.04 5.03 -21.20
N ALA C 1510 20.17 4.55 -21.72
CA ALA C 1510 21.20 5.43 -22.27
C ALA C 1510 20.95 5.82 -23.74
N GLY C 1511 20.23 4.99 -24.48
CA GLY C 1511 19.94 5.26 -25.88
C GLY C 1511 21.10 4.87 -26.78
N ARG C 1512 21.88 3.86 -26.36
CA ARG C 1512 23.05 3.38 -27.08
C ARG C 1512 23.23 1.89 -26.91
N TRP C 1513 24.15 1.32 -27.69
CA TRP C 1513 24.55 -0.09 -27.64
C TRP C 1513 25.44 -0.26 -26.42
N THR C 1514 25.50 -1.49 -25.88
CA THR C 1514 26.27 -1.85 -24.68
C THR C 1514 27.71 -2.25 -24.99
N SER C 1515 28.05 -2.33 -26.28
CA SER C 1515 29.37 -2.72 -26.78
C SER C 1515 29.62 -2.04 -28.10
N PRO C 1516 30.90 -1.81 -28.49
CA PRO C 1516 31.16 -1.21 -29.81
C PRO C 1516 31.22 -2.30 -30.90
N ASP C 1517 30.96 -1.90 -32.16
CA ASP C 1517 31.10 -2.82 -33.28
C ASP C 1517 32.45 -2.49 -33.87
N TYR C 1518 33.49 -3.23 -33.46
CA TYR C 1518 34.87 -3.01 -33.85
C TYR C 1518 35.16 -3.31 -35.31
N THR C 1519 34.22 -3.97 -36.01
CA THR C 1519 34.34 -4.28 -37.45
C THR C 1519 34.12 -3.02 -38.29
N MET C 1520 33.60 -1.91 -37.67
CA MET C 1520 33.40 -0.60 -38.30
C MET C 1520 34.73 -0.07 -38.85
N TRP C 1521 35.85 -0.37 -38.14
CA TRP C 1521 37.21 0.05 -38.48
C TRP C 1521 37.75 -0.49 -39.78
N LYS C 1522 37.20 -1.62 -40.25
CA LYS C 1522 37.62 -2.28 -41.48
C LYS C 1522 37.34 -1.42 -42.72
N ASN C 1523 36.17 -0.76 -42.79
CA ASN C 1523 35.77 0.00 -43.97
C ASN C 1523 35.68 1.51 -43.80
N ILE C 1524 35.90 2.03 -42.57
CA ILE C 1524 35.82 3.47 -42.31
C ILE C 1524 36.90 4.26 -43.09
N GLY C 1525 38.04 3.62 -43.38
CA GLY C 1525 39.11 4.21 -44.15
C GLY C 1525 38.73 4.41 -45.60
N ARG C 1526 38.07 3.40 -46.20
CA ARG C 1526 37.58 3.39 -47.58
C ARG C 1526 36.36 4.31 -47.73
N GLU C 1527 35.44 4.28 -46.75
CA GLU C 1527 34.24 5.10 -46.73
C GLU C 1527 34.26 6.03 -45.50
N PRO C 1528 34.99 7.16 -45.56
CA PRO C 1528 35.05 8.06 -44.39
C PRO C 1528 33.76 8.84 -44.18
N ALA C 1529 33.28 8.81 -42.94
CA ALA C 1529 32.04 9.46 -42.55
C ALA C 1529 32.05 9.74 -41.04
N PRO C 1530 31.15 10.62 -40.50
CA PRO C 1530 31.07 10.77 -39.04
C PRO C 1530 30.63 9.43 -38.45
N PHE C 1531 31.27 9.02 -37.35
CA PHE C 1531 30.97 7.74 -36.72
C PHE C 1531 31.19 7.81 -35.22
N ASN C 1532 30.56 6.87 -34.52
CA ASN C 1532 30.63 6.67 -33.08
C ASN C 1532 30.39 5.18 -32.91
N LEU C 1533 31.21 4.52 -32.09
CA LEU C 1533 31.16 3.10 -31.85
C LEU C 1533 29.93 2.61 -31.09
N TYR C 1534 29.25 3.50 -30.36
CA TYR C 1534 28.10 3.14 -29.55
C TYR C 1534 26.77 3.72 -29.99
N MET C 1535 26.77 4.84 -30.75
CA MET C 1535 25.52 5.50 -31.10
C MET C 1535 24.56 4.59 -31.86
N PHE C 1536 23.28 4.71 -31.52
CA PHE C 1536 22.20 3.93 -32.10
C PHE C 1536 21.61 4.64 -33.30
N LYS C 1537 21.62 3.97 -34.46
CA LYS C 1537 21.07 4.42 -35.74
C LYS C 1537 21.40 5.90 -36.11
N SER C 1538 22.66 6.34 -35.90
CA SER C 1538 23.16 7.69 -36.16
C SER C 1538 22.34 8.81 -35.45
N ASN C 1539 21.77 8.44 -34.28
CA ASN C 1539 20.95 9.28 -33.40
C ASN C 1539 19.63 9.71 -34.08
N ASN C 1540 19.09 8.79 -34.88
CA ASN C 1540 17.82 8.88 -35.59
C ASN C 1540 17.16 7.51 -35.36
N PRO C 1541 16.59 7.26 -34.14
CA PRO C 1541 16.09 5.89 -33.84
C PRO C 1541 14.78 5.48 -34.52
N LEU C 1542 13.98 6.42 -35.04
CA LEU C 1542 12.69 6.08 -35.63
C LEU C 1542 12.69 5.92 -37.14
N SER C 1543 13.74 6.35 -37.83
CA SER C 1543 13.84 6.26 -39.28
C SER C 1543 14.77 5.14 -39.70
N ASN C 1544 14.55 4.60 -40.93
CA ASN C 1544 15.42 3.56 -41.48
C ASN C 1544 16.78 4.17 -41.75
N GLU C 1545 17.85 3.47 -41.36
CA GLU C 1545 19.23 3.95 -41.49
C GLU C 1545 19.55 4.38 -42.90
N LEU C 1546 20.14 5.57 -43.04
CA LEU C 1546 20.46 6.13 -44.35
C LEU C 1546 21.66 5.43 -44.97
N ASP C 1547 21.41 4.80 -46.12
CA ASP C 1547 22.34 3.99 -46.90
C ASP C 1547 22.09 4.25 -48.40
N LEU C 1548 23.06 3.87 -49.26
CA LEU C 1548 22.94 4.02 -50.71
C LEU C 1548 21.94 3.00 -51.30
N LYS C 1549 21.58 1.96 -50.51
CA LYS C 1549 20.60 0.92 -50.85
C LYS C 1549 19.18 1.51 -50.95
N ASN C 1550 18.98 2.74 -50.42
CA ASN C 1550 17.72 3.48 -50.49
C ASN C 1550 17.45 3.95 -51.92
N TYR C 1551 18.51 4.08 -52.75
CA TYR C 1551 18.41 4.43 -54.18
C TYR C 1551 18.41 3.10 -54.96
N VAL C 1552 17.22 2.63 -55.35
CA VAL C 1552 17.02 1.35 -56.06
C VAL C 1552 17.54 1.44 -57.50
N THR C 1553 18.72 0.84 -57.76
CA THR C 1553 19.38 0.87 -59.07
C THR C 1553 19.64 -0.53 -59.64
N ASP C 1554 18.87 -1.53 -59.20
CA ASP C 1554 19.00 -2.92 -59.65
C ASP C 1554 17.65 -3.63 -59.66
N VAL C 1555 17.39 -4.40 -60.74
CA VAL C 1555 16.14 -5.15 -60.99
C VAL C 1555 15.72 -6.02 -59.80
N LYS C 1556 16.66 -6.79 -59.20
CA LYS C 1556 16.34 -7.66 -58.06
C LYS C 1556 15.78 -6.90 -56.86
N SER C 1557 16.25 -5.66 -56.63
CA SER C 1557 15.80 -4.80 -55.53
C SER C 1557 14.41 -4.20 -55.80
N TRP C 1558 14.11 -3.90 -57.08
CA TRP C 1558 12.81 -3.37 -57.51
C TRP C 1558 11.76 -4.47 -57.40
N LEU C 1559 12.14 -5.71 -57.76
CA LEU C 1559 11.27 -6.89 -57.70
C LEU C 1559 10.85 -7.24 -56.27
N VAL C 1560 11.80 -7.13 -55.31
CA VAL C 1560 11.59 -7.38 -53.88
C VAL C 1560 10.46 -6.47 -53.34
N MET C 1561 10.47 -5.17 -53.73
CA MET C 1561 9.47 -4.15 -53.38
C MET C 1561 8.06 -4.58 -53.77
N PHE C 1562 7.92 -5.23 -54.93
CA PHE C 1562 6.64 -5.69 -55.48
C PHE C 1562 6.18 -7.05 -54.93
N GLY C 1563 6.92 -7.58 -53.94
CA GLY C 1563 6.59 -8.82 -53.27
C GLY C 1563 7.23 -10.06 -53.86
N PHE C 1564 7.85 -9.92 -55.05
CA PHE C 1564 8.52 -11.00 -55.78
C PHE C 1564 9.63 -11.60 -54.94
N GLN C 1565 9.70 -12.93 -54.93
CA GLN C 1565 10.73 -13.68 -54.22
C GLN C 1565 11.33 -14.68 -55.21
N LEU C 1566 12.26 -14.19 -56.04
CA LEU C 1566 12.95 -14.97 -57.07
C LEU C 1566 13.74 -16.14 -56.48
N SER C 1567 14.12 -16.03 -55.20
CA SER C 1567 14.84 -17.04 -54.42
C SER C 1567 14.02 -18.35 -54.30
N ASN C 1568 12.68 -18.22 -54.33
CA ASN C 1568 11.73 -19.34 -54.23
C ASN C 1568 11.42 -20.00 -55.59
N ILE C 1569 11.66 -19.29 -56.71
CA ILE C 1569 11.36 -19.81 -58.04
C ILE C 1569 12.64 -20.14 -58.86
N ILE C 1570 13.77 -19.47 -58.56
CA ILE C 1570 15.06 -19.73 -59.21
C ILE C 1570 15.97 -20.35 -58.14
N PRO C 1571 16.20 -21.68 -58.15
CA PRO C 1571 17.08 -22.29 -57.14
C PRO C 1571 18.50 -21.73 -57.15
N GLY C 1572 18.97 -21.36 -55.97
CA GLY C 1572 20.30 -20.79 -55.79
C GLY C 1572 20.34 -19.27 -55.79
N PHE C 1573 19.27 -18.61 -56.28
CA PHE C 1573 19.17 -17.15 -56.36
C PHE C 1573 19.29 -16.53 -54.97
N PRO C 1574 20.14 -15.49 -54.78
CA PRO C 1574 20.32 -14.92 -53.42
C PRO C 1574 19.07 -14.29 -52.82
N ARG C 1575 18.75 -14.71 -51.58
CA ARG C 1575 17.61 -14.21 -50.83
C ARG C 1575 17.98 -12.87 -50.20
N ALA C 1576 17.07 -11.88 -50.30
CA ALA C 1576 17.29 -10.54 -49.73
C ALA C 1576 17.37 -10.63 -48.20
N LYS C 1577 18.50 -10.18 -47.63
CA LYS C 1577 18.78 -10.21 -46.20
C LYS C 1577 17.85 -9.28 -45.42
N MET C 1578 17.14 -9.85 -44.42
CA MET C 1578 16.19 -9.16 -43.57
C MET C 1578 16.74 -9.12 -42.13
N TYR C 1579 17.79 -8.31 -41.92
CA TYR C 1579 18.45 -8.15 -40.63
C TYR C 1579 18.62 -6.69 -40.25
N PHE C 1580 18.34 -6.36 -38.97
CA PHE C 1580 18.58 -5.03 -38.44
C PHE C 1580 20.04 -5.06 -37.96
N VAL C 1581 20.37 -6.07 -37.12
CA VAL C 1581 21.71 -6.32 -36.62
C VAL C 1581 22.27 -7.52 -37.42
N SER C 1582 23.48 -7.36 -37.97
CA SER C 1582 24.18 -8.38 -38.75
C SER C 1582 24.42 -9.63 -37.87
N PRO C 1583 24.11 -10.86 -38.37
CA PRO C 1583 24.29 -12.06 -37.53
C PRO C 1583 25.74 -12.40 -37.26
N PRO C 1584 26.06 -13.24 -36.24
CA PRO C 1584 27.48 -13.61 -36.02
C PRO C 1584 28.03 -14.48 -37.14
N TYR C 1585 29.36 -14.41 -37.33
CA TYR C 1585 30.13 -15.12 -38.35
C TYR C 1585 29.71 -16.59 -38.54
N GLU C 1586 29.65 -17.38 -37.45
CA GLU C 1586 29.29 -18.80 -37.46
C GLU C 1586 27.88 -19.10 -37.99
N LEU C 1587 26.94 -18.17 -37.78
CA LEU C 1587 25.56 -18.31 -38.21
C LEU C 1587 25.45 -18.16 -39.72
N THR C 1588 26.03 -17.08 -40.29
CA THR C 1588 26.04 -16.80 -41.73
C THR C 1588 26.86 -17.87 -42.47
N GLU C 1589 27.90 -18.40 -41.81
CA GLU C 1589 28.78 -19.46 -42.32
C GLU C 1589 28.07 -20.81 -42.40
N SER C 1590 27.20 -21.12 -41.41
CA SER C 1590 26.44 -22.38 -41.34
C SER C 1590 25.42 -22.52 -42.48
N GLN C 1591 24.96 -21.38 -43.04
CA GLN C 1591 24.00 -21.33 -44.14
C GLN C 1591 24.72 -21.44 -45.51
N ALA C 1592 25.86 -20.74 -45.64
CA ALA C 1592 26.67 -20.67 -46.86
C ALA C 1592 27.65 -21.84 -47.07
N CYS C 1593 27.80 -22.75 -46.06
CA CYS C 1593 28.72 -23.90 -46.17
C CYS C 1593 28.19 -24.98 -47.13
N GLU C 1594 26.86 -25.04 -47.35
CA GLU C 1594 26.24 -26.00 -48.27
C GLU C 1594 26.49 -25.66 -49.73
N ASN C 1595 26.87 -24.39 -50.01
CA ASN C 1595 27.23 -23.89 -51.34
C ASN C 1595 28.56 -24.50 -51.78
N GLY C 1596 28.70 -24.75 -53.08
CA GLY C 1596 29.89 -25.35 -53.68
C GLY C 1596 31.17 -24.58 -53.41
N GLN C 1597 32.25 -25.31 -53.04
CA GLN C 1597 33.58 -24.77 -52.74
C GLN C 1597 34.23 -24.18 -54.00
N LEU C 1598 35.25 -23.29 -53.84
CA LEU C 1598 35.91 -22.64 -54.99
C LEU C 1598 37.44 -22.78 -54.97
N ILE C 1599 37.96 -23.91 -54.46
CA ILE C 1599 39.40 -24.19 -54.37
C ILE C 1599 40.03 -24.48 -55.75
N THR C 1600 39.40 -25.39 -56.52
CA THR C 1600 39.88 -25.82 -57.84
C THR C 1600 39.28 -24.97 -58.98
N GLY C 1601 39.91 -25.05 -60.15
CA GLY C 1601 39.52 -24.34 -61.35
C GLY C 1601 38.18 -24.76 -61.92
N VAL C 1602 37.84 -26.07 -61.82
CA VAL C 1602 36.57 -26.61 -62.31
C VAL C 1602 35.40 -26.14 -61.43
N GLN C 1603 35.67 -25.89 -60.15
CA GLN C 1603 34.71 -25.37 -59.17
C GLN C 1603 34.40 -23.91 -59.49
N GLN C 1604 35.42 -23.14 -59.96
CA GLN C 1604 35.29 -21.73 -60.35
C GLN C 1604 34.59 -21.59 -61.70
N THR C 1605 34.78 -22.57 -62.62
CA THR C 1605 34.11 -22.62 -63.93
C THR C 1605 32.60 -22.81 -63.72
N THR C 1606 32.25 -23.72 -62.78
CA THR C 1606 30.89 -24.06 -62.36
C THR C 1606 30.17 -22.82 -61.80
N GLU C 1607 30.85 -22.03 -60.95
CA GLU C 1607 30.33 -20.80 -60.34
C GLU C 1607 30.04 -19.72 -61.39
N ARG C 1608 30.91 -19.59 -62.41
CA ARG C 1608 30.74 -18.64 -63.52
C ARG C 1608 29.46 -18.98 -64.28
N HIS C 1609 29.20 -20.28 -64.47
CA HIS C 1609 28.01 -20.82 -65.12
C HIS C 1609 26.76 -20.52 -64.29
N ASN C 1610 26.86 -20.61 -62.95
CA ASN C 1610 25.77 -20.31 -62.03
C ASN C 1610 25.41 -18.82 -62.00
N GLN C 1611 26.43 -17.95 -61.82
CA GLN C 1611 26.27 -16.49 -61.77
C GLN C 1611 25.73 -15.90 -63.08
N ALA C 1612 26.23 -16.38 -64.24
CA ALA C 1612 25.78 -15.92 -65.56
C ALA C 1612 24.32 -16.29 -65.82
N PHE C 1613 23.87 -17.41 -65.22
CA PHE C 1613 22.49 -17.87 -65.33
C PHE C 1613 21.54 -17.01 -64.49
N MET C 1614 22.00 -16.51 -63.33
CA MET C 1614 21.20 -15.69 -62.42
C MET C 1614 21.18 -14.19 -62.76
N ALA C 1615 22.01 -13.75 -63.73
CA ALA C 1615 22.09 -12.34 -64.14
C ALA C 1615 20.79 -11.87 -64.79
N LEU C 1616 20.29 -10.68 -64.36
CA LEU C 1616 19.05 -10.10 -64.87
C LEU C 1616 19.29 -8.96 -65.87
N GLU C 1617 19.84 -7.82 -65.41
CA GLU C 1617 20.17 -6.65 -66.24
C GLU C 1617 21.34 -6.98 -67.15
N GLY C 1618 21.37 -6.36 -68.33
CA GLY C 1618 22.46 -6.51 -69.28
C GLY C 1618 23.70 -5.77 -68.82
N GLN C 1619 23.50 -4.74 -67.97
CA GLN C 1619 24.55 -3.89 -67.40
C GLN C 1619 24.15 -3.41 -66.02
N VAL C 1620 25.05 -3.55 -65.04
CA VAL C 1620 24.85 -3.14 -63.64
C VAL C 1620 25.83 -2.01 -63.32
N ILE C 1621 25.34 -0.95 -62.64
CA ILE C 1621 26.15 0.19 -62.24
C ILE C 1621 26.96 -0.12 -60.98
N SER C 1622 28.10 0.58 -60.79
CA SER C 1622 28.93 0.45 -59.60
C SER C 1622 28.47 1.52 -58.60
N LYS C 1623 27.49 1.16 -57.74
CA LYS C 1623 26.88 2.05 -56.76
C LYS C 1623 27.84 2.34 -55.58
N ARG C 1624 28.83 3.22 -55.83
CA ARG C 1624 29.85 3.62 -54.86
C ARG C 1624 30.14 5.11 -54.98
N LEU C 1625 29.91 5.87 -53.90
CA LEU C 1625 30.23 7.30 -53.85
C LEU C 1625 31.50 7.50 -53.04
N HIS C 1626 32.52 6.69 -53.33
CA HIS C 1626 33.84 6.68 -52.71
C HIS C 1626 34.86 6.13 -53.70
N ALA C 1627 36.14 6.52 -53.53
CA ALA C 1627 37.22 6.07 -54.40
C ALA C 1627 37.60 4.62 -54.12
N SER C 1628 37.94 3.88 -55.18
CA SER C 1628 38.33 2.47 -55.10
C SER C 1628 39.74 2.34 -54.48
N ILE C 1629 39.85 1.49 -53.45
CA ILE C 1629 41.10 1.24 -52.72
C ILE C 1629 41.59 -0.19 -53.00
N ARG C 1630 42.92 -0.37 -53.18
CA ARG C 1630 43.53 -1.68 -53.37
C ARG C 1630 43.46 -2.42 -52.04
N GLU C 1631 42.61 -3.44 -51.96
CA GLU C 1631 42.38 -4.22 -50.75
C GLU C 1631 43.14 -5.55 -50.75
N LYS C 1632 43.85 -5.84 -49.64
CA LYS C 1632 44.61 -7.08 -49.43
C LYS C 1632 43.85 -7.98 -48.45
N ALA C 1633 44.00 -9.31 -48.58
CA ALA C 1633 43.30 -10.30 -47.74
C ALA C 1633 43.77 -10.29 -46.27
N GLY C 1634 42.86 -9.92 -45.38
CA GLY C 1634 43.10 -9.82 -43.95
C GLY C 1634 43.88 -8.60 -43.48
N HIS C 1635 44.21 -7.65 -44.39
CA HIS C 1635 44.93 -6.40 -44.08
C HIS C 1635 43.94 -5.27 -43.99
N TRP C 1636 43.70 -4.76 -42.79
CA TRP C 1636 42.74 -3.69 -42.58
C TRP C 1636 43.38 -2.32 -42.53
N PHE C 1637 44.55 -2.21 -41.87
CA PHE C 1637 45.23 -0.95 -41.59
C PHE C 1637 46.64 -0.83 -42.14
N ALA C 1638 47.27 0.33 -41.86
CA ALA C 1638 48.63 0.68 -42.25
C ALA C 1638 49.58 -0.38 -41.76
N THR C 1639 50.38 -0.90 -42.69
CA THR C 1639 51.31 -1.98 -42.44
C THR C 1639 52.57 -1.54 -41.71
N SER C 1640 52.93 -2.34 -40.69
CA SER C 1640 54.14 -2.18 -39.87
C SER C 1640 55.30 -2.89 -40.59
N THR C 1641 56.53 -2.34 -40.45
CA THR C 1641 57.76 -2.89 -41.03
C THR C 1641 57.91 -4.35 -40.60
N PRO C 1642 58.06 -5.30 -41.54
CA PRO C 1642 58.14 -6.70 -41.13
C PRO C 1642 59.51 -7.12 -40.59
N ILE C 1643 59.53 -8.18 -39.74
CA ILE C 1643 60.78 -8.76 -39.24
C ILE C 1643 61.35 -9.58 -40.40
N ILE C 1644 60.50 -10.42 -41.04
CA ILE C 1644 60.81 -11.19 -42.24
C ILE C 1644 60.72 -10.17 -43.39
N GLY C 1645 61.88 -9.63 -43.76
CA GLY C 1645 62.01 -8.57 -44.75
C GLY C 1645 61.57 -8.90 -46.15
N LYS C 1646 61.52 -7.86 -47.02
CA LYS C 1646 61.22 -7.98 -48.44
C LYS C 1646 62.35 -8.77 -49.08
N GLY C 1647 62.00 -9.78 -49.87
CA GLY C 1647 62.97 -10.65 -50.53
C GLY C 1647 63.43 -11.84 -49.71
N ILE C 1648 62.83 -12.04 -48.53
CA ILE C 1648 63.15 -13.14 -47.63
C ILE C 1648 62.03 -14.18 -47.68
N MET C 1649 62.41 -15.46 -47.86
CA MET C 1649 61.49 -16.57 -47.85
C MET C 1649 61.49 -17.14 -46.44
N PHE C 1650 60.30 -17.42 -45.90
CA PHE C 1650 60.12 -17.97 -44.57
C PHE C 1650 59.05 -19.04 -44.66
N ALA C 1651 59.39 -20.27 -44.21
CA ALA C 1651 58.48 -21.41 -44.26
C ALA C 1651 58.48 -22.20 -42.96
N VAL C 1652 57.29 -22.56 -42.48
CA VAL C 1652 57.12 -23.38 -41.27
C VAL C 1652 56.34 -24.64 -41.69
N LYS C 1653 57.09 -25.73 -41.93
CA LYS C 1653 56.56 -27.03 -42.34
C LYS C 1653 56.77 -28.03 -41.22
N LYS C 1654 55.65 -28.55 -40.65
CA LYS C 1654 55.62 -29.51 -39.53
C LYS C 1654 56.44 -29.03 -38.31
N GLY C 1655 56.38 -27.72 -38.04
CA GLY C 1655 57.08 -27.06 -36.94
C GLY C 1655 58.55 -26.77 -37.20
N ARG C 1656 59.04 -27.05 -38.42
CA ARG C 1656 60.44 -26.81 -38.81
C ARG C 1656 60.56 -25.58 -39.68
N VAL C 1657 61.50 -24.68 -39.32
CA VAL C 1657 61.73 -23.42 -40.05
C VAL C 1657 62.82 -23.56 -41.11
N THR C 1658 62.50 -23.08 -42.32
CA THR C 1658 63.39 -23.01 -43.47
C THR C 1658 63.28 -21.59 -44.03
N THR C 1659 64.43 -20.98 -44.37
CA THR C 1659 64.48 -19.62 -44.92
C THR C 1659 65.24 -19.59 -46.25
N GLY C 1660 64.88 -18.63 -47.09
CA GLY C 1660 65.48 -18.40 -48.40
C GLY C 1660 65.77 -16.93 -48.61
N ILE C 1661 66.62 -16.62 -49.59
CA ILE C 1661 67.03 -15.25 -49.89
C ILE C 1661 66.92 -14.95 -51.39
N SER C 1662 66.34 -13.78 -51.73
CA SER C 1662 66.24 -13.28 -53.09
C SER C 1662 67.17 -12.05 -53.25
N SER C 1663 67.38 -11.59 -54.48
CA SER C 1663 68.25 -10.46 -54.83
C SER C 1663 67.93 -9.13 -54.12
N ILE C 1664 66.63 -8.78 -53.97
CA ILE C 1664 66.21 -7.52 -53.37
C ILE C 1664 66.43 -7.43 -51.84
N ALA C 1665 66.52 -8.58 -51.14
CA ALA C 1665 66.72 -8.62 -49.69
C ALA C 1665 67.94 -7.81 -49.23
N THR C 1666 67.76 -7.02 -48.16
CA THR C 1666 68.82 -6.21 -47.57
C THR C 1666 69.73 -7.13 -46.75
N ASP C 1667 70.96 -6.67 -46.41
CA ASP C 1667 71.90 -7.47 -45.63
C ASP C 1667 71.38 -7.81 -44.23
N ASP C 1668 70.71 -6.85 -43.57
CA ASP C 1668 70.13 -7.05 -42.22
C ASP C 1668 68.94 -8.02 -42.20
N SER C 1669 68.18 -8.12 -43.32
CA SER C 1669 67.06 -9.05 -43.49
C SER C 1669 67.59 -10.47 -43.68
N ARG C 1670 68.77 -10.61 -44.35
CA ARG C 1670 69.47 -11.87 -44.59
C ARG C 1670 70.05 -12.41 -43.28
N LYS C 1671 70.41 -11.51 -42.35
CA LYS C 1671 70.95 -11.84 -41.03
C LYS C 1671 69.89 -12.53 -40.19
N ILE C 1672 68.64 -11.99 -40.19
CA ILE C 1672 67.47 -12.54 -39.48
C ILE C 1672 67.12 -13.92 -40.07
N ALA C 1673 67.15 -14.03 -41.41
CA ALA C 1673 66.86 -15.25 -42.16
C ALA C 1673 67.84 -16.37 -41.80
N SER C 1674 69.15 -16.04 -41.72
CA SER C 1674 70.23 -16.97 -41.37
C SER C 1674 70.07 -17.52 -39.95
N VAL C 1675 69.64 -16.66 -39.00
CA VAL C 1675 69.42 -17.01 -37.60
C VAL C 1675 68.16 -17.89 -37.45
N LEU C 1676 67.08 -17.56 -38.17
CA LEU C 1676 65.82 -18.29 -38.10
C LEU C 1676 65.83 -19.65 -38.80
N ASN C 1677 66.75 -19.86 -39.76
CA ASN C 1677 66.86 -21.13 -40.49
C ASN C 1677 67.18 -22.29 -39.55
N SER C 1678 66.53 -23.46 -39.78
CA SER C 1678 66.64 -24.73 -39.04
C SER C 1678 66.06 -24.69 -37.61
N ALA C 1679 65.38 -23.60 -37.22
CA ALA C 1679 64.75 -23.48 -35.90
C ALA C 1679 63.45 -24.30 -35.85
N HIS C 1680 63.00 -24.65 -34.64
CA HIS C 1680 61.76 -25.40 -34.45
C HIS C 1680 60.72 -24.50 -33.78
N TYR C 1681 59.61 -24.22 -34.49
CA TYR C 1681 58.52 -23.39 -33.98
C TYR C 1681 57.63 -24.12 -32.99
N LEU C 1682 57.28 -23.43 -31.88
CA LEU C 1682 56.40 -23.95 -30.85
C LEU C 1682 54.97 -23.72 -31.31
N GLU C 1683 54.43 -24.70 -32.07
CA GLU C 1683 53.08 -24.67 -32.65
C GLU C 1683 52.01 -24.58 -31.57
N LYS C 1684 50.99 -23.72 -31.80
CA LYS C 1684 49.83 -23.46 -30.91
C LYS C 1684 50.21 -22.81 -29.56
N MET C 1685 51.51 -22.54 -29.35
CA MET C 1685 52.02 -21.95 -28.11
C MET C 1685 52.64 -20.56 -28.32
N HIS C 1686 51.83 -19.67 -28.91
CA HIS C 1686 52.15 -18.26 -29.16
C HIS C 1686 51.10 -17.45 -28.40
N TYR C 1687 51.52 -16.41 -27.66
CA TYR C 1687 50.60 -15.64 -26.83
C TYR C 1687 50.77 -14.13 -26.95
N SER C 1688 49.78 -13.37 -26.47
CA SER C 1688 49.83 -11.91 -26.39
C SER C 1688 50.24 -11.60 -24.96
N ILE C 1689 51.54 -11.33 -24.76
CA ILE C 1689 52.14 -11.04 -23.45
C ILE C 1689 52.52 -9.56 -23.42
N GLU C 1690 51.88 -8.80 -22.52
CA GLU C 1690 52.08 -7.34 -22.33
C GLU C 1690 51.92 -6.56 -23.65
N GLY C 1691 50.92 -6.97 -24.44
CA GLY C 1691 50.61 -6.36 -25.73
C GLY C 1691 51.39 -6.94 -26.90
N LYS C 1692 52.50 -7.64 -26.61
CA LYS C 1692 53.39 -8.24 -27.61
C LYS C 1692 52.89 -9.58 -28.17
N ASP C 1693 52.82 -9.68 -29.50
CA ASP C 1693 52.45 -10.86 -30.29
C ASP C 1693 53.71 -11.77 -30.27
N THR C 1694 53.90 -12.54 -29.18
CA THR C 1694 55.10 -13.37 -28.97
C THR C 1694 55.03 -14.75 -29.60
N HIS C 1695 56.08 -15.11 -30.34
CA HIS C 1695 56.23 -16.40 -31.01
C HIS C 1695 57.52 -17.05 -30.55
N TYR C 1696 57.43 -18.31 -30.10
CA TYR C 1696 58.56 -19.07 -29.56
C TYR C 1696 59.16 -20.09 -30.52
N PHE C 1697 60.50 -20.08 -30.59
CA PHE C 1697 61.31 -20.94 -31.46
C PHE C 1697 62.48 -21.51 -30.65
N VAL C 1698 63.00 -22.67 -31.09
CA VAL C 1698 64.16 -23.33 -30.47
C VAL C 1698 65.19 -23.71 -31.51
N LYS C 1699 66.47 -23.68 -31.10
CA LYS C 1699 67.58 -24.09 -31.97
C LYS C 1699 68.48 -25.04 -31.22
N ILE C 1700 68.71 -26.23 -31.80
CA ILE C 1700 69.59 -27.23 -31.21
C ILE C 1700 71.02 -27.01 -31.73
N GLY C 1701 71.87 -26.51 -30.82
CA GLY C 1701 73.27 -26.20 -31.07
C GLY C 1701 73.73 -24.97 -30.29
N SER C 1702 74.82 -24.35 -30.75
CA SER C 1702 75.40 -23.16 -30.13
C SER C 1702 75.01 -21.90 -30.90
N ALA C 1703 74.82 -20.79 -30.16
CA ALA C 1703 74.48 -19.49 -30.71
C ALA C 1703 75.68 -18.77 -31.32
N ASP C 1704 76.91 -19.30 -31.12
CA ASP C 1704 78.18 -18.76 -31.62
C ASP C 1704 78.15 -18.39 -33.09
N SER C 1705 77.69 -19.33 -33.95
CA SER C 1705 77.59 -19.14 -35.39
C SER C 1705 76.65 -18.00 -35.76
N ASP C 1706 75.49 -17.94 -35.10
CA ASP C 1706 74.45 -16.93 -35.31
C ASP C 1706 74.83 -15.57 -34.72
N LEU C 1707 75.67 -15.55 -33.68
CA LEU C 1707 76.15 -14.32 -33.05
C LEU C 1707 77.18 -13.59 -33.92
N VAL C 1708 77.95 -14.35 -34.72
CA VAL C 1708 78.94 -13.86 -35.69
C VAL C 1708 78.17 -13.15 -36.83
N THR C 1709 77.05 -13.77 -37.28
CA THR C 1709 76.14 -13.27 -38.32
C THR C 1709 75.53 -11.94 -37.90
N LEU C 1710 75.03 -11.84 -36.64
CA LEU C 1710 74.40 -10.64 -36.08
C LEU C 1710 75.41 -9.55 -35.74
N ALA C 1711 76.73 -9.91 -35.68
CA ALA C 1711 77.87 -9.05 -35.34
C ALA C 1711 77.71 -8.39 -33.96
N MET C 1712 77.35 -9.23 -32.96
CA MET C 1712 77.14 -8.82 -31.57
C MET C 1712 77.41 -9.98 -30.59
N THR C 1713 77.59 -9.65 -29.29
CA THR C 1713 77.87 -10.62 -28.23
C THR C 1713 76.73 -10.66 -27.21
N SER C 1714 76.26 -9.47 -26.78
CA SER C 1714 75.17 -9.30 -25.82
C SER C 1714 74.53 -7.90 -25.97
N GLY C 1715 73.41 -7.70 -25.29
CA GLY C 1715 72.67 -6.44 -25.33
C GLY C 1715 71.70 -6.33 -26.49
N ARG C 1716 71.36 -5.09 -26.86
CA ARG C 1716 70.41 -4.77 -27.93
C ARG C 1716 71.08 -4.03 -29.09
N LYS C 1717 70.74 -4.43 -30.32
CA LYS C 1717 71.23 -3.84 -31.57
C LYS C 1717 70.02 -3.47 -32.45
N VAL C 1718 70.05 -2.28 -33.06
CA VAL C 1718 68.99 -1.78 -33.94
C VAL C 1718 69.47 -1.89 -35.39
N LEU C 1719 68.68 -2.58 -36.22
CA LEU C 1719 69.00 -2.78 -37.63
C LEU C 1719 68.52 -1.60 -38.48
N ASP C 1720 68.91 -1.55 -39.77
CA ASP C 1720 68.53 -0.48 -40.71
C ASP C 1720 67.01 -0.30 -40.84
N SER C 1721 66.26 -1.43 -40.74
CA SER C 1721 64.79 -1.50 -40.78
C SER C 1721 64.14 -0.94 -39.50
N GLY C 1722 64.89 -0.97 -38.40
CA GLY C 1722 64.43 -0.52 -37.08
C GLY C 1722 64.18 -1.69 -36.13
N VAL C 1723 64.32 -2.93 -36.64
CA VAL C 1723 64.13 -4.18 -35.90
C VAL C 1723 65.16 -4.31 -34.79
N ASN C 1724 64.69 -4.57 -33.56
CA ASN C 1724 65.52 -4.74 -32.36
C ASN C 1724 65.98 -6.19 -32.23
N VAL C 1725 67.29 -6.40 -32.02
CA VAL C 1725 67.90 -7.72 -31.80
C VAL C 1725 68.47 -7.70 -30.38
N THR C 1726 67.89 -8.50 -29.47
CA THR C 1726 68.34 -8.58 -28.08
C THR C 1726 68.90 -9.97 -27.76
N VAL C 1727 70.20 -10.00 -27.39
CA VAL C 1727 70.91 -11.23 -27.03
C VAL C 1727 71.12 -11.21 -25.52
N SER C 1728 70.69 -12.28 -24.84
CA SER C 1728 70.82 -12.41 -23.40
C SER C 1728 71.01 -13.85 -22.96
N GLN C 1729 71.42 -14.05 -21.69
CA GLN C 1729 71.56 -15.38 -21.11
C GLN C 1729 70.68 -15.47 -19.85
N PRO C 1730 69.33 -15.59 -20.00
CA PRO C 1730 68.46 -15.62 -18.82
C PRO C 1730 68.55 -16.91 -18.02
N THR C 1731 68.20 -16.80 -16.75
CA THR C 1731 68.14 -17.91 -15.80
C THR C 1731 66.69 -17.96 -15.31
N LEU C 1732 65.99 -19.06 -15.62
CA LEU C 1732 64.57 -19.22 -15.26
C LEU C 1732 64.37 -20.34 -14.26
N LEU C 1733 63.43 -20.14 -13.32
CA LEU C 1733 63.03 -21.13 -12.32
C LEU C 1733 61.66 -21.64 -12.76
N ILE C 1734 61.62 -22.83 -13.39
CA ILE C 1734 60.39 -23.45 -13.87
C ILE C 1734 60.19 -24.79 -13.15
N ASN C 1735 59.16 -24.86 -12.28
CA ASN C 1735 58.76 -26.04 -11.49
C ASN C 1735 59.92 -26.61 -10.64
N GLY C 1736 60.63 -25.73 -9.95
CA GLY C 1736 61.78 -26.08 -9.11
C GLY C 1736 63.10 -26.18 -9.85
N ARG C 1737 63.06 -26.50 -11.15
CA ARG C 1737 64.24 -26.64 -12.02
C ARG C 1737 64.79 -25.27 -12.44
N THR C 1738 66.11 -25.10 -12.34
CA THR C 1738 66.81 -23.89 -12.77
C THR C 1738 67.38 -24.16 -14.16
N ARG C 1739 67.25 -23.22 -15.08
CA ARG C 1739 67.80 -23.37 -16.41
C ARG C 1739 68.34 -22.05 -16.97
N ARG C 1740 69.53 -22.13 -17.57
CA ARG C 1740 70.24 -21.00 -18.18
C ARG C 1740 70.47 -21.35 -19.64
N PHE C 1741 70.22 -20.38 -20.55
CA PHE C 1741 70.34 -20.57 -22.00
C PHE C 1741 70.56 -19.25 -22.73
N THR C 1742 71.12 -19.30 -23.95
CA THR C 1742 71.27 -18.10 -24.77
C THR C 1742 69.90 -17.85 -25.41
N ASN C 1743 69.51 -16.57 -25.45
CA ASN C 1743 68.23 -16.15 -25.99
C ASN C 1743 68.43 -15.01 -26.97
N ILE C 1744 68.01 -15.20 -28.22
CA ILE C 1744 68.03 -14.18 -29.26
C ILE C 1744 66.58 -13.77 -29.52
N GLU C 1745 66.28 -12.47 -29.36
CA GLU C 1745 64.95 -11.92 -29.55
C GLU C 1745 64.93 -10.87 -30.67
N PHE C 1746 64.05 -11.08 -31.67
CA PHE C 1746 63.82 -10.14 -32.78
C PHE C 1746 62.49 -9.45 -32.52
N GLN C 1747 62.46 -8.10 -32.52
CA GLN C 1747 61.24 -7.35 -32.21
C GLN C 1747 61.07 -6.04 -33.00
N TYR C 1748 59.85 -5.85 -33.53
CA TYR C 1748 59.41 -4.62 -34.19
C TYR C 1748 58.00 -4.34 -33.72
N SER C 1749 57.79 -3.18 -33.05
CA SER C 1749 56.50 -2.74 -32.50
C SER C 1749 55.92 -3.86 -31.59
N THR C 1750 54.72 -4.39 -31.87
CA THR C 1750 54.14 -5.44 -31.04
C THR C 1750 54.61 -6.86 -31.42
N LEU C 1751 55.24 -7.05 -32.59
CA LEU C 1751 55.70 -8.37 -33.02
C LEU C 1751 57.00 -8.74 -32.33
N LEU C 1752 57.02 -9.90 -31.66
CA LEU C 1752 58.18 -10.41 -30.94
C LEU C 1752 58.44 -11.88 -31.32
N ILE C 1753 59.63 -12.17 -31.86
CA ILE C 1753 60.07 -13.52 -32.24
C ILE C 1753 61.23 -13.89 -31.29
N ASN C 1754 61.04 -14.95 -30.49
CA ASN C 1754 62.02 -15.40 -29.50
C ASN C 1754 62.64 -16.75 -29.86
N ILE C 1755 63.98 -16.84 -29.78
CA ILE C 1755 64.74 -18.07 -30.07
C ILE C 1755 65.53 -18.51 -28.85
N ARG C 1756 65.29 -19.76 -28.41
CA ARG C 1756 65.97 -20.40 -27.28
C ARG C 1756 67.00 -21.38 -27.85
N TYR C 1757 68.23 -21.35 -27.31
CA TYR C 1757 69.29 -22.24 -27.73
C TYR C 1757 69.51 -23.34 -26.68
N GLY C 1758 69.69 -24.57 -27.15
CA GLY C 1758 69.93 -25.74 -26.31
C GLY C 1758 70.72 -26.79 -27.05
N LEU C 1759 71.27 -27.77 -26.32
CA LEU C 1759 72.08 -28.83 -26.92
C LEU C 1759 71.41 -30.19 -26.85
N THR C 1760 70.63 -30.42 -25.78
CA THR C 1760 69.90 -31.66 -25.53
C THR C 1760 68.72 -31.84 -26.50
N ALA C 1761 68.20 -33.08 -26.59
CA ALA C 1761 67.06 -33.41 -27.46
C ALA C 1761 65.76 -32.88 -26.83
N ASP C 1762 65.72 -32.78 -25.50
CA ASP C 1762 64.58 -32.28 -24.72
C ASP C 1762 64.41 -30.75 -24.71
N THR C 1763 65.22 -30.00 -25.53
CA THR C 1763 65.17 -28.54 -25.64
C THR C 1763 63.78 -28.03 -26.03
N LEU C 1764 63.16 -28.64 -27.06
CA LEU C 1764 61.82 -28.30 -27.53
C LEU C 1764 60.76 -28.58 -26.44
N ASP C 1765 60.88 -29.73 -25.75
CA ASP C 1765 59.99 -30.14 -24.66
C ASP C 1765 60.14 -29.26 -23.41
N GLU C 1766 61.38 -28.76 -23.16
CA GLU C 1766 61.68 -27.88 -22.02
C GLU C 1766 61.13 -26.48 -22.24
N GLU C 1767 61.22 -25.94 -23.47
CA GLU C 1767 60.70 -24.63 -23.84
C GLU C 1767 59.18 -24.65 -23.83
N LYS C 1768 58.58 -25.78 -24.28
CA LYS C 1768 57.13 -26.00 -24.27
C LYS C 1768 56.62 -25.97 -22.82
N ALA C 1769 57.34 -26.65 -21.91
CA ALA C 1769 57.02 -26.71 -20.48
C ALA C 1769 57.25 -25.35 -19.81
N ARG C 1770 58.22 -24.55 -20.32
CA ARG C 1770 58.54 -23.23 -19.80
C ARG C 1770 57.47 -22.20 -20.16
N VAL C 1771 57.10 -22.12 -21.46
CA VAL C 1771 56.09 -21.17 -21.97
C VAL C 1771 54.70 -21.46 -21.39
N LEU C 1772 54.35 -22.76 -21.18
CA LEU C 1772 53.06 -23.16 -20.59
C LEU C 1772 53.00 -22.83 -19.12
N ASP C 1773 54.13 -22.96 -18.39
CA ASP C 1773 54.22 -22.62 -16.96
C ASP C 1773 54.11 -21.11 -16.76
N GLN C 1774 54.75 -20.33 -17.65
CA GLN C 1774 54.71 -18.87 -17.61
C GLN C 1774 53.31 -18.36 -17.93
N ALA C 1775 52.62 -19.03 -18.88
CA ALA C 1775 51.24 -18.72 -19.27
C ALA C 1775 50.30 -19.10 -18.13
N ARG C 1776 50.56 -20.24 -17.45
CA ARG C 1776 49.77 -20.72 -16.29
C ARG C 1776 49.84 -19.69 -15.17
N GLN C 1777 51.02 -19.09 -14.95
CA GLN C 1777 51.26 -18.05 -13.95
C GLN C 1777 50.49 -16.76 -14.29
N ARG C 1778 50.39 -16.43 -15.59
CA ARG C 1778 49.66 -15.26 -16.09
C ARG C 1778 48.16 -15.47 -15.91
N ALA C 1779 47.65 -16.68 -16.27
CA ALA C 1779 46.24 -17.07 -16.12
C ALA C 1779 45.82 -17.05 -14.66
N LEU C 1780 46.67 -17.61 -13.76
CA LEU C 1780 46.40 -17.66 -12.32
C LEU C 1780 46.51 -16.29 -11.66
N GLY C 1781 47.52 -15.51 -12.07
CA GLY C 1781 47.75 -14.16 -11.57
C GLY C 1781 46.57 -13.25 -11.88
N SER C 1782 46.06 -13.33 -13.13
CA SER C 1782 44.91 -12.57 -13.61
C SER C 1782 43.60 -13.02 -12.95
N ALA C 1783 43.34 -14.35 -12.89
CA ALA C 1783 42.13 -14.92 -12.30
C ALA C 1783 41.95 -14.58 -10.83
N TRP C 1784 43.03 -14.65 -10.01
CA TRP C 1784 42.99 -14.31 -8.58
C TRP C 1784 42.77 -12.81 -8.37
N ALA C 1785 43.38 -11.96 -9.24
CA ALA C 1785 43.25 -10.50 -9.20
C ALA C 1785 41.81 -10.07 -9.47
N LYS C 1786 41.18 -10.69 -10.49
CA LYS C 1786 39.79 -10.47 -10.89
C LYS C 1786 38.83 -10.94 -9.78
N GLU C 1787 39.17 -12.07 -9.12
CA GLU C 1787 38.40 -12.64 -8.00
C GLU C 1787 38.46 -11.72 -6.78
N GLN C 1788 39.64 -11.14 -6.49
CA GLN C 1788 39.86 -10.20 -5.38
C GLN C 1788 39.08 -8.90 -5.64
N GLN C 1789 39.09 -8.42 -6.90
CA GLN C 1789 38.38 -7.21 -7.33
C GLN C 1789 36.86 -7.37 -7.19
N LYS C 1790 36.32 -8.59 -7.47
CA LYS C 1790 34.89 -8.92 -7.33
C LYS C 1790 34.45 -8.79 -5.87
N ALA C 1791 35.31 -9.27 -4.94
CA ALA C 1791 35.09 -9.21 -3.49
C ALA C 1791 35.14 -7.77 -2.99
N ARG C 1792 36.05 -6.94 -3.54
CA ARG C 1792 36.23 -5.53 -3.21
C ARG C 1792 35.03 -4.70 -3.65
N ASP C 1793 34.52 -4.96 -4.88
CA ASP C 1793 33.39 -4.27 -5.51
C ASP C 1793 32.03 -4.66 -4.94
N GLY C 1794 31.98 -5.79 -4.24
CA GLY C 1794 30.75 -6.34 -3.67
C GLY C 1794 29.97 -7.16 -4.69
N ARG C 1795 30.64 -7.55 -5.78
CA ARG C 1795 30.08 -8.37 -6.86
C ARG C 1795 30.20 -9.86 -6.50
N GLU C 1796 29.36 -10.71 -7.11
CA GLU C 1796 29.39 -12.16 -6.91
C GLU C 1796 30.62 -12.76 -7.57
N GLY C 1797 31.29 -13.66 -6.86
CA GLY C 1797 32.48 -14.32 -7.36
C GLY C 1797 32.19 -15.53 -8.21
N SER C 1798 33.25 -16.16 -8.76
CA SER C 1798 33.16 -17.36 -9.60
C SER C 1798 32.77 -18.59 -8.77
N ARG C 1799 33.18 -18.59 -7.48
CA ARG C 1799 32.92 -19.65 -6.50
C ARG C 1799 32.27 -19.03 -5.25
N VAL C 1800 31.50 -19.83 -4.49
CA VAL C 1800 30.89 -19.37 -3.26
C VAL C 1800 31.91 -19.46 -2.11
N TRP C 1801 32.38 -18.29 -1.63
CA TRP C 1801 33.37 -18.19 -0.56
C TRP C 1801 32.68 -17.87 0.75
N THR C 1802 33.21 -18.39 1.88
CA THR C 1802 32.69 -18.10 3.21
C THR C 1802 33.23 -16.73 3.64
N ASP C 1803 32.72 -16.16 4.75
CA ASP C 1803 33.15 -14.86 5.29
C ASP C 1803 34.66 -14.81 5.57
N GLY C 1804 35.21 -15.92 6.06
CA GLY C 1804 36.63 -16.08 6.34
C GLY C 1804 37.47 -16.18 5.08
N GLU C 1805 36.97 -16.94 4.08
CA GLU C 1805 37.61 -17.13 2.78
C GLU C 1805 37.63 -15.82 2.00
N LYS C 1806 36.52 -15.05 2.03
CA LYS C 1806 36.36 -13.75 1.38
C LYS C 1806 37.32 -12.72 1.98
N GLN C 1807 37.47 -12.71 3.33
CA GLN C 1807 38.38 -11.80 4.03
C GLN C 1807 39.85 -12.12 3.75
N GLN C 1808 40.17 -13.43 3.61
CA GLN C 1808 41.51 -13.92 3.29
C GLN C 1808 41.91 -13.43 1.88
N LEU C 1809 40.95 -13.49 0.93
CA LEU C 1809 41.11 -13.04 -0.46
C LEU C 1809 41.34 -11.53 -0.54
N LEU C 1810 40.65 -10.76 0.32
CA LEU C 1810 40.76 -9.29 0.37
C LEU C 1810 42.12 -8.81 0.90
N ASN C 1811 42.64 -9.50 1.93
CA ASN C 1811 43.90 -9.15 2.60
C ASN C 1811 45.16 -9.69 1.91
N THR C 1812 45.18 -11.00 1.57
CA THR C 1812 46.36 -11.64 0.97
C THR C 1812 46.33 -11.66 -0.57
N GLY C 1813 45.16 -11.95 -1.14
CA GLY C 1813 44.98 -12.05 -2.59
C GLY C 1813 44.70 -13.47 -3.05
N ARG C 1814 45.03 -14.45 -2.18
CA ARG C 1814 44.85 -15.89 -2.40
C ARG C 1814 44.05 -16.46 -1.23
N VAL C 1815 43.43 -17.64 -1.44
CA VAL C 1815 42.68 -18.35 -0.39
C VAL C 1815 43.36 -19.70 -0.13
N GLN C 1816 43.71 -19.98 1.15
CA GLN C 1816 44.39 -21.20 1.59
C GLN C 1816 43.58 -22.46 1.32
N GLY C 1817 44.21 -23.41 0.64
CA GLY C 1817 43.59 -24.69 0.27
C GLY C 1817 42.99 -24.66 -1.12
N TYR C 1818 42.81 -23.45 -1.69
CA TYR C 1818 42.25 -23.22 -3.02
C TYR C 1818 43.32 -22.88 -4.04
N GLU C 1819 43.21 -23.48 -5.23
CA GLU C 1819 44.10 -23.26 -6.37
C GLU C 1819 43.26 -23.20 -7.65
N GLY C 1820 43.76 -22.47 -8.65
CA GLY C 1820 43.11 -22.36 -9.95
C GLY C 1820 43.50 -23.50 -10.86
N TYR C 1821 42.49 -24.14 -11.47
CA TYR C 1821 42.67 -25.28 -12.39
C TYR C 1821 41.99 -24.97 -13.72
N TYR C 1822 42.52 -25.53 -14.82
CA TYR C 1822 41.94 -25.31 -16.15
C TYR C 1822 40.62 -26.06 -16.27
N VAL C 1823 39.59 -25.41 -16.86
CA VAL C 1823 38.29 -26.04 -17.12
C VAL C 1823 38.47 -26.87 -18.40
N LEU C 1824 38.84 -26.22 -19.52
CA LEU C 1824 39.16 -26.89 -20.78
C LEU C 1824 40.64 -27.29 -20.67
N PRO C 1825 40.98 -28.59 -20.84
CA PRO C 1825 42.38 -29.03 -20.68
C PRO C 1825 43.38 -28.33 -21.60
N VAL C 1826 44.48 -27.83 -21.00
CA VAL C 1826 45.58 -27.14 -21.67
C VAL C 1826 46.34 -28.08 -22.64
N GLU C 1827 46.23 -29.41 -22.42
CA GLU C 1827 46.86 -30.44 -23.25
C GLU C 1827 46.22 -30.48 -24.64
N GLN C 1828 44.89 -30.23 -24.72
CA GLN C 1828 44.10 -30.22 -25.95
C GLN C 1828 43.86 -28.78 -26.44
N TYR C 1829 43.93 -27.80 -25.51
CA TYR C 1829 43.73 -26.39 -25.81
C TYR C 1829 44.93 -25.55 -25.30
N PRO C 1830 46.13 -25.64 -25.93
CA PRO C 1830 47.27 -24.84 -25.44
C PRO C 1830 47.16 -23.34 -25.65
N GLU C 1831 46.30 -22.92 -26.59
CA GLU C 1831 46.06 -21.51 -26.89
C GLU C 1831 45.36 -20.74 -25.75
N LEU C 1832 44.65 -21.47 -24.83
CA LEU C 1832 43.96 -20.87 -23.68
C LEU C 1832 44.81 -20.97 -22.40
N ALA C 1833 46.11 -21.24 -22.54
CA ALA C 1833 47.03 -21.38 -21.40
C ALA C 1833 47.16 -20.14 -20.51
N ASP C 1834 47.05 -18.94 -21.08
CA ASP C 1834 47.15 -17.69 -20.31
C ASP C 1834 45.80 -17.00 -20.05
N SER C 1835 44.69 -17.71 -20.38
CA SER C 1835 43.31 -17.25 -20.25
C SER C 1835 42.78 -17.45 -18.82
N SER C 1836 42.47 -16.33 -18.13
CA SER C 1836 41.93 -16.35 -16.78
C SER C 1836 40.48 -16.86 -16.74
N SER C 1837 39.76 -16.72 -17.87
CA SER C 1837 38.37 -17.17 -18.03
C SER C 1837 38.26 -18.68 -18.26
N ASN C 1838 39.42 -19.38 -18.32
CA ASN C 1838 39.52 -20.83 -18.45
C ASN C 1838 40.04 -21.43 -17.14
N ILE C 1839 40.00 -20.64 -16.05
CA ILE C 1839 40.45 -21.04 -14.71
C ILE C 1839 39.25 -21.11 -13.75
N GLN C 1840 39.24 -22.14 -12.88
CA GLN C 1840 38.24 -22.36 -11.84
C GLN C 1840 38.94 -22.63 -10.51
N PHE C 1841 38.48 -22.00 -9.42
CA PHE C 1841 39.08 -22.20 -8.10
C PHE C 1841 38.42 -23.36 -7.39
N LEU C 1842 39.23 -24.37 -7.03
CA LEU C 1842 38.77 -25.59 -6.37
C LEU C 1842 39.73 -26.00 -5.25
N ARG C 1843 39.17 -26.61 -4.20
CA ARG C 1843 39.97 -27.17 -3.10
C ARG C 1843 40.34 -28.61 -3.51
N GLN C 1844 41.28 -29.25 -2.77
CA GLN C 1844 41.75 -30.61 -3.10
C GLN C 1844 40.67 -31.72 -2.98
N ASN C 1845 39.45 -31.35 -2.54
CA ASN C 1845 38.29 -32.25 -2.42
C ASN C 1845 37.64 -32.51 -3.79
N GLU C 1846 37.80 -31.56 -4.75
CA GLU C 1846 37.30 -31.60 -6.14
C GLU C 1846 35.78 -31.78 -6.24
N LEU D 4 1.76 72.06 45.60
CA LEU D 4 0.76 71.00 45.59
C LEU D 4 0.58 70.34 46.98
N VAL D 5 0.57 68.99 47.05
CA VAL D 5 0.38 68.23 48.28
C VAL D 5 1.54 67.26 48.55
N SER D 6 2.06 67.27 49.80
CA SER D 6 3.16 66.43 50.27
C SER D 6 2.72 65.38 51.30
N LEU D 7 3.56 64.35 51.51
CA LEU D 7 3.33 63.25 52.45
C LEU D 7 4.47 63.22 53.49
N ILE D 8 4.12 63.05 54.78
CA ILE D 8 5.11 63.00 55.87
C ILE D 8 5.15 61.60 56.48
N ARG D 9 6.37 61.11 56.79
CA ARG D 9 6.59 59.81 57.43
C ARG D 9 7.83 59.86 58.32
N GLY D 10 7.65 59.49 59.59
CA GLY D 10 8.72 59.45 60.58
C GLY D 10 8.48 58.43 61.67
N GLN D 11 9.51 58.20 62.51
CA GLN D 11 9.45 57.26 63.64
C GLN D 11 9.66 57.99 64.95
N VAL D 12 8.93 57.57 66.00
CA VAL D 12 9.05 58.10 67.36
C VAL D 12 9.56 56.96 68.24
N VAL D 13 10.76 57.13 68.81
CA VAL D 13 11.41 56.12 69.67
C VAL D 13 11.72 56.65 71.09
N THR D 14 12.15 55.75 72.00
CA THR D 14 12.53 56.06 73.38
C THR D 14 14.04 56.38 73.41
N THR D 15 14.67 56.40 74.61
CA THR D 15 16.10 56.68 74.78
C THR D 15 16.97 55.56 74.19
N ASP D 16 16.58 54.30 74.43
CA ASP D 16 17.29 53.10 73.94
C ASP D 16 17.12 52.88 72.43
N GLY D 17 15.91 53.11 71.93
CA GLY D 17 15.57 52.97 70.52
C GLY D 17 14.36 52.10 70.24
N THR D 18 13.39 52.06 71.19
CA THR D 18 12.16 51.27 71.06
C THR D 18 10.99 52.17 70.59
N PRO D 19 10.28 51.79 69.49
CA PRO D 19 9.17 52.63 69.01
C PRO D 19 7.94 52.62 69.93
N LEU D 20 7.32 53.81 70.13
CA LEU D 20 6.14 53.99 70.99
C LEU D 20 4.83 53.62 70.31
N VAL D 21 3.97 52.89 71.04
CA VAL D 21 2.67 52.35 70.58
C VAL D 21 1.50 53.37 70.71
N GLY D 22 1.77 54.58 71.23
CA GLY D 22 0.71 55.57 71.40
C GLY D 22 1.14 57.02 71.46
N VAL D 23 1.33 57.65 70.28
CA VAL D 23 1.71 59.07 70.16
C VAL D 23 0.67 59.81 69.31
N ASN D 24 0.05 60.87 69.86
CA ASN D 24 -0.94 61.67 69.15
C ASN D 24 -0.24 62.83 68.42
N VAL D 25 0.10 62.60 67.13
CA VAL D 25 0.78 63.57 66.27
C VAL D 25 -0.27 64.55 65.73
N SER D 26 -0.19 65.83 66.16
CA SER D 26 -1.13 66.89 65.78
C SER D 26 -0.50 68.00 64.95
N PHE D 27 -1.31 68.65 64.10
CA PHE D 27 -0.90 69.77 63.26
C PHE D 27 -2.06 70.75 63.00
N VAL D 28 -1.79 72.06 63.16
CA VAL D 28 -2.76 73.13 62.94
C VAL D 28 -2.16 74.15 61.97
N LYS D 29 -2.79 74.31 60.80
CA LYS D 29 -2.35 75.24 59.74
C LYS D 29 -3.56 75.70 58.92
N TYR D 30 -3.88 77.03 59.01
CA TYR D 30 -5.01 77.68 58.34
C TYR D 30 -6.36 76.95 58.70
N PRO D 31 -7.37 76.67 57.82
CA PRO D 31 -8.55 75.94 58.31
C PRO D 31 -8.35 74.41 58.33
N LYS D 32 -7.19 73.93 57.83
CA LYS D 32 -6.83 72.51 57.75
C LYS D 32 -6.45 71.93 59.11
N TYR D 33 -7.10 70.82 59.49
CA TYR D 33 -6.89 70.09 60.75
C TYR D 33 -6.71 68.60 60.50
N GLY D 34 -5.98 67.93 61.39
CA GLY D 34 -5.72 66.50 61.31
C GLY D 34 -4.82 65.96 62.40
N TYR D 35 -4.97 64.65 62.69
CA TYR D 35 -4.19 63.94 63.71
C TYR D 35 -4.02 62.46 63.37
N THR D 36 -2.93 61.84 63.89
CA THR D 36 -2.64 60.42 63.69
C THR D 36 -2.10 59.80 64.99
N ILE D 37 -2.46 58.53 65.25
CA ILE D 37 -2.04 57.78 66.43
C ILE D 37 -1.13 56.62 65.99
N THR D 38 0.11 56.61 66.50
CA THR D 38 1.13 55.59 66.19
C THR D 38 0.71 54.20 66.65
N ARG D 39 1.12 53.17 65.91
CA ARG D 39 0.83 51.77 66.23
C ARG D 39 2.10 51.08 66.78
N GLN D 40 2.13 49.72 66.82
CA GLN D 40 3.25 48.91 67.31
C GLN D 40 4.60 49.32 66.70
N ASP D 41 4.61 49.63 65.38
CA ASP D 41 5.77 50.06 64.59
C ASP D 41 6.31 51.45 64.98
N GLY D 42 5.48 52.26 65.63
CA GLY D 42 5.81 53.61 66.06
C GLY D 42 5.96 54.60 64.92
N MET D 43 5.20 54.38 63.83
CA MET D 43 5.24 55.22 62.63
C MET D 43 4.04 56.15 62.54
N PHE D 44 4.29 57.40 62.08
CA PHE D 44 3.25 58.40 61.86
C PHE D 44 3.22 58.78 60.39
N ASP D 45 2.02 58.78 59.78
CA ASP D 45 1.81 59.11 58.37
C ASP D 45 0.77 60.21 58.24
N LEU D 46 1.17 61.38 57.69
CA LEU D 46 0.28 62.53 57.52
C LEU D 46 0.37 63.19 56.15
N VAL D 47 -0.74 63.81 55.72
CA VAL D 47 -0.88 64.51 54.44
C VAL D 47 -0.98 66.01 54.73
N ALA D 48 -0.13 66.82 54.07
CA ALA D 48 -0.11 68.28 54.24
C ALA D 48 0.25 69.01 52.96
N ASN D 49 -0.04 70.33 52.90
CA ASN D 49 0.28 71.17 51.75
C ASN D 49 1.77 71.51 51.76
N GLY D 50 2.43 71.25 50.63
CA GLY D 50 3.86 71.47 50.47
C GLY D 50 4.27 72.89 50.16
N GLY D 51 5.57 73.15 50.35
CA GLY D 51 6.19 74.45 50.11
C GLY D 51 6.37 75.26 51.38
N SER D 52 5.25 75.44 52.11
CA SER D 52 5.19 76.17 53.37
C SER D 52 5.70 75.32 54.55
N SER D 53 6.18 75.99 55.62
CA SER D 53 6.69 75.31 56.83
C SER D 53 5.55 74.88 57.76
N LEU D 54 5.57 73.62 58.21
CA LEU D 54 4.57 73.01 59.08
C LEU D 54 5.18 72.63 60.43
N THR D 55 4.43 72.90 61.52
CA THR D 55 4.84 72.58 62.88
C THR D 55 3.99 71.40 63.39
N LEU D 56 4.65 70.40 64.00
CA LEU D 56 3.98 69.20 64.49
C LEU D 56 4.17 68.97 65.98
N HIS D 57 3.05 68.71 66.70
CA HIS D 57 3.03 68.44 68.13
C HIS D 57 2.88 66.94 68.38
N PHE D 58 3.57 66.42 69.40
CA PHE D 58 3.56 65.00 69.78
C PHE D 58 3.02 64.84 71.21
N GLU D 59 2.00 63.97 71.39
CA GLU D 59 1.37 63.72 72.68
C GLU D 59 1.55 62.28 73.19
N ARG D 60 2.24 62.12 74.33
CA ARG D 60 2.47 60.84 74.99
C ARG D 60 2.21 60.97 76.50
N ALA D 61 1.71 59.90 77.13
CA ALA D 61 1.36 59.89 78.55
C ALA D 61 2.57 60.03 79.52
N PRO D 62 3.57 59.11 79.62
CA PRO D 62 4.66 59.33 80.59
C PRO D 62 5.87 60.13 80.08
N PHE D 63 5.78 60.69 78.85
CA PHE D 63 6.88 61.44 78.25
C PHE D 63 6.55 62.91 77.98
N MET D 64 7.60 63.76 77.97
CA MET D 64 7.55 65.21 77.74
C MET D 64 7.06 65.49 76.31
N SER D 65 5.94 66.22 76.18
CA SER D 65 5.34 66.58 74.88
C SER D 65 6.24 67.57 74.12
N GLN D 66 6.77 67.10 72.98
CA GLN D 66 7.68 67.88 72.13
C GLN D 66 7.04 68.38 70.84
N GLU D 67 7.58 69.47 70.29
CA GLU D 67 7.16 70.10 69.04
C GLU D 67 8.31 70.18 68.06
N ARG D 68 8.04 69.92 66.78
CA ARG D 68 9.06 70.00 65.72
C ARG D 68 8.50 70.67 64.46
N THR D 69 9.19 71.73 64.01
CA THR D 69 8.83 72.49 62.80
C THR D 69 9.72 72.01 61.64
N VAL D 70 9.12 71.82 60.45
CA VAL D 70 9.82 71.34 59.26
C VAL D 70 9.46 72.11 57.98
N TRP D 71 10.45 72.31 57.10
CA TRP D 71 10.31 72.94 55.78
C TRP D 71 9.82 71.82 54.85
N LEU D 72 8.56 71.91 54.36
CA LEU D 72 8.00 70.87 53.48
C LEU D 72 8.34 71.06 52.00
N PRO D 73 8.73 69.98 51.28
CA PRO D 73 8.94 70.12 49.82
C PRO D 73 7.59 70.29 49.13
N TRP D 74 7.56 70.92 47.94
CA TRP D 74 6.33 71.26 47.21
C TRP D 74 5.39 70.09 46.91
N ASN D 75 5.88 69.03 46.24
CA ASN D 75 5.08 67.86 45.87
C ASN D 75 5.94 66.59 45.94
N SER D 76 6.43 66.26 47.15
CA SER D 76 7.31 65.11 47.39
C SER D 76 6.94 64.36 48.67
N PHE D 77 7.52 63.16 48.84
CA PHE D 77 7.34 62.31 50.01
C PHE D 77 8.47 62.62 51.00
N TYR D 78 8.16 63.45 52.01
CA TYR D 78 9.09 63.90 53.04
C TYR D 78 9.28 62.88 54.15
N ALA D 79 10.54 62.45 54.38
CA ALA D 79 10.91 61.50 55.43
C ALA D 79 11.46 62.28 56.62
N MET D 80 10.59 62.48 57.64
CA MET D 80 10.90 63.25 58.85
C MET D 80 11.86 62.50 59.79
N ASP D 81 12.78 63.27 60.41
CA ASP D 81 13.80 62.79 61.36
C ASP D 81 13.17 62.03 62.54
N THR D 82 13.90 61.03 63.07
CA THR D 82 13.46 60.22 64.19
C THR D 82 13.42 61.06 65.49
N LEU D 83 12.30 60.97 66.23
CA LEU D 83 12.07 61.69 67.49
C LEU D 83 12.35 60.82 68.72
N VAL D 84 13.26 61.28 69.58
CA VAL D 84 13.64 60.59 70.83
C VAL D 84 12.91 61.26 72.01
N MET D 85 12.05 60.49 72.70
CA MET D 85 11.23 60.96 73.82
C MET D 85 11.99 60.88 75.15
N PRO D 93 24.00 71.14 74.90
CA PRO D 93 23.87 72.54 74.48
C PRO D 93 25.02 73.44 74.97
N SER D 94 25.79 72.98 75.96
CA SER D 94 26.91 73.70 76.57
C SER D 94 28.14 73.84 75.67
N CYS D 95 28.51 72.75 74.96
CA CYS D 95 29.68 72.69 74.07
C CYS D 95 29.58 73.62 72.85
N ASP D 96 30.73 74.16 72.40
CA ASP D 96 30.84 75.07 71.25
C ASP D 96 31.93 74.60 70.30
N LEU D 97 31.54 74.20 69.08
CA LEU D 97 32.45 73.72 68.03
C LEU D 97 32.70 74.81 67.00
N SER D 98 33.89 75.46 67.08
CA SER D 98 34.29 76.53 66.16
C SER D 98 35.60 76.16 65.46
N GLY D 99 35.59 76.25 64.13
CA GLY D 99 36.73 75.93 63.29
C GLY D 99 36.92 74.45 63.03
N PHE D 100 35.96 73.62 63.51
CA PHE D 100 35.97 72.16 63.36
C PHE D 100 35.69 71.73 61.93
N VAL D 101 36.31 70.61 61.51
CA VAL D 101 36.18 70.04 60.17
C VAL D 101 34.76 69.53 59.93
N ARG D 102 34.09 70.13 58.93
CA ARG D 102 32.73 69.79 58.52
C ARG D 102 32.77 68.56 57.59
N PRO D 103 31.73 67.69 57.59
CA PRO D 103 31.76 66.53 56.69
C PRO D 103 31.59 66.95 55.23
N ASP D 104 32.49 66.48 54.35
CA ASP D 104 32.43 66.76 52.92
C ASP D 104 32.27 65.43 52.16
N PRO D 105 31.03 64.89 52.09
CA PRO D 105 30.85 63.60 51.43
C PRO D 105 30.86 63.65 49.91
N VAL D 106 31.29 62.53 49.30
CA VAL D 106 31.32 62.32 47.86
C VAL D 106 30.22 61.31 47.60
N ILE D 107 29.13 61.75 46.95
CA ILE D 107 27.97 60.90 46.65
C ILE D 107 27.96 60.53 45.16
N ILE D 108 28.08 59.23 44.87
CA ILE D 108 28.13 58.67 43.52
C ILE D 108 26.90 57.78 43.30
N SER D 109 25.99 58.22 42.43
CA SER D 109 24.77 57.46 42.10
C SER D 109 25.02 56.59 40.86
N SER D 110 24.33 55.43 40.79
CA SER D 110 24.45 54.53 39.64
C SER D 110 23.97 55.25 38.37
N PRO D 111 24.70 55.17 37.24
CA PRO D 111 24.29 55.93 36.05
C PRO D 111 22.92 55.54 35.50
N LEU D 112 22.24 56.52 34.87
CA LEU D 112 20.92 56.32 34.27
C LEU D 112 21.07 55.37 33.08
N SER D 113 20.07 54.50 32.86
CA SER D 113 20.10 53.55 31.76
C SER D 113 19.79 54.25 30.42
N THR D 114 20.77 55.02 29.91
CA THR D 114 20.68 55.79 28.66
C THR D 114 21.27 55.02 27.49
N PHE D 115 22.13 54.02 27.79
CA PHE D 115 22.80 53.22 26.77
C PHE D 115 22.02 51.97 26.41
N PHE D 116 22.03 51.68 25.10
CA PHE D 116 21.37 50.52 24.48
C PHE D 116 22.24 50.04 23.31
N SER D 117 21.91 48.88 22.74
CA SER D 117 22.66 48.28 21.64
C SER D 117 22.01 48.57 20.28
N ASP D 118 22.85 48.87 19.29
CA ASP D 118 22.43 49.12 17.91
C ASP D 118 22.00 47.82 17.24
N ALA D 119 22.66 46.70 17.62
CA ALA D 119 22.38 45.35 17.12
C ALA D 119 22.32 44.36 18.30
N PRO D 120 21.16 44.23 19.00
CA PRO D 120 21.07 43.30 20.15
C PRO D 120 21.35 41.84 19.82
N GLY D 121 21.18 41.47 18.55
CA GLY D 121 21.47 40.14 18.04
C GLY D 121 22.96 39.87 17.90
N ARG D 122 23.75 40.91 17.60
CA ARG D 122 25.21 40.82 17.44
C ARG D 122 25.91 41.02 18.79
N ASN D 123 25.55 42.10 19.52
CA ASN D 123 26.13 42.41 20.82
C ASN D 123 25.05 42.74 21.86
N PRO D 124 24.67 41.78 22.73
CA PRO D 124 23.63 42.08 23.72
C PRO D 124 24.12 42.82 24.98
N ILE D 125 25.45 42.90 25.16
CA ILE D 125 26.10 43.50 26.33
C ILE D 125 26.28 45.04 26.22
N VAL D 126 25.75 45.75 27.22
CA VAL D 126 25.85 47.20 27.41
C VAL D 126 26.80 47.36 28.64
N PRO D 127 28.12 47.61 28.43
CA PRO D 127 29.07 47.59 29.55
C PRO D 127 28.89 48.60 30.69
N GLU D 128 28.76 49.91 30.39
CA GLU D 128 28.67 51.00 31.40
C GLU D 128 27.56 50.82 32.44
N THR D 129 26.34 50.46 32.00
CA THR D 129 25.21 50.27 32.89
C THR D 129 25.09 48.81 33.35
N GLN D 130 25.89 47.91 32.73
CA GLN D 130 25.89 46.44 32.96
C GLN D 130 24.46 45.91 32.71
N VAL D 131 23.96 46.22 31.51
CA VAL D 131 22.62 45.93 31.04
C VAL D 131 22.63 44.91 29.93
N LEU D 132 21.69 43.96 29.96
CA LEU D 132 21.53 42.96 28.92
C LEU D 132 20.42 43.46 28.00
N HIS D 133 20.74 43.59 26.71
CA HIS D 133 19.83 44.05 25.68
C HIS D 133 19.63 42.93 24.66
N GLU D 134 18.53 42.17 24.81
CA GLU D 134 18.26 41.05 23.92
C GLU D 134 17.07 41.28 23.00
N GLU D 135 16.95 40.44 21.95
CA GLU D 135 15.89 40.50 20.96
C GLU D 135 15.44 39.13 20.47
N ILE D 136 14.20 39.07 19.95
CA ILE D 136 13.59 37.92 19.30
C ILE D 136 12.91 38.44 18.03
N GLU D 137 13.41 38.00 16.87
CA GLU D 137 12.82 38.33 15.57
C GLU D 137 11.65 37.37 15.37
N VAL D 138 10.50 37.89 14.94
CA VAL D 138 9.29 37.09 14.71
C VAL D 138 8.94 37.05 13.20
N PRO D 139 8.51 35.88 12.65
CA PRO D 139 8.19 35.84 11.21
C PRO D 139 6.84 36.47 10.88
N GLY D 140 6.80 37.17 9.74
CA GLY D 140 5.60 37.85 9.25
C GLY D 140 5.59 39.33 9.49
N SER D 141 6.58 39.84 10.29
CA SER D 141 6.70 41.25 10.63
C SER D 141 8.16 41.68 10.87
N SER D 142 8.44 42.99 10.69
CA SER D 142 9.73 43.60 10.93
C SER D 142 9.83 44.10 12.39
N ILE D 143 8.72 44.00 13.16
CA ILE D 143 8.64 44.38 14.58
C ILE D 143 9.26 43.23 15.39
N LYS D 144 10.22 43.56 16.26
CA LYS D 144 10.95 42.63 17.12
C LYS D 144 10.47 42.71 18.59
N LEU D 145 10.81 41.67 19.37
CA LEU D 145 10.53 41.61 20.81
C LEU D 145 11.85 41.96 21.47
N ILE D 146 11.83 42.96 22.36
CA ILE D 146 13.04 43.47 23.00
C ILE D 146 13.04 43.24 24.50
N TYR D 147 14.20 42.86 25.04
CA TYR D 147 14.44 42.71 26.47
C TYR D 147 15.57 43.65 26.88
N LEU D 148 15.35 44.43 27.94
CA LEU D 148 16.35 45.33 28.52
C LEU D 148 16.36 45.02 30.02
N SER D 149 17.50 44.54 30.54
CA SER D 149 17.67 44.11 31.94
C SER D 149 17.45 45.24 32.96
N SER D 150 17.51 46.52 32.54
CA SER D 150 17.27 47.64 33.44
C SER D 150 15.76 47.87 33.68
N ARG D 151 14.90 47.29 32.82
CA ARG D 151 13.44 47.39 32.89
C ARG D 151 12.88 46.22 33.73
N THR D 152 13.55 45.92 34.87
CA THR D 152 13.20 44.84 35.78
C THR D 152 13.31 45.29 37.23
N ALA D 153 12.70 44.52 38.15
CA ALA D 153 12.72 44.78 39.60
C ALA D 153 14.09 44.53 40.21
N GLY D 154 14.82 43.55 39.66
CA GLY D 154 16.16 43.17 40.12
C GLY D 154 17.24 44.20 39.90
N TYR D 155 17.04 45.11 38.92
CA TYR D 155 17.97 46.17 38.58
C TYR D 155 17.79 47.35 39.55
N LYS D 156 18.50 47.28 40.68
CA LYS D 156 18.43 48.24 41.79
C LYS D 156 19.14 49.57 41.49
N SER D 157 18.87 50.59 42.35
CA SER D 157 19.48 51.92 42.27
C SER D 157 20.55 51.99 43.34
N LEU D 158 21.76 52.41 42.96
CA LEU D 158 22.90 52.45 43.87
C LEU D 158 23.32 53.85 44.25
N LEU D 159 23.83 54.00 45.47
CA LEU D 159 24.29 55.27 46.02
C LEU D 159 25.53 55.06 46.88
N LYS D 160 26.71 55.25 46.30
CA LYS D 160 27.98 55.11 47.02
C LYS D 160 28.28 56.43 47.69
N ILE D 161 28.33 56.41 49.03
CA ILE D 161 28.57 57.60 49.85
C ILE D 161 29.93 57.50 50.55
N ILE D 162 30.93 58.23 50.04
CA ILE D 162 32.27 58.29 50.62
C ILE D 162 32.26 59.47 51.61
N MET D 163 32.12 59.17 52.91
CA MET D 163 32.02 60.20 53.96
C MET D 163 33.37 60.63 54.56
N THR D 164 34.43 59.82 54.41
CA THR D 164 35.77 60.12 54.93
C THR D 164 36.86 59.87 53.89
N GLN D 165 37.94 60.67 53.93
CA GLN D 165 39.09 60.54 53.05
C GLN D 165 40.23 59.81 53.78
N SER D 166 41.44 59.75 53.18
CA SER D 166 42.62 59.10 53.76
C SER D 166 43.08 59.75 55.08
N LEU D 167 42.78 61.06 55.25
CA LEU D 167 43.11 61.83 56.46
C LEU D 167 41.84 62.05 57.30
N VAL D 168 41.89 61.65 58.57
CA VAL D 168 40.78 61.75 59.52
C VAL D 168 41.08 62.84 60.58
N PRO D 169 40.16 63.81 60.85
CA PRO D 169 40.44 64.82 61.89
C PRO D 169 40.68 64.17 63.26
N LEU D 170 41.72 64.66 63.97
CA LEU D 170 42.22 64.16 65.26
C LEU D 170 41.15 63.81 66.31
N ASN D 171 40.16 64.69 66.53
CA ASN D 171 39.13 64.47 67.56
C ASN D 171 37.90 63.65 67.09
N LEU D 172 37.82 63.28 65.80
CA LEU D 172 36.70 62.50 65.26
C LEU D 172 36.66 61.06 65.81
N ILE D 173 35.49 60.65 66.32
CA ILE D 173 35.27 59.32 66.92
C ILE D 173 34.13 58.53 66.26
N LYS D 174 33.04 59.23 65.85
CA LYS D 174 31.87 58.61 65.21
C LYS D 174 31.39 59.38 63.99
N VAL D 175 30.88 58.64 62.97
CA VAL D 175 30.33 59.17 61.72
C VAL D 175 28.91 58.59 61.54
N HIS D 176 27.90 59.47 61.42
CA HIS D 176 26.51 59.06 61.24
C HIS D 176 26.00 59.27 59.81
N LEU D 177 25.12 58.37 59.34
CA LEU D 177 24.58 58.43 57.98
C LEU D 177 23.05 58.32 57.94
N MET D 178 22.42 59.13 57.09
CA MET D 178 20.98 59.15 56.85
C MET D 178 20.72 59.20 55.35
N VAL D 179 19.79 58.36 54.85
CA VAL D 179 19.39 58.32 53.45
C VAL D 179 17.85 58.35 53.40
N ALA D 180 17.29 59.38 52.74
CA ALA D 180 15.84 59.53 52.62
C ALA D 180 15.37 59.46 51.16
N VAL D 181 14.71 58.36 50.78
CA VAL D 181 14.19 58.13 49.43
C VAL D 181 12.73 57.68 49.50
N GLU D 182 11.83 58.45 48.87
CA GLU D 182 10.39 58.18 48.74
C GLU D 182 9.71 57.64 50.03
N GLY D 183 10.00 58.28 51.16
CA GLY D 183 9.43 57.89 52.45
C GLY D 183 10.30 56.99 53.31
N HIS D 184 11.25 56.25 52.68
CA HIS D 184 12.17 55.37 53.40
C HIS D 184 13.20 56.20 54.14
N LEU D 185 13.58 55.77 55.33
CA LEU D 185 14.61 56.45 56.11
C LEU D 185 15.62 55.45 56.66
N PHE D 186 16.78 55.39 56.01
CA PHE D 186 17.87 54.51 56.40
C PHE D 186 18.82 55.25 57.31
N GLN D 187 19.15 54.66 58.46
CA GLN D 187 20.05 55.23 59.44
C GLN D 187 21.09 54.21 59.88
N LYS D 188 22.38 54.61 59.88
CA LYS D 188 23.50 53.76 60.28
C LYS D 188 24.61 54.59 60.93
N SER D 189 25.18 54.07 62.02
CA SER D 189 26.28 54.69 62.77
C SER D 189 27.58 53.93 62.49
N PHE D 190 28.68 54.68 62.29
CA PHE D 190 30.01 54.14 61.97
C PHE D 190 31.07 54.76 62.87
N LEU D 191 32.22 54.07 63.01
CA LEU D 191 33.37 54.54 63.77
C LEU D 191 34.34 55.25 62.83
N ALA D 192 35.01 56.32 63.31
CA ALA D 192 35.96 57.12 62.52
C ALA D 192 37.12 56.26 61.99
N SER D 193 37.18 56.13 60.66
CA SER D 193 38.18 55.32 59.95
C SER D 193 38.60 56.00 58.64
N PRO D 194 39.88 55.92 58.22
CA PRO D 194 40.27 56.53 56.93
C PRO D 194 39.63 55.82 55.73
N ASN D 195 39.15 56.62 54.75
CA ASN D 195 38.47 56.16 53.53
C ASN D 195 37.19 55.34 53.85
N LEU D 196 36.37 55.87 54.78
CA LEU D 196 35.12 55.26 55.22
C LEU D 196 34.01 55.51 54.19
N ALA D 197 33.39 54.42 53.69
CA ALA D 197 32.33 54.50 52.67
C ALA D 197 31.24 53.45 52.87
N TYR D 198 30.02 53.77 52.42
CA TYR D 198 28.85 52.89 52.45
C TYR D 198 28.08 53.01 51.14
N THR D 199 27.60 51.88 50.60
CA THR D 199 26.82 51.88 49.37
C THR D 199 25.36 51.49 49.67
N PHE D 200 24.45 52.46 49.50
CA PHE D 200 23.01 52.31 49.73
C PHE D 200 22.34 51.73 48.49
N ILE D 201 21.51 50.69 48.70
CA ILE D 201 20.79 50.00 47.63
C ILE D 201 19.28 50.28 47.75
N TRP D 202 18.68 50.86 46.70
CA TRP D 202 17.26 51.18 46.64
C TRP D 202 16.54 50.22 45.70
N ASP D 203 15.46 49.61 46.19
CA ASP D 203 14.63 48.63 45.47
C ASP D 203 13.54 49.28 44.59
N LYS D 204 13.62 50.62 44.41
CA LYS D 204 12.74 51.46 43.58
C LYS D 204 11.26 51.47 44.06
N THR D 205 11.05 51.28 45.37
CA THR D 205 9.70 51.31 45.99
C THR D 205 9.58 52.47 46.99
N ASP D 206 8.34 52.87 47.30
CA ASP D 206 8.07 53.90 48.31
C ASP D 206 7.99 53.24 49.69
N ALA D 207 7.67 54.03 50.73
CA ALA D 207 7.57 53.55 52.10
C ALA D 207 6.43 52.54 52.30
N TYR D 208 5.40 52.56 51.42
CA TYR D 208 4.24 51.67 51.47
C TYR D 208 4.42 50.38 50.63
N GLY D 209 5.61 50.21 50.05
CA GLY D 209 5.96 49.06 49.23
C GLY D 209 5.42 49.11 47.82
N GLN D 210 5.04 50.32 47.36
CA GLN D 210 4.52 50.56 46.00
C GLN D 210 5.63 51.01 45.08
N LYS D 211 5.61 50.54 43.81
CA LYS D 211 6.61 50.88 42.79
C LYS D 211 6.65 52.37 42.49
N VAL D 212 7.86 52.93 42.43
CA VAL D 212 8.10 54.35 42.13
C VAL D 212 8.65 54.43 40.70
N TYR D 213 7.98 55.20 39.84
CA TYR D 213 8.35 55.34 38.44
C TYR D 213 9.07 56.64 38.11
N GLY D 214 10.03 56.54 37.19
CA GLY D 214 10.79 57.68 36.69
C GLY D 214 12.09 57.98 37.40
N LEU D 215 12.21 59.22 37.89
CA LEU D 215 13.38 59.72 38.60
C LEU D 215 12.96 60.22 39.98
N SER D 216 13.76 59.86 41.00
CA SER D 216 13.53 60.27 42.38
C SER D 216 14.72 61.03 42.93
N ASP D 217 14.47 61.82 43.99
CA ASP D 217 15.49 62.59 44.68
C ASP D 217 15.75 61.95 46.04
N ALA D 218 17.04 61.76 46.37
CA ALA D 218 17.48 61.19 47.63
C ALA D 218 18.14 62.28 48.47
N VAL D 219 17.86 62.27 49.78
CA VAL D 219 18.45 63.23 50.71
C VAL D 219 19.45 62.46 51.56
N VAL D 220 20.74 62.76 51.40
CA VAL D 220 21.84 62.12 52.12
C VAL D 220 22.35 63.07 53.20
N SER D 221 22.37 62.61 54.46
CA SER D 221 22.84 63.39 55.59
C SER D 221 24.04 62.69 56.24
N VAL D 222 25.16 63.41 56.37
CA VAL D 222 26.39 62.89 56.97
C VAL D 222 26.74 63.73 58.21
N GLY D 223 26.81 63.06 59.35
CA GLY D 223 27.13 63.67 60.64
C GLY D 223 28.49 63.29 61.17
N PHE D 224 29.17 64.27 61.81
CA PHE D 224 30.48 64.10 62.42
C PHE D 224 30.43 64.32 63.93
N GLU D 225 30.64 63.25 64.71
CA GLU D 225 30.63 63.32 66.18
C GLU D 225 32.08 63.35 66.69
N TYR D 226 32.42 64.43 67.41
CA TYR D 226 33.76 64.65 67.96
C TYR D 226 33.87 64.24 69.42
N GLU D 227 35.10 63.91 69.88
CA GLU D 227 35.42 63.49 71.25
C GLU D 227 35.22 64.62 72.26
N THR D 228 35.37 65.89 71.82
CA THR D 228 35.19 67.09 72.64
C THR D 228 33.73 67.28 73.08
N CYS D 229 32.76 66.86 72.23
CA CYS D 229 31.33 66.94 72.52
C CYS D 229 30.57 65.70 71.96
N PRO D 230 30.22 64.70 72.81
CA PRO D 230 29.51 63.52 72.28
C PRO D 230 28.02 63.74 72.00
N SER D 231 27.42 64.78 72.62
CA SER D 231 26.01 65.11 72.47
C SER D 231 25.68 65.72 71.09
N LEU D 232 26.49 66.71 70.64
CA LEU D 232 26.28 67.38 69.36
C LEU D 232 26.98 66.69 68.18
N ILE D 233 26.29 66.64 67.03
CA ILE D 233 26.77 66.05 65.78
C ILE D 233 26.72 67.11 64.66
N LEU D 234 27.84 67.30 63.94
CA LEU D 234 27.95 68.25 62.84
C LEU D 234 27.36 67.62 61.57
N TRP D 235 26.15 68.05 61.18
CA TRP D 235 25.42 67.52 60.02
C TRP D 235 25.62 68.30 58.72
N GLU D 236 25.56 67.58 57.59
CA GLU D 236 25.66 68.12 56.24
C GLU D 236 24.69 67.39 55.32
N LYS D 237 23.74 68.14 54.71
CA LYS D 237 22.73 67.59 53.82
C LYS D 237 23.07 67.79 52.34
N ARG D 238 22.98 66.69 51.55
CA ARG D 238 23.27 66.66 50.11
C ARG D 238 22.15 65.92 49.36
N THR D 239 21.88 66.33 48.10
CA THR D 239 20.88 65.67 47.28
C THR D 239 21.50 64.83 46.17
N ALA D 240 20.87 63.71 45.83
CA ALA D 240 21.30 62.79 44.79
C ALA D 240 20.12 62.32 43.95
N LEU D 241 20.34 62.10 42.65
CA LEU D 241 19.30 61.64 41.75
C LEU D 241 19.40 60.12 41.55
N LEU D 242 18.31 59.41 41.88
CA LEU D 242 18.18 57.95 41.74
C LEU D 242 17.13 57.61 40.71
N GLN D 243 17.42 56.62 39.84
CA GLN D 243 16.49 56.19 38.81
C GLN D 243 15.51 55.17 39.42
N GLY D 244 14.22 55.39 39.18
CA GLY D 244 13.17 54.50 39.66
C GLY D 244 12.83 53.47 38.60
N PHE D 245 11.63 52.90 38.69
CA PHE D 245 11.13 51.89 37.75
C PHE D 245 10.85 52.52 36.39
N GLU D 246 11.22 51.81 35.33
CA GLU D 246 10.96 52.24 33.97
C GLU D 246 9.57 51.67 33.64
N LEU D 247 8.76 52.43 32.89
CA LEU D 247 7.42 51.98 32.51
C LEU D 247 7.49 50.88 31.48
N ASP D 248 6.57 49.90 31.56
CA ASP D 248 6.48 48.78 30.62
C ASP D 248 5.31 49.05 29.66
N PRO D 249 5.59 49.50 28.41
CA PRO D 249 4.49 49.82 27.50
C PRO D 249 3.67 48.64 26.97
N SER D 250 4.37 47.62 26.44
CA SER D 250 3.81 46.48 25.74
C SER D 250 3.14 45.40 26.61
N ASN D 251 3.58 45.23 27.87
CA ASN D 251 3.04 44.20 28.78
C ASN D 251 3.11 42.79 28.13
N LEU D 252 4.34 42.38 27.80
CA LEU D 252 4.61 41.10 27.16
C LEU D 252 5.68 40.32 27.94
N GLY D 253 5.36 40.02 29.19
CA GLY D 253 6.23 39.26 30.11
C GLY D 253 7.62 39.82 30.32
N GLY D 254 7.72 41.15 30.43
CA GLY D 254 8.98 41.86 30.63
C GLY D 254 9.63 42.32 29.35
N TRP D 255 9.11 41.84 28.21
CA TRP D 255 9.57 42.20 26.87
C TRP D 255 8.67 43.27 26.26
N SER D 256 9.20 44.00 25.26
CA SER D 256 8.47 45.06 24.59
C SER D 256 8.49 44.92 23.07
N LEU D 257 7.50 45.53 22.39
CA LEU D 257 7.45 45.56 20.94
C LEU D 257 8.36 46.71 20.51
N ASP D 258 9.29 46.41 19.61
CA ASP D 258 10.32 47.28 19.00
C ASP D 258 9.86 48.72 18.73
N LYS D 259 8.65 48.88 18.13
CA LYS D 259 8.09 50.16 17.71
C LYS D 259 7.17 50.84 18.73
N HIS D 260 6.78 50.11 19.79
CA HIS D 260 5.87 50.58 20.83
C HIS D 260 6.59 51.30 21.96
N HIS D 261 6.31 52.59 22.13
CA HIS D 261 6.93 53.43 23.16
C HIS D 261 5.93 53.87 24.22
N VAL D 262 6.43 54.52 25.27
CA VAL D 262 5.66 55.06 26.38
C VAL D 262 6.35 56.31 26.94
N LEU D 263 5.55 57.29 27.35
CA LEU D 263 6.06 58.51 27.94
C LEU D 263 5.62 58.59 29.40
N ASN D 264 6.61 58.78 30.30
CA ASN D 264 6.40 59.01 31.72
C ASN D 264 6.20 60.52 31.78
N VAL D 265 4.94 60.97 31.87
CA VAL D 265 4.56 62.39 31.85
C VAL D 265 5.11 63.17 33.04
N LYS D 266 5.10 62.56 34.26
CA LYS D 266 5.56 63.18 35.51
C LYS D 266 7.06 63.40 35.54
N SER D 267 7.86 62.38 35.19
CA SER D 267 9.32 62.47 35.22
C SER D 267 9.96 62.94 33.91
N GLY D 268 9.16 63.04 32.85
CA GLY D 268 9.61 63.47 31.53
C GLY D 268 10.59 62.50 30.90
N ILE D 269 10.22 61.21 30.81
CA ILE D 269 11.06 60.16 30.22
C ILE D 269 10.37 59.45 29.07
N LEU D 270 11.07 59.36 27.93
CA LEU D 270 10.59 58.63 26.77
C LEU D 270 11.23 57.23 26.83
N HIS D 271 10.41 56.20 27.10
CA HIS D 271 10.88 54.82 27.15
C HIS D 271 10.50 54.19 25.83
N LYS D 272 11.50 54.02 24.94
CA LYS D 272 11.26 53.43 23.64
C LYS D 272 11.32 51.90 23.70
N GLY D 273 10.45 51.25 22.92
CA GLY D 273 10.36 49.79 22.87
C GLY D 273 11.62 49.08 22.40
N ASN D 274 12.52 49.81 21.70
CA ASN D 274 13.78 49.28 21.20
C ASN D 274 14.91 49.28 22.26
N GLY D 275 14.61 49.80 23.46
CA GLY D 275 15.56 49.88 24.57
C GLY D 275 16.15 51.25 24.83
N GLU D 276 15.82 52.22 23.95
CA GLU D 276 16.30 53.60 24.05
C GLU D 276 15.51 54.39 25.09
N ASN D 277 16.23 54.95 26.07
CA ASN D 277 15.62 55.79 27.11
C ASN D 277 16.07 57.22 26.90
N GLN D 278 15.12 58.14 26.85
CA GLN D 278 15.38 59.57 26.68
C GLN D 278 14.83 60.30 27.91
N PHE D 279 15.73 60.64 28.83
CA PHE D 279 15.39 61.39 30.03
C PHE D 279 15.36 62.85 29.58
N LEU D 280 14.18 63.31 29.13
CA LEU D 280 13.94 64.64 28.54
C LEU D 280 14.30 65.80 29.49
N THR D 281 14.12 65.64 30.82
CA THR D 281 14.46 66.69 31.79
C THR D 281 15.98 66.87 31.94
N GLN D 282 16.77 65.85 31.55
CA GLN D 282 18.24 65.85 31.60
C GLN D 282 18.85 66.53 30.35
N GLN D 283 17.99 66.95 29.39
CA GLN D 283 18.37 67.65 28.18
C GLN D 283 18.59 69.15 28.49
N PRO D 284 19.14 69.99 27.57
CA PRO D 284 19.35 71.41 27.92
C PRO D 284 18.07 72.15 28.33
N ALA D 285 18.18 72.97 29.41
CA ALA D 285 17.08 73.77 29.96
C ALA D 285 16.57 74.80 28.95
N VAL D 286 15.27 75.11 29.02
CA VAL D 286 14.56 76.02 28.11
C VAL D 286 14.24 77.35 28.80
N ILE D 287 14.38 78.46 28.05
CA ILE D 287 14.08 79.82 28.54
C ILE D 287 12.87 80.40 27.79
N THR D 288 11.89 80.93 28.54
CA THR D 288 10.66 81.54 28.00
C THR D 288 10.35 82.86 28.72
N SER D 289 9.54 83.71 28.10
CA SER D 289 9.10 84.99 28.68
C SER D 289 7.70 84.74 29.28
N ILE D 290 7.55 84.97 30.60
CA ILE D 290 6.29 84.75 31.30
C ILE D 290 5.53 86.06 31.59
N MET D 291 6.23 87.22 31.49
CA MET D 291 5.68 88.56 31.69
C MET D 291 6.54 89.61 31.02
N GLY D 292 5.92 90.68 30.50
CA GLY D 292 6.60 91.77 29.81
C GLY D 292 6.67 91.60 28.31
N ASN D 293 6.88 92.71 27.60
CA ASN D 293 7.00 92.73 26.13
C ASN D 293 8.17 93.58 25.63
N GLY D 294 9.07 93.97 26.53
CA GLY D 294 10.24 94.77 26.22
C GLY D 294 9.97 96.26 26.15
N ARG D 295 8.73 96.67 26.49
CA ARG D 295 8.28 98.06 26.49
C ARG D 295 7.74 98.46 27.86
N ARG D 296 7.99 99.73 28.26
CA ARG D 296 7.57 100.27 29.54
C ARG D 296 6.10 100.66 29.59
N ARG D 297 5.45 100.39 30.72
CA ARG D 297 4.05 100.75 30.99
C ARG D 297 4.02 102.16 31.60
N SER D 298 2.85 102.80 31.62
CA SER D 298 2.71 104.10 32.28
C SER D 298 2.63 103.85 33.79
N ILE D 299 3.11 104.82 34.59
CA ILE D 299 3.20 104.77 36.05
C ILE D 299 1.84 104.44 36.76
N SER D 300 0.70 104.88 36.18
CA SER D 300 -0.65 104.66 36.72
C SER D 300 -1.16 103.21 36.70
N CYS D 301 -0.48 102.32 35.94
CA CYS D 301 -0.80 100.89 35.75
C CYS D 301 -2.22 100.67 35.16
N PRO D 302 -2.52 101.16 33.93
CA PRO D 302 -3.85 100.90 33.35
C PRO D 302 -3.88 99.52 32.70
N SER D 303 -4.96 98.75 32.99
CA SER D 303 -5.19 97.37 32.52
C SER D 303 -4.03 96.41 32.91
N CYS D 304 -3.52 96.58 34.15
CA CYS D 304 -2.46 95.75 34.73
C CYS D 304 -3.04 94.44 35.28
N ASN D 305 -4.38 94.37 35.41
CA ASN D 305 -5.12 93.22 35.90
C ASN D 305 -5.73 92.38 34.76
N GLY D 306 -4.93 91.44 34.27
CA GLY D 306 -5.31 90.52 33.20
C GLY D 306 -4.34 89.36 33.11
N LEU D 307 -3.98 88.96 31.88
CA LEU D 307 -3.05 87.85 31.65
C LEU D 307 -1.61 88.33 31.80
N ALA D 308 -0.75 87.47 32.38
CA ALA D 308 0.67 87.74 32.62
C ALA D 308 1.51 87.87 31.36
N GLU D 309 1.32 86.97 30.37
CA GLU D 309 2.08 86.97 29.12
C GLU D 309 1.80 88.22 28.28
N GLY D 310 2.87 88.94 27.92
CA GLY D 310 2.80 90.15 27.13
C GLY D 310 2.38 91.42 27.88
N ASN D 311 2.01 91.27 29.18
CA ASN D 311 1.59 92.38 30.05
C ASN D 311 2.79 93.27 30.38
N LYS D 312 2.71 94.54 29.98
CA LYS D 312 3.75 95.55 30.15
C LYS D 312 4.20 95.74 31.61
N LEU D 313 5.52 95.78 31.82
CA LEU D 313 6.16 96.01 33.11
C LEU D 313 6.87 97.38 33.03
N LEU D 314 7.40 97.86 34.16
CA LEU D 314 8.12 99.12 34.21
C LEU D 314 9.59 98.85 34.53
N ALA D 315 9.84 98.20 35.67
CA ALA D 315 11.18 97.83 36.16
C ALA D 315 11.07 96.69 37.20
N PRO D 316 11.26 95.41 36.81
CA PRO D 316 11.19 94.33 37.82
C PRO D 316 12.51 94.27 38.61
N VAL D 317 12.46 94.67 39.88
CA VAL D 317 13.65 94.74 40.75
C VAL D 317 13.68 93.62 41.81
N ALA D 318 12.52 93.05 42.15
CA ALA D 318 12.42 92.01 43.17
C ALA D 318 11.45 90.89 42.79
N LEU D 319 11.75 89.66 43.22
CA LEU D 319 10.93 88.46 43.00
C LEU D 319 10.89 87.61 44.26
N ALA D 320 9.71 87.01 44.53
CA ALA D 320 9.48 86.10 45.66
C ALA D 320 8.32 85.17 45.36
N VAL D 321 8.51 83.86 45.65
CA VAL D 321 7.47 82.85 45.44
C VAL D 321 6.69 82.65 46.76
N GLY D 322 5.37 82.78 46.66
CA GLY D 322 4.46 82.59 47.78
C GLY D 322 4.21 81.14 48.11
N ILE D 323 3.56 80.89 49.26
CA ILE D 323 3.22 79.56 49.77
C ILE D 323 2.18 78.85 48.87
N ASP D 324 1.47 79.65 48.06
CA ASP D 324 0.42 79.31 47.09
C ASP D 324 1.01 78.80 45.76
N GLY D 325 2.24 79.22 45.47
CA GLY D 325 2.93 78.92 44.23
C GLY D 325 2.97 80.14 43.33
N SER D 326 2.36 81.24 43.82
CA SER D 326 2.27 82.53 43.14
C SER D 326 3.62 83.23 43.11
N LEU D 327 3.86 84.01 42.04
CA LEU D 327 5.09 84.77 41.92
C LEU D 327 4.77 86.25 42.15
N PHE D 328 5.35 86.80 43.24
CA PHE D 328 5.20 88.20 43.58
C PHE D 328 6.28 88.99 42.85
N VAL D 329 5.85 89.97 42.06
CA VAL D 329 6.74 90.79 41.25
C VAL D 329 6.86 92.20 41.82
N GLY D 330 8.09 92.61 42.10
CA GLY D 330 8.41 93.94 42.57
C GLY D 330 8.60 94.81 41.35
N ASP D 331 7.48 95.13 40.65
CA ASP D 331 7.48 95.94 39.43
C ASP D 331 7.55 97.43 39.76
N PHE D 332 8.70 97.85 40.34
CA PHE D 332 9.05 99.20 40.76
C PHE D 332 7.94 99.91 41.56
N ASN D 333 7.04 100.64 40.88
CA ASN D 333 5.94 101.41 41.48
C ASN D 333 4.87 100.53 42.12
N TYR D 334 4.54 99.39 41.50
CA TYR D 334 3.52 98.46 41.97
C TYR D 334 4.09 97.06 42.25
N ILE D 335 3.48 96.36 43.21
CA ILE D 335 3.80 94.98 43.55
C ILE D 335 2.64 94.17 42.97
N ARG D 336 2.95 93.36 41.94
CA ARG D 336 1.97 92.56 41.20
C ARG D 336 2.12 91.06 41.47
N ARG D 337 1.01 90.39 41.81
CA ARG D 337 0.98 88.95 42.10
C ARG D 337 0.54 88.13 40.88
N ILE D 338 1.42 87.23 40.40
CA ILE D 338 1.11 86.32 39.29
C ILE D 338 0.56 85.05 39.91
N PHE D 339 -0.74 84.80 39.72
CA PHE D 339 -1.44 83.62 40.26
C PHE D 339 -1.04 82.34 39.50
N PRO D 340 -1.19 81.12 40.10
CA PRO D 340 -0.87 79.89 39.33
C PRO D 340 -1.69 79.74 38.05
N SER D 341 -2.84 80.46 37.96
CA SER D 341 -3.73 80.52 36.80
C SER D 341 -3.16 81.39 35.66
N ARG D 342 -1.92 81.92 35.86
CA ARG D 342 -1.16 82.77 34.94
C ARG D 342 -1.81 84.17 34.73
N ASN D 343 -2.61 84.62 35.71
CA ASN D 343 -3.25 85.94 35.70
C ASN D 343 -2.59 86.86 36.75
N VAL D 344 -2.48 88.16 36.42
CA VAL D 344 -1.85 89.18 37.27
C VAL D 344 -2.87 90.16 37.86
N THR D 345 -2.70 90.51 39.15
CA THR D 345 -3.50 91.51 39.88
C THR D 345 -2.53 92.31 40.77
N SER D 346 -2.61 93.64 40.70
CA SER D 346 -1.79 94.54 41.52
C SER D 346 -2.26 94.45 42.96
N ILE D 347 -1.33 94.24 43.92
CA ILE D 347 -1.70 94.07 45.34
C ILE D 347 -1.25 95.25 46.22
N LEU D 348 -0.17 95.97 45.84
CA LEU D 348 0.34 97.11 46.62
C LEU D 348 0.99 98.18 45.73
N GLU D 349 0.67 99.45 46.01
CA GLU D 349 1.25 100.61 45.32
C GLU D 349 2.21 101.31 46.28
N LEU D 350 3.44 101.59 45.80
CA LEU D 350 4.46 102.28 46.59
C LEU D 350 4.51 103.75 46.14
N ARG D 351 4.00 104.65 47.01
CA ARG D 351 3.90 106.09 46.74
C ARG D 351 5.26 106.82 46.58
N ASN D 352 6.35 106.22 47.10
CA ASN D 352 7.70 106.80 47.06
C ASN D 352 8.52 106.43 45.79
N LYS D 353 7.84 105.89 44.75
CA LYS D 353 8.48 105.50 43.50
C LYS D 353 8.07 106.43 42.36
N GLU D 354 9.07 106.93 41.61
CA GLU D 354 8.86 107.84 40.48
C GLU D 354 9.50 107.29 39.19
N PHE D 355 8.76 107.33 38.07
CA PHE D 355 9.13 106.88 36.71
C PHE D 355 10.61 107.11 36.33
N LYS D 356 11.20 108.22 36.82
CA LYS D 356 12.59 108.65 36.59
C LYS D 356 13.61 107.69 37.22
N HIS D 357 13.32 107.21 38.46
CA HIS D 357 14.19 106.33 39.25
C HIS D 357 13.94 104.82 39.05
N SER D 358 13.33 104.42 37.91
CA SER D 358 13.01 103.02 37.58
C SER D 358 14.22 102.07 37.65
N ASN D 359 15.34 102.45 36.99
CA ASN D 359 16.58 101.67 36.95
C ASN D 359 17.64 102.18 37.94
N ASN D 360 17.21 102.92 38.99
CA ASN D 360 18.10 103.49 40.01
C ASN D 360 18.39 102.47 41.12
N PRO D 361 19.69 102.16 41.41
CA PRO D 361 20.00 101.17 42.47
C PRO D 361 19.62 101.57 43.89
N ALA D 362 19.50 102.89 44.17
CA ALA D 362 19.11 103.42 45.48
C ALA D 362 17.63 103.15 45.79
N HIS D 363 16.78 103.10 44.74
CA HIS D 363 15.35 102.83 44.84
C HIS D 363 14.99 101.34 44.68
N LYS D 364 16.00 100.45 44.77
CA LYS D 364 15.80 99.01 44.68
C LYS D 364 15.30 98.48 46.02
N TYR D 365 14.22 97.69 45.99
CA TYR D 365 13.64 97.04 47.18
C TYR D 365 13.69 95.53 47.06
N TYR D 366 13.50 94.82 48.18
CA TYR D 366 13.60 93.37 48.25
C TYR D 366 12.35 92.73 48.84
N LEU D 367 11.92 91.60 48.26
CA LEU D 367 10.73 90.86 48.69
C LEU D 367 11.09 89.57 49.41
N ALA D 368 10.18 89.07 50.27
CA ALA D 368 10.34 87.83 51.04
C ALA D 368 8.98 87.30 51.50
N VAL D 369 8.79 85.97 51.42
CA VAL D 369 7.56 85.31 51.84
C VAL D 369 7.83 84.46 53.08
N ASP D 370 7.02 84.66 54.13
CA ASP D 370 7.10 83.92 55.38
C ASP D 370 6.45 82.54 55.18
N PRO D 371 7.17 81.41 55.46
CA PRO D 371 6.57 80.09 55.19
C PRO D 371 5.48 79.65 56.19
N VAL D 372 5.49 80.19 57.43
CA VAL D 372 4.48 79.86 58.45
C VAL D 372 3.11 80.37 57.96
N SER D 373 2.97 81.70 57.85
CA SER D 373 1.81 82.41 57.31
C SER D 373 2.34 83.01 56.02
N GLY D 374 1.60 82.89 54.92
CA GLY D 374 2.03 83.37 53.60
C GLY D 374 2.24 84.85 53.39
N SER D 375 2.58 85.61 54.46
CA SER D 375 2.82 87.05 54.49
C SER D 375 4.00 87.46 53.61
N LEU D 376 3.81 88.53 52.81
CA LEU D 376 4.82 89.09 51.92
C LEU D 376 5.43 90.34 52.58
N TYR D 377 6.75 90.32 52.79
CA TYR D 377 7.51 91.42 53.40
C TYR D 377 8.25 92.23 52.34
N VAL D 378 8.12 93.56 52.41
CA VAL D 378 8.74 94.51 51.49
C VAL D 378 9.76 95.34 52.25
N SER D 379 10.99 95.48 51.74
CA SER D 379 11.98 96.32 52.40
C SER D 379 12.59 97.32 51.44
N ASP D 380 12.21 98.60 51.60
CA ASP D 380 12.72 99.67 50.77
C ASP D 380 13.91 100.35 51.44
N THR D 381 15.05 100.34 50.75
CA THR D 381 16.32 100.93 51.19
C THR D 381 16.17 102.45 51.37
N ASN D 382 15.46 103.09 50.42
CA ASN D 382 15.23 104.53 50.40
C ASN D 382 14.34 105.05 51.53
N SER D 383 13.26 104.31 51.88
CA SER D 383 12.35 104.71 52.96
C SER D 383 12.83 104.34 54.37
N ARG D 384 13.92 103.51 54.45
CA ARG D 384 14.56 103.03 55.69
C ARG D 384 13.58 102.25 56.61
N ARG D 385 12.62 101.52 55.99
CA ARG D 385 11.58 100.74 56.69
C ARG D 385 11.31 99.37 56.03
N ILE D 386 10.57 98.50 56.76
CA ILE D 386 10.13 97.17 56.33
C ILE D 386 8.59 97.12 56.47
N TYR D 387 7.90 96.70 55.41
CA TYR D 387 6.44 96.62 55.32
C TYR D 387 5.94 95.19 55.14
N LYS D 388 4.67 94.95 55.50
CA LYS D 388 3.96 93.68 55.36
C LYS D 388 2.67 93.98 54.62
N VAL D 389 2.42 93.27 53.51
CA VAL D 389 1.21 93.42 52.70
C VAL D 389 0.02 92.86 53.52
N LYS D 390 -1.02 93.68 53.73
CA LYS D 390 -2.20 93.31 54.51
C LYS D 390 -3.02 92.24 53.78
N SER D 391 -3.56 92.58 52.59
CA SER D 391 -4.35 91.65 51.78
C SER D 391 -3.59 91.27 50.52
N LEU D 392 -3.37 89.96 50.31
CA LEU D 392 -2.66 89.45 49.13
C LEU D 392 -3.57 89.30 47.90
N THR D 393 -4.86 89.66 48.06
CA THR D 393 -5.86 89.61 46.97
C THR D 393 -5.99 90.99 46.29
N GLY D 394 -5.56 92.03 47.00
CA GLY D 394 -5.60 93.41 46.51
C GLY D 394 -6.93 94.08 46.78
N THR D 395 -6.92 95.09 47.66
CA THR D 395 -8.11 95.86 48.02
C THR D 395 -8.35 97.02 47.04
N LYS D 396 -9.40 97.84 47.29
CA LYS D 396 -9.75 99.00 46.46
C LYS D 396 -8.64 100.06 46.54
N ASP D 397 -8.18 100.38 47.77
CA ASP D 397 -7.09 101.33 48.04
C ASP D 397 -5.77 100.55 48.13
N LEU D 398 -5.05 100.47 47.01
CA LEU D 398 -3.79 99.73 46.88
C LEU D 398 -2.58 100.45 47.48
N ALA D 399 -2.62 101.79 47.55
CA ALA D 399 -1.55 102.62 48.10
C ALA D 399 -1.33 102.44 49.61
N GLY D 400 -2.39 102.05 50.32
CA GLY D 400 -2.35 101.82 51.76
C GLY D 400 -2.70 100.39 52.16
N ASN D 401 -2.13 99.40 51.44
CA ASN D 401 -2.33 97.98 51.69
C ASN D 401 -1.10 97.36 52.41
N SER D 402 -0.29 98.20 53.06
CA SER D 402 0.90 97.80 53.80
C SER D 402 0.89 98.27 55.26
N GLU D 403 1.56 97.51 56.14
CA GLU D 403 1.70 97.76 57.57
C GLU D 403 3.19 97.68 57.94
N VAL D 404 3.70 98.67 58.70
CA VAL D 404 5.11 98.74 59.11
C VAL D 404 5.47 97.62 60.10
N VAL D 405 6.54 96.86 59.79
CA VAL D 405 7.06 95.75 60.58
C VAL D 405 8.28 96.23 61.40
N ALA D 406 9.20 96.95 60.74
CA ALA D 406 10.43 97.47 61.33
C ALA D 406 10.83 98.81 60.71
N GLY D 407 11.36 99.71 61.54
CA GLY D 407 11.81 101.04 61.14
C GLY D 407 10.80 102.14 61.39
N THR D 408 11.29 103.36 61.63
CA THR D 408 10.44 104.55 61.84
C THR D 408 10.43 105.40 60.58
N GLY D 409 11.52 105.35 59.82
CA GLY D 409 11.71 106.08 58.59
C GLY D 409 13.01 106.85 58.53
N GLU D 410 13.66 107.04 59.70
CA GLU D 410 14.92 107.77 59.82
C GLU D 410 16.16 106.88 59.82
N GLN D 411 17.20 107.32 59.11
CA GLN D 411 18.49 106.63 58.98
C GLN D 411 19.31 106.90 60.23
N CYS D 412 19.67 105.83 60.98
CA CYS D 412 20.47 105.96 62.20
C CYS D 412 21.98 105.96 61.90
N LEU D 413 22.74 106.75 62.69
CA LEU D 413 24.19 106.92 62.58
C LEU D 413 24.96 105.60 62.81
N PRO D 414 26.16 105.42 62.19
CA PRO D 414 26.90 104.15 62.37
C PRO D 414 27.27 103.77 63.80
N PHE D 415 27.52 104.77 64.67
CA PHE D 415 27.90 104.53 66.06
C PHE D 415 26.82 105.03 67.03
N ASP D 416 25.65 104.37 66.95
CA ASP D 416 24.48 104.68 67.78
C ASP D 416 24.65 104.10 69.19
N GLU D 417 24.27 104.87 70.21
CA GLU D 417 24.37 104.47 71.62
C GLU D 417 23.33 103.39 71.97
N ALA D 418 22.05 103.62 71.59
CA ALA D 418 20.93 102.71 71.81
C ALA D 418 20.94 101.50 70.84
N ARG D 419 21.95 101.47 69.95
CA ARG D 419 22.19 100.45 68.92
C ARG D 419 21.03 100.34 67.93
N CYS D 420 20.57 101.51 67.42
CA CYS D 420 19.48 101.70 66.46
C CYS D 420 18.14 101.05 66.91
N GLY D 421 17.91 101.01 68.22
CA GLY D 421 16.69 100.47 68.82
C GLY D 421 16.70 98.98 69.12
N ASP D 422 17.89 98.35 69.17
CA ASP D 422 18.04 96.91 69.45
C ASP D 422 17.63 96.56 70.87
N GLY D 423 16.93 95.43 71.01
CA GLY D 423 16.42 94.94 72.27
C GLY D 423 14.94 95.24 72.46
N GLY D 424 14.48 96.31 71.82
CA GLY D 424 13.08 96.75 71.87
C GLY D 424 12.28 96.36 70.65
N LYS D 425 11.05 96.90 70.53
CA LYS D 425 10.13 96.64 69.42
C LYS D 425 10.70 97.14 68.09
N ALA D 426 10.57 96.30 67.04
CA ALA D 426 11.06 96.58 65.68
C ALA D 426 10.45 97.83 65.05
N VAL D 427 9.14 98.06 65.28
CA VAL D 427 8.37 99.21 64.79
C VAL D 427 8.99 100.54 65.30
N ASP D 428 9.36 100.57 66.60
CA ASP D 428 9.95 101.73 67.27
C ASP D 428 11.44 101.93 66.95
N ALA D 429 12.11 100.88 66.45
CA ALA D 429 13.53 100.90 66.09
C ALA D 429 13.80 101.69 64.80
N THR D 430 15.08 102.00 64.53
CA THR D 430 15.52 102.75 63.35
C THR D 430 16.45 101.88 62.50
N LEU D 431 16.38 102.03 61.16
CA LEU D 431 17.21 101.23 60.26
C LEU D 431 18.20 102.08 59.49
N MET D 432 19.40 101.52 59.21
CA MET D 432 20.45 102.21 58.45
C MET D 432 20.13 102.26 56.96
N SER D 433 19.94 101.09 56.33
CA SER D 433 19.56 100.89 54.91
C SER D 433 19.14 99.43 54.69
N PRO D 434 17.84 99.08 54.90
CA PRO D 434 17.41 97.69 54.71
C PRO D 434 17.51 97.18 53.28
N ARG D 435 18.18 96.03 53.10
CA ARG D 435 18.38 95.38 51.81
C ARG D 435 17.65 94.03 51.73
N GLY D 436 18.34 92.95 51.37
CA GLY D 436 17.76 91.62 51.24
C GLY D 436 17.09 91.09 52.49
N ILE D 437 15.88 90.50 52.34
CA ILE D 437 15.09 89.90 53.43
C ILE D 437 14.86 88.42 53.19
N ALA D 438 14.90 87.62 54.27
CA ALA D 438 14.68 86.18 54.27
C ALA D 438 13.96 85.77 55.56
N VAL D 439 12.95 84.90 55.44
CA VAL D 439 12.19 84.42 56.59
C VAL D 439 12.43 82.91 56.83
N ASP D 440 12.86 82.58 58.04
CA ASP D 440 13.17 81.24 58.57
C ASP D 440 11.94 80.33 58.61
N LYS D 441 12.19 79.04 58.87
CA LYS D 441 11.21 77.95 59.03
C LYS D 441 10.30 78.22 60.24
N TYR D 442 10.89 78.75 61.34
CA TYR D 442 10.20 79.08 62.60
C TYR D 442 9.44 80.41 62.56
N GLY D 443 9.59 81.17 61.46
CA GLY D 443 8.95 82.45 61.25
C GLY D 443 9.83 83.64 61.55
N LEU D 444 11.12 83.39 61.87
CA LEU D 444 12.10 84.42 62.20
C LEU D 444 12.50 85.20 60.95
N MET D 445 12.33 86.54 60.98
CA MET D 445 12.65 87.40 59.86
C MET D 445 14.07 87.97 59.98
N TYR D 446 14.88 87.79 58.93
CA TYR D 446 16.26 88.25 58.84
C TYR D 446 16.40 89.26 57.73
N PHE D 447 17.25 90.28 57.91
CA PHE D 447 17.47 91.31 56.91
C PHE D 447 18.85 91.96 56.99
N VAL D 448 19.37 92.40 55.85
CA VAL D 448 20.66 93.11 55.73
C VAL D 448 20.40 94.60 56.02
N ASP D 449 21.09 95.15 57.03
CA ASP D 449 20.99 96.57 57.42
C ASP D 449 22.39 97.19 57.29
N ALA D 450 22.66 97.80 56.12
CA ALA D 450 23.93 98.44 55.71
C ALA D 450 25.10 97.45 55.60
N THR D 451 25.66 96.98 56.75
CA THR D 451 26.79 96.02 56.80
C THR D 451 26.60 94.93 57.87
N MET D 452 25.35 94.74 58.35
CA MET D 452 25.04 93.74 59.37
C MET D 452 23.71 93.01 59.11
N ILE D 453 23.49 91.88 59.79
CA ILE D 453 22.26 91.10 59.67
C ILE D 453 21.47 91.26 60.96
N ARG D 454 20.21 91.70 60.83
CA ARG D 454 19.33 91.92 61.98
C ARG D 454 18.13 90.97 61.98
N LYS D 455 17.70 90.54 63.18
CA LYS D 455 16.57 89.62 63.38
C LYS D 455 15.34 90.38 63.88
N VAL D 456 14.14 89.88 63.54
CA VAL D 456 12.84 90.37 64.00
C VAL D 456 12.05 89.09 64.36
N ASP D 457 12.02 88.76 65.68
CA ASP D 457 11.38 87.54 66.18
C ASP D 457 9.84 87.58 66.14
N GLN D 458 9.21 86.47 66.57
CA GLN D 458 7.76 86.25 66.61
C GLN D 458 7.03 87.28 67.48
N ASN D 459 7.67 87.73 68.58
CA ASN D 459 7.12 88.73 69.52
C ASN D 459 7.17 90.15 68.95
N GLY D 460 8.05 90.39 67.99
CA GLY D 460 8.23 91.70 67.33
C GLY D 460 9.43 92.47 67.83
N ILE D 461 10.34 91.80 68.57
CA ILE D 461 11.56 92.36 69.14
C ILE D 461 12.70 92.29 68.12
N ILE D 462 13.40 93.43 67.91
CA ILE D 462 14.53 93.51 66.99
C ILE D 462 15.85 93.24 67.73
N SER D 463 16.77 92.54 67.05
CA SER D 463 18.10 92.18 67.55
C SER D 463 19.10 92.15 66.38
N THR D 464 20.39 91.86 66.66
CA THR D 464 21.42 91.79 65.63
C THR D 464 22.13 90.44 65.66
N LEU D 465 22.06 89.70 64.55
CA LEU D 465 22.70 88.39 64.38
C LEU D 465 24.21 88.60 64.19
N LEU D 466 24.61 89.33 63.12
CA LEU D 466 25.99 89.63 62.81
C LEU D 466 26.32 91.03 63.37
N GLY D 467 26.52 91.07 64.69
CA GLY D 467 26.81 92.29 65.45
C GLY D 467 28.08 93.01 65.06
N SER D 468 27.94 94.21 64.50
CA SER D 468 29.05 95.07 64.06
C SER D 468 29.61 95.91 65.23
N ASN D 469 30.60 96.80 64.93
CA ASN D 469 31.30 97.72 65.85
C ASN D 469 32.25 97.02 66.84
N ASP D 470 32.33 95.66 66.81
CA ASP D 470 33.20 94.86 67.66
C ASP D 470 34.50 94.49 66.91
N LEU D 471 35.18 95.52 66.35
CA LEU D 471 36.41 95.46 65.54
C LEU D 471 37.58 94.71 66.21
N THR D 472 37.59 94.63 67.56
CA THR D 472 38.62 93.94 68.35
C THR D 472 38.54 92.42 68.20
N ALA D 473 37.31 91.86 68.35
CA ALA D 473 37.04 90.41 68.25
C ALA D 473 37.01 89.93 66.79
N VAL D 474 36.85 90.86 65.83
CA VAL D 474 36.80 90.59 64.39
C VAL D 474 38.15 90.11 63.85
N ARG D 475 38.14 88.96 63.16
CA ARG D 475 39.29 88.33 62.52
C ARG D 475 39.00 88.17 61.02
N PRO D 476 39.96 88.44 60.09
CA PRO D 476 39.66 88.29 58.65
C PRO D 476 39.16 86.91 58.22
N LEU D 477 38.31 86.88 57.18
CA LEU D 477 37.64 85.70 56.61
C LEU D 477 38.57 84.52 56.32
N SER D 478 38.33 83.39 57.01
CA SER D 478 39.10 82.14 56.86
C SER D 478 38.61 81.39 55.63
N CYS D 479 39.56 81.01 54.75
CA CYS D 479 39.28 80.33 53.49
C CYS D 479 38.74 78.89 53.65
N ASP D 480 39.34 78.09 54.55
CA ASP D 480 38.96 76.70 54.76
C ASP D 480 37.99 76.49 55.93
N SER D 481 38.39 76.89 57.15
CA SER D 481 37.59 76.72 58.37
C SER D 481 36.36 77.65 58.47
N SER D 482 35.42 77.30 59.35
CA SER D 482 34.18 78.06 59.61
C SER D 482 34.21 78.70 61.00
N MET D 483 34.05 80.05 61.05
CA MET D 483 34.06 80.82 62.30
C MET D 483 32.67 81.35 62.70
N ASP D 484 32.49 81.71 63.98
CA ASP D 484 31.24 82.24 64.54
C ASP D 484 30.93 83.66 63.99
N VAL D 485 29.64 84.06 64.06
CA VAL D 485 29.10 85.35 63.61
C VAL D 485 29.86 86.57 64.16
N SER D 486 30.31 86.50 65.44
CA SER D 486 31.04 87.55 66.16
C SER D 486 32.39 87.92 65.53
N GLN D 487 33.07 86.95 64.89
CA GLN D 487 34.37 87.13 64.23
C GLN D 487 34.25 87.62 62.78
N VAL D 488 33.02 87.72 62.26
CA VAL D 488 32.76 88.10 60.86
C VAL D 488 32.35 89.58 60.70
N ARG D 489 32.98 90.24 59.71
CA ARG D 489 32.73 91.63 59.31
C ARG D 489 32.29 91.62 57.84
N LEU D 490 31.13 92.25 57.55
CA LEU D 490 30.55 92.29 56.21
C LEU D 490 30.84 93.61 55.48
N GLU D 491 31.23 93.50 54.20
CA GLU D 491 31.56 94.63 53.32
C GLU D 491 30.66 94.57 52.08
N TRP D 492 29.71 95.52 51.97
CA TRP D 492 28.72 95.67 50.88
C TRP D 492 27.79 94.42 50.70
N PRO D 493 27.01 94.00 51.74
CA PRO D 493 26.07 92.87 51.53
C PRO D 493 24.78 93.34 50.86
N THR D 494 24.19 92.51 49.97
CA THR D 494 22.96 92.89 49.27
C THR D 494 21.80 91.89 49.47
N ASP D 495 21.74 90.81 48.66
CA ASP D 495 20.67 89.80 48.71
C ASP D 495 20.79 88.84 49.89
N LEU D 496 19.64 88.29 50.33
CA LEU D 496 19.53 87.35 51.43
C LEU D 496 18.44 86.31 51.13
N ALA D 497 18.70 85.04 51.49
CA ALA D 497 17.77 83.93 51.28
C ALA D 497 18.00 82.80 52.26
N VAL D 498 16.91 82.12 52.67
CA VAL D 498 16.95 80.95 53.56
C VAL D 498 17.00 79.68 52.68
N ASP D 499 17.83 78.70 53.07
CA ASP D 499 17.95 77.41 52.39
C ASP D 499 16.81 76.52 52.91
N PRO D 500 15.79 76.14 52.09
CA PRO D 500 14.68 75.33 52.61
C PRO D 500 15.01 73.88 52.99
N MET D 501 16.28 73.47 52.85
CA MET D 501 16.73 72.11 53.17
C MET D 501 17.57 72.08 54.46
N ASP D 502 18.41 73.11 54.64
CA ASP D 502 19.36 73.30 55.75
C ASP D 502 18.79 74.18 56.86
N ASN D 503 17.89 75.13 56.48
CA ASN D 503 17.29 76.19 57.30
C ASN D 503 18.38 77.24 57.65
N SER D 504 19.46 77.24 56.85
CA SER D 504 20.59 78.15 56.98
C SER D 504 20.34 79.45 56.20
N LEU D 505 21.03 80.53 56.57
CA LEU D 505 20.89 81.83 55.93
C LEU D 505 22.03 82.08 54.95
N TYR D 506 21.70 82.45 53.71
CA TYR D 506 22.68 82.74 52.67
C TYR D 506 22.75 84.23 52.42
N VAL D 507 23.97 84.80 52.51
CA VAL D 507 24.22 86.23 52.32
C VAL D 507 25.09 86.45 51.08
N LEU D 508 24.66 87.38 50.21
CA LEU D 508 25.42 87.78 49.03
C LEU D 508 26.21 89.03 49.47
N GLU D 509 27.55 88.91 49.56
CA GLU D 509 28.42 89.99 50.05
C GLU D 509 29.70 90.14 49.22
N ASN D 510 29.81 91.26 48.47
CA ASN D 510 30.95 91.66 47.63
C ASN D 510 31.54 90.48 46.82
N ASN D 511 30.71 89.92 45.91
CA ASN D 511 31.02 88.80 45.01
C ASN D 511 31.50 87.52 45.75
N VAL D 512 30.92 87.27 46.94
CA VAL D 512 31.16 86.11 47.80
C VAL D 512 29.85 85.75 48.51
N ILE D 513 29.41 84.47 48.41
CA ILE D 513 28.20 84.00 49.08
C ILE D 513 28.59 83.23 50.33
N LEU D 514 28.12 83.68 51.50
CA LEU D 514 28.42 83.07 52.80
C LEU D 514 27.18 82.38 53.38
N ARG D 515 27.39 81.39 54.27
CA ARG D 515 26.29 80.65 54.90
C ARG D 515 26.33 80.78 56.42
N ILE D 516 25.18 81.12 57.02
CA ILE D 516 24.99 81.27 58.46
C ILE D 516 24.12 80.07 58.89
N THR D 517 24.73 79.08 59.54
CA THR D 517 24.01 77.88 60.01
C THR D 517 23.15 78.21 61.24
N GLU D 518 22.28 77.27 61.66
CA GLU D 518 21.42 77.41 62.84
C GLU D 518 22.24 77.53 64.14
N ASN D 519 23.49 77.03 64.11
CA ASN D 519 24.46 77.05 65.22
C ASN D 519 25.35 78.32 65.16
N HIS D 520 24.97 79.29 64.30
CA HIS D 520 25.61 80.59 64.07
C HIS D 520 27.06 80.47 63.52
N GLN D 521 27.30 79.46 62.65
CA GLN D 521 28.60 79.24 62.02
C GLN D 521 28.62 79.78 60.59
N VAL D 522 29.63 80.62 60.28
CA VAL D 522 29.82 81.31 58.98
C VAL D 522 30.91 80.64 58.15
N SER D 523 30.65 80.46 56.83
CA SER D 523 31.58 79.83 55.88
C SER D 523 31.33 80.29 54.43
N ILE D 524 32.39 80.31 53.60
CA ILE D 524 32.30 80.67 52.17
C ILE D 524 31.69 79.49 51.40
N ILE D 525 30.64 79.75 50.62
CA ILE D 525 29.94 78.74 49.81
C ILE D 525 30.28 78.89 48.32
N ALA D 526 30.42 80.14 47.84
CA ALA D 526 30.76 80.47 46.44
C ALA D 526 31.54 81.78 46.39
N GLY D 527 32.53 81.83 45.50
CA GLY D 527 33.37 83.00 45.32
C GLY D 527 34.75 82.86 45.94
N ARG D 528 35.73 83.57 45.38
CA ARG D 528 37.11 83.58 45.84
C ARG D 528 37.50 84.95 46.44
N PRO D 529 37.67 85.05 47.78
CA PRO D 529 38.07 86.34 48.37
C PRO D 529 39.55 86.64 48.14
N MET D 530 39.97 87.89 48.40
CA MET D 530 41.36 88.32 48.21
C MET D 530 42.33 87.74 49.27
N HIS D 531 41.78 87.12 50.34
CA HIS D 531 42.55 86.48 51.43
C HIS D 531 43.43 85.33 50.91
N CYS D 532 42.94 84.58 49.91
CA CYS D 532 43.62 83.44 49.28
C CYS D 532 43.40 83.40 47.76
N GLN D 533 43.59 84.56 47.10
CA GLN D 533 43.41 84.73 45.66
C GLN D 533 44.53 84.07 44.84
N VAL D 534 45.79 84.53 45.02
CA VAL D 534 46.97 84.00 44.30
C VAL D 534 48.26 84.11 45.17
N PRO D 535 49.01 83.00 45.42
CA PRO D 535 48.82 81.62 44.96
C PRO D 535 48.07 80.74 45.98
N GLY D 536 46.80 81.07 46.22
CA GLY D 536 45.91 80.36 47.14
C GLY D 536 45.64 78.93 46.73
N ILE D 537 45.54 78.68 45.41
CA ILE D 537 45.32 77.36 44.79
C ILE D 537 46.30 77.15 43.64
N ASP D 538 47.18 76.14 43.78
CA ASP D 538 48.24 75.81 42.81
C ASP D 538 47.74 75.11 41.54
N TYR D 539 46.70 74.25 41.66
CA TYR D 539 46.11 73.51 40.53
C TYR D 539 45.19 74.38 39.63
N SER D 540 44.91 75.63 40.07
CA SER D 540 44.10 76.66 39.40
C SER D 540 42.62 76.25 39.12
N LEU D 541 42.27 75.95 37.85
CA LEU D 541 40.91 75.64 37.42
C LEU D 541 40.35 74.29 37.90
N SER D 542 39.14 74.35 38.52
CA SER D 542 38.34 73.23 39.03
C SER D 542 36.86 73.61 38.99
N LYS D 543 35.96 72.60 38.95
CA LYS D 543 34.50 72.80 38.87
C LYS D 543 33.86 73.36 40.15
N LEU D 544 34.58 73.34 41.30
CA LEU D 544 34.11 73.81 42.60
C LEU D 544 33.80 75.30 42.65
N ALA D 545 32.76 75.67 43.41
CA ALA D 545 32.30 77.05 43.60
C ALA D 545 33.27 77.89 44.43
N ILE D 546 33.92 77.25 45.44
CA ILE D 546 34.90 77.85 46.35
C ILE D 546 36.16 78.34 45.58
N HIS D 547 36.52 77.67 44.47
CA HIS D 547 37.68 78.00 43.64
C HIS D 547 37.33 78.91 42.44
N SER D 548 36.04 79.20 42.23
CA SER D 548 35.60 80.05 41.13
C SER D 548 35.14 81.42 41.62
N ALA D 549 35.72 82.49 41.04
CA ALA D 549 35.41 83.88 41.38
C ALA D 549 34.11 84.35 40.75
N LEU D 550 33.33 85.13 41.50
CA LEU D 550 32.05 85.69 41.04
C LEU D 550 32.25 87.05 40.38
N GLU D 551 31.72 87.21 39.15
CA GLU D 551 31.84 88.45 38.36
C GLU D 551 30.57 89.31 38.46
N SER D 552 30.62 90.33 39.32
CA SER D 552 29.55 91.31 39.58
C SER D 552 28.17 90.64 39.82
N ALA D 553 28.06 89.87 40.91
CA ALA D 553 26.84 89.17 41.30
C ALA D 553 25.78 90.14 41.79
N SER D 554 24.50 89.87 41.47
CA SER D 554 23.39 90.75 41.84
C SER D 554 22.27 90.12 42.67
N ALA D 555 21.96 88.83 42.46
CA ALA D 555 20.89 88.15 43.18
C ALA D 555 21.17 86.67 43.45
N ILE D 556 20.47 86.10 44.46
CA ILE D 556 20.56 84.70 44.87
C ILE D 556 19.17 84.11 45.13
N ALA D 557 19.03 82.79 44.91
CA ALA D 557 17.81 82.01 45.16
C ALA D 557 18.20 80.59 45.53
N ILE D 558 17.46 79.97 46.46
CA ILE D 558 17.71 78.59 46.89
C ILE D 558 16.43 77.77 46.73
N SER D 559 16.53 76.65 45.99
CA SER D 559 15.44 75.71 45.76
C SER D 559 15.26 74.81 47.00
N HIS D 560 14.11 74.09 47.08
CA HIS D 560 13.82 73.17 48.18
C HIS D 560 14.77 71.96 48.23
N THR D 561 15.50 71.70 47.13
CA THR D 561 16.50 70.65 46.99
C THR D 561 17.92 71.14 47.40
N GLY D 562 17.99 72.37 47.94
CA GLY D 562 19.22 72.99 48.40
C GLY D 562 20.15 73.52 47.32
N VAL D 563 19.63 73.68 46.09
CA VAL D 563 20.40 74.20 44.95
C VAL D 563 20.39 75.74 44.95
N LEU D 564 21.59 76.35 44.96
CA LEU D 564 21.78 77.79 44.95
C LEU D 564 21.97 78.33 43.53
N TYR D 565 21.16 79.33 43.15
CA TYR D 565 21.24 79.99 41.85
C TYR D 565 21.76 81.41 42.04
N ILE D 566 22.80 81.79 41.28
CA ILE D 566 23.43 83.11 41.38
C ILE D 566 23.31 83.91 40.08
N SER D 567 22.77 85.13 40.21
CA SER D 567 22.61 86.08 39.11
C SER D 567 23.88 86.94 39.04
N GLU D 568 24.47 87.08 37.85
CA GLU D 568 25.68 87.87 37.64
C GLU D 568 25.46 88.89 36.54
N THR D 569 25.51 90.18 36.88
CA THR D 569 25.34 91.23 35.88
C THR D 569 26.37 92.34 36.00
N ASP D 570 27.09 92.54 34.90
CA ASP D 570 28.12 93.54 34.67
C ASP D 570 27.41 94.69 33.97
N GLU D 571 26.20 94.42 33.43
CA GLU D 571 25.31 95.32 32.66
C GLU D 571 25.84 95.61 31.26
N LYS D 572 27.08 95.17 30.97
CA LYS D 572 27.77 95.37 29.70
C LYS D 572 27.74 94.09 28.86
N LYS D 573 28.60 93.11 29.20
CA LYS D 573 28.70 91.83 28.48
C LYS D 573 28.33 90.63 29.35
N ILE D 574 28.63 90.68 30.67
CA ILE D 574 28.29 89.61 31.61
C ILE D 574 26.86 89.83 32.12
N ASN D 575 25.94 88.94 31.70
CA ASN D 575 24.52 88.92 32.08
C ASN D 575 24.15 87.45 32.02
N ARG D 576 24.40 86.74 33.13
CA ARG D 576 24.20 85.29 33.22
C ARG D 576 23.67 84.81 34.57
N LEU D 577 23.15 83.57 34.57
CA LEU D 577 22.65 82.87 35.75
C LEU D 577 23.45 81.58 35.92
N ARG D 578 24.12 81.44 37.08
CA ARG D 578 24.92 80.26 37.40
C ARG D 578 24.27 79.41 38.49
N GLN D 579 24.53 78.10 38.46
CA GLN D 579 23.96 77.10 39.36
C GLN D 579 25.04 76.44 40.23
N VAL D 580 24.78 76.33 41.55
CA VAL D 580 25.66 75.69 42.52
C VAL D 580 24.89 74.52 43.15
N THR D 581 25.27 73.30 42.76
CA THR D 581 24.66 72.06 43.26
C THR D 581 25.17 71.73 44.67
N THR D 582 24.44 70.84 45.39
CA THR D 582 24.75 70.43 46.78
C THR D 582 26.21 69.97 46.96
N ASN D 583 26.78 69.28 45.94
CA ASN D 583 28.17 68.80 45.91
C ASN D 583 29.22 69.94 45.89
N GLY D 584 28.76 71.18 45.67
CA GLY D 584 29.59 72.37 45.65
C GLY D 584 30.15 72.76 44.30
N GLU D 585 29.60 72.19 43.20
CA GLU D 585 30.05 72.47 41.83
C GLU D 585 29.25 73.60 41.20
N ILE D 586 29.95 74.53 40.53
CA ILE D 586 29.36 75.69 39.85
C ILE D 586 29.37 75.50 38.32
N CYS D 587 28.27 75.89 37.65
CA CYS D 587 28.11 75.80 36.19
C CYS D 587 27.12 76.83 35.66
N LEU D 588 27.22 77.19 34.37
CA LEU D 588 26.34 78.13 33.71
C LEU D 588 24.97 77.49 33.46
N LEU D 589 23.89 78.16 33.91
CA LEU D 589 22.53 77.68 33.73
C LEU D 589 21.81 78.44 32.59
N ALA D 590 22.04 79.78 32.51
CA ALA D 590 21.45 80.65 31.50
C ALA D 590 22.36 81.86 31.23
N GLY D 591 22.26 82.43 30.04
CA GLY D 591 23.01 83.62 29.67
C GLY D 591 24.34 83.39 28.99
N ALA D 592 24.36 83.49 27.65
CA ALA D 592 25.56 83.38 26.83
C ALA D 592 26.33 84.71 26.91
N ALA D 593 27.64 84.67 26.63
CA ALA D 593 28.49 85.86 26.63
C ALA D 593 28.16 86.72 25.41
N SER D 594 27.58 87.90 25.66
CA SER D 594 27.19 88.84 24.61
C SER D 594 28.42 89.54 24.02
N ASP D 595 28.49 89.58 22.68
CA ASP D 595 29.57 90.23 21.93
C ASP D 595 29.41 91.75 21.99
N CYS D 596 28.16 92.20 22.19
CA CYS D 596 27.74 93.59 22.24
C CYS D 596 27.54 94.09 23.69
N ASP D 597 27.80 95.39 23.92
CA ASP D 597 27.63 96.06 25.22
C ASP D 597 26.15 96.47 25.36
N CYS D 598 25.45 95.90 26.36
CA CYS D 598 24.03 96.13 26.61
C CYS D 598 23.70 97.55 27.09
N LYS D 599 24.59 98.17 27.89
CA LYS D 599 24.38 99.50 28.45
C LYS D 599 24.94 100.66 27.61
N ASN D 600 26.14 100.49 27.04
CA ASN D 600 26.85 101.53 26.27
C ASN D 600 26.45 101.61 24.79
N ASP D 601 26.51 100.48 24.05
CA ASP D 601 26.19 100.44 22.62
C ASP D 601 24.72 100.74 22.32
N VAL D 602 24.46 101.74 21.45
CA VAL D 602 23.11 102.18 21.06
C VAL D 602 22.50 101.18 20.04
N ASN D 603 23.30 100.72 19.05
CA ASN D 603 22.89 99.73 18.05
C ASN D 603 23.07 98.34 18.64
N CYS D 604 22.29 98.04 19.70
CA CYS D 604 22.38 96.78 20.42
C CYS D 604 21.03 96.19 20.80
N ASN D 605 20.95 94.85 20.73
CA ASN D 605 19.79 94.06 21.11
C ASN D 605 20.27 92.92 22.01
N CYS D 606 20.09 93.10 23.33
CA CYS D 606 20.49 92.10 24.33
C CYS D 606 19.31 91.22 24.77
N TYR D 607 18.41 90.93 23.82
CA TYR D 607 17.24 90.07 24.01
C TYR D 607 17.16 89.06 22.86
N SER D 608 17.45 87.78 23.17
CA SER D 608 17.41 86.66 22.24
C SER D 608 17.35 85.34 23.02
N GLY D 609 17.20 84.24 22.28
CA GLY D 609 17.17 82.89 22.84
C GLY D 609 15.88 82.38 23.42
N ASP D 610 14.83 83.24 23.52
CA ASP D 610 13.54 82.84 24.06
C ASP D 610 12.87 81.77 23.19
N ASP D 611 12.27 80.74 23.84
CA ASP D 611 11.66 79.55 23.26
C ASP D 611 12.75 78.61 22.67
N GLY D 612 13.98 78.79 23.15
CA GLY D 612 15.16 78.01 22.80
C GLY D 612 15.93 77.61 24.04
N TYR D 613 17.21 77.22 23.90
CA TYR D 613 18.00 76.81 25.05
C TYR D 613 18.54 77.99 25.83
N ALA D 614 18.48 77.89 27.18
CA ALA D 614 18.89 78.90 28.17
C ALA D 614 20.34 79.34 28.06
N THR D 615 21.27 78.39 27.83
CA THR D 615 22.70 78.66 27.70
C THR D 615 23.05 79.47 26.44
N ASP D 616 22.16 79.46 25.43
CA ASP D 616 22.33 80.20 24.16
C ASP D 616 21.69 81.59 24.22
N ALA D 617 20.75 81.79 25.14
CA ALA D 617 20.01 83.04 25.34
C ALA D 617 20.88 84.17 25.88
N ILE D 618 20.55 85.42 25.49
CA ILE D 618 21.24 86.61 25.96
C ILE D 618 20.31 87.39 26.88
N LEU D 619 20.73 87.53 28.15
CA LEU D 619 19.99 88.25 29.19
C LEU D 619 20.47 89.71 29.26
N ASN D 620 19.70 90.58 29.95
CA ASN D 620 20.07 91.99 30.13
C ASN D 620 19.70 92.48 31.53
N SER D 621 20.76 92.74 32.32
CA SER D 621 20.73 93.24 33.71
C SER D 621 19.81 92.43 34.66
N PRO D 622 20.04 91.10 34.89
CA PRO D 622 19.19 90.36 35.85
C PRO D 622 19.34 90.90 37.26
N SER D 623 18.22 91.35 37.86
CA SER D 623 18.19 91.99 39.18
C SER D 623 17.72 91.10 40.33
N SER D 624 16.79 90.16 40.07
CA SER D 624 16.25 89.26 41.10
C SER D 624 15.92 87.85 40.59
N LEU D 625 15.94 86.86 41.51
CA LEU D 625 15.66 85.45 41.23
C LEU D 625 14.64 84.86 42.21
N ALA D 626 13.89 83.84 41.75
CA ALA D 626 12.89 83.09 42.54
C ALA D 626 12.71 81.69 41.97
N VAL D 627 12.55 80.68 42.83
CA VAL D 627 12.39 79.28 42.40
C VAL D 627 10.93 78.81 42.56
N ALA D 628 10.30 78.46 41.42
CA ALA D 628 8.91 77.98 41.32
C ALA D 628 8.73 76.60 41.97
N PRO D 629 7.49 76.21 42.36
CA PRO D 629 7.29 74.87 42.95
C PRO D 629 7.85 73.69 42.14
N ASP D 630 7.76 73.75 40.79
CA ASP D 630 8.27 72.69 39.89
C ASP D 630 9.79 72.79 39.61
N GLY D 631 10.46 73.74 40.28
CA GLY D 631 11.90 73.93 40.18
C GLY D 631 12.37 74.91 39.13
N THR D 632 11.44 75.56 38.38
CA THR D 632 11.80 76.55 37.37
C THR D 632 12.31 77.83 38.03
N ILE D 633 13.33 78.45 37.41
CA ILE D 633 13.96 79.65 37.95
C ILE D 633 13.47 80.89 37.21
N TYR D 634 12.87 81.83 37.96
CA TYR D 634 12.39 83.10 37.44
C TYR D 634 13.50 84.14 37.52
N ILE D 635 13.67 84.92 36.46
CA ILE D 635 14.70 85.94 36.35
C ILE D 635 14.04 87.28 36.10
N ALA D 636 14.36 88.29 36.94
CA ALA D 636 13.86 89.64 36.76
C ALA D 636 14.85 90.27 35.77
N ASP D 637 14.55 90.15 34.46
CA ASP D 637 15.39 90.64 33.37
C ASP D 637 15.10 92.12 33.12
N LEU D 638 15.50 92.94 34.10
CA LEU D 638 15.34 94.40 34.19
C LEU D 638 15.65 95.15 32.88
N GLY D 639 16.78 94.84 32.25
CA GLY D 639 17.21 95.45 31.00
C GLY D 639 16.31 95.24 29.81
N ASN D 640 15.61 94.08 29.78
CA ASN D 640 14.67 93.74 28.69
C ASN D 640 13.21 93.89 29.12
N ILE D 641 12.97 94.49 30.31
CA ILE D 641 11.67 94.78 30.95
C ILE D 641 10.74 93.54 30.87
N ARG D 642 11.28 92.39 31.30
CA ARG D 642 10.61 91.09 31.26
C ARG D 642 10.96 90.21 32.45
N ILE D 643 10.12 89.19 32.69
CA ILE D 643 10.35 88.15 33.67
C ILE D 643 10.50 86.87 32.83
N ARG D 644 11.70 86.28 32.87
CA ARG D 644 12.01 85.09 32.09
C ARG D 644 12.14 83.85 32.97
N ALA D 645 11.67 82.70 32.46
CA ALA D 645 11.69 81.43 33.19
C ALA D 645 12.63 80.40 32.58
N VAL D 646 13.54 79.84 33.40
CA VAL D 646 14.48 78.79 33.02
C VAL D 646 13.86 77.49 33.55
N SER D 647 13.23 76.73 32.64
CA SER D 647 12.51 75.49 32.94
C SER D 647 13.22 74.23 32.44
N LYS D 648 12.92 73.08 33.09
CA LYS D 648 13.43 71.77 32.69
C LYS D 648 12.85 71.44 31.32
N ASN D 649 13.64 70.82 30.42
CA ASN D 649 13.16 70.46 29.10
C ASN D 649 12.07 69.39 29.24
N ARG D 650 10.85 69.72 28.80
CA ARG D 650 9.68 68.87 28.95
C ARG D 650 8.75 68.92 27.74
N PRO D 651 8.01 67.83 27.42
CA PRO D 651 7.02 67.93 26.33
C PRO D 651 5.80 68.73 26.82
N ILE D 652 5.29 69.64 25.98
CA ILE D 652 4.16 70.49 26.30
C ILE D 652 2.89 69.94 25.64
N LEU D 653 1.75 69.97 26.37
CA LEU D 653 0.45 69.53 25.88
C LEU D 653 0.01 70.48 24.76
N ASN D 654 -0.21 69.94 23.55
CA ASN D 654 -0.64 70.76 22.41
C ASN D 654 -2.16 71.04 22.46
N SER D 655 -2.69 71.73 21.42
CA SER D 655 -4.10 72.10 21.27
C SER D 655 -5.04 70.88 21.21
N PHE D 656 -4.50 69.70 20.85
CA PHE D 656 -5.22 68.44 20.73
C PHE D 656 -5.13 67.56 22.00
N ASN D 657 -4.62 68.13 23.12
CA ASN D 657 -4.42 67.46 24.42
C ASN D 657 -3.52 66.22 24.26
N GLN D 658 -2.41 66.41 23.54
CA GLN D 658 -1.43 65.36 23.22
C GLN D 658 -0.01 65.82 23.45
N TYR D 659 0.91 64.87 23.70
CA TYR D 659 2.33 65.12 23.88
C TYR D 659 3.07 64.61 22.66
N GLU D 660 4.13 65.31 22.26
CA GLU D 660 4.95 64.94 21.11
C GLU D 660 6.43 64.93 21.45
N ALA D 661 7.10 63.85 21.06
CA ALA D 661 8.53 63.60 21.21
C ALA D 661 9.01 63.09 19.85
N ALA D 662 10.31 63.15 19.57
CA ALA D 662 10.84 62.74 18.27
C ALA D 662 12.25 62.17 18.33
N SER D 663 12.59 61.36 17.31
CA SER D 663 13.92 60.77 17.13
C SER D 663 14.42 61.21 15.76
N PRO D 664 15.28 62.25 15.72
CA PRO D 664 15.78 62.75 14.43
C PRO D 664 16.63 61.74 13.66
N GLY D 665 17.32 60.87 14.41
CA GLY D 665 18.15 59.80 13.87
C GLY D 665 17.35 58.78 13.09
N GLU D 666 16.12 58.49 13.56
CA GLU D 666 15.19 57.55 12.90
C GLU D 666 14.17 58.30 12.02
N GLN D 667 14.20 59.65 12.06
CA GLN D 667 13.29 60.57 11.34
C GLN D 667 11.82 60.25 11.65
N GLU D 668 11.53 60.11 12.95
CA GLU D 668 10.21 59.75 13.47
C GLU D 668 9.71 60.71 14.52
N LEU D 669 8.40 60.93 14.54
CA LEU D 669 7.69 61.77 15.49
C LEU D 669 6.70 60.86 16.22
N TYR D 670 6.73 60.87 17.56
CA TYR D 670 5.86 60.04 18.39
C TYR D 670 4.79 60.88 19.08
N VAL D 671 3.53 60.45 18.94
CA VAL D 671 2.36 61.12 19.50
C VAL D 671 1.81 60.29 20.66
N PHE D 672 1.64 60.92 21.83
CA PHE D 672 1.12 60.31 23.05
C PHE D 672 -0.10 61.07 23.50
N ASN D 673 -1.04 60.39 24.19
CA ASN D 673 -2.22 61.07 24.74
C ASN D 673 -1.83 61.80 26.04
N ALA D 674 -2.80 62.41 26.76
CA ALA D 674 -2.53 63.13 28.02
C ALA D 674 -1.92 62.26 29.14
N ASP D 675 -2.04 60.92 29.02
CA ASP D 675 -1.51 59.94 29.98
C ASP D 675 -0.16 59.31 29.55
N GLY D 676 0.40 59.81 28.44
CA GLY D 676 1.68 59.35 27.89
C GLY D 676 1.62 58.02 27.18
N ILE D 677 0.41 57.62 26.74
CA ILE D 677 0.17 56.36 26.03
C ILE D 677 0.31 56.60 24.53
N HIS D 678 1.24 55.85 23.89
CA HIS D 678 1.61 55.91 22.48
C HIS D 678 0.43 55.74 21.52
N GLN D 679 0.06 56.82 20.82
CA GLN D 679 -1.05 56.82 19.87
C GLN D 679 -0.56 56.51 18.46
N TYR D 680 0.35 57.34 17.94
CA TYR D 680 0.89 57.22 16.60
C TYR D 680 2.39 57.46 16.53
N THR D 681 2.99 57.01 15.44
CA THR D 681 4.38 57.25 15.03
C THR D 681 4.23 57.77 13.62
N LEU D 682 4.65 59.02 13.40
CA LEU D 682 4.59 59.70 12.11
C LEU D 682 5.99 59.93 11.61
N SER D 683 6.14 60.19 10.30
CA SER D 683 7.45 60.53 9.74
C SER D 683 7.71 61.99 10.07
N LEU D 684 8.90 62.30 10.61
CA LEU D 684 9.31 63.66 10.97
C LEU D 684 9.50 64.53 9.73
N VAL D 685 9.80 63.90 8.58
CA VAL D 685 10.02 64.54 7.28
C VAL D 685 8.69 64.65 6.49
N THR D 686 8.07 63.50 6.21
CA THR D 686 6.87 63.34 5.39
C THR D 686 5.56 63.77 6.08
N GLY D 687 5.45 63.51 7.39
CA GLY D 687 4.24 63.82 8.15
C GLY D 687 3.17 62.75 8.00
N GLU D 688 3.52 61.64 7.32
CA GLU D 688 2.64 60.50 7.08
C GLU D 688 2.73 59.53 8.25
N TYR D 689 1.59 58.88 8.59
CA TYR D 689 1.49 57.91 9.66
C TYR D 689 2.26 56.65 9.31
N LEU D 690 3.16 56.22 10.21
CA LEU D 690 4.00 55.04 10.04
C LEU D 690 3.42 53.88 10.85
N TYR D 691 2.97 54.15 12.08
CA TYR D 691 2.36 53.17 12.99
C TYR D 691 1.20 53.77 13.77
N ASN D 692 0.09 53.02 13.88
CA ASN D 692 -1.12 53.37 14.63
C ASN D 692 -1.32 52.31 15.71
N PHE D 693 -1.39 52.74 16.98
CA PHE D 693 -1.52 51.85 18.12
C PHE D 693 -2.92 51.90 18.72
N THR D 694 -3.60 50.74 18.77
CA THR D 694 -4.93 50.61 19.38
C THR D 694 -4.83 49.77 20.65
N TYR D 695 -5.64 50.12 21.64
CA TYR D 695 -5.59 49.51 22.96
C TYR D 695 -6.92 48.90 23.37
N SER D 696 -6.92 48.21 24.52
CA SER D 696 -8.10 47.63 25.16
C SER D 696 -8.54 48.65 26.19
N SER D 697 -9.69 48.42 26.85
CA SER D 697 -10.23 49.30 27.90
C SER D 697 -9.28 49.47 29.09
N ASP D 698 -8.38 48.48 29.31
CA ASP D 698 -7.37 48.46 30.38
C ASP D 698 -6.05 49.10 29.95
N ASN D 699 -6.04 49.73 28.74
CA ASN D 699 -4.91 50.41 28.07
C ASN D 699 -3.74 49.46 27.73
N ASP D 700 -4.06 48.20 27.40
CA ASP D 700 -3.08 47.21 26.97
C ASP D 700 -3.02 47.24 25.45
N VAL D 701 -1.80 47.28 24.87
CA VAL D 701 -1.66 47.33 23.40
C VAL D 701 -2.20 46.04 22.76
N THR D 702 -3.18 46.19 21.85
CA THR D 702 -3.82 45.05 21.19
C THR D 702 -3.57 45.01 19.68
N GLU D 703 -3.20 46.15 19.06
CA GLU D 703 -2.90 46.20 17.63
C GLU D 703 -1.93 47.32 17.27
N VAL D 704 -0.94 46.96 16.44
CA VAL D 704 0.06 47.86 15.85
C VAL D 704 -0.23 47.78 14.36
N MET D 705 -0.72 48.87 13.77
CA MET D 705 -1.07 48.93 12.35
C MET D 705 -0.07 49.83 11.62
N ASP D 706 0.70 49.25 10.69
CA ASP D 706 1.68 50.03 9.94
C ASP D 706 1.03 50.77 8.75
N SER D 707 1.79 51.65 8.08
CA SER D 707 1.40 52.46 6.94
C SER D 707 0.87 51.65 5.74
N ASN D 708 1.36 50.41 5.57
CA ASN D 708 0.99 49.50 4.47
C ASN D 708 -0.26 48.65 4.71
N GLY D 709 -0.82 48.74 5.91
CA GLY D 709 -2.00 47.98 6.29
C GLY D 709 -1.69 46.65 6.95
N ASN D 710 -0.42 46.45 7.38
CA ASN D 710 0.03 45.25 8.06
C ASN D 710 -0.25 45.41 9.56
N SER D 711 -1.18 44.59 10.08
CA SER D 711 -1.55 44.67 11.49
C SER D 711 -1.00 43.49 12.28
N LEU D 712 -0.29 43.81 13.37
CA LEU D 712 0.26 42.84 14.30
C LEU D 712 -0.66 42.93 15.51
N LYS D 713 -1.55 41.95 15.67
CA LYS D 713 -2.50 41.92 16.78
C LYS D 713 -1.95 41.14 17.96
N VAL D 714 -2.12 41.68 19.17
CA VAL D 714 -1.73 41.03 20.41
C VAL D 714 -3.05 40.53 21.01
N ARG D 715 -3.30 39.21 20.90
CA ARG D 715 -4.54 38.62 21.43
C ARG D 715 -4.37 38.45 22.91
N ARG D 716 -5.20 39.16 23.66
CA ARG D 716 -5.12 39.17 25.10
C ARG D 716 -6.28 38.55 25.84
N ASP D 717 -6.01 38.26 27.10
CA ASP D 717 -6.93 37.73 28.09
C ASP D 717 -7.57 38.94 28.79
N ALA D 718 -8.75 38.76 29.41
CA ALA D 718 -9.53 39.79 30.11
C ALA D 718 -8.73 40.62 31.14
N SER D 719 -7.69 40.03 31.75
CA SER D 719 -6.81 40.68 32.73
C SER D 719 -5.62 41.40 32.06
N GLY D 720 -5.47 41.17 30.75
CA GLY D 720 -4.40 41.76 29.94
C GLY D 720 -3.28 40.80 29.59
N MET D 721 -3.37 39.54 30.08
CA MET D 721 -2.39 38.48 29.84
C MET D 721 -2.23 38.21 28.33
N PRO D 722 -0.99 38.27 27.79
CA PRO D 722 -0.81 37.97 26.37
C PRO D 722 -0.89 36.46 26.08
N ARG D 723 -1.66 36.07 25.06
CA ARG D 723 -1.86 34.66 24.71
C ARG D 723 -0.99 34.33 23.50
N HIS D 724 -1.12 35.15 22.44
CA HIS D 724 -0.39 35.00 21.20
C HIS D 724 -0.38 36.27 20.36
N LEU D 725 0.48 36.30 19.34
CA LEU D 725 0.58 37.38 18.37
C LEU D 725 -0.01 36.89 17.04
N LEU D 726 -0.94 37.66 16.46
CA LEU D 726 -1.53 37.36 15.16
C LEU D 726 -0.82 38.27 14.17
N MET D 727 0.12 37.68 13.43
CA MET D 727 0.98 38.34 12.46
C MET D 727 0.22 38.87 11.24
N PRO D 728 0.76 39.90 10.52
CA PRO D 728 0.05 40.42 9.32
C PRO D 728 -0.37 39.38 8.28
N ASP D 729 0.34 38.22 8.20
CA ASP D 729 0.06 37.11 7.29
C ASP D 729 -0.87 36.03 7.93
N ASN D 730 -1.56 36.40 9.04
CA ASN D 730 -2.47 35.58 9.85
C ASN D 730 -1.79 34.33 10.47
N GLN D 731 -0.47 34.43 10.73
CA GLN D 731 0.33 33.40 11.37
C GLN D 731 0.25 33.63 12.88
N ILE D 732 0.15 32.55 13.65
CA ILE D 732 0.06 32.64 15.11
C ILE D 732 1.44 32.40 15.74
N VAL D 733 1.89 33.37 16.56
CA VAL D 733 3.13 33.28 17.31
C VAL D 733 2.71 33.14 18.77
N THR D 734 2.81 31.92 19.31
CA THR D 734 2.43 31.55 20.68
C THR D 734 3.34 32.19 21.71
N LEU D 735 2.72 32.84 22.71
CA LEU D 735 3.41 33.48 23.82
C LEU D 735 3.01 32.76 25.09
N ALA D 736 4.00 32.18 25.77
CA ALA D 736 3.79 31.50 27.03
C ALA D 736 4.49 32.31 28.09
N VAL D 737 3.73 32.83 29.04
CA VAL D 737 4.26 33.60 30.15
C VAL D 737 4.27 32.60 31.33
N GLY D 738 5.27 32.68 32.20
CA GLY D 738 5.40 31.80 33.35
C GLY D 738 4.62 32.29 34.55
N THR D 739 4.79 31.62 35.71
CA THR D 739 4.11 32.03 36.96
C THR D 739 4.77 33.27 37.57
N ASN D 740 6.06 33.51 37.24
CA ASN D 740 6.84 34.67 37.69
C ASN D 740 6.57 35.92 36.81
N GLY D 741 5.63 35.75 35.86
CA GLY D 741 5.19 36.79 34.95
C GLY D 741 6.13 37.10 33.81
N GLY D 742 7.08 36.20 33.57
CA GLY D 742 8.06 36.35 32.51
C GLY D 742 7.77 35.49 31.30
N LEU D 743 7.92 36.10 30.10
CA LEU D 743 7.75 35.46 28.81
C LEU D 743 8.75 34.31 28.71
N LYS D 744 8.23 33.10 28.84
CA LYS D 744 8.92 31.81 28.89
C LYS D 744 9.15 31.19 27.50
N LEU D 745 8.16 31.33 26.58
CA LEU D 745 8.24 30.73 25.26
C LEU D 745 7.60 31.59 24.18
N VAL D 746 8.32 31.70 23.04
CA VAL D 746 7.93 32.40 21.81
C VAL D 746 8.10 31.34 20.73
N SER D 747 6.99 30.93 20.07
CA SER D 747 7.05 29.88 19.07
C SER D 747 5.98 29.93 18.00
N THR D 748 6.28 29.31 16.84
CA THR D 748 5.36 29.14 15.73
C THR D 748 4.94 27.65 15.79
N GLN D 749 4.10 27.19 14.84
CA GLN D 749 3.67 25.79 14.82
C GLN D 749 4.82 24.81 14.53
N THR D 750 5.94 25.33 13.98
CA THR D 750 7.14 24.56 13.64
C THR D 750 8.38 24.97 14.47
N LEU D 751 8.69 26.27 14.51
CA LEU D 751 9.88 26.82 15.18
C LEU D 751 9.69 27.28 16.61
N GLU D 752 10.73 27.08 17.44
CA GLU D 752 10.80 27.55 18.82
C GLU D 752 11.75 28.76 18.75
N LEU D 753 11.18 29.95 18.52
CA LEU D 753 11.90 31.22 18.37
C LEU D 753 12.68 31.65 19.60
N GLY D 754 12.11 31.39 20.78
CA GLY D 754 12.72 31.75 22.05
C GLY D 754 12.21 30.94 23.23
N LEU D 755 13.15 30.54 24.10
CA LEU D 755 12.87 29.79 25.32
C LEU D 755 13.67 30.45 26.43
N MET D 756 12.95 31.11 27.36
CA MET D 756 13.54 31.90 28.43
C MET D 756 13.18 31.45 29.85
N THR D 757 14.13 31.60 30.79
CA THR D 757 13.99 31.35 32.23
C THR D 757 14.50 32.59 32.95
N TYR D 758 13.95 32.90 34.14
CA TYR D 758 14.30 34.09 34.91
C TYR D 758 14.77 33.77 36.33
N ASN D 759 15.46 34.71 36.98
CA ASN D 759 15.95 34.55 38.34
C ASN D 759 14.86 35.00 39.33
N GLY D 760 14.06 34.04 39.79
CA GLY D 760 12.95 34.27 40.71
C GLY D 760 11.91 35.23 40.17
N ASN D 761 11.57 36.26 40.96
CA ASN D 761 10.61 37.31 40.57
C ASN D 761 11.30 38.64 40.24
N SER D 762 12.65 38.63 40.13
CA SER D 762 13.48 39.81 39.81
C SER D 762 13.25 40.31 38.38
N GLY D 763 12.91 39.39 37.48
CA GLY D 763 12.69 39.70 36.06
C GLY D 763 13.96 39.63 35.24
N LEU D 764 15.09 39.30 35.92
CA LEU D 764 16.41 39.19 35.29
C LEU D 764 16.51 37.88 34.53
N LEU D 765 16.73 37.98 33.21
CA LEU D 765 16.86 36.86 32.28
C LEU D 765 18.03 35.96 32.67
N ALA D 766 17.73 34.72 33.06
CA ALA D 766 18.72 33.73 33.47
C ALA D 766 19.28 32.97 32.26
N THR D 767 18.39 32.51 31.35
CA THR D 767 18.75 31.79 30.12
C THR D 767 17.88 32.23 28.93
N LYS D 768 18.39 32.04 27.70
CA LYS D 768 17.71 32.32 26.44
C LYS D 768 18.19 31.31 25.38
N SER D 769 17.25 30.51 24.83
CA SER D 769 17.51 29.48 23.81
C SER D 769 16.74 29.80 22.53
N ASP D 770 17.27 29.34 21.39
CA ASP D 770 16.61 29.46 20.08
C ASP D 770 16.33 28.04 19.52
N GLU D 771 15.82 27.96 18.27
CA GLU D 771 15.50 26.69 17.59
C GLU D 771 16.72 25.76 17.37
N THR D 772 17.94 26.33 17.27
CA THR D 772 19.20 25.59 17.04
C THR D 772 19.67 24.86 18.31
N GLY D 773 19.08 25.17 19.46
CA GLY D 773 19.42 24.59 20.75
C GLY D 773 20.52 25.35 21.48
N TRP D 774 20.95 26.50 20.90
CA TRP D 774 21.99 27.37 21.42
C TRP D 774 21.45 28.10 22.65
N THR D 775 21.99 27.79 23.83
CA THR D 775 21.58 28.41 25.08
C THR D 775 22.66 29.35 25.62
N THR D 776 22.28 30.61 25.88
CA THR D 776 23.14 31.62 26.47
C THR D 776 22.73 31.79 27.94
N PHE D 777 23.72 31.81 28.85
CA PHE D 777 23.53 31.93 30.30
C PHE D 777 24.00 33.30 30.77
N TYR D 778 23.16 33.97 31.58
CA TYR D 778 23.48 35.29 32.12
C TYR D 778 23.53 35.26 33.64
N ASP D 779 24.60 35.85 34.20
CA ASP D 779 24.82 35.93 35.64
C ASP D 779 24.87 37.39 36.06
N TYR D 780 24.24 37.70 37.20
CA TYR D 780 24.16 39.05 37.74
C TYR D 780 24.65 39.08 39.18
N ASP D 781 25.01 40.27 39.67
CA ASP D 781 25.38 40.46 41.07
C ASP D 781 24.08 40.74 41.86
N HIS D 782 24.16 40.91 43.20
CA HIS D 782 22.99 41.16 44.04
C HIS D 782 22.25 42.47 43.70
N GLU D 783 22.96 43.39 43.00
CA GLU D 783 22.47 44.71 42.56
C GLU D 783 21.72 44.63 41.21
N GLY D 784 21.70 43.43 40.61
CA GLY D 784 21.04 43.18 39.33
C GLY D 784 21.81 43.64 38.12
N ARG D 785 23.15 43.80 38.28
CA ARG D 785 24.06 44.22 37.22
C ARG D 785 24.71 42.99 36.58
N LEU D 786 24.69 42.91 35.24
CA LEU D 786 25.27 41.81 34.47
C LEU D 786 26.76 41.64 34.75
N THR D 787 27.15 40.43 35.18
CA THR D 787 28.54 40.10 35.51
C THR D 787 29.17 39.11 34.54
N ASN D 788 28.39 38.12 34.04
CA ASN D 788 28.90 37.10 33.11
C ASN D 788 27.89 36.71 32.03
N VAL D 789 28.38 36.43 30.81
CA VAL D 789 27.61 35.96 29.65
C VAL D 789 28.35 34.73 29.11
N THR D 790 27.78 33.54 29.30
CA THR D 790 28.36 32.25 28.90
C THR D 790 27.65 31.68 27.68
N ARG D 791 28.42 31.26 26.66
CA ARG D 791 27.93 30.72 25.39
C ARG D 791 28.26 29.23 25.23
N PRO D 792 27.52 28.46 24.36
CA PRO D 792 27.82 27.01 24.19
C PRO D 792 29.23 26.68 23.67
N THR D 793 29.96 27.69 23.17
CA THR D 793 31.34 27.58 22.66
C THR D 793 32.34 27.49 23.83
N GLY D 794 31.89 27.82 25.03
CA GLY D 794 32.72 27.84 26.23
C GLY D 794 33.36 29.19 26.44
N VAL D 795 32.88 30.20 25.70
CA VAL D 795 33.35 31.57 25.73
C VAL D 795 32.54 32.38 26.76
N VAL D 796 33.25 32.94 27.76
CA VAL D 796 32.65 33.75 28.83
C VAL D 796 33.10 35.20 28.71
N THR D 797 32.13 36.14 28.72
CA THR D 797 32.38 37.58 28.74
C THR D 797 32.05 38.04 30.15
N SER D 798 33.06 38.57 30.87
CA SER D 798 32.92 39.04 32.26
C SER D 798 32.99 40.56 32.40
N LEU D 799 32.11 41.12 33.25
CA LEU D 799 32.02 42.54 33.57
C LEU D 799 32.24 42.74 35.06
N HIS D 800 33.25 43.55 35.44
CA HIS D 800 33.57 43.85 36.84
C HIS D 800 33.48 45.35 37.12
N ARG D 801 32.68 45.73 38.13
CA ARG D 801 32.46 47.11 38.54
C ARG D 801 33.22 47.50 39.81
N GLU D 802 33.84 48.69 39.78
CA GLU D 802 34.55 49.32 40.89
C GLU D 802 33.97 50.74 40.98
N MET D 803 33.04 50.93 41.94
CA MET D 803 32.31 52.18 42.16
C MET D 803 32.99 53.05 43.22
N GLU D 804 33.80 54.04 42.77
CA GLU D 804 34.52 54.99 43.62
C GLU D 804 34.12 56.40 43.18
N LYS D 805 35.04 57.39 43.24
CA LYS D 805 34.79 58.78 42.77
C LYS D 805 34.46 58.74 41.26
N SER D 806 35.01 57.73 40.57
CA SER D 806 34.77 57.42 39.18
C SER D 806 34.39 55.93 39.09
N ILE D 807 33.35 55.60 38.29
CA ILE D 807 32.89 54.22 38.12
C ILE D 807 33.68 53.55 36.99
N THR D 808 34.41 52.47 37.32
CA THR D 808 35.19 51.73 36.31
C THR D 808 34.60 50.35 36.05
N ILE D 809 34.35 50.04 34.78
CA ILE D 809 33.82 48.73 34.37
C ILE D 809 34.89 48.04 33.52
N ASP D 810 35.33 46.86 33.97
CA ASP D 810 36.34 46.04 33.28
C ASP D 810 35.64 44.94 32.51
N ILE D 811 35.94 44.84 31.21
CA ILE D 811 35.39 43.83 30.31
C ILE D 811 36.50 42.87 29.89
N GLU D 812 36.27 41.57 30.12
CA GLU D 812 37.22 40.51 29.82
C GLU D 812 36.53 39.38 29.08
N ASN D 813 37.28 38.70 28.21
CA ASN D 813 36.80 37.54 27.45
C ASN D 813 37.75 36.38 27.71
N SER D 814 37.18 35.18 27.91
CA SER D 814 37.92 33.95 28.21
C SER D 814 38.81 33.46 27.07
N ASN D 815 38.46 33.79 25.81
CA ASN D 815 39.18 33.34 24.61
C ASN D 815 40.17 34.37 24.04
N ARG D 816 40.08 35.65 24.44
CA ARG D 816 40.95 36.70 23.91
C ARG D 816 41.65 37.56 24.98
N ASP D 817 42.73 38.25 24.56
CA ASP D 817 43.52 39.15 25.41
C ASP D 817 43.15 40.62 25.13
N ASP D 818 41.90 40.84 24.65
CA ASP D 818 41.36 42.15 24.29
C ASP D 818 40.61 42.85 25.46
N ASP D 819 41.23 42.89 26.66
CA ASP D 819 40.63 43.52 27.84
C ASP D 819 40.34 45.01 27.63
N VAL D 820 39.06 45.40 27.80
CA VAL D 820 38.56 46.78 27.63
C VAL D 820 38.07 47.29 28.99
N THR D 821 38.49 48.51 29.36
CA THR D 821 38.03 49.12 30.61
C THR D 821 37.42 50.50 30.33
N VAL D 822 36.23 50.76 30.91
CA VAL D 822 35.49 52.02 30.77
C VAL D 822 35.47 52.75 32.10
N ILE D 823 35.96 54.00 32.12
CA ILE D 823 35.99 54.83 33.32
C ILE D 823 34.99 55.97 33.13
N THR D 824 34.08 56.16 34.10
CA THR D 824 33.04 57.19 34.06
C THR D 824 33.18 58.18 35.21
N ASN D 825 33.25 59.48 34.87
CA ASN D 825 33.33 60.57 35.82
C ASN D 825 32.13 61.48 35.58
N LEU D 826 31.16 61.47 36.51
CA LEU D 826 29.95 62.29 36.39
C LEU D 826 30.10 63.57 37.21
N SER D 827 29.80 64.72 36.57
CA SER D 827 29.86 66.03 37.19
C SER D 827 28.63 66.88 36.85
N SER D 828 28.64 68.15 37.27
CA SER D 828 27.57 69.10 37.03
C SER D 828 27.50 69.50 35.55
N VAL D 829 28.68 69.69 34.91
CA VAL D 829 28.82 70.11 33.50
C VAL D 829 28.71 68.97 32.48
N GLU D 830 29.32 67.79 32.80
CA GLU D 830 29.39 66.69 31.85
C GLU D 830 29.58 65.30 32.46
N ALA D 831 29.32 64.27 31.64
CA ALA D 831 29.56 62.86 31.91
C ALA D 831 30.80 62.57 31.05
N SER D 832 31.92 62.23 31.73
CA SER D 832 33.22 62.00 31.08
C SER D 832 33.57 60.51 31.08
N TYR D 833 33.76 59.97 29.87
CA TYR D 833 34.07 58.55 29.64
C TYR D 833 35.45 58.35 29.03
N THR D 834 36.17 57.31 29.49
CA THR D 834 37.47 56.95 28.98
C THR D 834 37.50 55.43 28.75
N VAL D 835 37.61 55.04 27.47
CA VAL D 835 37.68 53.65 27.03
C VAL D 835 39.17 53.33 26.86
N VAL D 836 39.67 52.39 27.68
CA VAL D 836 41.08 52.00 27.72
C VAL D 836 41.31 50.55 27.23
N GLN D 837 42.25 50.38 26.28
CA GLN D 837 42.71 49.11 25.74
C GLN D 837 44.23 49.17 25.79
N ASP D 838 44.82 48.64 26.89
CA ASP D 838 46.25 48.66 27.22
C ASP D 838 46.68 50.10 27.59
N GLN D 839 47.32 50.85 26.66
CA GLN D 839 47.76 52.23 26.85
C GLN D 839 47.02 53.17 25.87
N VAL D 840 46.15 52.59 25.03
CA VAL D 840 45.34 53.27 24.03
C VAL D 840 44.06 53.76 24.73
N ARG D 841 43.92 55.08 24.87
CA ARG D 841 42.79 55.71 25.56
C ARG D 841 41.97 56.61 24.65
N ASN D 842 40.67 56.32 24.55
CA ASN D 842 39.71 57.12 23.79
C ASN D 842 38.77 57.84 24.76
N SER D 843 38.68 59.18 24.65
CA SER D 843 37.86 60.00 25.55
C SER D 843 36.57 60.49 24.93
N TYR D 844 35.48 60.43 25.71
CA TYR D 844 34.13 60.81 25.31
C TYR D 844 33.55 61.72 26.37
N GLN D 845 32.91 62.83 25.95
CA GLN D 845 32.33 63.81 26.87
C GLN D 845 30.92 64.18 26.44
N LEU D 846 29.92 63.78 27.25
CA LEU D 846 28.51 64.10 27.02
C LEU D 846 28.17 65.25 27.95
N CYS D 847 28.16 66.47 27.40
CA CYS D 847 27.91 67.71 28.13
C CYS D 847 26.43 68.04 28.24
N ASN D 848 26.07 68.79 29.31
CA ASN D 848 24.69 69.22 29.62
C ASN D 848 24.10 70.16 28.56
N ASN D 849 24.97 70.93 27.86
CA ASN D 849 24.56 71.87 26.81
C ASN D 849 24.12 71.17 25.50
N GLY D 850 24.26 69.84 25.47
CA GLY D 850 23.89 68.99 24.34
C GLY D 850 25.04 68.60 23.43
N THR D 851 26.28 68.94 23.81
CA THR D 851 27.48 68.66 23.04
C THR D 851 28.08 67.29 23.36
N LEU D 852 28.44 66.54 22.30
CA LEU D 852 29.10 65.24 22.37
C LEU D 852 30.50 65.49 21.82
N ARG D 853 31.54 65.29 22.65
CA ARG D 853 32.92 65.47 22.24
C ARG D 853 33.69 64.16 22.32
N VAL D 854 34.34 63.78 21.22
CA VAL D 854 35.17 62.59 21.12
C VAL D 854 36.62 62.99 20.90
N MET D 855 37.52 62.51 21.75
CA MET D 855 38.94 62.76 21.63
C MET D 855 39.61 61.40 21.48
N TYR D 856 39.76 60.97 20.21
CA TYR D 856 40.36 59.69 19.83
C TYR D 856 41.83 59.65 20.17
N ALA D 857 42.34 58.43 20.46
CA ALA D 857 43.74 58.17 20.77
C ALA D 857 44.66 58.60 19.62
N ASN D 858 44.18 58.46 18.35
CA ASN D 858 44.89 58.81 17.12
C ASN D 858 45.24 60.31 16.99
N GLY D 859 44.55 61.16 17.77
CA GLY D 859 44.80 62.60 17.78
C GLY D 859 43.66 63.45 17.24
N MET D 860 42.69 62.81 16.56
CA MET D 860 41.53 63.50 15.99
C MET D 860 40.43 63.69 17.03
N SER D 861 39.83 64.89 17.05
CA SER D 861 38.71 65.20 17.93
C SER D 861 37.49 65.64 17.12
N ILE D 862 36.30 65.11 17.48
CA ILE D 862 35.03 65.42 16.84
C ILE D 862 34.11 66.02 17.91
N SER D 863 33.45 67.14 17.60
CA SER D 863 32.51 67.79 18.50
C SER D 863 31.18 68.00 17.79
N PHE D 864 30.13 67.33 18.28
CA PHE D 864 28.77 67.44 17.75
C PHE D 864 28.02 68.44 18.62
N HIS D 865 27.36 69.44 18.02
CA HIS D 865 26.63 70.47 18.76
C HIS D 865 25.14 70.45 18.48
N SER D 866 24.34 70.44 19.57
CA SER D 866 22.89 70.38 19.53
C SER D 866 22.20 71.72 19.43
N GLU D 867 21.02 71.72 18.78
CA GLU D 867 20.14 72.86 18.57
C GLU D 867 18.69 72.33 18.67
N PRO D 868 17.68 73.15 19.05
CA PRO D 868 16.30 72.62 19.05
C PRO D 868 15.87 72.31 17.60
N HIS D 869 15.13 71.20 17.39
CA HIS D 869 14.66 70.81 16.04
C HIS D 869 13.64 71.82 15.55
N VAL D 870 13.76 72.25 14.28
CA VAL D 870 12.89 73.26 13.65
C VAL D 870 11.39 72.83 13.66
N LEU D 871 11.10 71.52 13.61
CA LEU D 871 9.75 70.97 13.57
C LEU D 871 9.23 70.49 14.92
N ALA D 872 10.04 69.71 15.66
CA ALA D 872 9.67 69.12 16.95
C ALA D 872 9.91 70.04 18.18
N GLY D 873 10.65 71.13 17.99
CA GLY D 873 10.93 72.11 19.04
C GLY D 873 12.06 71.76 19.97
N THR D 874 12.09 72.41 21.14
CA THR D 874 13.11 72.25 22.18
C THR D 874 13.17 70.88 22.82
N VAL D 875 12.04 70.15 22.83
CA VAL D 875 11.93 68.81 23.42
C VAL D 875 12.89 67.81 22.72
N THR D 876 13.30 68.09 21.46
CA THR D 876 14.23 67.21 20.76
C THR D 876 15.45 67.96 20.22
N PRO D 877 16.62 67.80 20.88
CA PRO D 877 17.84 68.41 20.36
C PRO D 877 18.35 67.66 19.12
N THR D 878 18.85 68.39 18.13
CA THR D 878 19.38 67.82 16.89
C THR D 878 20.79 68.31 16.64
N ILE D 879 21.64 67.44 16.08
CA ILE D 879 23.01 67.80 15.74
C ILE D 879 22.96 68.61 14.44
N GLY D 880 23.23 69.90 14.55
CA GLY D 880 23.21 70.81 13.43
C GLY D 880 24.59 71.31 13.04
N ARG D 881 25.59 70.99 13.87
CA ARG D 881 26.98 71.42 13.70
C ARG D 881 27.96 70.32 14.13
N CYS D 882 29.05 70.17 13.36
CA CYS D 882 30.12 69.21 13.63
C CYS D 882 31.48 69.88 13.39
N ASN D 883 32.25 70.11 14.47
CA ASN D 883 33.57 70.70 14.42
C ASN D 883 34.61 69.59 14.60
N ILE D 884 35.45 69.38 13.58
CA ILE D 884 36.51 68.36 13.54
C ILE D 884 37.89 69.04 13.69
N SER D 885 38.81 68.37 14.41
CA SER D 885 40.17 68.82 14.62
C SER D 885 41.14 67.67 14.34
N LEU D 886 42.12 67.90 13.45
CA LEU D 886 43.16 66.93 13.11
C LEU D 886 44.50 67.40 13.70
N PRO D 887 45.38 66.49 14.16
CA PRO D 887 46.68 66.97 14.70
C PRO D 887 47.67 67.38 13.60
N MET D 888 47.45 68.60 13.05
CA MET D 888 48.23 69.25 11.99
C MET D 888 48.06 70.77 12.02
N GLU D 889 48.89 71.52 11.24
CA GLU D 889 48.93 72.99 11.15
C GLU D 889 47.55 73.64 10.91
N ASN D 890 46.82 73.20 9.86
CA ASN D 890 45.49 73.70 9.53
C ASN D 890 44.51 72.52 9.53
N GLY D 891 44.26 71.99 10.73
CA GLY D 891 43.43 70.81 10.92
C GLY D 891 41.99 71.01 11.34
N LEU D 892 41.51 72.27 11.37
CA LEU D 892 40.12 72.54 11.78
C LEU D 892 39.14 72.47 10.61
N ASN D 893 38.14 71.58 10.75
CA ASN D 893 37.08 71.36 9.76
C ASN D 893 35.74 71.63 10.43
N SER D 894 34.72 71.98 9.63
CA SER D 894 33.38 72.25 10.15
C SER D 894 32.29 71.90 9.14
N ILE D 895 31.32 71.09 9.57
CA ILE D 895 30.16 70.70 8.76
C ILE D 895 28.91 71.19 9.49
N GLU D 896 27.92 71.67 8.73
CA GLU D 896 26.70 72.24 9.26
C GLU D 896 25.45 71.76 8.52
N TRP D 897 24.36 71.58 9.28
CA TRP D 897 23.04 71.25 8.77
C TRP D 897 22.13 72.40 9.16
N ARG D 898 21.59 73.10 8.15
CA ARG D 898 20.69 74.23 8.37
C ARG D 898 19.27 73.82 8.01
N LEU D 899 18.44 73.64 9.04
CA LEU D 899 17.06 73.20 8.95
C LEU D 899 16.11 74.37 8.82
N ARG D 900 15.05 74.20 8.01
CA ARG D 900 14.04 75.24 7.76
C ARG D 900 12.64 74.65 7.53
N LYS D 901 11.60 75.49 7.67
CA LYS D 901 10.20 75.07 7.46
C LYS D 901 9.34 76.14 6.79
N GLU D 902 8.27 75.70 6.11
CA GLU D 902 7.29 76.55 5.44
C GLU D 902 5.92 76.14 5.97
N GLN D 903 5.24 77.06 6.66
CA GLN D 903 3.92 76.80 7.25
C GLN D 903 2.84 77.59 6.55
N ILE D 904 1.77 76.90 6.14
CA ILE D 904 0.59 77.47 5.50
C ILE D 904 -0.62 77.08 6.38
N LYS D 905 -1.29 78.09 6.97
CA LYS D 905 -2.46 77.94 7.86
C LYS D 905 -2.13 77.13 9.15
N GLY D 906 -0.91 77.36 9.67
CA GLY D 906 -0.41 76.70 10.87
C GLY D 906 0.07 75.26 10.70
N LYS D 907 0.00 74.74 9.46
CA LYS D 907 0.39 73.38 9.10
C LYS D 907 1.67 73.39 8.26
N VAL D 908 2.60 72.45 8.55
CA VAL D 908 3.88 72.30 7.85
C VAL D 908 3.63 71.83 6.40
N THR D 909 4.13 72.62 5.44
CA THR D 909 4.01 72.41 4.00
C THR D 909 5.34 71.90 3.41
N VAL D 910 6.48 72.51 3.82
CA VAL D 910 7.81 72.18 3.33
C VAL D 910 8.80 72.03 4.50
N PHE D 911 9.65 70.98 4.45
CA PHE D 911 10.72 70.74 5.43
C PHE D 911 12.06 70.71 4.68
N GLY D 912 12.84 71.76 4.88
CA GLY D 912 14.13 71.93 4.24
C GLY D 912 15.33 71.66 5.11
N ARG D 913 16.40 71.15 4.48
CA ARG D 913 17.69 70.85 5.12
C ARG D 913 18.79 71.22 4.13
N LYS D 914 19.77 72.02 4.56
CA LYS D 914 20.90 72.44 3.74
C LYS D 914 22.20 72.03 4.39
N LEU D 915 23.05 71.34 3.64
CA LEU D 915 24.36 70.90 4.11
C LEU D 915 25.40 71.95 3.72
N ARG D 916 26.17 72.40 4.72
CA ARG D 916 27.17 73.46 4.55
C ARG D 916 28.54 73.10 5.10
N VAL D 917 29.60 73.53 4.39
CA VAL D 917 30.99 73.36 4.78
C VAL D 917 31.67 74.73 4.64
N HIS D 918 32.15 75.26 5.77
CA HIS D 918 32.83 76.56 5.89
C HIS D 918 32.03 77.71 5.20
N GLY D 919 30.76 77.81 5.58
CA GLY D 919 29.82 78.83 5.09
C GLY D 919 29.36 78.71 3.65
N ARG D 920 29.54 77.53 3.01
CA ARG D 920 29.13 77.32 1.62
C ARG D 920 28.15 76.16 1.50
N ASN D 921 27.03 76.36 0.78
CA ASN D 921 25.99 75.34 0.55
C ASN D 921 26.46 74.31 -0.47
N LEU D 922 26.52 73.03 -0.07
CA LEU D 922 26.94 71.92 -0.95
C LEU D 922 25.73 71.19 -1.54
N LEU D 923 24.69 70.96 -0.71
CA LEU D 923 23.49 70.23 -1.09
C LEU D 923 22.29 70.68 -0.25
N SER D 924 21.09 70.58 -0.85
CA SER D 924 19.83 70.93 -0.19
C SER D 924 18.78 69.85 -0.43
N ILE D 925 18.19 69.32 0.64
CA ILE D 925 17.15 68.28 0.61
C ILE D 925 15.87 68.89 1.18
N ASP D 926 14.91 69.18 0.30
CA ASP D 926 13.64 69.81 0.69
C ASP D 926 12.48 68.88 0.38
N TYR D 927 11.62 68.65 1.39
CA TYR D 927 10.43 67.81 1.21
C TYR D 927 9.18 68.67 1.22
N ASP D 928 8.39 68.61 0.13
CA ASP D 928 7.14 69.34 -0.04
C ASP D 928 5.97 68.36 0.21
N ARG D 929 5.33 68.47 1.40
CA ARG D 929 4.22 67.60 1.84
C ARG D 929 2.97 67.68 0.95
N ASN D 930 2.73 68.84 0.30
CA ASN D 930 1.58 69.06 -0.59
C ASN D 930 1.66 68.23 -1.88
N ILE D 931 2.84 68.17 -2.51
CA ILE D 931 3.04 67.44 -3.77
C ILE D 931 3.79 66.11 -3.56
N ARG D 932 4.17 65.79 -2.30
CA ARG D 932 4.87 64.55 -1.89
C ARG D 932 6.20 64.32 -2.64
N THR D 933 6.93 65.40 -2.94
CA THR D 933 8.21 65.33 -3.65
C THR D 933 9.35 65.76 -2.74
N GLU D 934 10.51 65.11 -2.90
CA GLU D 934 11.72 65.40 -2.17
C GLU D 934 12.75 65.90 -3.17
N LYS D 935 13.00 67.21 -3.18
CA LYS D 935 13.96 67.85 -4.10
C LYS D 935 15.34 67.91 -3.45
N ILE D 936 16.31 67.30 -4.13
CA ILE D 936 17.73 67.29 -3.74
C ILE D 936 18.43 68.08 -4.83
N TYR D 937 19.11 69.16 -4.45
CA TYR D 937 19.76 70.02 -5.42
C TYR D 937 21.05 70.64 -4.96
N ASP D 938 21.85 71.01 -5.94
CA ASP D 938 23.14 71.69 -5.83
C ASP D 938 22.87 73.20 -5.83
N ASP D 939 23.83 74.00 -5.35
CA ASP D 939 23.67 75.45 -5.33
C ASP D 939 24.13 76.12 -6.65
N HIS D 940 24.71 75.34 -7.58
CA HIS D 940 25.26 75.85 -8.84
C HIS D 940 24.68 75.22 -10.13
N ARG D 941 23.42 74.75 -10.08
CA ARG D 941 22.66 74.13 -11.19
C ARG D 941 23.32 72.87 -11.82
N LYS D 942 24.24 72.20 -11.10
CA LYS D 942 24.93 71.00 -11.58
C LYS D 942 24.15 69.70 -11.34
N PHE D 943 23.44 69.59 -10.19
CA PHE D 943 22.69 68.40 -9.81
C PHE D 943 21.30 68.74 -9.29
N THR D 944 20.28 67.98 -9.76
CA THR D 944 18.88 68.08 -9.35
C THR D 944 18.22 66.70 -9.43
N LEU D 945 17.67 66.24 -8.31
CA LEU D 945 16.97 64.97 -8.21
C LEU D 945 15.68 65.16 -7.44
N ARG D 946 14.58 64.64 -7.98
CA ARG D 946 13.27 64.67 -7.33
C ARG D 946 12.84 63.24 -7.03
N ILE D 947 12.50 62.95 -5.77
CA ILE D 947 12.01 61.64 -5.35
C ILE D 947 10.52 61.80 -5.01
N ILE D 948 9.66 61.10 -5.77
CA ILE D 948 8.21 61.12 -5.61
C ILE D 948 7.78 60.03 -4.64
N TYR D 949 6.93 60.39 -3.68
CA TYR D 949 6.40 59.47 -2.66
C TYR D 949 4.92 59.19 -2.96
N ASP D 950 4.48 57.94 -2.76
CA ASP D 950 3.08 57.57 -3.00
C ASP D 950 2.16 57.98 -1.83
N GLN D 951 0.85 57.67 -1.93
CA GLN D 951 -0.18 57.97 -0.91
C GLN D 951 0.11 57.31 0.45
N LEU D 952 0.89 56.21 0.47
CA LEU D 952 1.28 55.47 1.66
C LEU D 952 2.60 55.99 2.28
N GLY D 953 3.18 57.01 1.64
CA GLY D 953 4.41 57.66 2.08
C GLY D 953 5.70 56.94 1.73
N ARG D 954 5.67 56.11 0.67
CA ARG D 954 6.84 55.35 0.24
C ARG D 954 7.47 55.96 -1.00
N PRO D 955 8.81 56.13 -1.06
CA PRO D 955 9.44 56.63 -2.30
C PRO D 955 9.28 55.59 -3.40
N PHE D 956 8.79 55.99 -4.57
CA PHE D 956 8.58 55.07 -5.68
C PHE D 956 9.16 55.55 -7.02
N LEU D 957 9.51 56.84 -7.13
CA LEU D 957 10.03 57.38 -8.38
C LEU D 957 11.18 58.35 -8.16
N TRP D 958 12.30 58.11 -8.86
CA TRP D 958 13.52 58.91 -8.82
C TRP D 958 13.70 59.57 -10.18
N LEU D 959 13.45 60.89 -10.25
CA LEU D 959 13.54 61.69 -11.48
C LEU D 959 14.82 62.54 -11.52
N PRO D 960 15.89 62.06 -12.21
CA PRO D 960 17.15 62.81 -12.26
C PRO D 960 17.20 63.88 -13.35
N SER D 961 18.22 64.75 -13.27
CA SER D 961 18.46 65.80 -14.26
C SER D 961 19.34 65.24 -15.39
N SER D 962 19.74 66.09 -16.36
CA SER D 962 20.61 65.76 -17.50
C SER D 962 20.02 64.73 -18.49
N GLY D 963 18.70 64.57 -18.48
CA GLY D 963 17.99 63.65 -19.37
C GLY D 963 18.23 62.17 -19.13
N LEU D 964 18.58 61.81 -17.87
CA LEU D 964 18.84 60.43 -17.45
C LEU D 964 17.56 59.66 -17.22
N ALA D 965 17.63 58.34 -17.43
CA ALA D 965 16.50 57.41 -17.24
C ALA D 965 16.09 57.36 -15.78
N ALA D 966 14.78 57.58 -15.53
CA ALA D 966 14.19 57.58 -14.20
C ALA D 966 14.11 56.15 -13.66
N VAL D 967 14.22 56.01 -12.34
CA VAL D 967 14.11 54.74 -11.65
C VAL D 967 12.77 54.71 -10.91
N ASN D 968 12.01 53.65 -11.07
CA ASN D 968 10.73 53.49 -10.38
C ASN D 968 10.56 52.08 -9.82
N VAL D 969 9.91 51.98 -8.67
CA VAL D 969 9.68 50.71 -7.97
C VAL D 969 8.20 50.40 -7.75
N SER D 970 7.90 49.10 -7.62
CA SER D 970 6.57 48.55 -7.35
C SER D 970 6.61 47.94 -5.96
N TYR D 971 5.46 47.91 -5.30
CA TYR D 971 5.34 47.32 -3.98
C TYR D 971 4.21 46.32 -3.97
N PHE D 972 4.32 45.29 -3.10
CA PHE D 972 3.24 44.34 -2.90
C PHE D 972 2.30 45.01 -1.87
N PHE D 973 1.12 44.41 -1.60
CA PHE D 973 0.14 44.91 -0.63
C PHE D 973 0.74 45.17 0.77
N ASN D 974 1.69 44.30 1.19
CA ASN D 974 2.38 44.35 2.48
C ASN D 974 3.57 45.34 2.54
N GLY D 975 3.75 46.13 1.48
CA GLY D 975 4.81 47.13 1.40
C GLY D 975 6.18 46.62 1.05
N ARG D 976 6.30 45.31 0.75
CA ARG D 976 7.56 44.69 0.33
C ARG D 976 7.80 45.07 -1.12
N LEU D 977 9.07 45.30 -1.48
CA LEU D 977 9.48 45.65 -2.86
C LEU D 977 9.12 44.51 -3.81
N ALA D 978 8.31 44.83 -4.84
CA ALA D 978 7.82 43.86 -5.84
C ALA D 978 8.66 43.85 -7.11
N GLY D 979 9.00 45.04 -7.61
CA GLY D 979 9.80 45.21 -8.82
C GLY D 979 10.58 46.50 -8.85
N LEU D 980 11.53 46.57 -9.78
CA LEU D 980 12.40 47.74 -10.01
C LEU D 980 12.47 48.00 -11.50
N GLN D 981 12.54 49.28 -11.90
CA GLN D 981 12.65 49.66 -13.31
C GLN D 981 13.52 50.89 -13.51
N ARG D 982 14.38 50.86 -14.55
CA ARG D 982 15.25 51.94 -14.98
C ARG D 982 15.18 51.94 -16.50
N GLY D 983 14.30 52.77 -17.03
CA GLY D 983 14.05 52.86 -18.47
C GLY D 983 13.47 51.59 -19.04
N ALA D 984 14.22 50.95 -19.96
CA ALA D 984 13.87 49.70 -20.63
C ALA D 984 14.22 48.45 -19.80
N MET D 985 15.04 48.62 -18.74
CA MET D 985 15.49 47.56 -17.86
C MET D 985 14.55 47.41 -16.66
N SER D 986 14.06 46.18 -16.41
CA SER D 986 13.16 45.87 -15.28
C SER D 986 13.34 44.46 -14.74
N GLU D 987 13.06 44.28 -13.44
CA GLU D 987 13.13 43.00 -12.73
C GLU D 987 11.99 42.97 -11.71
N ARG D 988 10.97 42.14 -11.98
CA ARG D 988 9.77 41.99 -11.14
C ARG D 988 9.70 40.61 -10.51
N THR D 989 8.93 40.48 -9.42
CA THR D 989 8.71 39.22 -8.72
C THR D 989 7.24 39.05 -8.39
N ASP D 990 6.81 37.80 -8.17
CA ASP D 990 5.47 37.42 -7.74
C ASP D 990 5.62 36.64 -6.45
N ILE D 991 4.69 36.82 -5.50
CA ILE D 991 4.78 36.13 -4.22
C ILE D 991 3.59 35.19 -3.95
N ASP D 992 3.82 34.27 -3.02
CA ASP D 992 2.90 33.25 -2.49
C ASP D 992 1.93 33.93 -1.53
N LYS D 993 0.98 33.15 -0.98
CA LYS D 993 0.08 33.61 0.07
C LYS D 993 0.92 33.67 1.37
N GLN D 994 2.03 32.89 1.38
CA GLN D 994 3.02 32.76 2.47
C GLN D 994 4.13 33.84 2.37
N GLY D 995 4.10 34.65 1.32
CA GLY D 995 5.05 35.73 1.09
C GLY D 995 6.37 35.32 0.45
N ARG D 996 6.44 34.07 -0.04
CA ARG D 996 7.64 33.52 -0.68
C ARG D 996 7.60 33.82 -2.18
N ILE D 997 8.75 34.20 -2.76
CA ILE D 997 8.89 34.48 -4.20
C ILE D 997 8.62 33.21 -5.00
N ILE D 998 7.66 33.26 -5.94
CA ILE D 998 7.28 32.13 -6.78
C ILE D 998 7.72 32.31 -8.24
N SER D 999 7.93 33.56 -8.65
CA SER D 999 8.34 33.91 -10.01
C SER D 999 9.23 35.15 -10.01
N ARG D 1000 10.11 35.26 -11.02
CA ARG D 1000 11.02 36.39 -11.25
C ARG D 1000 11.01 36.69 -12.75
N MET D 1001 10.44 37.85 -13.14
CA MET D 1001 10.28 38.28 -14.53
C MET D 1001 11.28 39.38 -14.91
N PHE D 1002 11.96 39.21 -16.05
CA PHE D 1002 12.92 40.18 -16.59
C PHE D 1002 12.31 40.88 -17.81
N ALA D 1003 12.80 42.08 -18.17
CA ALA D 1003 12.24 42.85 -19.30
C ALA D 1003 12.41 42.19 -20.66
N ASP D 1004 13.39 41.27 -20.80
CA ASP D 1004 13.63 40.53 -22.04
C ASP D 1004 12.71 39.29 -22.18
N GLY D 1005 11.81 39.10 -21.21
CA GLY D 1005 10.87 37.99 -21.19
C GLY D 1005 11.33 36.75 -20.46
N LYS D 1006 12.55 36.78 -19.88
CA LYS D 1006 13.12 35.66 -19.12
C LYS D 1006 12.37 35.50 -17.80
N VAL D 1007 11.89 34.28 -17.51
CA VAL D 1007 11.12 33.97 -16.30
C VAL D 1007 11.77 32.81 -15.53
N TRP D 1008 11.99 32.99 -14.22
CA TRP D 1008 12.50 31.97 -13.30
C TRP D 1008 11.33 31.56 -12.43
N SER D 1009 11.13 30.24 -12.24
CA SER D 1009 10.06 29.76 -11.36
C SER D 1009 10.67 29.23 -10.07
N TYR D 1010 9.99 29.48 -8.94
CA TYR D 1010 10.41 29.01 -7.62
C TYR D 1010 9.29 28.11 -7.07
N THR D 1011 9.56 26.81 -6.91
CA THR D 1011 8.61 25.83 -6.39
C THR D 1011 9.05 25.40 -4.99
N TYR D 1012 8.11 25.43 -4.02
CA TYR D 1012 8.38 25.08 -2.63
C TYR D 1012 7.73 23.75 -2.28
N LEU D 1013 8.54 22.76 -1.87
CA LEU D 1013 8.09 21.41 -1.50
C LEU D 1013 8.87 20.91 -0.29
N GLU D 1014 8.25 20.92 0.92
CA GLU D 1014 8.81 20.39 2.18
C GLU D 1014 10.28 20.76 2.46
N LYS D 1015 10.52 22.01 2.95
CA LYS D 1015 11.84 22.58 3.28
C LYS D 1015 12.80 22.71 2.07
N SER D 1016 12.39 22.21 0.88
CA SER D 1016 13.15 22.29 -0.36
C SER D 1016 12.53 23.27 -1.35
N MET D 1017 13.39 24.02 -2.03
CA MET D 1017 12.99 24.99 -3.06
C MET D 1017 13.65 24.58 -4.38
N VAL D 1018 12.87 24.57 -5.46
CA VAL D 1018 13.32 24.20 -6.81
C VAL D 1018 13.23 25.42 -7.71
N LEU D 1019 14.40 25.89 -8.18
CA LEU D 1019 14.51 27.04 -9.04
C LEU D 1019 14.72 26.54 -10.47
N LEU D 1020 13.73 26.78 -11.33
CA LEU D 1020 13.76 26.32 -12.72
C LEU D 1020 13.81 27.48 -13.70
N LEU D 1021 14.74 27.40 -14.67
CA LEU D 1021 14.90 28.39 -15.74
C LEU D 1021 14.22 27.85 -16.99
N GLN D 1022 13.89 28.71 -17.96
CA GLN D 1022 13.22 28.32 -19.20
C GLN D 1022 14.03 27.36 -20.08
N SER D 1023 15.36 27.31 -19.87
CA SER D 1023 16.28 26.40 -20.56
C SER D 1023 16.20 24.97 -19.95
N GLN D 1024 15.34 24.83 -18.91
CA GLN D 1024 15.07 23.64 -18.11
C GLN D 1024 16.26 23.28 -17.19
N ARG D 1025 17.08 24.29 -16.86
CA ARG D 1025 18.20 24.18 -15.91
C ARG D 1025 17.54 24.31 -14.53
N GLN D 1026 17.79 23.34 -13.65
CA GLN D 1026 17.14 23.23 -12.35
C GLN D 1026 18.11 23.22 -11.16
N TYR D 1027 17.87 24.09 -10.18
CA TYR D 1027 18.70 24.21 -8.96
C TYR D 1027 17.82 23.90 -7.75
N ILE D 1028 18.19 22.87 -6.99
CA ILE D 1028 17.44 22.43 -5.80
C ILE D 1028 18.17 22.87 -4.54
N PHE D 1029 17.49 23.67 -3.71
CA PHE D 1029 18.02 24.20 -2.45
C PHE D 1029 17.26 23.55 -1.29
N GLU D 1030 17.96 22.77 -0.46
CA GLU D 1030 17.39 22.08 0.69
C GLU D 1030 17.69 22.84 1.98
N TYR D 1031 16.64 23.20 2.72
CA TYR D 1031 16.78 23.99 3.95
C TYR D 1031 16.42 23.30 5.25
N ASP D 1032 16.82 23.98 6.33
CA ASP D 1032 16.61 23.79 7.76
C ASP D 1032 15.25 24.44 8.07
N SER D 1033 14.78 24.34 9.33
CA SER D 1033 13.57 25.03 9.80
C SER D 1033 13.91 26.53 9.94
N SER D 1034 15.22 26.84 10.16
CA SER D 1034 15.80 28.18 10.33
C SER D 1034 16.21 28.84 8.99
N ASP D 1035 15.74 28.28 7.85
CA ASP D 1035 16.00 28.72 6.48
C ASP D 1035 17.50 28.79 6.15
N ARG D 1036 18.25 27.79 6.64
CA ARG D 1036 19.68 27.63 6.39
C ARG D 1036 19.89 26.38 5.53
N LEU D 1037 20.78 26.44 4.54
CA LEU D 1037 21.03 25.32 3.63
C LEU D 1037 21.68 24.10 4.25
N HIS D 1038 21.17 22.92 3.87
N HIS D 1038 21.22 22.90 3.86
CA HIS D 1038 21.62 21.57 4.22
CA HIS D 1038 21.85 21.64 4.25
C HIS D 1038 22.39 21.01 3.02
C HIS D 1038 22.40 20.93 3.01
N ALA D 1039 21.88 21.30 1.81
CA ALA D 1039 22.33 20.80 0.50
C ALA D 1039 21.87 21.68 -0.66
N VAL D 1040 22.59 21.59 -1.79
CA VAL D 1040 22.30 22.24 -3.08
C VAL D 1040 22.61 21.22 -4.20
N THR D 1041 21.59 20.85 -4.97
CA THR D 1041 21.71 19.96 -6.12
C THR D 1041 21.76 20.86 -7.36
N MET D 1042 22.80 20.70 -8.17
CA MET D 1042 23.03 21.49 -9.37
C MET D 1042 22.29 20.86 -10.57
N PRO D 1043 22.08 21.57 -11.71
CA PRO D 1043 21.46 20.91 -12.88
C PRO D 1043 22.17 19.62 -13.32
N SER D 1044 23.48 19.45 -13.01
CA SER D 1044 24.25 18.23 -13.35
C SER D 1044 23.85 17.02 -12.48
N VAL D 1045 23.00 17.27 -11.45
CA VAL D 1045 22.44 16.32 -10.47
C VAL D 1045 23.50 16.03 -9.38
N ALA D 1046 24.53 16.89 -9.31
CA ALA D 1046 25.61 16.82 -8.32
C ALA D 1046 25.12 17.51 -7.05
N ARG D 1047 25.13 16.79 -5.92
CA ARG D 1047 24.67 17.28 -4.62
C ARG D 1047 25.81 17.77 -3.74
N HIS D 1048 25.80 19.08 -3.46
CA HIS D 1048 26.73 19.81 -2.59
C HIS D 1048 26.06 19.82 -1.21
N SER D 1049 26.82 19.55 -0.14
CA SER D 1049 26.24 19.53 1.21
C SER D 1049 26.97 20.46 2.16
N MET D 1050 26.21 21.10 3.05
CA MET D 1050 26.72 22.08 4.01
C MET D 1050 26.15 21.83 5.39
N SER D 1051 26.91 22.26 6.43
CA SER D 1051 26.52 22.14 7.84
C SER D 1051 27.26 23.14 8.69
N THR D 1052 26.67 23.51 9.82
CA THR D 1052 27.22 24.41 10.81
C THR D 1052 27.09 23.70 12.16
N HIS D 1053 28.08 23.87 13.04
CA HIS D 1053 28.01 23.35 14.40
C HIS D 1053 28.77 24.25 15.38
N THR D 1054 28.36 24.18 16.65
CA THR D 1054 29.01 24.85 17.75
C THR D 1054 30.19 23.94 18.13
N SER D 1055 31.39 24.53 18.19
CA SER D 1055 32.63 23.85 18.53
C SER D 1055 33.18 24.44 19.84
N VAL D 1056 34.45 24.13 20.21
CA VAL D 1056 35.04 24.67 21.42
C VAL D 1056 35.82 25.96 21.08
N GLY D 1057 35.19 27.10 21.37
CA GLY D 1057 35.73 28.45 21.18
C GLY D 1057 35.31 29.18 19.92
N TYR D 1058 34.58 28.50 19.02
CA TYR D 1058 34.16 29.00 17.71
C TYR D 1058 32.96 28.21 17.13
N ILE D 1059 32.45 28.66 15.98
CA ILE D 1059 31.36 28.03 15.25
C ILE D 1059 31.97 27.55 13.93
N ARG D 1060 31.94 26.23 13.69
CA ARG D 1060 32.48 25.61 12.50
C ARG D 1060 31.44 25.54 11.38
N ASN D 1061 31.80 26.06 10.20
CA ASN D 1061 30.95 26.02 8.99
C ASN D 1061 31.65 25.13 8.00
N ILE D 1062 30.99 24.03 7.61
CA ILE D 1062 31.57 23.04 6.69
C ILE D 1062 30.83 22.97 5.38
N TYR D 1063 31.58 23.05 4.27
CA TYR D 1063 31.06 22.86 2.92
C TYR D 1063 31.74 21.62 2.35
N ASN D 1064 30.93 20.65 1.90
CA ASN D 1064 31.41 19.41 1.30
C ASN D 1064 31.08 19.35 -0.19
N PRO D 1065 32.10 19.28 -1.07
CA PRO D 1065 31.84 19.18 -2.53
C PRO D 1065 31.13 17.87 -2.90
N PRO D 1066 30.52 17.76 -4.10
CA PRO D 1066 29.83 16.50 -4.47
C PRO D 1066 30.75 15.28 -4.50
N GLU D 1067 30.32 14.19 -3.81
CA GLU D 1067 31.02 12.90 -3.69
C GLU D 1067 32.48 13.04 -3.22
N SER D 1068 32.73 14.02 -2.34
CA SER D 1068 34.05 14.32 -1.81
C SER D 1068 34.03 14.59 -0.30
N ASN D 1069 35.13 14.27 0.37
CA ASN D 1069 35.37 14.50 1.79
C ASN D 1069 36.32 15.69 1.98
N ALA D 1070 36.69 16.35 0.85
CA ALA D 1070 37.57 17.51 0.79
C ALA D 1070 36.81 18.76 1.24
N SER D 1071 36.54 18.82 2.55
CA SER D 1071 35.79 19.88 3.23
C SER D 1071 36.47 21.23 3.19
N VAL D 1072 35.67 22.28 2.97
CA VAL D 1072 36.09 23.67 3.00
C VAL D 1072 35.42 24.21 4.28
N ILE D 1073 36.25 24.64 5.25
CA ILE D 1073 35.81 25.07 6.57
C ILE D 1073 36.11 26.53 6.87
N PHE D 1074 35.10 27.25 7.40
CA PHE D 1074 35.23 28.62 7.84
C PHE D 1074 34.84 28.67 9.32
N ASP D 1075 35.86 28.79 10.21
CA ASP D 1075 35.66 28.89 11.66
C ASP D 1075 35.53 30.35 12.06
N TYR D 1076 34.40 30.70 12.71
CA TYR D 1076 34.09 32.05 13.18
C TYR D 1076 33.93 32.13 14.68
N SER D 1077 34.34 33.24 15.28
CA SER D 1077 34.19 33.52 16.71
C SER D 1077 32.73 33.92 16.97
N ASP D 1078 32.34 33.98 18.25
CA ASP D 1078 30.99 34.35 18.71
C ASP D 1078 30.53 35.74 18.25
N ASP D 1079 31.49 36.67 18.01
CA ASP D 1079 31.21 38.03 17.54
C ASP D 1079 31.17 38.15 15.99
N GLY D 1080 31.38 37.02 15.30
CA GLY D 1080 31.32 36.94 13.85
C GLY D 1080 32.60 37.27 13.08
N ARG D 1081 33.77 37.16 13.73
CA ARG D 1081 35.09 37.41 13.13
C ARG D 1081 35.71 36.08 12.70
N ILE D 1082 36.32 36.04 11.48
CA ILE D 1082 36.97 34.85 10.93
C ILE D 1082 38.20 34.48 11.77
N LEU D 1083 38.33 33.18 12.10
CA LEU D 1083 39.44 32.65 12.91
C LEU D 1083 40.33 31.70 12.13
N LYS D 1084 39.72 30.86 11.28
CA LYS D 1084 40.42 29.88 10.45
C LYS D 1084 39.64 29.55 9.19
N THR D 1085 40.38 29.42 8.08
CA THR D 1085 39.92 28.98 6.77
C THR D 1085 40.71 27.69 6.51
N SER D 1086 39.99 26.56 6.34
CA SER D 1086 40.55 25.22 6.10
C SER D 1086 40.10 24.62 4.79
N PHE D 1087 41.01 23.92 4.11
CA PHE D 1087 40.76 23.16 2.89
C PHE D 1087 41.33 21.78 3.16
N LEU D 1088 40.47 20.88 3.64
CA LEU D 1088 40.81 19.52 4.06
C LEU D 1088 41.29 18.58 2.95
N GLY D 1089 41.11 18.98 1.68
CA GLY D 1089 41.52 18.19 0.53
C GLY D 1089 43.03 18.03 0.44
N THR D 1090 43.79 19.13 0.57
CA THR D 1090 45.26 19.08 0.54
C THR D 1090 45.86 19.52 1.88
N GLY D 1091 45.07 20.13 2.75
CA GLY D 1091 45.52 20.56 4.07
C GLY D 1091 45.84 22.03 4.21
N ARG D 1092 45.35 22.86 3.27
CA ARG D 1092 45.55 24.31 3.26
C ARG D 1092 44.84 24.96 4.46
N GLN D 1093 45.57 25.81 5.21
CA GLN D 1093 45.02 26.49 6.39
C GLN D 1093 45.50 27.94 6.51
N VAL D 1094 44.57 28.85 6.83
CA VAL D 1094 44.86 30.26 7.10
C VAL D 1094 44.30 30.56 8.49
N PHE D 1095 45.18 30.96 9.43
CA PHE D 1095 44.83 31.29 10.82
C PHE D 1095 44.80 32.81 11.01
N TYR D 1096 43.73 33.33 11.63
CA TYR D 1096 43.56 34.76 11.90
C TYR D 1096 43.52 34.97 13.41
N LYS D 1097 44.48 35.78 13.93
CA LYS D 1097 44.61 36.10 15.36
C LYS D 1097 44.30 37.58 15.63
N TYR D 1098 43.67 37.86 16.77
CA TYR D 1098 43.29 39.22 17.18
C TYR D 1098 43.98 39.58 18.50
N GLY D 1099 44.58 40.77 18.52
CA GLY D 1099 45.36 41.27 19.66
C GLY D 1099 44.59 42.01 20.74
N LYS D 1100 45.37 42.69 21.61
CA LYS D 1100 44.92 43.48 22.76
C LYS D 1100 43.96 44.64 22.41
N LEU D 1101 43.98 45.12 21.15
CA LEU D 1101 43.12 46.22 20.69
C LEU D 1101 41.87 45.71 19.97
N SER D 1102 41.63 44.38 20.02
CA SER D 1102 40.52 43.66 19.36
C SER D 1102 40.58 43.78 17.81
N LYS D 1103 41.77 44.10 17.29
CA LYS D 1103 42.09 44.25 15.87
C LYS D 1103 42.98 43.09 15.45
N LEU D 1104 42.99 42.77 14.14
CA LEU D 1104 43.80 41.72 13.53
C LEU D 1104 45.27 41.93 13.90
N SER D 1105 45.88 40.93 14.54
CA SER D 1105 47.28 41.02 14.99
C SER D 1105 48.22 40.09 14.24
N GLU D 1106 47.72 38.93 13.79
CA GLU D 1106 48.53 37.94 13.08
C GLU D 1106 47.73 37.09 12.09
N ILE D 1107 48.36 36.79 10.95
CA ILE D 1107 47.85 35.88 9.91
C ILE D 1107 48.95 34.84 9.71
N VAL D 1108 48.62 33.55 9.89
CA VAL D 1108 49.58 32.45 9.74
C VAL D 1108 49.05 31.45 8.72
N TYR D 1109 49.86 31.14 7.69
CA TYR D 1109 49.58 30.16 6.64
C TYR D 1109 50.88 29.54 6.19
N ASP D 1110 50.91 28.19 6.06
CA ASP D 1110 52.09 27.41 5.67
C ASP D 1110 53.25 27.69 6.64
N SER D 1111 54.36 28.29 6.16
CA SER D 1111 55.51 28.66 7.01
C SER D 1111 55.63 30.19 7.10
N THR D 1112 54.60 30.90 6.63
CA THR D 1112 54.54 32.36 6.61
C THR D 1112 53.73 32.90 7.78
N ALA D 1113 54.29 33.92 8.45
CA ALA D 1113 53.67 34.62 9.58
C ALA D 1113 53.63 36.11 9.24
N VAL D 1114 52.42 36.69 9.28
CA VAL D 1114 52.17 38.10 8.99
C VAL D 1114 51.77 38.79 10.29
N THR D 1115 52.55 39.79 10.72
CA THR D 1115 52.26 40.52 11.97
C THR D 1115 51.78 41.95 11.71
N PHE D 1116 50.74 42.35 12.45
CA PHE D 1116 50.16 43.69 12.38
C PHE D 1116 50.50 44.42 13.67
N GLY D 1117 51.44 45.36 13.56
CA GLY D 1117 51.93 46.16 14.67
C GLY D 1117 51.15 47.45 14.82
N TYR D 1118 50.65 47.70 16.03
CA TYR D 1118 49.88 48.90 16.33
C TYR D 1118 50.64 49.78 17.30
N ASP D 1119 50.43 51.10 17.20
CA ASP D 1119 51.08 52.07 18.07
C ASP D 1119 50.56 51.88 19.50
N GLU D 1120 51.48 51.86 20.47
CA GLU D 1120 51.17 51.64 21.89
C GLU D 1120 50.24 52.70 22.49
N THR D 1121 50.30 53.95 22.01
CA THR D 1121 49.52 55.09 22.50
C THR D 1121 48.31 55.45 21.62
N THR D 1122 48.53 55.65 20.29
CA THR D 1122 47.49 56.07 19.34
C THR D 1122 46.59 54.92 18.84
N GLY D 1123 47.07 53.68 18.93
CA GLY D 1123 46.31 52.50 18.49
C GLY D 1123 46.20 52.30 16.99
N VAL D 1124 46.80 53.22 16.21
CA VAL D 1124 46.79 53.16 14.75
C VAL D 1124 47.72 52.07 14.24
N LEU D 1125 47.41 51.52 13.04
CA LEU D 1125 48.24 50.52 12.39
C LEU D 1125 49.53 51.20 11.97
N LYS D 1126 50.63 50.73 12.56
CA LYS D 1126 51.98 51.26 12.37
C LYS D 1126 52.77 50.38 11.39
N MET D 1127 52.61 49.05 11.48
CA MET D 1127 53.38 48.09 10.69
C MET D 1127 52.58 46.85 10.26
N VAL D 1128 52.93 46.32 9.07
CA VAL D 1128 52.41 45.09 8.49
C VAL D 1128 53.66 44.36 7.99
N ASN D 1129 54.07 43.29 8.69
CA ASN D 1129 55.27 42.55 8.33
C ASN D 1129 55.02 41.09 7.99
N LEU D 1130 55.31 40.70 6.73
CA LEU D 1130 55.20 39.34 6.24
C LEU D 1130 56.58 38.70 6.39
N GLN D 1131 56.65 37.53 7.05
CA GLN D 1131 57.90 36.79 7.27
C GLN D 1131 57.75 35.34 6.80
N SER D 1132 58.45 34.97 5.73
CA SER D 1132 58.45 33.61 5.18
C SER D 1132 59.89 33.11 5.08
N GLY D 1133 60.41 32.68 6.23
CA GLY D 1133 61.78 32.20 6.37
C GLY D 1133 62.77 33.35 6.29
N GLY D 1134 63.57 33.35 5.21
CA GLY D 1134 64.56 34.39 4.95
C GLY D 1134 63.94 35.68 4.46
N PHE D 1135 62.93 35.56 3.56
CA PHE D 1135 62.21 36.69 2.99
C PHE D 1135 61.39 37.42 4.03
N SER D 1136 61.45 38.76 3.98
CA SER D 1136 60.71 39.65 4.85
C SER D 1136 60.22 40.83 4.02
N CYS D 1137 58.94 41.16 4.18
CA CYS D 1137 58.31 42.29 3.50
C CYS D 1137 57.58 43.12 4.55
N THR D 1138 58.07 44.34 4.78
CA THR D 1138 57.51 45.23 5.79
C THR D 1138 56.90 46.48 5.19
N ILE D 1139 55.66 46.79 5.60
CA ILE D 1139 54.94 48.02 5.22
C ILE D 1139 54.77 48.83 6.50
N ARG D 1140 55.28 50.06 6.52
CA ARG D 1140 55.18 50.94 7.69
C ARG D 1140 54.41 52.20 7.37
N TYR D 1141 53.57 52.64 8.32
CA TYR D 1141 52.74 53.83 8.17
C TYR D 1141 52.97 54.84 9.28
N ARG D 1142 52.85 56.12 8.91
CA ARG D 1142 52.86 57.27 9.81
C ARG D 1142 51.52 57.93 9.54
N LYS D 1143 50.80 58.31 10.59
CA LYS D 1143 49.46 58.88 10.43
C LYS D 1143 49.24 60.22 11.12
N ILE D 1144 48.38 61.07 10.52
CA ILE D 1144 47.90 62.36 11.03
C ILE D 1144 46.47 62.00 11.41
N GLY D 1145 46.27 61.64 12.68
CA GLY D 1145 44.99 61.16 13.16
C GLY D 1145 44.72 59.81 12.50
N PRO D 1146 43.59 59.65 11.76
CA PRO D 1146 43.35 58.37 11.07
C PRO D 1146 43.87 58.34 9.62
N LEU D 1147 44.45 59.46 9.12
CA LEU D 1147 44.94 59.62 7.74
C LEU D 1147 46.42 59.31 7.55
N VAL D 1148 46.75 58.50 6.53
CA VAL D 1148 48.14 58.12 6.19
C VAL D 1148 48.85 59.31 5.56
N ASP D 1149 50.02 59.70 6.10
CA ASP D 1149 50.84 60.79 5.55
C ASP D 1149 52.20 60.27 5.05
N LYS D 1150 52.49 58.97 5.31
CA LYS D 1150 53.73 58.29 4.92
C LYS D 1150 53.51 56.77 4.84
N GLN D 1151 53.97 56.16 3.75
CA GLN D 1151 53.89 54.72 3.48
C GLN D 1151 55.27 54.24 3.02
N ILE D 1152 55.90 53.34 3.79
CA ILE D 1152 57.25 52.79 3.51
C ILE D 1152 57.15 51.29 3.20
N TYR D 1153 57.87 50.85 2.16
CA TYR D 1153 57.97 49.44 1.74
C TYR D 1153 59.43 49.02 1.95
N ARG D 1154 59.67 47.97 2.75
CA ARG D 1154 61.02 47.48 3.03
C ARG D 1154 61.14 45.97 2.82
N PHE D 1155 62.24 45.53 2.17
CA PHE D 1155 62.49 44.12 1.84
C PHE D 1155 63.85 43.63 2.31
N SER D 1156 63.93 42.35 2.68
CA SER D 1156 65.15 41.69 3.16
C SER D 1156 66.01 41.16 2.00
N GLU D 1157 65.37 40.82 0.86
CA GLU D 1157 66.02 40.28 -0.34
C GLU D 1157 67.15 41.14 -0.86
N GLU D 1158 68.20 40.48 -1.40
CA GLU D 1158 69.41 41.11 -1.93
C GLU D 1158 69.17 42.13 -3.04
N GLY D 1159 68.48 41.72 -4.09
CA GLY D 1159 68.22 42.57 -5.25
C GLY D 1159 67.05 43.52 -5.19
N MET D 1160 66.06 43.22 -4.31
CA MET D 1160 64.82 44.00 -4.19
C MET D 1160 65.02 45.41 -3.67
N VAL D 1161 64.30 46.37 -4.28
CA VAL D 1161 64.36 47.80 -3.97
C VAL D 1161 63.24 48.21 -3.01
N ASN D 1162 63.52 49.20 -2.15
CA ASN D 1162 62.57 49.74 -1.19
C ASN D 1162 61.83 50.94 -1.77
N ALA D 1163 60.70 51.33 -1.16
CA ALA D 1163 59.88 52.47 -1.60
C ALA D 1163 59.37 53.31 -0.43
N ARG D 1164 59.13 54.60 -0.70
CA ARG D 1164 58.63 55.58 0.26
C ARG D 1164 57.64 56.49 -0.47
N PHE D 1165 56.47 56.74 0.15
CA PHE D 1165 55.45 57.61 -0.40
C PHE D 1165 55.04 58.60 0.67
N ASP D 1166 55.28 59.89 0.43
CA ASP D 1166 54.93 60.98 1.34
C ASP D 1166 53.66 61.64 0.85
N TYR D 1167 52.71 61.84 1.76
CA TYR D 1167 51.41 62.45 1.46
C TYR D 1167 51.22 63.72 2.27
N THR D 1168 50.56 64.72 1.66
CA THR D 1168 50.17 65.97 2.32
C THR D 1168 48.68 66.13 2.07
N TYR D 1169 48.00 66.82 3.00
CA TYR D 1169 46.57 67.05 2.90
C TYR D 1169 46.26 68.52 2.74
N HIS D 1170 45.18 68.84 2.01
CA HIS D 1170 44.75 70.23 1.80
C HIS D 1170 44.35 70.84 3.14
N ASP D 1171 44.63 72.13 3.32
CA ASP D 1171 44.31 72.87 4.54
C ASP D 1171 42.83 72.77 4.84
N ASN D 1172 42.50 72.52 6.12
CA ASN D 1172 41.13 72.43 6.66
C ASN D 1172 40.27 71.37 5.95
N SER D 1173 40.87 70.21 5.62
CA SER D 1173 40.19 69.10 4.93
C SER D 1173 40.89 67.74 5.15
N PHE D 1174 40.27 66.67 4.64
CA PHE D 1174 40.74 65.29 4.66
C PHE D 1174 41.17 64.88 3.23
N ARG D 1175 41.22 65.87 2.30
CA ARG D 1175 41.60 65.69 0.89
C ARG D 1175 43.11 65.59 0.73
N ILE D 1176 43.58 64.55 0.01
CA ILE D 1176 45.00 64.35 -0.29
C ILE D 1176 45.40 65.43 -1.32
N ALA D 1177 46.41 66.25 -0.99
CA ALA D 1177 46.88 67.33 -1.85
C ALA D 1177 48.04 66.92 -2.74
N SER D 1178 48.95 66.06 -2.21
CA SER D 1178 50.13 65.62 -2.93
C SER D 1178 50.61 64.22 -2.55
N ILE D 1179 51.32 63.58 -3.49
CA ILE D 1179 51.98 62.27 -3.34
C ILE D 1179 53.41 62.46 -3.85
N LYS D 1180 54.41 62.19 -3.00
CA LYS D 1180 55.81 62.30 -3.37
C LYS D 1180 56.49 60.92 -3.26
N PRO D 1181 56.68 60.20 -4.40
CA PRO D 1181 57.32 58.87 -4.33
C PRO D 1181 58.85 58.91 -4.37
N ILE D 1182 59.47 57.94 -3.70
CA ILE D 1182 60.93 57.71 -3.67
C ILE D 1182 61.14 56.18 -3.75
N ILE D 1183 61.41 55.67 -4.98
CA ILE D 1183 61.66 54.24 -5.22
C ILE D 1183 63.16 54.05 -5.47
N SER D 1184 63.80 53.09 -4.76
CA SER D 1184 65.23 52.76 -4.85
C SER D 1184 66.14 53.98 -4.66
N GLU D 1185 65.80 54.83 -3.67
CA GLU D 1185 66.52 56.08 -3.32
C GLU D 1185 66.58 57.08 -4.51
N THR D 1186 65.62 56.96 -5.46
CA THR D 1186 65.47 57.82 -6.63
C THR D 1186 64.16 58.63 -6.47
N PRO D 1187 64.22 59.93 -6.11
CA PRO D 1187 62.98 60.71 -5.96
C PRO D 1187 62.28 60.91 -7.31
N LEU D 1188 60.95 60.77 -7.30
CA LEU D 1188 60.10 60.93 -8.48
C LEU D 1188 59.31 62.25 -8.38
N PRO D 1189 58.80 62.82 -9.50
CA PRO D 1189 58.02 64.07 -9.39
C PRO D 1189 56.76 63.95 -8.54
N VAL D 1190 56.41 65.05 -7.83
CA VAL D 1190 55.23 65.12 -6.97
C VAL D 1190 53.96 65.22 -7.82
N ASP D 1191 52.92 64.48 -7.42
CA ASP D 1191 51.63 64.51 -8.10
C ASP D 1191 50.68 65.33 -7.26
N LEU D 1192 50.24 66.46 -7.81
CA LEU D 1192 49.34 67.37 -7.13
C LEU D 1192 47.90 67.05 -7.46
N TYR D 1193 47.02 67.16 -6.45
CA TYR D 1193 45.58 66.90 -6.57
C TYR D 1193 44.79 68.15 -6.23
N ARG D 1194 43.91 68.57 -7.14
CA ARG D 1194 43.05 69.75 -6.97
C ARG D 1194 41.60 69.30 -7.05
N TYR D 1195 40.75 69.85 -6.17
CA TYR D 1195 39.35 69.46 -6.07
C TYR D 1195 38.40 70.64 -6.07
N ASP D 1196 37.11 70.37 -6.38
CA ASP D 1196 36.03 71.35 -6.29
C ASP D 1196 35.56 71.24 -4.83
N GLU D 1197 35.63 72.36 -4.08
CA GLU D 1197 35.27 72.40 -2.66
C GLU D 1197 33.78 72.21 -2.37
N ILE D 1198 32.91 72.37 -3.40
CA ILE D 1198 31.45 72.24 -3.30
C ILE D 1198 30.96 70.81 -3.55
N SER D 1199 31.66 70.04 -4.41
CA SER D 1199 31.27 68.69 -4.81
C SER D 1199 32.26 67.57 -4.46
N GLY D 1200 33.54 67.91 -4.30
CA GLY D 1200 34.59 66.94 -4.03
C GLY D 1200 35.16 66.34 -5.29
N LYS D 1201 34.73 66.83 -6.47
CA LYS D 1201 35.17 66.41 -7.81
C LYS D 1201 36.66 66.67 -7.98
N VAL D 1202 37.41 65.67 -8.49
CA VAL D 1202 38.84 65.82 -8.76
C VAL D 1202 38.93 66.66 -10.05
N GLU D 1203 39.47 67.87 -9.94
CA GLU D 1203 39.61 68.79 -11.06
C GLU D 1203 40.98 68.66 -11.73
N HIS D 1204 41.99 68.19 -10.98
CA HIS D 1204 43.34 68.03 -11.47
C HIS D 1204 44.08 66.94 -10.71
N PHE D 1205 44.72 66.02 -11.45
CA PHE D 1205 45.54 64.93 -10.92
C PHE D 1205 46.81 64.78 -11.74
N GLY D 1206 47.96 64.99 -11.09
CA GLY D 1206 49.26 64.94 -11.73
C GLY D 1206 49.41 66.04 -12.75
N LYS D 1207 49.36 65.66 -14.03
CA LYS D 1207 49.42 66.58 -15.17
C LYS D 1207 48.07 66.71 -15.90
N PHE D 1208 47.08 65.90 -15.50
CA PHE D 1208 45.74 65.82 -16.09
C PHE D 1208 44.69 66.70 -15.41
N GLY D 1209 43.90 67.39 -16.23
CA GLY D 1209 42.78 68.22 -15.80
C GLY D 1209 41.47 67.53 -16.12
N VAL D 1210 40.47 67.63 -15.23
CA VAL D 1210 39.17 66.97 -15.44
C VAL D 1210 38.04 67.99 -15.57
N ILE D 1211 37.23 67.83 -16.63
CA ILE D 1211 36.05 68.64 -16.93
C ILE D 1211 34.81 67.75 -16.81
N TYR D 1212 33.79 68.25 -16.11
CA TYR D 1212 32.53 67.54 -15.91
C TYR D 1212 31.38 68.31 -16.53
N TYR D 1213 30.57 67.61 -17.34
CA TYR D 1213 29.36 68.15 -17.97
C TYR D 1213 28.34 67.03 -17.92
N ASP D 1214 27.22 67.24 -17.19
CA ASP D 1214 26.17 66.25 -16.93
C ASP D 1214 26.84 65.05 -16.19
N ILE D 1215 26.81 63.83 -16.77
CA ILE D 1215 27.48 62.66 -16.18
C ILE D 1215 28.72 62.27 -17.02
N ASN D 1216 29.00 63.02 -18.10
CA ASN D 1216 30.13 62.78 -19.00
C ASN D 1216 31.40 63.47 -18.47
N GLN D 1217 32.59 62.88 -18.78
CA GLN D 1217 33.88 63.38 -18.31
C GLN D 1217 34.93 63.54 -19.41
N ILE D 1218 35.79 64.57 -19.26
CA ILE D 1218 36.88 64.86 -20.19
C ILE D 1218 38.19 65.00 -19.40
N ILE D 1219 39.15 64.14 -19.71
CA ILE D 1219 40.49 64.19 -19.10
C ILE D 1219 41.38 64.89 -20.14
N THR D 1220 41.97 66.04 -19.77
CA THR D 1220 42.76 66.85 -20.69
C THR D 1220 44.19 67.13 -20.23
N THR D 1221 45.05 67.38 -21.22
CA THR D 1221 46.47 67.74 -21.18
C THR D 1221 46.61 68.66 -22.41
N ALA D 1222 47.73 69.40 -22.53
CA ALA D 1222 48.00 70.26 -23.67
C ALA D 1222 48.12 69.42 -24.97
N VAL D 1223 48.40 68.12 -24.80
CA VAL D 1223 48.58 67.13 -25.87
C VAL D 1223 47.31 66.28 -26.11
N MET D 1224 46.79 65.63 -25.04
CA MET D 1224 45.65 64.72 -25.16
C MET D 1224 44.32 65.21 -24.55
N THR D 1225 43.21 64.61 -25.01
CA THR D 1225 41.84 64.77 -24.53
C THR D 1225 41.15 63.39 -24.59
N LEU D 1226 40.73 62.85 -23.45
CA LEU D 1226 40.02 61.57 -23.35
C LEU D 1226 38.57 61.89 -22.95
N SER D 1227 37.64 61.79 -23.91
CA SER D 1227 36.21 62.07 -23.69
C SER D 1227 35.42 60.80 -23.52
N LYS D 1228 34.73 60.70 -22.37
CA LYS D 1228 33.89 59.55 -22.02
C LYS D 1228 32.43 59.99 -21.99
N HIS D 1229 31.61 59.38 -22.85
CA HIS D 1229 30.18 59.65 -23.01
C HIS D 1229 29.37 58.47 -22.49
N PHE D 1230 28.38 58.77 -21.64
CA PHE D 1230 27.51 57.76 -21.02
C PHE D 1230 26.07 57.95 -21.47
N ASP D 1231 25.33 56.84 -21.61
CA ASP D 1231 23.92 56.86 -22.01
C ASP D 1231 23.00 57.18 -20.82
N THR D 1232 21.67 57.14 -21.02
CA THR D 1232 20.63 57.43 -20.02
C THR D 1232 20.67 56.51 -18.78
N HIS D 1233 21.27 55.31 -18.92
CA HIS D 1233 21.40 54.32 -17.83
C HIS D 1233 22.77 54.41 -17.14
N GLY D 1234 23.54 55.45 -17.47
CA GLY D 1234 24.87 55.68 -16.92
C GLY D 1234 25.94 54.74 -17.44
N ARG D 1235 25.64 54.01 -18.52
CA ARG D 1235 26.57 53.06 -19.13
C ARG D 1235 27.34 53.74 -20.25
N ILE D 1236 28.64 53.43 -20.37
CA ILE D 1236 29.51 54.01 -21.39
C ILE D 1236 28.96 53.71 -22.81
N LYS D 1237 28.81 54.75 -23.64
CA LYS D 1237 28.31 54.62 -25.00
C LYS D 1237 29.35 55.03 -26.05
N GLU D 1238 30.28 55.93 -25.67
CA GLU D 1238 31.34 56.40 -26.55
C GLU D 1238 32.57 56.89 -25.80
N VAL D 1239 33.76 56.45 -26.26
CA VAL D 1239 35.06 56.87 -25.77
C VAL D 1239 35.78 57.50 -26.97
N GLN D 1240 36.37 58.67 -26.76
CA GLN D 1240 37.07 59.42 -27.79
C GLN D 1240 38.44 59.84 -27.23
N TYR D 1241 39.51 59.25 -27.73
CA TYR D 1241 40.88 59.54 -27.33
C TYR D 1241 41.58 60.29 -28.46
N GLU D 1242 41.89 61.57 -28.21
CA GLU D 1242 42.54 62.47 -29.16
C GLU D 1242 43.91 62.89 -28.65
N MET D 1243 44.87 63.00 -29.56
CA MET D 1243 46.25 63.45 -29.28
C MET D 1243 46.60 64.43 -30.37
N PHE D 1244 47.16 65.61 -29.99
CA PHE D 1244 47.56 66.68 -30.90
C PHE D 1244 46.42 67.09 -31.85
N ARG D 1245 45.18 67.18 -31.30
CA ARG D 1245 43.92 67.53 -31.97
C ARG D 1245 43.54 66.58 -33.11
N SER D 1246 44.05 65.33 -33.06
CA SER D 1246 43.78 64.28 -34.03
C SER D 1246 43.28 63.05 -33.30
N LEU D 1247 42.22 62.42 -33.84
CA LEU D 1247 41.60 61.23 -33.26
C LEU D 1247 42.48 59.99 -33.38
N MET D 1248 42.87 59.44 -32.21
CA MET D 1248 43.73 58.26 -32.10
C MET D 1248 42.96 56.97 -31.83
N TYR D 1249 41.86 57.06 -31.08
CA TYR D 1249 41.03 55.92 -30.73
C TYR D 1249 39.59 56.34 -30.40
N TRP D 1250 38.62 55.59 -30.92
CA TRP D 1250 37.21 55.77 -30.61
C TRP D 1250 36.49 54.44 -30.53
N MET D 1251 35.66 54.27 -29.51
CA MET D 1251 34.85 53.09 -29.27
C MET D 1251 33.39 53.51 -29.00
N THR D 1252 32.43 52.74 -29.51
CA THR D 1252 31.01 52.92 -29.24
C THR D 1252 30.43 51.61 -28.75
N VAL D 1253 29.74 51.65 -27.60
CA VAL D 1253 29.11 50.47 -27.02
C VAL D 1253 27.59 50.63 -27.04
N GLN D 1254 26.89 49.56 -27.47
CA GLN D 1254 25.43 49.48 -27.54
C GLN D 1254 24.99 48.31 -26.68
N TYR D 1255 23.88 48.49 -25.97
CA TYR D 1255 23.34 47.51 -25.03
C TYR D 1255 21.93 47.08 -25.38
N ASP D 1256 21.50 45.90 -24.88
CA ASP D 1256 20.12 45.45 -25.04
C ASP D 1256 19.29 45.97 -23.86
N SER D 1257 18.01 45.55 -23.73
CA SER D 1257 17.11 45.96 -22.65
C SER D 1257 17.69 45.68 -21.25
N MET D 1258 18.38 44.53 -21.08
CA MET D 1258 18.95 44.10 -19.80
C MET D 1258 20.36 44.62 -19.49
N GLY D 1259 20.92 45.49 -20.34
CA GLY D 1259 22.24 46.05 -20.13
C GLY D 1259 23.39 45.18 -20.59
N ARG D 1260 23.12 44.23 -21.50
CA ARG D 1260 24.15 43.35 -22.08
C ARG D 1260 24.71 44.03 -23.32
N VAL D 1261 26.05 44.03 -23.46
CA VAL D 1261 26.76 44.59 -24.62
C VAL D 1261 26.37 43.78 -25.86
N THR D 1262 25.74 44.43 -26.86
CA THR D 1262 25.31 43.78 -28.10
C THR D 1262 26.12 44.22 -29.31
N LYS D 1263 26.69 45.43 -29.26
CA LYS D 1263 27.49 45.97 -30.35
C LYS D 1263 28.64 46.83 -29.84
N ARG D 1264 29.83 46.64 -30.40
CA ARG D 1264 31.03 47.42 -30.09
C ARG D 1264 31.75 47.79 -31.38
N GLU D 1265 31.95 49.09 -31.63
CA GLU D 1265 32.68 49.57 -32.79
C GLU D 1265 34.03 50.07 -32.29
N LEU D 1266 35.13 49.66 -32.94
CA LEU D 1266 36.47 50.04 -32.51
C LEU D 1266 37.36 50.51 -33.66
N LYS D 1267 38.03 51.65 -33.46
CA LYS D 1267 39.00 52.21 -34.38
C LYS D 1267 40.29 52.42 -33.58
N LEU D 1268 41.30 51.56 -33.82
CA LEU D 1268 42.58 51.59 -33.12
C LEU D 1268 43.65 52.18 -34.01
N GLY D 1269 43.88 53.48 -33.86
CA GLY D 1269 44.85 54.21 -34.67
C GLY D 1269 44.16 55.23 -35.54
N PRO D 1270 44.86 56.33 -35.93
CA PRO D 1270 44.21 57.35 -36.77
C PRO D 1270 43.90 56.93 -38.21
N TYR D 1271 44.64 55.95 -38.75
CA TYR D 1271 44.48 55.50 -40.15
C TYR D 1271 43.90 54.09 -40.29
N ALA D 1272 43.72 53.37 -39.17
CA ALA D 1272 43.17 52.02 -39.19
C ALA D 1272 41.66 51.99 -39.44
N ASN D 1273 41.16 50.87 -39.99
CA ASN D 1273 39.74 50.66 -40.29
C ASN D 1273 38.92 50.50 -38.99
N THR D 1274 37.61 50.76 -39.09
CA THR D 1274 36.68 50.59 -37.96
C THR D 1274 36.11 49.17 -38.00
N THR D 1275 36.27 48.43 -36.89
CA THR D 1275 35.78 47.06 -36.75
C THR D 1275 34.52 47.02 -35.89
N LYS D 1276 33.46 46.36 -36.39
CA LYS D 1276 32.18 46.20 -35.74
C LYS D 1276 32.05 44.79 -35.16
N TYR D 1277 31.82 44.69 -33.84
CA TYR D 1277 31.63 43.42 -33.14
C TYR D 1277 30.20 43.33 -32.65
N THR D 1278 29.48 42.27 -33.04
CA THR D 1278 28.10 42.03 -32.60
C THR D 1278 28.03 40.80 -31.73
N TYR D 1279 27.31 40.89 -30.60
CA TYR D 1279 27.21 39.85 -29.59
C TYR D 1279 25.78 39.33 -29.41
N ASP D 1280 25.63 37.99 -29.43
CA ASP D 1280 24.35 37.31 -29.22
C ASP D 1280 24.44 36.45 -27.98
N TYR D 1281 23.37 36.46 -27.17
CA TYR D 1281 23.30 35.74 -25.90
C TYR D 1281 22.29 34.60 -25.95
N ASP D 1282 22.54 33.52 -25.19
CA ASP D 1282 21.62 32.39 -25.12
C ASP D 1282 20.41 32.74 -24.24
N GLY D 1283 19.51 31.77 -24.03
CA GLY D 1283 18.30 31.94 -23.22
C GLY D 1283 18.52 32.29 -21.76
N ASP D 1284 19.75 32.05 -21.27
CA ASP D 1284 20.16 32.34 -19.88
C ASP D 1284 21.09 33.55 -19.79
N GLY D 1285 21.27 34.27 -20.90
CA GLY D 1285 22.10 35.47 -20.96
C GLY D 1285 23.60 35.23 -21.00
N GLN D 1286 24.01 34.04 -21.43
CA GLN D 1286 25.40 33.63 -21.59
C GLN D 1286 25.81 33.89 -23.04
N LEU D 1287 26.99 34.51 -23.24
CA LEU D 1287 27.53 34.83 -24.56
C LEU D 1287 27.58 33.61 -25.46
N GLN D 1288 26.80 33.63 -26.54
CA GLN D 1288 26.64 32.52 -27.50
C GLN D 1288 27.52 32.71 -28.74
N SER D 1289 27.54 33.91 -29.31
CA SER D 1289 28.29 34.18 -30.53
C SER D 1289 28.79 35.61 -30.61
N VAL D 1290 29.93 35.77 -31.32
CA VAL D 1290 30.59 37.05 -31.59
C VAL D 1290 30.86 37.10 -33.10
N ALA D 1291 30.30 38.11 -33.79
CA ALA D 1291 30.50 38.31 -35.22
C ALA D 1291 31.38 39.53 -35.46
N VAL D 1292 32.26 39.43 -36.47
CA VAL D 1292 33.19 40.51 -36.86
C VAL D 1292 32.73 41.04 -38.22
N ASN D 1293 32.22 42.30 -38.23
CA ASN D 1293 31.66 42.98 -39.41
C ASN D 1293 30.55 42.14 -40.07
N ASP D 1294 29.58 41.71 -39.24
CA ASP D 1294 28.40 40.88 -39.55
C ASP D 1294 28.75 39.45 -40.05
N ARG D 1295 30.00 38.99 -39.81
CA ARG D 1295 30.46 37.65 -40.18
C ARG D 1295 30.76 36.81 -38.91
N PRO D 1296 30.05 35.66 -38.69
CA PRO D 1296 30.31 34.84 -37.48
C PRO D 1296 31.76 34.35 -37.37
N THR D 1297 32.41 34.64 -36.23
CA THR D 1297 33.81 34.29 -35.95
C THR D 1297 33.98 33.43 -34.70
N TRP D 1298 33.23 33.72 -33.62
CA TRP D 1298 33.31 32.97 -32.37
C TRP D 1298 31.99 32.37 -31.98
N ARG D 1299 32.03 31.12 -31.50
CA ARG D 1299 30.88 30.39 -31.02
C ARG D 1299 31.22 29.88 -29.63
N TYR D 1300 30.29 30.07 -28.69
CA TYR D 1300 30.44 29.63 -27.30
C TYR D 1300 29.24 28.80 -26.93
N SER D 1301 29.48 27.74 -26.14
CA SER D 1301 28.42 26.84 -25.66
C SER D 1301 28.70 26.37 -24.25
N TYR D 1302 27.63 26.14 -23.48
CA TYR D 1302 27.69 25.82 -22.06
C TYR D 1302 26.94 24.55 -21.65
N ASP D 1303 27.48 23.91 -20.62
CA ASP D 1303 27.01 22.74 -19.85
C ASP D 1303 25.72 23.18 -19.14
N LEU D 1304 24.98 22.22 -18.52
CA LEU D 1304 23.79 22.53 -17.71
C LEU D 1304 24.18 23.35 -16.47
N ASN D 1305 25.43 23.22 -15.99
CA ASN D 1305 25.99 23.91 -14.84
C ASN D 1305 26.61 25.25 -15.18
N GLY D 1306 26.64 25.59 -16.46
CA GLY D 1306 27.20 26.85 -16.94
C GLY D 1306 28.68 26.79 -17.24
N ASN D 1307 29.26 25.58 -17.30
CA ASN D 1307 30.67 25.39 -17.66
C ASN D 1307 30.78 25.53 -19.17
N LEU D 1308 31.68 26.42 -19.63
CA LEU D 1308 31.92 26.68 -21.06
C LEU D 1308 32.57 25.43 -21.69
N HIS D 1309 31.79 24.67 -22.46
CA HIS D 1309 32.29 23.43 -23.04
C HIS D 1309 32.58 23.47 -24.56
N LEU D 1310 32.48 24.65 -25.20
CA LEU D 1310 32.73 24.79 -26.64
C LEU D 1310 33.18 26.20 -26.94
N LEU D 1311 34.36 26.35 -27.54
CA LEU D 1311 34.89 27.65 -27.92
C LEU D 1311 35.76 27.59 -29.15
N ASN D 1312 35.89 28.74 -29.83
CA ASN D 1312 36.83 28.89 -30.95
C ASN D 1312 38.04 29.56 -30.28
N PRO D 1313 39.15 28.83 -30.05
CA PRO D 1313 40.29 29.43 -29.34
C PRO D 1313 41.07 30.45 -30.16
N GLY D 1314 41.29 31.61 -29.56
CA GLY D 1314 42.02 32.71 -30.18
C GLY D 1314 41.42 33.16 -31.49
N ASN D 1315 42.19 33.00 -32.56
CA ASN D 1315 41.85 33.37 -33.94
C ASN D 1315 41.30 32.17 -34.74
N SER D 1316 41.45 30.95 -34.19
CA SER D 1316 41.08 29.67 -34.81
C SER D 1316 39.62 29.54 -35.23
N VAL D 1317 39.41 28.83 -36.36
CA VAL D 1317 38.14 28.50 -37.01
C VAL D 1317 37.61 27.21 -36.35
N ARG D 1318 38.55 26.38 -35.86
CA ARG D 1318 38.33 25.09 -35.19
C ARG D 1318 37.55 25.26 -33.88
N LEU D 1319 36.53 24.40 -33.67
CA LEU D 1319 35.68 24.40 -32.49
C LEU D 1319 36.24 23.41 -31.48
N MET D 1320 36.73 23.91 -30.33
CA MET D 1320 37.38 23.09 -29.30
C MET D 1320 36.48 22.75 -28.13
N PRO D 1321 36.49 21.46 -27.70
CA PRO D 1321 35.67 21.08 -26.54
C PRO D 1321 36.43 21.16 -25.21
N LEU D 1322 35.71 21.49 -24.12
CA LEU D 1322 36.26 21.58 -22.77
C LEU D 1322 35.51 20.61 -21.89
N ARG D 1323 36.25 19.88 -21.04
CA ARG D 1323 35.70 18.83 -20.17
C ARG D 1323 35.80 19.21 -18.70
N TYR D 1324 34.78 18.80 -17.92
CA TYR D 1324 34.61 19.09 -16.50
C TYR D 1324 34.21 17.86 -15.71
N ASP D 1325 34.64 17.81 -14.44
CA ASP D 1325 34.25 16.71 -13.55
C ASP D 1325 32.93 17.07 -12.81
N LEU D 1326 32.51 16.22 -11.86
CA LEU D 1326 31.30 16.41 -11.07
C LEU D 1326 31.36 17.61 -10.10
N ARG D 1327 32.58 18.06 -9.76
CA ARG D 1327 32.83 19.22 -8.89
C ARG D 1327 33.04 20.49 -9.74
N ASP D 1328 32.68 20.43 -11.05
CA ASP D 1328 32.79 21.50 -12.05
C ASP D 1328 34.22 21.99 -12.31
N ARG D 1329 35.21 21.15 -11.98
CA ARG D 1329 36.62 21.46 -12.17
C ARG D 1329 36.99 21.03 -13.59
N ILE D 1330 37.70 21.90 -14.32
CA ILE D 1330 38.17 21.62 -15.68
C ILE D 1330 39.17 20.46 -15.67
N THR D 1331 39.07 19.57 -16.67
CA THR D 1331 39.94 18.39 -16.81
C THR D 1331 40.65 18.37 -18.17
N ARG D 1332 40.08 19.04 -19.18
CA ARG D 1332 40.63 19.09 -20.53
C ARG D 1332 40.15 20.31 -21.32
N LEU D 1333 41.04 20.89 -22.14
CA LEU D 1333 40.78 22.01 -23.06
C LEU D 1333 41.34 21.55 -24.41
N GLY D 1334 40.43 21.04 -25.25
CA GLY D 1334 40.76 20.45 -26.54
C GLY D 1334 41.49 19.13 -26.29
N ASP D 1335 42.78 19.12 -26.56
CA ASP D 1335 43.71 18.00 -26.40
C ASP D 1335 44.54 18.14 -25.09
N ILE D 1336 44.60 19.37 -24.53
CA ILE D 1336 45.38 19.71 -23.34
C ILE D 1336 44.70 19.28 -22.02
N PRO D 1337 45.34 18.42 -21.21
CA PRO D 1337 44.73 18.06 -19.92
C PRO D 1337 44.95 19.12 -18.86
N TYR D 1338 43.95 19.32 -18.00
CA TYR D 1338 43.97 20.24 -16.88
C TYR D 1338 43.88 19.45 -15.61
N LYS D 1339 44.50 19.97 -14.55
CA LYS D 1339 44.46 19.34 -13.24
C LYS D 1339 44.14 20.42 -12.22
N ILE D 1340 43.06 20.20 -11.48
CA ILE D 1340 42.60 21.07 -10.40
C ILE D 1340 42.67 20.20 -9.14
N ASP D 1341 43.35 20.66 -8.09
CA ASP D 1341 43.51 19.87 -6.86
C ASP D 1341 42.20 19.69 -6.09
N ASP D 1342 42.23 18.94 -4.97
CA ASP D 1342 41.07 18.65 -4.13
C ASP D 1342 40.53 19.86 -3.37
N ASP D 1343 41.23 21.00 -3.41
CA ASP D 1343 40.81 22.25 -2.76
C ASP D 1343 40.09 23.16 -3.75
N GLY D 1344 40.21 22.82 -5.03
CA GLY D 1344 39.60 23.56 -6.13
C GLY D 1344 40.52 24.55 -6.81
N PHE D 1345 41.84 24.46 -6.54
CA PHE D 1345 42.84 25.35 -7.13
C PHE D 1345 43.55 24.74 -8.33
N LEU D 1346 43.85 25.58 -9.34
CA LEU D 1346 44.59 25.17 -10.55
C LEU D 1346 45.94 24.61 -10.15
N CYS D 1347 46.23 23.42 -10.65
CA CYS D 1347 47.39 22.59 -10.33
C CYS D 1347 48.31 22.43 -11.54
N GLN D 1348 47.73 22.12 -12.72
CA GLN D 1348 48.47 21.89 -13.96
C GLN D 1348 47.62 22.15 -15.20
N ARG D 1349 48.26 22.66 -16.26
CA ARG D 1349 47.68 22.84 -17.58
C ARG D 1349 48.74 22.26 -18.52
N GLY D 1350 48.52 21.01 -18.94
CA GLY D 1350 49.45 20.29 -19.78
C GLY D 1350 50.76 20.13 -19.05
N SER D 1351 51.82 20.79 -19.54
CA SER D 1351 53.15 20.78 -18.94
C SER D 1351 53.39 21.91 -17.91
N ASP D 1352 52.53 22.97 -17.91
CA ASP D 1352 52.58 24.09 -16.98
C ASP D 1352 52.15 23.64 -15.58
N VAL D 1353 53.00 23.86 -14.56
CA VAL D 1353 52.72 23.52 -13.17
C VAL D 1353 52.47 24.83 -12.42
N PHE D 1354 51.42 24.87 -11.58
CA PHE D 1354 51.06 26.04 -10.79
C PHE D 1354 51.06 25.70 -9.30
N GLU D 1355 51.81 26.48 -8.50
CA GLU D 1355 51.92 26.29 -7.05
C GLU D 1355 51.20 27.41 -6.30
N TYR D 1356 50.00 27.10 -5.76
CA TYR D 1356 49.18 28.02 -4.97
C TYR D 1356 49.38 27.71 -3.48
N ASN D 1357 49.62 28.75 -2.67
CA ASN D 1357 49.81 28.61 -1.22
C ASN D 1357 48.45 28.46 -0.48
N SER D 1358 48.46 28.40 0.89
CA SER D 1358 47.24 28.28 1.70
C SER D 1358 46.33 29.50 1.59
N LYS D 1359 46.91 30.68 1.36
CA LYS D 1359 46.19 31.94 1.20
C LYS D 1359 45.53 32.03 -0.19
N GLY D 1360 45.87 31.08 -1.08
CA GLY D 1360 45.36 30.99 -2.43
C GLY D 1360 46.06 31.90 -3.41
N LEU D 1361 47.33 32.23 -3.12
CA LEU D 1361 48.19 33.10 -3.93
C LEU D 1361 49.20 32.25 -4.71
N LEU D 1362 49.38 32.56 -6.00
CA LEU D 1362 50.32 31.86 -6.87
C LEU D 1362 51.74 32.26 -6.51
N THR D 1363 52.50 31.33 -5.91
CA THR D 1363 53.88 31.57 -5.47
C THR D 1363 54.88 31.23 -6.56
N ARG D 1364 54.56 30.22 -7.39
CA ARG D 1364 55.44 29.75 -8.46
C ARG D 1364 54.66 29.06 -9.57
N ALA D 1365 55.14 29.20 -10.81
CA ALA D 1365 54.62 28.56 -12.02
C ALA D 1365 55.79 28.25 -12.95
N TYR D 1366 55.84 27.01 -13.48
CA TYR D 1366 56.93 26.56 -14.35
C TYR D 1366 56.54 25.54 -15.40
N ASN D 1367 57.43 25.37 -16.39
CA ASN D 1367 57.31 24.41 -17.48
C ASN D 1367 58.70 23.90 -17.79
N LYS D 1368 59.01 22.67 -17.35
CA LYS D 1368 60.31 22.04 -17.54
C LYS D 1368 60.62 21.81 -19.02
N ALA D 1369 59.58 21.44 -19.81
CA ALA D 1369 59.67 21.21 -21.25
C ALA D 1369 59.95 22.49 -22.06
N ASN D 1370 59.29 23.61 -21.69
CA ASN D 1370 59.43 24.91 -22.36
C ASN D 1370 60.48 25.83 -21.70
N GLY D 1371 61.15 25.31 -20.67
CA GLY D 1371 62.25 25.96 -19.94
C GLY D 1371 62.00 27.29 -19.26
N TRP D 1372 60.77 27.56 -18.82
CA TRP D 1372 60.45 28.80 -18.11
C TRP D 1372 60.03 28.55 -16.67
N ASN D 1373 60.27 29.56 -15.82
CA ASN D 1373 59.94 29.56 -14.39
C ASN D 1373 59.63 30.99 -13.99
N VAL D 1374 58.59 31.18 -13.18
CA VAL D 1374 58.19 32.47 -12.65
C VAL D 1374 57.86 32.35 -11.16
N GLN D 1375 58.43 33.23 -10.35
CA GLN D 1375 58.23 33.25 -8.91
C GLN D 1375 57.61 34.58 -8.51
N TYR D 1376 56.64 34.53 -7.59
CA TYR D 1376 55.93 35.72 -7.12
C TYR D 1376 56.07 35.90 -5.62
N ARG D 1377 56.15 37.14 -5.18
CA ARG D 1377 56.24 37.53 -3.78
C ARG D 1377 55.04 38.39 -3.43
N TYR D 1378 54.56 38.27 -2.18
CA TYR D 1378 53.37 38.99 -1.72
C TYR D 1378 53.60 39.74 -0.42
N ASP D 1379 52.88 40.86 -0.25
CA ASP D 1379 52.96 41.63 0.99
C ASP D 1379 51.96 41.07 2.00
N GLY D 1380 52.03 41.56 3.24
CA GLY D 1380 51.15 41.13 4.34
C GLY D 1380 49.67 41.39 4.14
N LEU D 1381 49.32 42.27 3.17
CA LEU D 1381 47.93 42.60 2.85
C LEU D 1381 47.35 41.75 1.69
N GLY D 1382 48.16 40.80 1.20
CA GLY D 1382 47.80 39.87 0.12
C GLY D 1382 47.98 40.36 -1.31
N ARG D 1383 48.73 41.45 -1.49
CA ARG D 1383 48.98 42.05 -2.81
C ARG D 1383 50.32 41.60 -3.38
N ARG D 1384 50.37 41.41 -4.71
CA ARG D 1384 51.59 41.01 -5.39
C ARG D 1384 52.63 42.10 -5.28
N ALA D 1385 53.77 41.77 -4.69
CA ALA D 1385 54.89 42.69 -4.48
C ALA D 1385 55.88 42.59 -5.63
N SER D 1386 56.16 41.37 -6.12
CA SER D 1386 57.11 41.16 -7.21
C SER D 1386 56.79 39.96 -8.11
N CYS D 1387 57.40 39.97 -9.31
CA CYS D 1387 57.34 38.94 -10.34
C CYS D 1387 58.77 38.77 -10.86
N LYS D 1388 59.31 37.55 -10.80
CA LYS D 1388 60.67 37.27 -11.27
C LYS D 1388 60.73 35.98 -12.07
N THR D 1389 61.25 36.05 -13.30
CA THR D 1389 61.38 34.89 -14.17
C THR D 1389 62.84 34.43 -14.27
N ASN D 1390 63.06 33.24 -14.87
CA ASN D 1390 64.38 32.68 -15.11
C ASN D 1390 64.91 33.19 -16.47
N LEU D 1391 64.05 33.92 -17.22
CA LEU D 1391 64.32 34.48 -18.55
C LEU D 1391 64.75 35.97 -18.51
N GLY D 1392 65.14 36.45 -17.33
CA GLY D 1392 65.61 37.82 -17.14
C GLY D 1392 64.64 38.80 -16.50
N HIS D 1393 63.31 38.63 -16.73
CA HIS D 1393 62.27 39.52 -16.19
C HIS D 1393 62.26 39.59 -14.68
N HIS D 1394 62.19 40.81 -14.13
CA HIS D 1394 62.09 41.10 -12.71
C HIS D 1394 61.42 42.45 -12.51
N LEU D 1395 60.16 42.41 -12.02
CA LEU D 1395 59.36 43.62 -11.77
C LEU D 1395 58.91 43.66 -10.33
N GLN D 1396 58.72 44.88 -9.82
CA GLN D 1396 58.22 45.15 -8.47
C GLN D 1396 57.01 46.06 -8.61
N TYR D 1397 55.98 45.80 -7.80
CA TYR D 1397 54.71 46.55 -7.84
C TYR D 1397 54.47 47.31 -6.55
N PHE D 1398 53.96 48.55 -6.68
CA PHE D 1398 53.67 49.42 -5.54
C PHE D 1398 52.27 50.00 -5.63
N TYR D 1399 51.65 50.19 -4.46
CA TYR D 1399 50.27 50.64 -4.28
C TYR D 1399 50.23 51.94 -3.48
N ALA D 1400 50.42 53.08 -4.19
CA ALA D 1400 50.46 54.44 -3.64
C ALA D 1400 49.10 55.12 -3.47
N ASP D 1401 48.03 54.56 -4.08
CA ASP D 1401 46.68 55.11 -3.97
C ASP D 1401 46.02 54.63 -2.68
N LEU D 1402 45.78 55.58 -1.76
CA LEU D 1402 45.17 55.30 -0.46
C LEU D 1402 43.68 54.97 -0.55
N HIS D 1403 42.99 55.47 -1.60
CA HIS D 1403 41.57 55.25 -1.89
C HIS D 1403 41.32 53.96 -2.64
N ASN D 1404 42.30 53.52 -3.46
CA ASN D 1404 42.24 52.28 -4.24
C ASN D 1404 43.48 51.44 -3.88
N PRO D 1405 43.47 50.73 -2.72
CA PRO D 1405 44.67 50.00 -2.27
C PRO D 1405 45.12 48.78 -3.10
N THR D 1406 44.29 48.27 -4.03
CA THR D 1406 44.65 47.12 -4.87
C THR D 1406 45.15 47.55 -6.27
N ARG D 1407 45.13 48.87 -6.52
CA ARG D 1407 45.55 49.55 -7.76
C ARG D 1407 47.07 49.67 -7.82
N VAL D 1408 47.69 49.09 -8.87
CA VAL D 1408 49.13 49.18 -9.09
C VAL D 1408 49.37 50.59 -9.65
N THR D 1409 50.08 51.44 -8.89
CA THR D 1409 50.37 52.83 -9.29
C THR D 1409 51.76 52.99 -9.87
N HIS D 1410 52.72 52.16 -9.38
CA HIS D 1410 54.12 52.22 -9.79
C HIS D 1410 54.69 50.85 -10.00
N VAL D 1411 55.53 50.71 -11.05
CA VAL D 1411 56.23 49.47 -11.42
C VAL D 1411 57.73 49.76 -11.51
N TYR D 1412 58.55 48.99 -10.76
CA TYR D 1412 59.99 49.12 -10.83
C TYR D 1412 60.53 47.96 -11.65
N ASN D 1413 61.20 48.28 -12.76
CA ASN D 1413 61.79 47.31 -13.67
C ASN D 1413 63.29 47.18 -13.35
N HIS D 1414 63.72 45.97 -12.94
CA HIS D 1414 65.10 45.66 -12.56
C HIS D 1414 66.08 45.58 -13.73
N SER D 1415 65.61 45.23 -14.94
CA SER D 1415 66.52 45.11 -16.10
C SER D 1415 67.02 46.48 -16.62
N ASN D 1416 66.28 47.58 -16.37
CA ASN D 1416 66.69 48.92 -16.80
C ASN D 1416 66.70 49.96 -15.67
N SER D 1417 66.29 49.55 -14.43
CA SER D 1417 66.22 50.36 -13.20
C SER D 1417 65.28 51.57 -13.30
N GLU D 1418 64.27 51.51 -14.20
CA GLU D 1418 63.32 52.61 -14.38
C GLU D 1418 61.95 52.33 -13.75
N ILE D 1419 61.30 53.41 -13.28
CA ILE D 1419 59.99 53.37 -12.64
C ILE D 1419 58.91 53.84 -13.61
N THR D 1420 57.84 53.05 -13.72
CA THR D 1420 56.69 53.33 -14.58
C THR D 1420 55.51 53.72 -13.69
N SER D 1421 55.01 54.96 -13.86
CA SER D 1421 53.85 55.50 -13.17
C SER D 1421 52.64 55.22 -14.07
N LEU D 1422 51.60 54.59 -13.48
CA LEU D 1422 50.38 54.20 -14.18
C LEU D 1422 49.23 55.14 -13.78
N TYR D 1423 48.56 55.73 -14.77
CA TYR D 1423 47.45 56.66 -14.53
C TYR D 1423 46.11 56.10 -14.97
N TYR D 1424 45.12 56.18 -14.06
CA TYR D 1424 43.78 55.65 -14.24
C TYR D 1424 42.72 56.72 -14.31
N ASP D 1425 41.73 56.51 -15.19
CA ASP D 1425 40.60 57.44 -15.34
C ASP D 1425 39.61 57.30 -14.15
N LEU D 1426 38.51 58.07 -14.18
CA LEU D 1426 37.52 58.08 -13.09
C LEU D 1426 36.71 56.78 -12.96
N GLN D 1427 36.82 55.86 -13.94
CA GLN D 1427 36.17 54.54 -13.96
C GLN D 1427 37.16 53.44 -13.55
N GLY D 1428 38.42 53.84 -13.37
CA GLY D 1428 39.50 52.96 -12.92
C GLY D 1428 40.26 52.26 -14.03
N HIS D 1429 40.12 52.73 -15.28
CA HIS D 1429 40.82 52.16 -16.44
C HIS D 1429 42.13 52.85 -16.70
N LEU D 1430 43.14 52.11 -17.15
CA LEU D 1430 44.45 52.66 -17.50
C LEU D 1430 44.30 53.50 -18.76
N PHE D 1431 44.78 54.74 -18.73
CA PHE D 1431 44.69 55.65 -19.89
C PHE D 1431 46.04 56.28 -20.21
N ALA D 1432 46.95 56.32 -19.23
CA ALA D 1432 48.28 56.89 -19.44
C ALA D 1432 49.34 56.25 -18.59
N MET D 1433 50.58 56.38 -19.05
CA MET D 1433 51.80 55.91 -18.40
C MET D 1433 52.89 56.97 -18.49
N GLU D 1434 53.76 57.01 -17.49
CA GLU D 1434 54.90 57.91 -17.43
C GLU D 1434 56.10 57.14 -16.92
N SER D 1435 57.24 57.27 -17.60
CA SER D 1435 58.48 56.60 -17.21
C SER D 1435 59.41 57.59 -16.51
N SER D 1436 60.28 57.07 -15.61
CA SER D 1436 61.28 57.87 -14.91
C SER D 1436 62.38 58.35 -15.88
N SER D 1437 62.47 57.70 -17.07
CA SER D 1437 63.40 58.02 -18.15
C SER D 1437 62.96 59.27 -18.94
N GLY D 1438 61.70 59.70 -18.72
CA GLY D 1438 61.10 60.87 -19.37
C GLY D 1438 60.06 60.53 -20.42
N GLU D 1439 59.94 59.24 -20.78
CA GLU D 1439 58.98 58.75 -21.78
C GLU D 1439 57.55 58.77 -21.28
N GLU D 1440 56.60 59.09 -22.19
CA GLU D 1440 55.17 59.16 -21.91
C GLU D 1440 54.40 58.26 -22.87
N TYR D 1441 53.42 57.50 -22.35
CA TYR D 1441 52.60 56.58 -23.14
C TYR D 1441 51.14 56.83 -22.89
N TYR D 1442 50.32 56.69 -23.93
CA TYR D 1442 48.89 56.93 -23.88
C TYR D 1442 48.15 55.66 -24.26
N VAL D 1443 47.42 55.09 -23.29
CA VAL D 1443 46.73 53.80 -23.38
C VAL D 1443 45.23 53.90 -23.75
N ALA D 1444 44.84 53.21 -24.82
CA ALA D 1444 43.47 53.10 -25.30
C ALA D 1444 42.86 51.87 -24.63
N SER D 1445 41.86 52.06 -23.75
CA SER D 1445 41.20 50.97 -23.02
C SER D 1445 39.73 50.83 -23.37
N ASP D 1446 39.24 49.58 -23.43
CA ASP D 1446 37.83 49.26 -23.72
C ASP D 1446 36.91 49.49 -22.49
N ASN D 1447 35.62 49.08 -22.61
CA ASN D 1447 34.60 49.23 -21.56
C ASN D 1447 34.83 48.38 -20.30
N THR D 1448 35.79 47.44 -20.34
CA THR D 1448 36.13 46.56 -19.21
C THR D 1448 37.48 46.94 -18.57
N GLY D 1449 38.13 47.95 -19.16
CA GLY D 1449 39.43 48.45 -18.71
C GLY D 1449 40.59 47.67 -19.26
N THR D 1450 40.35 46.95 -20.36
CA THR D 1450 41.36 46.17 -21.04
C THR D 1450 42.14 47.06 -22.04
N PRO D 1451 43.48 47.19 -21.90
CA PRO D 1451 44.25 48.00 -22.88
C PRO D 1451 44.29 47.34 -24.25
N LEU D 1452 43.83 48.09 -25.26
CA LEU D 1452 43.76 47.64 -26.65
C LEU D 1452 44.84 48.22 -27.54
N ALA D 1453 45.44 49.35 -27.15
CA ALA D 1453 46.50 50.02 -27.92
C ALA D 1453 47.29 51.02 -27.06
N VAL D 1454 48.57 51.22 -27.43
CA VAL D 1454 49.48 52.17 -26.77
C VAL D 1454 49.94 53.17 -27.83
N PHE D 1455 50.00 54.46 -27.46
CA PHE D 1455 50.46 55.55 -28.32
C PHE D 1455 51.65 56.24 -27.64
N SER D 1456 52.70 56.56 -28.42
CA SER D 1456 53.92 57.22 -27.95
C SER D 1456 53.73 58.70 -27.63
N ILE D 1457 54.78 59.33 -27.05
CA ILE D 1457 54.84 60.76 -26.69
C ILE D 1457 54.55 61.67 -27.93
N ASN D 1458 54.84 61.16 -29.15
CA ASN D 1458 54.64 61.85 -30.42
C ASN D 1458 53.36 61.40 -31.19
N GLY D 1459 52.41 60.83 -30.45
CA GLY D 1459 51.12 60.38 -30.98
C GLY D 1459 51.15 59.30 -32.04
N LEU D 1460 52.06 58.32 -31.88
CA LEU D 1460 52.20 57.21 -32.83
C LEU D 1460 51.86 55.89 -32.13
N MET D 1461 50.99 55.06 -32.75
CA MET D 1461 50.62 53.76 -32.20
C MET D 1461 51.80 52.80 -32.27
N ILE D 1462 52.33 52.44 -31.09
CA ILE D 1462 53.50 51.55 -30.97
C ILE D 1462 53.09 50.10 -30.64
N LYS D 1463 51.89 49.90 -30.06
CA LYS D 1463 51.33 48.59 -29.69
C LYS D 1463 49.83 48.56 -29.93
N GLN D 1464 49.32 47.44 -30.46
CA GLN D 1464 47.91 47.20 -30.74
C GLN D 1464 47.58 45.75 -30.39
N LEU D 1465 46.60 45.55 -29.52
CA LEU D 1465 46.15 44.24 -29.06
C LEU D 1465 44.71 43.95 -29.46
N GLN D 1466 44.44 42.68 -29.81
CA GLN D 1466 43.11 42.17 -30.14
C GLN D 1466 42.86 40.96 -29.26
N TYR D 1467 41.78 40.99 -28.48
CA TYR D 1467 41.42 39.93 -27.54
C TYR D 1467 40.11 39.28 -27.96
N THR D 1468 39.89 38.02 -27.52
CA THR D 1468 38.62 37.33 -27.67
C THR D 1468 37.73 37.87 -26.53
N ALA D 1469 36.43 37.55 -26.55
CA ALA D 1469 35.49 37.97 -25.51
C ALA D 1469 35.92 37.55 -24.09
N TYR D 1470 36.56 36.37 -23.95
CA TYR D 1470 37.07 35.86 -22.67
C TYR D 1470 38.53 36.27 -22.39
N GLY D 1471 39.02 37.22 -23.18
CA GLY D 1471 40.31 37.87 -22.99
C GLY D 1471 41.58 37.17 -23.37
N GLU D 1472 41.52 36.33 -24.39
CA GLU D 1472 42.69 35.66 -24.90
C GLU D 1472 43.20 36.49 -26.07
N ILE D 1473 44.50 36.85 -26.05
CA ILE D 1473 45.14 37.63 -27.13
C ILE D 1473 45.37 36.75 -28.36
N TYR D 1474 44.87 37.20 -29.52
CA TYR D 1474 45.08 36.52 -30.80
C TYR D 1474 45.90 37.37 -31.76
N TYR D 1475 46.07 38.66 -31.43
CA TYR D 1475 46.86 39.63 -32.20
C TYR D 1475 47.59 40.63 -31.30
N ASP D 1476 48.88 40.81 -31.56
CA ASP D 1476 49.76 41.75 -30.86
C ASP D 1476 50.75 42.28 -31.90
N SER D 1477 50.67 43.59 -32.21
CA SER D 1477 51.54 44.25 -33.20
C SER D 1477 52.98 44.41 -32.71
N ASN D 1478 53.20 44.52 -31.39
CA ASN D 1478 54.53 44.67 -30.78
C ASN D 1478 54.65 43.84 -29.49
N PRO D 1479 55.04 42.53 -29.59
CA PRO D 1479 55.16 41.70 -28.37
C PRO D 1479 56.28 42.10 -27.40
N ASP D 1480 57.28 42.85 -27.89
CA ASP D 1480 58.42 43.30 -27.10
C ASP D 1480 58.08 44.44 -26.14
N PHE D 1481 57.01 45.20 -26.44
CA PHE D 1481 56.53 46.29 -25.59
C PHE D 1481 55.67 45.63 -24.52
N GLN D 1482 56.26 45.43 -23.33
CA GLN D 1482 55.61 44.76 -22.21
C GLN D 1482 54.65 45.68 -21.45
N LEU D 1483 53.35 45.31 -21.44
CA LEU D 1483 52.28 46.02 -20.74
C LEU D 1483 51.94 45.21 -19.50
N VAL D 1484 52.02 45.88 -18.34
CA VAL D 1484 51.77 45.31 -17.01
C VAL D 1484 50.28 44.93 -16.84
N ILE D 1485 49.36 45.84 -17.21
CA ILE D 1485 47.93 45.67 -17.08
C ILE D 1485 47.35 45.02 -18.34
N GLY D 1486 46.56 43.97 -18.16
CA GLY D 1486 45.94 43.22 -19.25
C GLY D 1486 44.43 43.16 -19.20
N PHE D 1487 43.86 41.98 -19.49
CA PHE D 1487 42.41 41.77 -19.53
C PHE D 1487 41.72 42.16 -18.22
N HIS D 1488 40.68 43.02 -18.32
CA HIS D 1488 39.88 43.51 -17.21
C HIS D 1488 40.64 44.33 -16.15
N GLY D 1489 41.83 44.84 -16.50
CA GLY D 1489 42.64 45.66 -15.62
C GLY D 1489 43.56 44.91 -14.66
N GLY D 1490 43.61 43.59 -14.77
CA GLY D 1490 44.45 42.75 -13.94
C GLY D 1490 45.88 42.62 -14.45
N LEU D 1491 46.74 41.92 -13.69
CA LEU D 1491 48.15 41.71 -14.08
C LEU D 1491 48.26 40.47 -14.97
N TYR D 1492 48.39 40.67 -16.30
CA TYR D 1492 48.49 39.57 -17.28
C TYR D 1492 49.91 39.03 -17.42
N ASP D 1493 50.06 37.70 -17.31
CA ASP D 1493 51.34 36.99 -17.46
C ASP D 1493 51.35 36.20 -18.76
N PRO D 1494 52.20 36.56 -19.74
CA PRO D 1494 52.21 35.83 -21.03
C PRO D 1494 52.71 34.38 -20.94
N LEU D 1495 53.46 34.03 -19.89
CA LEU D 1495 53.97 32.67 -19.72
C LEU D 1495 52.88 31.70 -19.23
N THR D 1496 52.17 32.09 -18.16
CA THR D 1496 51.12 31.30 -17.50
C THR D 1496 49.76 31.44 -18.16
N LYS D 1497 49.50 32.59 -18.84
CA LYS D 1497 48.25 32.94 -19.49
C LYS D 1497 47.15 33.17 -18.44
N LEU D 1498 47.56 33.77 -17.30
CA LEU D 1498 46.71 34.11 -16.18
C LEU D 1498 46.70 35.59 -15.96
N VAL D 1499 45.56 36.10 -15.47
CA VAL D 1499 45.36 37.51 -15.16
C VAL D 1499 45.11 37.61 -13.66
N HIS D 1500 46.06 38.24 -12.94
CA HIS D 1500 45.98 38.40 -11.50
C HIS D 1500 45.19 39.61 -11.05
N PHE D 1501 44.31 39.36 -10.08
CA PHE D 1501 43.51 40.31 -9.30
C PHE D 1501 43.85 39.88 -7.87
N THR D 1502 44.07 40.82 -6.97
CA THR D 1502 44.55 40.59 -5.59
C THR D 1502 43.93 39.31 -4.91
N GLN D 1503 42.62 39.06 -5.02
CA GLN D 1503 42.03 37.87 -4.40
C GLN D 1503 41.89 36.63 -5.31
N ARG D 1504 41.76 36.82 -6.66
CA ARG D 1504 41.57 35.71 -7.61
C ARG D 1504 42.37 35.82 -8.90
N ASP D 1505 42.71 34.65 -9.50
CA ASP D 1505 43.41 34.54 -10.77
C ASP D 1505 42.46 34.06 -11.84
N TYR D 1506 42.51 34.70 -13.01
CA TYR D 1506 41.64 34.39 -14.13
C TYR D 1506 42.41 33.72 -15.27
N ASP D 1507 41.90 32.59 -15.77
CA ASP D 1507 42.50 31.81 -16.86
C ASP D 1507 41.86 32.23 -18.18
N VAL D 1508 42.65 32.89 -19.04
CA VAL D 1508 42.19 33.41 -20.35
C VAL D 1508 41.90 32.31 -21.36
N LEU D 1509 42.62 31.16 -21.24
CA LEU D 1509 42.47 30.04 -22.16
C LEU D 1509 41.19 29.24 -21.89
N ALA D 1510 40.89 28.98 -20.61
CA ALA D 1510 39.67 28.28 -20.19
C ALA D 1510 38.45 29.18 -20.04
N GLY D 1511 38.64 30.48 -19.87
CA GLY D 1511 37.56 31.44 -19.70
C GLY D 1511 36.92 31.35 -18.32
N ARG D 1512 37.71 30.99 -17.30
CA ARG D 1512 37.22 30.84 -15.93
C ARG D 1512 38.29 31.19 -14.91
N TRP D 1513 37.88 31.29 -13.64
CA TRP D 1513 38.77 31.55 -12.51
C TRP D 1513 39.52 30.25 -12.19
N THR D 1514 40.75 30.37 -11.67
CA THR D 1514 41.62 29.24 -11.32
C THR D 1514 41.29 28.65 -9.94
N SER D 1515 40.34 29.27 -9.23
CA SER D 1515 39.91 28.85 -7.89
C SER D 1515 38.45 29.22 -7.65
N PRO D 1516 37.71 28.53 -6.75
CA PRO D 1516 36.33 28.94 -6.48
C PRO D 1516 36.26 30.01 -5.39
N ASP D 1517 35.19 30.82 -5.38
CA ASP D 1517 34.99 31.80 -4.32
C ASP D 1517 34.01 31.11 -3.37
N TYR D 1518 34.54 30.47 -2.33
CA TYR D 1518 33.77 29.69 -1.37
C TYR D 1518 32.87 30.52 -0.47
N THR D 1519 33.06 31.86 -0.47
CA THR D 1519 32.25 32.79 0.30
C THR D 1519 30.86 32.98 -0.34
N MET D 1520 30.68 32.49 -1.60
CA MET D 1520 29.42 32.49 -2.35
C MET D 1520 28.34 31.73 -1.56
N TRP D 1521 28.75 30.67 -0.83
CA TRP D 1521 27.90 29.78 -0.03
C TRP D 1521 27.20 30.46 1.13
N LYS D 1522 27.77 31.57 1.62
CA LYS D 1522 27.26 32.32 2.75
C LYS D 1522 25.88 32.94 2.47
N ASN D 1523 25.70 33.51 1.25
CA ASN D 1523 24.45 34.21 0.91
C ASN D 1523 23.60 33.56 -0.17
N ILE D 1524 24.04 32.46 -0.78
CA ILE D 1524 23.29 31.76 -1.83
C ILE D 1524 21.95 31.20 -1.28
N GLY D 1525 21.90 30.85 0.00
CA GLY D 1525 20.68 30.36 0.66
C GLY D 1525 19.63 31.44 0.79
N ARG D 1526 20.05 32.67 1.14
CA ARG D 1526 19.21 33.86 1.30
C ARG D 1526 18.78 34.41 -0.06
N GLU D 1527 19.71 34.42 -1.03
CA GLU D 1527 19.47 34.89 -2.39
C GLU D 1527 19.71 33.74 -3.39
N PRO D 1528 18.73 32.82 -3.56
CA PRO D 1528 18.94 31.68 -4.48
C PRO D 1528 18.89 32.10 -5.95
N ALA D 1529 19.90 31.69 -6.71
CA ALA D 1529 20.05 32.03 -8.12
C ALA D 1529 20.94 31.00 -8.81
N PRO D 1530 20.97 30.95 -10.19
CA PRO D 1530 21.91 30.04 -10.86
C PRO D 1530 23.31 30.48 -10.51
N PHE D 1531 24.18 29.51 -10.21
CA PHE D 1531 25.55 29.80 -9.82
C PHE D 1531 26.51 28.68 -10.23
N ASN D 1532 27.79 29.03 -10.29
CA ASN D 1532 28.90 28.19 -10.64
C ASN D 1532 30.08 28.84 -9.93
N LEU D 1533 30.88 28.04 -9.24
CA LEU D 1533 32.02 28.50 -8.45
C LEU D 1533 33.17 29.04 -9.28
N TYR D 1534 33.23 28.71 -10.57
CA TYR D 1534 34.31 29.12 -11.45
C TYR D 1534 33.90 30.05 -12.59
N MET D 1535 32.61 30.10 -12.96
CA MET D 1535 32.22 30.89 -14.12
C MET D 1535 32.57 32.38 -13.95
N PHE D 1536 33.05 32.96 -15.06
CA PHE D 1536 33.49 34.34 -15.17
C PHE D 1536 32.34 35.24 -15.62
N LYS D 1537 31.97 36.20 -14.74
CA LYS D 1537 30.92 37.22 -14.96
C LYS D 1537 29.63 36.64 -15.54
N SER D 1538 29.13 35.52 -14.95
CA SER D 1538 27.92 34.81 -15.35
C SER D 1538 27.87 34.45 -16.86
N ASN D 1539 29.08 34.23 -17.43
CA ASN D 1539 29.38 33.88 -18.83
C ASN D 1539 28.96 34.99 -19.82
N ASN D 1540 29.08 36.24 -19.34
CA ASN D 1540 28.83 37.49 -20.05
C ASN D 1540 30.09 38.34 -19.72
N PRO D 1541 31.25 38.04 -20.35
CA PRO D 1541 32.48 38.74 -19.96
C PRO D 1541 32.61 40.21 -20.32
N LEU D 1542 31.82 40.69 -21.30
CA LEU D 1542 31.93 42.06 -21.80
C LEU D 1542 31.02 43.09 -21.15
N SER D 1543 29.96 42.64 -20.47
CA SER D 1543 29.00 43.53 -19.81
C SER D 1543 29.24 43.58 -18.31
N ASN D 1544 28.84 44.71 -17.68
CA ASN D 1544 28.96 44.88 -16.23
C ASN D 1544 27.98 43.91 -15.59
N GLU D 1545 28.45 43.18 -14.55
CA GLU D 1545 27.68 42.16 -13.85
C GLU D 1545 26.34 42.68 -13.38
N LEU D 1546 25.27 41.92 -13.67
CA LEU D 1546 23.90 42.29 -13.32
C LEU D 1546 23.62 42.13 -11.83
N ASP D 1547 23.28 43.26 -11.18
CA ASP D 1547 23.04 43.43 -9.76
C ASP D 1547 21.89 44.42 -9.56
N LEU D 1548 21.29 44.46 -8.34
CA LEU D 1548 20.21 45.41 -8.02
C LEU D 1548 20.74 46.84 -7.86
N LYS D 1549 22.08 47.00 -7.73
CA LYS D 1549 22.79 48.28 -7.64
C LYS D 1549 22.70 49.06 -8.96
N ASN D 1550 22.28 48.39 -10.06
CA ASN D 1550 22.08 48.98 -11.37
C ASN D 1550 20.84 49.88 -11.37
N TYR D 1551 19.91 49.65 -10.41
CA TYR D 1551 18.72 50.47 -10.20
C TYR D 1551 19.06 51.44 -9.07
N VAL D 1552 19.36 52.70 -9.45
CA VAL D 1552 19.76 53.77 -8.54
C VAL D 1552 18.56 54.30 -7.73
N THR D 1553 18.49 53.91 -6.44
CA THR D 1553 17.38 54.30 -5.54
C THR D 1553 17.86 55.02 -4.29
N ASP D 1554 19.05 55.65 -4.35
CA ASP D 1554 19.63 56.40 -3.23
C ASP D 1554 20.44 57.59 -3.72
N VAL D 1555 20.28 58.75 -3.05
CA VAL D 1555 20.91 60.04 -3.35
C VAL D 1555 22.44 59.93 -3.52
N LYS D 1556 23.13 59.23 -2.60
CA LYS D 1556 24.60 59.07 -2.67
C LYS D 1556 25.07 58.41 -3.98
N SER D 1557 24.28 57.46 -4.50
CA SER D 1557 24.58 56.73 -5.74
C SER D 1557 24.34 57.60 -6.99
N TRP D 1558 23.32 58.48 -6.93
CA TRP D 1558 22.99 59.42 -8.02
C TRP D 1558 24.07 60.49 -8.10
N LEU D 1559 24.57 60.95 -6.93
CA LEU D 1559 25.62 61.96 -6.82
C LEU D 1559 26.95 61.49 -7.40
N VAL D 1560 27.30 60.21 -7.15
CA VAL D 1560 28.52 59.55 -7.64
C VAL D 1560 28.57 59.62 -9.18
N MET D 1561 27.42 59.35 -9.85
CA MET D 1561 27.24 59.39 -11.31
C MET D 1561 27.62 60.75 -11.90
N PHE D 1562 27.28 61.84 -11.17
CA PHE D 1562 27.54 63.23 -11.56
C PHE D 1562 28.95 63.71 -11.23
N GLY D 1563 29.79 62.81 -10.75
CA GLY D 1563 31.19 63.11 -10.43
C GLY D 1563 31.45 63.55 -9.01
N PHE D 1564 30.36 63.80 -8.24
CA PHE D 1564 30.42 64.24 -6.84
C PHE D 1564 31.13 63.20 -5.99
N GLN D 1565 32.01 63.67 -5.11
CA GLN D 1565 32.74 62.83 -4.18
C GLN D 1565 32.58 63.44 -2.79
N LEU D 1566 31.44 63.15 -2.15
CA LEU D 1566 31.07 63.63 -0.82
C LEU D 1566 32.07 63.19 0.26
N SER D 1567 32.80 62.09 0.00
CA SER D 1567 33.83 61.53 0.86
C SER D 1567 35.01 62.51 1.06
N ASN D 1568 35.24 63.39 0.05
CA ASN D 1568 36.29 64.41 0.05
C ASN D 1568 35.87 65.72 0.73
N ILE D 1569 34.55 65.98 0.85
CA ILE D 1569 34.05 67.22 1.45
C ILE D 1569 33.38 66.99 2.83
N ILE D 1570 32.85 65.79 3.09
CA ILE D 1570 32.24 65.42 4.38
C ILE D 1570 33.16 64.38 5.02
N PRO D 1571 33.99 64.77 6.02
CA PRO D 1571 34.89 63.79 6.65
C PRO D 1571 34.15 62.62 7.29
N GLY D 1572 34.61 61.41 6.97
CA GLY D 1572 34.03 60.17 7.47
C GLY D 1572 33.00 59.54 6.55
N PHE D 1573 32.47 60.31 5.57
CA PHE D 1573 31.46 59.85 4.61
C PHE D 1573 32.00 58.66 3.81
N PRO D 1574 31.21 57.55 3.68
CA PRO D 1574 31.72 56.37 2.97
C PRO D 1574 32.04 56.59 1.49
N ARG D 1575 33.26 56.19 1.10
CA ARG D 1575 33.74 56.30 -0.28
C ARG D 1575 33.17 55.13 -1.08
N ALA D 1576 32.68 55.40 -2.30
CA ALA D 1576 32.12 54.38 -3.18
C ALA D 1576 33.23 53.42 -3.61
N LYS D 1577 33.04 52.12 -3.33
CA LYS D 1577 34.01 51.05 -3.62
C LYS D 1577 34.15 50.82 -5.12
N MET D 1578 35.40 50.89 -5.61
CA MET D 1578 35.76 50.73 -7.01
C MET D 1578 36.60 49.44 -7.17
N TYR D 1579 35.94 48.28 -7.01
CA TYR D 1579 36.56 46.96 -7.11
C TYR D 1579 35.80 46.04 -8.05
N PHE D 1580 36.54 45.32 -8.91
CA PHE D 1580 35.97 44.30 -9.77
C PHE D 1580 35.97 43.02 -8.92
N VAL D 1581 37.15 42.68 -8.35
CA VAL D 1581 37.35 41.56 -7.43
C VAL D 1581 37.44 42.14 -6.02
N SER D 1582 36.65 41.60 -5.08
CA SER D 1582 36.61 42.01 -3.67
C SER D 1582 38.00 41.80 -3.05
N PRO D 1583 38.55 42.80 -2.30
CA PRO D 1583 39.90 42.63 -1.72
C PRO D 1583 39.95 41.61 -0.59
N PRO D 1584 41.14 41.09 -0.19
CA PRO D 1584 41.18 40.14 0.94
C PRO D 1584 40.84 40.80 2.27
N TYR D 1585 40.33 39.99 3.21
CA TYR D 1585 39.90 40.40 4.55
C TYR D 1585 40.85 41.38 5.25
N GLU D 1586 42.15 41.04 5.32
CA GLU D 1586 43.18 41.87 5.98
C GLU D 1586 43.38 43.25 5.37
N LEU D 1587 43.14 43.39 4.06
CA LEU D 1587 43.29 44.65 3.34
C LEU D 1587 42.16 45.61 3.69
N THR D 1588 40.88 45.14 3.62
CA THR D 1588 39.70 45.94 3.96
C THR D 1588 39.69 46.26 5.47
N GLU D 1589 40.23 45.35 6.29
CA GLU D 1589 40.36 45.49 7.74
C GLU D 1589 41.39 46.55 8.12
N SER D 1590 42.51 46.64 7.38
CA SER D 1590 43.59 47.60 7.62
C SER D 1590 43.15 49.06 7.41
N GLN D 1591 42.13 49.28 6.57
CA GLN D 1591 41.57 50.59 6.26
C GLN D 1591 40.51 50.99 7.31
N ALA D 1592 39.65 50.03 7.71
CA ALA D 1592 38.55 50.21 8.65
C ALA D 1592 38.94 50.14 10.15
N CYS D 1593 40.21 49.78 10.47
CA CYS D 1593 40.68 49.68 11.86
C CYS D 1593 40.88 51.07 12.52
N GLU D 1594 41.09 52.12 11.71
CA GLU D 1594 41.25 53.50 12.19
C GLU D 1594 39.92 54.10 12.68
N ASN D 1595 38.78 53.51 12.25
CA ASN D 1595 37.43 53.90 12.64
C ASN D 1595 37.21 53.53 14.12
N GLY D 1596 36.42 54.34 14.82
CA GLY D 1596 36.10 54.15 16.24
C GLY D 1596 35.44 52.83 16.55
N GLN D 1597 35.90 52.15 17.63
CA GLN D 1597 35.41 50.84 18.11
C GLN D 1597 33.98 50.97 18.64
N LEU D 1598 33.22 49.85 18.72
CA LEU D 1598 31.83 49.87 19.18
C LEU D 1598 31.53 48.87 20.34
N ILE D 1599 32.52 48.64 21.21
CA ILE D 1599 32.40 47.72 22.36
C ILE D 1599 31.47 48.28 23.46
N THR D 1600 31.71 49.54 23.88
CA THR D 1600 30.96 50.19 24.94
C THR D 1600 29.76 50.99 24.41
N GLY D 1601 28.83 51.32 25.31
CA GLY D 1601 27.62 52.07 25.01
C GLY D 1601 27.85 53.50 24.56
N VAL D 1602 28.89 54.16 25.10
CA VAL D 1602 29.25 55.54 24.75
C VAL D 1602 29.83 55.60 23.33
N GLN D 1603 30.49 54.51 22.90
CA GLN D 1603 31.05 54.35 21.56
C GLN D 1603 29.93 54.19 20.54
N GLN D 1604 28.84 53.50 20.93
CA GLN D 1604 27.65 53.29 20.10
C GLN D 1604 26.79 54.56 20.00
N THR D 1605 26.77 55.39 21.07
CA THR D 1605 26.06 56.67 21.11
C THR D 1605 26.73 57.64 20.11
N THR D 1606 28.08 57.64 20.10
CA THR D 1606 28.94 58.43 19.23
C THR D 1606 28.68 58.09 17.76
N GLU D 1607 28.56 56.78 17.44
CA GLU D 1607 28.29 56.28 16.09
C GLU D 1607 26.92 56.71 15.58
N ARG D 1608 25.90 56.70 16.46
CA ARG D 1608 24.54 57.15 16.13
C ARG D 1608 24.54 58.61 15.71
N HIS D 1609 25.36 59.43 16.39
CA HIS D 1609 25.55 60.85 16.13
C HIS D 1609 26.24 61.06 14.77
N ASN D 1610 27.23 60.19 14.45
CA ASN D 1610 27.98 60.20 13.20
C ASN D 1610 27.06 59.85 12.02
N GLN D 1611 26.34 58.70 12.11
CA GLN D 1611 25.45 58.20 11.07
C GLN D 1611 24.27 59.13 10.78
N ALA D 1612 23.65 59.71 11.84
CA ALA D 1612 22.53 60.66 11.71
C ALA D 1612 22.98 61.95 11.00
N PHE D 1613 24.25 62.33 11.18
CA PHE D 1613 24.84 63.49 10.55
C PHE D 1613 25.09 63.27 9.05
N MET D 1614 25.45 62.03 8.65
CA MET D 1614 25.74 61.68 7.25
C MET D 1614 24.50 61.30 6.43
N ALA D 1615 23.32 61.17 7.07
CA ALA D 1615 22.06 60.82 6.39
C ALA D 1615 21.60 61.91 5.42
N LEU D 1616 21.24 61.51 4.20
CA LEU D 1616 20.81 62.44 3.14
C LEU D 1616 19.28 62.45 2.96
N GLU D 1617 18.69 61.34 2.45
CA GLU D 1617 17.24 61.19 2.23
C GLU D 1617 16.53 61.09 3.57
N GLY D 1618 15.29 61.57 3.61
CA GLY D 1618 14.43 61.48 4.78
C GLY D 1618 13.94 60.07 5.02
N GLN D 1619 13.89 59.26 3.92
CA GLN D 1619 13.45 57.87 3.91
C GLN D 1619 14.20 57.09 2.84
N VAL D 1620 14.75 55.93 3.22
CA VAL D 1620 15.50 55.03 2.32
C VAL D 1620 14.72 53.71 2.19
N ILE D 1621 14.61 53.20 0.95
CA ILE D 1621 13.91 51.94 0.66
C ILE D 1621 14.79 50.74 0.97
N SER D 1622 14.17 49.58 1.25
CA SER D 1622 14.90 48.34 1.50
C SER D 1622 14.97 47.60 0.14
N LYS D 1623 16.05 47.86 -0.62
CA LYS D 1623 16.30 47.30 -1.95
C LYS D 1623 16.68 45.82 -1.88
N ARG D 1624 15.67 44.96 -1.66
CA ARG D 1624 15.82 43.50 -1.54
C ARG D 1624 14.65 42.80 -2.23
N LEU D 1625 14.95 42.00 -3.26
CA LEU D 1625 13.95 41.18 -3.96
C LEU D 1625 14.09 39.73 -3.51
N HIS D 1626 14.20 39.54 -2.19
CA HIS D 1626 14.31 38.25 -1.50
C HIS D 1626 13.74 38.38 -0.10
N ALA D 1627 13.26 37.27 0.46
CA ALA D 1627 12.67 37.25 1.81
C ALA D 1627 13.74 37.38 2.88
N SER D 1628 13.41 38.11 3.96
CA SER D 1628 14.30 38.35 5.08
C SER D 1628 14.48 37.07 5.91
N ILE D 1629 15.76 36.70 6.15
CA ILE D 1629 16.14 35.50 6.91
C ILE D 1629 16.77 35.93 8.25
N ARG D 1630 16.43 35.23 9.34
CA ARG D 1630 16.99 35.47 10.67
C ARG D 1630 18.45 34.97 10.63
N GLU D 1631 19.41 35.91 10.64
CA GLU D 1631 20.83 35.60 10.56
C GLU D 1631 21.52 35.62 11.90
N LYS D 1632 22.32 34.57 12.18
CA LYS D 1632 23.10 34.41 13.40
C LYS D 1632 24.58 34.71 13.11
N ALA D 1633 25.33 35.09 14.15
CA ALA D 1633 26.75 35.45 14.04
C ALA D 1633 27.63 34.21 13.83
N GLY D 1634 28.21 34.10 12.65
CA GLY D 1634 29.08 32.97 12.29
C GLY D 1634 28.38 31.73 11.77
N HIS D 1635 27.04 31.65 11.85
CA HIS D 1635 26.26 30.51 11.37
C HIS D 1635 25.83 30.77 9.94
N TRP D 1636 26.36 29.98 9.00
CA TRP D 1636 26.08 30.09 7.57
C TRP D 1636 25.05 29.06 7.12
N PHE D 1637 25.14 27.83 7.67
CA PHE D 1637 24.36 26.68 7.24
C PHE D 1637 23.48 26.01 8.30
N ALA D 1638 22.76 24.96 7.89
CA ALA D 1638 21.88 24.17 8.74
C ALA D 1638 22.68 23.58 9.88
N THR D 1639 22.24 23.90 11.09
CA THR D 1639 22.88 23.51 12.33
C THR D 1639 22.71 22.05 12.64
N SER D 1640 23.81 21.41 13.05
CA SER D 1640 23.84 20.01 13.46
C SER D 1640 23.56 19.96 14.96
N THR D 1641 23.15 18.79 15.47
CA THR D 1641 22.84 18.57 16.88
C THR D 1641 24.10 18.83 17.73
N PRO D 1642 24.02 19.68 18.78
CA PRO D 1642 25.23 19.95 19.57
C PRO D 1642 25.47 18.89 20.64
N ILE D 1643 26.75 18.68 20.99
CA ILE D 1643 27.14 17.75 22.06
C ILE D 1643 26.72 18.43 23.38
N ILE D 1644 27.04 19.73 23.52
CA ILE D 1644 26.65 20.59 24.64
C ILE D 1644 25.18 20.96 24.33
N GLY D 1645 24.26 20.20 24.91
CA GLY D 1645 22.82 20.33 24.68
C GLY D 1645 22.17 21.64 25.09
N LYS D 1646 20.89 21.79 24.72
CA LYS D 1646 20.05 22.93 25.06
C LYS D 1646 19.84 22.88 26.58
N GLY D 1647 20.05 24.00 27.26
CA GLY D 1647 19.91 24.10 28.70
C GLY D 1647 21.17 23.74 29.49
N ILE D 1648 22.28 23.47 28.78
CA ILE D 1648 23.56 23.12 29.38
C ILE D 1648 24.52 24.30 29.28
N MET D 1649 25.14 24.66 30.42
CA MET D 1649 26.15 25.72 30.48
C MET D 1649 27.51 25.06 30.35
N PHE D 1650 28.37 25.64 29.53
CA PHE D 1650 29.72 25.15 29.29
C PHE D 1650 30.66 26.34 29.27
N ALA D 1651 31.70 26.31 30.11
CA ALA D 1651 32.67 27.40 30.22
C ALA D 1651 34.09 26.90 30.27
N VAL D 1652 34.98 27.54 29.52
CA VAL D 1652 36.42 27.24 29.50
C VAL D 1652 37.17 28.51 29.92
N LYS D 1653 37.53 28.59 31.21
CA LYS D 1653 38.25 29.71 31.81
C LYS D 1653 39.65 29.27 32.19
N LYS D 1654 40.68 29.87 31.55
CA LYS D 1654 42.11 29.57 31.75
C LYS D 1654 42.44 28.06 31.59
N GLY D 1655 41.76 27.43 30.63
CA GLY D 1655 41.91 26.01 30.32
C GLY D 1655 41.15 25.07 31.24
N ARG D 1656 40.36 25.61 32.18
CA ARG D 1656 39.57 24.80 33.12
C ARG D 1656 38.10 24.78 32.73
N VAL D 1657 37.51 23.57 32.68
CA VAL D 1657 36.10 23.37 32.29
C VAL D 1657 35.16 23.36 33.49
N THR D 1658 34.08 24.15 33.39
CA THR D 1658 33.00 24.23 34.36
C THR D 1658 31.69 24.09 33.58
N THR D 1659 30.75 23.30 34.11
CA THR D 1659 29.45 23.08 33.48
C THR D 1659 28.30 23.40 34.44
N GLY D 1660 27.16 23.78 33.86
CA GLY D 1660 25.94 24.10 34.58
C GLY D 1660 24.73 23.46 33.92
N ILE D 1661 23.63 23.37 34.67
CA ILE D 1661 22.39 22.74 34.18
C ILE D 1661 21.18 23.63 34.45
N SER D 1662 20.31 23.78 33.43
CA SER D 1662 19.04 24.51 33.53
C SER D 1662 17.88 23.49 33.43
N SER D 1663 16.64 23.93 33.71
CA SER D 1663 15.43 23.11 33.73
C SER D 1663 15.12 22.36 32.41
N ILE D 1664 15.32 23.00 31.25
CA ILE D 1664 14.99 22.42 29.95
C ILE D 1664 15.97 21.29 29.51
N ALA D 1665 17.20 21.25 30.05
CA ALA D 1665 18.19 20.23 29.71
C ALA D 1665 17.67 18.79 29.89
N THR D 1666 17.93 17.93 28.89
CA THR D 1666 17.52 16.53 28.91
C THR D 1666 18.48 15.77 29.83
N ASP D 1667 18.10 14.55 30.27
CA ASP D 1667 18.93 13.73 31.15
C ASP D 1667 20.26 13.35 30.52
N ASP D 1668 20.26 13.01 29.20
CA ASP D 1668 21.47 12.64 28.47
C ASP D 1668 22.44 13.81 28.26
N SER D 1669 21.92 15.06 28.19
CA SER D 1669 22.72 16.29 28.04
C SER D 1669 23.40 16.60 29.39
N ARG D 1670 22.72 16.29 30.52
CA ARG D 1670 23.22 16.46 31.89
C ARG D 1670 24.34 15.45 32.18
N LYS D 1671 24.30 14.27 31.52
CA LYS D 1671 25.30 13.21 31.65
C LYS D 1671 26.62 13.68 31.07
N ILE D 1672 26.59 14.32 29.87
CA ILE D 1672 27.75 14.87 29.15
C ILE D 1672 28.35 16.01 29.99
N ALA D 1673 27.47 16.87 30.55
CA ALA D 1673 27.85 18.02 31.39
C ALA D 1673 28.59 17.57 32.65
N SER D 1674 28.09 16.51 33.32
CA SER D 1674 28.67 15.91 34.53
C SER D 1674 30.08 15.36 34.27
N VAL D 1675 30.27 14.71 33.11
CA VAL D 1675 31.55 14.12 32.70
C VAL D 1675 32.56 15.23 32.33
N LEU D 1676 32.11 16.28 31.61
CA LEU D 1676 32.99 17.37 31.19
C LEU D 1676 33.39 18.33 32.30
N ASN D 1677 32.62 18.41 33.40
CA ASN D 1677 32.92 19.28 34.54
C ASN D 1677 34.27 18.95 35.18
N SER D 1678 35.05 20.00 35.55
CA SER D 1678 36.39 19.94 36.18
C SER D 1678 37.52 19.44 35.25
N ALA D 1679 37.24 19.22 33.95
CA ALA D 1679 38.25 18.78 32.98
C ALA D 1679 39.18 19.94 32.58
N HIS D 1680 40.37 19.63 32.08
CA HIS D 1680 41.32 20.65 31.63
C HIS D 1680 41.47 20.57 30.11
N TYR D 1681 41.08 21.64 29.41
CA TYR D 1681 41.15 21.73 27.95
C TYR D 1681 42.57 22.00 27.46
N LEU D 1682 42.98 21.28 26.40
CA LEU D 1682 44.27 21.44 25.76
C LEU D 1682 44.17 22.59 24.78
N GLU D 1683 44.43 23.82 25.29
CA GLU D 1683 44.35 25.08 24.54
C GLU D 1683 45.32 25.09 23.37
N LYS D 1684 44.85 25.60 22.21
CA LYS D 1684 45.60 25.72 20.94
C LYS D 1684 46.00 24.36 20.31
N MET D 1685 45.65 23.24 20.97
CA MET D 1685 45.99 21.90 20.51
C MET D 1685 44.75 21.07 20.13
N HIS D 1686 43.95 21.64 19.21
CA HIS D 1686 42.77 21.02 18.62
C HIS D 1686 43.03 20.95 17.11
N TYR D 1687 42.75 19.80 16.48
CA TYR D 1687 43.05 19.62 15.07
C TYR D 1687 41.91 18.96 14.29
N SER D 1688 41.99 19.04 12.94
CA SER D 1688 41.07 18.39 12.02
C SER D 1688 41.74 17.09 11.62
N ILE D 1689 41.35 15.98 12.27
CA ILE D 1689 41.92 14.64 12.05
C ILE D 1689 40.87 13.79 11.37
N GLU D 1690 41.16 13.35 10.13
CA GLU D 1690 40.27 12.52 9.28
C GLU D 1690 38.88 13.16 9.11
N GLY D 1691 38.85 14.48 8.96
CA GLY D 1691 37.64 15.27 8.81
C GLY D 1691 36.99 15.69 10.11
N LYS D 1692 37.36 15.02 11.23
CA LYS D 1692 36.83 15.28 12.57
C LYS D 1692 37.43 16.49 13.27
N ASP D 1693 36.56 17.35 13.81
CA ASP D 1693 36.92 18.52 14.61
C ASP D 1693 37.19 18.00 16.05
N THR D 1694 38.43 17.51 16.27
CA THR D 1694 38.84 16.91 17.52
C THR D 1694 39.34 17.93 18.53
N HIS D 1695 38.82 17.82 19.77
CA HIS D 1695 39.19 18.67 20.91
C HIS D 1695 39.60 17.77 22.06
N TYR D 1696 40.78 18.05 22.64
CA TYR D 1696 41.36 17.24 23.71
C TYR D 1696 41.21 17.83 25.10
N PHE D 1697 40.81 16.98 26.05
CA PHE D 1697 40.57 17.30 27.45
C PHE D 1697 41.21 16.24 28.35
N VAL D 1698 41.54 16.62 29.60
CA VAL D 1698 42.11 15.71 30.60
C VAL D 1698 41.37 15.81 31.92
N LYS D 1699 41.30 14.69 32.65
CA LYS D 1699 40.67 14.66 33.97
C LYS D 1699 41.60 13.95 34.96
N ILE D 1700 41.93 14.64 36.06
CA ILE D 1700 42.79 14.09 37.11
C ILE D 1700 41.90 13.38 38.13
N GLY D 1701 41.90 12.06 38.05
CA GLY D 1701 41.11 11.17 38.90
C GLY D 1701 40.72 9.91 38.17
N SER D 1702 39.76 9.17 38.74
CA SER D 1702 39.27 7.92 38.16
C SER D 1702 38.01 8.14 37.33
N ALA D 1703 37.86 7.34 36.27
CA ALA D 1703 36.71 7.41 35.37
C ALA D 1703 35.48 6.70 35.96
N ASP D 1704 35.66 5.93 37.06
CA ASP D 1704 34.62 5.17 37.76
C ASP D 1704 33.35 5.97 38.04
N SER D 1705 33.49 7.18 38.61
CA SER D 1705 32.38 8.07 38.94
C SER D 1705 31.61 8.49 37.69
N ASP D 1706 32.34 8.85 36.62
CA ASP D 1706 31.77 9.27 35.34
C ASP D 1706 31.18 8.11 34.53
N LEU D 1707 31.67 6.88 34.74
CA LEU D 1707 31.17 5.67 34.06
C LEU D 1707 29.81 5.26 34.61
N VAL D 1708 29.55 5.54 35.91
CA VAL D 1708 28.29 5.29 36.61
C VAL D 1708 27.23 6.23 36.03
N THR D 1709 27.62 7.51 35.80
CA THR D 1709 26.80 8.58 35.22
C THR D 1709 26.36 8.20 33.80
N LEU D 1710 27.30 7.72 32.96
CA LEU D 1710 27.06 7.32 31.57
C LEU D 1710 26.30 5.99 31.47
N ALA D 1711 26.25 5.22 32.58
CA ALA D 1711 25.61 3.90 32.71
C ALA D 1711 26.18 2.88 31.70
N MET D 1712 27.52 2.81 31.63
CA MET D 1712 28.29 1.93 30.74
C MET D 1712 29.66 1.59 31.32
N THR D 1713 30.30 0.53 30.80
CA THR D 1713 31.62 0.06 31.23
C THR D 1713 32.66 0.20 30.10
N SER D 1714 32.29 -0.22 28.87
CA SER D 1714 33.12 -0.16 27.67
C SER D 1714 32.24 -0.17 26.41
N GLY D 1715 32.87 0.08 25.26
CA GLY D 1715 32.20 0.10 23.97
C GLY D 1715 31.58 1.44 23.62
N ARG D 1716 30.59 1.42 22.71
CA ARG D 1716 29.88 2.61 22.23
C ARG D 1716 28.40 2.61 22.62
N LYS D 1717 27.89 3.76 23.08
CA LYS D 1717 26.50 3.97 23.48
C LYS D 1717 25.96 5.19 22.72
N VAL D 1718 24.72 5.07 22.20
CA VAL D 1718 24.04 6.15 21.45
C VAL D 1718 22.98 6.78 22.36
N LEU D 1719 23.06 8.10 22.56
CA LEU D 1719 22.13 8.85 23.39
C LEU D 1719 20.87 9.24 22.60
N ASP D 1720 19.84 9.76 23.29
CA ASP D 1720 18.57 10.20 22.68
C ASP D 1720 18.76 11.24 21.55
N SER D 1721 19.77 12.12 21.71
CA SER D 1721 20.16 13.16 20.75
C SER D 1721 20.85 12.57 19.52
N GLY D 1722 21.47 11.41 19.67
CA GLY D 1722 22.20 10.72 18.61
C GLY D 1722 23.71 10.75 18.84
N VAL D 1723 24.15 11.45 19.91
CA VAL D 1723 25.55 11.61 20.31
C VAL D 1723 26.14 10.26 20.72
N ASN D 1724 27.29 9.92 20.14
CA ASN D 1724 28.03 8.68 20.40
C ASN D 1724 28.97 8.85 21.59
N VAL D 1725 28.91 7.91 22.54
CA VAL D 1725 29.78 7.88 23.72
C VAL D 1725 30.61 6.60 23.61
N THR D 1726 31.94 6.74 23.42
CA THR D 1726 32.85 5.60 23.29
C THR D 1726 33.84 5.56 24.44
N VAL D 1727 33.78 4.47 25.22
CA VAL D 1727 34.68 4.23 26.36
C VAL D 1727 35.67 3.12 25.95
N SER D 1728 36.97 3.44 26.03
CA SER D 1728 38.05 2.52 25.65
C SER D 1728 39.28 2.69 26.53
N GLN D 1729 40.17 1.69 26.54
CA GLN D 1729 41.42 1.73 27.28
C GLN D 1729 42.61 1.59 26.30
N PRO D 1730 42.97 2.67 25.57
CA PRO D 1730 44.05 2.55 24.58
C PRO D 1730 45.46 2.54 25.15
N THR D 1731 46.38 1.88 24.43
CA THR D 1731 47.79 1.79 24.78
C THR D 1731 48.56 2.47 23.64
N LEU D 1732 49.18 3.64 23.95
CA LEU D 1732 49.91 4.44 22.97
C LEU D 1732 51.43 4.41 23.17
N LEU D 1733 52.18 4.48 22.05
CA LEU D 1733 53.65 4.51 22.03
C LEU D 1733 54.09 5.88 21.49
N ILE D 1734 54.41 6.80 22.41
CA ILE D 1734 54.84 8.17 22.11
C ILE D 1734 56.32 8.35 22.46
N ASN D 1735 57.19 8.49 21.42
CA ASN D 1735 58.65 8.67 21.51
C ASN D 1735 59.37 7.52 22.28
N GLY D 1736 58.86 6.30 22.10
CA GLY D 1736 59.39 5.11 22.77
C GLY D 1736 58.83 4.88 24.16
N ARG D 1737 57.87 5.73 24.59
CA ARG D 1737 57.22 5.67 25.91
C ARG D 1737 55.83 5.06 25.76
N THR D 1738 55.57 3.91 26.43
CA THR D 1738 54.29 3.23 26.39
C THR D 1738 53.39 3.79 27.52
N ARG D 1739 52.07 3.89 27.29
CA ARG D 1739 51.11 4.38 28.29
C ARG D 1739 49.70 3.85 28.07
N ARG D 1740 49.04 3.42 29.16
CA ARG D 1740 47.67 2.89 29.15
C ARG D 1740 46.79 3.73 30.09
N PHE D 1741 45.65 4.23 29.57
CA PHE D 1741 44.71 5.08 30.30
C PHE D 1741 43.26 4.86 29.87
N THR D 1742 42.29 5.40 30.62
CA THR D 1742 40.87 5.33 30.29
C THR D 1742 40.55 6.51 29.35
N ASN D 1743 39.72 6.26 28.33
CA ASN D 1743 39.37 7.28 27.33
C ASN D 1743 37.88 7.33 27.03
N ILE D 1744 37.24 8.48 27.33
CA ILE D 1744 35.83 8.73 27.04
C ILE D 1744 35.76 9.71 25.88
N GLU D 1745 35.07 9.31 24.80
CA GLU D 1745 34.93 10.11 23.58
C GLU D 1745 33.46 10.41 23.29
N PHE D 1746 33.12 11.71 23.15
CA PHE D 1746 31.79 12.20 22.79
C PHE D 1746 31.86 12.66 21.33
N GLN D 1747 30.96 12.15 20.46
CA GLN D 1747 30.99 12.48 19.04
C GLN D 1747 29.62 12.58 18.38
N TYR D 1748 29.43 13.66 17.60
CA TYR D 1748 28.26 13.89 16.75
C TYR D 1748 28.78 14.45 15.43
N SER D 1749 28.52 13.73 14.32
CA SER D 1749 28.95 14.08 12.96
C SER D 1749 30.48 14.35 12.94
N THR D 1750 30.92 15.53 12.52
CA THR D 1750 32.35 15.89 12.49
C THR D 1750 32.90 16.25 13.87
N LEU D 1751 32.06 16.76 14.78
CA LEU D 1751 32.51 17.16 16.13
C LEU D 1751 32.89 15.95 17.02
N LEU D 1752 34.10 16.00 17.59
CA LEU D 1752 34.65 14.98 18.45
C LEU D 1752 35.32 15.63 19.67
N ILE D 1753 34.88 15.25 20.88
CA ILE D 1753 35.41 15.70 22.17
C ILE D 1753 36.01 14.48 22.86
N ASN D 1754 37.33 14.52 23.14
CA ASN D 1754 38.07 13.41 23.76
C ASN D 1754 38.56 13.75 25.17
N ILE D 1755 38.33 12.83 26.12
CA ILE D 1755 38.75 12.99 27.53
C ILE D 1755 39.68 11.84 27.94
N ARG D 1756 40.90 12.19 28.39
CA ARG D 1756 41.90 11.25 28.88
C ARG D 1756 41.92 11.30 30.42
N TYR D 1757 41.90 10.13 31.06
CA TYR D 1757 41.92 10.02 32.52
C TYR D 1757 43.29 9.63 33.04
N GLY D 1758 43.83 10.50 33.89
CA GLY D 1758 45.12 10.32 34.55
C GLY D 1758 45.00 10.54 36.04
N LEU D 1759 46.09 10.33 36.78
CA LEU D 1759 46.10 10.48 38.24
C LEU D 1759 47.27 11.34 38.72
N THR D 1760 48.39 11.33 37.97
CA THR D 1760 49.59 12.12 38.21
C THR D 1760 49.35 13.60 37.83
N ALA D 1761 50.23 14.51 38.28
CA ALA D 1761 50.14 15.95 37.97
C ALA D 1761 50.56 16.22 36.53
N ASP D 1762 51.45 15.36 35.98
CA ASP D 1762 51.98 15.44 34.61
C ASP D 1762 51.00 14.93 33.53
N THR D 1763 49.74 14.60 33.89
CA THR D 1763 48.69 14.10 32.97
C THR D 1763 48.46 15.08 31.80
N LEU D 1764 48.29 16.38 32.10
CA LEU D 1764 48.08 17.44 31.11
C LEU D 1764 49.30 17.57 30.19
N ASP D 1765 50.52 17.52 30.76
CA ASP D 1765 51.78 17.61 30.03
C ASP D 1765 52.04 16.38 29.16
N GLU D 1766 51.57 15.19 29.60
CA GLU D 1766 51.71 13.93 28.86
C GLU D 1766 50.77 13.87 27.66
N GLU D 1767 49.52 14.35 27.81
CA GLU D 1767 48.52 14.41 26.74
C GLU D 1767 48.95 15.45 25.69
N LYS D 1768 49.53 16.58 26.15
CA LYS D 1768 50.06 17.64 25.28
C LYS D 1768 51.19 17.08 24.42
N ALA D 1769 52.10 16.30 25.04
CA ALA D 1769 53.23 15.65 24.36
C ALA D 1769 52.73 14.54 23.42
N ARG D 1770 51.60 13.88 23.77
CA ARG D 1770 50.98 12.82 22.98
C ARG D 1770 50.36 13.38 21.69
N VAL D 1771 49.47 14.39 21.83
CA VAL D 1771 48.74 15.03 20.71
C VAL D 1771 49.69 15.72 19.73
N LEU D 1772 50.79 16.32 20.24
CA LEU D 1772 51.80 16.99 19.40
C LEU D 1772 52.63 15.99 18.62
N ASP D 1773 52.94 14.83 19.23
CA ASP D 1773 53.69 13.76 18.57
C ASP D 1773 52.84 13.11 17.48
N GLN D 1774 51.53 12.91 17.74
CA GLN D 1774 50.59 12.33 16.80
C GLN D 1774 50.36 13.27 15.61
N ALA D 1775 50.34 14.59 15.89
CA ALA D 1775 50.21 15.64 14.87
C ALA D 1775 51.51 15.71 14.05
N ARG D 1776 52.68 15.55 14.71
CA ARG D 1776 54.00 15.54 14.06
C ARG D 1776 54.08 14.38 13.07
N GLN D 1777 53.51 13.22 13.43
CA GLN D 1777 53.44 12.01 12.59
C GLN D 1777 52.55 12.26 11.37
N ARG D 1778 51.44 13.01 11.55
CA ARG D 1778 50.51 13.36 10.48
C ARG D 1778 51.16 14.34 9.51
N ALA D 1779 51.86 15.37 10.04
CA ALA D 1779 52.58 16.38 9.26
C ALA D 1779 53.70 15.74 8.45
N LEU D 1780 54.48 14.82 9.07
CA LEU D 1780 55.58 14.12 8.41
C LEU D 1780 55.10 13.10 7.39
N GLY D 1781 54.03 12.37 7.75
CA GLY D 1781 53.41 11.37 6.88
C GLY D 1781 52.89 11.99 5.60
N SER D 1782 52.22 13.15 5.73
CA SER D 1782 51.65 13.93 4.63
C SER D 1782 52.76 14.58 3.78
N ALA D 1783 53.75 15.24 4.42
CA ALA D 1783 54.86 15.92 3.73
C ALA D 1783 55.71 14.99 2.87
N TRP D 1784 56.04 13.78 3.37
CA TRP D 1784 56.82 12.78 2.63
C TRP D 1784 56.02 12.21 1.46
N ALA D 1785 54.70 12.00 1.65
CA ALA D 1785 53.78 11.49 0.63
C ALA D 1785 53.66 12.48 -0.54
N LYS D 1786 53.54 13.78 -0.23
CA LYS D 1786 53.46 14.88 -1.20
C LYS D 1786 54.79 15.02 -1.95
N GLU D 1787 55.93 14.81 -1.24
CA GLU D 1787 57.27 14.87 -1.80
C GLU D 1787 57.51 13.70 -2.78
N GLN D 1788 57.01 12.50 -2.44
CA GLN D 1788 57.10 11.29 -3.26
C GLN D 1788 56.25 11.47 -4.53
N GLN D 1789 55.05 12.07 -4.38
CA GLN D 1789 54.12 12.34 -5.48
C GLN D 1789 54.72 13.34 -6.48
N LYS D 1790 55.47 14.36 -5.99
CA LYS D 1790 56.15 15.36 -6.82
C LYS D 1790 57.19 14.70 -7.71
N ALA D 1791 57.95 13.73 -7.15
CA ALA D 1791 58.96 12.95 -7.85
C ALA D 1791 58.34 12.04 -8.91
N ARG D 1792 57.16 11.44 -8.60
CA ARG D 1792 56.40 10.56 -9.49
C ARG D 1792 55.83 11.33 -10.69
N ASP D 1793 55.29 12.54 -10.44
CA ASP D 1793 54.68 13.44 -11.42
C ASP D 1793 55.70 14.17 -12.32
N GLY D 1794 56.96 14.19 -11.89
CA GLY D 1794 58.03 14.88 -12.60
C GLY D 1794 58.08 16.36 -12.26
N ARG D 1795 57.41 16.75 -11.15
CA ARG D 1795 57.37 18.13 -10.64
C ARG D 1795 58.57 18.39 -9.74
N GLU D 1796 58.95 19.68 -9.58
CA GLU D 1796 60.06 20.11 -8.72
C GLU D 1796 59.67 19.96 -7.26
N GLY D 1797 60.56 19.34 -6.48
CA GLY D 1797 60.36 19.12 -5.06
C GLY D 1797 60.66 20.34 -4.20
N SER D 1798 60.41 20.22 -2.88
CA SER D 1798 60.65 21.27 -1.90
C SER D 1798 62.16 21.49 -1.69
N ARG D 1799 62.96 20.42 -1.85
CA ARG D 1799 64.41 20.41 -1.71
C ARG D 1799 65.03 19.82 -2.98
N VAL D 1800 66.28 20.19 -3.28
CA VAL D 1800 67.00 19.65 -4.44
C VAL D 1800 67.59 18.27 -4.08
N TRP D 1801 67.02 17.21 -4.66
CA TRP D 1801 67.46 15.83 -4.42
C TRP D 1801 68.34 15.35 -5.57
N THR D 1802 69.33 14.50 -5.28
CA THR D 1802 70.20 13.91 -6.29
C THR D 1802 69.44 12.74 -6.93
N ASP D 1803 69.97 12.16 -8.04
CA ASP D 1803 69.36 11.04 -8.75
C ASP D 1803 69.13 9.82 -7.84
N GLY D 1804 70.09 9.58 -6.93
CA GLY D 1804 70.03 8.50 -5.94
C GLY D 1804 69.01 8.76 -4.86
N GLU D 1805 68.95 10.02 -4.38
CA GLU D 1805 68.01 10.47 -3.35
C GLU D 1805 66.57 10.42 -3.88
N LYS D 1806 66.37 10.86 -5.14
CA LYS D 1806 65.08 10.85 -5.84
C LYS D 1806 64.57 9.43 -6.03
N GLN D 1807 65.46 8.49 -6.43
CA GLN D 1807 65.11 7.08 -6.61
C GLN D 1807 64.77 6.38 -5.30
N GLN D 1808 65.46 6.77 -4.20
CA GLN D 1808 65.22 6.26 -2.85
C GLN D 1808 63.82 6.66 -2.38
N LEU D 1809 63.43 7.92 -2.67
CA LEU D 1809 62.12 8.50 -2.35
C LEU D 1809 60.99 7.80 -3.12
N LEU D 1810 61.24 7.43 -4.39
CA LEU D 1810 60.28 6.75 -5.25
C LEU D 1810 59.99 5.31 -4.80
N ASN D 1811 61.04 4.58 -4.37
CA ASN D 1811 60.96 3.18 -3.96
C ASN D 1811 60.52 2.97 -2.51
N THR D 1812 61.15 3.68 -1.55
CA THR D 1812 60.85 3.51 -0.12
C THR D 1812 59.80 4.49 0.42
N GLY D 1813 59.89 5.76 0.01
CA GLY D 1813 58.99 6.81 0.45
C GLY D 1813 59.70 7.84 1.33
N ARG D 1814 60.87 7.47 1.86
CA ARG D 1814 61.72 8.29 2.71
C ARG D 1814 63.13 8.34 2.11
N VAL D 1815 63.94 9.35 2.50
CA VAL D 1815 65.33 9.48 2.06
C VAL D 1815 66.24 9.39 3.29
N GLN D 1816 67.24 8.46 3.25
CA GLN D 1816 68.20 8.22 4.32
C GLN D 1816 69.05 9.43 4.66
N GLY D 1817 69.07 9.79 5.94
CA GLY D 1817 69.80 10.94 6.45
C GLY D 1817 68.97 12.21 6.50
N TYR D 1818 67.80 12.20 5.81
CA TYR D 1818 66.88 13.33 5.76
C TYR D 1818 65.66 13.10 6.64
N GLU D 1819 65.25 14.15 7.36
CA GLU D 1819 64.08 14.17 8.23
C GLU D 1819 63.37 15.52 8.08
N GLY D 1820 62.06 15.52 8.32
CA GLY D 1820 61.25 16.72 8.26
C GLY D 1820 61.27 17.47 9.57
N TYR D 1821 61.54 18.79 9.50
CA TYR D 1821 61.62 19.69 10.65
C TYR D 1821 60.66 20.86 10.46
N TYR D 1822 60.15 21.43 11.56
CA TYR D 1822 59.22 22.56 11.51
C TYR D 1822 59.96 23.85 11.13
N VAL D 1823 59.39 24.62 10.20
CA VAL D 1823 59.94 25.91 9.78
C VAL D 1823 59.55 26.90 10.88
N LEU D 1824 58.23 27.07 11.10
CA LEU D 1824 57.73 27.92 12.19
C LEU D 1824 57.68 27.03 13.46
N PRO D 1825 58.35 27.45 14.56
CA PRO D 1825 58.38 26.60 15.78
C PRO D 1825 57.02 26.22 16.35
N VAL D 1826 56.83 24.92 16.61
CA VAL D 1826 55.61 24.32 17.16
C VAL D 1826 55.35 24.79 18.61
N GLU D 1827 56.39 25.26 19.30
CA GLU D 1827 56.34 25.78 20.67
C GLU D 1827 55.56 27.10 20.70
N GLN D 1828 55.69 27.93 19.65
CA GLN D 1828 55.02 29.23 19.50
C GLN D 1828 53.78 29.11 18.59
N TYR D 1829 53.77 28.10 17.71
CA TYR D 1829 52.67 27.84 16.78
C TYR D 1829 52.16 26.38 16.90
N PRO D 1830 51.46 26.01 18.01
CA PRO D 1830 51.00 24.61 18.14
C PRO D 1830 49.87 24.22 17.17
N GLU D 1831 49.15 25.22 16.63
CA GLU D 1831 48.06 25.02 15.68
C GLU D 1831 48.54 24.47 14.32
N LEU D 1832 49.83 24.67 13.99
CA LEU D 1832 50.48 24.20 12.75
C LEU D 1832 51.16 22.83 12.90
N ALA D 1833 50.95 22.15 14.05
CA ALA D 1833 51.59 20.87 14.39
C ALA D 1833 51.36 19.73 13.38
N ASP D 1834 50.17 19.69 12.74
CA ASP D 1834 49.85 18.65 11.75
C ASP D 1834 49.92 19.14 10.29
N SER D 1835 50.37 20.39 10.08
CA SER D 1835 50.50 21.03 8.77
C SER D 1835 51.77 20.57 8.06
N SER D 1836 51.63 19.91 6.89
CA SER D 1836 52.74 19.43 6.06
C SER D 1836 53.48 20.57 5.36
N SER D 1837 52.79 21.71 5.16
CA SER D 1837 53.34 22.92 4.53
C SER D 1837 54.21 23.75 5.50
N ASN D 1838 54.36 23.27 6.74
CA ASN D 1838 55.18 23.87 7.79
C ASN D 1838 56.44 23.01 8.02
N ILE D 1839 56.61 21.95 7.20
CA ILE D 1839 57.71 20.98 7.26
C ILE D 1839 58.75 21.23 6.15
N GLN D 1840 60.04 21.09 6.48
CA GLN D 1840 61.18 21.20 5.56
C GLN D 1840 62.11 20.01 5.75
N PHE D 1841 62.55 19.38 4.65
CA PHE D 1841 63.45 18.22 4.72
C PHE D 1841 64.90 18.69 4.75
N LEU D 1842 65.62 18.32 5.82
CA LEU D 1842 67.02 18.69 6.03
C LEU D 1842 67.83 17.50 6.55
N ARG D 1843 69.11 17.45 6.17
CA ARG D 1843 70.06 16.45 6.68
C ARG D 1843 70.65 17.01 7.98
N GLN D 1844 71.36 16.18 8.77
CA GLN D 1844 71.94 16.60 10.06
C GLN D 1844 73.05 17.67 9.95
N ASN D 1845 73.43 18.07 8.71
CA ASN D 1845 74.41 19.11 8.42
C ASN D 1845 73.82 20.52 8.60
N GLU D 1846 72.47 20.65 8.45
CA GLU D 1846 71.67 21.88 8.59
C GLU D 1846 72.11 23.01 7.67
C1 NAG E . -55.38 -51.88 24.30
C2 NAG E . -55.94 -50.54 23.83
C3 NAG E . -56.46 -49.75 25.03
C4 NAG E . -57.45 -50.58 25.84
C5 NAG E . -56.81 -51.91 26.24
C6 NAG E . -57.77 -52.87 26.92
C7 NAG E . -54.94 -49.66 21.75
C8 NAG E . -53.81 -48.87 21.17
N2 NAG E . -54.97 -49.77 23.08
O3 NAG E . -57.07 -48.54 24.57
O4 NAG E . -57.86 -49.87 27.00
O5 NAG E . -56.34 -52.60 25.07
O6 NAG E . -57.08 -53.97 27.50
O7 NAG E . -55.80 -50.18 21.04
C1 NAG E . -59.25 -49.70 27.22
C2 NAG E . -59.48 -49.38 28.70
C3 NAG E . -60.94 -49.04 28.95
C4 NAG E . -61.46 -48.03 27.93
C5 NAG E . -61.23 -48.56 26.51
C6 NAG E . -61.69 -47.62 25.40
C7 NAG E . -57.87 -50.58 30.16
C8 NAG E . -57.71 -51.76 31.07
N2 NAG E . -59.06 -50.47 29.56
O3 NAG E . -61.10 -48.55 30.27
O4 NAG E . -62.85 -47.78 28.18
O5 NAG E . -59.82 -48.76 26.32
O6 NAG E . -61.02 -46.37 25.45
O7 NAG E . -56.95 -49.78 29.96
C1 BMA E . -63.22 -46.45 28.43
C2 BMA E . -64.54 -46.16 27.74
C3 BMA E . -65.00 -44.73 28.02
C4 BMA E . -64.96 -44.39 29.52
C5 BMA E . -63.59 -44.76 30.12
C6 BMA E . -63.45 -44.57 31.62
O2 BMA E . -65.51 -47.14 28.09
O3 BMA E . -66.30 -44.51 27.46
O4 BMA E . -65.18 -42.99 29.70
O5 BMA E . -63.29 -46.15 29.84
O6 BMA E . -64.69 -44.44 32.32
C1 MAN E . -66.41 -43.59 26.39
C2 MAN E . -67.89 -43.24 26.16
C3 MAN E . -68.63 -44.38 25.45
C4 MAN E . -67.89 -44.83 24.18
C5 MAN E . -66.42 -45.17 24.49
C6 MAN E . -65.60 -45.45 23.26
O2 MAN E . -67.99 -42.03 25.43
O3 MAN E . -69.96 -43.96 25.12
O4 MAN E . -68.54 -45.98 23.64
O5 MAN E . -65.78 -44.05 25.17
O6 MAN E . -64.22 -45.63 23.58
C1 MAN E . -68.32 -40.86 26.18
C2 MAN E . -68.88 -39.80 25.25
C3 MAN E . -67.78 -39.26 24.33
C4 MAN E . -66.58 -38.75 25.13
C5 MAN E . -66.10 -39.82 26.13
C6 MAN E . -65.05 -39.32 27.10
O2 MAN E . -69.44 -38.74 26.02
O3 MAN E . -68.29 -38.24 23.47
O4 MAN E . -65.52 -38.40 24.24
O5 MAN E . -67.20 -40.34 26.93
O6 MAN E . -65.60 -38.47 28.10
C1 MAN E . -70.86 -38.64 26.03
C2 MAN E . -71.23 -37.22 26.48
C3 MAN E . -70.94 -37.01 27.97
C4 MAN E . -71.57 -38.10 28.83
C5 MAN E . -71.18 -39.50 28.32
C6 MAN E . -71.91 -40.62 29.01
O2 MAN E . -72.59 -36.94 26.14
O3 MAN E . -71.40 -35.72 28.38
O4 MAN E . -71.14 -37.96 30.18
O5 MAN E . -71.48 -39.63 26.89
O6 MAN E . -71.49 -41.90 28.52
C1 MAN E . -64.69 -45.03 33.59
C2 MAN E . -65.70 -46.17 33.60
C3 MAN E . -67.14 -45.64 33.64
C4 MAN E . -67.34 -44.66 34.79
C5 MAN E . -66.30 -43.53 34.72
C6 MAN E . -66.33 -42.63 35.94
O2 MAN E . -65.43 -47.08 34.66
O3 MAN E . -68.08 -46.72 33.69
O4 MAN E . -68.66 -44.12 34.74
O5 MAN E . -64.94 -44.07 34.65
O6 MAN E . -66.06 -41.27 35.60
C1 MAN E . -68.56 -47.23 32.45
C2 MAN E . -70.00 -47.71 32.61
C3 MAN E . -70.10 -49.12 33.23
C4 MAN E . -69.10 -50.10 32.63
C5 MAN E . -67.69 -49.50 32.63
C6 MAN E . -66.65 -50.38 31.98
O2 MAN E . -70.68 -47.63 31.36
O3 MAN E . -71.43 -49.61 33.05
O4 MAN E . -69.11 -51.32 33.38
O5 MAN E . -67.70 -48.25 31.91
O6 MAN E . -65.49 -50.51 32.80
C1 NAG F . -29.56 -28.51 -39.33
C2 NAG F . -29.93 -27.06 -39.01
C3 NAG F . -31.33 -26.75 -39.55
C4 NAG F . -31.47 -27.14 -41.02
C5 NAG F . -31.05 -28.59 -41.22
C6 NAG F . -31.04 -29.04 -42.66
C7 NAG F . -29.05 -25.87 -37.02
C8 NAG F . -29.47 -25.39 -35.66
N2 NAG F . -29.84 -26.78 -37.58
O3 NAG F . -31.62 -25.37 -39.36
O4 NAG F . -32.84 -26.97 -41.41
O5 NAG F . -29.71 -28.80 -40.70
O6 NAG F . -29.92 -28.50 -43.38
O7 NAG F . -28.02 -25.47 -37.56
C1 NAG F . -33.15 -25.98 -42.39
C2 NAG F . -34.38 -26.44 -43.18
C3 NAG F . -34.83 -25.37 -44.16
C4 NAG F . -35.00 -24.02 -43.48
C5 NAG F . -33.72 -23.66 -42.71
C6 NAG F . -33.85 -22.40 -41.89
C7 NAG F . -34.73 -28.86 -43.57
C8 NAG F . -34.49 -29.98 -44.54
N2 NAG F . -34.14 -27.70 -43.86
O3 NAG F . -36.04 -25.77 -44.80
O4 NAG F . -35.26 -23.03 -44.47
O5 NAG F . -33.40 -24.72 -41.78
O6 NAG F . -33.57 -21.24 -42.67
O7 NAG F . -35.42 -29.01 -42.56
C1 NAG G . -36.55 -67.22 -31.86
C2 NAG G . -38.04 -67.37 -31.59
C3 NAG G . -38.25 -68.05 -30.23
C4 NAG G . -37.43 -69.34 -30.09
C5 NAG G . -35.97 -69.10 -30.50
C6 NAG G . -35.15 -70.36 -30.57
C7 NAG G . -39.52 -65.65 -32.58
C8 NAG G . -39.03 -64.45 -33.34
N2 NAG G . -38.71 -66.08 -31.59
O3 NAG G . -39.63 -68.29 -30.01
O4 NAG G . -37.47 -69.72 -28.72
O5 NAG G . -35.91 -68.48 -31.81
O6 NAG G . -33.77 -70.08 -30.74
O7 NAG G . -40.59 -66.19 -32.81
C1 NAG G . -38.10 -70.96 -28.37
C2 NAG G . -37.40 -71.50 -27.11
C3 NAG G . -38.13 -72.72 -26.57
C4 NAG G . -39.64 -72.51 -26.48
C5 NAG G . -40.18 -72.01 -27.82
C6 NAG G . -41.66 -71.67 -27.78
C7 NAG G . -34.95 -71.15 -26.90
C8 NAG G . -33.70 -71.95 -26.77
N2 NAG G . -36.01 -71.81 -27.38
O3 NAG G . -37.59 -73.07 -25.31
O4 NAG G . -40.27 -73.75 -26.14
O5 NAG G . -39.49 -70.79 -28.19
O6 NAG G . -42.20 -71.59 -29.09
O7 NAG G . -35.00 -69.95 -26.60
C1 NAG H . -46.57 -20.01 -19.41
C2 NAG H . -45.32 -19.13 -19.28
C3 NAG H . -45.69 -17.66 -19.02
C4 NAG H . -46.85 -17.14 -19.88
C5 NAG H . -48.00 -18.14 -19.89
C6 NAG H . -49.10 -17.77 -20.85
C7 NAG H . -43.26 -20.10 -18.30
C8 NAG H . -42.46 -20.14 -17.04
N2 NAG H . -44.50 -19.62 -18.20
O3 NAG H . -44.52 -16.87 -19.21
O4 NAG H . -47.32 -15.93 -19.29
O5 NAG H . -47.52 -19.43 -20.30
O6 NAG H . -50.28 -18.53 -20.59
O7 NAG H . -42.82 -20.51 -19.36
C1 NAG H . -47.03 -14.69 -19.89
C2 NAG H . -48.24 -13.76 -19.66
C3 NAG H . -47.92 -12.33 -20.10
C4 NAG H . -46.60 -11.84 -19.51
C5 NAG H . -45.49 -12.83 -19.85
C6 NAG H . -44.15 -12.47 -19.23
C7 NAG H . -50.57 -14.54 -19.64
C8 NAG H . -51.73 -13.65 -19.93
N2 NAG H . -49.44 -14.26 -20.30
O3 NAG H . -48.98 -11.47 -19.75
O4 NAG H . -46.29 -10.56 -20.05
O5 NAG H . -45.83 -14.15 -19.35
O6 NAG H . -43.11 -13.34 -19.68
O7 NAG H . -50.64 -15.46 -18.85
C1 NAG I . -12.35 -33.70 20.29
C2 NAG I . -11.77 -35.12 20.29
C3 NAG I . -11.66 -35.63 21.73
C4 NAG I . -10.92 -34.64 22.64
C5 NAG I . -11.56 -33.25 22.52
C6 NAG I . -10.82 -32.17 23.26
C7 NAG I . -12.39 -36.28 18.19
C8 NAG I . -13.57 -36.90 17.49
N2 NAG I . -12.55 -36.06 19.50
O3 NAG I . -11.01 -36.90 21.73
O4 NAG I . -11.00 -35.12 23.97
O5 NAG I . -11.60 -32.84 21.14
O6 NAG I . -9.63 -31.76 22.59
O7 NAG I . -11.37 -36.00 17.60
C1 NAG I . -9.79 -35.30 24.71
C2 NAG I . -10.14 -35.32 26.20
C3 NAG I . -8.88 -35.59 27.04
C4 NAG I . -8.13 -36.82 26.54
C5 NAG I . -7.86 -36.70 25.04
C6 NAG I . -7.21 -37.93 24.44
C7 NAG I . -12.09 -34.05 27.00
C8 NAG I . -12.40 -33.12 28.15
N2 NAG I . -10.80 -34.12 26.63
O3 NAG I . -9.22 -35.72 28.41
O4 NAG I . -6.90 -36.92 27.24
O5 NAG I . -9.11 -36.49 24.32
O6 NAG I . -8.15 -38.99 24.24
O7 NAG I . -12.98 -34.69 26.44
C1 NAG J . 1.60 -31.64 9.73
C2 NAG J . 0.13 -31.23 9.49
C3 NAG J . -0.15 -29.88 10.16
C4 NAG J . 0.28 -29.85 11.62
C5 NAG J . 1.73 -30.33 11.76
C6 NAG J . 2.18 -30.50 13.18
C7 NAG J . -1.30 -31.68 7.52
C8 NAG J . -1.56 -31.25 6.12
N2 NAG J . -0.19 -31.20 8.08
O3 NAG J . -1.53 -29.57 10.03
O4 NAG J . 0.15 -28.52 12.12
O5 NAG J . 1.88 -31.62 11.13
O6 NAG J . 1.61 -31.65 13.80
O7 NAG J . -2.05 -32.45 8.11
C1 NAG J . -0.63 -28.31 13.30
C2 NAG J . -0.10 -27.08 14.03
C3 NAG J . -0.97 -26.77 15.25
C4 NAG J . -2.46 -26.74 14.91
C5 NAG J . -2.86 -28.00 14.14
C6 NAG J . -4.28 -27.98 13.64
C7 NAG J . 2.36 -26.85 13.75
C8 NAG J . 3.68 -27.04 14.44
N2 NAG J . 1.28 -27.25 14.44
O3 NAG J . -0.55 -25.55 15.85
O4 NAG J . -3.20 -26.64 16.12
O5 NAG J . -2.01 -28.16 12.98
O6 NAG J . -4.41 -27.28 12.42
O7 NAG J . 2.29 -26.38 12.62
C1 NAG K . -2.05 15.47 20.70
C2 NAG K . -3.28 15.43 19.79
C3 NAG K . -2.92 14.74 18.46
C4 NAG K . -1.69 15.39 17.83
C5 NAG K . -0.53 15.39 18.83
C6 NAG K . 0.68 16.15 18.33
C7 NAG K . -5.45 15.46 20.96
C8 NAG K . -6.48 14.60 21.61
N2 NAG K . -4.42 14.80 20.42
O3 NAG K . -4.04 14.80 17.59
O4 NAG K . -1.33 14.66 16.66
O5 NAG K . -0.93 16.06 20.05
O6 NAG K . 1.82 15.90 19.16
O7 NAG K . -5.53 16.68 20.93
C1 NAG K . -1.16 15.40 15.46
C2 NAG K . -0.32 14.58 14.49
C3 NAG K . -0.26 15.26 13.12
C4 NAG K . -1.66 15.69 12.65
C5 NAG K . -2.31 16.57 13.72
C6 NAG K . -3.72 17.05 13.38
C7 NAG K . 1.44 13.30 15.67
C8 NAG K . 2.91 13.27 16.00
N2 NAG K . 1.03 14.36 14.98
O3 NAG K . 0.36 14.41 12.17
O4 NAG K . -1.54 16.37 11.41
O5 NAG K . -2.42 15.82 14.94
O6 NAG K . -4.61 15.95 13.19
O7 NAG K . 0.69 12.39 16.00
C1 BMA K . -2.25 15.84 10.31
C2 BMA K . -2.83 16.98 9.50
C3 BMA K . -3.60 16.45 8.30
C4 BMA K . -2.79 15.43 7.49
C5 BMA K . -2.20 14.35 8.43
C6 BMA K . -1.29 13.32 7.77
O2 BMA K . -1.82 17.91 9.15
O3 BMA K . -4.05 17.54 7.49
O4 BMA K . -3.64 14.80 6.53
O5 BMA K . -1.44 14.97 9.49
O6 BMA K . -0.81 13.68 6.48
C1 MAN K . -5.45 17.76 7.38
C2 MAN K . -5.73 18.73 6.23
C3 MAN K . -5.40 20.18 6.61
C4 MAN K . -6.04 20.59 7.93
C5 MAN K . -5.69 19.58 9.04
C6 MAN K . -6.44 19.82 10.34
O2 MAN K . -7.10 18.61 5.83
O3 MAN K . -5.82 21.05 5.55
O4 MAN K . -5.58 21.88 8.30
O5 MAN K . -6.04 18.23 8.62
O6 MAN K . -6.21 18.79 11.29
C1 MAN K . -7.35 17.86 4.64
C2 MAN K . -8.72 18.24 4.09
C3 MAN K . -9.83 17.72 5.01
C4 MAN K . -9.70 16.22 5.25
C5 MAN K . -8.28 15.86 5.74
C6 MAN K . -8.00 14.37 5.80
O2 MAN K . -8.87 17.68 2.78
O3 MAN K . -11.10 18.05 4.48
O4 MAN K . -10.65 15.81 6.24
O5 MAN K . -7.27 16.43 4.86
O6 MAN K . -7.85 13.79 4.50
C1 MAN K . -8.82 18.60 1.69
C2 MAN K . -9.47 17.93 0.48
C3 MAN K . -8.59 16.81 -0.08
C4 MAN K . -7.17 17.27 -0.34
C5 MAN K . -6.58 17.96 0.91
C6 MAN K . -5.24 18.62 0.66
O2 MAN K . -9.79 18.90 -0.50
O3 MAN K . -9.18 16.28 -1.26
O4 MAN K . -6.35 16.15 -0.68
O5 MAN K . -7.48 19.02 1.38
O6 MAN K . -4.73 19.22 1.85
C1 MAN K . 0.50 13.26 6.21
C2 MAN K . 1.37 14.50 6.03
C3 MAN K . 1.11 15.17 4.68
C4 MAN K . 1.24 14.17 3.53
C5 MAN K . 0.32 12.96 3.76
C6 MAN K . 0.53 11.85 2.75
O2 MAN K . 2.74 14.17 6.23
O3 MAN K . 1.98 16.30 4.49
O4 MAN K . 0.91 14.80 2.29
O5 MAN K . 0.57 12.37 5.08
O6 MAN K . -0.68 11.19 2.43
C1 MAN K . 1.50 17.57 4.92
C2 MAN K . 2.09 18.66 4.01
C3 MAN K . 3.52 19.05 4.39
C4 MAN K . 3.70 19.23 5.90
C5 MAN K . 3.17 18.00 6.65
C6 MAN K . 3.24 18.14 8.15
O2 MAN K . 1.22 19.79 3.99
O3 MAN K . 3.91 20.24 3.70
O4 MAN K . 5.07 19.43 6.22
O5 MAN K . 1.77 17.81 6.31
O6 MAN K . 3.79 16.96 8.76
C1 NAG L . -65.68 20.68 55.01
C2 NAG L . -66.44 20.07 53.83
C3 NAG L . -66.94 21.16 52.89
C4 NAG L . -67.73 22.24 53.64
C5 NAG L . -66.89 22.77 54.81
C6 NAG L . -67.63 23.74 55.70
C7 NAG L . -65.89 17.80 52.96
C8 NAG L . -65.24 17.12 51.81
N2 NAG L . -65.62 19.11 53.12
O3 NAG L . -67.73 20.58 51.86
O4 NAG L . -68.03 23.31 52.75
O5 NAG L . -66.46 21.68 55.66
O6 NAG L . -68.59 23.09 56.53
O7 NAG L . -66.63 17.19 53.75
C1 NAG L . -69.40 23.55 52.40
C2 NAG L . -69.57 25.05 52.15
C3 NAG L . -71.01 25.34 51.71
C4 NAG L . -71.41 24.47 50.52
C5 NAG L . -71.14 22.99 50.82
C6 NAG L . -71.33 22.09 49.63
C7 NAG L . -68.17 26.68 53.36
C8 NAG L . -68.12 27.59 54.56
N2 NAG L . -69.21 25.85 53.30
O3 NAG L . -71.15 26.72 51.39
O4 NAG L . -72.80 24.65 50.27
O5 NAG L . -69.76 22.81 51.25
O6 NAG L . -72.69 21.75 49.44
O7 NAG L . -67.31 26.71 52.49
C1 NAG M . -33.02 40.42 67.01
C2 NAG M . -32.60 41.36 65.88
C3 NAG M . -31.15 41.09 65.49
C4 NAG M . -30.21 41.09 66.70
C5 NAG M . -30.77 40.20 67.81
C6 NAG M . -30.00 40.30 69.11
C7 NAG M . -34.40 42.06 64.35
C8 NAG M . -35.81 41.57 64.39
N2 NAG M . -33.46 41.19 64.72
O3 NAG M . -30.73 42.03 64.52
O4 NAG M . -28.95 40.58 66.27
O5 NAG M . -32.13 40.56 68.11
O6 NAG M . -30.41 39.29 70.03
O7 NAG M . -34.12 43.20 63.96
C1 NAG M . -27.80 41.42 66.32
C2 NAG M . -26.58 40.53 66.55
C3 NAG M . -25.29 41.33 66.43
C4 NAG M . -25.27 42.22 65.19
C5 NAG M . -26.54 43.07 65.14
C6 NAG M . -26.65 43.93 63.90
C7 NAG M . -26.85 38.58 68.06
C8 NAG M . -26.28 38.05 69.34
N2 NAG M . -26.65 39.89 67.85
O3 NAG M . -24.18 40.45 66.43
O4 NAG M . -24.13 43.07 65.23
O5 NAG M . -27.69 42.21 65.15
O6 NAG M . -27.62 44.96 64.06
O7 NAG M . -27.45 37.87 67.27
C1 NAG N . -56.11 17.59 29.29
C2 NAG N . -56.72 16.25 29.69
C3 NAG N . -57.52 15.63 28.54
C4 NAG N . -58.42 16.64 27.80
C5 NAG N . -57.65 17.92 27.48
C6 NAG N . -58.51 19.01 26.90
C7 NAG N . -55.49 14.77 31.25
C8 NAG N . -54.61 13.54 31.29
N2 NAG N . -55.66 15.32 30.05
O3 NAG N . -58.30 14.56 29.06
O4 NAG N . -58.81 16.03 26.56
O5 NAG N . -57.07 18.45 28.69
O6 NAG N . -57.71 20.03 26.31
O7 NAG N . -55.99 15.23 32.27
C1 NAG N . -60.14 15.57 26.39
C2 NAG N . -60.52 15.79 24.93
C3 NAG N . -61.87 15.13 24.61
C4 NAG N . -61.92 13.68 25.10
C5 NAG N . -61.54 13.61 26.57
C6 NAG N . -61.46 12.20 27.10
C7 NAG N . -59.78 17.72 23.60
C8 NAG N . -60.51 18.23 22.40
N2 NAG N . -60.54 17.19 24.57
O3 NAG N . -62.12 15.20 23.22
O4 NAG N . -63.24 13.18 24.91
O5 NAG N . -60.23 14.20 26.76
O6 NAG N . -61.22 12.17 28.51
O7 NAG N . -58.56 17.80 23.69
C1 NAG O . -20.61 -20.76 43.90
C2 NAG O . -19.66 -20.47 45.06
C3 NAG O . -18.28 -21.07 44.75
C4 NAG O . -18.37 -22.54 44.35
C5 NAG O . -19.39 -22.72 43.22
C6 NAG O . -19.66 -24.17 42.87
C7 NAG O . -20.32 -18.37 46.18
C8 NAG O . -20.33 -16.88 45.97
N2 NAG O . -19.53 -19.06 45.37
O3 NAG O . -17.42 -20.89 45.87
O4 NAG O . -17.07 -22.98 43.94
O5 NAG O . -20.66 -22.15 43.60
O6 NAG O . -20.49 -24.81 43.83
O7 NAG O . -21.01 -18.90 47.04
C1 NAG O . -16.49 -24.12 44.58
C2 NAG O . -15.40 -24.68 43.67
C3 NAG O . -14.73 -25.88 44.35
C4 NAG O . -14.26 -25.55 45.76
C5 NAG O . -15.40 -24.93 46.57
C6 NAG O . -14.97 -24.43 47.92
C7 NAG O . -15.59 -24.39 41.23
C8 NAG O . -15.42 -25.25 40.02
N2 NAG O . -15.91 -25.04 42.36
O3 NAG O . -13.65 -26.35 43.54
O4 NAG O . -13.82 -26.74 46.39
O5 NAG O . -15.97 -23.80 45.86
O6 NAG O . -14.30 -23.17 47.86
O7 NAG O . -15.48 -23.17 41.18
C1 NAG P . -30.36 -25.59 57.71
C2 NAG P . -30.73 -24.66 56.54
C3 NAG P . -31.18 -25.49 55.33
C4 NAG P . -30.19 -26.60 54.98
C5 NAG P . -29.88 -27.43 56.22
C6 NAG P . -28.78 -28.45 56.00
C7 NAG P . -31.72 -22.40 56.60
C8 NAG P . -33.02 -21.67 56.80
N2 NAG P . -31.74 -23.70 56.91
O3 NAG P . -31.41 -24.64 54.22
O4 NAG P . -30.76 -27.41 53.95
O5 NAG P . -29.42 -26.56 57.29
O6 NAG P . -27.49 -27.83 55.91
O7 NAG P . -30.72 -21.82 56.21
C1 NAG P . -30.03 -27.63 52.75
C2 NAG P . -30.44 -28.98 52.17
C3 NAG P . -29.77 -29.20 50.80
C4 NAG P . -29.92 -27.99 49.88
C5 NAG P . -29.46 -26.72 50.61
C6 NAG P . -29.66 -25.46 49.81
C7 NAG P . -30.94 -30.63 53.96
C8 NAG P . -30.40 -31.82 54.70
N2 NAG P . -30.11 -30.09 53.06
O3 NAG P . -30.30 -30.37 50.20
O4 NAG P . -29.10 -28.21 48.73
O5 NAG P . -30.24 -26.57 51.83
O6 NAG P . -30.99 -24.96 49.90
O7 NAG P . -32.06 -30.20 54.17
C1 NAG Q . 4.62 -17.69 -18.57
C2 NAG Q . 4.18 -16.31 -19.06
C3 NAG Q . 3.65 -15.49 -17.89
C4 NAG Q . 2.57 -16.25 -17.13
C5 NAG Q . 3.10 -17.62 -16.70
C6 NAG Q . 2.04 -18.50 -16.08
C7 NAG Q . 5.35 -15.51 -21.08
C8 NAG Q . 6.56 -14.77 -21.58
N2 NAG Q . 5.24 -15.60 -19.76
O3 NAG Q . 3.15 -14.25 -18.38
O4 NAG Q . 2.17 -15.50 -15.99
O5 NAG Q . 3.58 -18.34 -17.86
O6 NAG Q . 2.63 -19.65 -15.46
O7 NAG Q . 4.52 -15.98 -21.84
C1 NAG Q . 0.79 -15.24 -15.81
C2 NAG Q . 0.53 -14.89 -14.34
C3 NAG Q . -0.93 -14.47 -14.16
C4 NAG Q . -1.34 -13.43 -15.20
C5 NAG Q . -1.08 -13.98 -16.60
C6 NAG Q . -1.43 -13.03 -17.73
C7 NAG Q . 1.98 -16.21 -12.82
C8 NAG Q . 2.00 -17.40 -11.91
N2 NAG Q . 0.82 -16.01 -13.46
O3 NAG Q . -1.14 -13.98 -12.84
O4 NAG Q . -2.72 -13.11 -15.02
O5 NAG Q . 0.33 -14.26 -16.73
O6 NAG Q . -0.68 -11.82 -17.66
O7 NAG Q . 2.96 -15.49 -12.97
C1 BMA Q . -3.03 -11.76 -14.78
C2 BMA Q . -4.30 -11.41 -15.53
C3 BMA Q . -4.69 -9.95 -15.28
C4 BMA Q . -4.69 -9.58 -13.80
C5 BMA Q . -3.37 -10.04 -13.13
C6 BMA Q . -3.29 -9.83 -11.63
O2 BMA Q . -5.35 -12.33 -15.21
O3 BMA Q . -5.95 -9.68 -15.91
O4 BMA Q . -4.83 -8.17 -13.66
O5 BMA Q . -3.17 -11.45 -13.38
O6 BMA Q . -4.54 -9.59 -10.99
C1 MAN Q . -5.96 -8.76 -17.00
C2 MAN Q . -7.41 -8.33 -17.29
C3 MAN Q . -8.17 -9.43 -18.03
C4 MAN Q . -7.40 -9.93 -19.26
C5 MAN Q . -5.97 -10.34 -18.88
C6 MAN Q . -5.10 -10.68 -20.07
O2 MAN Q . -7.40 -7.12 -18.04
O3 MAN Q . -9.46 -8.95 -18.42
O4 MAN Q . -8.09 -11.04 -19.85
O5 MAN Q . -5.29 -9.25 -18.18
O6 MAN Q . -3.76 -10.92 -19.68
C1 MAN Q . -7.71 -5.93 -17.31
C2 MAN Q . -8.16 -4.86 -18.30
C3 MAN Q . -6.98 -4.39 -19.16
C4 MAN Q . -5.80 -3.93 -18.29
C5 MAN Q . -5.43 -5.02 -17.26
C6 MAN Q . -4.41 -4.56 -16.24
O2 MAN Q . -8.70 -3.75 -17.58
O3 MAN Q . -7.38 -3.35 -20.04
O4 MAN Q . -4.68 -3.65 -19.13
O5 MAN Q . -6.60 -5.46 -16.51
O6 MAN Q . -4.96 -3.67 -15.28
C1 MAN Q . -10.12 -3.57 -17.63
C2 MAN Q . -10.43 -2.13 -17.23
C3 MAN Q . -10.20 -1.91 -15.74
C4 MAN Q . -10.92 -2.94 -14.88
C5 MAN Q . -10.59 -4.38 -15.36
C6 MAN Q . -11.42 -5.45 -14.68
O2 MAN Q . -11.75 -1.79 -17.63
O3 MAN Q . -10.60 -0.58 -15.37
O4 MAN Q . -10.51 -2.80 -13.52
O5 MAN Q . -10.83 -4.50 -16.79
O6 MAN Q . -11.04 -6.74 -15.12
C1 MAN Q . -4.65 -10.14 -9.71
C2 MAN Q . -5.76 -11.19 -9.73
C3 MAN Q . -7.15 -10.52 -9.77
C4 MAN Q . -7.30 -9.50 -8.64
C5 MAN Q . -6.16 -8.47 -8.69
C6 MAN Q . -6.16 -7.53 -7.50
O2 MAN Q . -5.62 -12.09 -8.65
O3 MAN Q . -8.18 -11.51 -9.73
O4 MAN Q . -8.56 -8.84 -8.75
O5 MAN Q . -4.86 -9.14 -8.70
O6 MAN Q . -5.75 -6.21 -7.86
C1 MAN Q . -8.68 -11.99 -10.97
C2 MAN Q . -10.17 -12.37 -10.81
C3 MAN Q . -10.38 -13.74 -10.16
C4 MAN Q . -9.46 -14.81 -10.76
C5 MAN Q . -8.00 -14.33 -10.74
C6 MAN Q . -7.03 -15.30 -11.37
O2 MAN Q . -10.83 -12.26 -12.06
O3 MAN Q . -11.74 -14.14 -10.27
O4 MAN Q . -9.57 -16.01 -10.00
O5 MAN Q . -7.90 -13.09 -11.49
O6 MAN Q . -5.88 -15.50 -10.56
C1 NAG R . 35.36 3.95 -80.52
C2 NAG R . 35.06 5.42 -80.23
C3 NAG R . 33.71 5.82 -80.85
C4 NAG R . 33.63 5.43 -82.32
C5 NAG R . 33.97 3.95 -82.50
C6 NAG R . 34.05 3.50 -83.95
C7 NAG R . 35.90 6.56 -78.19
C8 NAG R . 35.43 7.07 -76.87
N2 NAG R . 35.07 5.70 -78.81
O3 NAG R . 33.50 7.21 -80.67
O4 NAG R . 32.31 5.67 -82.80
O5 NAG R . 35.27 3.67 -81.91
O6 NAG R . 35.23 3.97 -84.59
O7 NAG R . 36.98 6.89 -78.67
C1 NAG R . 32.09 6.68 -83.78
C2 NAG R . 30.89 6.27 -84.63
C3 NAG R . 30.51 7.37 -85.62
C4 NAG R . 30.39 8.73 -84.94
C5 NAG R . 31.64 9.02 -84.12
C6 NAG R . 31.57 10.30 -83.31
C7 NAG R . 30.44 3.88 -85.07
C8 NAG R . 30.67 2.76 -86.03
N2 NAG R . 31.10 5.01 -85.32
O3 NAG R . 29.31 7.03 -86.30
O4 NAG R . 30.21 9.74 -85.93
O5 NAG R . 31.88 7.95 -83.18
O6 NAG R . 31.95 11.43 -84.09
O7 NAG R . 29.68 3.77 -84.11
C1 NAG S . 25.53 -34.20 -73.51
C2 NAG S . 24.01 -34.25 -73.29
C3 NAG S . 23.71 -34.92 -71.95
C4 NAG S . 24.43 -36.26 -71.79
C5 NAG S . 25.91 -36.11 -72.12
C6 NAG S . 26.66 -37.42 -72.16
C7 NAG S . 22.71 -32.40 -74.28
C8 NAG S . 23.32 -31.25 -75.04
N2 NAG S . 23.46 -32.91 -73.30
O3 NAG S . 22.30 -35.07 -71.79
O4 NAG S . 24.29 -36.66 -70.42
O5 NAG S . 26.08 -35.50 -73.42
O6 NAG S . 28.07 -37.21 -72.24
O7 NAG S . 21.60 -32.83 -74.54
C1 NAG S . 23.58 -37.86 -70.13
C2 NAG S . 24.16 -38.44 -68.84
C3 NAG S . 23.34 -39.62 -68.34
C4 NAG S . 21.84 -39.33 -68.33
C5 NAG S . 21.41 -38.79 -69.69
C6 NAG S . 19.96 -38.38 -69.75
C7 NAG S . 26.61 -38.24 -68.50
C8 NAG S . 27.81 -39.11 -68.29
N2 NAG S . 25.54 -38.84 -69.04
O3 NAG S . 23.79 -39.99 -67.04
O4 NAG S . 21.13 -40.54 -68.04
O5 NAG S . 22.18 -37.62 -70.02
O6 NAG S . 19.50 -38.26 -71.10
O7 NAG S . 26.61 -37.04 -68.20
C1 NAG T . 17.57 13.53 -61.72
C2 NAG T . 18.87 14.32 -61.52
C3 NAG T . 18.59 15.81 -61.28
C4 NAG T . 17.53 16.40 -62.21
C5 NAG T . 16.30 15.48 -62.29
C6 NAG T . 15.28 15.92 -63.30
C7 NAG T . 20.80 13.25 -60.40
C8 NAG T . 21.52 13.18 -59.09
N2 NAG T . 19.59 13.81 -60.37
O3 NAG T . 19.81 16.53 -61.40
O4 NAG T . 17.11 17.66 -61.67
O5 NAG T . 16.72 14.16 -62.66
O6 NAG T . 14.04 15.25 -63.09
O7 NAG T . 21.30 12.80 -61.42
C1 NAG T . 17.52 18.87 -62.29
C2 NAG T . 16.39 19.88 -62.14
C3 NAG T . 16.84 21.26 -62.63
C4 NAG T . 18.16 21.68 -61.99
C5 NAG T . 19.21 20.59 -62.21
C6 NAG T . 20.52 20.87 -61.51
C7 NAG T . 14.00 19.28 -62.20
C8 NAG T . 12.92 20.25 -62.55
N2 NAG T . 15.18 19.46 -62.82
O3 NAG T . 15.81 22.22 -62.36
O4 NAG T . 18.59 22.91 -62.57
O5 NAG T . 18.73 19.33 -61.69
O6 NAG T . 21.52 19.91 -61.88
O7 NAG T . 13.83 18.37 -61.39
C1 NAG U . 48.64 -2.01 -20.11
C2 NAG U . 49.15 -3.45 -20.07
C3 NAG U . 49.13 -3.98 -18.65
C4 NAG U . 49.86 -3.04 -17.67
C5 NAG U . 49.30 -1.62 -17.82
C6 NAG U . 50.05 -0.58 -17.01
C7 NAG U . 48.62 -4.56 -22.24
C8 NAG U . 47.47 -5.09 -23.02
N2 NAG U . 48.39 -4.34 -20.94
O3 NAG U . 49.69 -5.29 -18.60
O4 NAG U . 49.67 -3.52 -16.34
O5 NAG U . 49.38 -1.20 -19.20
O6 NAG U . 51.30 -0.24 -17.62
O7 NAG U . 49.72 -4.33 -22.76
C1 NAG U . 50.82 -3.77 -15.53
C2 NAG U . 50.38 -3.77 -14.06
C3 NAG U . 51.58 -4.09 -13.16
C4 NAG U . 52.30 -5.36 -13.62
C5 NAG U . 52.64 -5.27 -15.10
C6 NAG U . 53.24 -6.56 -15.66
C7 NAG U . 48.45 -2.40 -13.37
C8 NAG U . 48.14 -1.46 -12.25
N2 NAG U . 49.75 -2.53 -13.68
O3 NAG U . 51.15 -4.20 -11.81
O4 NAG U . 53.49 -5.53 -12.85
O5 NAG U . 51.46 -4.99 -15.88
O6 NAG U . 52.25 -7.56 -15.90
O7 NAG U . 47.57 -3.01 -13.98
C1 NAG V . 63.42 -1.05 -29.83
C2 NAG V . 62.01 -0.54 -30.16
C3 NAG V . 61.80 0.84 -29.52
C4 NAG V . 62.12 0.84 -28.02
C5 NAG V . 63.53 0.26 -27.80
C6 NAG V . 63.88 0.06 -26.35
C7 NAG V . 60.66 -0.90 -32.20
C8 NAG V . 60.52 -0.46 -33.62
N2 NAG V . 61.78 -0.49 -31.58
O3 NAG V . 60.47 1.28 -29.75
O4 NAG V . 62.06 2.18 -27.54
O5 NAG V . 63.64 -1.03 -28.42
O6 NAG V . 63.18 -1.04 -25.78
O7 NAG V . 59.83 -1.61 -31.65
C1 NAG V . 61.20 2.46 -26.43
C2 NAG V . 61.78 3.64 -25.65
C3 NAG V . 60.84 4.02 -24.50
C4 NAG V . 59.40 4.21 -24.98
C5 NAG V . 58.95 3.00 -25.80
C6 NAG V . 57.59 3.18 -26.44
C7 NAG V . 64.26 3.69 -25.75
C8 NAG V . 65.52 3.41 -24.97
N2 NAG V . 63.11 3.38 -25.14
O3 NAG V . 61.32 5.19 -23.85
O4 NAG V . 58.56 4.36 -23.84
O5 NAG V . 59.88 2.73 -26.86
O6 NAG V . 57.67 3.90 -27.68
O7 NAG V . 64.29 4.17 -26.88
C1 NAG W . 61.80 46.33 -18.56
C2 NAG W . 60.64 46.39 -19.56
C3 NAG W . 61.04 45.71 -20.87
C4 NAG W . 62.36 46.28 -21.41
C5 NAG W . 63.44 46.17 -20.33
C6 NAG W . 64.74 46.85 -20.72
C7 NAG W . 58.40 46.54 -18.55
C8 NAG W . 57.25 45.75 -17.99
N2 NAG W . 59.42 45.83 -19.03
O3 NAG W . 60.00 45.85 -21.82
O4 NAG W . 62.75 45.57 -22.56
O5 NAG W . 63.00 46.85 -19.13
O6 NAG W . 65.79 46.51 -19.81
O7 NAG W . 58.39 47.77 -18.56
C1 NAG W . 63.06 46.31 -23.73
C2 NAG W . 63.92 45.46 -24.67
C3 NAG W . 64.12 46.17 -26.01
C4 NAG W . 62.80 46.68 -26.56
C5 NAG W . 62.11 47.58 -25.54
C6 NAG W . 60.77 48.13 -25.98
C7 NAG W . 65.50 44.04 -23.39
C8 NAG W . 66.93 43.90 -22.95
N2 NAG W . 65.21 45.15 -24.07
O3 NAG W . 64.75 45.28 -26.92
O4 NAG W . 63.04 47.37 -27.79
O5 NAG W . 61.87 46.82 -24.34
O6 NAG W . 59.83 47.11 -26.25
O7 NAG W . 64.67 43.18 -23.14
C1 BMA W . 62.39 46.90 -28.94
C2 BMA W . 61.94 48.08 -29.77
C3 BMA W . 61.23 47.62 -31.05
C4 BMA W . 62.05 46.56 -31.81
C5 BMA W . 62.49 45.44 -30.84
C6 BMA W . 63.37 44.36 -31.44
O2 BMA W . 63.05 48.95 -30.04
O3 BMA W . 60.91 48.74 -31.87
O4 BMA W . 61.25 46.00 -32.85
O5 BMA W . 63.19 46.00 -29.72
O6 BMA W . 63.99 44.72 -32.67
C1 MAN W . 59.54 49.05 -32.07
C2 MAN W . 59.40 50.05 -33.22
C3 MAN W . 59.80 51.47 -32.80
C4 MAN W . 59.09 51.89 -31.51
C5 MAN W . 59.28 50.84 -30.40
C6 MAN W . 58.45 51.12 -29.17
O2 MAN W . 58.07 50.02 -33.72
O3 MAN W . 59.52 52.39 -33.85
O4 MAN W . 59.61 53.14 -31.07
O5 MAN W . 58.88 49.52 -30.88
O6 MAN W . 58.56 50.06 -28.22
C1 MAN W . 57.86 49.31 -34.95
C2 MAN W . 56.56 49.79 -35.58
C3 MAN W . 55.35 49.33 -34.76
C4 MAN W . 55.37 47.82 -34.54
C5 MAN W . 56.72 47.36 -33.96
C6 MAN W . 56.88 45.86 -33.90
O2 MAN W . 56.47 49.29 -36.91
O3 MAN W . 54.13 49.74 -35.37
O4 MAN W . 54.32 47.46 -33.65
O5 MAN W . 57.83 47.87 -34.77
O6 MAN W . 57.10 45.29 -35.18
C1 MAN W . 56.63 50.25 -37.96
C2 MAN W . 56.05 49.66 -39.24
C3 MAN W . 56.91 48.52 -39.78
C4 MAN W . 58.37 48.94 -39.93
C5 MAN W . 58.90 49.55 -38.61
C6 MAN W . 60.27 50.15 -38.75
O2 MAN W . 55.84 50.68 -40.20
O3 MAN W . 56.39 48.07 -41.03
O4 MAN W . 59.16 47.81 -40.28
O5 MAN W . 58.02 50.62 -38.16
O6 MAN W . 60.73 50.68 -37.51
C1 MAN W . 65.28 44.19 -32.83
C2 MAN W . 66.27 45.35 -32.92
C3 MAN W . 66.18 46.05 -34.28
C4 MAN W . 66.32 45.06 -35.43
C5 MAN W . 65.29 43.92 -35.30
C6 MAN W . 65.49 42.81 -36.30
O2 MAN W . 67.58 44.91 -32.61
O3 MAN W . 67.15 47.10 -34.36
O4 MAN W . 66.15 45.72 -36.68
O5 MAN W . 65.38 43.30 -33.97
O6 MAN W . 64.25 42.26 -36.75
C1 MAN W . 66.75 48.41 -33.99
C2 MAN W . 67.55 49.43 -34.82
C3 MAN W . 68.97 49.67 -34.31
C4 MAN W . 69.01 49.84 -32.79
C5 MAN W . 68.28 48.69 -32.09
C6 MAN W . 68.21 48.83 -30.58
O2 MAN W . 66.81 50.65 -34.93
O3 MAN W . 69.55 50.79 -34.95
O4 MAN W . 70.37 49.88 -32.34
O5 MAN W . 66.91 48.62 -32.57
O6 MAN W . 68.61 47.61 -29.95
C1 NAG X . -3.67 55.79 11.06
C2 NAG X . -4.37 55.24 9.81
C3 NAG X . -4.73 56.39 8.87
C4 NAG X . -5.47 57.52 9.57
C5 NAG X . -4.69 57.97 10.81
C6 NAG X . -5.41 58.99 11.65
C7 NAG X . -3.92 52.97 8.96
C8 NAG X . -3.22 52.26 7.84
N2 NAG X . -3.57 54.24 9.15
O3 NAG X . -5.50 55.88 7.78
O4 NAG X . -5.63 58.62 8.67
O5 NAG X . -4.42 56.84 11.67
O6 NAG X . -6.47 58.42 12.40
O7 NAG X . -4.76 52.40 9.65
C1 NAG X . -6.94 58.97 8.25
C2 NAG X . -6.97 60.47 7.97
C3 NAG X . -8.32 60.91 7.41
C4 NAG X . -8.76 60.03 6.24
C5 NAG X . -8.66 58.56 6.61
C6 NAG X . -8.93 57.62 5.45
C7 NAG X . -5.53 61.98 9.29
C8 NAG X . -5.49 62.88 10.49
N2 NAG X . -6.63 61.25 9.15
O3 NAG X . -8.28 62.27 7.03
O4 NAG X . -10.11 60.36 5.90
O5 NAG X . -7.33 58.25 7.09
O6 NAG X . -10.33 57.42 5.25
O7 NAG X . -4.60 61.94 8.49
C1 NAG Y . 29.35 72.98 25.84
C2 NAG Y . 29.91 73.90 24.75
C3 NAG Y . 31.37 73.53 24.47
C4 NAG Y . 32.21 73.46 25.74
C5 NAG Y . 31.51 72.60 26.80
C6 NAG Y . 32.19 72.63 28.16
C7 NAG Y . 28.29 74.72 23.08
C8 NAG Y . 26.85 74.30 23.02
N2 NAG Y . 29.14 73.79 23.53
O3 NAG Y . 31.93 74.45 23.54
O4 NAG Y . 33.46 72.85 25.40
O5 NAG Y . 30.16 73.06 27.01
O6 NAG Y . 31.64 71.66 29.04
O7 NAG Y . 28.67 75.83 22.73
C1 NAG Y . 34.66 73.60 25.52
C2 NAG Y . 35.80 72.62 25.82
C3 NAG Y . 37.15 73.34 25.80
C4 NAG Y . 37.31 74.20 24.54
C5 NAG Y . 36.13 75.15 24.42
C6 NAG Y . 36.16 75.99 23.16
C7 NAG Y . 35.29 70.69 27.30
C8 NAG Y . 35.72 70.11 28.61
N2 NAG Y . 35.58 71.98 27.11
O3 NAG Y . 38.19 72.38 25.89
O4 NAG Y . 38.52 74.95 24.66
O5 NAG Y . 34.91 74.38 24.36
O6 NAG Y . 35.28 77.11 23.26
O7 NAG Y . 34.69 70.03 26.45
C1 NAG Z . 7.51 52.16 -13.86
C2 NAG Z . 6.79 50.86 -13.53
C3 NAG Z . 6.04 50.32 -14.76
C4 NAG Z . 5.26 51.38 -15.52
C5 NAG Z . 6.13 52.61 -15.76
C6 NAG Z . 5.38 53.76 -16.39
C7 NAG Z . 7.80 49.27 -11.91
C8 NAG Z . 8.58 48.00 -11.83
N2 NAG Z . 7.75 49.86 -13.11
O3 NAG Z . 5.16 49.29 -14.30
O4 NAG Z . 4.89 50.83 -16.79
O5 NAG Z . 6.65 53.09 -14.51
O6 NAG Z . 6.29 54.75 -16.90
O7 NAG Z . 7.26 49.77 -10.92
C1 NAG Z . 3.55 50.47 -17.03
C2 NAG Z . 3.23 50.75 -18.50
C3 NAG Z . 1.83 50.24 -18.87
C4 NAG Z . 1.62 48.81 -18.41
C5 NAG Z . 1.99 48.63 -16.95
C6 NAG Z . 1.95 47.19 -16.47
C7 NAG Z . 4.21 52.63 -19.77
C8 NAG Z . 3.57 53.20 -21.00
N2 NAG Z . 3.37 52.15 -18.84
O3 NAG Z . 1.63 50.37 -20.26
O4 NAG Z . 0.24 48.48 -18.60
O5 NAG Z . 3.33 49.10 -16.72
O6 NAG Z . 2.11 47.11 -15.06
O7 NAG Z . 5.43 52.59 -19.61
C1 NAG AA . 39.19 11.38 2.74
C2 NAG AA . 40.04 11.57 4.00
C3 NAG AA . 41.39 10.87 3.83
C4 NAG AA . 41.23 9.43 3.40
C5 NAG AA . 40.34 9.35 2.14
C6 NAG AA . 40.01 7.93 1.71
C7 NAG AA . 39.41 13.71 5.09
C8 NAG AA . 39.53 15.20 4.91
N2 NAG AA . 40.23 12.97 4.34
O3 NAG AA . 42.13 10.97 5.05
O4 NAG AA . 42.53 8.90 3.12
O5 NAG AA . 39.08 10.00 2.40
O6 NAG AA . 39.03 7.33 2.55
O7 NAG AA . 38.61 13.23 5.87
C1 NAG AA . 42.95 7.70 3.78
C2 NAG AA . 44.10 7.08 2.98
C3 NAG AA . 44.60 5.82 3.69
C4 NAG AA . 44.94 6.11 5.15
C5 NAG AA . 43.75 6.77 5.84
C6 NAG AA . 44.04 7.19 7.26
C7 NAG AA . 44.20 7.45 0.54
C8 NAG AA . 44.47 6.61 -0.67
N2 NAG AA . 43.72 6.79 1.60
O3 NAG AA . 45.73 5.30 2.99
O4 NAG AA . 45.25 4.88 5.79
O5 NAG AA . 43.34 7.95 5.12
O6 NAG AA . 44.82 8.40 7.32
O7 NAG AA . 44.41 8.66 0.55
C1 NAG BA . 27.89 7.07 15.71
C2 NAG BA . 27.68 8.02 14.53
C3 NAG BA . 27.26 7.24 13.28
C4 NAG BA . 28.20 6.07 13.00
C5 NAG BA . 28.37 5.21 14.26
C6 NAG BA . 29.42 4.13 14.11
C7 NAG BA . 26.86 10.36 14.55
C8 NAG BA . 25.61 11.18 14.65
N2 NAG BA . 26.72 9.06 14.84
O3 NAG BA . 27.19 8.12 12.18
O4 NAG BA . 27.64 5.28 11.95
O5 NAG BA . 28.79 6.03 15.36
O6 NAG BA . 30.74 4.68 14.12
O7 NAG BA . 27.94 10.85 14.23
C1 NAG BA . 28.43 5.03 10.79
C2 NAG BA . 27.99 3.69 10.17
C3 NAG BA . 28.72 3.44 8.86
C4 NAG BA . 28.65 4.63 7.92
C5 NAG BA . 29.10 5.90 8.65
C6 NAG BA . 28.95 7.16 7.82
C7 NAG BA . 27.27 2.08 11.92
C8 NAG BA . 27.69 0.86 12.69
N2 NAG BA . 28.19 2.58 11.09
O3 NAG BA . 28.19 2.27 8.23
O4 NAG BA . 29.50 4.38 6.80
O5 NAG BA . 28.31 6.09 9.85
O6 NAG BA . 27.62 7.68 7.86
O7 NAG BA . 26.16 2.58 12.06
C1 NAG CA . 6.15 -65.42 -68.49
C2 NAG CA . 7.09 -64.93 -69.59
C3 NAG CA . 6.31 -64.13 -70.62
C4 NAG CA . 5.12 -64.91 -71.16
C5 NAG CA . 4.28 -65.48 -70.01
C6 NAG CA . 3.19 -66.43 -70.46
C7 NAG CA . 8.45 -63.14 -68.47
C8 NAG CA . 8.99 -61.97 -69.24
N2 NAG CA . 8.32 -64.28 -69.17
O3 NAG CA . 7.16 -63.72 -71.68
O4 NAG CA . 4.30 -64.04 -71.95
O5 NAG CA . 5.11 -66.20 -69.07
O6 NAG CA . 3.72 -67.67 -70.92
O7 NAG CA . 8.16 -63.06 -67.29
C1 NAG DA . -4.33 -59.39 -12.63
C2 NAG DA . -3.45 -59.66 -11.40
C3 NAG DA . -2.91 -61.09 -11.44
C4 NAG DA . -4.02 -62.11 -11.64
C5 NAG DA . -4.89 -61.73 -12.84
C6 NAG DA . -6.13 -62.59 -12.99
C7 NAG DA . -2.42 -57.60 -10.50
C8 NAG DA . -1.94 -56.34 -11.15
N2 NAG DA . -2.36 -58.70 -11.25
O3 NAG DA . -2.16 -61.37 -10.28
O4 NAG DA . -3.44 -63.39 -11.86
O5 NAG DA . -5.36 -60.36 -12.70
O6 NAG DA . -5.81 -63.86 -13.55
O7 NAG DA . -2.83 -57.62 -9.35
C1 NAG EA . -46.54 -64.30 -26.53
C2 NAG EA . -46.76 -65.73 -27.05
C3 NAG EA . -47.93 -65.81 -28.04
C4 NAG EA . -49.14 -65.01 -27.56
C5 NAG EA . -48.70 -63.57 -27.28
C6 NAG EA . -49.83 -62.67 -26.84
C7 NAG EA . -44.58 -65.85 -28.32
C8 NAG EA . -43.22 -66.42 -28.06
N2 NAG EA . -45.58 -66.38 -27.59
O3 NAG EA . -48.28 -67.17 -28.26
O4 NAG EA . -50.14 -65.04 -28.58
O5 NAG EA . -47.72 -63.58 -26.22
O6 NAG EA . -50.55 -62.16 -27.98
O7 NAG EA . -44.76 -64.98 -29.17
C1 NAG FA . -71.66 -22.57 17.84
C2 NAG FA . -71.23 -22.42 19.30
C3 NAG FA . -72.23 -21.55 20.08
C4 NAG FA . -72.56 -20.26 19.33
C5 NAG FA . -73.02 -20.58 17.91
C6 NAG FA . -73.30 -19.36 17.07
C7 NAG FA . -69.92 -24.37 20.06
C8 NAG FA . -69.93 -25.76 19.50
N2 NAG FA . -71.07 -23.69 19.97
O3 NAG FA . -71.73 -21.28 21.38
O4 NAG FA . -73.62 -19.60 20.03
O5 NAG FA . -71.99 -21.34 17.23
O6 NAG FA . -72.12 -18.70 16.63
O7 NAG FA . -68.92 -23.89 20.60
C1 NAG GA . -33.92 -52.05 -68.91
C2 NAG GA . -33.10 -51.13 -69.82
C3 NAG GA . -33.86 -49.84 -70.11
C4 NAG GA . -35.27 -50.12 -70.61
C5 NAG GA . -36.00 -51.05 -69.64
C6 NAG GA . -37.36 -51.48 -70.13
C7 NAG GA . -30.66 -51.49 -69.59
C8 NAG GA . -29.83 -51.97 -68.44
N2 NAG GA . -31.78 -50.84 -69.28
O3 NAG GA . -33.13 -49.06 -71.05
O4 NAG GA . -35.98 -48.88 -70.70
O5 NAG GA . -35.23 -52.26 -69.45
O6 NAG GA . -38.16 -52.00 -69.07
O7 NAG GA . -30.32 -51.67 -70.76
C1 NAG HA . -63.34 30.41 113.15
C2 NAG HA . -64.53 30.12 114.06
C3 NAG HA . -65.78 30.81 113.51
C4 NAG HA . -65.54 32.30 113.28
C5 NAG HA . -64.26 32.52 112.47
C6 NAG HA . -63.86 33.98 112.37
C7 NAG HA . -65.06 27.72 113.62
C8 NAG HA . -66.45 27.17 113.73
N2 NAG HA . -64.76 28.74 114.43
O3 NAG HA . -66.89 30.60 114.38
O4 NAG HA . -66.65 32.84 112.57
O5 NAG HA . -63.15 31.82 113.05
O6 NAG HA . -63.37 34.50 113.61
O7 NAG HA . -64.23 27.23 112.87
C1 NAG IA . -26.69 4.22 77.81
C2 NAG IA . -25.70 3.08 78.06
C3 NAG IA . -24.77 3.44 79.22
C4 NAG IA . -24.12 4.82 79.02
C5 NAG IA . -25.19 5.86 78.73
C6 NAG IA . -24.62 7.22 78.36
C7 NAG IA . -26.55 0.88 77.32
C8 NAG IA . -27.92 0.29 77.30
N2 NAG IA . -26.32 1.79 78.28
O3 NAG IA . -23.78 2.44 79.39
O4 NAG IA . -23.42 5.17 80.22
O5 NAG IA . -26.00 5.45 77.62
O6 NAG IA . -24.20 7.93 79.53
O7 NAG IA . -25.68 0.55 76.52
C1 NAG JA . -30.49 42.94 55.93
C2 NAG JA . -29.83 44.07 56.74
C3 NAG JA . -30.35 45.45 56.35
C4 NAG JA . -30.47 45.61 54.83
C5 NAG JA . -31.34 44.48 54.30
C6 NAG JA . -31.60 44.58 52.80
C7 NAG JA . -30.82 43.38 58.95
C8 NAG JA . -30.36 42.56 60.10
N2 NAG JA . -29.85 43.90 58.18
O3 NAG JA . -29.51 46.46 56.89
O4 NAG JA . -31.06 46.88 54.55
O5 NAG JA . -30.69 43.23 54.55
O6 NAG JA . -32.70 45.45 52.52
O7 NAG JA . -32.02 43.59 58.74
C1 NAG KA . -25.82 15.83 -3.83
C2 NAG KA . -24.96 14.61 -4.20
C3 NAG KA . -24.96 14.38 -5.71
C4 NAG KA . -26.37 14.42 -6.31
C5 NAG KA . -27.06 15.73 -5.89
C6 NAG KA . -28.48 15.85 -6.40
C7 NAG KA . -23.15 14.26 -2.56
C8 NAG KA . -22.56 15.26 -1.62
N2 NAG KA . -23.59 14.73 -3.73
O3 NAG KA . -24.32 13.15 -6.02
O4 NAG KA . -26.27 14.37 -7.73
O5 NAG KA . -27.10 15.82 -4.45
O6 NAG KA . -29.39 15.03 -5.64
O7 NAG KA . -23.20 13.06 -2.28
C1 NAG LA . -70.16 51.44 77.09
C2 NAG LA . -71.51 50.92 77.62
C3 NAG LA . -72.56 50.97 76.51
C4 NAG LA . -72.62 52.34 75.85
C5 NAG LA . -71.23 52.76 75.37
C6 NAG LA . -71.18 54.16 74.81
C7 NAG LA . -71.28 49.34 79.50
C8 NAG LA . -70.18 48.38 79.86
N2 NAG LA . -71.43 49.59 78.20
O3 NAG LA . -73.83 50.61 77.03
O4 NAG LA . -73.51 52.27 74.72
O5 NAG LA . -70.30 52.71 76.48
O6 NAG LA . -70.01 54.38 74.05
O7 NAG LA . -72.00 49.85 80.36
C1 NAG MA . 70.21 -35.25 -107.60
C2 NAG MA . 71.24 -34.82 -108.65
C3 NAG MA . 70.56 -33.96 -109.71
C4 NAG MA . 69.35 -34.66 -110.31
C5 NAG MA . 68.42 -35.17 -109.21
C6 NAG MA . 67.30 -36.06 -109.72
C7 NAG MA . 72.65 -33.13 -107.45
C8 NAG MA . 73.31 -31.99 -108.17
N2 NAG MA . 72.48 -34.25 -108.16
O3 NAG MA . 71.50 -33.60 -110.72
O4 NAG MA . 68.63 -33.73 -111.13
O5 NAG MA . 69.16 -35.96 -108.24
O6 NAG MA . 67.77 -37.33 -110.17
O7 NAG MA . 72.31 -33.04 -106.28
C1 NAG NA . 56.92 -28.45 -52.40
C2 NAG NA . 57.71 -28.77 -51.12
C3 NAG NA . 58.16 -30.23 -51.14
C4 NAG NA . 56.99 -31.17 -51.38
C5 NAG NA . 56.22 -30.75 -52.64
C6 NAG NA . 54.95 -31.53 -52.84
C7 NAG NA . 58.81 -26.78 -50.17
C8 NAG NA . 59.41 -25.55 -50.78
N2 NAG NA . 58.84 -27.88 -50.92
O3 NAG NA . 58.83 -30.56 -49.93
O4 NAG NA . 57.49 -32.50 -51.55
O5 NAG NA . 55.83 -29.36 -52.54
O6 NAG NA . 55.21 -32.83 -53.37
O7 NAG NA . 58.33 -26.76 -49.04
C1 NAG OA . 15.41 -30.75 -68.76
C2 NAG OA . 15.13 -32.16 -69.28
C3 NAG OA . 14.01 -32.17 -70.33
C4 NAG OA . 12.84 -31.27 -69.95
C5 NAG OA . 13.36 -29.86 -69.64
C6 NAG OA . 12.27 -28.87 -69.29
C7 NAG OA . 17.36 -32.45 -70.40
C8 NAG OA . 18.66 -33.07 -70.01
N2 NAG OA . 16.28 -32.90 -69.75
O3 NAG OA . 13.57 -33.50 -70.55
O4 NAG OA . 11.91 -31.23 -71.02
O5 NAG OA . 14.26 -29.94 -68.52
O6 NAG OA . 11.70 -28.31 -70.47
O7 NAG OA . 17.29 -31.59 -71.29
C1 NAG PA . -9.53 12.55 -25.86
C2 NAG PA . -9.16 12.73 -24.38
C3 NAG PA . -10.11 13.71 -23.69
C4 NAG PA . -10.29 15.00 -24.49
C5 NAG PA . -10.71 14.66 -25.92
C6 NAG PA . -10.86 15.87 -26.82
C7 NAG PA . -8.09 10.68 -23.50
C8 NAG PA . -8.20 9.28 -24.04
N2 NAG PA . -9.17 11.46 -23.68
O3 NAG PA . -9.63 13.99 -22.38
O4 NAG PA . -11.31 15.78 -23.87
O5 NAG PA . -9.71 13.80 -26.53
O6 NAG PA . -9.60 16.41 -27.22
O7 NAG PA . -7.09 11.08 -22.91
C1 NAG QA . 31.15 -19.39 -110.26
C2 NAG QA . 32.09 -18.51 -111.11
C3 NAG QA . 31.41 -17.19 -111.45
C4 NAG QA . 30.02 -17.39 -112.03
C5 NAG QA . 29.19 -18.28 -111.11
C6 NAG QA . 27.83 -18.63 -111.68
C7 NAG QA . 34.49 -19.01 -110.73
C8 NAG QA . 35.21 -19.52 -109.53
N2 NAG QA . 33.38 -18.29 -110.48
O3 NAG QA . 32.24 -16.44 -112.33
O4 NAG QA . 29.38 -16.12 -112.18
O5 NAG QA . 29.87 -19.53 -110.88
O6 NAG QA . 26.94 -19.10 -110.67
O7 NAG QA . 34.88 -19.22 -111.87
C1 NAG RA . -5.12 64.36 69.47
C2 NAG RA . -6.39 64.14 70.29
C3 NAG RA . -7.54 64.93 69.67
C4 NAG RA . -7.18 66.41 69.50
C5 NAG RA . -5.83 66.55 68.78
C6 NAG RA . -5.32 67.97 68.76
C7 NAG RA . -7.07 61.79 69.75
C8 NAG RA . -8.50 61.35 69.76
N2 NAG RA . -6.76 62.78 70.61
O3 NAG RA . -8.72 64.79 70.45
O4 NAG RA . -8.19 67.05 68.73
O5 NAG RA . -4.83 65.75 69.43
O6 NAG RA . -4.89 68.43 70.04
O7 NAG RA . -6.23 61.25 69.04
C1 NAG SA . 32.12 36.28 36.44
C2 NAG SA . 33.01 35.08 36.74
C3 NAG SA . 33.87 35.35 37.97
C4 NAG SA . 34.62 36.68 37.86
C5 NAG SA . 33.66 37.81 37.49
C6 NAG SA . 34.37 39.11 37.18
C7 NAG SA . 32.07 32.96 35.91
C8 NAG SA . 30.66 32.46 35.76
N2 NAG SA . 32.27 33.84 36.89
O3 NAG SA . 34.76 34.27 38.21
O4 NAG SA . 35.23 36.96 39.11
O5 NAG SA . 32.90 37.46 36.30
O6 NAG SA . 34.79 39.76 38.37
O7 NAG SA . 32.97 32.57 35.16
C1 NAG TA . 32.82 75.43 14.94
C2 NAG TA . 33.47 76.51 15.83
C3 NAG TA . 33.03 77.93 15.43
C4 NAG TA . 33.01 78.13 13.92
C5 NAG TA . 32.15 77.04 13.28
C6 NAG TA . 32.02 77.18 11.78
C7 NAG TA . 32.30 75.81 17.94
C8 NAG TA . 32.64 74.94 19.11
N2 NAG TA . 33.34 76.30 17.26
O3 NAG TA . 33.87 78.88 16.06
O4 NAG TA . 32.47 79.42 13.63
O5 NAG TA . 32.75 75.75 13.56
O6 NAG TA . 30.97 78.08 11.44
O7 NAG TA . 31.13 76.08 17.66
C1 NAG UA . 39.95 48.42 -44.78
C2 NAG UA . 40.79 47.19 -45.13
C3 NAG UA . 40.86 47.00 -46.65
C4 NAG UA . 39.49 47.08 -47.30
C5 NAG UA . 38.80 48.38 -46.90
C6 NAG UA . 37.40 48.54 -47.45
C7 NAG UA . 42.50 46.74 -43.41
C8 NAG UA . 43.08 47.70 -42.42
N2 NAG UA . 42.13 47.26 -44.58
O3 NAG UA . 41.49 45.77 -46.96
O4 NAG UA . 39.65 47.05 -48.73
O5 NAG UA . 38.70 48.45 -45.46
O6 NAG UA . 36.45 47.74 -46.76
O7 NAG UA . 42.39 45.54 -43.15
C1 NAG VA . -7.56 86.39 33.42
C2 NAG VA . -8.97 85.95 33.83
C3 NAG VA . -9.93 86.09 32.64
C4 NAG VA . -9.85 87.47 31.99
C5 NAG VA . -8.39 87.80 31.66
C6 NAG VA . -8.22 89.21 31.14
C7 NAG VA . -9.00 84.31 35.67
C8 NAG VA . -8.01 83.27 36.08
N2 NAG VA . -9.02 84.61 34.36
O3 NAG VA . -11.26 85.80 33.06
O4 NAG VA . -10.62 87.46 30.80
O5 NAG VA . -7.57 87.68 32.84
O6 NAG VA . -6.97 89.36 30.45
O7 NAG VA . -9.76 84.84 36.48
#